data_7WE6
#
_entry.id   7WE6
#
_cell.length_a   1.00
_cell.length_b   1.00
_cell.length_c   1.00
_cell.angle_alpha   90.00
_cell.angle_beta   90.00
_cell.angle_gamma   90.00
#
_symmetry.space_group_name_H-M   'P 1'
#
loop_
_entity.id
_entity.type
_entity.pdbx_description
1 polymer 'CRISPR type I-F/YPEST-associated protein Csy2'
2 polymer 'CRISPR-associated protein Csy3'
3 polymer 'Type I-F CRISPR-associated endoribonuclease Cas6/Csy4'
4 polymer AcrIF24
5 polymer 'RNA (60-MER)'
6 polymer 'Type I-F CRISPR-associated protein Csy1'
7 polymer "DNA (5'-D(P*GP*GP*AP*TP*GP*GP*CP*TP*TP*CP*C)-3')"
8 polymer DNA-r
#
loop_
_entity_poly.entity_id
_entity_poly.type
_entity_poly.pdbx_seq_one_letter_code
_entity_poly.pdbx_strand_id
1 'polypeptide(L)'
;MSVTDPEALLLLPRLSIQNANAISSPLTWGFPSPGAFTGFVHALQRRVGISLDIELDGVGIVCHRFEAQISQPAGKRTKV
FNLTRNPLNRDGSTAAIVEEGRAHLEVSLLLGVHGDGLDDHPAQEIARQVQEQAGAMRLAGGSILPWCNERFPAPNAELL
MLGGSDEQRRKNQRRLTRRLLPGFALVSREALLQQHLETLRTTLPEATTLDALLDLCRINFEPPATSSEEEASPPDAAWQ
VRDKPGWLVPIPAGYNALSPLYLPGEVRNARDRETPLRFVENLFGLGEWLSPHRVAALSDLLWYHHAEPDKGLYRWSTPR
FVEHAIA
;
B,L
2 'polypeptide(L)'
;MSKPILSTASVLAFERKLDPSDALMSAGAWAQRDASQEWPAVTVREKSVRGTISNRLKTKDRDPAKLDASIQSPNLQTVD
VANLPSDADTLKVRFTLRVLGGAGTPSACNDAAYRDKLLQTVATYVNEQGFAELARRYAHNLANARFLWRNRVGAEAVEV
RINHIRQGEVARTWRFDALAIGLRDFKADAELDALAELIASGLSGSGHVLLEVVAFARIGDGQEVFPSQELILDKGDKKG
QKSKTLYSVRDAAAIHSQKIGNALRTIDTWYPDEDGLGPIAVEPYGSVTSQGKAYRQPKQKLDFYTLLDNWVLRDEAPAV
EQQHYVIANLIRGGVFGEAEEK
;
C,D,E,F,G,H,M,N,O,P,Q,R
3 'polypeptide(L)'
;MDHYLDIRLRPDPEFPPAQLMSVLFGKLHQALVAQGGDRIGVSFPDLDESRSRLGERLRIHASADDLRALLARPWLEGLR
DHLQFGEPAVVPHPTPYRQVSRVQAKSNPERLRRRLMRRHDLSEEEARKRIPDTVARTLDLPFVTLRSQSTGQHFRLFIR
HGPLQATAEEGGFTCYGLSKGGFVPWF
;
I,S
4 'polypeptide(L)'
;MNAIHIGPFSITPAARGLHYGGLPHHQWTLYYGPREMAIKTLPDSYTSSEVRDEFSDIIAEFVIDARHRYAPDVLELVNS
DGDAVLARVAVSRLPEALSGCIPDDRFPYWLLTASRPRLGLPVTLNEYTALAVELSAPPLAWITGLLPGEVLTHDAEEWR
PPTSWELRHVVGEGSFTGVSGAAAAALLGMSATNFRKYTAGDSAANRQKISFAAWHYLLDRLGVKRAS
;
U,V
5 'polyribonucleotide' CUAAGAAAUUCACGGCGGGCUUGAUGUCCGCGUCUACCUGGUUCACUGCCGUGUAGGCAG J,T
6 'polypeptide(L)'
;MTSPLPTPTWQELRQFIESFIQERLQGKLDKLHPDEDDKRQTLLATHRREAWLADAARRVGQLQLVTHTLKPIHPDARGS
NLHSLPQAPGQPGLAGSHELGDRLVSDVVGNAAALDVFKFLSLQYQGKNLLNWLTEDSAEAVQALSDNAEQAREWRQAFI
GITAVKGAPASHSLAKQLYFPLPGSGYHLLAPLFPTSLVHHVHALLREARFGDAAKAAREARSRQESWPHGFSEYPNLAI
QKFGGTKPQNISQLNSERYGENWLLPSLPPHWQRQDQRAPIRHSSVFEHDFGRSPEVSRLTRTLQRLLAKTRHNNFTIRR
YRAQLVGQICDEALQYAARLRELEPGWSATPGCQLHDAEQLWLDPLRAQTDETFLQRRLRGDWPAEVGNRFANWLNRAVS
SDSQILGSPEAAQWSQELSKELTMFKEILEDERD
;
A,X
7 'polydeoxyribonucleotide'
;(DA)(DG)(DC)(DA)(DG)(DC)(DT)(DG)(DC)(DA)(DC)(DC)(DT)(DT)(DC)(DA)(DC)(DG)(DG)(DC)
(DG)(DG)(DG)(DC)(DT)(DT)(DG)(DA)(DT)(DG)(DT)(DC)(DC)(DG)(DC)(DG)(DT)(DC)(DT)(DA)
(DC)(DC)(DT)(DG)(DG)(DA)(DT)(DG)(DG)(DC)(DT)(DT)(DC)(DC)
;
Y,K
8 'polydeoxyribonucleotide'
;(DG)(DG)(DA)(DA)(DG)(DC)(DC)(DA)(DT)(DC)(DC)(DA)(DG)(DG)(DT)(DA)(DG)(DA)(DC)(DG)
(DC)(DG)(DG)(DA)(DC)(DA)(DT)(DC)(DA)(DA)(DG)(DC)(DC)(DC)(DG)(DC)(DC)(DG)(DT)(DG)
(DA)(DA)(DG)(DG)(DT)(DG)(DC)(DA)(DG)(DC)(DT)(DG)(DC)(DT)
;
Z,W
#
loop_
_chem_comp.id
_chem_comp.type
_chem_comp.name
_chem_comp.formula
A RNA linking ADENOSINE-5'-MONOPHOSPHATE 'C10 H14 N5 O7 P'
C RNA linking CYTIDINE-5'-MONOPHOSPHATE 'C9 H14 N3 O8 P'
DA DNA linking 2'-DEOXYADENOSINE-5'-MONOPHOSPHATE 'C10 H14 N5 O6 P'
DC DNA linking 2'-DEOXYCYTIDINE-5'-MONOPHOSPHATE 'C9 H14 N3 O7 P'
DG DNA linking 2'-DEOXYGUANOSINE-5'-MONOPHOSPHATE 'C10 H14 N5 O7 P'
DT DNA linking THYMIDINE-5'-MONOPHOSPHATE 'C10 H15 N2 O8 P'
G RNA linking GUANOSINE-5'-MONOPHOSPHATE 'C10 H14 N5 O8 P'
U RNA linking URIDINE-5'-MONOPHOSPHATE 'C9 H13 N2 O9 P'
#
# COMPACT_ATOMS: atom_id res chain seq x y z
N VAL A 3 -56.58 -41.74 10.39
CA VAL A 3 -58.04 -41.70 10.44
C VAL A 3 -58.52 -41.74 11.88
N THR A 4 -58.43 -42.91 12.50
CA THR A 4 -58.97 -43.16 13.83
C THR A 4 -57.88 -43.14 14.89
N ASP A 5 -58.29 -42.84 16.12
CA ASP A 5 -57.40 -42.80 17.27
C ASP A 5 -57.47 -44.14 17.98
N PRO A 6 -56.37 -44.87 18.10
CA PRO A 6 -56.39 -46.13 18.86
C PRO A 6 -56.50 -45.86 20.35
N GLU A 7 -57.14 -46.79 21.05
CA GLU A 7 -57.36 -46.66 22.48
C GLU A 7 -56.42 -47.52 23.31
N ALA A 8 -55.90 -48.60 22.75
CA ALA A 8 -54.98 -49.48 23.44
C ALA A 8 -53.76 -49.73 22.58
N LEU A 9 -52.59 -49.70 23.20
CA LEU A 9 -51.32 -49.89 22.50
C LEU A 9 -50.70 -51.19 22.97
N LEU A 10 -50.41 -52.09 22.04
CA LEU A 10 -49.80 -53.37 22.35
C LEU A 10 -48.44 -53.45 21.68
N LEU A 11 -47.45 -53.92 22.44
CA LEU A 11 -46.06 -53.90 22.02
C LEU A 11 -45.49 -55.31 21.93
N LEU A 12 -44.94 -55.61 20.77
CA LEU A 12 -44.14 -56.83 20.63
C LEU A 12 -42.68 -56.49 20.95
N PRO A 13 -42.08 -57.15 21.95
CA PRO A 13 -40.86 -56.60 22.59
C PRO A 13 -39.60 -56.57 21.74
N ARG A 14 -39.17 -57.70 21.20
CA ARG A 14 -37.90 -57.76 20.47
C ARG A 14 -37.94 -58.97 19.55
N LEU A 15 -38.06 -58.74 18.25
CA LEU A 15 -38.20 -59.80 17.28
C LEU A 15 -36.87 -60.05 16.59
N SER A 16 -36.45 -61.31 16.54
CA SER A 16 -35.20 -61.71 15.92
C SER A 16 -35.50 -62.45 14.62
N ILE A 17 -35.13 -61.83 13.50
CA ILE A 17 -35.48 -62.30 12.17
C ILE A 17 -34.18 -62.59 11.41
N GLN A 18 -34.16 -63.66 10.65
CA GLN A 18 -33.02 -63.97 9.79
C GLN A 18 -33.42 -63.99 8.33
N ASN A 19 -32.44 -63.66 7.48
CA ASN A 19 -32.48 -63.58 6.01
C ASN A 19 -33.79 -63.03 5.46
N ALA A 20 -34.23 -61.90 6.01
CA ALA A 20 -35.33 -61.17 5.41
C ALA A 20 -34.87 -60.50 4.13
N ASN A 21 -35.83 -60.10 3.31
CA ASN A 21 -35.50 -59.45 2.05
C ASN A 21 -34.91 -58.07 2.29
N ALA A 22 -33.77 -57.81 1.66
CA ALA A 22 -33.06 -56.55 1.84
C ALA A 22 -33.39 -55.52 0.79
N ILE A 23 -33.61 -55.94 -0.46
CA ILE A 23 -33.76 -54.98 -1.56
C ILE A 23 -35.08 -54.23 -1.44
N SER A 24 -36.20 -54.97 -1.53
CA SER A 24 -37.58 -54.51 -1.29
C SER A 24 -38.04 -53.34 -2.15
N SER A 25 -37.29 -52.98 -3.18
CA SER A 25 -37.59 -51.85 -4.06
C SER A 25 -36.64 -51.92 -5.25
N PRO A 26 -37.00 -51.31 -6.38
CA PRO A 26 -36.05 -51.28 -7.51
C PRO A 26 -35.05 -50.15 -7.43
N LEU A 27 -35.02 -49.39 -6.34
CA LEU A 27 -34.07 -48.30 -6.18
C LEU A 27 -33.27 -48.35 -4.88
N THR A 28 -33.84 -48.86 -3.79
CA THR A 28 -33.16 -48.91 -2.50
C THR A 28 -32.83 -50.34 -2.13
N TRP A 29 -32.04 -50.50 -1.09
CA TRP A 29 -31.63 -51.83 -0.66
C TRP A 29 -31.45 -51.96 0.85
N GLY A 30 -31.89 -50.99 1.63
CA GLY A 30 -31.68 -51.05 3.07
C GLY A 30 -32.74 -51.84 3.81
N PHE A 31 -33.50 -51.15 4.64
CA PHE A 31 -34.59 -51.78 5.38
C PHE A 31 -35.74 -52.14 4.44
N PRO A 32 -36.51 -53.19 4.77
CA PRO A 32 -37.68 -53.53 3.96
C PRO A 32 -38.79 -52.51 4.08
N SER A 33 -39.80 -52.67 3.23
CA SER A 33 -40.84 -51.67 3.09
C SER A 33 -41.79 -51.66 4.28
N PRO A 34 -42.31 -50.49 4.65
CA PRO A 34 -43.39 -50.44 5.66
C PRO A 34 -44.69 -51.06 5.19
N GLY A 35 -44.88 -51.20 3.87
CA GLY A 35 -46.04 -51.92 3.36
C GLY A 35 -46.03 -53.38 3.79
N ALA A 36 -44.84 -53.96 3.96
CA ALA A 36 -44.74 -55.29 4.53
C ALA A 36 -45.22 -55.32 5.98
N PHE A 37 -44.99 -54.23 6.73
CA PHE A 37 -45.46 -54.19 8.10
C PHE A 37 -46.98 -54.05 8.16
N THR A 38 -47.55 -53.22 7.28
CA THR A 38 -49.01 -53.13 7.20
C THR A 38 -49.63 -54.45 6.76
N GLY A 39 -48.98 -55.16 5.84
CA GLY A 39 -49.46 -56.46 5.44
C GLY A 39 -49.35 -57.49 6.55
N PHE A 40 -48.30 -57.39 7.37
CA PHE A 40 -48.15 -58.31 8.49
C PHE A 40 -49.20 -58.09 9.55
N VAL A 41 -49.52 -56.83 9.86
CA VAL A 41 -50.54 -56.61 10.87
C VAL A 41 -51.93 -56.90 10.31
N HIS A 42 -52.12 -56.76 8.99
CA HIS A 42 -53.39 -57.15 8.40
C HIS A 42 -53.57 -58.67 8.42
N ALA A 43 -52.49 -59.40 8.17
CA ALA A 43 -52.56 -60.86 8.23
C ALA A 43 -52.69 -61.33 9.68
N LEU A 44 -52.14 -60.57 10.62
CA LEU A 44 -52.34 -60.89 12.03
C LEU A 44 -53.78 -60.64 12.45
N GLN A 45 -54.41 -59.63 11.85
CA GLN A 45 -55.83 -59.40 12.09
C GLN A 45 -56.67 -60.52 11.48
N ARG A 46 -56.33 -60.94 10.26
CA ARG A 46 -57.12 -61.94 9.56
C ARG A 46 -56.94 -63.33 10.18
N ARG A 47 -55.79 -63.58 10.81
CA ARG A 47 -55.54 -64.91 11.33
C ARG A 47 -56.23 -65.15 12.66
N VAL A 48 -55.97 -64.31 13.65
CA VAL A 48 -56.45 -64.55 15.01
C VAL A 48 -57.19 -63.36 15.61
N GLY A 49 -56.91 -62.13 15.20
CA GLY A 49 -57.48 -60.96 15.85
C GLY A 49 -58.98 -60.77 15.66
N ILE A 50 -59.59 -61.58 14.80
CA ILE A 50 -61.05 -61.58 14.70
C ILE A 50 -61.68 -62.52 15.74
N SER A 51 -60.87 -63.36 16.39
CA SER A 51 -61.39 -64.27 17.40
C SER A 51 -61.44 -63.65 18.79
N LEU A 52 -61.14 -62.35 18.92
CA LEU A 52 -61.23 -61.66 20.19
C LEU A 52 -61.76 -60.23 20.04
N ASP A 53 -62.33 -59.90 18.87
CA ASP A 53 -63.09 -58.67 18.63
C ASP A 53 -62.22 -57.43 18.77
N ILE A 54 -61.09 -57.41 18.06
CA ILE A 54 -60.28 -56.21 17.93
C ILE A 54 -60.04 -55.95 16.45
N GLU A 55 -60.04 -54.68 16.06
CA GLU A 55 -59.45 -54.25 14.81
C GLU A 55 -58.13 -53.57 15.11
N LEU A 56 -57.17 -53.74 14.19
CA LEU A 56 -55.81 -53.23 14.36
C LEU A 56 -55.51 -52.26 13.23
N ASP A 57 -54.81 -51.17 13.56
CA ASP A 57 -54.71 -50.04 12.65
C ASP A 57 -53.30 -49.76 12.15
N GLY A 58 -52.31 -49.60 13.03
CA GLY A 58 -51.03 -49.08 12.64
C GLY A 58 -49.88 -49.83 13.28
N VAL A 59 -48.71 -49.67 12.66
CA VAL A 59 -47.52 -50.40 13.07
C VAL A 59 -46.48 -49.41 13.55
N GLY A 60 -45.73 -49.82 14.56
CA GLY A 60 -44.58 -49.07 15.02
C GLY A 60 -43.34 -49.95 15.04
N ILE A 61 -42.24 -49.41 14.52
CA ILE A 61 -40.98 -50.14 14.37
C ILE A 61 -39.87 -49.33 15.01
N VAL A 62 -38.85 -50.01 15.53
CA VAL A 62 -37.76 -49.31 16.20
C VAL A 62 -36.37 -49.72 15.74
N CYS A 63 -36.19 -50.93 15.16
CA CYS A 63 -34.95 -51.39 14.49
C CYS A 63 -33.76 -51.35 15.45
N HIS A 64 -33.78 -52.29 16.41
CA HIS A 64 -32.68 -52.43 17.37
C HIS A 64 -31.33 -52.63 16.68
N ARG A 65 -31.23 -53.62 15.81
CA ARG A 65 -29.97 -53.90 15.16
C ARG A 65 -30.21 -54.30 13.70
N PHE A 66 -29.13 -54.19 12.91
CA PHE A 66 -29.14 -54.50 11.50
C PHE A 66 -27.87 -55.28 11.17
N GLU A 67 -28.03 -56.36 10.40
CA GLU A 67 -26.87 -57.20 10.05
C GLU A 67 -27.16 -57.83 8.69
N ALA A 68 -26.58 -57.27 7.65
CA ALA A 68 -26.78 -57.74 6.29
C ALA A 68 -25.56 -58.50 5.80
N GLN A 69 -25.78 -59.39 4.83
CA GLN A 69 -24.71 -60.23 4.29
C GLN A 69 -24.24 -59.60 2.98
N ILE A 70 -23.47 -58.52 3.11
CA ILE A 70 -23.00 -57.71 2.00
C ILE A 70 -21.47 -57.71 2.08
N SER A 71 -20.81 -57.65 0.92
CA SER A 71 -19.36 -57.58 0.90
C SER A 71 -18.90 -56.54 -0.11
N GLN A 72 -17.67 -56.07 0.10
CA GLN A 72 -17.00 -55.07 -0.74
C GLN A 72 -15.94 -55.74 -1.58
N PRO A 73 -15.95 -55.56 -2.91
CA PRO A 73 -15.06 -56.34 -3.76
C PRO A 73 -13.68 -55.76 -3.95
N ALA A 74 -13.07 -55.23 -2.88
CA ALA A 74 -11.63 -54.95 -2.75
C ALA A 74 -11.00 -54.06 -3.80
N GLY A 75 -11.79 -53.38 -4.63
CA GLY A 75 -11.20 -52.52 -5.64
C GLY A 75 -11.97 -51.25 -5.89
N LYS A 76 -13.07 -51.04 -5.17
CA LYS A 76 -13.98 -49.96 -5.50
C LYS A 76 -14.74 -49.54 -4.26
N ARG A 77 -15.47 -48.43 -4.40
CA ARG A 77 -16.23 -47.86 -3.29
C ARG A 77 -17.65 -48.41 -3.19
N THR A 78 -18.10 -49.20 -4.16
CA THR A 78 -19.45 -49.74 -4.12
C THR A 78 -19.46 -51.03 -3.31
N LYS A 79 -20.55 -51.79 -3.39
CA LYS A 79 -20.68 -52.97 -2.57
C LYS A 79 -21.56 -53.98 -3.28
N VAL A 80 -21.25 -55.27 -3.10
CA VAL A 80 -21.89 -56.33 -3.85
C VAL A 80 -22.60 -57.28 -2.88
N PHE A 81 -23.62 -57.97 -3.38
CA PHE A 81 -24.45 -58.85 -2.60
C PHE A 81 -23.84 -60.23 -2.46
N ASN A 82 -24.26 -60.94 -1.42
CA ASN A 82 -23.97 -62.36 -1.27
C ASN A 82 -25.13 -63.15 -1.85
N LEU A 83 -24.82 -64.29 -2.44
CA LEU A 83 -25.83 -65.14 -3.04
C LEU A 83 -25.86 -66.49 -2.35
N THR A 84 -26.85 -67.29 -2.74
CA THR A 84 -26.94 -68.67 -2.30
C THR A 84 -26.93 -69.56 -3.52
N ARG A 85 -26.58 -70.83 -3.31
CA ARG A 85 -26.52 -71.78 -4.41
C ARG A 85 -27.84 -72.50 -4.54
N ASN A 86 -28.57 -72.19 -5.61
CA ASN A 86 -29.75 -72.94 -6.01
C ASN A 86 -29.35 -74.36 -6.38
N PRO A 87 -30.24 -75.34 -6.23
CA PRO A 87 -29.89 -76.69 -6.64
C PRO A 87 -29.84 -76.84 -8.15
N LEU A 88 -29.44 -78.02 -8.58
CA LEU A 88 -29.10 -78.21 -9.98
C LEU A 88 -30.34 -78.26 -10.85
N ASN A 89 -30.17 -77.80 -12.10
CA ASN A 89 -31.14 -78.07 -13.13
C ASN A 89 -31.14 -79.56 -13.45
N ARG A 90 -32.18 -80.01 -14.17
CA ARG A 90 -32.29 -81.42 -14.49
C ARG A 90 -31.16 -81.90 -15.40
N ASP A 91 -30.69 -81.03 -16.30
CA ASP A 91 -29.48 -81.32 -17.06
C ASP A 91 -28.24 -81.40 -16.21
N GLY A 92 -28.24 -80.77 -15.03
CA GLY A 92 -27.07 -80.78 -14.16
C GLY A 92 -26.03 -79.75 -14.49
N SER A 93 -26.37 -78.74 -15.31
CA SER A 93 -25.36 -77.76 -15.70
C SER A 93 -25.18 -76.68 -14.62
N THR A 94 -26.21 -75.87 -14.42
CA THR A 94 -26.16 -74.69 -13.55
C THR A 94 -27.58 -74.20 -13.38
N ALA A 95 -27.73 -73.04 -12.79
CA ALA A 95 -29.02 -72.40 -12.63
C ALA A 95 -28.98 -71.01 -13.26
N ALA A 96 -30.16 -70.44 -13.47
CA ALA A 96 -30.29 -69.04 -13.85
C ALA A 96 -30.00 -68.22 -12.61
N ILE A 97 -28.98 -67.37 -12.68
CA ILE A 97 -28.55 -66.62 -11.51
C ILE A 97 -29.46 -65.41 -11.33
N VAL A 98 -30.16 -65.37 -10.18
CA VAL A 98 -30.95 -64.22 -9.79
C VAL A 98 -30.40 -63.69 -8.47
N GLU A 99 -30.39 -62.37 -8.34
CA GLU A 99 -29.73 -61.71 -7.22
C GLU A 99 -30.76 -61.29 -6.19
N GLU A 100 -30.51 -61.66 -4.93
CA GLU A 100 -31.39 -61.36 -3.84
C GLU A 100 -30.58 -60.85 -2.66
N GLY A 101 -31.27 -60.17 -1.74
CA GLY A 101 -30.61 -59.60 -0.59
C GLY A 101 -31.15 -60.12 0.72
N ARG A 102 -30.30 -60.78 1.49
CA ARG A 102 -30.68 -61.25 2.81
C ARG A 102 -30.08 -60.36 3.89
N ALA A 103 -30.81 -60.24 4.99
CA ALA A 103 -30.37 -59.43 6.11
C ALA A 103 -31.06 -59.93 7.37
N HIS A 104 -30.43 -59.65 8.52
CA HIS A 104 -30.98 -59.99 9.81
C HIS A 104 -31.43 -58.71 10.50
N LEU A 105 -32.59 -58.75 11.14
CA LEU A 105 -33.17 -57.56 11.75
C LEU A 105 -33.43 -57.79 13.23
N GLU A 106 -33.74 -56.70 13.93
CA GLU A 106 -34.16 -56.75 15.32
C GLU A 106 -35.12 -55.59 15.53
N VAL A 107 -36.42 -55.89 15.51
CA VAL A 107 -37.47 -54.87 15.48
C VAL A 107 -38.43 -55.15 16.62
N SER A 108 -38.91 -54.08 17.25
CA SER A 108 -40.08 -54.14 18.12
C SER A 108 -41.29 -53.65 17.35
N LEU A 109 -42.42 -54.34 17.55
CA LEU A 109 -43.65 -54.03 16.83
C LEU A 109 -44.64 -53.38 17.79
N LEU A 110 -45.03 -52.15 17.49
CA LEU A 110 -45.98 -51.40 18.27
C LEU A 110 -47.31 -51.35 17.52
N LEU A 111 -48.36 -51.89 18.13
CA LEU A 111 -49.66 -52.01 17.48
C LEU A 111 -50.71 -51.27 18.29
N GLY A 112 -51.65 -50.65 17.59
CA GLY A 112 -52.79 -50.01 18.22
C GLY A 112 -54.00 -50.91 18.19
N VAL A 113 -55.00 -50.58 19.01
CA VAL A 113 -56.19 -51.39 19.16
C VAL A 113 -57.41 -50.48 19.27
N HIS A 114 -58.57 -51.01 18.85
CA HIS A 114 -59.83 -50.28 18.94
C HIS A 114 -60.97 -51.07 19.56
N GLY A 115 -60.91 -52.40 19.55
CA GLY A 115 -61.99 -53.21 20.05
C GLY A 115 -62.07 -53.21 21.57
N ASP A 116 -62.95 -54.07 22.09
CA ASP A 116 -63.13 -54.20 23.54
C ASP A 116 -61.91 -54.93 24.09
N GLY A 117 -60.88 -54.15 24.40
CA GLY A 117 -59.59 -54.69 24.79
C GLY A 117 -59.60 -55.40 26.13
N LEU A 118 -59.76 -54.64 27.21
CA LEU A 118 -59.82 -55.21 28.54
C LEU A 118 -61.21 -55.71 28.91
N ASP A 119 -62.20 -55.51 28.04
CA ASP A 119 -63.58 -55.77 28.41
C ASP A 119 -63.92 -57.26 28.29
N ASP A 120 -63.64 -57.87 27.15
CA ASP A 120 -63.97 -59.28 26.98
C ASP A 120 -62.99 -60.18 27.73
N HIS A 121 -61.74 -59.77 27.83
CA HIS A 121 -60.68 -60.57 28.44
C HIS A 121 -59.61 -59.61 28.92
N PRO A 122 -58.83 -59.98 29.93
CA PRO A 122 -57.72 -59.12 30.37
C PRO A 122 -56.60 -59.07 29.34
N ALA A 123 -55.72 -58.09 29.53
CA ALA A 123 -54.71 -57.78 28.52
C ALA A 123 -53.59 -58.82 28.48
N GLN A 124 -53.35 -59.51 29.60
CA GLN A 124 -52.25 -60.47 29.68
C GLN A 124 -52.51 -61.67 28.79
N GLU A 125 -53.73 -62.20 28.81
CA GLU A 125 -54.04 -63.39 28.04
C GLU A 125 -54.12 -63.08 26.54
N ILE A 126 -54.60 -61.88 26.18
CA ILE A 126 -54.63 -61.55 24.76
C ILE A 126 -53.23 -61.26 24.26
N ALA A 127 -52.35 -60.75 25.12
CA ALA A 127 -50.94 -60.59 24.76
C ALA A 127 -50.27 -61.94 24.57
N ARG A 128 -50.57 -62.90 25.44
CA ARG A 128 -49.97 -64.23 25.32
C ARG A 128 -50.47 -64.95 24.07
N GLN A 129 -51.76 -64.79 23.75
CA GLN A 129 -52.27 -65.47 22.57
C GLN A 129 -51.82 -64.80 21.27
N VAL A 130 -51.62 -63.48 21.27
CA VAL A 130 -51.11 -62.87 20.04
C VAL A 130 -49.61 -63.15 19.90
N GLN A 131 -48.93 -63.41 21.02
CA GLN A 131 -47.54 -63.89 20.95
C GLN A 131 -47.48 -65.27 20.30
N GLU A 132 -48.33 -66.19 20.77
CA GLU A 132 -48.33 -67.55 20.23
C GLU A 132 -48.84 -67.56 18.79
N GLN A 133 -49.63 -66.56 18.41
CA GLN A 133 -50.00 -66.41 17.00
C GLN A 133 -48.82 -65.94 16.18
N ALA A 134 -48.11 -64.92 16.68
CA ALA A 134 -47.03 -64.32 15.90
C ALA A 134 -45.81 -65.23 15.79
N GLY A 135 -45.68 -66.23 16.66
CA GLY A 135 -44.54 -67.12 16.58
C GLY A 135 -44.61 -68.22 15.54
N ALA A 136 -45.30 -67.96 14.40
CA ALA A 136 -45.34 -68.97 13.34
C ALA A 136 -45.36 -68.39 11.93
N MET A 137 -44.93 -67.15 11.71
CA MET A 137 -45.10 -66.51 10.41
C MET A 137 -43.74 -66.03 9.92
N ARG A 138 -43.77 -65.18 8.90
CA ARG A 138 -42.59 -64.49 8.40
C ARG A 138 -42.95 -63.04 8.14
N LEU A 139 -41.93 -62.19 8.06
CA LEU A 139 -42.17 -60.75 7.97
C LEU A 139 -42.03 -60.22 6.55
N ALA A 140 -40.86 -60.39 5.95
CA ALA A 140 -40.61 -59.97 4.58
C ALA A 140 -39.88 -61.07 3.84
N GLY A 141 -40.28 -62.31 4.09
CA GLY A 141 -39.53 -63.46 3.66
C GLY A 141 -38.63 -64.03 4.73
N GLY A 142 -38.55 -63.40 5.89
CA GLY A 142 -37.69 -63.88 6.95
C GLY A 142 -38.47 -64.49 8.09
N SER A 143 -38.16 -65.74 8.40
CA SER A 143 -38.85 -66.44 9.47
C SER A 143 -38.37 -65.92 10.83
N ILE A 144 -39.28 -65.95 11.81
CA ILE A 144 -38.93 -65.54 13.16
C ILE A 144 -38.13 -66.63 13.84
N LEU A 145 -36.97 -66.29 14.37
CA LEU A 145 -36.26 -67.22 15.22
C LEU A 145 -37.01 -67.35 16.54
N PRO A 146 -37.17 -68.55 17.05
CA PRO A 146 -38.05 -68.75 18.21
C PRO A 146 -37.45 -68.27 19.52
N TRP A 147 -38.14 -68.58 20.62
CA TRP A 147 -37.69 -68.19 21.94
C TRP A 147 -36.42 -68.95 22.31
N CYS A 148 -35.42 -68.20 22.77
CA CYS A 148 -34.12 -68.72 23.14
C CYS A 148 -33.91 -68.20 24.56
N ASN A 149 -32.64 -68.13 24.98
CA ASN A 149 -32.26 -67.57 26.28
C ASN A 149 -32.65 -66.10 26.51
N GLU A 150 -33.25 -65.42 25.52
CA GLU A 150 -34.01 -64.21 25.76
C GLU A 150 -35.43 -64.54 26.20
N ARG A 151 -35.58 -65.34 27.26
CA ARG A 151 -36.90 -65.58 27.85
C ARG A 151 -37.33 -64.43 28.74
N PHE A 152 -36.45 -63.45 28.96
CA PHE A 152 -36.82 -62.29 29.76
C PHE A 152 -37.66 -61.28 28.99
N PRO A 153 -37.41 -60.97 27.67
CA PRO A 153 -38.39 -60.14 26.96
C PRO A 153 -39.57 -60.92 26.40
N ALA A 154 -39.82 -62.11 26.92
CA ALA A 154 -41.02 -62.86 26.53
C ALA A 154 -42.34 -62.13 26.79
N PRO A 155 -42.66 -61.60 28.00
CA PRO A 155 -44.00 -61.06 28.19
C PRO A 155 -44.19 -59.71 27.52
N ASN A 156 -45.40 -59.49 27.04
CA ASN A 156 -45.84 -58.22 26.47
C ASN A 156 -46.75 -57.51 27.47
N ALA A 157 -47.24 -56.34 27.06
CA ALA A 157 -48.15 -55.56 27.88
C ALA A 157 -48.96 -54.65 26.98
N GLU A 158 -50.27 -54.66 27.15
CA GLU A 158 -51.13 -53.69 26.48
C GLU A 158 -51.27 -52.47 27.35
N LEU A 159 -51.23 -51.29 26.75
CA LEU A 159 -51.38 -50.04 27.48
C LEU A 159 -52.49 -49.21 26.84
N LEU A 160 -53.41 -48.75 27.68
CA LEU A 160 -54.53 -47.92 27.23
C LEU A 160 -54.01 -46.54 26.87
N MET A 161 -54.43 -46.02 25.72
CA MET A 161 -53.89 -44.78 25.20
C MET A 161 -54.33 -43.59 26.03
N LEU A 162 -55.64 -43.35 26.10
CA LEU A 162 -56.19 -42.28 26.93
C LEU A 162 -56.55 -42.75 28.33
N GLY A 163 -55.94 -43.83 28.80
CA GLY A 163 -56.22 -44.30 30.15
C GLY A 163 -55.60 -43.37 31.19
N GLY A 164 -56.33 -43.17 32.29
CA GLY A 164 -55.88 -42.29 33.34
C GLY A 164 -55.96 -40.83 32.95
N SER A 165 -55.33 -40.00 33.78
CA SER A 165 -55.25 -38.58 33.49
C SER A 165 -54.26 -38.29 32.38
N ASP A 166 -54.18 -37.02 31.98
CA ASP A 166 -53.25 -36.62 30.93
C ASP A 166 -51.81 -36.73 31.39
N GLU A 167 -51.52 -36.36 32.63
CA GLU A 167 -50.18 -36.57 33.15
C GLU A 167 -49.95 -38.03 33.49
N GLN A 168 -51.02 -38.77 33.81
CA GLN A 168 -50.89 -40.21 33.99
C GLN A 168 -50.62 -40.90 32.66
N ARG A 169 -51.27 -40.43 31.59
CA ARG A 169 -50.95 -40.92 30.25
C ARG A 169 -49.53 -40.56 29.87
N ARG A 170 -49.07 -39.37 30.25
CA ARG A 170 -47.71 -38.93 29.97
C ARG A 170 -46.68 -39.79 30.70
N LYS A 171 -46.95 -40.10 31.96
CA LYS A 171 -45.98 -40.89 32.72
C LYS A 171 -46.03 -42.36 32.34
N ASN A 172 -47.19 -42.86 31.89
CA ASN A 172 -47.23 -44.21 31.34
C ASN A 172 -46.49 -44.27 30.01
N GLN A 173 -46.59 -43.20 29.22
CA GLN A 173 -45.83 -43.11 27.98
C GLN A 173 -44.33 -43.05 28.24
N ARG A 174 -43.93 -42.36 29.30
CA ARG A 174 -42.51 -42.27 29.62
C ARG A 174 -42.00 -43.59 30.18
N ARG A 175 -42.82 -44.29 30.97
CA ARG A 175 -42.44 -45.61 31.46
C ARG A 175 -42.41 -46.63 30.33
N LEU A 176 -43.17 -46.39 29.26
CA LEU A 176 -43.12 -47.29 28.12
C LEU A 176 -41.90 -47.00 27.24
N THR A 177 -41.58 -45.72 27.01
CA THR A 177 -40.42 -45.41 26.18
C THR A 177 -39.12 -45.60 26.94
N ARG A 178 -39.17 -45.84 28.25
CA ARG A 178 -38.00 -46.33 28.96
C ARG A 178 -37.66 -47.79 28.65
N ARG A 179 -38.48 -48.48 27.86
CA ARG A 179 -38.21 -49.84 27.44
C ARG A 179 -37.51 -49.92 26.09
N LEU A 180 -37.90 -49.07 25.15
CA LEU A 180 -37.33 -49.07 23.81
C LEU A 180 -36.15 -48.11 23.74
N LEU A 181 -35.09 -48.47 24.44
CA LEU A 181 -33.92 -47.58 24.43
C LEU A 181 -33.09 -47.64 23.15
N PRO A 182 -32.53 -48.79 22.69
CA PRO A 182 -31.58 -48.69 21.59
C PRO A 182 -32.24 -48.83 20.23
N GLY A 183 -32.92 -47.80 19.74
CA GLY A 183 -33.56 -47.92 18.45
C GLY A 183 -34.04 -46.56 17.95
N PHE A 184 -34.63 -46.59 16.77
CA PHE A 184 -35.14 -45.39 16.10
C PHE A 184 -36.44 -45.70 15.38
N ALA A 185 -37.46 -44.89 15.62
CA ALA A 185 -38.70 -45.03 14.87
C ALA A 185 -38.53 -44.46 13.47
N LEU A 186 -39.47 -44.77 12.59
CA LEU A 186 -39.43 -44.32 11.20
C LEU A 186 -40.77 -43.72 10.82
N VAL A 187 -40.76 -42.46 10.40
CA VAL A 187 -41.98 -41.74 10.02
C VAL A 187 -41.79 -41.16 8.63
N SER A 188 -42.89 -40.79 8.00
CA SER A 188 -42.82 -40.04 6.75
C SER A 188 -42.55 -38.57 7.03
N ARG A 189 -41.83 -37.93 6.12
CA ARG A 189 -41.46 -36.52 6.25
C ARG A 189 -41.68 -35.78 4.94
N GLU A 190 -42.88 -35.92 4.37
CA GLU A 190 -43.16 -35.37 3.05
C GLU A 190 -43.21 -33.84 3.05
N ALA A 191 -43.54 -33.22 4.20
CA ALA A 191 -43.64 -31.77 4.24
C ALA A 191 -42.28 -31.11 4.11
N LEU A 192 -41.23 -31.76 4.63
CA LEU A 192 -39.87 -31.29 4.41
C LEU A 192 -39.52 -31.33 2.94
N LEU A 193 -39.99 -32.36 2.24
CA LEU A 193 -39.81 -32.45 0.79
C LEU A 193 -40.58 -31.35 0.08
N GLN A 194 -41.76 -30.99 0.60
CA GLN A 194 -42.54 -29.90 0.02
C GLN A 194 -41.81 -28.57 0.12
N GLN A 195 -41.32 -28.25 1.31
CA GLN A 195 -40.67 -26.94 1.48
C GLN A 195 -39.33 -26.91 0.77
N HIS A 196 -38.62 -28.04 0.71
CA HIS A 196 -37.36 -28.08 0.00
C HIS A 196 -37.56 -27.97 -1.50
N LEU A 197 -38.60 -28.61 -2.02
CA LEU A 197 -38.98 -28.47 -3.42
C LEU A 197 -39.40 -27.04 -3.72
N GLU A 198 -40.07 -26.39 -2.76
CA GLU A 198 -40.44 -24.99 -2.91
C GLU A 198 -39.21 -24.09 -2.96
N THR A 199 -38.17 -24.44 -2.19
CA THR A 199 -36.91 -23.70 -2.27
C THR A 199 -36.23 -23.87 -3.61
N LEU A 200 -36.09 -25.10 -4.09
CA LEU A 200 -35.40 -25.29 -5.35
C LEU A 200 -36.26 -24.98 -6.57
N ARG A 201 -37.55 -24.72 -6.37
CA ARG A 201 -38.38 -24.24 -7.47
C ARG A 201 -38.00 -22.83 -7.89
N THR A 202 -37.38 -22.07 -6.98
CA THR A 202 -36.81 -20.77 -7.34
C THR A 202 -35.65 -20.92 -8.32
N THR A 203 -34.95 -22.06 -8.29
CA THR A 203 -33.95 -22.37 -9.31
C THR A 203 -34.60 -22.84 -10.61
N LEU A 204 -35.33 -23.95 -10.57
CA LEU A 204 -36.00 -24.49 -11.75
C LEU A 204 -37.09 -25.44 -11.28
N PRO A 205 -38.04 -25.78 -12.15
CA PRO A 205 -39.14 -26.71 -11.79
C PRO A 205 -38.87 -28.18 -12.09
N GLU A 206 -38.05 -28.81 -11.26
CA GLU A 206 -37.78 -30.25 -11.36
C GLU A 206 -38.27 -30.92 -10.08
N ALA A 207 -38.78 -32.15 -10.21
CA ALA A 207 -39.50 -32.80 -9.12
C ALA A 207 -38.72 -33.91 -8.43
N THR A 208 -38.09 -34.82 -9.20
CA THR A 208 -37.37 -35.92 -8.59
C THR A 208 -36.00 -35.49 -8.08
N THR A 209 -35.52 -34.34 -8.55
CA THR A 209 -34.23 -33.84 -8.08
C THR A 209 -34.31 -33.40 -6.63
N LEU A 210 -35.50 -32.98 -6.18
CA LEU A 210 -35.70 -32.62 -4.78
C LEU A 210 -35.49 -33.83 -3.88
N ASP A 211 -35.92 -35.01 -4.33
CA ASP A 211 -35.63 -36.23 -3.59
C ASP A 211 -34.20 -36.67 -3.80
N ALA A 212 -33.62 -36.40 -4.97
CA ALA A 212 -32.27 -36.90 -5.25
C ALA A 212 -31.21 -36.08 -4.51
N LEU A 213 -31.33 -34.77 -4.53
CA LEU A 213 -30.30 -33.90 -3.97
C LEU A 213 -30.38 -33.77 -2.46
N LEU A 214 -31.48 -34.20 -1.84
CA LEU A 214 -31.62 -34.07 -0.41
C LEU A 214 -31.06 -35.27 0.34
N ASP A 215 -30.57 -36.28 -0.36
CA ASP A 215 -30.10 -37.51 0.27
C ASP A 215 -28.77 -37.95 -0.32
N LEU A 216 -27.90 -36.98 -0.58
CA LEU A 216 -26.52 -37.23 -0.96
C LEU A 216 -25.62 -36.45 -0.01
N CYS A 217 -24.32 -36.45 -0.28
CA CYS A 217 -23.40 -35.58 0.45
C CYS A 217 -22.89 -34.54 -0.55
N ARG A 218 -23.59 -33.40 -0.61
CA ARG A 218 -23.19 -32.29 -1.44
C ARG A 218 -22.05 -31.55 -0.74
N ILE A 219 -20.93 -31.39 -1.43
CA ILE A 219 -19.78 -30.67 -0.91
C ILE A 219 -19.71 -29.34 -1.63
N ASN A 220 -19.79 -28.26 -0.87
CA ASN A 220 -19.97 -26.92 -1.42
C ASN A 220 -18.62 -26.24 -1.65
N PHE A 221 -18.57 -25.40 -2.68
CA PHE A 221 -17.39 -24.62 -2.95
C PHE A 221 -17.23 -23.52 -1.90
N GLU A 222 -15.98 -23.12 -1.67
CA GLU A 222 -15.71 -22.11 -0.65
C GLU A 222 -16.08 -20.72 -1.18
N PRO A 223 -16.53 -19.81 -0.30
CA PRO A 223 -16.85 -18.46 -0.76
C PRO A 223 -15.62 -17.57 -0.83
N TRP A 239 -15.17 -25.75 0.29
CA TRP A 239 -14.61 -26.94 0.93
C TRP A 239 -15.48 -27.40 2.09
N GLN A 240 -16.75 -27.02 2.05
CA GLN A 240 -17.68 -27.32 3.11
C GLN A 240 -18.79 -28.23 2.59
N VAL A 241 -19.61 -28.71 3.52
CA VAL A 241 -20.67 -29.67 3.23
C VAL A 241 -22.01 -29.05 3.62
N ARG A 242 -23.03 -29.33 2.82
CA ARG A 242 -24.39 -28.91 3.15
C ARG A 242 -25.04 -29.96 4.06
N ASP A 243 -25.72 -29.48 5.10
CA ASP A 243 -26.24 -30.35 6.16
C ASP A 243 -27.75 -30.36 6.14
N LYS A 244 -28.31 -31.51 6.42
CA LYS A 244 -29.69 -31.86 6.71
C LYS A 244 -29.79 -32.35 8.15
N PRO A 245 -30.76 -31.82 8.91
CA PRO A 245 -30.69 -31.96 10.37
C PRO A 245 -31.00 -33.36 10.88
N GLY A 246 -31.73 -34.17 10.14
CA GLY A 246 -32.14 -35.47 10.62
C GLY A 246 -31.54 -36.62 9.84
N TRP A 247 -32.08 -37.82 10.02
CA TRP A 247 -31.62 -38.99 9.28
C TRP A 247 -32.54 -39.24 8.08
N LEU A 248 -32.43 -38.36 7.10
CA LEU A 248 -33.29 -38.44 5.93
C LEU A 248 -32.91 -39.61 5.04
N VAL A 249 -33.85 -40.54 4.89
CA VAL A 249 -33.67 -41.82 4.22
C VAL A 249 -34.77 -41.99 3.17
N PRO A 250 -34.46 -42.45 1.95
CA PRO A 250 -35.53 -42.69 0.98
C PRO A 250 -36.39 -43.86 1.40
N ILE A 251 -37.63 -43.89 0.92
CA ILE A 251 -38.58 -44.93 1.30
C ILE A 251 -39.55 -45.12 0.14
N PRO A 252 -40.03 -46.34 -0.11
CA PRO A 252 -41.14 -46.50 -1.06
C PRO A 252 -42.47 -46.06 -0.47
N ALA A 253 -43.08 -45.03 -1.05
CA ALA A 253 -44.36 -44.54 -0.55
C ALA A 253 -45.48 -45.54 -0.81
N GLY A 254 -45.47 -46.16 -1.98
CA GLY A 254 -46.53 -47.08 -2.33
C GLY A 254 -46.62 -47.34 -3.82
N TYR A 255 -47.83 -47.32 -4.36
CA TYR A 255 -48.06 -47.69 -5.75
C TYR A 255 -48.91 -46.66 -6.46
N ASN A 256 -48.65 -46.48 -7.75
CA ASN A 256 -49.54 -45.78 -8.66
C ASN A 256 -49.81 -46.71 -9.83
N ALA A 257 -51.08 -46.85 -10.19
CA ALA A 257 -51.44 -47.81 -11.22
C ALA A 257 -51.08 -47.30 -12.61
N LEU A 258 -50.86 -48.23 -13.52
CA LEU A 258 -50.66 -47.91 -14.92
C LEU A 258 -51.89 -48.18 -15.77
N SER A 259 -52.70 -49.15 -15.35
CA SER A 259 -53.85 -49.63 -16.09
C SER A 259 -55.11 -49.43 -15.25
N PRO A 260 -56.28 -49.34 -15.88
CA PRO A 260 -57.54 -49.35 -15.12
C PRO A 260 -57.80 -50.70 -14.47
N LEU A 261 -58.90 -50.74 -13.72
CA LEU A 261 -59.24 -51.95 -12.99
C LEU A 261 -59.70 -53.04 -13.95
N TYR A 262 -59.22 -54.26 -13.72
CA TYR A 262 -59.52 -55.38 -14.59
C TYR A 262 -60.33 -56.41 -13.83
N LEU A 263 -61.13 -57.16 -14.56
CA LEU A 263 -62.13 -58.05 -13.99
C LEU A 263 -61.46 -59.34 -13.48
N PRO A 264 -62.07 -60.00 -12.47
CA PRO A 264 -61.45 -61.22 -11.90
C PRO A 264 -61.20 -62.37 -12.86
N GLY A 265 -61.81 -62.37 -14.04
CA GLY A 265 -61.48 -63.33 -15.06
C GLY A 265 -60.84 -62.74 -16.29
N GLU A 266 -60.73 -61.41 -16.37
CA GLU A 266 -60.24 -60.76 -17.59
C GLU A 266 -58.74 -60.95 -17.79
N VAL A 267 -58.00 -61.31 -16.75
CA VAL A 267 -56.56 -61.50 -16.86
C VAL A 267 -56.25 -62.95 -16.55
N ARG A 268 -55.25 -63.49 -17.25
CA ARG A 268 -54.89 -64.89 -17.14
C ARG A 268 -53.77 -65.09 -16.12
N ASN A 269 -53.69 -66.33 -15.61
CA ASN A 269 -52.65 -66.79 -14.68
C ASN A 269 -52.62 -65.97 -13.40
N ALA A 270 -53.78 -65.53 -12.93
CA ALA A 270 -53.84 -64.75 -11.71
C ALA A 270 -53.60 -65.63 -10.50
N ARG A 271 -53.34 -64.98 -9.36
CA ARG A 271 -53.27 -65.71 -8.10
C ARG A 271 -54.63 -66.28 -7.75
N ASP A 272 -55.64 -65.43 -7.62
CA ASP A 272 -57.01 -65.86 -7.43
C ASP A 272 -57.88 -65.20 -8.50
N ARG A 273 -58.81 -65.97 -9.05
CA ARG A 273 -59.66 -65.51 -10.15
C ARG A 273 -60.96 -64.90 -9.64
N GLU A 274 -60.92 -64.33 -8.44
CA GLU A 274 -62.11 -63.82 -7.78
C GLU A 274 -61.94 -62.39 -7.30
N THR A 275 -60.79 -61.77 -7.57
CA THR A 275 -60.46 -60.43 -7.11
C THR A 275 -60.00 -59.60 -8.30
N PRO A 276 -60.45 -58.35 -8.38
CA PRO A 276 -60.03 -57.48 -9.50
C PRO A 276 -58.54 -57.16 -9.45
N LEU A 277 -58.01 -56.78 -10.62
CA LEU A 277 -56.57 -56.70 -10.81
C LEU A 277 -56.15 -55.32 -11.30
N ARG A 278 -54.93 -54.93 -10.93
CA ARG A 278 -54.33 -53.67 -11.32
C ARG A 278 -52.88 -53.90 -11.72
N PHE A 279 -52.40 -53.06 -12.62
CA PHE A 279 -50.99 -53.04 -12.99
C PHE A 279 -50.39 -51.73 -12.52
N VAL A 280 -49.41 -51.80 -11.62
CA VAL A 280 -49.00 -50.64 -10.86
C VAL A 280 -47.52 -50.36 -11.05
N GLU A 281 -47.12 -49.15 -10.65
CA GLU A 281 -45.74 -48.71 -10.60
C GLU A 281 -45.46 -48.21 -9.20
N ASN A 282 -44.25 -48.45 -8.71
CA ASN A 282 -43.92 -48.14 -7.33
C ASN A 282 -43.74 -46.64 -7.13
N LEU A 283 -44.23 -46.14 -5.99
CA LEU A 283 -44.07 -44.74 -5.62
C LEU A 283 -43.08 -44.62 -4.48
N PHE A 284 -42.26 -43.58 -4.53
CA PHE A 284 -41.16 -43.42 -3.60
C PHE A 284 -41.31 -42.13 -2.80
N GLY A 285 -40.79 -42.12 -1.59
CA GLY A 285 -40.85 -40.95 -0.74
C GLY A 285 -39.64 -40.76 0.15
N LEU A 286 -39.78 -39.98 1.21
CA LEU A 286 -38.70 -39.73 2.15
C LEU A 286 -39.13 -40.11 3.55
N GLY A 287 -38.21 -40.69 4.31
CA GLY A 287 -38.46 -41.03 5.68
C GLY A 287 -37.44 -40.40 6.61
N GLU A 288 -37.53 -40.69 7.90
CA GLU A 288 -36.54 -40.19 8.84
C GLU A 288 -36.50 -41.11 10.06
N TRP A 289 -35.30 -41.33 10.57
CA TRP A 289 -35.10 -42.13 11.77
C TRP A 289 -35.00 -41.20 12.97
N LEU A 290 -36.01 -41.20 13.81
CA LEU A 290 -36.07 -40.30 14.95
C LEU A 290 -35.87 -41.09 16.24
N SER A 291 -35.32 -40.41 17.24
CA SER A 291 -35.18 -41.00 18.56
C SER A 291 -36.55 -41.16 19.20
N PRO A 292 -36.74 -42.17 20.05
CA PRO A 292 -38.04 -42.33 20.73
C PRO A 292 -38.35 -41.22 21.72
N HIS A 293 -37.34 -40.49 22.19
CA HIS A 293 -37.55 -39.45 23.18
C HIS A 293 -37.71 -38.06 22.59
N ARG A 294 -37.93 -37.96 21.29
CA ARG A 294 -38.23 -36.66 20.68
C ARG A 294 -39.69 -36.50 20.33
N VAL A 295 -40.52 -37.50 20.61
CA VAL A 295 -41.94 -37.46 20.29
C VAL A 295 -42.72 -37.30 21.59
N ALA A 296 -43.88 -36.64 21.49
CA ALA A 296 -44.75 -36.43 22.64
C ALA A 296 -45.70 -37.61 22.85
N ALA A 297 -46.51 -37.92 21.86
CA ALA A 297 -47.48 -39.00 21.93
C ALA A 297 -47.00 -40.18 21.11
N LEU A 298 -47.28 -41.39 21.59
CA LEU A 298 -46.92 -42.58 20.85
C LEU A 298 -47.86 -42.87 19.70
N SER A 299 -49.02 -42.21 19.64
CA SER A 299 -49.96 -42.37 18.55
C SER A 299 -49.57 -41.60 17.30
N ASP A 300 -48.36 -41.06 17.24
CA ASP A 300 -47.88 -40.34 16.08
C ASP A 300 -47.05 -41.20 15.15
N LEU A 301 -46.88 -42.48 15.47
CA LEU A 301 -45.95 -43.36 14.78
C LEU A 301 -46.60 -44.70 14.49
N LEU A 302 -47.79 -44.67 13.91
CA LEU A 302 -48.50 -45.89 13.53
C LEU A 302 -48.80 -45.84 12.04
N TRP A 303 -48.43 -46.92 11.34
CA TRP A 303 -48.47 -46.96 9.88
C TRP A 303 -49.80 -47.53 9.42
N TYR A 304 -50.65 -46.69 8.85
CA TYR A 304 -51.95 -47.11 8.35
C TYR A 304 -51.93 -47.24 6.83
N HIS A 305 -52.47 -48.35 6.34
CA HIS A 305 -52.63 -48.58 4.91
C HIS A 305 -54.02 -48.09 4.50
N HIS A 306 -54.06 -47.11 3.61
CA HIS A 306 -55.33 -46.56 3.13
C HIS A 306 -55.29 -46.47 1.61
N ALA A 307 -56.46 -46.61 0.99
CA ALA A 307 -56.56 -46.77 -0.45
C ALA A 307 -57.44 -45.68 -1.07
N GLU A 308 -57.11 -45.32 -2.31
CA GLU A 308 -57.92 -44.42 -3.14
C GLU A 308 -58.12 -45.12 -4.47
N PRO A 309 -59.20 -45.90 -4.61
CA PRO A 309 -59.38 -46.70 -5.83
C PRO A 309 -59.85 -45.90 -7.03
N ASP A 310 -60.23 -44.62 -6.85
CA ASP A 310 -60.57 -43.77 -7.98
C ASP A 310 -59.37 -43.55 -8.89
N LYS A 311 -58.19 -43.43 -8.30
CA LYS A 311 -56.94 -43.32 -9.03
C LYS A 311 -56.10 -44.54 -8.68
N GLY A 312 -54.82 -44.52 -9.06
CA GLY A 312 -53.95 -45.62 -8.66
C GLY A 312 -53.34 -45.49 -7.28
N LEU A 313 -53.84 -44.59 -6.44
CA LEU A 313 -53.18 -44.26 -5.19
C LEU A 313 -53.29 -45.39 -4.18
N TYR A 314 -52.15 -45.98 -3.84
CA TYR A 314 -52.04 -47.04 -2.84
C TYR A 314 -50.98 -46.56 -1.86
N ARG A 315 -51.42 -46.13 -0.68
CA ARG A 315 -50.56 -45.38 0.22
C ARG A 315 -50.53 -46.00 1.62
N TRP A 316 -49.32 -46.11 2.16
CA TRP A 316 -49.10 -46.28 3.59
C TRP A 316 -48.37 -45.06 4.10
N SER A 317 -48.76 -44.58 5.29
CA SER A 317 -48.15 -43.39 5.85
C SER A 317 -48.35 -43.40 7.35
N THR A 318 -47.92 -42.31 7.99
CA THR A 318 -48.14 -42.07 9.41
C THR A 318 -48.73 -40.68 9.58
N PRO A 319 -50.05 -40.55 9.45
CA PRO A 319 -50.68 -39.26 9.72
C PRO A 319 -50.73 -38.96 11.21
N ARG A 320 -51.03 -37.70 11.52
CA ARG A 320 -51.04 -37.15 12.87
C ARG A 320 -49.69 -37.36 13.58
N PHE A 321 -48.64 -36.92 12.89
CA PHE A 321 -47.29 -37.06 13.42
C PHE A 321 -46.88 -35.88 14.29
N VAL A 322 -46.86 -34.67 13.72
CA VAL A 322 -46.50 -33.49 14.50
C VAL A 322 -47.73 -32.74 14.95
N LEU B 6 -30.93 -1.54 45.28
CA LEU B 6 -30.08 -2.22 46.24
C LEU B 6 -30.47 -3.68 46.38
N SER B 7 -29.47 -4.57 46.34
CA SER B 7 -29.72 -5.99 46.50
C SER B 7 -28.60 -6.61 47.33
N THR B 8 -28.66 -7.93 47.45
CA THR B 8 -27.70 -8.67 48.27
C THR B 8 -26.37 -8.83 47.54
N ALA B 9 -25.37 -9.24 48.30
CA ALA B 9 -24.11 -9.66 47.71
C ALA B 9 -24.22 -11.08 47.19
N SER B 10 -23.43 -11.38 46.15
CA SER B 10 -23.50 -12.71 45.56
C SER B 10 -22.88 -13.76 46.47
N VAL B 11 -21.75 -13.45 47.09
CA VAL B 11 -21.21 -14.29 48.15
C VAL B 11 -21.04 -13.44 49.40
N LEU B 12 -21.16 -14.09 50.56
CA LEU B 12 -21.09 -13.43 51.85
C LEU B 12 -20.86 -14.51 52.90
N ALA B 13 -19.82 -14.34 53.70
CA ALA B 13 -19.48 -15.35 54.68
C ALA B 13 -19.10 -14.66 55.99
N PHE B 14 -19.51 -15.26 57.10
CA PHE B 14 -19.26 -14.70 58.41
C PHE B 14 -18.45 -15.70 59.21
N GLU B 15 -17.28 -15.26 59.69
CA GLU B 15 -16.50 -16.07 60.60
C GLU B 15 -17.24 -16.21 61.92
N ARG B 16 -17.07 -17.36 62.56
CA ARG B 16 -17.75 -17.60 63.82
C ARG B 16 -17.03 -16.86 64.95
N LYS B 17 -17.84 -16.33 65.86
CA LYS B 17 -17.37 -16.00 67.20
C LYS B 17 -17.65 -17.20 68.08
N LEU B 18 -17.23 -17.11 69.34
CA LEU B 18 -17.57 -18.07 70.40
C LEU B 18 -17.03 -19.47 70.04
N ASP B 19 -15.71 -19.57 70.06
CA ASP B 19 -15.04 -20.78 69.61
C ASP B 19 -14.82 -21.72 70.78
N PRO B 20 -15.37 -22.92 70.76
CA PRO B 20 -15.06 -23.89 71.81
C PRO B 20 -13.76 -24.62 71.55
N SER B 21 -13.43 -25.58 72.39
CA SER B 21 -12.26 -26.43 72.22
C SER B 21 -12.72 -27.87 72.10
N ASP B 22 -11.76 -28.78 72.11
CA ASP B 22 -12.06 -30.20 72.16
C ASP B 22 -11.99 -30.70 73.59
N ALA B 23 -12.97 -31.50 73.99
CA ALA B 23 -13.17 -31.85 75.40
C ALA B 23 -12.66 -33.26 75.63
N LEU B 24 -11.48 -33.37 76.24
CA LEU B 24 -10.93 -34.65 76.63
C LEU B 24 -11.45 -35.05 78.02
N MET B 25 -11.50 -36.36 78.26
CA MET B 25 -12.13 -36.92 79.44
C MET B 25 -11.12 -37.65 80.31
N SER B 26 -11.06 -37.28 81.59
CA SER B 26 -10.25 -37.98 82.57
C SER B 26 -11.14 -38.43 83.73
N ALA B 27 -10.67 -39.43 84.46
CA ALA B 27 -11.50 -40.11 85.46
C ALA B 27 -10.85 -40.10 86.83
N GLY B 28 -11.71 -40.10 87.85
CA GLY B 28 -11.30 -40.19 89.24
C GLY B 28 -12.51 -40.30 90.12
N ALA B 29 -12.27 -40.55 91.40
CA ALA B 29 -13.35 -40.73 92.36
C ALA B 29 -13.75 -39.38 92.97
N TRP B 30 -14.94 -39.37 93.57
CA TRP B 30 -15.47 -38.19 94.21
C TRP B 30 -14.68 -37.84 95.47
N ALA B 31 -14.83 -36.59 95.92
CA ALA B 31 -14.23 -35.90 97.07
C ALA B 31 -12.78 -35.53 96.79
N GLN B 32 -12.22 -35.89 95.64
CA GLN B 32 -11.07 -35.22 95.08
C GLN B 32 -11.48 -34.24 93.99
N ARG B 33 -12.67 -33.65 94.14
CA ARG B 33 -13.19 -32.72 93.15
C ARG B 33 -12.37 -31.44 93.09
N ASP B 34 -11.67 -31.13 94.17
CA ASP B 34 -10.70 -30.04 94.17
C ASP B 34 -9.29 -30.52 94.46
N ALA B 35 -8.96 -31.74 94.06
CA ALA B 35 -7.60 -32.25 94.04
C ALA B 35 -7.33 -32.95 92.71
N SER B 36 -7.91 -32.43 91.64
CA SER B 36 -7.99 -33.13 90.36
C SER B 36 -6.90 -32.64 89.41
N GLN B 37 -5.67 -33.10 89.68
CA GLN B 37 -4.52 -32.72 88.86
C GLN B 37 -3.73 -33.90 88.32
N GLU B 38 -3.86 -35.09 88.92
CA GLU B 38 -3.11 -36.26 88.48
C GLU B 38 -4.04 -37.39 88.10
N TRP B 39 -5.23 -37.06 87.64
CA TRP B 39 -6.22 -38.06 87.30
C TRP B 39 -5.88 -38.71 85.95
N PRO B 40 -5.73 -40.02 85.88
CA PRO B 40 -5.53 -40.66 84.58
C PRO B 40 -6.81 -40.61 83.75
N ALA B 41 -6.64 -40.75 82.44
CA ALA B 41 -7.73 -40.57 81.51
C ALA B 41 -8.26 -41.91 81.02
N VAL B 42 -9.45 -41.86 80.42
CA VAL B 42 -10.12 -43.04 79.91
C VAL B 42 -9.43 -43.47 78.62
N THR B 43 -8.79 -44.64 78.64
CA THR B 43 -8.24 -45.23 77.44
C THR B 43 -9.28 -46.13 76.80
N VAL B 44 -9.21 -46.26 75.48
CA VAL B 44 -10.23 -47.01 74.75
C VAL B 44 -9.68 -48.40 74.43
N ARG B 45 -10.54 -49.42 74.48
CA ARG B 45 -10.14 -50.79 74.24
C ARG B 45 -11.07 -51.45 73.23
N GLU B 46 -10.57 -52.50 72.58
CA GLU B 46 -11.29 -53.15 71.49
C GLU B 46 -11.65 -54.55 71.93
N LYS B 47 -12.94 -54.85 71.99
CA LYS B 47 -13.43 -56.20 72.27
C LYS B 47 -14.18 -56.68 71.04
N SER B 48 -14.77 -57.87 71.14
CA SER B 48 -15.54 -58.43 70.02
C SER B 48 -16.95 -58.84 70.43
N GLN B 77 -18.20 -59.27 65.08
CA GLN B 77 -17.55 -58.10 64.51
C GLN B 77 -16.62 -57.44 65.54
N THR B 78 -15.87 -56.44 65.10
CA THR B 78 -14.90 -55.74 65.93
C THR B 78 -15.50 -54.43 66.40
N VAL B 79 -15.54 -54.21 67.71
CA VAL B 79 -16.17 -53.04 68.29
C VAL B 79 -15.25 -52.42 69.33
N ASP B 80 -14.96 -51.13 69.16
CA ASP B 80 -14.18 -50.36 70.12
C ASP B 80 -15.07 -49.98 71.27
N VAL B 81 -14.51 -49.91 72.49
CA VAL B 81 -15.32 -49.63 73.68
C VAL B 81 -14.47 -48.93 74.74
N ALA B 82 -15.10 -48.00 75.45
CA ALA B 82 -14.43 -47.25 76.50
C ALA B 82 -15.27 -47.33 77.77
N ASN B 83 -14.64 -47.72 78.87
CA ASN B 83 -15.33 -47.93 80.13
C ASN B 83 -14.68 -47.10 81.23
N LEU B 84 -15.48 -46.74 82.24
CA LEU B 84 -14.96 -46.11 83.43
C LEU B 84 -14.08 -47.10 84.19
N PRO B 85 -13.11 -46.61 84.96
CA PRO B 85 -12.27 -47.53 85.75
C PRO B 85 -13.04 -48.14 86.90
N SER B 86 -12.45 -49.18 87.50
CA SER B 86 -13.14 -49.98 88.50
C SER B 86 -13.36 -49.26 89.82
N ASP B 87 -12.52 -48.28 90.16
CA ASP B 87 -12.61 -47.60 91.44
C ASP B 87 -12.82 -46.10 91.32
N ALA B 88 -13.67 -45.66 90.40
CA ALA B 88 -13.91 -44.24 90.17
C ALA B 88 -15.31 -44.04 89.62
N ASP B 89 -15.97 -42.98 90.07
CA ASP B 89 -17.36 -42.73 89.70
C ASP B 89 -17.57 -41.37 89.05
N THR B 90 -16.53 -40.56 88.95
CA THR B 90 -16.65 -39.21 88.41
C THR B 90 -15.77 -39.05 87.17
N LEU B 91 -16.15 -38.11 86.32
CA LEU B 91 -15.47 -37.84 85.06
C LEU B 91 -15.08 -36.38 84.99
N LYS B 92 -13.84 -36.11 84.59
CA LYS B 92 -13.35 -34.75 84.43
C LYS B 92 -13.37 -34.39 82.95
N VAL B 93 -14.19 -33.43 82.58
CA VAL B 93 -14.34 -32.96 81.21
C VAL B 93 -13.76 -31.56 81.12
N ARG B 94 -12.78 -31.36 80.24
CA ARG B 94 -12.05 -30.11 80.15
C ARG B 94 -12.08 -29.57 78.73
N PHE B 95 -12.60 -28.36 78.56
CA PHE B 95 -12.41 -27.63 77.32
C PHE B 95 -12.24 -26.16 77.64
N THR B 96 -12.10 -25.36 76.60
CA THR B 96 -11.78 -23.94 76.75
C THR B 96 -12.63 -23.13 75.78
N LEU B 97 -13.05 -21.96 76.22
CA LEU B 97 -13.89 -21.08 75.43
C LEU B 97 -13.17 -19.78 75.14
N ARG B 98 -13.49 -19.20 73.99
CA ARG B 98 -13.01 -17.88 73.60
C ARG B 98 -14.17 -17.09 73.03
N VAL B 99 -14.26 -15.84 73.43
CA VAL B 99 -15.26 -14.92 72.91
C VAL B 99 -14.53 -13.82 72.16
N LEU B 100 -14.98 -13.53 70.95
CA LEU B 100 -14.22 -12.69 70.03
C LEU B 100 -14.83 -11.32 69.82
N GLY B 101 -16.08 -11.25 69.41
CA GLY B 101 -16.74 -9.96 69.21
C GLY B 101 -16.58 -9.43 67.80
N GLY B 102 -17.37 -8.39 67.51
CA GLY B 102 -17.40 -7.82 66.18
C GLY B 102 -18.21 -8.69 65.24
N ALA B 103 -19.39 -9.10 65.67
CA ALA B 103 -20.16 -10.10 64.96
C ALA B 103 -20.91 -9.57 63.75
N GLY B 104 -20.81 -8.27 63.46
CA GLY B 104 -21.52 -7.71 62.33
C GLY B 104 -20.71 -7.69 61.06
N THR B 105 -19.39 -7.70 61.20
CA THR B 105 -18.52 -7.60 60.05
C THR B 105 -18.42 -8.94 59.35
N PRO B 106 -18.62 -9.01 58.04
CA PRO B 106 -18.42 -10.27 57.33
C PRO B 106 -16.96 -10.49 56.99
N SER B 107 -16.64 -11.74 56.70
CA SER B 107 -15.29 -12.09 56.28
C SER B 107 -15.08 -11.95 54.78
N ALA B 108 -16.16 -11.93 54.00
CA ALA B 108 -16.06 -11.76 52.56
C ALA B 108 -17.35 -11.14 52.06
N CYS B 109 -17.23 -10.12 51.21
CA CYS B 109 -18.40 -9.42 50.72
C CYS B 109 -18.06 -8.76 49.39
N ASN B 110 -19.07 -8.61 48.54
CA ASN B 110 -18.81 -8.07 47.20
C ASN B 110 -19.08 -6.58 47.08
N ASP B 111 -20.32 -6.15 47.26
CA ASP B 111 -20.66 -4.75 47.05
C ASP B 111 -20.74 -4.03 48.40
N ALA B 112 -20.33 -2.76 48.40
CA ALA B 112 -20.14 -2.07 49.66
C ALA B 112 -21.44 -1.50 50.22
N ALA B 113 -22.43 -1.26 49.37
CA ALA B 113 -23.70 -0.69 49.82
C ALA B 113 -24.44 -1.65 50.73
N TYR B 114 -24.47 -2.93 50.35
CA TYR B 114 -25.08 -3.96 51.18
C TYR B 114 -24.34 -4.12 52.50
N ARG B 115 -23.01 -4.02 52.46
CA ARG B 115 -22.21 -4.16 53.68
C ARG B 115 -22.45 -3.01 54.63
N ASP B 116 -22.55 -1.79 54.12
CA ASP B 116 -22.77 -0.64 54.99
C ASP B 116 -24.19 -0.60 55.51
N LYS B 117 -25.16 -1.06 54.71
CA LYS B 117 -26.53 -1.20 55.19
C LYS B 117 -26.62 -2.23 56.31
N LEU B 118 -25.92 -3.35 56.16
CA LEU B 118 -25.91 -4.36 57.21
C LEU B 118 -25.21 -3.85 58.47
N LEU B 119 -24.14 -3.06 58.30
CA LEU B 119 -23.42 -2.53 59.45
C LEU B 119 -24.24 -1.52 60.22
N GLN B 120 -24.97 -0.65 59.52
CA GLN B 120 -25.81 0.30 60.25
C GLN B 120 -27.02 -0.39 60.86
N THR B 121 -27.52 -1.46 60.24
CA THR B 121 -28.62 -2.22 60.84
C THR B 121 -28.19 -2.88 62.14
N VAL B 122 -27.01 -3.51 62.15
CA VAL B 122 -26.57 -4.16 63.37
C VAL B 122 -26.10 -3.10 64.39
N ALA B 123 -25.75 -1.90 63.92
CA ALA B 123 -25.45 -0.81 64.85
C ALA B 123 -26.70 -0.35 65.59
N THR B 124 -27.82 -0.18 64.86
CA THR B 124 -29.08 0.16 65.52
C THR B 124 -29.53 -0.95 66.46
N TYR B 125 -29.29 -2.22 66.09
CA TYR B 125 -29.65 -3.31 67.00
C TYR B 125 -28.79 -3.28 68.27
N VAL B 126 -27.48 -3.06 68.13
CA VAL B 126 -26.61 -3.19 69.28
C VAL B 126 -26.69 -1.95 70.18
N ASN B 127 -27.15 -0.83 69.63
CA ASN B 127 -27.29 0.35 70.48
C ASN B 127 -28.69 0.50 71.05
N GLU B 128 -29.70 -0.10 70.41
CA GLU B 128 -30.99 -0.23 71.07
C GLU B 128 -30.90 -1.15 72.27
N GLN B 129 -30.21 -2.28 72.13
CA GLN B 129 -30.11 -3.28 73.18
C GLN B 129 -28.78 -4.00 73.02
N GLY B 130 -28.16 -4.35 74.14
CA GLY B 130 -26.89 -5.04 74.07
C GLY B 130 -26.98 -6.50 73.68
N PHE B 131 -25.99 -7.29 74.10
CA PHE B 131 -26.05 -8.73 73.92
C PHE B 131 -26.62 -9.43 75.14
N ALA B 132 -27.41 -8.71 75.95
CA ALA B 132 -27.69 -9.14 77.32
C ALA B 132 -28.64 -10.34 77.36
N GLU B 133 -29.67 -10.33 76.52
CA GLU B 133 -30.57 -11.48 76.48
C GLU B 133 -29.86 -12.70 75.89
N LEU B 134 -29.02 -12.47 74.88
CA LEU B 134 -28.29 -13.55 74.25
C LEU B 134 -27.24 -14.11 75.20
N ALA B 135 -26.52 -13.23 75.90
CA ALA B 135 -25.52 -13.69 76.84
C ALA B 135 -26.17 -14.36 78.05
N ARG B 136 -27.37 -13.91 78.41
CA ARG B 136 -28.10 -14.55 79.49
C ARG B 136 -28.49 -15.97 79.12
N ARG B 137 -29.02 -16.15 77.90
CA ARG B 137 -29.39 -17.48 77.45
C ARG B 137 -28.16 -18.36 77.25
N TYR B 138 -27.04 -17.77 76.83
CA TYR B 138 -25.84 -18.57 76.59
C TYR B 138 -25.19 -18.98 77.90
N ALA B 139 -25.15 -18.09 78.89
CA ALA B 139 -24.64 -18.48 80.19
C ALA B 139 -25.56 -19.45 80.89
N HIS B 140 -26.87 -19.33 80.62
CA HIS B 140 -27.82 -20.31 81.13
C HIS B 140 -27.56 -21.68 80.55
N ASN B 141 -27.28 -21.75 79.25
CA ASN B 141 -26.95 -23.03 78.63
C ASN B 141 -25.58 -23.52 79.03
N LEU B 142 -24.69 -22.61 79.40
CA LEU B 142 -23.35 -23.01 79.83
C LEU B 142 -23.37 -23.54 81.25
N ALA B 143 -24.30 -23.06 82.08
CA ALA B 143 -24.33 -23.44 83.48
C ALA B 143 -24.74 -24.90 83.66
N ASN B 144 -25.84 -25.29 83.03
CA ASN B 144 -26.19 -26.69 83.04
C ASN B 144 -25.32 -27.44 82.06
N ALA B 145 -24.91 -28.66 82.43
CA ALA B 145 -23.96 -29.42 81.65
C ALA B 145 -24.67 -30.24 80.57
N ARG B 146 -25.19 -29.53 79.56
CA ARG B 146 -25.84 -30.21 78.45
C ARG B 146 -24.82 -30.81 77.50
N PHE B 147 -23.57 -30.33 77.55
CA PHE B 147 -22.56 -30.77 76.59
C PHE B 147 -22.13 -32.21 76.80
N LEU B 148 -22.40 -32.79 77.96
CA LEU B 148 -22.46 -34.24 78.07
C LEU B 148 -23.82 -34.62 77.53
N TRP B 149 -23.84 -35.17 76.31
CA TRP B 149 -25.13 -35.39 75.64
C TRP B 149 -25.79 -36.66 76.16
N ARG B 150 -25.17 -37.81 75.89
CA ARG B 150 -25.61 -39.08 76.45
C ARG B 150 -25.05 -39.29 77.84
N ASN B 151 -24.04 -38.52 78.21
CA ASN B 151 -23.33 -38.71 79.45
C ASN B 151 -23.91 -37.90 80.61
N ARG B 152 -25.07 -37.28 80.43
CA ARG B 152 -25.69 -36.52 81.50
C ARG B 152 -26.78 -37.31 82.21
N VAL B 153 -27.65 -37.98 81.45
CA VAL B 153 -28.83 -38.63 82.02
C VAL B 153 -28.41 -39.85 82.82
N GLY B 154 -29.07 -40.05 83.96
CA GLY B 154 -28.74 -41.17 84.83
C GLY B 154 -27.62 -40.91 85.81
N ALA B 155 -27.19 -39.65 85.97
CA ALA B 155 -26.10 -39.33 86.86
C ALA B 155 -26.61 -38.97 88.25
N GLU B 156 -25.81 -39.31 89.26
CA GLU B 156 -26.18 -39.00 90.64
C GLU B 156 -26.07 -37.50 90.91
N ALA B 157 -24.88 -36.96 90.78
CA ALA B 157 -24.67 -35.54 91.02
C ALA B 157 -23.71 -34.99 89.98
N VAL B 158 -24.06 -33.85 89.39
CA VAL B 158 -23.21 -33.17 88.44
C VAL B 158 -23.02 -31.73 88.90
N GLU B 159 -21.86 -31.16 88.61
CA GLU B 159 -21.52 -29.81 89.01
C GLU B 159 -20.45 -29.27 88.08
N VAL B 160 -20.59 -28.00 87.69
CA VAL B 160 -19.64 -27.34 86.80
C VAL B 160 -18.80 -26.38 87.63
N ARG B 161 -17.65 -26.00 87.08
CA ARG B 161 -16.75 -25.04 87.71
C ARG B 161 -16.04 -24.25 86.63
N ILE B 162 -16.24 -22.93 86.65
CA ILE B 162 -15.86 -22.06 85.55
C ILE B 162 -14.83 -21.05 86.06
N ASN B 163 -13.69 -20.98 85.38
CA ASN B 163 -12.62 -20.06 85.74
C ASN B 163 -12.40 -19.05 84.63
N HIS B 164 -12.32 -17.77 84.99
CA HIS B 164 -11.85 -16.74 84.08
C HIS B 164 -10.35 -16.64 84.24
N ILE B 165 -9.64 -16.71 83.11
CA ILE B 165 -8.18 -16.69 83.11
C ILE B 165 -7.79 -15.43 82.34
N ARG B 166 -7.49 -14.35 83.06
CA ARG B 166 -7.15 -13.09 82.40
C ARG B 166 -5.71 -13.09 81.94
N GLN B 167 -4.79 -13.14 82.88
CA GLN B 167 -3.39 -13.42 82.60
C GLN B 167 -3.21 -14.92 82.77
N GLY B 168 -1.96 -15.35 82.91
CA GLY B 168 -1.66 -16.75 83.19
C GLY B 168 -2.22 -17.31 84.49
N GLU B 169 -2.68 -16.44 85.39
CA GLU B 169 -3.38 -16.85 86.58
C GLU B 169 -4.88 -16.67 86.40
N VAL B 170 -5.65 -17.30 87.28
CA VAL B 170 -7.11 -17.24 87.24
C VAL B 170 -7.59 -16.04 88.06
N ALA B 171 -8.52 -15.28 87.50
CA ALA B 171 -8.95 -14.02 88.10
C ALA B 171 -10.28 -14.10 88.84
N ARG B 172 -11.19 -14.98 88.44
CA ARG B 172 -12.48 -15.10 89.10
C ARG B 172 -12.93 -16.55 89.04
N THR B 173 -14.07 -16.84 89.66
CA THR B 173 -14.56 -18.20 89.75
C THR B 173 -16.07 -18.18 89.87
N TRP B 174 -16.74 -18.99 89.05
CA TRP B 174 -18.15 -19.30 89.23
C TRP B 174 -18.30 -20.71 89.77
N ARG B 175 -19.54 -21.05 90.12
CA ARG B 175 -19.87 -22.38 90.64
C ARG B 175 -21.37 -22.57 90.48
N PHE B 176 -21.77 -23.60 89.75
CA PHE B 176 -23.17 -23.91 89.53
C PHE B 176 -23.39 -25.40 89.65
N ASP B 177 -24.52 -25.78 90.24
CA ASP B 177 -24.98 -27.15 90.21
C ASP B 177 -25.90 -27.29 89.01
N ALA B 178 -25.57 -28.24 88.14
CA ALA B 178 -26.36 -28.37 86.92
C ALA B 178 -27.67 -29.10 87.17
N LEU B 179 -27.79 -29.83 88.28
CA LEU B 179 -29.07 -30.44 88.60
C LEU B 179 -30.09 -29.39 89.07
N ALA B 180 -29.63 -28.23 89.52
CA ALA B 180 -30.55 -27.18 89.94
C ALA B 180 -31.28 -26.56 88.76
N ILE B 181 -30.58 -26.39 87.65
CA ILE B 181 -31.14 -25.73 86.48
C ILE B 181 -31.58 -26.79 85.48
N GLY B 182 -32.86 -26.80 85.17
CA GLY B 182 -33.39 -27.79 84.26
C GLY B 182 -33.12 -27.45 82.81
N LEU B 183 -33.46 -28.41 81.95
CA LEU B 183 -33.30 -28.27 80.51
C LEU B 183 -34.50 -27.62 79.85
N ARG B 184 -35.42 -27.04 80.62
CA ARG B 184 -36.67 -26.57 80.04
C ARG B 184 -36.79 -25.05 79.98
N ASP B 185 -35.99 -24.31 80.74
CA ASP B 185 -36.18 -22.87 80.81
C ASP B 185 -34.84 -22.21 81.13
N PHE B 186 -34.68 -20.98 80.64
CA PHE B 186 -33.57 -20.13 81.04
C PHE B 186 -34.00 -19.31 82.25
N LYS B 187 -33.37 -19.54 83.39
CA LYS B 187 -33.79 -18.98 84.66
C LYS B 187 -32.95 -17.75 85.00
N ALA B 188 -33.10 -17.26 86.24
CA ALA B 188 -32.37 -16.10 86.70
C ALA B 188 -31.63 -16.43 87.99
N ASP B 189 -30.46 -15.81 88.15
CA ASP B 189 -29.58 -16.01 89.29
C ASP B 189 -28.55 -14.89 89.30
N ALA B 190 -27.93 -14.66 90.46
CA ALA B 190 -26.98 -13.57 90.58
C ALA B 190 -25.67 -13.89 89.88
N GLU B 191 -25.07 -15.05 90.18
CA GLU B 191 -23.82 -15.43 89.55
C GLU B 191 -23.99 -15.73 88.07
N LEU B 192 -25.17 -16.23 87.70
CA LEU B 192 -25.50 -16.38 86.30
C LEU B 192 -25.55 -15.03 85.60
N ASP B 193 -26.03 -13.99 86.29
CA ASP B 193 -26.03 -12.66 85.71
C ASP B 193 -24.63 -12.08 85.62
N ALA B 194 -23.75 -12.43 86.56
CA ALA B 194 -22.36 -12.00 86.47
C ALA B 194 -21.66 -12.66 85.30
N LEU B 195 -21.92 -13.94 85.09
CA LEU B 195 -21.40 -14.63 83.91
C LEU B 195 -21.97 -14.03 82.63
N ALA B 196 -23.26 -13.65 82.65
CA ALA B 196 -23.89 -13.10 81.47
C ALA B 196 -23.34 -11.72 81.13
N GLU B 197 -23.03 -10.90 82.13
CA GLU B 197 -22.44 -9.60 81.82
C GLU B 197 -20.99 -9.75 81.36
N LEU B 198 -20.28 -10.79 81.83
CA LEU B 198 -18.96 -11.05 81.28
C LEU B 198 -19.04 -11.46 79.80
N ILE B 199 -20.02 -12.30 79.46
CA ILE B 199 -20.18 -12.73 78.07
C ILE B 199 -20.61 -11.56 77.19
N ALA B 200 -21.49 -10.71 77.69
CA ALA B 200 -21.92 -9.55 76.92
C ALA B 200 -20.83 -8.50 76.81
N SER B 201 -19.91 -8.48 77.78
CA SER B 201 -18.71 -7.66 77.66
C SER B 201 -17.81 -8.20 76.56
N GLY B 202 -17.77 -9.53 76.42
CA GLY B 202 -17.01 -10.11 75.32
C GLY B 202 -17.62 -9.80 73.96
N LEU B 203 -18.94 -10.00 73.82
CA LEU B 203 -19.59 -9.86 72.53
C LEU B 203 -19.68 -8.41 72.08
N SER B 204 -19.61 -7.47 73.02
CA SER B 204 -19.58 -6.06 72.63
C SER B 204 -18.24 -5.64 72.06
N GLY B 205 -17.20 -6.44 72.24
CA GLY B 205 -15.89 -6.09 71.75
C GLY B 205 -15.06 -5.26 72.70
N SER B 206 -15.47 -5.16 73.96
CA SER B 206 -14.77 -4.33 74.93
C SER B 206 -13.67 -5.08 75.67
N GLY B 207 -13.57 -6.39 75.51
CA GLY B 207 -12.54 -7.13 76.21
C GLY B 207 -12.43 -8.54 75.65
N HIS B 208 -11.36 -9.20 76.06
CA HIS B 208 -11.06 -10.57 75.63
C HIS B 208 -11.48 -11.52 76.73
N VAL B 209 -12.09 -12.64 76.34
CA VAL B 209 -12.66 -13.61 77.28
C VAL B 209 -12.06 -14.96 76.97
N LEU B 210 -11.40 -15.57 77.94
CA LEU B 210 -10.91 -16.93 77.85
C LEU B 210 -11.36 -17.67 79.11
N LEU B 211 -12.11 -18.76 78.93
CA LEU B 211 -12.76 -19.44 80.03
C LEU B 211 -12.38 -20.92 80.02
N GLU B 212 -11.96 -21.44 81.16
CA GLU B 212 -11.72 -22.86 81.34
C GLU B 212 -12.92 -23.48 82.04
N VAL B 213 -13.52 -24.49 81.43
CA VAL B 213 -14.74 -25.10 81.91
C VAL B 213 -14.43 -26.53 82.33
N VAL B 214 -14.68 -26.85 83.60
CA VAL B 214 -14.50 -28.19 84.14
C VAL B 214 -15.86 -28.70 84.57
N ALA B 215 -16.13 -29.97 84.30
CA ALA B 215 -17.39 -30.60 84.69
C ALA B 215 -17.10 -31.90 85.43
N PHE B 216 -17.93 -32.19 86.42
CA PHE B 216 -17.87 -33.43 87.18
C PHE B 216 -19.23 -34.11 87.13
N ALA B 217 -19.23 -35.44 87.21
CA ALA B 217 -20.46 -36.20 87.07
C ALA B 217 -20.39 -37.50 87.84
N ARG B 218 -21.16 -37.58 88.91
CA ARG B 218 -21.27 -38.80 89.71
C ARG B 218 -22.19 -39.75 88.98
N ILE B 219 -21.62 -40.83 88.43
CA ILE B 219 -22.39 -41.83 87.70
C ILE B 219 -22.23 -43.22 88.31
N GLY B 220 -21.02 -43.59 88.70
CA GLY B 220 -20.74 -44.91 89.23
C GLY B 220 -19.53 -45.50 88.57
N ASP B 221 -19.16 -46.71 88.98
CA ASP B 221 -17.97 -47.38 88.48
C ASP B 221 -18.38 -48.42 87.44
N GLY B 222 -17.48 -48.66 86.48
CA GLY B 222 -17.68 -49.73 85.51
C GLY B 222 -18.73 -49.47 84.47
N GLN B 223 -19.16 -48.23 84.28
CA GLN B 223 -20.14 -47.91 83.26
C GLN B 223 -19.46 -47.46 81.98
N GLU B 224 -20.17 -47.59 80.86
CA GLU B 224 -19.62 -47.20 79.58
C GLU B 224 -19.76 -45.70 79.38
N VAL B 225 -18.71 -45.10 78.83
CA VAL B 225 -18.68 -43.68 78.57
C VAL B 225 -19.12 -43.46 77.13
N PHE B 226 -19.53 -42.24 76.81
CA PHE B 226 -20.03 -41.89 75.49
C PHE B 226 -19.20 -40.77 74.87
N PRO B 227 -18.08 -41.09 74.23
CA PRO B 227 -17.39 -40.11 73.40
C PRO B 227 -18.01 -40.09 72.01
N SER B 228 -17.40 -39.33 71.11
CA SER B 228 -17.94 -39.20 69.77
C SER B 228 -17.64 -40.43 68.94
N GLN B 229 -18.57 -40.78 68.07
CA GLN B 229 -18.45 -41.95 67.21
C GLN B 229 -17.91 -41.54 65.84
N GLU B 230 -16.95 -42.31 65.35
CA GLU B 230 -16.34 -42.04 64.05
C GLU B 230 -17.09 -42.79 62.96
N LEU B 231 -16.51 -42.89 61.77
CA LEU B 231 -17.11 -43.65 60.69
C LEU B 231 -16.09 -44.59 60.06
N LYS B 244 -16.60 -49.42 63.33
CA LYS B 244 -17.01 -48.32 64.21
C LYS B 244 -15.95 -48.06 65.27
N THR B 245 -15.58 -46.79 65.45
CA THR B 245 -14.50 -46.42 66.35
C THR B 245 -14.91 -45.19 67.14
N LEU B 246 -14.41 -45.09 68.37
CA LEU B 246 -14.66 -43.94 69.22
C LEU B 246 -13.60 -42.87 68.94
N TYR B 247 -14.04 -41.61 68.92
CA TYR B 247 -13.15 -40.50 68.63
C TYR B 247 -12.16 -40.30 69.76
N SER B 248 -10.90 -40.11 69.40
CA SER B 248 -9.86 -40.10 70.41
C SER B 248 -8.82 -39.05 70.08
N VAL B 249 -8.36 -38.32 71.10
CA VAL B 249 -7.09 -37.61 71.10
C VAL B 249 -6.10 -38.69 71.54
N ARG B 250 -4.79 -38.43 71.45
CA ARG B 250 -3.72 -39.38 71.78
C ARG B 250 -3.92 -40.03 73.14
N ASP B 251 -4.13 -41.36 73.10
CA ASP B 251 -4.56 -42.29 74.14
C ASP B 251 -5.55 -41.71 75.16
N ALA B 252 -6.59 -41.02 74.68
CA ALA B 252 -7.63 -40.48 75.53
C ALA B 252 -8.86 -40.21 74.69
N ALA B 253 -10.01 -40.74 75.12
CA ALA B 253 -11.25 -40.47 74.40
C ALA B 253 -11.69 -39.04 74.66
N ALA B 254 -12.44 -38.48 73.72
CA ALA B 254 -12.75 -37.06 73.78
C ALA B 254 -14.01 -36.75 72.99
N ILE B 255 -14.30 -35.46 72.86
CA ILE B 255 -15.52 -34.94 72.23
C ILE B 255 -15.11 -33.99 71.12
N HIS B 256 -15.83 -34.04 70.00
CA HIS B 256 -15.64 -33.07 68.93
C HIS B 256 -15.99 -31.67 69.40
N SER B 257 -15.33 -30.68 68.79
CA SER B 257 -15.62 -29.28 69.09
C SER B 257 -17.01 -28.90 68.60
N GLN B 258 -17.46 -29.50 67.51
CA GLN B 258 -18.74 -29.05 66.96
C GLN B 258 -19.91 -29.64 67.73
N LYS B 259 -19.70 -30.74 68.45
CA LYS B 259 -20.74 -31.22 69.35
C LYS B 259 -20.93 -30.25 70.52
N ILE B 260 -19.82 -29.77 71.09
CA ILE B 260 -19.88 -28.76 72.14
C ILE B 260 -20.50 -27.47 71.62
N GLY B 261 -20.18 -27.13 70.37
CA GLY B 261 -20.75 -25.92 69.80
C GLY B 261 -22.24 -26.04 69.55
N ASN B 262 -22.70 -27.20 69.06
CA ASN B 262 -24.11 -27.39 68.81
C ASN B 262 -24.89 -27.50 70.11
N ALA B 263 -24.24 -27.95 71.18
CA ALA B 263 -24.84 -27.88 72.49
C ALA B 263 -24.98 -26.43 72.96
N LEU B 264 -23.91 -25.64 72.80
CA LEU B 264 -23.87 -24.32 73.39
C LEU B 264 -24.74 -23.30 72.69
N ARG B 265 -25.29 -23.62 71.51
CA ARG B 265 -26.18 -22.69 70.83
C ARG B 265 -27.62 -23.17 70.83
N THR B 266 -28.01 -24.00 71.78
CA THR B 266 -29.37 -24.53 71.87
C THR B 266 -30.20 -23.55 72.68
N ILE B 267 -30.53 -22.40 72.08
CA ILE B 267 -31.27 -21.35 72.75
C ILE B 267 -32.51 -20.91 71.99
N ASP B 268 -32.84 -21.55 70.88
CA ASP B 268 -33.97 -21.09 70.06
C ASP B 268 -35.26 -21.64 70.64
N THR B 269 -35.94 -20.81 71.42
CA THR B 269 -37.22 -21.14 72.03
C THR B 269 -38.37 -20.45 71.31
N TRP B 270 -38.17 -20.09 70.04
CA TRP B 270 -39.12 -19.26 69.31
C TRP B 270 -39.58 -19.95 68.04
N TYR B 271 -39.84 -21.25 68.13
CA TYR B 271 -40.35 -21.98 66.99
C TYR B 271 -41.79 -21.55 66.70
N PRO B 272 -42.20 -21.47 65.43
CA PRO B 272 -43.51 -20.90 65.13
C PRO B 272 -44.66 -21.85 65.40
N ASP B 273 -44.49 -23.15 65.21
CA ASP B 273 -45.62 -24.08 65.31
C ASP B 273 -45.92 -24.41 66.77
N GLU B 274 -44.98 -25.06 67.45
CA GLU B 274 -45.10 -25.36 68.86
C GLU B 274 -43.88 -24.85 69.59
N ASP B 275 -44.00 -24.72 70.91
CA ASP B 275 -42.87 -24.32 71.73
C ASP B 275 -42.76 -25.15 73.00
N GLY B 276 -43.58 -26.19 73.16
CA GLY B 276 -43.36 -27.14 74.23
C GLY B 276 -42.19 -28.06 73.98
N LEU B 277 -41.60 -28.01 72.77
CA LEU B 277 -40.41 -28.77 72.45
C LEU B 277 -39.18 -28.27 73.19
N GLY B 278 -39.15 -27.00 73.57
CA GLY B 278 -38.03 -26.45 74.29
C GLY B 278 -37.12 -25.61 73.42
N PRO B 279 -35.83 -25.62 73.73
CA PRO B 279 -34.87 -24.84 72.94
C PRO B 279 -34.26 -25.65 71.80
N ILE B 280 -33.82 -24.92 70.78
CA ILE B 280 -33.30 -25.50 69.55
C ILE B 280 -31.93 -24.92 69.29
N ALA B 281 -31.01 -25.75 68.79
CA ALA B 281 -29.76 -25.24 68.21
C ALA B 281 -30.08 -24.30 67.06
N VAL B 282 -29.62 -23.05 67.17
CA VAL B 282 -30.05 -21.98 66.26
C VAL B 282 -29.43 -22.22 64.89
N GLU B 283 -30.29 -22.41 63.89
CA GLU B 283 -29.85 -22.74 62.55
C GLU B 283 -30.84 -22.17 61.56
N PRO B 284 -30.39 -21.67 60.42
CA PRO B 284 -31.34 -21.28 59.37
C PRO B 284 -31.98 -22.53 58.80
N TYR B 285 -33.27 -22.42 58.49
CA TYR B 285 -34.18 -23.55 58.33
C TYR B 285 -34.03 -24.49 59.52
N GLY B 286 -34.41 -23.98 60.69
CA GLY B 286 -34.20 -24.65 61.96
C GLY B 286 -34.77 -26.05 62.05
N SER B 287 -33.89 -27.04 62.10
CA SER B 287 -34.29 -28.42 61.98
C SER B 287 -33.57 -29.23 63.03
N VAL B 288 -33.74 -30.54 62.96
CA VAL B 288 -33.19 -31.45 63.95
C VAL B 288 -32.92 -32.78 63.27
N THR B 289 -31.68 -33.27 63.41
CA THR B 289 -31.31 -34.49 62.71
C THR B 289 -31.91 -35.73 63.35
N SER B 290 -32.36 -35.63 64.60
CA SER B 290 -32.95 -36.80 65.26
C SER B 290 -34.44 -36.90 64.98
N GLN B 291 -35.18 -35.84 65.32
CA GLN B 291 -36.63 -35.85 65.08
C GLN B 291 -36.97 -35.74 63.60
N GLY B 292 -36.18 -34.99 62.83
CA GLY B 292 -36.39 -34.94 61.39
C GLY B 292 -37.54 -34.08 60.94
N LYS B 293 -37.53 -32.80 61.28
CA LYS B 293 -38.58 -31.89 60.82
C LYS B 293 -38.02 -30.48 60.75
N ALA B 294 -38.60 -29.69 59.86
CA ALA B 294 -38.09 -28.35 59.56
C ALA B 294 -38.99 -27.28 60.15
N TYR B 295 -38.66 -26.84 61.35
CA TYR B 295 -39.27 -25.65 61.90
C TYR B 295 -38.73 -24.43 61.15
N ARG B 296 -39.49 -23.32 61.27
CA ARG B 296 -39.26 -22.09 60.50
C ARG B 296 -39.19 -22.37 59.01
N GLN B 297 -40.11 -23.21 58.55
CA GLN B 297 -40.16 -23.63 57.15
C GLN B 297 -40.55 -22.44 56.27
N PRO B 298 -39.98 -22.34 55.06
CA PRO B 298 -40.13 -21.10 54.27
C PRO B 298 -41.50 -20.90 53.67
N LYS B 299 -42.41 -21.88 53.75
CA LYS B 299 -43.81 -21.61 53.43
C LYS B 299 -44.40 -20.61 54.41
N GLN B 300 -43.98 -20.70 55.67
CA GLN B 300 -44.22 -19.65 56.65
C GLN B 300 -43.16 -18.57 56.49
N LYS B 301 -43.47 -17.40 57.03
CA LYS B 301 -42.51 -16.30 57.00
C LYS B 301 -41.64 -16.29 58.25
N LEU B 302 -41.06 -17.44 58.57
CA LEU B 302 -40.16 -17.58 59.70
C LEU B 302 -38.77 -18.03 59.29
N ASP B 303 -38.54 -18.25 58.00
CA ASP B 303 -37.22 -18.68 57.54
C ASP B 303 -36.24 -17.52 57.64
N PHE B 304 -34.99 -17.86 57.98
CA PHE B 304 -33.97 -16.89 58.36
C PHE B 304 -33.67 -15.91 57.23
N TYR B 305 -33.60 -16.42 56.00
CA TYR B 305 -33.30 -15.56 54.85
C TYR B 305 -34.46 -14.61 54.56
N THR B 306 -35.69 -15.07 54.82
CA THR B 306 -36.85 -14.20 54.60
C THR B 306 -36.85 -13.04 55.58
N LEU B 307 -36.55 -13.32 56.85
CA LEU B 307 -36.41 -12.25 57.83
C LEU B 307 -35.26 -11.32 57.48
N LEU B 308 -34.18 -11.88 56.92
CA LEU B 308 -33.02 -11.06 56.56
C LEU B 308 -33.33 -10.10 55.42
N ASP B 309 -33.91 -10.61 54.32
CA ASP B 309 -34.16 -9.70 53.20
C ASP B 309 -35.40 -8.84 53.42
N ASN B 310 -36.22 -9.15 54.42
CA ASN B 310 -37.25 -8.18 54.77
C ASN B 310 -36.68 -7.08 55.67
N TRP B 311 -35.73 -7.42 56.54
CA TRP B 311 -35.14 -6.41 57.41
C TRP B 311 -34.22 -5.48 56.63
N VAL B 312 -33.31 -6.05 55.84
CA VAL B 312 -32.27 -5.26 55.20
C VAL B 312 -32.76 -4.63 53.92
N LEU B 313 -33.32 -5.43 53.02
CA LEU B 313 -33.74 -4.90 51.73
C LEU B 313 -35.12 -4.25 51.82
N ARG B 314 -36.12 -5.01 52.23
CA ARG B 314 -37.49 -4.49 52.27
C ARG B 314 -37.75 -3.55 53.43
N ASP B 315 -36.78 -3.42 54.36
CA ASP B 315 -36.79 -2.42 55.44
C ASP B 315 -37.96 -2.61 56.40
N GLU B 316 -38.33 -3.85 56.67
CA GLU B 316 -39.41 -4.18 57.59
C GLU B 316 -38.81 -4.94 58.77
N ALA B 317 -38.56 -4.22 59.85
CA ALA B 317 -37.92 -4.82 61.02
C ALA B 317 -38.89 -5.75 61.73
N PRO B 318 -38.54 -7.00 61.96
CA PRO B 318 -39.47 -7.95 62.58
C PRO B 318 -39.46 -7.86 64.10
N ALA B 319 -40.12 -8.82 64.75
CA ALA B 319 -40.21 -8.89 66.20
C ALA B 319 -38.84 -9.08 66.84
N VAL B 320 -38.75 -8.69 68.11
CA VAL B 320 -37.46 -8.54 68.76
C VAL B 320 -36.84 -9.89 69.07
N GLU B 321 -37.67 -10.89 69.39
CA GLU B 321 -37.15 -12.23 69.60
C GLU B 321 -36.69 -12.85 68.29
N GLN B 322 -37.32 -12.47 67.18
CA GLN B 322 -36.83 -12.88 65.87
C GLN B 322 -35.53 -12.18 65.54
N GLN B 323 -35.36 -10.94 66.00
CA GLN B 323 -34.08 -10.26 65.83
C GLN B 323 -33.00 -10.92 66.66
N HIS B 324 -33.36 -11.40 67.85
CA HIS B 324 -32.42 -12.15 68.67
C HIS B 324 -32.02 -13.47 68.00
N TYR B 325 -32.99 -14.13 67.36
CA TYR B 325 -32.70 -15.35 66.61
C TYR B 325 -31.82 -15.06 65.40
N VAL B 326 -32.02 -13.90 64.77
CA VAL B 326 -31.21 -13.51 63.63
C VAL B 326 -29.77 -13.26 64.04
N ILE B 327 -29.57 -12.56 65.15
CA ILE B 327 -28.21 -12.28 65.59
C ILE B 327 -27.56 -13.55 66.13
N ALA B 328 -28.36 -14.49 66.64
CA ALA B 328 -27.80 -15.78 67.04
C ALA B 328 -27.33 -16.58 65.83
N ASN B 329 -28.09 -16.54 64.74
CA ASN B 329 -27.64 -17.22 63.52
C ASN B 329 -26.42 -16.53 62.92
N LEU B 330 -26.32 -15.21 63.06
CA LEU B 330 -25.12 -14.51 62.62
C LEU B 330 -23.93 -14.83 63.50
N ILE B 331 -24.17 -15.12 64.77
CA ILE B 331 -23.10 -15.59 65.64
C ILE B 331 -22.65 -16.98 65.21
N ARG B 332 -23.60 -17.80 64.74
CA ARG B 332 -23.27 -19.16 64.34
C ARG B 332 -22.40 -19.20 63.10
N GLY B 333 -22.66 -18.32 62.14
CA GLY B 333 -21.87 -18.26 60.94
C GLY B 333 -22.34 -19.25 59.88
N GLY B 334 -21.86 -19.04 58.66
CA GLY B 334 -22.25 -19.89 57.56
C GLY B 334 -21.93 -19.23 56.23
N VAL B 335 -22.51 -19.81 55.18
CA VAL B 335 -22.36 -19.30 53.83
C VAL B 335 -23.70 -18.69 53.40
N PHE B 336 -23.66 -17.44 52.96
CA PHE B 336 -24.86 -16.70 52.63
C PHE B 336 -24.68 -16.08 51.26
N GLY B 337 -25.64 -16.33 50.37
CA GLY B 337 -25.50 -15.80 49.03
C GLY B 337 -26.13 -16.73 48.01
N GLU B 338 -25.36 -17.09 46.99
CA GLU B 338 -25.87 -17.98 45.95
C GLU B 338 -25.05 -19.26 45.88
N ILE C 5 13.36 6.17 17.03
CA ILE C 5 12.13 6.21 17.77
C ILE C 5 12.20 5.16 18.89
N LEU C 6 11.34 5.28 19.89
CA LEU C 6 11.38 4.40 21.05
C LEU C 6 9.97 3.91 21.37
N SER C 7 9.86 2.61 21.62
CA SER C 7 8.59 2.00 21.96
C SER C 7 8.84 0.95 23.04
N THR C 8 7.76 0.57 23.72
CA THR C 8 7.87 -0.33 24.86
C THR C 8 8.17 -1.74 24.39
N ALA C 9 8.92 -2.48 25.21
CA ALA C 9 9.34 -3.82 24.82
C ALA C 9 8.18 -4.79 24.89
N SER C 10 8.34 -5.93 24.24
CA SER C 10 7.24 -6.87 24.11
C SER C 10 7.32 -8.01 25.10
N VAL C 11 8.50 -8.50 25.42
CA VAL C 11 8.68 -9.39 26.55
C VAL C 11 9.51 -8.64 27.59
N LEU C 12 9.15 -8.81 28.85
CA LEU C 12 9.77 -8.06 29.93
C LEU C 12 9.39 -8.77 31.22
N ALA C 13 10.38 -9.21 31.97
CA ALA C 13 10.13 -9.95 33.20
C ALA C 13 11.16 -9.57 34.24
N PHE C 14 10.71 -9.48 35.49
CA PHE C 14 11.56 -9.05 36.59
C PHE C 14 11.57 -10.13 37.66
N GLU C 15 12.76 -10.57 38.03
CA GLU C 15 12.89 -11.50 39.13
C GLU C 15 12.59 -10.79 40.43
N ARG C 16 11.90 -11.47 41.33
CA ARG C 16 11.47 -10.84 42.56
C ARG C 16 12.63 -10.61 43.50
N LYS C 17 12.43 -9.67 44.41
CA LYS C 17 13.23 -9.53 45.60
C LYS C 17 12.35 -9.84 46.79
N LEU C 18 12.95 -9.83 47.98
CA LEU C 18 12.28 -10.10 49.25
C LEU C 18 11.61 -11.48 49.25
N ASP C 19 12.45 -12.50 49.18
CA ASP C 19 11.94 -13.87 49.14
C ASP C 19 11.80 -14.42 50.54
N PRO C 20 10.61 -14.80 50.97
CA PRO C 20 10.49 -15.42 52.27
C PRO C 20 10.68 -16.91 52.19
N SER C 21 10.90 -17.57 53.32
CA SER C 21 10.88 -19.02 53.36
C SER C 21 9.46 -19.49 53.61
N ASP C 22 9.29 -20.75 53.98
CA ASP C 22 8.00 -21.23 54.44
C ASP C 22 7.95 -21.16 55.96
N ALA C 23 6.76 -20.98 56.49
CA ALA C 23 6.59 -20.68 57.92
C ALA C 23 6.19 -21.95 58.66
N LEU C 24 7.16 -22.55 59.35
CA LEU C 24 6.91 -23.75 60.14
C LEU C 24 6.32 -23.37 61.49
N MET C 25 5.57 -24.28 62.10
CA MET C 25 4.80 -23.99 63.30
C MET C 25 5.17 -24.94 64.42
N SER C 26 5.54 -24.40 65.58
CA SER C 26 5.85 -25.17 66.77
C SER C 26 5.09 -24.59 67.96
N ALA C 27 5.01 -25.36 69.06
CA ALA C 27 4.15 -25.00 70.17
C ALA C 27 4.83 -25.24 71.51
N GLY C 28 4.43 -24.45 72.50
CA GLY C 28 4.96 -24.59 73.84
C GLY C 28 4.29 -23.61 74.79
N ALA C 29 4.83 -23.55 75.99
CA ALA C 29 4.26 -22.74 77.06
C ALA C 29 4.92 -21.39 77.15
N TRP C 30 4.14 -20.37 77.52
CA TRP C 30 4.65 -19.01 77.67
C TRP C 30 5.70 -18.96 78.79
N ALA C 31 6.62 -18.00 78.65
CA ALA C 31 7.81 -17.74 79.46
C ALA C 31 8.84 -18.84 79.34
N GLN C 32 8.67 -19.79 78.43
CA GLN C 32 9.75 -20.63 77.95
C GLN C 32 10.33 -20.08 76.66
N ARG C 33 9.89 -18.88 76.26
CA ARG C 33 10.23 -18.31 74.97
C ARG C 33 11.63 -17.72 74.92
N ASP C 34 12.47 -17.98 75.90
CA ASP C 34 13.90 -17.82 75.74
C ASP C 34 14.60 -19.15 75.56
N ALA C 35 13.83 -20.25 75.48
CA ALA C 35 14.37 -21.57 75.24
C ALA C 35 13.50 -22.31 74.23
N SER C 36 13.06 -21.60 73.20
CA SER C 36 12.15 -22.18 72.20
C SER C 36 12.92 -22.76 71.02
N GLN C 37 13.88 -23.61 71.34
CA GLN C 37 14.65 -24.29 70.31
C GLN C 37 14.33 -25.77 70.22
N GLU C 38 13.63 -26.31 71.21
CA GLU C 38 13.31 -27.74 71.23
C GLU C 38 11.82 -27.95 71.44
N TRP C 39 11.01 -26.94 71.14
CA TRP C 39 9.57 -27.07 71.24
C TRP C 39 9.07 -28.04 70.18
N PRO C 40 8.10 -28.88 70.51
CA PRO C 40 7.57 -29.83 69.52
C PRO C 40 6.74 -29.12 68.48
N ALA C 41 6.49 -29.84 67.40
CA ALA C 41 5.78 -29.26 66.27
C ALA C 41 4.32 -29.67 66.28
N VAL C 42 3.48 -28.80 65.74
CA VAL C 42 2.05 -29.03 65.65
C VAL C 42 1.79 -30.07 64.57
N THR C 43 0.81 -30.94 64.79
CA THR C 43 0.56 -32.07 63.90
C THR C 43 -0.86 -32.03 63.37
N VAL C 44 -0.99 -32.14 62.05
CA VAL C 44 -2.29 -32.22 61.41
C VAL C 44 -2.88 -33.61 61.64
N ARG C 45 -4.16 -33.66 62.00
CA ARG C 45 -4.84 -34.92 62.25
C ARG C 45 -6.16 -34.95 61.50
N GLU C 46 -6.91 -36.00 61.76
CA GLU C 46 -8.13 -36.32 61.02
C GLU C 46 -9.35 -36.14 61.93
N LYS C 47 -10.50 -35.87 61.32
CA LYS C 47 -11.73 -35.69 62.07
C LYS C 47 -12.90 -35.97 61.16
N SER C 48 -13.99 -36.48 61.74
CA SER C 48 -15.23 -36.75 61.03
C SER C 48 -16.27 -35.68 61.38
N VAL C 49 -17.14 -35.38 60.42
CA VAL C 49 -18.17 -34.35 60.59
C VAL C 49 -19.43 -34.80 59.86
N ARG C 50 -20.57 -34.72 60.55
CA ARG C 50 -21.86 -35.05 59.94
C ARG C 50 -22.80 -33.88 60.17
N GLY C 51 -23.09 -33.11 59.11
CA GLY C 51 -23.82 -31.87 59.24
C GLY C 51 -25.13 -31.89 58.48
N THR C 52 -25.68 -30.70 58.32
CA THR C 52 -26.97 -30.50 57.67
C THR C 52 -26.86 -29.58 56.47
N ILE C 53 -27.96 -29.48 55.73
CA ILE C 53 -28.05 -28.62 54.57
C ILE C 53 -28.38 -27.22 55.07
N SER C 54 -27.34 -26.46 55.41
CA SER C 54 -27.51 -25.13 55.97
C SER C 54 -27.46 -24.03 54.92
N ASN C 55 -27.28 -24.39 53.66
CA ASN C 55 -27.12 -23.38 52.62
C ASN C 55 -28.46 -22.75 52.26
N ARG C 56 -28.39 -21.55 51.70
CA ARG C 56 -29.59 -20.93 51.12
C ARG C 56 -29.94 -21.70 49.86
N LEU C 57 -30.96 -22.54 49.96
CA LEU C 57 -31.35 -23.31 48.79
C LEU C 57 -32.24 -22.46 47.88
N LYS C 58 -32.59 -23.04 46.73
CA LYS C 58 -33.37 -22.36 45.71
C LYS C 58 -34.77 -22.06 46.20
N THR C 59 -35.08 -20.77 46.41
CA THR C 59 -36.36 -20.38 46.96
C THR C 59 -37.47 -20.52 45.92
N LYS C 60 -38.67 -20.07 46.30
CA LYS C 60 -39.98 -20.37 45.71
C LYS C 60 -40.19 -21.88 45.46
N ASP C 61 -39.56 -22.71 46.28
CA ASP C 61 -39.82 -24.14 46.31
C ASP C 61 -40.76 -24.40 47.48
N ARG C 62 -42.05 -24.55 47.17
CA ARG C 62 -43.10 -24.74 48.16
C ARG C 62 -43.26 -26.20 48.59
N ASP C 63 -42.20 -27.00 48.49
CA ASP C 63 -42.23 -28.43 48.74
C ASP C 63 -41.34 -28.67 49.96
N PRO C 64 -41.93 -28.85 51.14
CA PRO C 64 -41.13 -29.24 52.30
C PRO C 64 -40.91 -30.73 52.40
N ALA C 65 -41.57 -31.54 51.57
CA ALA C 65 -41.32 -32.97 51.56
C ALA C 65 -39.91 -33.27 51.07
N LYS C 66 -39.46 -32.59 50.02
CA LYS C 66 -38.07 -32.73 49.61
C LYS C 66 -37.13 -32.14 50.65
N LEU C 67 -37.60 -31.18 51.43
CA LEU C 67 -36.76 -30.55 52.45
C LEU C 67 -36.46 -31.51 53.59
N ASP C 68 -37.49 -32.15 54.17
CA ASP C 68 -37.20 -33.08 55.25
C ASP C 68 -36.78 -34.44 54.71
N ALA C 69 -36.93 -34.66 53.39
CA ALA C 69 -36.21 -35.77 52.76
C ALA C 69 -34.72 -35.50 52.77
N SER C 70 -34.32 -34.25 52.48
CA SER C 70 -32.91 -33.90 52.47
C SER C 70 -32.35 -33.76 53.88
N ILE C 71 -33.21 -33.55 54.87
CA ILE C 71 -32.76 -33.43 56.25
C ILE C 71 -32.23 -34.77 56.75
N GLN C 72 -32.82 -35.88 56.28
CA GLN C 72 -32.38 -37.20 56.71
C GLN C 72 -31.08 -37.65 56.06
N SER C 73 -30.42 -36.81 55.27
CA SER C 73 -29.11 -37.14 54.73
C SER C 73 -28.05 -36.56 55.65
N PRO C 74 -27.23 -37.40 56.30
CA PRO C 74 -26.23 -36.86 57.23
C PRO C 74 -25.02 -36.23 56.57
N ASN C 75 -24.83 -36.47 55.26
CA ASN C 75 -23.73 -36.00 54.40
C ASN C 75 -22.38 -35.97 55.10
N LEU C 76 -21.93 -37.12 55.59
CA LEU C 76 -20.70 -37.16 56.37
C LEU C 76 -19.47 -36.95 55.48
N GLN C 77 -18.54 -36.14 55.96
CA GLN C 77 -17.25 -35.95 55.31
C GLN C 77 -16.14 -36.19 56.33
N THR C 78 -14.91 -35.99 55.89
CA THR C 78 -13.74 -36.24 56.71
C THR C 78 -12.83 -35.01 56.63
N VAL C 79 -12.49 -34.42 57.78
CA VAL C 79 -11.88 -33.10 57.81
C VAL C 79 -10.51 -33.17 58.44
N ASP C 80 -9.52 -32.60 57.77
CA ASP C 80 -8.24 -32.36 58.40
C ASP C 80 -8.33 -31.18 59.35
N VAL C 81 -7.63 -31.27 60.47
CA VAL C 81 -7.67 -30.24 61.49
C VAL C 81 -6.38 -30.31 62.29
N ALA C 82 -5.92 -29.15 62.76
CA ALA C 82 -4.72 -29.06 63.58
C ALA C 82 -4.97 -28.08 64.71
N ASN C 83 -4.67 -28.49 65.93
CA ASN C 83 -4.96 -27.71 67.11
C ASN C 83 -3.76 -27.66 68.02
N LEU C 84 -3.78 -26.71 68.95
CA LEU C 84 -2.77 -26.63 69.97
C LEU C 84 -2.92 -27.79 70.94
N PRO C 85 -1.83 -28.26 71.54
CA PRO C 85 -1.95 -29.31 72.55
C PRO C 85 -2.52 -28.77 73.85
N SER C 86 -2.75 -29.69 74.79
CA SER C 86 -3.41 -29.35 76.04
C SER C 86 -2.53 -28.57 77.00
N ASP C 87 -1.21 -28.71 76.93
CA ASP C 87 -0.31 -28.12 77.92
C ASP C 87 0.41 -26.88 77.41
N ALA C 88 -0.06 -26.28 76.33
CA ALA C 88 0.66 -25.18 75.70
C ALA C 88 -0.29 -24.03 75.42
N ASP C 89 0.13 -22.83 75.78
CA ASP C 89 -0.66 -21.63 75.52
C ASP C 89 -0.08 -20.77 74.41
N THR C 90 1.13 -21.06 73.94
CA THR C 90 1.81 -20.18 72.99
C THR C 90 2.14 -20.94 71.71
N LEU C 91 1.83 -20.31 70.58
CA LEU C 91 2.15 -20.82 69.26
C LEU C 91 3.41 -20.12 68.75
N LYS C 92 4.33 -20.88 68.15
CA LYS C 92 5.56 -20.32 67.62
C LYS C 92 5.69 -20.61 66.13
N VAL C 93 5.85 -19.55 65.33
CA VAL C 93 6.13 -19.67 63.92
C VAL C 93 7.54 -19.19 63.66
N ARG C 94 8.10 -19.57 62.52
CA ARG C 94 9.49 -19.27 62.19
C ARG C 94 9.71 -19.34 60.70
N PHE C 95 10.41 -18.35 60.16
CA PHE C 95 10.88 -18.40 58.79
C PHE C 95 12.10 -17.53 58.66
N THR C 96 12.71 -17.56 57.48
CA THR C 96 13.79 -16.67 57.15
C THR C 96 13.41 -15.91 55.89
N LEU C 97 14.10 -14.81 55.64
CA LEU C 97 13.99 -14.13 54.37
C LEU C 97 15.28 -13.41 54.06
N ARG C 98 15.55 -13.26 52.77
CA ARG C 98 16.71 -12.54 52.29
C ARG C 98 16.26 -11.33 51.50
N VAL C 99 17.12 -10.32 51.44
CA VAL C 99 16.91 -9.16 50.59
C VAL C 99 18.01 -9.17 49.54
N LEU C 100 17.65 -8.90 48.30
CA LEU C 100 18.57 -9.11 47.20
C LEU C 100 19.08 -7.82 46.58
N GLY C 101 18.20 -6.93 46.17
CA GLY C 101 18.64 -5.68 45.60
C GLY C 101 19.03 -5.82 44.14
N GLY C 102 19.44 -4.70 43.57
CA GLY C 102 19.58 -4.62 42.13
C GLY C 102 18.22 -4.67 41.46
N ALA C 103 17.24 -3.98 42.04
CA ALA C 103 15.85 -4.14 41.64
C ALA C 103 15.46 -3.33 40.43
N GLY C 104 16.42 -2.81 39.67
CA GLY C 104 16.07 -2.09 38.47
C GLY C 104 16.07 -2.97 37.24
N THR C 105 17.08 -3.81 37.11
CA THR C 105 17.33 -4.52 35.86
C THR C 105 16.32 -5.64 35.65
N PRO C 106 15.88 -5.87 34.42
CA PRO C 106 14.99 -6.99 34.16
C PRO C 106 15.76 -8.29 34.02
N SER C 107 15.00 -9.36 33.81
CA SER C 107 15.58 -10.67 33.56
C SER C 107 15.38 -11.12 32.12
N ALA C 108 14.56 -10.42 31.35
CA ALA C 108 14.37 -10.71 29.94
C ALA C 108 13.83 -9.46 29.28
N CYS C 109 14.24 -9.23 28.04
CA CYS C 109 13.81 -8.05 27.30
C CYS C 109 14.03 -8.28 25.82
N ASN C 110 13.32 -7.51 25.00
CA ASN C 110 13.57 -7.50 23.58
C ASN C 110 14.38 -6.28 23.17
N ASP C 111 13.86 -5.10 23.46
CA ASP C 111 14.53 -3.86 23.10
C ASP C 111 15.70 -3.61 24.04
N ALA C 112 16.68 -2.86 23.55
CA ALA C 112 17.79 -2.44 24.39
C ALA C 112 17.65 -0.99 24.83
N ALA C 113 17.15 -0.14 23.93
CA ALA C 113 16.98 1.27 24.25
C ALA C 113 15.94 1.47 25.34
N TYR C 114 14.86 0.69 25.27
CA TYR C 114 13.84 0.72 26.33
C TYR C 114 14.41 0.30 27.67
N ARG C 115 15.29 -0.69 27.63
CA ARG C 115 15.90 -1.19 28.86
C ARG C 115 16.85 -0.15 29.45
N ASP C 116 17.58 0.56 28.60
CA ASP C 116 18.50 1.57 29.10
C ASP C 116 17.77 2.79 29.64
N LYS C 117 16.67 3.18 28.98
CA LYS C 117 15.86 4.28 29.47
C LYS C 117 15.24 3.94 30.81
N LEU C 118 14.80 2.69 30.97
CA LEU C 118 14.24 2.25 32.25
C LEU C 118 15.31 2.23 33.34
N LEU C 119 16.53 1.81 33.00
CA LEU C 119 17.61 1.76 33.97
C LEU C 119 17.99 3.16 34.44
N GLN C 120 18.08 4.11 33.52
CA GLN C 120 18.42 5.46 33.94
C GLN C 120 17.26 6.13 34.67
N THR C 121 16.03 5.69 34.41
CA THR C 121 14.89 6.23 35.15
C THR C 121 14.93 5.78 36.61
N VAL C 122 15.23 4.51 36.85
CA VAL C 122 15.30 4.08 38.25
C VAL C 122 16.58 4.60 38.90
N ALA C 123 17.60 4.92 38.11
CA ALA C 123 18.78 5.57 38.68
C ALA C 123 18.45 6.98 39.16
N THR C 124 17.64 7.71 38.38
CA THR C 124 17.20 9.03 38.81
C THR C 124 16.33 8.95 40.05
N TYR C 125 15.48 7.91 40.13
CA TYR C 125 14.66 7.76 41.33
C TYR C 125 15.52 7.47 42.55
N VAL C 126 16.53 6.63 42.40
CA VAL C 126 17.37 6.25 43.54
C VAL C 126 18.20 7.44 44.00
N ASN C 127 18.75 8.20 43.05
CA ASN C 127 19.57 9.35 43.42
C ASN C 127 18.74 10.49 43.96
N GLU C 128 17.46 10.56 43.58
CA GLU C 128 16.57 11.52 44.21
C GLU C 128 16.32 11.15 45.66
N GLN C 129 15.88 9.92 45.90
CA GLN C 129 15.63 9.45 47.26
C GLN C 129 15.79 7.94 47.26
N GLY C 130 16.47 7.41 48.26
CA GLY C 130 16.76 5.99 48.34
C GLY C 130 15.54 5.16 48.69
N PHE C 131 15.82 4.00 49.27
CA PHE C 131 14.77 3.07 49.63
C PHE C 131 14.26 3.26 51.05
N ALA C 132 14.41 4.46 51.62
CA ALA C 132 14.16 4.64 53.04
C ALA C 132 12.67 4.56 53.37
N GLU C 133 11.83 5.16 52.53
CA GLU C 133 10.39 5.13 52.79
C GLU C 133 9.82 3.73 52.62
N LEU C 134 10.23 3.04 51.56
CA LEU C 134 9.72 1.71 51.29
C LEU C 134 10.21 0.72 52.33
N ALA C 135 11.45 0.85 52.76
CA ALA C 135 11.95 -0.04 53.81
C ALA C 135 11.31 0.29 55.15
N ARG C 136 10.91 1.54 55.34
CA ARG C 136 10.15 1.88 56.54
C ARG C 136 8.79 1.19 56.53
N ARG C 137 8.12 1.20 55.37
CA ARG C 137 6.84 0.49 55.24
C ARG C 137 7.02 -1.01 55.45
N TYR C 138 8.08 -1.59 54.90
CA TYR C 138 8.28 -3.03 55.00
C TYR C 138 8.65 -3.44 56.42
N ALA C 139 9.52 -2.67 57.08
CA ALA C 139 9.88 -2.97 58.46
C ALA C 139 8.70 -2.78 59.39
N HIS C 140 7.85 -1.79 59.10
CA HIS C 140 6.64 -1.60 59.88
C HIS C 140 5.68 -2.77 59.71
N ASN C 141 5.55 -3.27 58.48
CA ASN C 141 4.71 -4.43 58.24
C ASN C 141 5.29 -5.69 58.83
N LEU C 142 6.61 -5.73 58.97
CA LEU C 142 7.24 -6.88 59.60
C LEU C 142 7.09 -6.82 61.12
N ALA C 143 7.01 -5.62 61.68
CA ALA C 143 6.99 -5.46 63.14
C ALA C 143 5.70 -5.98 63.74
N ASN C 144 4.56 -5.49 63.26
CA ASN C 144 3.30 -6.07 63.66
C ASN C 144 3.18 -7.45 63.01
N ALA C 145 2.54 -8.38 63.69
CA ALA C 145 2.54 -9.75 63.20
C ALA C 145 1.45 -9.93 62.15
N ARG C 146 1.56 -9.22 61.03
CA ARG C 146 0.52 -9.30 60.02
C ARG C 146 0.56 -10.63 59.28
N PHE C 147 1.71 -11.29 59.26
CA PHE C 147 1.82 -12.52 58.51
C PHE C 147 1.09 -13.68 59.16
N LEU C 148 0.87 -13.62 60.47
CA LEU C 148 -0.13 -14.49 61.06
C LEU C 148 -1.49 -13.98 60.62
N TRP C 149 -2.15 -14.71 59.74
CA TRP C 149 -3.33 -14.15 59.09
C TRP C 149 -4.57 -14.25 59.95
N ARG C 150 -5.02 -15.45 60.24
CA ARG C 150 -6.17 -15.65 61.11
C ARG C 150 -5.75 -16.12 62.49
N ASN C 151 -4.46 -16.33 62.70
CA ASN C 151 -3.96 -16.64 64.02
C ASN C 151 -3.61 -15.38 64.82
N ARG C 152 -4.01 -14.21 64.32
CA ARG C 152 -3.76 -12.95 65.02
C ARG C 152 -4.99 -12.38 65.69
N VAL C 153 -6.19 -12.67 65.19
CA VAL C 153 -7.39 -12.19 65.85
C VAL C 153 -7.63 -12.99 67.12
N GLY C 154 -8.14 -12.32 68.15
CA GLY C 154 -8.38 -12.96 69.43
C GLY C 154 -7.12 -13.37 70.17
N ALA C 155 -6.05 -12.60 70.06
CA ALA C 155 -4.81 -12.91 70.74
C ALA C 155 -4.60 -12.01 71.94
N GLU C 156 -3.93 -12.54 72.94
CA GLU C 156 -3.67 -11.75 74.14
C GLU C 156 -2.46 -10.85 73.96
N ALA C 157 -1.29 -11.46 73.73
CA ALA C 157 -0.05 -10.69 73.59
C ALA C 157 0.84 -11.39 72.58
N VAL C 158 1.29 -10.64 71.57
CA VAL C 158 2.07 -11.18 70.48
C VAL C 158 3.42 -10.46 70.44
N GLU C 159 4.49 -11.24 70.48
CA GLU C 159 5.84 -10.71 70.58
C GLU C 159 6.72 -11.37 69.52
N VAL C 160 7.42 -10.54 68.74
CA VAL C 160 8.26 -11.01 67.64
C VAL C 160 9.72 -10.76 68.00
N ARG C 161 10.57 -11.72 67.63
CA ARG C 161 12.01 -11.60 67.83
C ARG C 161 12.69 -11.69 66.47
N ILE C 162 13.62 -10.77 66.21
CA ILE C 162 14.25 -10.62 64.91
C ILE C 162 15.74 -10.81 65.09
N ASN C 163 16.36 -11.56 64.19
CA ASN C 163 17.80 -11.79 64.24
C ASN C 163 18.39 -11.53 62.86
N HIS C 164 19.45 -10.74 62.82
CA HIS C 164 20.21 -10.52 61.61
C HIS C 164 21.48 -11.35 61.70
N ILE C 165 21.56 -12.40 60.90
CA ILE C 165 22.61 -13.40 61.04
C ILE C 165 23.67 -13.16 59.99
N ARG C 166 24.69 -12.38 60.33
CA ARG C 166 25.74 -12.05 59.36
C ARG C 166 26.61 -13.27 59.08
N GLN C 167 27.25 -13.78 60.09
CA GLN C 167 27.94 -15.07 60.01
C GLN C 167 26.94 -16.16 60.39
N GLY C 168 27.43 -17.35 60.71
CA GLY C 168 26.57 -18.37 61.28
C GLY C 168 25.93 -18.00 62.60
N GLU C 169 26.49 -17.05 63.34
CA GLU C 169 25.93 -16.57 64.59
C GLU C 169 25.22 -15.24 64.39
N VAL C 170 24.40 -14.89 65.36
CA VAL C 170 23.57 -13.69 65.29
C VAL C 170 24.43 -12.46 65.53
N ALA C 171 24.14 -11.38 64.80
CA ALA C 171 24.84 -10.12 64.96
C ALA C 171 24.05 -9.11 65.77
N ARG C 172 22.82 -8.81 65.36
CA ARG C 172 22.00 -7.84 66.06
C ARG C 172 20.64 -8.45 66.32
N THR C 173 19.88 -7.83 67.22
CA THR C 173 18.61 -8.39 67.65
C THR C 173 17.62 -7.26 67.87
N TRP C 174 16.36 -7.52 67.52
CA TRP C 174 15.24 -6.70 67.91
C TRP C 174 14.28 -7.52 68.76
N ARG C 175 13.33 -6.82 69.39
CA ARG C 175 12.31 -7.48 70.20
C ARG C 175 11.13 -6.54 70.29
N PHE C 176 10.04 -6.87 69.61
CA PHE C 176 8.90 -5.98 69.53
C PHE C 176 7.67 -6.61 70.15
N ASP C 177 6.71 -5.75 70.50
CA ASP C 177 5.34 -6.17 70.76
C ASP C 177 4.52 -5.84 69.53
N ALA C 178 3.67 -6.78 69.13
CA ALA C 178 2.88 -6.57 67.92
C ALA C 178 1.77 -5.55 68.15
N LEU C 179 0.90 -5.80 69.13
CA LEU C 179 -0.36 -5.08 69.23
C LEU C 179 -0.20 -3.62 69.66
N ALA C 180 0.97 -3.22 70.14
CA ALA C 180 1.23 -1.79 70.28
C ALA C 180 1.29 -1.12 68.92
N ILE C 181 1.98 -1.74 67.98
CA ILE C 181 2.04 -1.24 66.62
C ILE C 181 0.71 -1.52 65.94
N GLY C 182 0.19 -0.55 65.22
CA GLY C 182 -1.10 -0.72 64.59
C GLY C 182 -1.01 -1.43 63.27
N LEU C 183 -2.16 -1.95 62.84
CA LEU C 183 -2.35 -2.43 61.49
C LEU C 183 -2.92 -1.36 60.58
N ARG C 184 -2.86 -0.10 60.98
CA ARG C 184 -3.46 0.99 60.24
C ARG C 184 -2.45 2.02 59.75
N ASP C 185 -1.64 2.55 60.66
CA ASP C 185 -0.81 3.71 60.36
C ASP C 185 0.67 3.34 60.45
N PHE C 186 1.51 4.27 60.03
CA PHE C 186 2.96 4.09 60.02
C PHE C 186 3.58 5.16 60.89
N LYS C 187 4.04 4.77 62.08
CA LYS C 187 4.68 5.68 63.00
C LYS C 187 6.20 5.60 62.86
N ALA C 188 6.92 6.23 63.77
CA ALA C 188 8.37 6.20 63.77
C ALA C 188 8.88 5.77 65.14
N ASP C 189 9.93 4.97 65.15
CA ASP C 189 10.53 4.46 66.37
C ASP C 189 11.95 4.04 66.03
N ALA C 190 12.86 4.25 66.99
CA ALA C 190 14.30 4.18 66.72
C ALA C 190 14.74 2.78 66.31
N GLU C 191 14.17 1.76 66.95
CA GLU C 191 14.46 0.39 66.54
C GLU C 191 13.89 0.11 65.16
N LEU C 192 12.70 0.64 64.87
CA LEU C 192 12.13 0.51 63.54
C LEU C 192 12.98 1.26 62.51
N ASP C 193 13.57 2.38 62.90
CA ASP C 193 14.44 3.09 61.97
C ASP C 193 15.73 2.32 61.71
N ALA C 194 16.25 1.62 62.74
CA ALA C 194 17.44 0.80 62.52
C ALA C 194 17.15 -0.38 61.61
N LEU C 195 16.00 -1.02 61.80
CA LEU C 195 15.61 -2.14 60.94
C LEU C 195 15.35 -1.68 59.51
N ALA C 196 14.67 -0.55 59.35
CA ALA C 196 14.44 -0.02 58.01
C ALA C 196 15.73 0.43 57.36
N GLU C 197 16.69 0.89 58.15
CA GLU C 197 18.00 1.24 57.61
C GLU C 197 18.71 0.01 57.08
N LEU C 198 18.62 -1.11 57.82
CA LEU C 198 19.22 -2.36 57.36
C LEU C 198 18.57 -2.87 56.07
N ILE C 199 17.25 -2.80 56.00
CA ILE C 199 16.54 -3.28 54.82
C ILE C 199 16.83 -2.39 53.62
N ALA C 200 16.88 -1.07 53.82
CA ALA C 200 17.19 -0.17 52.73
C ALA C 200 18.64 -0.30 52.28
N SER C 201 19.53 -0.69 53.20
CA SER C 201 20.89 -0.99 52.80
C SER C 201 20.96 -2.25 51.97
N GLY C 202 20.10 -3.22 52.30
CA GLY C 202 20.07 -4.45 51.51
C GLY C 202 19.51 -4.23 50.12
N LEU C 203 18.48 -3.39 50.02
CA LEU C 203 17.85 -3.18 48.72
C LEU C 203 18.72 -2.36 47.79
N SER C 204 19.64 -1.56 48.34
CA SER C 204 20.55 -0.80 47.51
C SER C 204 21.72 -1.64 47.01
N GLY C 205 21.85 -2.87 47.46
CA GLY C 205 22.92 -3.73 47.02
C GLY C 205 24.24 -3.49 47.73
N SER C 206 24.26 -2.65 48.77
CA SER C 206 25.51 -2.38 49.47
C SER C 206 25.97 -3.55 50.32
N GLY C 207 25.08 -4.46 50.68
CA GLY C 207 25.45 -5.63 51.45
C GLY C 207 24.25 -6.56 51.51
N HIS C 208 24.55 -7.84 51.71
CA HIS C 208 23.51 -8.85 51.68
C HIS C 208 22.91 -9.02 53.08
N VAL C 209 21.62 -9.32 53.11
CA VAL C 209 20.83 -9.35 54.34
C VAL C 209 20.17 -10.70 54.45
N LEU C 210 20.34 -11.35 55.60
CA LEU C 210 19.60 -12.55 55.95
C LEU C 210 18.94 -12.33 57.30
N LEU C 211 17.62 -12.46 57.34
CA LEU C 211 16.85 -12.23 58.54
C LEU C 211 16.19 -13.51 58.98
N GLU C 212 15.86 -13.58 60.27
CA GLU C 212 15.14 -14.71 60.83
C GLU C 212 14.06 -14.17 61.74
N VAL C 213 12.81 -14.52 61.45
CA VAL C 213 11.66 -13.96 62.15
C VAL C 213 10.98 -15.05 62.94
N VAL C 214 10.88 -14.87 64.26
CA VAL C 214 10.17 -15.78 65.15
C VAL C 214 9.10 -14.99 65.87
N ALA C 215 7.89 -15.55 65.92
CA ALA C 215 6.78 -14.92 66.61
C ALA C 215 6.25 -15.85 67.68
N PHE C 216 5.57 -15.26 68.67
CA PHE C 216 4.91 -15.99 69.74
C PHE C 216 3.54 -15.40 69.97
N ALA C 217 2.52 -16.25 70.10
CA ALA C 217 1.15 -15.80 70.23
C ALA C 217 0.44 -16.60 71.31
N ARG C 218 0.06 -15.92 72.39
CA ARG C 218 -0.56 -16.57 73.55
C ARG C 218 -2.06 -16.66 73.32
N ILE C 219 -2.45 -17.67 72.54
CA ILE C 219 -3.87 -17.90 72.32
C ILE C 219 -4.48 -18.57 73.54
N GLY C 220 -3.89 -19.66 73.99
CA GLY C 220 -4.38 -20.42 75.12
C GLY C 220 -4.18 -21.89 74.89
N ASP C 221 -4.90 -22.70 75.66
CA ASP C 221 -4.71 -24.14 75.66
C ASP C 221 -5.72 -24.78 74.73
N GLY C 222 -5.23 -25.60 73.79
CA GLY C 222 -6.09 -26.48 73.04
C GLY C 222 -6.89 -25.86 71.92
N GLN C 223 -6.61 -24.61 71.54
CA GLN C 223 -7.38 -23.98 70.48
C GLN C 223 -6.90 -24.42 69.10
N GLU C 224 -7.57 -23.92 68.08
CA GLU C 224 -7.36 -24.31 66.69
C GLU C 224 -6.45 -23.31 66.00
N VAL C 225 -5.45 -23.80 65.29
CA VAL C 225 -4.55 -22.96 64.54
C VAL C 225 -4.89 -23.13 63.06
N PHE C 226 -4.49 -22.16 62.23
CA PHE C 226 -4.85 -22.14 60.83
C PHE C 226 -3.62 -22.14 59.93
N PRO C 227 -3.21 -23.31 59.44
CA PRO C 227 -2.24 -23.37 58.35
C PRO C 227 -2.94 -23.25 57.01
N SER C 228 -2.14 -23.28 55.93
CA SER C 228 -2.69 -23.04 54.60
C SER C 228 -3.45 -24.25 54.09
N GLN C 229 -4.51 -23.97 53.36
CA GLN C 229 -5.46 -24.97 52.91
C GLN C 229 -5.14 -25.36 51.47
N GLU C 230 -5.06 -26.64 51.21
CA GLU C 230 -4.59 -27.16 49.94
C GLU C 230 -5.72 -27.26 48.92
N LEU C 231 -5.46 -27.98 47.83
CA LEU C 231 -6.42 -28.24 46.78
C LEU C 231 -6.87 -29.68 46.83
N ILE C 232 -8.18 -29.90 46.71
CA ILE C 232 -8.76 -31.22 46.80
C ILE C 232 -9.17 -31.66 45.40
N LEU C 233 -8.70 -32.84 45.00
CA LEU C 233 -9.10 -33.38 43.71
C LEU C 233 -10.45 -34.07 43.84
N ASP C 234 -11.37 -33.76 42.92
CA ASP C 234 -12.73 -34.29 42.99
C ASP C 234 -12.84 -35.70 42.39
N LYS C 235 -11.73 -36.29 41.94
CA LYS C 235 -11.79 -37.61 41.32
C LYS C 235 -12.10 -38.72 42.33
N GLY C 236 -11.89 -38.45 43.62
CA GLY C 236 -12.24 -39.41 44.65
C GLY C 236 -13.68 -39.31 45.09
N ASP C 237 -14.03 -40.14 46.08
CA ASP C 237 -15.36 -40.19 46.65
C ASP C 237 -15.45 -39.23 47.84
N LYS C 238 -16.51 -39.37 48.64
CA LYS C 238 -16.76 -38.58 49.84
C LYS C 238 -15.80 -38.88 51.00
N LYS C 239 -14.82 -39.76 50.86
CA LYS C 239 -13.84 -40.01 51.90
C LYS C 239 -12.48 -39.51 51.43
N GLY C 240 -11.48 -39.67 52.32
CA GLY C 240 -10.12 -39.29 52.00
C GLY C 240 -9.91 -37.80 51.98
N GLN C 241 -10.28 -37.14 53.08
CA GLN C 241 -10.26 -35.68 53.23
C GLN C 241 -11.04 -35.00 52.11
N LYS C 242 -12.31 -35.37 52.01
CA LYS C 242 -13.14 -34.86 50.91
C LYS C 242 -13.53 -33.42 51.14
N SER C 243 -13.27 -32.90 52.33
CA SER C 243 -13.59 -31.54 52.68
C SER C 243 -12.41 -30.59 52.49
N LYS C 244 -11.29 -30.84 53.16
CA LYS C 244 -10.15 -29.94 53.07
C LYS C 244 -8.89 -30.69 53.43
N THR C 245 -7.76 -30.12 53.03
CA THR C 245 -6.45 -30.67 53.30
C THR C 245 -5.55 -29.53 53.70
N LEU C 246 -4.68 -29.76 54.68
CA LEU C 246 -3.86 -28.69 55.22
C LEU C 246 -2.41 -28.90 54.80
N TYR C 247 -1.76 -27.80 54.45
CA TYR C 247 -0.40 -27.86 53.93
C TYR C 247 0.59 -28.23 55.02
N SER C 248 1.51 -29.12 54.70
CA SER C 248 2.43 -29.60 55.72
C SER C 248 3.77 -29.94 55.13
N VAL C 249 4.82 -29.33 55.69
CA VAL C 249 6.20 -29.79 55.58
C VAL C 249 6.24 -31.01 56.49
N ARG C 250 7.20 -31.92 56.29
CA ARG C 250 7.14 -33.29 56.79
C ARG C 250 6.92 -33.39 58.30
N ASP C 251 5.70 -33.84 58.64
CA ASP C 251 5.19 -33.94 60.01
C ASP C 251 5.22 -32.59 60.74
N ALA C 252 4.69 -31.55 60.09
CA ALA C 252 4.56 -30.22 60.69
C ALA C 252 3.61 -29.34 59.88
N ALA C 253 2.64 -28.71 60.53
CA ALA C 253 1.78 -27.79 59.80
C ALA C 253 2.53 -26.49 59.50
N ALA C 254 2.22 -25.89 58.35
CA ALA C 254 3.00 -24.76 57.89
C ALA C 254 2.14 -23.88 57.00
N ILE C 255 2.70 -22.72 56.65
CA ILE C 255 2.03 -21.73 55.82
C ILE C 255 2.83 -21.54 54.55
N HIS C 256 2.13 -21.37 53.42
CA HIS C 256 2.77 -21.15 52.13
C HIS C 256 3.57 -19.86 52.13
N SER C 257 4.61 -19.85 51.29
CA SER C 257 5.51 -18.70 51.26
C SER C 257 4.86 -17.50 50.60
N GLN C 258 3.96 -17.74 49.64
CA GLN C 258 3.30 -16.61 49.00
C GLN C 258 2.31 -15.93 49.92
N LYS C 259 1.83 -16.64 50.95
CA LYS C 259 1.02 -16.01 51.98
C LYS C 259 1.84 -15.02 52.78
N ILE C 260 3.05 -15.42 53.17
CA ILE C 260 3.97 -14.53 53.87
C ILE C 260 4.32 -13.34 52.99
N GLY C 261 4.55 -13.59 51.70
CA GLY C 261 4.93 -12.51 50.81
C GLY C 261 3.80 -11.54 50.56
N ASN C 262 2.57 -12.05 50.47
CA ASN C 262 1.42 -11.17 50.29
C ASN C 262 1.17 -10.35 51.54
N ALA C 263 1.43 -10.93 52.70
CA ALA C 263 1.27 -10.16 53.93
C ALA C 263 2.34 -9.08 54.05
N LEU C 264 3.55 -9.35 53.56
CA LEU C 264 4.64 -8.42 53.79
C LEU C 264 4.49 -7.15 52.97
N ARG C 265 3.93 -7.25 51.76
CA ARG C 265 3.86 -6.08 50.90
C ARG C 265 2.52 -5.37 50.98
N THR C 266 1.85 -5.42 52.13
CA THR C 266 0.53 -4.79 52.28
C THR C 266 0.75 -3.34 52.69
N ILE C 267 1.24 -2.54 51.74
CA ILE C 267 1.68 -1.17 52.03
C ILE C 267 1.02 -0.13 51.14
N ASP C 268 0.11 -0.51 50.25
CA ASP C 268 -0.47 0.46 49.31
C ASP C 268 -1.50 1.31 50.04
N THR C 269 -1.17 2.57 50.28
CA THR C 269 -2.09 3.52 50.91
C THR C 269 -2.49 4.64 49.97
N TRP C 270 -1.93 4.69 48.77
CA TRP C 270 -2.14 5.80 47.85
C TRP C 270 -3.19 5.48 46.80
N TYR C 271 -3.93 4.42 46.97
CA TYR C 271 -5.05 4.13 46.10
C TYR C 271 -6.14 5.19 46.32
N PRO C 272 -6.75 5.69 45.27
CA PRO C 272 -7.42 6.99 45.37
C PRO C 272 -8.82 6.97 45.96
N ASP C 273 -9.49 5.81 45.90
CA ASP C 273 -10.93 5.78 46.11
C ASP C 273 -11.30 6.03 47.57
N GLU C 274 -10.43 5.62 48.49
CA GLU C 274 -10.67 5.85 49.90
C GLU C 274 -9.34 5.83 50.63
N ASP C 275 -9.38 6.17 51.91
CA ASP C 275 -8.22 6.05 52.77
C ASP C 275 -8.53 5.39 54.11
N GLY C 276 -9.80 5.30 54.51
CA GLY C 276 -10.16 4.69 55.78
C GLY C 276 -10.18 3.18 55.79
N LEU C 277 -9.80 2.53 54.70
CA LEU C 277 -9.79 1.08 54.66
C LEU C 277 -8.41 0.49 54.89
N GLY C 278 -7.39 1.32 55.10
CA GLY C 278 -6.08 0.84 55.44
C GLY C 278 -5.24 0.52 54.23
N PRO C 279 -4.07 -0.07 54.47
CA PRO C 279 -3.15 -0.35 53.37
C PRO C 279 -3.53 -1.62 52.63
N ILE C 280 -3.08 -1.68 51.36
CA ILE C 280 -3.40 -2.76 50.45
C ILE C 280 -2.08 -3.41 50.03
N ALA C 281 -2.15 -4.68 49.63
CA ALA C 281 -1.05 -5.31 48.94
C ALA C 281 -0.89 -4.70 47.55
N VAL C 282 0.36 -4.52 47.15
CA VAL C 282 0.68 -3.79 45.93
C VAL C 282 0.72 -4.74 44.75
N GLU C 283 -0.04 -4.42 43.71
CA GLU C 283 -0.03 -5.12 42.43
C GLU C 283 -0.73 -4.24 41.41
N PRO C 284 -0.50 -4.46 40.10
CA PRO C 284 -1.21 -3.66 39.10
C PRO C 284 -2.68 -4.00 39.09
N TYR C 285 -3.50 -2.99 38.80
CA TYR C 285 -4.94 -2.97 39.10
C TYR C 285 -5.17 -3.42 40.54
N GLY C 286 -4.75 -2.54 41.46
CA GLY C 286 -4.67 -2.86 42.87
C GLY C 286 -5.98 -3.34 43.47
N SER C 287 -6.06 -4.64 43.71
CA SER C 287 -7.31 -5.30 44.00
C SER C 287 -7.14 -6.25 45.16
N VAL C 288 -8.25 -6.57 45.81
CA VAL C 288 -8.26 -7.56 46.88
C VAL C 288 -9.34 -8.56 46.55
N THR C 289 -9.02 -9.84 46.71
CA THR C 289 -9.97 -10.89 46.36
C THR C 289 -10.99 -11.10 47.46
N SER C 290 -10.72 -10.61 48.67
CA SER C 290 -11.71 -10.71 49.74
C SER C 290 -12.89 -9.78 49.48
N GLN C 291 -12.63 -8.57 48.99
CA GLN C 291 -13.71 -7.68 48.63
C GLN C 291 -14.21 -7.91 47.22
N GLY C 292 -13.45 -8.61 46.39
CA GLY C 292 -13.87 -8.90 45.03
C GLY C 292 -13.96 -7.68 44.15
N LYS C 293 -13.20 -6.64 44.46
CA LYS C 293 -13.27 -5.39 43.72
C LYS C 293 -11.86 -4.93 43.37
N ALA C 294 -11.78 -3.94 42.49
CA ALA C 294 -10.52 -3.49 41.94
C ALA C 294 -10.40 -1.99 42.09
N TYR C 295 -9.54 -1.55 42.99
CA TYR C 295 -9.07 -0.18 42.98
C TYR C 295 -7.96 -0.07 41.94
N ARG C 296 -7.49 1.16 41.71
CA ARG C 296 -6.62 1.51 40.58
C ARG C 296 -7.20 1.01 39.27
N GLN C 297 -8.49 1.28 39.09
CA GLN C 297 -9.20 0.88 37.89
C GLN C 297 -8.61 1.61 36.69
N PRO C 298 -8.27 0.91 35.61
CA PRO C 298 -7.41 1.51 34.57
C PRO C 298 -8.08 2.59 33.74
N LYS C 299 -9.40 2.78 33.83
CA LYS C 299 -9.99 3.92 33.15
C LYS C 299 -9.64 5.21 33.87
N GLN C 300 -9.44 5.14 35.19
CA GLN C 300 -8.69 6.18 35.88
C GLN C 300 -7.23 5.96 35.58
N LYS C 301 -6.50 7.04 35.35
CA LYS C 301 -5.11 6.89 34.91
C LYS C 301 -4.20 6.63 36.10
N LEU C 302 -4.43 5.54 36.82
CA LEU C 302 -3.65 5.29 38.03
C LEU C 302 -3.24 3.85 38.19
N ASP C 303 -3.38 3.02 37.16
CA ASP C 303 -2.82 1.68 37.21
C ASP C 303 -1.30 1.73 37.08
N PHE C 304 -0.68 0.56 37.22
CA PHE C 304 0.77 0.50 37.15
C PHE C 304 1.25 0.72 35.72
N TYR C 305 0.50 0.21 34.75
CA TYR C 305 0.98 0.18 33.37
C TYR C 305 0.97 1.56 32.75
N THR C 306 -0.13 2.30 32.88
CA THR C 306 -0.23 3.62 32.26
C THR C 306 0.74 4.60 32.92
N LEU C 307 0.91 4.49 34.23
CA LEU C 307 1.87 5.34 34.92
C LEU C 307 3.29 5.03 34.48
N LEU C 308 3.60 3.75 34.29
CA LEU C 308 4.93 3.38 33.84
C LEU C 308 5.19 3.86 32.41
N ASP C 309 4.18 3.77 31.55
CA ASP C 309 4.35 4.20 30.17
C ASP C 309 4.51 5.71 30.08
N ASN C 310 3.74 6.45 30.88
CA ASN C 310 3.85 7.90 30.85
C ASN C 310 5.15 8.36 31.49
N TRP C 311 5.68 7.56 32.41
CA TRP C 311 6.96 7.93 33.02
C TRP C 311 8.11 7.67 32.07
N VAL C 312 8.15 6.49 31.46
CA VAL C 312 9.35 6.13 30.73
C VAL C 312 9.38 6.77 29.36
N LEU C 313 8.24 6.78 28.67
CA LEU C 313 8.24 7.30 27.30
C LEU C 313 8.15 8.81 27.27
N ARG C 314 7.07 9.38 27.79
CA ARG C 314 6.83 10.80 27.65
C ARG C 314 7.44 11.63 28.77
N ASP C 315 8.15 11.00 29.70
CA ASP C 315 8.86 11.65 30.81
C ASP C 315 7.94 12.44 31.72
N GLU C 316 6.66 12.10 31.78
CA GLU C 316 5.73 12.72 32.71
C GLU C 316 5.80 11.94 34.01
N ALA C 317 6.80 12.27 34.82
CA ALA C 317 6.99 11.62 36.10
C ALA C 317 5.85 12.00 37.04
N PRO C 318 5.22 11.04 37.70
CA PRO C 318 4.06 11.33 38.53
C PRO C 318 4.48 11.84 39.89
N ALA C 319 3.48 11.95 40.78
CA ALA C 319 3.73 12.34 42.16
C ALA C 319 4.54 11.26 42.87
N VAL C 320 5.19 11.68 43.96
CA VAL C 320 6.25 10.88 44.57
C VAL C 320 5.68 9.61 45.19
N GLU C 321 4.43 9.68 45.64
CA GLU C 321 3.78 8.47 46.16
C GLU C 321 3.49 7.47 45.05
N GLN C 322 3.13 7.96 43.86
CA GLN C 322 2.94 7.04 42.73
C GLN C 322 4.26 6.46 42.27
N GLN C 323 5.36 7.20 42.42
CA GLN C 323 6.66 6.64 42.12
C GLN C 323 7.05 5.58 43.13
N HIS C 324 6.67 5.78 44.40
CA HIS C 324 6.84 4.73 45.40
C HIS C 324 6.05 3.49 45.02
N TYR C 325 4.83 3.68 44.52
CA TYR C 325 3.99 2.56 44.10
C TYR C 325 4.62 1.79 42.96
N VAL C 326 5.18 2.51 41.98
CA VAL C 326 5.76 1.85 40.82
C VAL C 326 7.02 1.08 41.21
N ILE C 327 7.87 1.68 42.05
CA ILE C 327 9.10 0.98 42.44
C ILE C 327 8.78 -0.20 43.35
N ALA C 328 7.72 -0.11 44.17
CA ALA C 328 7.31 -1.25 44.96
C ALA C 328 6.78 -2.37 44.08
N ASN C 329 6.09 -2.02 43.00
CA ASN C 329 5.63 -3.04 42.07
C ASN C 329 6.81 -3.70 41.35
N LEU C 330 7.88 -2.95 41.10
CA LEU C 330 9.04 -3.56 40.48
C LEU C 330 9.80 -4.43 41.46
N ILE C 331 9.74 -4.09 42.75
CA ILE C 331 10.39 -4.95 43.75
C ILE C 331 9.58 -6.23 43.92
N ARG C 332 8.27 -6.17 43.71
CA ARG C 332 7.45 -7.38 43.73
C ARG C 332 7.84 -8.35 42.62
N GLY C 333 8.05 -7.84 41.42
CA GLY C 333 8.38 -8.68 40.30
C GLY C 333 7.16 -9.32 39.67
N GLY C 334 7.32 -9.72 38.41
CA GLY C 334 6.21 -10.31 37.69
C GLY C 334 6.54 -10.44 36.21
N VAL C 335 5.49 -10.63 35.44
CA VAL C 335 5.59 -10.79 33.99
C VAL C 335 4.82 -9.64 33.36
N PHE C 336 5.54 -8.70 32.75
CA PHE C 336 4.91 -7.53 32.17
C PHE C 336 5.19 -7.57 30.67
N GLY C 337 4.38 -8.33 29.97
CA GLY C 337 4.47 -8.40 28.52
C GLY C 337 3.07 -8.61 27.99
N GLU C 338 2.96 -8.64 26.68
CA GLU C 338 1.65 -8.69 26.07
C GLU C 338 0.98 -10.04 26.20
N ILE D 5 38.77 -22.98 -6.72
CA ILE D 5 38.52 -24.30 -7.24
C ILE D 5 38.05 -25.21 -6.11
N LEU D 6 38.71 -25.13 -4.96
CA LEU D 6 38.39 -25.98 -3.82
C LEU D 6 37.14 -25.44 -3.14
N SER D 7 36.02 -26.15 -3.32
CA SER D 7 34.76 -25.77 -2.71
C SER D 7 34.63 -26.43 -1.35
N THR D 8 33.53 -26.11 -0.67
CA THR D 8 33.33 -26.64 0.67
C THR D 8 32.55 -27.95 0.62
N ALA D 9 32.61 -28.69 1.72
CA ALA D 9 31.95 -29.99 1.79
C ALA D 9 30.46 -29.81 2.04
N SER D 10 29.67 -30.76 1.57
CA SER D 10 28.23 -30.66 1.72
C SER D 10 27.76 -31.23 3.04
N VAL D 11 28.52 -32.14 3.62
CA VAL D 11 28.16 -32.81 4.86
C VAL D 11 29.33 -32.68 5.82
N LEU D 12 29.06 -32.15 7.01
CA LEU D 12 30.14 -31.96 7.98
C LEU D 12 29.56 -32.05 9.38
N ALA D 13 30.26 -32.73 10.27
CA ALA D 13 29.77 -32.92 11.62
C ALA D 13 30.92 -33.19 12.55
N PHE D 14 30.86 -32.59 13.73
CA PHE D 14 31.89 -32.73 14.74
C PHE D 14 31.24 -33.14 16.05
N GLU D 15 31.70 -34.24 16.62
CA GLU D 15 31.26 -34.60 17.95
C GLU D 15 31.86 -33.66 18.96
N ARG D 16 31.24 -33.59 20.13
CA ARG D 16 31.65 -32.59 21.09
C ARG D 16 32.76 -33.11 21.99
N LYS D 17 33.58 -32.20 22.46
CA LYS D 17 34.50 -32.41 23.55
C LYS D 17 33.89 -31.76 24.78
N LEU D 18 34.56 -31.93 25.93
CA LEU D 18 34.10 -31.44 27.24
C LEU D 18 32.71 -31.98 27.58
N ASP D 19 32.67 -33.29 27.83
CA ASP D 19 31.42 -33.97 28.14
C ASP D 19 31.17 -33.98 29.64
N PRO D 20 30.17 -33.28 30.15
CA PRO D 20 29.80 -33.39 31.55
C PRO D 20 28.69 -34.39 31.76
N SER D 21 28.53 -34.79 33.02
CA SER D 21 27.34 -35.51 33.42
C SER D 21 26.25 -34.49 33.74
N ASP D 22 25.16 -34.96 34.33
CA ASP D 22 24.17 -34.05 34.87
C ASP D 22 24.32 -34.03 36.38
N ALA D 23 24.25 -32.84 36.96
CA ALA D 23 24.56 -32.65 38.35
C ALA D 23 23.31 -32.78 39.20
N LEU D 24 23.44 -33.43 40.34
CA LEU D 24 22.34 -33.59 41.27
C LEU D 24 22.68 -32.92 42.59
N MET D 25 21.65 -32.61 43.36
CA MET D 25 21.78 -31.72 44.49
C MET D 25 21.61 -32.46 45.81
N SER D 26 22.23 -31.91 46.84
CA SER D 26 22.11 -32.45 48.19
C SER D 26 22.22 -31.31 49.20
N ALA D 27 22.08 -31.60 50.49
CA ALA D 27 21.93 -30.53 51.47
C ALA D 27 22.61 -30.89 52.77
N GLY D 28 23.13 -29.87 53.44
CA GLY D 28 23.73 -30.04 54.75
C GLY D 28 24.07 -28.69 55.34
N ALA D 29 24.76 -28.72 56.47
CA ALA D 29 25.15 -27.52 57.17
C ALA D 29 26.62 -27.23 56.92
N TRP D 30 26.98 -25.94 56.91
CA TRP D 30 28.35 -25.51 56.72
C TRP D 30 29.23 -26.00 57.86
N ALA D 31 30.52 -26.19 57.55
CA ALA D 31 31.59 -26.74 58.37
C ALA D 31 31.39 -28.23 58.62
N GLN D 32 30.39 -28.82 57.97
CA GLN D 32 30.39 -30.25 57.68
C GLN D 32 30.81 -30.52 56.25
N ARG D 33 31.48 -29.55 55.63
CA ARG D 33 31.82 -29.62 54.22
C ARG D 33 32.87 -30.69 53.93
N ASP D 34 33.61 -31.12 54.95
CA ASP D 34 34.61 -32.16 54.76
C ASP D 34 34.10 -33.53 55.16
N ALA D 35 32.81 -33.68 55.40
CA ALA D 35 32.20 -34.97 55.68
C ALA D 35 30.99 -35.20 54.80
N SER D 36 30.89 -34.42 53.72
CA SER D 36 29.70 -34.42 52.87
C SER D 36 29.72 -35.63 51.95
N GLN D 37 29.42 -36.77 52.52
CA GLN D 37 29.16 -37.97 51.75
C GLN D 37 27.83 -38.61 52.06
N GLU D 38 27.29 -38.35 53.25
CA GLU D 38 26.00 -38.88 53.64
C GLU D 38 24.95 -37.78 53.72
N TRP D 39 25.23 -36.64 53.12
CA TRP D 39 24.27 -35.56 53.05
C TRP D 39 23.11 -36.01 52.18
N PRO D 40 21.88 -35.99 52.69
CA PRO D 40 20.76 -36.53 51.92
C PRO D 40 20.38 -35.63 50.76
N ALA D 41 19.63 -36.21 49.82
CA ALA D 41 19.30 -35.49 48.61
C ALA D 41 18.19 -34.47 48.87
N VAL D 42 18.00 -33.58 47.92
CA VAL D 42 16.93 -32.61 47.97
C VAL D 42 15.81 -33.08 47.06
N THR D 43 14.64 -33.31 47.63
CA THR D 43 13.52 -33.87 46.87
C THR D 43 12.59 -32.77 46.41
N VAL D 44 11.65 -33.15 45.55
CA VAL D 44 10.67 -32.21 45.02
C VAL D 44 9.31 -32.56 45.61
N ARG D 45 8.50 -31.54 45.86
CA ARG D 45 7.18 -31.68 46.42
C ARG D 45 6.18 -30.93 45.55
N GLU D 46 4.93 -30.87 46.00
CA GLU D 46 3.89 -30.14 45.31
C GLU D 46 3.19 -29.23 46.29
N LYS D 47 2.58 -28.16 45.78
CA LYS D 47 1.80 -27.27 46.60
C LYS D 47 0.79 -26.56 45.71
N SER D 48 -0.22 -25.98 46.34
CA SER D 48 -1.28 -25.29 45.62
C SER D 48 -1.01 -23.80 45.58
N VAL D 49 -1.55 -23.15 44.55
CA VAL D 49 -1.35 -21.73 44.31
C VAL D 49 -2.65 -21.17 43.76
N ARG D 50 -3.12 -20.08 44.36
CA ARG D 50 -4.20 -19.29 43.79
C ARG D 50 -3.65 -17.94 43.38
N GLY D 51 -3.88 -17.58 42.13
CA GLY D 51 -3.31 -16.35 41.62
C GLY D 51 -4.36 -15.31 41.29
N THR D 52 -3.93 -14.08 41.10
CA THR D 52 -4.81 -13.01 40.68
C THR D 52 -4.66 -12.78 39.17
N ILE D 53 -5.23 -11.69 38.68
CA ILE D 53 -5.03 -11.25 37.31
C ILE D 53 -4.07 -10.07 37.36
N SER D 54 -2.86 -10.27 36.84
CA SER D 54 -1.81 -9.27 36.96
C SER D 54 -1.02 -9.16 35.67
N ASN D 55 -1.71 -9.11 34.54
CA ASN D 55 -1.05 -8.91 33.26
C ASN D 55 -1.80 -7.84 32.48
N ARG D 56 -1.26 -7.51 31.32
CA ARG D 56 -1.90 -6.51 30.48
C ARG D 56 -3.19 -7.06 29.90
N LEU D 57 -4.07 -6.15 29.47
CA LEU D 57 -5.36 -6.53 28.93
C LEU D 57 -5.58 -5.86 27.59
N LYS D 58 -6.46 -6.46 26.81
CA LYS D 58 -6.81 -5.87 25.53
C LYS D 58 -7.81 -4.73 25.72
N THR D 59 -8.03 -3.97 24.65
CA THR D 59 -8.84 -2.77 24.75
C THR D 59 -10.32 -3.11 24.80
N LYS D 60 -10.74 -4.22 24.21
CA LYS D 60 -12.12 -4.65 24.34
C LYS D 60 -12.44 -5.17 25.74
N ASP D 61 -11.42 -5.45 26.53
CA ASP D 61 -11.57 -5.67 27.96
C ASP D 61 -11.50 -4.33 28.68
N ARG D 62 -11.26 -4.34 29.98
CA ARG D 62 -11.14 -3.20 30.90
C ARG D 62 -12.44 -2.44 31.09
N ASP D 63 -13.55 -2.90 30.55
CA ASP D 63 -14.85 -2.51 31.08
C ASP D 63 -14.94 -3.12 32.46
N PRO D 64 -15.14 -2.32 33.52
CA PRO D 64 -14.83 -2.80 34.88
C PRO D 64 -15.71 -3.92 35.39
N ALA D 65 -16.91 -4.08 34.82
CA ALA D 65 -17.75 -5.20 35.17
C ALA D 65 -17.11 -6.52 34.75
N LYS D 66 -16.54 -6.56 33.55
CA LYS D 66 -15.86 -7.76 33.07
C LYS D 66 -14.61 -8.04 33.89
N LEU D 67 -13.92 -6.98 34.31
CA LEU D 67 -12.73 -7.14 35.13
C LEU D 67 -13.08 -7.72 36.50
N ASP D 68 -14.14 -7.20 37.12
CA ASP D 68 -14.56 -7.71 38.42
C ASP D 68 -15.05 -9.14 38.32
N ALA D 69 -15.77 -9.46 37.23
CA ALA D 69 -16.22 -10.82 37.02
C ALA D 69 -15.06 -11.76 36.78
N SER D 70 -13.98 -11.25 36.18
CA SER D 70 -12.76 -12.05 36.05
C SER D 70 -12.12 -12.29 37.41
N ILE D 71 -12.16 -11.30 38.30
CA ILE D 71 -11.60 -11.48 39.63
C ILE D 71 -12.47 -12.43 40.45
N GLN D 72 -13.76 -12.54 40.12
CA GLN D 72 -14.65 -13.44 40.85
C GLN D 72 -14.24 -14.90 40.70
N SER D 73 -14.06 -15.37 39.47
CA SER D 73 -13.65 -16.75 39.24
C SER D 73 -12.14 -16.83 39.30
N PRO D 74 -11.56 -17.54 40.25
CA PRO D 74 -10.09 -17.61 40.36
C PRO D 74 -9.53 -18.78 39.58
N ASN D 75 -8.21 -18.83 39.53
CA ASN D 75 -7.50 -19.95 38.92
C ASN D 75 -6.74 -20.69 40.00
N LEU D 76 -6.77 -22.01 39.92
CA LEU D 76 -6.15 -22.87 40.92
C LEU D 76 -5.13 -23.75 40.24
N GLN D 77 -3.87 -23.60 40.62
CA GLN D 77 -2.80 -24.34 39.99
C GLN D 77 -2.11 -25.23 40.99
N THR D 78 -1.42 -26.23 40.47
CA THR D 78 -0.48 -27.03 41.24
C THR D 78 0.91 -26.80 40.69
N VAL D 79 1.91 -26.81 41.57
CA VAL D 79 3.25 -26.38 41.22
C VAL D 79 4.23 -27.26 41.97
N ASP D 80 5.24 -27.76 41.26
CA ASP D 80 6.35 -28.41 41.91
C ASP D 80 7.33 -27.40 42.46
N VAL D 81 7.86 -27.67 43.64
CA VAL D 81 8.78 -26.77 44.29
C VAL D 81 9.83 -27.60 45.01
N ALA D 82 10.98 -27.01 45.25
CA ALA D 82 12.06 -27.68 45.95
C ALA D 82 12.82 -26.66 46.76
N ASN D 83 13.13 -27.00 48.00
CA ASN D 83 13.80 -26.07 48.90
C ASN D 83 14.59 -26.86 49.92
N LEU D 84 15.42 -26.13 50.67
CA LEU D 84 16.32 -26.76 51.62
C LEU D 84 15.54 -27.33 52.80
N PRO D 85 16.10 -28.32 53.48
CA PRO D 85 15.51 -28.77 54.75
C PRO D 85 15.60 -27.68 55.80
N SER D 86 14.74 -27.79 56.80
CA SER D 86 14.55 -26.70 57.75
C SER D 86 15.61 -26.66 58.84
N ASP D 87 16.76 -27.31 58.67
CA ASP D 87 17.86 -27.16 59.60
C ASP D 87 19.20 -27.18 58.90
N ALA D 88 19.24 -26.77 57.63
CA ALA D 88 20.48 -26.77 56.87
C ALA D 88 20.56 -25.47 56.08
N ASP D 89 21.78 -25.09 55.71
CA ASP D 89 21.97 -23.83 55.02
C ASP D 89 22.95 -23.92 53.86
N THR D 90 23.41 -25.10 53.50
CA THR D 90 24.40 -25.26 52.44
C THR D 90 23.90 -26.25 51.40
N LEU D 91 24.00 -25.87 50.13
CA LEU D 91 23.61 -26.69 49.01
C LEU D 91 24.86 -27.31 48.39
N LYS D 92 24.77 -28.59 48.01
CA LYS D 92 25.89 -29.31 47.44
C LYS D 92 25.53 -29.79 46.03
N VAL D 93 26.40 -29.51 45.07
CA VAL D 93 26.20 -29.86 43.68
C VAL D 93 27.40 -30.66 43.22
N ARG D 94 27.16 -31.76 42.50
CA ARG D 94 28.25 -32.66 42.13
C ARG D 94 28.04 -33.25 40.75
N PHE D 95 29.08 -33.21 39.92
CA PHE D 95 29.08 -33.85 38.62
C PHE D 95 30.51 -34.10 38.20
N THR D 96 30.67 -34.88 37.12
CA THR D 96 31.97 -35.24 36.59
C THR D 96 32.14 -34.71 35.18
N LEU D 97 33.39 -34.70 34.69
CA LEU D 97 33.72 -34.07 33.42
C LEU D 97 34.82 -34.84 32.71
N ARG D 98 34.64 -35.02 31.40
CA ARG D 98 35.61 -35.68 30.53
C ARG D 98 36.06 -34.70 29.47
N VAL D 99 37.37 -34.51 29.35
CA VAL D 99 37.96 -33.76 28.25
C VAL D 99 38.53 -34.77 27.27
N LEU D 100 38.11 -34.68 26.02
CA LEU D 100 38.34 -35.76 25.07
C LEU D 100 39.56 -35.54 24.20
N GLY D 101 39.62 -34.42 23.48
CA GLY D 101 40.75 -34.13 22.63
C GLY D 101 40.62 -34.74 21.24
N GLY D 102 41.50 -34.31 20.36
CA GLY D 102 41.38 -34.67 18.96
C GLY D 102 40.39 -33.79 18.24
N ALA D 103 40.40 -32.49 18.52
CA ALA D 103 39.31 -31.61 18.12
C ALA D 103 39.29 -31.30 16.63
N GLY D 104 40.34 -31.65 15.89
CA GLY D 104 40.38 -31.30 14.49
C GLY D 104 39.56 -32.21 13.61
N THR D 105 39.46 -33.48 13.97
CA THR D 105 38.92 -34.47 13.05
C THR D 105 37.41 -34.39 12.97
N PRO D 106 36.84 -34.25 11.79
CA PRO D 106 35.38 -34.33 11.67
C PRO D 106 34.88 -35.75 11.84
N SER D 107 33.59 -35.86 12.10
CA SER D 107 32.97 -37.17 12.23
C SER D 107 32.30 -37.61 10.95
N ALA D 108 32.10 -36.71 10.00
CA ALA D 108 31.53 -37.04 8.69
C ALA D 108 31.94 -35.97 7.72
N CYS D 109 32.26 -36.39 6.49
CA CYS D 109 32.70 -35.44 5.47
C CYS D 109 32.45 -36.02 4.10
N ASN D 110 32.67 -35.21 3.07
CA ASN D 110 32.60 -35.65 1.69
C ASN D 110 33.90 -35.46 0.93
N ASP D 111 34.46 -34.26 0.95
CA ASP D 111 35.71 -33.98 0.26
C ASP D 111 36.88 -34.40 1.15
N ALA D 112 37.77 -35.21 0.60
CA ALA D 112 39.00 -35.52 1.31
C ALA D 112 39.91 -34.30 1.37
N ALA D 113 39.92 -33.51 0.29
CA ALA D 113 40.81 -32.36 0.20
C ALA D 113 40.43 -31.29 1.20
N TYR D 114 39.13 -31.07 1.37
CA TYR D 114 38.64 -30.17 2.41
C TYR D 114 39.03 -30.66 3.78
N ARG D 115 38.98 -31.97 3.97
CA ARG D 115 39.28 -32.58 5.26
C ARG D 115 40.73 -32.37 5.65
N ASP D 116 41.66 -32.73 4.77
CA ASP D 116 43.06 -32.56 5.14
C ASP D 116 43.50 -31.11 5.08
N LYS D 117 42.79 -30.28 4.31
CA LYS D 117 43.08 -28.85 4.32
C LYS D 117 42.80 -28.24 5.69
N LEU D 118 41.62 -28.53 6.25
CA LEU D 118 41.34 -27.99 7.57
C LEU D 118 42.12 -28.72 8.65
N LEU D 119 42.53 -29.96 8.39
CA LEU D 119 43.42 -30.66 9.31
C LEU D 119 44.76 -29.96 9.42
N GLN D 120 45.35 -29.60 8.28
CA GLN D 120 46.63 -28.89 8.36
C GLN D 120 46.43 -27.47 8.87
N THR D 121 45.23 -26.90 8.69
CA THR D 121 44.95 -25.59 9.26
C THR D 121 44.97 -25.62 10.79
N VAL D 122 44.29 -26.62 11.36
CA VAL D 122 44.25 -26.67 12.82
C VAL D 122 45.59 -27.17 13.37
N ALA D 123 46.36 -27.90 12.55
CA ALA D 123 47.71 -28.25 12.96
C ALA D 123 48.61 -27.02 13.03
N THR D 124 48.48 -26.11 12.06
CA THR D 124 49.25 -24.87 12.11
C THR D 124 48.83 -24.01 13.29
N TYR D 125 47.53 -23.97 13.59
CA TYR D 125 47.06 -23.24 14.76
C TYR D 125 47.64 -23.82 16.04
N VAL D 126 47.61 -25.15 16.15
CA VAL D 126 48.05 -25.76 17.40
C VAL D 126 49.57 -25.76 17.50
N ASN D 127 50.26 -25.50 16.39
CA ASN D 127 51.71 -25.32 16.47
C ASN D 127 52.06 -23.90 16.87
N GLU D 128 51.32 -22.92 16.36
CA GLU D 128 51.59 -21.54 16.76
C GLU D 128 51.20 -21.30 18.21
N GLN D 129 49.93 -21.41 18.52
CA GLN D 129 49.46 -21.27 19.88
C GLN D 129 49.06 -22.62 20.40
N GLY D 130 49.35 -22.88 21.67
CA GLY D 130 48.89 -24.09 22.30
C GLY D 130 47.41 -24.01 22.62
N PHE D 131 46.98 -24.94 23.46
CA PHE D 131 45.63 -24.84 23.99
C PHE D 131 45.58 -24.04 25.27
N ALA D 132 46.54 -23.15 25.50
CA ALA D 132 46.70 -22.54 26.82
C ALA D 132 45.64 -21.48 27.08
N GLU D 133 45.28 -20.70 26.06
CA GLU D 133 44.35 -19.60 26.26
C GLU D 133 42.93 -20.12 26.52
N LEU D 134 42.50 -21.07 25.70
CA LEU D 134 41.16 -21.62 25.85
C LEU D 134 41.04 -22.41 27.13
N ALA D 135 42.09 -23.15 27.51
CA ALA D 135 42.03 -23.90 28.76
C ALA D 135 42.11 -22.97 29.96
N ARG D 136 42.77 -21.81 29.80
CA ARG D 136 42.76 -20.82 30.87
C ARG D 136 41.36 -20.26 31.08
N ARG D 137 40.65 -19.97 29.98
CA ARG D 137 39.29 -19.46 30.12
C ARG D 137 38.34 -20.54 30.64
N TYR D 138 38.58 -21.81 30.25
CA TYR D 138 37.73 -22.89 30.73
C TYR D 138 37.94 -23.15 32.21
N ALA D 139 39.19 -23.12 32.68
CA ALA D 139 39.45 -23.32 34.09
C ALA D 139 38.98 -22.12 34.90
N HIS D 140 38.97 -20.94 34.29
CA HIS D 140 38.34 -19.79 34.91
C HIS D 140 36.85 -20.02 35.13
N ASN D 141 36.17 -20.53 34.11
CA ASN D 141 34.74 -20.78 34.25
C ASN D 141 34.45 -21.95 35.17
N LEU D 142 35.40 -22.85 35.34
CA LEU D 142 35.25 -23.89 36.35
C LEU D 142 35.52 -23.35 37.75
N ALA D 143 36.34 -22.31 37.86
CA ALA D 143 36.74 -21.81 39.17
C ALA D 143 35.58 -21.10 39.85
N ASN D 144 35.07 -20.03 39.25
CA ASN D 144 33.85 -19.43 39.77
C ASN D 144 32.69 -20.37 39.50
N ALA D 145 31.71 -20.35 40.38
CA ALA D 145 30.61 -21.30 40.21
C ALA D 145 29.59 -20.75 39.24
N ARG D 146 29.95 -20.64 37.96
CA ARG D 146 29.02 -20.09 37.00
C ARG D 146 27.92 -21.08 36.67
N PHE D 147 28.17 -22.37 36.90
CA PHE D 147 27.15 -23.37 36.57
C PHE D 147 26.01 -23.37 37.56
N LEU D 148 26.17 -22.79 38.74
CA LEU D 148 25.01 -22.43 39.52
C LEU D 148 24.40 -21.19 38.89
N TRP D 149 23.26 -21.34 38.24
CA TRP D 149 22.74 -20.20 37.50
C TRP D 149 22.04 -19.23 38.42
N ARG D 150 20.94 -19.65 39.02
CA ARG D 150 20.21 -18.79 39.94
C ARG D 150 20.50 -19.11 41.38
N ASN D 151 21.17 -20.23 41.65
CA ASN D 151 21.56 -20.50 43.02
C ASN D 151 22.78 -19.71 43.44
N ARG D 152 23.53 -19.16 42.49
CA ARG D 152 24.69 -18.36 42.84
C ARG D 152 24.32 -16.98 43.33
N VAL D 153 23.26 -16.37 42.77
CA VAL D 153 22.98 -14.98 43.06
C VAL D 153 22.40 -14.85 44.47
N GLY D 154 22.90 -13.86 45.21
CA GLY D 154 22.46 -13.65 46.57
C GLY D 154 23.01 -14.63 47.58
N ALA D 155 24.04 -15.39 47.22
CA ALA D 155 24.62 -16.33 48.15
C ALA D 155 25.63 -15.62 49.05
N GLU D 156 25.86 -16.20 50.22
CA GLU D 156 26.78 -15.59 51.17
C GLU D 156 28.23 -15.92 50.81
N ALA D 157 28.57 -17.21 50.78
CA ALA D 157 29.92 -17.63 50.44
C ALA D 157 29.84 -18.95 49.69
N VAL D 158 30.72 -19.15 48.72
CA VAL D 158 30.66 -20.31 47.84
C VAL D 158 32.07 -20.84 47.61
N GLU D 159 32.24 -22.15 47.85
CA GLU D 159 33.53 -22.81 47.77
C GLU D 159 33.41 -24.06 46.92
N VAL D 160 34.42 -24.32 46.09
CA VAL D 160 34.39 -25.36 45.07
C VAL D 160 35.67 -26.17 45.14
N ARG D 161 35.54 -27.50 45.17
CA ARG D 161 36.68 -28.41 45.18
C ARG D 161 36.70 -29.24 43.91
N ILE D 162 37.88 -29.37 43.31
CA ILE D 162 38.09 -30.21 42.12
C ILE D 162 39.06 -31.31 42.50
N ASN D 163 38.79 -32.53 42.04
CA ASN D 163 39.69 -33.66 42.22
C ASN D 163 40.00 -34.24 40.85
N HIS D 164 41.27 -34.28 40.49
CA HIS D 164 41.69 -35.00 39.30
C HIS D 164 41.86 -36.46 39.68
N ILE D 165 41.02 -37.31 39.14
CA ILE D 165 40.97 -38.72 39.50
C ILE D 165 41.47 -39.49 38.30
N ARG D 166 42.60 -40.18 38.45
CA ARG D 166 43.28 -40.78 37.31
C ARG D 166 43.11 -42.30 37.29
N GLN D 167 43.55 -42.95 38.35
CA GLN D 167 43.15 -44.31 38.64
C GLN D 167 41.89 -44.24 39.48
N GLY D 168 41.53 -45.30 40.19
CA GLY D 168 40.39 -45.23 41.07
C GLY D 168 40.49 -44.33 42.31
N GLU D 169 41.47 -43.44 42.37
CA GLU D 169 41.71 -42.58 43.51
C GLU D 169 42.15 -41.20 43.02
N VAL D 170 42.27 -40.27 43.98
CA VAL D 170 42.58 -38.89 43.68
C VAL D 170 44.06 -38.76 43.35
N ALA D 171 44.38 -37.84 42.45
CA ALA D 171 45.75 -37.50 42.12
C ALA D 171 46.14 -36.09 42.50
N ARG D 172 45.26 -35.12 42.30
CA ARG D 172 45.53 -33.75 42.70
C ARG D 172 44.23 -33.10 43.13
N THR D 173 44.36 -31.96 43.81
CA THR D 173 43.22 -31.32 44.46
C THR D 173 43.30 -29.82 44.23
N TRP D 174 42.14 -29.17 44.20
CA TRP D 174 42.07 -27.72 44.14
C TRP D 174 40.98 -27.24 45.07
N ARG D 175 41.14 -26.04 45.59
CA ARG D 175 40.12 -25.37 46.37
C ARG D 175 40.07 -23.92 45.93
N PHE D 176 38.87 -23.34 45.95
CA PHE D 176 38.73 -21.96 45.50
C PHE D 176 37.66 -21.28 46.32
N ASP D 177 37.66 -19.95 46.26
CA ASP D 177 36.50 -19.14 46.60
C ASP D 177 35.97 -18.58 45.30
N ALA D 178 34.70 -18.89 45.01
CA ALA D 178 34.17 -18.61 43.69
C ALA D 178 33.85 -17.13 43.51
N LEU D 179 33.43 -16.46 44.57
CA LEU D 179 33.13 -15.04 44.41
C LEU D 179 34.36 -14.16 44.51
N ALA D 180 35.52 -14.73 44.82
CA ALA D 180 36.76 -13.97 44.65
C ALA D 180 37.02 -13.70 43.18
N ILE D 181 37.04 -14.75 42.37
CA ILE D 181 37.17 -14.62 40.93
C ILE D 181 35.87 -14.04 40.39
N GLY D 182 35.97 -12.98 39.61
CA GLY D 182 34.79 -12.36 39.08
C GLY D 182 34.16 -13.16 37.95
N LEU D 183 32.95 -12.76 37.60
CA LEU D 183 32.31 -13.24 36.39
C LEU D 183 32.53 -12.29 35.23
N ARG D 184 33.55 -11.44 35.30
CA ARG D 184 33.71 -10.36 34.35
C ARG D 184 35.06 -10.34 33.64
N ASP D 185 36.05 -11.07 34.15
CA ASP D 185 37.40 -10.96 33.60
C ASP D 185 38.17 -12.25 33.88
N PHE D 186 39.39 -12.29 33.35
CA PHE D 186 40.22 -13.49 33.38
C PHE D 186 41.60 -13.10 33.88
N LYS D 187 41.87 -13.38 35.14
CA LYS D 187 43.13 -13.05 35.79
C LYS D 187 44.08 -14.24 35.68
N ALA D 188 45.18 -14.20 36.44
CA ALA D 188 46.16 -15.27 36.46
C ALA D 188 46.42 -15.68 37.90
N ASP D 189 46.72 -16.97 38.08
CA ASP D 189 46.95 -17.56 39.40
C ASP D 189 47.64 -18.90 39.19
N ALA D 190 48.48 -19.27 40.15
CA ALA D 190 49.34 -20.44 40.00
C ALA D 190 48.54 -21.74 39.97
N GLU D 191 47.61 -21.90 40.91
CA GLU D 191 46.78 -23.10 40.93
C GLU D 191 45.87 -23.16 39.71
N LEU D 192 45.34 -22.00 39.31
CA LEU D 192 44.54 -21.94 38.11
C LEU D 192 45.37 -22.25 36.88
N ASP D 193 46.64 -21.87 36.89
CA ASP D 193 47.50 -22.17 35.75
C ASP D 193 47.83 -23.66 35.69
N ALA D 194 47.97 -24.31 36.85
CA ALA D 194 48.18 -25.75 36.86
C ALA D 194 46.95 -26.48 36.35
N LEU D 195 45.77 -26.02 36.74
CA LEU D 195 44.53 -26.62 36.26
C LEU D 195 44.36 -26.43 34.75
N ALA D 196 44.65 -25.23 34.26
CA ALA D 196 44.54 -24.97 32.83
C ALA D 196 45.60 -25.75 32.06
N GLU D 197 46.75 -25.99 32.67
CA GLU D 197 47.76 -26.82 32.05
C GLU D 197 47.28 -28.26 31.91
N LEU D 198 46.62 -28.77 32.95
CA LEU D 198 46.06 -30.13 32.89
C LEU D 198 44.99 -30.24 31.81
N ILE D 199 44.13 -29.23 31.73
CA ILE D 199 43.05 -29.25 30.75
C ILE D 199 43.60 -29.13 29.33
N ALA D 200 44.61 -28.29 29.13
CA ALA D 200 45.21 -28.16 27.81
C ALA D 200 46.01 -29.39 27.44
N SER D 201 46.50 -30.14 28.43
CA SER D 201 47.11 -31.42 28.14
C SER D 201 46.07 -32.42 27.67
N GLY D 202 44.90 -32.41 28.31
CA GLY D 202 43.85 -33.32 27.90
C GLY D 202 43.29 -32.99 26.53
N LEU D 203 43.21 -31.71 26.20
CA LEU D 203 42.67 -31.29 24.91
C LEU D 203 43.61 -31.63 23.77
N SER D 204 44.90 -31.67 24.03
CA SER D 204 45.88 -31.89 22.98
C SER D 204 46.09 -33.36 22.68
N GLY D 205 45.32 -34.26 23.28
CA GLY D 205 45.53 -35.67 23.06
C GLY D 205 46.70 -36.25 23.78
N SER D 206 47.28 -35.53 24.72
CA SER D 206 48.46 -36.01 25.43
C SER D 206 48.12 -37.10 26.43
N GLY D 207 47.18 -36.85 27.33
CA GLY D 207 46.87 -37.80 28.37
C GLY D 207 45.38 -38.05 28.45
N HIS D 208 44.96 -38.69 29.53
CA HIS D 208 43.56 -39.00 29.79
C HIS D 208 43.15 -38.35 31.09
N VAL D 209 42.15 -37.48 31.04
CA VAL D 209 41.77 -36.65 32.17
C VAL D 209 40.32 -36.90 32.51
N LEU D 210 40.01 -36.81 33.81
CA LEU D 210 38.67 -37.00 34.34
C LEU D 210 38.58 -36.28 35.66
N LEU D 211 37.63 -35.37 35.78
CA LEU D 211 37.53 -34.50 36.93
C LEU D 211 36.23 -34.77 37.68
N GLU D 212 36.21 -34.38 38.96
CA GLU D 212 35.01 -34.42 39.76
C GLU D 212 34.83 -33.06 40.40
N VAL D 213 33.70 -32.41 40.13
CA VAL D 213 33.46 -31.04 40.54
C VAL D 213 32.41 -31.04 41.64
N VAL D 214 32.75 -30.48 42.79
CA VAL D 214 31.85 -30.35 43.93
C VAL D 214 31.79 -28.88 44.31
N ALA D 215 30.58 -28.36 44.50
CA ALA D 215 30.39 -26.97 44.88
C ALA D 215 29.53 -26.88 46.13
N PHE D 216 29.92 -26.00 47.05
CA PHE D 216 29.18 -25.74 48.27
C PHE D 216 28.75 -24.28 48.28
N ALA D 217 27.45 -24.02 48.42
CA ALA D 217 26.93 -22.67 48.40
C ALA D 217 26.09 -22.44 49.64
N ARG D 218 26.32 -21.32 50.31
CA ARG D 218 25.64 -20.98 51.56
C ARG D 218 24.46 -20.09 51.24
N ILE D 219 23.26 -20.59 51.46
CA ILE D 219 22.03 -19.90 51.09
C ILE D 219 21.29 -19.40 52.30
N GLY D 220 21.09 -20.26 53.29
CA GLY D 220 20.23 -19.97 54.43
C GLY D 220 19.31 -21.14 54.72
N ASP D 221 18.58 -21.00 55.82
CA ASP D 221 17.75 -22.11 56.26
C ASP D 221 16.41 -22.10 55.55
N GLY D 222 16.01 -23.26 55.04
CA GLY D 222 14.70 -23.45 54.45
C GLY D 222 14.44 -22.71 53.15
N GLN D 223 15.49 -22.14 52.57
CA GLN D 223 15.32 -21.29 51.41
C GLN D 223 15.16 -22.12 50.15
N GLU D 224 14.73 -21.47 49.08
CA GLU D 224 14.38 -22.15 47.85
C GLU D 224 15.60 -22.33 46.95
N VAL D 225 15.66 -23.46 46.26
CA VAL D 225 16.70 -23.73 45.29
C VAL D 225 16.08 -23.80 43.90
N PHE D 226 16.89 -23.99 42.87
CA PHE D 226 16.41 -23.96 41.49
C PHE D 226 17.06 -25.07 40.68
N PRO D 227 16.33 -26.14 40.40
CA PRO D 227 16.81 -27.13 39.44
C PRO D 227 16.38 -26.73 38.04
N SER D 228 16.67 -27.60 37.08
CA SER D 228 16.16 -27.37 35.73
C SER D 228 14.67 -27.65 35.69
N GLN D 229 14.03 -27.08 34.70
CA GLN D 229 12.59 -27.07 34.59
C GLN D 229 12.19 -27.89 33.38
N GLU D 230 11.29 -28.84 33.57
CA GLU D 230 10.91 -29.74 32.49
C GLU D 230 9.89 -29.07 31.59
N LEU D 231 9.38 -29.83 30.63
CA LEU D 231 8.37 -29.36 29.72
C LEU D 231 7.14 -30.24 29.85
N ILE D 232 6.00 -29.60 30.06
CA ILE D 232 4.73 -30.31 30.23
C ILE D 232 3.92 -30.17 28.95
N LEU D 233 3.28 -31.25 28.53
CA LEU D 233 2.45 -31.25 27.34
C LEU D 233 1.09 -31.79 27.71
N ASP D 234 0.04 -31.07 27.29
CA ASP D 234 -1.33 -31.43 27.58
C ASP D 234 -2.22 -30.79 26.53
N LYS D 235 -3.23 -31.54 26.09
CA LYS D 235 -4.01 -31.17 24.91
C LYS D 235 -5.42 -30.82 25.36
N GLY D 236 -5.68 -29.53 25.58
CA GLY D 236 -6.97 -29.10 26.06
C GLY D 236 -7.22 -29.53 27.50
N ASP D 237 -6.44 -28.98 28.43
CA ASP D 237 -6.48 -29.39 29.82
C ASP D 237 -7.74 -28.87 30.50
N LYS D 238 -7.95 -29.31 31.74
CA LYS D 238 -9.16 -29.01 32.49
C LYS D 238 -8.94 -27.96 33.57
N LYS D 239 -7.86 -27.16 33.46
CA LYS D 239 -7.59 -26.00 34.31
C LYS D 239 -7.45 -26.37 35.79
N GLY D 240 -6.90 -27.55 36.06
CA GLY D 240 -6.60 -27.96 37.40
C GLY D 240 -5.30 -28.73 37.45
N GLN D 241 -4.62 -28.76 36.31
CA GLN D 241 -3.40 -29.54 36.17
C GLN D 241 -2.21 -28.78 36.73
N LYS D 242 -1.04 -29.42 36.69
CA LYS D 242 0.18 -28.74 37.09
C LYS D 242 0.57 -27.72 36.04
N SER D 243 1.36 -26.75 36.46
CA SER D 243 1.87 -25.74 35.55
C SER D 243 3.37 -25.60 35.63
N LYS D 244 4.05 -26.48 36.37
CA LYS D 244 5.49 -26.40 36.50
C LYS D 244 6.03 -27.76 36.90
N THR D 245 7.09 -28.22 36.25
CA THR D 245 7.68 -29.52 36.52
C THR D 245 9.18 -29.36 36.65
N LEU D 246 9.78 -30.15 37.53
CA LEU D 246 11.21 -30.04 37.79
C LEU D 246 11.91 -31.36 37.48
N TYR D 247 13.12 -31.25 36.96
CA TYR D 247 13.89 -32.42 36.56
C TYR D 247 14.45 -33.12 37.77
N SER D 248 14.37 -34.44 37.78
CA SER D 248 14.87 -35.20 38.91
C SER D 248 15.30 -36.58 38.44
N VAL D 249 16.46 -37.02 38.90
CA VAL D 249 16.96 -38.35 38.59
C VAL D 249 16.89 -39.19 39.86
N ARG D 250 16.03 -40.21 39.82
CA ARG D 250 15.85 -41.20 40.88
C ARG D 250 15.48 -40.54 42.22
N ASP D 251 14.53 -39.61 42.12
CA ASP D 251 14.01 -38.82 43.25
C ASP D 251 15.12 -38.01 43.92
N ALA D 252 15.75 -37.12 43.15
CA ALA D 252 16.72 -36.16 43.64
C ALA D 252 16.78 -35.06 42.61
N ALA D 253 16.65 -33.81 43.05
CA ALA D 253 16.56 -32.69 42.11
C ALA D 253 17.89 -32.49 41.40
N ALA D 254 17.82 -32.08 40.15
CA ALA D 254 19.02 -32.13 39.32
C ALA D 254 18.95 -31.06 38.25
N ILE D 255 20.11 -30.81 37.65
CA ILE D 255 20.25 -29.88 36.54
C ILE D 255 20.58 -30.68 35.29
N HIS D 256 20.00 -30.29 34.16
CA HIS D 256 20.33 -30.90 32.88
C HIS D 256 21.80 -30.69 32.56
N SER D 257 22.36 -31.65 31.82
CA SER D 257 23.78 -31.60 31.52
C SER D 257 24.10 -30.50 30.54
N GLN D 258 23.19 -30.20 29.62
CA GLN D 258 23.44 -29.15 28.67
C GLN D 258 23.36 -27.77 29.29
N LYS D 259 22.71 -27.63 30.44
CA LYS D 259 22.79 -26.38 31.18
C LYS D 259 24.19 -26.15 31.71
N ILE D 260 24.82 -27.21 32.21
CA ILE D 260 26.21 -27.12 32.67
C ILE D 260 27.13 -26.85 31.49
N GLY D 261 26.88 -27.50 30.37
CA GLY D 261 27.74 -27.31 29.21
C GLY D 261 27.59 -25.93 28.61
N ASN D 262 26.41 -25.33 28.74
CA ASN D 262 26.24 -23.96 28.28
C ASN D 262 26.91 -22.99 29.23
N ALA D 263 26.91 -23.30 30.53
CA ALA D 263 27.58 -22.41 31.47
C ALA D 263 29.09 -22.53 31.36
N LEU D 264 29.60 -23.65 30.86
CA LEU D 264 31.04 -23.85 30.84
C LEU D 264 31.71 -23.04 29.74
N ARG D 265 31.08 -22.93 28.58
CA ARG D 265 31.71 -22.30 27.44
C ARG D 265 31.37 -20.83 27.31
N THR D 266 31.15 -20.14 28.43
CA THR D 266 30.83 -18.71 28.43
C THR D 266 32.13 -17.92 28.40
N ILE D 267 32.81 -17.95 27.25
CA ILE D 267 34.16 -17.42 27.18
C ILE D 267 34.36 -16.45 26.01
N ASP D 268 33.28 -15.96 25.42
CA ASP D 268 33.40 -15.07 24.27
C ASP D 268 33.43 -13.63 24.76
N THR D 269 34.62 -13.03 24.76
CA THR D 269 34.77 -11.61 25.03
C THR D 269 35.07 -10.81 23.78
N TRP D 270 35.13 -11.46 22.62
CA TRP D 270 35.64 -10.84 21.42
C TRP D 270 34.55 -10.41 20.44
N TYR D 271 33.30 -10.38 20.88
CA TYR D 271 32.23 -9.97 19.99
C TYR D 271 32.28 -8.45 19.84
N PRO D 272 31.96 -7.93 18.65
CA PRO D 272 32.28 -6.53 18.35
C PRO D 272 31.32 -5.52 18.92
N ASP D 273 30.35 -5.93 19.73
CA ASP D 273 29.33 -4.99 20.18
C ASP D 273 29.88 -4.03 21.22
N GLU D 274 30.31 -4.55 22.36
CA GLU D 274 30.78 -3.70 23.46
C GLU D 274 31.66 -4.57 24.35
N ASP D 275 32.03 -4.01 25.50
CA ASP D 275 32.86 -4.71 26.47
C ASP D 275 32.30 -4.70 27.89
N GLY D 276 31.40 -3.78 28.22
CA GLY D 276 30.78 -3.75 29.52
C GLY D 276 29.57 -4.64 29.69
N LEU D 277 29.44 -5.67 28.86
CA LEU D 277 28.28 -6.53 28.93
C LEU D 277 28.63 -7.96 29.32
N GLY D 278 29.91 -8.28 29.43
CA GLY D 278 30.33 -9.57 29.94
C GLY D 278 30.52 -10.60 28.84
N PRO D 279 31.21 -11.68 29.16
CA PRO D 279 31.40 -12.74 28.18
C PRO D 279 30.14 -13.55 27.99
N ILE D 280 29.96 -14.05 26.76
CA ILE D 280 28.82 -14.87 26.41
C ILE D 280 29.32 -16.24 25.98
N ALA D 281 28.37 -17.13 25.69
CA ALA D 281 28.70 -18.48 25.29
C ALA D 281 29.02 -18.52 23.80
N VAL D 282 29.87 -19.46 23.42
CA VAL D 282 30.34 -19.55 22.04
C VAL D 282 29.26 -20.18 21.17
N GLU D 283 28.87 -19.47 20.12
CA GLU D 283 27.80 -19.89 19.23
C GLU D 283 28.09 -19.37 17.84
N PRO D 284 27.66 -20.07 16.80
CA PRO D 284 27.57 -19.44 15.49
C PRO D 284 26.41 -18.47 15.51
N TYR D 285 26.64 -17.28 14.93
CA TYR D 285 25.81 -16.09 15.16
C TYR D 285 25.55 -15.92 16.66
N GLY D 286 26.63 -15.62 17.40
CA GLY D 286 26.65 -15.72 18.85
C GLY D 286 25.57 -14.97 19.59
N SER D 287 24.60 -15.71 20.09
CA SER D 287 23.34 -15.14 20.53
C SER D 287 22.97 -15.67 21.90
N VAL D 288 22.55 -14.76 22.76
CA VAL D 288 21.95 -15.12 24.03
C VAL D 288 20.46 -14.94 23.90
N THR D 289 19.71 -15.72 24.67
CA THR D 289 18.27 -15.78 24.46
C THR D 289 17.53 -14.86 25.41
N SER D 290 18.18 -14.47 26.50
CA SER D 290 17.55 -13.56 27.45
C SER D 290 17.45 -12.16 26.86
N GLN D 291 18.46 -11.74 26.12
CA GLN D 291 18.38 -10.47 25.41
C GLN D 291 17.54 -10.57 24.15
N GLY D 292 17.35 -11.77 23.61
CA GLY D 292 16.66 -11.91 22.35
C GLY D 292 17.40 -11.28 21.19
N LYS D 293 18.71 -11.23 21.25
CA LYS D 293 19.52 -10.55 20.26
C LYS D 293 20.60 -11.49 19.75
N ALA D 294 21.17 -11.12 18.61
CA ALA D 294 22.20 -11.92 17.96
C ALA D 294 23.43 -11.05 17.75
N TYR D 295 24.40 -11.15 18.65
CA TYR D 295 25.71 -10.64 18.34
C TYR D 295 26.36 -11.53 17.28
N ARG D 296 27.37 -10.98 16.62
CA ARG D 296 27.96 -11.54 15.40
C ARG D 296 26.89 -11.81 14.35
N GLN D 297 26.21 -10.75 13.96
CA GLN D 297 25.28 -10.81 12.86
C GLN D 297 26.04 -11.14 11.57
N PRO D 298 25.45 -11.93 10.66
CA PRO D 298 26.17 -12.28 9.44
C PRO D 298 26.28 -11.16 8.43
N LYS D 299 25.60 -10.03 8.64
CA LYS D 299 25.84 -8.91 7.75
C LYS D 299 27.14 -8.19 8.09
N GLN D 300 27.59 -8.30 9.33
CA GLN D 300 29.00 -8.09 9.61
C GLN D 300 29.75 -9.38 9.31
N LYS D 301 31.04 -9.26 9.08
CA LYS D 301 31.83 -10.42 8.70
C LYS D 301 32.48 -11.04 9.93
N LEU D 302 31.64 -11.39 10.90
CA LEU D 302 32.20 -11.92 12.14
C LEU D 302 31.42 -13.11 12.69
N ASP D 303 30.62 -13.78 11.89
CA ASP D 303 30.01 -15.03 12.29
C ASP D 303 31.00 -16.17 12.08
N PHE D 304 30.58 -17.39 12.42
CA PHE D 304 31.51 -18.51 12.41
C PHE D 304 31.79 -18.99 10.99
N TYR D 305 30.77 -18.94 10.13
CA TYR D 305 30.89 -19.59 8.83
C TYR D 305 31.78 -18.80 7.89
N THR D 306 31.64 -17.47 7.87
CA THR D 306 32.47 -16.67 6.97
C THR D 306 33.91 -16.65 7.43
N LEU D 307 34.13 -16.64 8.76
CA LEU D 307 35.49 -16.73 9.29
C LEU D 307 36.13 -18.04 8.91
N LEU D 308 35.38 -19.14 9.01
CA LEU D 308 35.92 -20.45 8.66
C LEU D 308 36.22 -20.56 7.17
N ASP D 309 35.33 -20.01 6.33
CA ASP D 309 35.54 -20.13 4.89
C ASP D 309 36.68 -19.25 4.42
N ASN D 310 36.85 -18.08 5.03
CA ASN D 310 37.98 -17.24 4.66
C ASN D 310 39.28 -17.82 5.16
N TRP D 311 39.24 -18.53 6.28
CA TRP D 311 40.47 -19.15 6.76
C TRP D 311 40.85 -20.38 5.95
N VAL D 312 39.90 -21.21 5.57
CA VAL D 312 40.22 -22.48 4.94
C VAL D 312 40.40 -22.34 3.43
N LEU D 313 39.43 -21.73 2.76
CA LEU D 313 39.43 -21.77 1.31
C LEU D 313 40.38 -20.75 0.70
N ARG D 314 40.43 -19.55 1.26
CA ARG D 314 41.22 -18.48 0.67
C ARG D 314 42.31 -17.97 1.59
N ASP D 315 42.57 -18.68 2.70
CA ASP D 315 43.74 -18.53 3.55
C ASP D 315 43.86 -17.16 4.21
N GLU D 316 42.79 -16.39 4.32
CA GLU D 316 42.84 -15.17 5.10
C GLU D 316 42.69 -15.57 6.56
N ALA D 317 43.82 -15.80 7.21
CA ALA D 317 43.81 -16.05 8.64
C ALA D 317 43.38 -14.79 9.36
N PRO D 318 42.36 -14.84 10.20
CA PRO D 318 41.87 -13.64 10.88
C PRO D 318 42.78 -13.31 12.06
N ALA D 319 42.33 -12.34 12.85
CA ALA D 319 43.00 -11.99 14.09
C ALA D 319 43.00 -13.18 15.05
N VAL D 320 43.98 -13.18 15.96
CA VAL D 320 44.28 -14.36 16.76
C VAL D 320 43.14 -14.67 17.71
N GLU D 321 42.41 -13.65 18.17
CA GLU D 321 41.27 -13.88 19.02
C GLU D 321 40.10 -14.45 18.23
N GLN D 322 39.98 -14.10 16.95
CA GLN D 322 38.98 -14.74 16.11
C GLN D 322 39.33 -16.19 15.84
N GLN D 323 40.62 -16.49 15.77
CA GLN D 323 41.05 -17.87 15.64
C GLN D 323 40.73 -18.66 16.90
N HIS D 324 40.87 -18.01 18.06
CA HIS D 324 40.43 -18.62 19.32
C HIS D 324 38.93 -18.90 19.29
N TYR D 325 38.15 -17.97 18.75
CA TYR D 325 36.71 -18.15 18.67
C TYR D 325 36.33 -19.32 17.76
N VAL D 326 37.00 -19.43 16.62
CA VAL D 326 36.69 -20.50 15.68
C VAL D 326 37.08 -21.85 16.24
N ILE D 327 38.23 -21.91 16.93
CA ILE D 327 38.64 -23.18 17.53
C ILE D 327 37.71 -23.57 18.68
N ALA D 328 37.19 -22.58 19.41
CA ALA D 328 36.23 -22.89 20.47
C ALA D 328 34.93 -23.43 19.88
N ASN D 329 34.49 -22.86 18.77
CA ASN D 329 33.28 -23.37 18.11
C ASN D 329 33.51 -24.76 17.56
N LEU D 330 34.74 -25.09 17.18
CA LEU D 330 35.01 -26.44 16.74
C LEU D 330 35.08 -27.41 17.91
N ILE D 331 35.49 -26.93 19.07
CA ILE D 331 35.50 -27.78 20.26
C ILE D 331 34.08 -28.07 20.72
N ARG D 332 33.19 -27.10 20.55
CA ARG D 332 31.79 -27.27 20.92
C ARG D 332 31.10 -28.35 20.12
N GLY D 333 31.43 -28.47 18.84
CA GLY D 333 30.79 -29.46 17.98
C GLY D 333 29.47 -28.96 17.46
N GLY D 334 29.01 -29.61 16.39
CA GLY D 334 27.76 -29.22 15.78
C GLY D 334 27.60 -29.85 14.41
N VAL D 335 26.66 -29.30 13.66
CA VAL D 335 26.30 -29.78 12.34
C VAL D 335 26.44 -28.63 11.37
N PHE D 336 27.32 -28.77 10.38
CA PHE D 336 27.54 -27.74 9.38
C PHE D 336 27.46 -28.35 8.00
N GLY D 337 27.07 -27.55 7.03
CA GLY D 337 26.96 -28.07 5.69
C GLY D 337 25.60 -27.83 5.08
N GLU D 338 25.21 -28.65 4.10
CA GLU D 338 23.97 -28.41 3.38
C GLU D 338 22.84 -29.26 3.95
N ALA D 339 22.65 -29.10 5.25
CA ALA D 339 21.41 -29.42 5.94
C ALA D 339 20.81 -28.12 6.45
N GLU D 340 20.83 -27.11 5.60
CA GLU D 340 20.57 -25.74 6.00
C GLU D 340 19.09 -25.52 6.31
N GLU D 341 18.83 -24.46 7.05
CA GLU D 341 17.47 -24.10 7.42
C GLU D 341 17.01 -22.88 6.67
N ILE E 5 26.72 -69.38 -23.42
CA ILE E 5 26.96 -70.61 -22.69
C ILE E 5 27.49 -70.29 -21.29
N LEU E 6 26.84 -70.90 -20.29
CA LEU E 6 27.15 -70.73 -18.87
C LEU E 6 27.04 -69.28 -18.45
N SER E 7 25.82 -68.76 -18.46
CA SER E 7 25.58 -67.42 -17.96
C SER E 7 25.37 -67.45 -16.45
N THR E 8 25.12 -66.27 -15.87
CA THR E 8 24.82 -66.19 -14.46
C THR E 8 23.35 -66.54 -14.22
N ALA E 9 23.07 -67.01 -13.00
CA ALA E 9 21.70 -67.29 -12.64
C ALA E 9 20.91 -66.00 -12.45
N SER E 10 19.61 -66.08 -12.67
CA SER E 10 18.78 -64.89 -12.53
C SER E 10 18.48 -64.60 -11.07
N VAL E 11 18.17 -65.64 -10.29
CA VAL E 11 17.97 -65.50 -8.85
C VAL E 11 19.00 -66.36 -8.13
N LEU E 12 19.56 -65.81 -7.07
CA LEU E 12 20.66 -66.45 -6.35
C LEU E 12 20.80 -65.75 -5.01
N ALA E 13 20.82 -66.53 -3.93
CA ALA E 13 20.79 -65.96 -2.59
C ALA E 13 21.63 -66.81 -1.64
N PHE E 14 22.23 -66.14 -0.66
CA PHE E 14 23.12 -66.78 0.29
C PHE E 14 22.71 -66.40 1.70
N GLU E 15 22.68 -67.38 2.59
CA GLU E 15 22.42 -67.07 3.98
C GLU E 15 23.70 -66.64 4.67
N ARG E 16 23.55 -65.79 5.67
CA ARG E 16 24.71 -65.26 6.35
C ARG E 16 25.28 -66.27 7.33
N LYS E 17 26.55 -66.12 7.63
CA LYS E 17 27.18 -66.78 8.75
C LYS E 17 27.54 -65.70 9.76
N LEU E 18 28.12 -66.14 10.88
CA LEU E 18 28.49 -65.27 12.01
C LEU E 18 27.29 -64.49 12.53
N ASP E 19 26.35 -65.22 13.11
CA ASP E 19 25.12 -64.62 13.62
C ASP E 19 25.33 -64.12 15.04
N PRO E 20 25.23 -62.83 15.30
CA PRO E 20 25.26 -62.34 16.67
C PRO E 20 23.86 -62.15 17.23
N SER E 21 23.80 -62.05 18.55
CA SER E 21 22.57 -61.69 19.22
C SER E 21 22.53 -60.17 19.34
N ASP E 22 21.65 -59.66 20.19
CA ASP E 22 21.66 -58.25 20.54
C ASP E 22 22.52 -58.05 21.78
N ALA E 23 23.07 -56.85 21.91
CA ALA E 23 23.95 -56.56 23.03
C ALA E 23 23.16 -55.93 24.15
N LEU E 24 23.36 -56.42 25.36
CA LEU E 24 22.65 -55.91 26.52
C LEU E 24 23.59 -55.09 27.38
N MET E 25 23.11 -53.96 27.87
CA MET E 25 23.93 -53.05 28.64
C MET E 25 23.62 -53.17 30.12
N SER E 26 24.65 -52.99 30.93
CA SER E 26 24.52 -53.01 32.38
C SER E 26 25.71 -52.28 32.97
N ALA E 27 25.59 -51.88 34.23
CA ALA E 27 26.59 -51.04 34.86
C ALA E 27 27.04 -51.62 36.18
N GLY E 28 28.21 -51.19 36.62
CA GLY E 28 28.72 -51.61 37.90
C GLY E 28 30.05 -50.96 38.17
N ALA E 29 30.73 -51.48 39.18
CA ALA E 29 32.01 -50.93 39.60
C ALA E 29 33.15 -51.78 39.09
N TRP E 30 34.22 -51.12 38.64
CA TRP E 30 35.44 -51.80 38.24
C TRP E 30 36.04 -52.50 39.44
N ALA E 31 36.77 -53.59 39.14
CA ALA E 31 37.35 -54.58 40.06
C ALA E 31 36.28 -55.41 40.78
N GLN E 32 35.01 -55.20 40.45
CA GLN E 32 33.96 -56.18 40.71
C GLN E 32 33.55 -56.88 39.43
N ARG E 33 34.36 -56.76 38.38
CA ARG E 33 34.00 -57.28 37.08
C ARG E 33 34.03 -58.80 37.04
N ASP E 34 34.70 -59.45 37.98
CA ASP E 34 34.72 -60.90 38.00
C ASP E 34 33.46 -61.49 38.63
N ALA E 35 32.67 -60.68 39.31
CA ALA E 35 31.42 -61.14 39.90
C ALA E 35 30.21 -60.47 39.27
N SER E 36 30.25 -60.26 37.95
CA SER E 36 29.25 -59.44 37.29
C SER E 36 28.16 -60.33 36.70
N GLN E 37 27.29 -60.80 37.59
CA GLN E 37 26.10 -61.52 37.17
C GLN E 37 24.83 -60.86 37.67
N GLU E 38 24.92 -60.05 38.71
CA GLU E 38 23.78 -59.34 39.26
C GLU E 38 23.87 -57.86 39.00
N TRP E 39 24.62 -57.45 38.00
CA TRP E 39 24.76 -56.04 37.71
C TRP E 39 23.46 -55.53 37.09
N PRO E 40 22.91 -54.43 37.60
CA PRO E 40 21.60 -53.98 37.12
C PRO E 40 21.71 -53.37 35.74
N ALA E 41 20.58 -53.36 35.04
CA ALA E 41 20.57 -52.90 33.67
C ALA E 41 20.62 -51.38 33.62
N VAL E 42 20.86 -50.86 32.43
CA VAL E 42 20.82 -49.44 32.19
C VAL E 42 19.49 -49.09 31.54
N THR E 43 18.76 -48.18 32.14
CA THR E 43 17.45 -47.80 31.66
C THR E 43 17.52 -46.48 30.92
N VAL E 44 16.64 -46.33 29.94
CA VAL E 44 16.52 -45.09 29.19
C VAL E 44 15.51 -44.21 29.91
N ARG E 45 15.58 -42.91 29.65
CA ARG E 45 14.68 -41.96 30.28
C ARG E 45 14.26 -40.92 29.26
N GLU E 46 13.68 -39.84 29.75
CA GLU E 46 13.32 -38.71 28.91
C GLU E 46 13.77 -37.43 29.59
N LYS E 47 14.14 -36.45 28.78
CA LYS E 47 14.45 -35.13 29.30
C LYS E 47 14.12 -34.10 28.24
N SER E 48 14.01 -32.86 28.67
CA SER E 48 13.61 -31.79 27.77
C SER E 48 14.82 -30.99 27.35
N VAL E 49 14.77 -30.44 26.14
CA VAL E 49 15.83 -29.59 25.61
C VAL E 49 15.22 -28.38 24.93
N ARG E 50 15.83 -27.22 25.16
CA ARG E 50 15.48 -26.00 24.45
C ARG E 50 16.74 -25.50 23.78
N GLY E 51 16.70 -25.37 22.46
CA GLY E 51 17.85 -24.92 21.72
C GLY E 51 17.45 -23.93 20.66
N THR E 52 18.43 -23.23 20.15
CA THR E 52 18.21 -22.18 19.16
C THR E 52 18.70 -22.66 17.80
N ILE E 53 18.64 -21.75 16.83
CA ILE E 53 19.06 -22.05 15.47
C ILE E 53 20.59 -22.03 15.43
N SER E 54 21.17 -23.06 14.83
CA SER E 54 22.61 -23.15 14.76
C SER E 54 23.14 -23.61 13.41
N ASN E 55 22.28 -23.83 12.42
CA ASN E 55 22.79 -24.27 11.13
C ASN E 55 23.08 -23.09 10.24
N ARG E 56 23.53 -23.38 9.03
CA ARG E 56 23.63 -22.35 8.02
C ARG E 56 22.24 -21.90 7.61
N LEU E 57 22.08 -20.60 7.42
CA LEU E 57 20.81 -20.07 6.95
C LEU E 57 20.76 -20.20 5.44
N LYS E 58 19.55 -20.34 4.90
CA LYS E 58 19.41 -20.52 3.47
C LYS E 58 19.77 -19.25 2.72
N THR E 59 19.16 -18.14 3.08
CA THR E 59 19.63 -16.83 2.67
C THR E 59 20.64 -16.37 3.71
N LYS E 60 21.80 -15.90 3.24
CA LYS E 60 22.94 -15.75 4.15
C LYS E 60 22.79 -14.52 5.03
N ASP E 61 22.70 -13.34 4.43
CA ASP E 61 22.73 -12.12 5.23
C ASP E 61 21.72 -11.11 4.72
N ARG E 62 20.59 -11.56 4.20
CA ARG E 62 19.57 -10.66 3.72
C ARG E 62 18.51 -10.35 4.75
N ASP E 63 18.54 -11.01 5.91
CA ASP E 63 17.49 -10.79 6.90
C ASP E 63 18.01 -11.04 8.30
N PRO E 64 18.41 -10.00 9.03
CA PRO E 64 18.76 -10.21 10.44
C PRO E 64 17.55 -10.33 11.34
N ALA E 65 16.46 -9.65 10.98
CA ALA E 65 15.29 -9.64 11.85
C ALA E 65 14.63 -11.01 11.92
N LYS E 66 14.74 -11.79 10.84
CA LYS E 66 14.27 -13.16 10.89
C LYS E 66 15.09 -13.99 11.85
N LEU E 67 16.38 -13.68 11.96
CA LEU E 67 17.23 -14.38 12.91
C LEU E 67 16.84 -14.05 14.34
N ASP E 68 16.56 -12.77 14.62
CA ASP E 68 16.12 -12.42 15.97
C ASP E 68 14.74 -12.99 16.28
N ALA E 69 13.86 -13.04 15.29
CA ALA E 69 12.54 -13.61 15.51
C ALA E 69 12.62 -15.10 15.78
N SER E 70 13.56 -15.79 15.13
CA SER E 70 13.73 -17.20 15.40
C SER E 70 14.38 -17.42 16.76
N ILE E 71 15.19 -16.46 17.22
CA ILE E 71 15.78 -16.58 18.54
C ILE E 71 14.71 -16.42 19.61
N GLN E 72 13.79 -15.47 19.42
CA GLN E 72 12.82 -15.20 20.49
C GLN E 72 11.73 -16.25 20.61
N SER E 73 11.63 -17.19 19.68
CA SER E 73 10.70 -18.31 19.78
C SER E 73 11.49 -19.58 19.52
N PRO E 74 12.18 -20.10 20.52
CA PRO E 74 13.09 -21.23 20.28
C PRO E 74 12.36 -22.54 20.12
N ASN E 75 13.13 -23.61 19.96
CA ASN E 75 12.59 -24.92 19.66
C ASN E 75 12.62 -25.80 20.90
N LEU E 76 11.54 -26.53 21.15
CA LEU E 76 11.40 -27.37 22.32
C LEU E 76 11.21 -28.82 21.90
N GLN E 77 11.89 -29.73 22.56
CA GLN E 77 11.84 -31.13 22.19
C GLN E 77 11.92 -32.01 23.42
N THR E 78 11.54 -33.27 23.23
CA THR E 78 11.71 -34.31 24.21
C THR E 78 12.66 -35.35 23.61
N VAL E 79 13.59 -35.83 24.42
CA VAL E 79 14.72 -36.59 23.91
C VAL E 79 15.03 -37.71 24.89
N ASP E 80 15.29 -38.91 24.37
CA ASP E 80 15.70 -40.01 25.22
C ASP E 80 17.19 -39.95 25.52
N VAL E 81 17.57 -40.52 26.64
CA VAL E 81 18.95 -40.46 27.10
C VAL E 81 19.22 -41.68 27.95
N ALA E 82 20.46 -42.12 27.96
CA ALA E 82 20.88 -43.24 28.79
C ALA E 82 22.15 -42.84 29.51
N ASN E 83 22.18 -43.02 30.81
CA ASN E 83 23.34 -42.66 31.61
C ASN E 83 23.73 -43.81 32.51
N LEU E 84 24.96 -43.78 32.96
CA LEU E 84 25.34 -44.66 34.04
C LEU E 84 24.71 -44.14 35.32
N PRO E 85 24.56 -44.98 36.34
CA PRO E 85 24.24 -44.47 37.67
C PRO E 85 25.39 -43.64 38.21
N SER E 86 25.08 -42.83 39.22
CA SER E 86 26.05 -41.88 39.73
C SER E 86 27.03 -42.49 40.72
N ASP E 87 27.12 -43.81 40.82
CA ASP E 87 28.05 -44.47 41.71
C ASP E 87 28.68 -45.69 41.07
N ALA E 88 28.58 -45.82 39.76
CA ALA E 88 29.20 -46.90 39.01
C ALA E 88 29.98 -46.29 37.86
N ASP E 89 31.11 -46.90 37.52
CA ASP E 89 32.01 -46.32 36.53
C ASP E 89 32.38 -47.28 35.43
N THR E 90 31.59 -48.33 35.20
CA THR E 90 31.96 -49.35 34.25
C THR E 90 30.73 -49.83 33.51
N LEU E 91 30.81 -49.82 32.19
CA LEU E 91 29.76 -50.35 31.33
C LEU E 91 30.03 -51.81 31.08
N LYS E 92 28.97 -52.61 30.96
CA LYS E 92 29.10 -54.02 30.66
C LYS E 92 28.19 -54.38 29.50
N VAL E 93 28.77 -54.99 28.46
CA VAL E 93 28.06 -55.32 27.24
C VAL E 93 28.27 -56.80 26.96
N ARG E 94 27.18 -57.53 26.74
CA ARG E 94 27.25 -58.98 26.63
C ARG E 94 26.38 -59.47 25.48
N PHE E 95 26.96 -60.31 24.63
CA PHE E 95 26.21 -60.94 23.56
C PHE E 95 26.87 -62.26 23.20
N THR E 96 26.19 -63.04 22.38
CA THR E 96 26.67 -64.34 21.93
C THR E 96 26.82 -64.35 20.42
N LEU E 97 27.69 -65.22 19.93
CA LEU E 97 27.99 -65.32 18.51
C LEU E 97 28.03 -66.77 18.09
N ARG E 98 27.41 -67.06 16.94
CA ARG E 98 27.28 -68.40 16.42
C ARG E 98 27.91 -68.47 15.03
N VAL E 99 28.83 -69.41 14.85
CA VAL E 99 29.49 -69.65 13.56
C VAL E 99 28.91 -70.93 12.98
N LEU E 100 28.66 -70.93 11.67
CA LEU E 100 27.91 -72.01 11.05
C LEU E 100 28.74 -72.88 10.11
N GLY E 101 29.36 -72.30 9.10
CA GLY E 101 30.05 -73.10 8.12
C GLY E 101 29.14 -73.63 7.03
N GLY E 102 29.76 -74.08 5.95
CA GLY E 102 29.01 -74.43 4.75
C GLY E 102 28.87 -73.21 3.88
N ALA E 103 30.01 -72.57 3.60
CA ALA E 103 29.99 -71.19 3.11
C ALA E 103 29.58 -71.11 1.65
N GLY E 104 29.93 -72.12 0.86
CA GLY E 104 29.78 -71.98 -0.58
C GLY E 104 28.34 -72.09 -1.05
N THR E 105 27.56 -72.94 -0.40
CA THR E 105 26.28 -73.35 -0.95
C THR E 105 25.25 -72.24 -0.85
N PRO E 106 24.63 -71.83 -1.95
CA PRO E 106 23.54 -70.86 -1.87
C PRO E 106 22.27 -71.52 -1.37
N SER E 107 21.30 -70.67 -1.07
CA SER E 107 19.99 -71.13 -0.64
C SER E 107 18.96 -71.06 -1.74
N ALA E 108 19.32 -70.49 -2.90
CA ALA E 108 18.41 -70.39 -4.03
C ALA E 108 19.25 -70.22 -5.28
N CYS E 109 18.79 -70.77 -6.40
CA CYS E 109 19.53 -70.76 -7.64
C CYS E 109 18.58 -71.12 -8.79
N ASN E 110 19.09 -70.98 -10.01
CA ASN E 110 18.35 -71.37 -11.20
C ASN E 110 19.04 -72.47 -11.98
N ASP E 111 20.28 -72.25 -12.39
CA ASP E 111 20.99 -73.23 -13.19
C ASP E 111 21.76 -74.18 -12.28
N ALA E 112 21.70 -75.47 -12.60
CA ALA E 112 22.46 -76.45 -11.82
C ALA E 112 23.94 -76.39 -12.18
N ALA E 113 24.25 -76.11 -13.44
CA ALA E 113 25.64 -76.05 -13.85
C ALA E 113 26.33 -74.84 -13.23
N TYR E 114 25.59 -73.75 -13.05
CA TYR E 114 26.12 -72.55 -12.42
C TYR E 114 26.53 -72.81 -10.99
N ARG E 115 25.64 -73.43 -10.21
CA ARG E 115 25.98 -73.70 -8.82
C ARG E 115 27.01 -74.79 -8.68
N ASP E 116 27.06 -75.73 -9.64
CA ASP E 116 28.08 -76.76 -9.59
C ASP E 116 29.46 -76.17 -9.83
N LYS E 117 29.58 -75.31 -10.84
CA LYS E 117 30.81 -74.57 -11.11
C LYS E 117 31.19 -73.71 -9.91
N LEU E 118 30.18 -73.11 -9.26
CA LEU E 118 30.42 -72.25 -8.12
C LEU E 118 31.00 -73.02 -6.94
N LEU E 119 30.36 -74.11 -6.56
CA LEU E 119 30.85 -74.79 -5.37
C LEU E 119 32.12 -75.58 -5.64
N GLN E 120 32.39 -75.93 -6.90
CA GLN E 120 33.70 -76.52 -7.14
C GLN E 120 34.79 -75.45 -7.12
N THR E 121 34.46 -74.20 -7.49
CA THR E 121 35.41 -73.11 -7.33
C THR E 121 35.70 -72.84 -5.86
N VAL E 122 34.66 -72.89 -5.03
CA VAL E 122 34.84 -72.69 -3.60
C VAL E 122 35.63 -73.84 -2.99
N ALA E 123 35.43 -75.05 -3.50
CA ALA E 123 36.21 -76.19 -3.04
C ALA E 123 37.68 -76.05 -3.41
N THR E 124 37.96 -75.48 -4.59
CA THR E 124 39.35 -75.23 -4.95
C THR E 124 39.97 -74.18 -4.04
N TYR E 125 39.23 -73.13 -3.72
CA TYR E 125 39.76 -72.10 -2.80
C TYR E 125 40.04 -72.68 -1.43
N VAL E 126 39.12 -73.48 -0.92
CA VAL E 126 39.31 -74.04 0.40
C VAL E 126 40.36 -75.14 0.38
N ASN E 127 40.70 -75.67 -0.80
CA ASN E 127 41.80 -76.61 -0.87
C ASN E 127 43.14 -75.90 -0.94
N GLU E 128 43.19 -74.74 -1.59
CA GLU E 128 44.44 -73.96 -1.64
C GLU E 128 44.83 -73.49 -0.24
N GLN E 129 44.02 -72.61 0.33
CA GLN E 129 44.21 -72.12 1.68
C GLN E 129 43.01 -72.52 2.50
N GLY E 130 43.21 -72.58 3.82
CA GLY E 130 42.10 -72.72 4.72
C GLY E 130 41.39 -71.40 4.92
N PHE E 131 40.60 -71.35 5.97
CA PHE E 131 39.98 -70.11 6.36
C PHE E 131 40.84 -69.30 7.30
N ALA E 132 42.15 -69.54 7.33
CA ALA E 132 43.00 -69.07 8.42
C ALA E 132 43.20 -67.57 8.37
N GLU E 133 43.27 -66.99 7.18
CA GLU E 133 43.48 -65.55 7.08
C GLU E 133 42.26 -64.78 7.52
N LEU E 134 41.09 -65.19 7.04
CA LEU E 134 39.84 -64.52 7.41
C LEU E 134 39.53 -64.72 8.88
N ALA E 135 39.81 -65.91 9.41
CA ALA E 135 39.57 -66.16 10.81
C ALA E 135 40.53 -65.37 11.69
N ARG E 136 41.76 -65.17 11.19
CA ARG E 136 42.72 -64.33 11.91
C ARG E 136 42.22 -62.89 11.98
N ARG E 137 41.71 -62.38 10.86
CA ARG E 137 41.23 -61.00 10.84
C ARG E 137 39.96 -60.85 11.71
N TYR E 138 39.09 -61.86 11.70
CA TYR E 138 37.89 -61.81 12.53
C TYR E 138 38.23 -61.85 14.01
N ALA E 139 39.18 -62.70 14.40
CA ALA E 139 39.59 -62.76 15.79
C ALA E 139 40.30 -61.49 16.21
N HIS E 140 40.97 -60.83 15.27
CA HIS E 140 41.57 -59.54 15.59
C HIS E 140 40.51 -58.49 15.82
N ASN E 141 39.46 -58.47 15.00
CA ASN E 141 38.39 -57.51 15.19
C ASN E 141 37.59 -57.81 16.46
N LEU E 142 37.60 -59.05 16.90
CA LEU E 142 37.01 -59.41 18.18
C LEU E 142 37.91 -59.12 19.36
N ALA E 143 39.21 -59.03 19.13
CA ALA E 143 40.15 -58.77 20.22
C ALA E 143 39.98 -57.37 20.75
N ASN E 144 40.18 -56.36 19.91
CA ASN E 144 39.81 -55.02 20.29
C ASN E 144 38.30 -54.93 20.32
N ALA E 145 37.77 -54.06 21.18
CA ALA E 145 36.32 -53.99 21.28
C ALA E 145 35.78 -52.99 20.28
N ARG E 146 35.85 -53.32 18.99
CA ARG E 146 35.37 -52.39 17.98
C ARG E 146 33.85 -52.28 17.99
N PHE E 147 33.17 -53.30 18.50
CA PHE E 147 31.71 -53.25 18.53
C PHE E 147 31.17 -52.27 19.55
N LEU E 148 31.98 -51.84 20.51
CA LEU E 148 31.66 -50.64 21.26
C LEU E 148 32.00 -49.48 20.35
N TRP E 149 31.00 -48.85 19.76
CA TRP E 149 31.32 -47.89 18.72
C TRP E 149 31.76 -46.55 19.29
N ARG E 150 30.87 -45.85 19.96
CA ARG E 150 31.23 -44.57 20.54
C ARG E 150 31.67 -44.72 21.98
N ASN E 151 31.27 -45.81 22.64
CA ASN E 151 31.66 -46.02 24.02
C ASN E 151 33.11 -46.43 24.16
N ARG E 152 33.76 -46.85 23.09
CA ARG E 152 35.20 -47.07 23.12
C ARG E 152 35.99 -45.78 23.12
N VAL E 153 35.43 -44.70 22.58
CA VAL E 153 36.18 -43.48 22.37
C VAL E 153 36.43 -42.78 23.70
N GLY E 154 37.70 -42.56 24.01
CA GLY E 154 38.04 -41.86 25.22
C GLY E 154 37.87 -42.66 26.49
N ALA E 155 37.77 -43.98 26.40
CA ALA E 155 37.71 -44.80 27.59
C ALA E 155 39.08 -44.88 28.25
N GLU E 156 39.09 -45.31 29.50
CA GLU E 156 40.35 -45.40 30.22
C GLU E 156 41.00 -46.77 30.07
N ALA E 157 40.22 -47.84 30.31
CA ALA E 157 40.77 -49.19 30.18
C ALA E 157 39.62 -50.11 29.82
N VAL E 158 39.76 -50.85 28.73
CA VAL E 158 38.71 -51.72 28.23
C VAL E 158 39.26 -53.12 28.05
N GLU E 159 38.55 -54.11 28.61
CA GLU E 159 39.01 -55.48 28.62
C GLU E 159 37.86 -56.40 28.26
N VAL E 160 38.10 -57.30 27.30
CA VAL E 160 37.07 -58.22 26.84
C VAL E 160 37.36 -59.60 27.38
N ARG E 161 36.38 -60.49 27.23
CA ARG E 161 36.46 -61.83 27.80
C ARG E 161 35.53 -62.76 27.03
N ILE E 162 36.10 -63.81 26.46
CA ILE E 162 35.38 -64.72 25.58
C ILE E 162 35.40 -66.11 26.17
N ASN E 163 34.25 -66.78 26.16
CA ASN E 163 34.13 -68.15 26.64
C ASN E 163 33.69 -69.06 25.51
N HIS E 164 34.17 -70.29 25.53
CA HIS E 164 33.78 -71.30 24.55
C HIS E 164 32.82 -72.27 25.21
N ILE E 165 31.63 -72.40 24.65
CA ILE E 165 30.51 -73.05 25.31
C ILE E 165 30.08 -74.21 24.43
N ARG E 166 30.28 -75.44 24.91
CA ARG E 166 29.87 -76.61 24.13
C ARG E 166 28.64 -77.30 24.73
N GLN E 167 28.72 -77.72 25.98
CA GLN E 167 27.57 -78.08 26.77
C GLN E 167 27.16 -76.85 27.55
N GLY E 168 26.38 -77.03 28.60
CA GLY E 168 26.00 -75.90 29.44
C GLY E 168 27.09 -75.21 30.24
N GLU E 169 28.37 -75.52 30.00
CA GLU E 169 29.48 -74.92 30.70
C GLU E 169 30.54 -74.48 29.70
N VAL E 170 31.61 -73.93 30.23
CA VAL E 170 32.64 -73.27 29.43
C VAL E 170 33.82 -74.21 29.21
N ALA E 171 34.28 -74.28 27.97
CA ALA E 171 35.45 -75.06 27.61
C ALA E 171 36.75 -74.30 27.83
N ARG E 172 36.93 -73.16 27.16
CA ARG E 172 38.15 -72.40 27.28
C ARG E 172 37.80 -70.91 27.39
N THR E 173 38.51 -70.21 28.28
CA THR E 173 38.36 -68.78 28.46
C THR E 173 39.50 -68.05 27.79
N TRP E 174 39.25 -66.80 27.43
CA TRP E 174 40.29 -65.88 26.97
C TRP E 174 40.12 -64.55 27.68
N ARG E 175 41.21 -63.81 27.79
CA ARG E 175 41.19 -62.44 28.27
C ARG E 175 42.13 -61.60 27.45
N PHE E 176 41.78 -60.34 27.25
CA PHE E 176 42.61 -59.46 26.45
C PHE E 176 42.58 -58.05 27.02
N ASP E 177 43.47 -57.22 26.52
CA ASP E 177 43.41 -55.78 26.71
C ASP E 177 43.14 -55.19 25.34
N ALA E 178 41.96 -54.58 25.17
CA ALA E 178 41.56 -54.13 23.86
C ALA E 178 42.30 -52.88 23.42
N LEU E 179 42.98 -52.19 24.31
CA LEU E 179 43.75 -51.04 23.90
C LEU E 179 45.18 -51.39 23.52
N ALA E 180 45.61 -52.63 23.79
CA ALA E 180 46.88 -53.09 23.24
C ALA E 180 46.76 -53.29 21.74
N ILE E 181 45.72 -53.99 21.30
CA ILE E 181 45.47 -54.22 19.88
C ILE E 181 44.82 -52.96 19.32
N GLY E 182 45.50 -52.30 18.40
CA GLY E 182 44.92 -51.12 17.80
C GLY E 182 43.87 -51.46 16.78
N LEU E 183 43.23 -50.41 16.27
CA LEU E 183 42.27 -50.55 15.19
C LEU E 183 42.91 -50.35 13.83
N ARG E 184 44.20 -50.61 13.68
CA ARG E 184 44.93 -50.19 12.50
C ARG E 184 45.63 -51.33 11.77
N ASP E 185 46.00 -52.41 12.45
CA ASP E 185 46.82 -53.43 11.85
C ASP E 185 46.53 -54.78 12.46
N PHE E 186 47.05 -55.82 11.84
CA PHE E 186 46.76 -57.21 12.21
C PHE E 186 48.08 -57.91 12.52
N LYS E 187 48.37 -58.04 13.80
CA LYS E 187 49.59 -58.67 14.29
C LYS E 187 49.32 -60.15 14.54
N ALA E 188 50.23 -60.81 15.27
CA ALA E 188 50.04 -62.20 15.66
C ALA E 188 50.36 -62.38 17.13
N ASP E 189 49.64 -63.29 17.76
CA ASP E 189 49.83 -63.64 19.17
C ASP E 189 49.13 -64.97 19.41
N ALA E 190 49.76 -65.80 20.25
CA ALA E 190 49.43 -67.23 20.33
C ALA E 190 48.01 -67.47 20.81
N GLU E 191 47.55 -66.66 21.77
CA GLU E 191 46.16 -66.74 22.22
C GLU E 191 45.21 -66.35 21.09
N LEU E 192 45.57 -65.29 20.36
CA LEU E 192 44.75 -64.87 19.23
C LEU E 192 44.77 -65.91 18.13
N ASP E 193 45.89 -66.62 17.97
CA ASP E 193 45.92 -67.65 16.94
C ASP E 193 45.13 -68.88 17.35
N ALA E 194 45.09 -69.19 18.65
CA ALA E 194 44.25 -70.29 19.11
C ALA E 194 42.77 -69.97 18.91
N LEU E 195 42.39 -68.73 19.21
CA LEU E 195 41.04 -68.28 18.92
C LEU E 195 40.75 -68.34 17.42
N ALA E 196 41.71 -67.92 16.60
CA ALA E 196 41.51 -67.87 15.17
C ALA E 196 41.37 -69.27 14.57
N GLU E 197 42.11 -70.24 15.08
CA GLU E 197 41.94 -71.58 14.54
C GLU E 197 40.67 -72.21 15.04
N LEU E 198 40.18 -71.80 16.21
CA LEU E 198 38.83 -72.23 16.60
C LEU E 198 37.78 -71.70 15.66
N ILE E 199 37.91 -70.43 15.26
CA ILE E 199 37.00 -69.83 14.29
C ILE E 199 37.09 -70.55 12.95
N ALA E 200 38.31 -70.89 12.53
CA ALA E 200 38.49 -71.56 11.24
C ALA E 200 37.95 -72.98 11.29
N SER E 201 38.03 -73.63 12.45
CA SER E 201 37.42 -74.94 12.62
C SER E 201 35.91 -74.85 12.52
N GLY E 202 35.34 -73.77 13.06
CA GLY E 202 33.90 -73.60 12.93
C GLY E 202 33.46 -73.29 11.52
N LEU E 203 34.27 -72.52 10.79
CA LEU E 203 33.90 -72.11 9.44
C LEU E 203 34.01 -73.24 8.45
N SER E 204 34.89 -74.21 8.73
CA SER E 204 35.14 -75.28 7.77
C SER E 204 34.02 -76.32 7.74
N GLY E 205 33.11 -76.30 8.70
CA GLY E 205 32.16 -77.37 8.84
C GLY E 205 32.67 -78.53 9.68
N SER E 206 33.86 -78.41 10.26
CA SER E 206 34.44 -79.47 11.06
C SER E 206 33.80 -79.61 12.43
N GLY E 207 32.93 -78.69 12.81
CA GLY E 207 32.26 -78.77 14.09
C GLY E 207 31.64 -77.45 14.41
N HIS E 208 30.66 -77.50 15.31
CA HIS E 208 29.96 -76.29 15.73
C HIS E 208 30.77 -75.59 16.81
N VAL E 209 30.59 -74.28 16.91
CA VAL E 209 31.21 -73.47 17.94
C VAL E 209 30.21 -72.42 18.40
N LEU E 210 30.24 -72.11 19.69
CA LEU E 210 29.37 -71.09 20.26
C LEU E 210 30.18 -70.31 21.28
N LEU E 211 30.22 -68.99 21.11
CA LEU E 211 31.00 -68.14 21.99
C LEU E 211 30.10 -67.09 22.62
N GLU E 212 30.44 -66.69 23.83
CA GLU E 212 29.82 -65.54 24.46
C GLU E 212 30.90 -64.50 24.74
N VAL E 213 30.55 -63.24 24.55
CA VAL E 213 31.49 -62.14 24.61
C VAL E 213 30.99 -61.16 25.66
N VAL E 214 31.90 -60.69 26.51
CA VAL E 214 31.59 -59.70 27.52
C VAL E 214 32.69 -58.66 27.50
N ALA E 215 32.32 -57.40 27.37
CA ALA E 215 33.28 -56.31 27.35
C ALA E 215 32.99 -55.34 28.48
N PHE E 216 34.04 -54.89 29.16
CA PHE E 216 33.95 -53.87 30.20
C PHE E 216 34.65 -52.63 29.72
N ALA E 217 34.08 -51.46 30.00
CA ALA E 217 34.69 -50.19 29.63
C ALA E 217 34.59 -49.23 30.80
N ARG E 218 35.73 -48.71 31.23
CA ARG E 218 35.78 -47.77 32.36
C ARG E 218 35.58 -46.37 31.82
N ILE E 219 34.44 -45.78 32.13
CA ILE E 219 34.04 -44.51 31.52
C ILE E 219 34.06 -43.38 32.53
N GLY E 220 33.34 -43.55 33.63
CA GLY E 220 33.23 -42.53 34.64
C GLY E 220 31.80 -42.53 35.15
N ASP E 221 31.62 -42.00 36.36
CA ASP E 221 30.32 -42.08 37.02
C ASP E 221 29.33 -41.10 36.41
N GLY E 222 28.14 -41.58 36.13
CA GLY E 222 27.09 -40.74 35.61
C GLY E 222 27.27 -40.27 34.18
N GLN E 223 28.23 -40.82 33.46
CA GLN E 223 28.46 -40.38 32.09
C GLN E 223 27.42 -40.98 31.16
N GLU E 224 27.54 -40.65 29.89
CA GLU E 224 26.53 -41.00 28.90
C GLU E 224 26.98 -42.21 28.09
N VAL E 225 26.09 -43.17 27.91
CA VAL E 225 26.33 -44.30 27.04
C VAL E 225 25.45 -44.15 25.82
N PHE E 226 25.66 -45.04 24.83
CA PHE E 226 25.09 -44.86 23.50
C PHE E 226 24.53 -46.16 22.97
N PRO E 227 23.24 -46.37 23.07
CA PRO E 227 22.60 -47.48 22.37
C PRO E 227 22.25 -47.07 20.95
N SER E 228 21.54 -47.96 20.25
CA SER E 228 21.12 -47.65 18.90
C SER E 228 19.88 -46.77 18.91
N GLN E 229 19.56 -46.21 17.77
CA GLN E 229 18.42 -45.32 17.64
C GLN E 229 17.32 -45.96 16.81
N GLU E 230 16.19 -45.26 16.70
CA GLU E 230 15.00 -45.79 16.07
C GLU E 230 14.45 -44.78 15.07
N LEU E 231 13.23 -45.04 14.62
CA LEU E 231 12.57 -44.22 13.61
C LEU E 231 11.50 -43.33 14.22
N ILE E 232 11.58 -42.04 13.93
CA ILE E 232 10.64 -41.03 14.41
C ILE E 232 10.00 -40.42 13.16
N LEU E 233 9.73 -41.26 12.17
CA LEU E 233 9.08 -40.80 10.95
C LEU E 233 7.70 -40.25 11.25
N ASP E 234 7.36 -39.14 10.54
CA ASP E 234 6.09 -38.38 10.60
C ASP E 234 5.60 -38.05 12.02
N LYS E 235 6.51 -37.93 12.99
CA LYS E 235 6.13 -37.62 14.35
C LYS E 235 6.79 -36.36 14.91
N GLY E 236 7.76 -35.77 14.19
CA GLY E 236 8.44 -34.60 14.70
C GLY E 236 8.14 -33.33 13.92
N ASP E 237 6.97 -33.29 13.29
CA ASP E 237 6.60 -32.20 12.40
C ASP E 237 5.44 -31.36 12.90
N LYS E 238 4.39 -32.00 13.45
CA LYS E 238 3.20 -31.28 13.87
C LYS E 238 3.47 -30.43 15.10
N LYS E 239 4.04 -31.03 16.13
CA LYS E 239 4.50 -30.31 17.32
C LYS E 239 5.99 -30.50 17.54
N GLY E 240 6.56 -31.60 17.05
CA GLY E 240 7.97 -31.87 17.17
C GLY E 240 8.43 -32.18 18.56
N GLN E 241 7.58 -32.78 19.39
CA GLN E 241 7.94 -32.94 20.78
C GLN E 241 8.90 -34.09 20.98
N LYS E 242 8.48 -35.31 20.69
CA LYS E 242 9.38 -36.46 20.75
C LYS E 242 10.25 -36.43 19.50
N SER E 243 11.56 -36.54 19.68
CA SER E 243 12.43 -36.40 18.52
C SER E 243 13.60 -37.39 18.50
N LYS E 244 13.71 -38.27 19.48
CA LYS E 244 14.80 -39.22 19.53
C LYS E 244 14.48 -40.36 20.48
N THR E 245 14.46 -41.59 20.01
CA THR E 245 14.22 -42.73 20.88
C THR E 245 15.36 -43.72 20.72
N LEU E 246 15.64 -44.45 21.79
CA LEU E 246 16.70 -45.44 21.79
C LEU E 246 16.09 -46.84 21.79
N TYR E 247 16.84 -47.80 21.28
CA TYR E 247 16.36 -49.16 21.19
C TYR E 247 16.57 -49.85 22.52
N SER E 248 15.54 -50.54 22.99
CA SER E 248 15.65 -51.22 24.27
C SER E 248 14.78 -52.47 24.25
N VAL E 249 15.37 -53.59 24.66
CA VAL E 249 14.65 -54.85 24.73
C VAL E 249 14.40 -55.17 26.20
N ARG E 250 13.12 -55.17 26.58
CA ARG E 250 12.64 -55.43 27.93
C ARG E 250 13.32 -54.52 28.95
N ASP E 251 13.01 -53.22 28.80
CA ASP E 251 13.46 -52.08 29.58
C ASP E 251 14.95 -52.04 29.94
N ALA E 252 15.79 -52.52 29.03
CA ALA E 252 17.23 -52.41 29.19
C ALA E 252 17.80 -51.93 27.89
N ALA E 253 18.75 -51.00 27.95
CA ALA E 253 19.28 -50.38 26.74
C ALA E 253 20.09 -51.37 25.93
N ALA E 254 19.98 -51.29 24.61
CA ALA E 254 20.52 -52.33 23.77
C ALA E 254 21.03 -51.77 22.45
N ILE E 255 21.87 -52.56 21.80
CA ILE E 255 22.39 -52.28 20.48
C ILE E 255 21.79 -53.30 19.52
N HIS E 256 21.51 -52.87 18.29
CA HIS E 256 21.01 -53.79 17.27
C HIS E 256 22.07 -54.83 16.94
N SER E 257 21.60 -55.96 16.42
CA SER E 257 22.52 -57.03 16.06
C SER E 257 23.35 -56.66 14.85
N GLN E 258 22.74 -56.01 13.87
CA GLN E 258 23.43 -55.76 12.62
C GLN E 258 24.48 -54.66 12.75
N LYS E 259 24.40 -53.84 13.80
CA LYS E 259 25.49 -52.90 14.07
C LYS E 259 26.73 -53.66 14.52
N ILE E 260 26.55 -54.68 15.35
CA ILE E 260 27.66 -55.52 15.75
C ILE E 260 28.19 -56.31 14.57
N GLY E 261 27.28 -56.81 13.73
CA GLY E 261 27.71 -57.53 12.54
C GLY E 261 28.44 -56.67 11.55
N ASN E 262 28.11 -55.38 11.50
CA ASN E 262 28.89 -54.45 10.69
C ASN E 262 30.24 -54.20 11.33
N ALA E 263 30.30 -54.20 12.66
CA ALA E 263 31.57 -53.96 13.32
C ALA E 263 32.52 -55.14 13.20
N LEU E 264 31.97 -56.34 13.00
CA LEU E 264 32.83 -57.53 12.96
C LEU E 264 33.58 -57.64 11.65
N ARG E 265 32.92 -57.34 10.53
CA ARG E 265 33.51 -57.60 9.23
C ARG E 265 34.26 -56.41 8.66
N THR E 266 34.79 -55.52 9.51
CA THR E 266 35.71 -54.49 9.05
C THR E 266 37.10 -55.09 9.01
N ILE E 267 37.39 -55.79 7.92
CA ILE E 267 38.67 -56.46 7.74
C ILE E 267 39.32 -56.13 6.40
N ASP E 268 38.62 -55.42 5.52
CA ASP E 268 39.09 -55.24 4.16
C ASP E 268 40.17 -54.16 4.11
N THR E 269 41.39 -54.59 3.81
CA THR E 269 42.54 -53.68 3.67
C THR E 269 43.02 -53.59 2.23
N TRP E 270 42.38 -54.30 1.31
CA TRP E 270 42.91 -54.47 -0.03
C TRP E 270 42.19 -53.61 -1.06
N TYR E 271 41.47 -52.58 -0.64
CA TYR E 271 40.85 -51.69 -1.58
C TYR E 271 41.92 -50.80 -2.22
N PRO E 272 41.77 -50.44 -3.50
CA PRO E 272 42.93 -49.95 -4.26
C PRO E 272 43.37 -48.54 -3.92
N ASP E 273 42.56 -47.78 -3.18
CA ASP E 273 42.83 -46.35 -3.01
C ASP E 273 44.08 -46.12 -2.17
N GLU E 274 44.06 -46.57 -0.93
CA GLU E 274 45.20 -46.35 -0.04
C GLU E 274 45.19 -47.44 1.02
N ASP E 275 46.21 -47.42 1.86
CA ASP E 275 46.30 -48.34 2.99
C ASP E 275 46.55 -47.63 4.31
N GLY E 276 46.87 -46.34 4.28
CA GLY E 276 47.01 -45.56 5.50
C GLY E 276 45.71 -45.08 6.11
N LEU E 277 44.57 -45.52 5.57
CA LEU E 277 43.27 -45.10 6.07
C LEU E 277 42.52 -46.22 6.78
N GLY E 278 43.19 -47.34 7.07
CA GLY E 278 42.61 -48.38 7.88
C GLY E 278 41.64 -49.27 7.14
N PRO E 279 41.27 -50.38 7.76
CA PRO E 279 40.35 -51.32 7.11
C PRO E 279 38.92 -50.81 7.14
N ILE E 280 38.13 -51.29 6.17
CA ILE E 280 36.72 -50.97 6.10
C ILE E 280 35.93 -52.26 6.10
N ALA E 281 34.61 -52.13 6.18
CA ALA E 281 33.73 -53.29 6.16
C ALA E 281 33.47 -53.74 4.74
N VAL E 282 33.32 -55.05 4.56
CA VAL E 282 33.18 -55.59 3.22
C VAL E 282 31.77 -55.30 2.70
N GLU E 283 31.68 -55.10 1.39
CA GLU E 283 30.45 -54.74 0.68
C GLU E 283 30.69 -54.83 -0.81
N PRO E 284 29.69 -55.22 -1.58
CA PRO E 284 29.79 -55.02 -3.04
C PRO E 284 29.71 -53.53 -3.34
N TYR E 285 30.65 -53.08 -4.18
CA TYR E 285 31.03 -51.66 -4.27
C TYR E 285 31.28 -51.11 -2.87
N GLY E 286 32.35 -51.59 -2.24
CA GLY E 286 32.65 -51.35 -0.84
C GLY E 286 32.68 -49.89 -0.45
N SER E 287 31.66 -49.48 0.29
CA SER E 287 31.33 -48.07 0.47
C SER E 287 31.20 -47.75 1.94
N VAL E 288 31.39 -46.47 2.26
CA VAL E 288 31.24 -45.97 3.61
C VAL E 288 30.26 -44.81 3.56
N THR E 289 29.15 -44.95 4.28
CA THR E 289 28.12 -43.91 4.23
C THR E 289 28.57 -42.68 5.00
N SER E 290 29.47 -42.86 5.97
CA SER E 290 29.98 -41.74 6.74
C SER E 290 30.87 -40.82 5.92
N GLN E 291 31.40 -41.29 4.79
CA GLN E 291 32.17 -40.45 3.90
C GLN E 291 31.51 -40.24 2.55
N GLY E 292 30.40 -40.91 2.30
CA GLY E 292 29.64 -40.69 1.09
C GLY E 292 30.35 -41.11 -0.18
N LYS E 293 31.24 -42.07 -0.10
CA LYS E 293 32.10 -42.41 -1.22
C LYS E 293 32.25 -43.92 -1.27
N ALA E 294 32.18 -44.47 -2.48
CA ALA E 294 32.29 -45.90 -2.69
C ALA E 294 33.67 -46.23 -3.25
N TYR E 295 34.49 -46.90 -2.45
CA TYR E 295 35.64 -47.56 -3.01
C TYR E 295 35.17 -48.78 -3.81
N ARG E 296 36.08 -49.30 -4.63
CA ARG E 296 35.82 -50.36 -5.60
C ARG E 296 34.64 -50.00 -6.50
N GLN E 297 34.81 -48.89 -7.21
CA GLN E 297 33.86 -48.50 -8.23
C GLN E 297 33.84 -49.54 -9.35
N PRO E 298 32.72 -49.70 -10.05
CA PRO E 298 32.69 -50.71 -11.12
C PRO E 298 33.49 -50.35 -12.35
N LYS E 299 33.99 -49.12 -12.45
CA LYS E 299 34.85 -48.76 -13.58
C LYS E 299 36.16 -49.51 -13.51
N GLN E 300 36.86 -49.37 -12.39
CA GLN E 300 37.97 -50.25 -12.09
C GLN E 300 37.44 -51.65 -11.87
N LYS E 301 38.21 -52.65 -12.28
CA LYS E 301 37.73 -54.02 -12.18
C LYS E 301 38.10 -54.60 -10.81
N LEU E 302 37.50 -54.03 -9.77
CA LEU E 302 37.81 -54.45 -8.41
C LEU E 302 36.58 -54.51 -7.51
N ASP E 303 35.38 -54.45 -8.08
CA ASP E 303 34.18 -54.67 -7.30
C ASP E 303 33.96 -56.17 -7.12
N PHE E 304 32.88 -56.51 -6.43
CA PHE E 304 32.61 -57.91 -6.14
C PHE E 304 32.02 -58.63 -7.33
N TYR E 305 31.12 -57.95 -8.06
CA TYR E 305 30.33 -58.61 -9.09
C TYR E 305 31.19 -59.01 -10.29
N THR E 306 32.00 -58.08 -10.78
CA THR E 306 32.84 -58.39 -11.94
C THR E 306 33.92 -59.39 -11.58
N LEU E 307 34.42 -59.35 -10.35
CA LEU E 307 35.40 -60.32 -9.90
C LEU E 307 34.83 -61.72 -9.87
N LEU E 308 33.61 -61.86 -9.35
CA LEU E 308 32.97 -63.17 -9.29
C LEU E 308 32.64 -63.68 -10.68
N ASP E 309 32.14 -62.80 -11.55
CA ASP E 309 31.77 -63.21 -12.88
C ASP E 309 33.01 -63.55 -13.72
N ASN E 310 34.14 -62.93 -13.41
CA ASN E 310 35.36 -63.30 -14.11
C ASN E 310 35.90 -64.62 -13.59
N TRP E 311 35.78 -64.85 -12.28
CA TRP E 311 36.33 -66.08 -11.70
C TRP E 311 35.51 -67.30 -12.11
N VAL E 312 34.20 -67.14 -12.25
CA VAL E 312 33.41 -68.33 -12.52
C VAL E 312 33.22 -68.52 -14.02
N LEU E 313 32.88 -67.47 -14.74
CA LEU E 313 32.51 -67.67 -16.14
C LEU E 313 33.71 -67.69 -17.08
N ARG E 314 34.70 -66.83 -16.85
CA ARG E 314 35.89 -66.82 -17.68
C ARG E 314 37.05 -67.58 -17.05
N ASP E 315 36.85 -68.11 -15.85
CA ASP E 315 37.65 -69.18 -15.25
C ASP E 315 39.10 -68.79 -15.00
N GLU E 316 39.40 -67.52 -14.77
CA GLU E 316 40.71 -67.12 -14.30
C GLU E 316 40.57 -66.57 -12.88
N ALA E 317 41.56 -66.81 -12.06
CA ALA E 317 41.50 -66.33 -10.70
C ALA E 317 42.01 -64.91 -10.65
N PRO E 318 41.51 -64.09 -9.74
CA PRO E 318 42.19 -62.84 -9.42
C PRO E 318 43.33 -63.09 -8.44
N ALA E 319 43.94 -62.03 -7.92
CA ALA E 319 44.97 -62.18 -6.90
C ALA E 319 44.38 -62.76 -5.62
N VAL E 320 45.27 -63.26 -4.76
CA VAL E 320 44.84 -64.06 -3.62
C VAL E 320 44.13 -63.19 -2.58
N GLU E 321 44.49 -61.91 -2.52
CA GLU E 321 43.77 -60.99 -1.64
C GLU E 321 42.37 -60.72 -2.16
N GLN E 322 42.21 -60.70 -3.48
CA GLN E 322 40.87 -60.56 -4.02
C GLN E 322 40.05 -61.82 -3.83
N GLN E 323 40.72 -62.96 -3.75
CA GLN E 323 40.02 -64.20 -3.40
C GLN E 323 39.54 -64.16 -1.96
N HIS E 324 40.36 -63.58 -1.08
CA HIS E 324 39.92 -63.31 0.30
C HIS E 324 38.71 -62.40 0.33
N TYR E 325 38.71 -61.37 -0.52
CA TYR E 325 37.60 -60.42 -0.56
C TYR E 325 36.30 -61.08 -1.02
N VAL E 326 36.37 -61.85 -2.10
CA VAL E 326 35.14 -62.44 -2.64
C VAL E 326 34.62 -63.55 -1.71
N ILE E 327 35.52 -64.24 -1.02
CA ILE E 327 35.07 -65.28 -0.10
C ILE E 327 34.44 -64.65 1.14
N ALA E 328 34.99 -63.53 1.60
CA ALA E 328 34.37 -62.83 2.72
C ALA E 328 33.00 -62.26 2.35
N ASN E 329 32.85 -61.82 1.10
CA ASN E 329 31.55 -61.35 0.65
C ASN E 329 30.56 -62.48 0.56
N LEU E 330 31.03 -63.69 0.26
CA LEU E 330 30.11 -64.82 0.28
C LEU E 330 29.76 -65.24 1.69
N ILE E 331 30.68 -65.01 2.63
CA ILE E 331 30.41 -65.32 4.03
C ILE E 331 29.36 -64.36 4.58
N ARG E 332 29.40 -63.10 4.13
CA ARG E 332 28.44 -62.10 4.56
C ARG E 332 27.02 -62.45 4.14
N GLY E 333 26.84 -63.00 2.95
CA GLY E 333 25.52 -63.38 2.49
C GLY E 333 24.72 -62.21 1.99
N GLY E 334 23.67 -62.52 1.26
CA GLY E 334 22.81 -61.50 0.71
C GLY E 334 22.11 -62.00 -0.55
N VAL E 335 21.56 -61.04 -1.28
CA VAL E 335 20.80 -61.32 -2.50
C VAL E 335 21.62 -60.83 -3.68
N PHE E 336 21.92 -61.74 -4.60
CA PHE E 336 22.70 -61.42 -5.80
C PHE E 336 21.94 -61.93 -7.02
N GLY E 337 21.29 -61.02 -7.73
CA GLY E 337 20.51 -61.39 -8.89
C GLY E 337 20.29 -60.19 -9.77
N GLU E 338 19.47 -60.40 -10.80
CA GLU E 338 19.28 -59.37 -11.82
C GLU E 338 18.21 -58.40 -11.36
N ALA E 339 18.61 -57.19 -11.01
CA ALA E 339 17.67 -56.18 -10.54
C ALA E 339 17.67 -54.95 -11.44
N LEU F 6 -14.53 -95.46 -21.98
CA LEU F 6 -14.06 -95.17 -20.63
C LEU F 6 -12.94 -94.15 -20.63
N SER F 7 -13.20 -92.98 -20.06
CA SER F 7 -12.22 -91.91 -19.97
C SER F 7 -12.24 -91.34 -18.55
N THR F 8 -11.38 -90.36 -18.32
CA THR F 8 -11.34 -89.74 -17.01
C THR F 8 -12.56 -88.84 -16.79
N ALA F 9 -12.94 -88.68 -15.53
CA ALA F 9 -14.10 -87.88 -15.21
C ALA F 9 -13.80 -86.40 -15.40
N SER F 10 -14.87 -85.61 -15.45
CA SER F 10 -14.70 -84.17 -15.57
C SER F 10 -14.19 -83.56 -14.28
N VAL F 11 -14.86 -83.84 -13.17
CA VAL F 11 -14.42 -83.37 -11.87
C VAL F 11 -13.80 -84.52 -11.11
N LEU F 12 -12.88 -84.18 -10.22
CA LEU F 12 -12.21 -85.18 -9.38
C LEU F 12 -11.62 -84.45 -8.20
N ALA F 13 -12.12 -84.70 -7.00
CA ALA F 13 -11.64 -84.05 -5.81
C ALA F 13 -11.16 -85.10 -4.82
N PHE F 14 -10.17 -84.73 -4.03
CA PHE F 14 -9.64 -85.61 -3.00
C PHE F 14 -9.36 -84.79 -1.75
N GLU F 15 -9.91 -85.22 -0.63
CA GLU F 15 -9.54 -84.67 0.67
C GLU F 15 -8.12 -85.11 1.01
N ARG F 16 -7.57 -84.52 2.06
CA ARG F 16 -6.24 -84.89 2.49
C ARG F 16 -6.30 -85.70 3.78
N LYS F 17 -5.59 -86.81 3.81
CA LYS F 17 -5.18 -87.39 5.06
C LYS F 17 -3.95 -86.64 5.56
N LEU F 18 -3.49 -86.99 6.76
CA LEU F 18 -2.36 -86.37 7.45
C LEU F 18 -2.59 -84.86 7.62
N ASP F 19 -3.58 -84.53 8.45
CA ASP F 19 -3.88 -83.14 8.72
C ASP F 19 -3.10 -82.67 9.94
N PRO F 20 -2.19 -81.71 9.82
CA PRO F 20 -1.49 -81.20 10.98
C PRO F 20 -2.15 -79.96 11.55
N SER F 21 -1.72 -79.56 12.74
CA SER F 21 -2.18 -78.34 13.37
C SER F 21 -1.21 -77.21 13.05
N ASP F 22 -1.39 -76.08 13.72
CA ASP F 22 -0.41 -75.01 13.66
C ASP F 22 0.59 -75.19 14.80
N ALA F 23 1.86 -74.91 14.51
CA ALA F 23 2.91 -75.11 15.49
C ALA F 23 3.33 -73.77 16.05
N LEU F 24 3.21 -73.60 17.36
CA LEU F 24 3.63 -72.39 18.03
C LEU F 24 4.86 -72.69 18.89
N MET F 25 5.55 -71.62 19.27
CA MET F 25 6.84 -71.77 19.91
C MET F 25 6.80 -71.30 21.35
N SER F 26 7.74 -71.82 22.14
CA SER F 26 7.96 -71.36 23.50
C SER F 26 9.42 -71.56 23.80
N ALA F 27 9.92 -70.84 24.81
CA ALA F 27 11.33 -70.84 25.11
C ALA F 27 11.55 -71.24 26.56
N GLY F 28 12.76 -71.74 26.83
CA GLY F 28 13.11 -72.14 28.17
C GLY F 28 14.53 -72.66 28.18
N ALA F 29 14.89 -73.27 29.30
CA ALA F 29 16.26 -73.75 29.48
C ALA F 29 16.35 -75.22 29.11
N TRP F 30 17.53 -75.63 28.69
CA TRP F 30 17.84 -77.04 28.55
C TRP F 30 17.88 -77.70 29.92
N ALA F 31 17.63 -79.01 29.93
CA ALA F 31 17.55 -79.90 31.09
C ALA F 31 16.39 -79.59 32.04
N GLN F 32 15.54 -78.64 31.66
CA GLN F 32 14.23 -78.46 32.27
C GLN F 32 13.12 -78.81 31.29
N ARG F 33 13.45 -79.53 30.22
CA ARG F 33 12.50 -79.76 29.14
C ARG F 33 11.41 -80.73 29.53
N ASP F 34 11.57 -81.47 30.63
CA ASP F 34 10.50 -82.31 31.11
C ASP F 34 9.46 -81.54 31.90
N ALA F 35 9.78 -80.33 32.34
CA ALA F 35 8.82 -79.48 33.02
C ALA F 35 8.23 -78.44 32.06
N SER F 36 8.40 -78.66 30.77
CA SER F 36 8.03 -77.67 29.77
C SER F 36 6.54 -77.77 29.46
N GLN F 37 5.74 -77.22 30.36
CA GLN F 37 4.32 -77.04 30.13
C GLN F 37 3.87 -75.63 30.42
N GLU F 38 4.68 -74.82 31.08
CA GLU F 38 4.36 -73.45 31.43
C GLU F 38 5.38 -72.49 30.88
N TRP F 39 6.15 -72.91 29.89
CA TRP F 39 7.16 -72.05 29.31
C TRP F 39 6.49 -70.91 28.57
N PRO F 40 6.95 -69.68 28.73
CA PRO F 40 6.29 -68.56 28.08
C PRO F 40 6.59 -68.56 26.59
N ALA F 41 5.64 -68.06 25.83
CA ALA F 41 5.80 -68.03 24.39
C ALA F 41 6.78 -66.95 23.99
N VAL F 42 7.39 -67.13 22.83
CA VAL F 42 8.22 -66.06 22.29
C VAL F 42 7.32 -65.12 21.51
N THR F 43 7.71 -63.86 21.45
CA THR F 43 6.85 -62.84 20.90
C THR F 43 7.55 -62.12 19.77
N VAL F 44 6.77 -61.34 19.03
CA VAL F 44 7.25 -60.63 17.86
C VAL F 44 7.36 -59.16 18.21
N ARG F 45 8.54 -58.59 18.02
CA ARG F 45 8.72 -57.16 18.22
C ARG F 45 9.09 -56.51 16.91
N GLU F 46 9.44 -55.24 16.98
CA GLU F 46 9.85 -54.47 15.82
C GLU F 46 11.20 -53.83 16.07
N LYS F 47 11.90 -53.54 15.00
CA LYS F 47 13.12 -52.75 15.07
C LYS F 47 13.33 -52.09 13.73
N SER F 48 14.23 -51.11 13.71
CA SER F 48 14.47 -50.32 12.52
C SER F 48 15.85 -50.63 11.96
N VAL F 49 15.93 -50.78 10.63
CA VAL F 49 17.17 -51.15 9.98
C VAL F 49 17.45 -50.15 8.86
N ARG F 50 18.73 -49.95 8.59
CA ARG F 50 19.18 -49.01 7.59
C ARG F 50 19.60 -49.78 6.34
N GLY F 51 18.85 -49.62 5.26
CA GLY F 51 19.19 -50.29 4.03
C GLY F 51 20.38 -49.66 3.35
N THR F 52 21.07 -50.45 2.55
CA THR F 52 22.23 -49.99 1.80
C THR F 52 22.17 -50.55 0.39
N ILE F 53 22.96 -49.96 -0.50
CA ILE F 53 22.91 -50.32 -1.91
C ILE F 53 23.77 -51.56 -2.14
N SER F 54 23.15 -52.63 -2.64
CA SER F 54 23.87 -53.87 -2.87
C SER F 54 23.47 -54.61 -4.13
N ASN F 55 22.58 -54.06 -4.95
CA ASN F 55 22.15 -54.80 -6.12
C ASN F 55 23.06 -54.52 -7.31
N ARG F 56 22.78 -55.23 -8.41
CA ARG F 56 23.46 -54.94 -9.65
C ARG F 56 22.92 -53.64 -10.24
N LEU F 57 23.68 -53.08 -11.17
CA LEU F 57 23.31 -51.82 -11.80
C LEU F 57 23.09 -52.01 -13.29
N LYS F 58 22.25 -51.15 -13.86
CA LYS F 58 21.72 -51.33 -15.20
C LYS F 58 22.54 -50.63 -16.27
N THR F 59 23.81 -50.33 -16.00
CA THR F 59 24.80 -49.70 -16.89
C THR F 59 24.45 -48.27 -17.29
N LYS F 60 23.31 -47.74 -16.84
CA LYS F 60 22.99 -46.34 -16.96
C LYS F 60 23.12 -45.62 -15.64
N ASP F 61 22.96 -46.35 -14.54
CA ASP F 61 23.17 -45.84 -13.19
C ASP F 61 24.59 -46.04 -12.72
N ARG F 62 25.56 -46.08 -13.64
CA ARG F 62 26.94 -46.34 -13.27
C ARG F 62 27.82 -45.11 -13.38
N ASP F 63 27.25 -43.92 -13.42
CA ASP F 63 28.06 -42.73 -13.22
C ASP F 63 28.46 -42.65 -11.74
N PRO F 64 29.69 -42.19 -11.44
CA PRO F 64 30.12 -42.19 -10.04
C PRO F 64 29.37 -41.16 -9.20
N ALA F 65 28.95 -40.07 -9.83
CA ALA F 65 28.19 -39.05 -9.13
C ALA F 65 26.83 -39.58 -8.71
N LYS F 66 26.17 -40.33 -9.59
CA LYS F 66 24.87 -40.90 -9.25
C LYS F 66 25.02 -41.98 -8.19
N LEU F 67 26.13 -42.72 -8.22
CA LEU F 67 26.37 -43.75 -7.22
C LEU F 67 26.59 -43.13 -5.85
N ASP F 68 27.40 -42.07 -5.78
CA ASP F 68 27.66 -41.44 -4.50
C ASP F 68 26.43 -40.68 -4.01
N ALA F 69 25.63 -40.14 -4.91
CA ALA F 69 24.40 -39.47 -4.51
C ALA F 69 23.39 -40.48 -3.98
N SER F 70 23.44 -41.71 -4.49
CA SER F 70 22.61 -42.76 -3.91
C SER F 70 23.14 -43.19 -2.55
N ILE F 71 24.47 -43.19 -2.39
CA ILE F 71 25.08 -43.54 -1.11
C ILE F 71 24.72 -42.51 -0.04
N GLN F 72 24.58 -41.25 -0.44
CA GLN F 72 24.36 -40.15 0.50
C GLN F 72 23.03 -40.27 1.23
N SER F 73 22.00 -40.73 0.53
CA SER F 73 20.66 -40.80 1.11
C SER F 73 20.18 -42.24 1.13
N PRO F 74 20.40 -42.97 2.21
CA PRO F 74 19.85 -44.32 2.32
C PRO F 74 18.42 -44.29 2.85
N ASN F 75 17.67 -45.32 2.49
CA ASN F 75 16.30 -45.43 2.94
C ASN F 75 16.24 -46.20 4.25
N LEU F 76 15.15 -46.00 4.97
CA LEU F 76 14.96 -46.60 6.28
C LEU F 76 13.77 -47.53 6.25
N GLN F 77 13.81 -48.56 7.08
CA GLN F 77 12.74 -49.54 7.14
C GLN F 77 12.58 -50.02 8.56
N THR F 78 11.37 -50.46 8.87
CA THR F 78 11.09 -51.16 10.12
C THR F 78 10.67 -52.58 9.79
N VAL F 79 11.03 -53.52 10.66
CA VAL F 79 11.04 -54.93 10.32
C VAL F 79 10.75 -55.73 11.59
N ASP F 80 9.88 -56.74 11.48
CA ASP F 80 9.60 -57.60 12.60
C ASP F 80 10.73 -58.57 12.87
N VAL F 81 10.83 -59.03 14.12
CA VAL F 81 11.91 -59.89 14.52
C VAL F 81 11.40 -60.75 15.66
N ALA F 82 12.09 -61.86 15.92
CA ALA F 82 11.76 -62.74 17.03
C ALA F 82 13.04 -63.34 17.56
N ASN F 83 13.21 -63.29 18.88
CA ASN F 83 14.42 -63.79 19.49
C ASN F 83 14.05 -64.66 20.67
N LEU F 84 15.02 -65.44 21.12
CA LEU F 84 14.89 -66.06 22.41
C LEU F 84 15.11 -65.01 23.49
N PRO F 85 14.58 -65.23 24.69
CA PRO F 85 14.98 -64.41 25.83
C PRO F 85 16.46 -64.58 26.13
N SER F 86 17.02 -63.57 26.79
CA SER F 86 18.46 -63.47 26.93
C SER F 86 19.04 -64.49 27.90
N ASP F 87 18.20 -65.21 28.63
CA ASP F 87 18.65 -66.22 29.57
C ASP F 87 18.33 -67.64 29.13
N ALA F 88 17.23 -67.84 28.42
CA ALA F 88 16.87 -69.15 27.91
C ALA F 88 17.70 -69.48 26.67
N ASP F 89 17.84 -70.76 26.38
CA ASP F 89 18.65 -71.19 25.25
C ASP F 89 18.03 -72.35 24.48
N THR F 90 16.77 -72.68 24.73
CA THR F 90 16.16 -73.83 24.09
C THR F 90 14.80 -73.45 23.55
N LEU F 91 14.53 -73.85 22.32
CA LEU F 91 13.28 -73.53 21.64
C LEU F 91 12.40 -74.76 21.62
N LYS F 92 11.15 -74.60 22.01
CA LYS F 92 10.20 -75.70 22.04
C LYS F 92 9.09 -75.43 21.03
N VAL F 93 8.84 -76.40 20.16
CA VAL F 93 7.81 -76.29 19.14
C VAL F 93 6.87 -77.47 19.30
N ARG F 94 5.57 -77.19 19.38
CA ARG F 94 4.58 -78.22 19.67
C ARG F 94 3.41 -78.12 18.72
N PHE F 95 3.02 -79.25 18.12
CA PHE F 95 1.86 -79.27 17.25
C PHE F 95 1.21 -80.65 17.31
N THR F 96 0.15 -80.82 16.53
CA THR F 96 -0.73 -81.98 16.62
C THR F 96 -1.03 -82.53 15.24
N LEU F 97 -0.74 -83.81 15.03
CA LEU F 97 -0.95 -84.49 13.77
C LEU F 97 -2.11 -85.45 13.87
N ARG F 98 -2.85 -85.61 12.77
CA ARG F 98 -4.09 -86.38 12.77
C ARG F 98 -4.13 -87.23 11.51
N VAL F 99 -4.05 -88.54 11.67
CA VAL F 99 -4.02 -89.48 10.55
C VAL F 99 -5.43 -89.99 10.31
N LEU F 100 -5.86 -89.99 9.06
CA LEU F 100 -7.25 -90.24 8.74
C LEU F 100 -7.50 -91.66 8.25
N GLY F 101 -6.85 -92.08 7.17
CA GLY F 101 -7.13 -93.37 6.58
C GLY F 101 -8.37 -93.37 5.69
N GLY F 102 -8.44 -94.36 4.83
CA GLY F 102 -9.51 -94.42 3.84
C GLY F 102 -9.23 -93.53 2.65
N ALA F 103 -8.08 -93.76 1.99
CA ALA F 103 -7.55 -92.76 1.07
C ALA F 103 -7.96 -93.02 -0.37
N GLY F 104 -8.58 -94.16 -0.64
CA GLY F 104 -8.88 -94.51 -2.03
C GLY F 104 -9.98 -93.67 -2.64
N THR F 105 -11.03 -93.41 -1.89
CA THR F 105 -12.23 -92.80 -2.44
C THR F 105 -12.04 -91.32 -2.73
N PRO F 106 -12.52 -90.83 -3.87
CA PRO F 106 -12.60 -89.39 -4.06
C PRO F 106 -13.81 -88.82 -3.35
N SER F 107 -13.73 -87.54 -3.01
CA SER F 107 -14.87 -86.87 -2.40
C SER F 107 -15.84 -86.32 -3.44
N ALA F 108 -15.46 -86.30 -4.70
CA ALA F 108 -16.34 -85.82 -5.76
C ALA F 108 -15.95 -86.51 -7.05
N CYS F 109 -16.95 -86.91 -7.83
CA CYS F 109 -16.71 -87.70 -9.02
C CYS F 109 -17.92 -87.58 -9.93
N ASN F 110 -17.74 -87.98 -11.19
CA ASN F 110 -18.82 -87.98 -12.16
C ASN F 110 -19.13 -89.36 -12.71
N ASP F 111 -18.13 -90.09 -13.22
CA ASP F 111 -18.37 -91.39 -13.84
C ASP F 111 -18.20 -92.48 -12.80
N ALA F 112 -19.23 -93.33 -12.67
CA ALA F 112 -19.23 -94.35 -11.63
C ALA F 112 -18.26 -95.48 -11.95
N ALA F 113 -18.16 -95.85 -13.23
CA ALA F 113 -17.22 -96.90 -13.62
C ALA F 113 -15.79 -96.44 -13.41
N TYR F 114 -15.54 -95.14 -13.56
CA TYR F 114 -14.21 -94.59 -13.35
C TYR F 114 -13.77 -94.75 -11.90
N ARG F 115 -14.62 -94.34 -10.95
CA ARG F 115 -14.27 -94.49 -9.55
C ARG F 115 -14.28 -95.94 -9.11
N ASP F 116 -15.06 -96.80 -9.76
CA ASP F 116 -15.00 -98.22 -9.42
C ASP F 116 -13.67 -98.83 -9.86
N LYS F 117 -13.19 -98.44 -11.04
CA LYS F 117 -11.88 -98.86 -11.49
C LYS F 117 -10.79 -98.34 -10.57
N LEU F 118 -10.92 -97.09 -10.12
CA LEU F 118 -10.00 -96.51 -9.14
C LEU F 118 -10.00 -97.30 -7.84
N LEU F 119 -11.19 -97.67 -7.36
CA LEU F 119 -11.30 -98.36 -6.08
C LEU F 119 -10.69 -99.74 -6.14
N GLN F 120 -10.90 -100.46 -7.23
CA GLN F 120 -10.28 -101.78 -7.31
C GLN F 120 -8.79 -101.68 -7.58
N THR F 121 -8.33 -100.61 -8.24
CA THR F 121 -6.90 -100.40 -8.43
C THR F 121 -6.19 -100.17 -7.10
N VAL F 122 -6.74 -99.27 -6.28
CA VAL F 122 -6.11 -99.00 -5.00
C VAL F 122 -6.30 -100.16 -4.04
N ALA F 123 -7.37 -100.95 -4.20
CA ALA F 123 -7.55 -102.12 -3.38
C ALA F 123 -6.51 -103.18 -3.71
N THR F 124 -6.22 -103.36 -5.00
CA THR F 124 -5.16 -104.28 -5.41
C THR F 124 -3.81 -103.81 -4.93
N TYR F 125 -3.59 -102.48 -4.92
CA TYR F 125 -2.34 -101.96 -4.38
C TYR F 125 -2.21 -102.24 -2.90
N VAL F 126 -3.31 -102.11 -2.15
CA VAL F 126 -3.31 -102.45 -0.73
C VAL F 126 -3.03 -103.92 -0.53
N ASN F 127 -3.57 -104.76 -1.40
CA ASN F 127 -3.40 -106.20 -1.25
C ASN F 127 -1.98 -106.64 -1.58
N GLU F 128 -1.33 -105.96 -2.53
CA GLU F 128 0.05 -106.33 -2.86
C GLU F 128 1.00 -105.92 -1.74
N GLN F 129 1.08 -104.63 -1.47
CA GLN F 129 1.90 -104.12 -0.39
C GLN F 129 1.03 -103.35 0.57
N GLY F 130 1.37 -103.39 1.85
CA GLY F 130 0.74 -102.51 2.80
C GLY F 130 1.27 -101.10 2.66
N PHE F 131 0.94 -100.29 3.65
CA PHE F 131 1.45 -98.94 3.67
C PHE F 131 2.81 -98.81 4.29
N ALA F 132 3.55 -99.93 4.41
CA ALA F 132 4.72 -99.99 5.27
C ALA F 132 5.87 -99.14 4.75
N GLU F 133 6.00 -99.03 3.43
CA GLU F 133 7.03 -98.18 2.86
C GLU F 133 6.72 -96.71 3.10
N LEU F 134 5.47 -96.31 2.82
CA LEU F 134 5.07 -94.93 3.01
C LEU F 134 5.05 -94.55 4.48
N ALA F 135 4.59 -95.46 5.33
CA ALA F 135 4.56 -95.17 6.76
C ALA F 135 5.96 -95.15 7.34
N ARG F 136 6.87 -95.98 6.81
CA ARG F 136 8.25 -95.94 7.24
C ARG F 136 8.89 -94.61 6.88
N ARG F 137 8.60 -94.10 5.69
CA ARG F 137 9.20 -92.84 5.29
C ARG F 137 8.56 -91.66 6.02
N TYR F 138 7.27 -91.76 6.35
CA TYR F 138 6.61 -90.72 7.14
C TYR F 138 7.16 -90.67 8.56
N ALA F 139 7.36 -91.83 9.17
CA ALA F 139 7.93 -91.87 10.50
C ALA F 139 9.38 -91.43 10.48
N HIS F 140 10.07 -91.61 9.35
CA HIS F 140 11.41 -91.05 9.21
C HIS F 140 11.36 -89.53 9.19
N ASN F 141 10.43 -88.96 8.43
CA ASN F 141 10.33 -87.51 8.37
C ASN F 141 9.85 -86.91 9.68
N LEU F 142 9.19 -87.71 10.51
CA LEU F 142 8.90 -87.27 11.87
C LEU F 142 10.06 -87.50 12.82
N ALA F 143 10.94 -88.46 12.53
CA ALA F 143 12.04 -88.76 13.44
C ALA F 143 13.06 -87.65 13.45
N ASN F 144 13.66 -87.35 12.30
CA ASN F 144 14.40 -86.12 12.17
C ASN F 144 13.41 -84.97 12.11
N ALA F 145 13.86 -83.79 12.52
CA ALA F 145 12.97 -82.63 12.56
C ALA F 145 13.13 -81.85 11.27
N ARG F 146 12.42 -82.31 10.24
CA ARG F 146 12.39 -81.55 9.00
C ARG F 146 11.52 -80.32 9.13
N PHE F 147 10.53 -80.36 10.02
CA PHE F 147 9.63 -79.24 10.18
C PHE F 147 10.29 -78.06 10.85
N LEU F 148 11.36 -78.30 11.60
CA LEU F 148 12.23 -77.22 12.03
C LEU F 148 13.01 -76.81 10.79
N TRP F 149 12.52 -75.80 10.08
CA TRP F 149 13.04 -75.56 8.74
C TRP F 149 14.41 -74.90 8.76
N ARG F 150 14.50 -73.67 9.24
CA ARG F 150 15.79 -73.02 9.36
C ARG F 150 16.36 -73.14 10.76
N ASN F 151 15.50 -73.45 11.73
CA ASN F 151 15.96 -73.55 13.10
C ASN F 151 16.78 -74.80 13.34
N ARG F 152 16.66 -75.80 12.46
CA ARG F 152 17.50 -76.97 12.59
C ARG F 152 18.92 -76.70 12.16
N VAL F 153 19.13 -75.67 11.34
CA VAL F 153 20.43 -75.45 10.73
C VAL F 153 21.41 -74.93 11.77
N GLY F 154 22.51 -75.67 11.96
CA GLY F 154 23.50 -75.30 12.92
C GLY F 154 23.08 -75.42 14.36
N ALA F 155 22.06 -76.22 14.65
CA ALA F 155 21.65 -76.43 16.04
C ALA F 155 22.68 -77.27 16.76
N GLU F 156 22.68 -77.18 18.08
CA GLU F 156 23.65 -77.94 18.86
C GLU F 156 23.21 -79.38 19.04
N ALA F 157 21.99 -79.57 19.54
CA ALA F 157 21.44 -80.91 19.74
C ALA F 157 19.92 -80.78 19.79
N VAL F 158 19.23 -81.60 19.02
CA VAL F 158 17.78 -81.52 18.93
C VAL F 158 17.18 -82.86 19.33
N GLU F 159 16.20 -82.83 20.22
CA GLU F 159 15.52 -84.00 20.74
C GLU F 159 14.03 -83.83 20.47
N VAL F 160 13.33 -84.92 20.24
CA VAL F 160 11.91 -84.87 19.89
C VAL F 160 11.17 -86.00 20.60
N ARG F 161 10.11 -85.63 21.33
CA ARG F 161 9.20 -86.57 21.94
C ARG F 161 7.95 -86.66 21.08
N ILE F 162 7.49 -87.87 20.81
CA ILE F 162 6.24 -88.11 20.10
C ILE F 162 5.32 -88.88 21.03
N ASN F 163 4.05 -88.52 21.01
CA ASN F 163 3.12 -88.97 22.03
C ASN F 163 1.80 -89.37 21.40
N HIS F 164 1.31 -90.56 21.75
CA HIS F 164 0.08 -91.09 21.17
C HIS F 164 -1.08 -90.84 22.10
N ILE F 165 -2.21 -90.43 21.52
CA ILE F 165 -3.38 -89.98 22.25
C ILE F 165 -4.56 -90.80 21.72
N ARG F 166 -5.10 -91.70 22.55
CA ARG F 166 -6.26 -92.48 22.13
C ARG F 166 -7.56 -91.93 22.73
N GLN F 167 -7.67 -91.98 24.04
CA GLN F 167 -8.58 -91.17 24.81
C GLN F 167 -7.79 -89.95 25.24
N GLY F 168 -8.32 -89.19 26.18
CA GLY F 168 -7.64 -87.99 26.65
C GLY F 168 -6.29 -88.13 27.35
N GLU F 169 -5.69 -89.32 27.32
CA GLU F 169 -4.45 -89.62 28.00
C GLU F 169 -3.44 -90.20 27.01
N VAL F 170 -2.22 -90.37 27.51
CA VAL F 170 -1.13 -90.96 26.75
C VAL F 170 -1.36 -92.46 26.60
N ALA F 171 -1.17 -92.97 25.38
CA ALA F 171 -1.05 -94.41 25.17
C ALA F 171 0.40 -94.87 25.18
N ARG F 172 1.23 -94.33 24.31
CA ARG F 172 2.60 -94.76 24.20
C ARG F 172 3.44 -93.58 23.74
N THR F 173 4.69 -93.53 24.17
CA THR F 173 5.59 -92.44 23.84
C THR F 173 6.78 -92.95 23.06
N TRP F 174 7.56 -91.99 22.58
CA TRP F 174 8.84 -92.25 21.93
C TRP F 174 9.77 -91.09 22.25
N ARG F 175 11.05 -91.28 21.98
CA ARG F 175 12.00 -90.18 21.96
C ARG F 175 13.14 -90.54 21.03
N PHE F 176 13.79 -89.52 20.49
CA PHE F 176 14.82 -89.73 19.48
C PHE F 176 15.93 -88.71 19.64
N ASP F 177 17.01 -88.94 18.91
CA ASP F 177 18.03 -87.94 18.69
C ASP F 177 18.01 -87.64 17.19
N ALA F 178 17.39 -86.52 16.83
CA ALA F 178 17.11 -86.24 15.43
C ALA F 178 18.35 -85.85 14.64
N LEU F 179 19.48 -85.61 15.31
CA LEU F 179 20.73 -85.44 14.60
C LEU F 179 21.38 -86.77 14.22
N ALA F 180 21.12 -87.83 14.98
CA ALA F 180 21.61 -89.14 14.61
C ALA F 180 20.96 -89.63 13.33
N ILE F 181 19.65 -89.45 13.21
CA ILE F 181 18.98 -89.71 11.94
C ILE F 181 19.35 -88.62 10.96
N GLY F 182 19.84 -89.02 9.80
CA GLY F 182 20.23 -88.05 8.80
C GLY F 182 19.04 -87.46 8.06
N LEU F 183 19.36 -86.62 7.09
CA LEU F 183 18.34 -86.07 6.20
C LEU F 183 18.27 -86.82 4.88
N ARG F 184 19.25 -87.68 4.59
CA ARG F 184 19.46 -88.16 3.23
C ARG F 184 18.85 -89.53 2.98
N ASP F 185 18.96 -90.45 3.93
CA ASP F 185 18.66 -91.85 3.69
C ASP F 185 17.63 -92.37 4.68
N PHE F 186 17.09 -93.54 4.37
CA PHE F 186 16.08 -94.18 5.19
C PHE F 186 16.65 -95.47 5.76
N LYS F 187 16.81 -95.50 7.07
CA LYS F 187 17.43 -96.60 7.80
C LYS F 187 16.35 -97.44 8.47
N ALA F 188 16.76 -98.32 9.37
CA ALA F 188 15.83 -99.17 10.11
C ALA F 188 16.09 -99.04 11.61
N ASP F 189 15.00 -99.08 12.38
CA ASP F 189 15.06 -98.98 13.84
C ASP F 189 13.75 -99.51 14.39
N ALA F 190 13.84 -100.24 15.50
CA ALA F 190 12.72 -100.99 16.06
C ALA F 190 11.59 -100.07 16.52
N GLU F 191 11.93 -99.03 17.30
CA GLU F 191 10.93 -98.06 17.72
C GLU F 191 10.34 -97.32 16.54
N LEU F 192 11.18 -97.05 15.54
CA LEU F 192 10.75 -96.32 14.36
C LEU F 192 9.77 -97.14 13.54
N ASP F 193 10.04 -98.44 13.37
CA ASP F 193 9.09 -99.23 12.60
C ASP F 193 7.85 -99.55 13.41
N ALA F 194 7.95 -99.54 14.75
CA ALA F 194 6.74 -99.66 15.56
C ALA F 194 5.82 -98.48 15.37
N LEU F 195 6.39 -97.28 15.37
CA LEU F 195 5.62 -96.07 15.07
C LEU F 195 5.07 -96.11 13.65
N ALA F 196 5.85 -96.63 12.71
CA ALA F 196 5.39 -96.75 11.34
C ALA F 196 4.24 -97.74 11.23
N GLU F 197 4.25 -98.79 12.04
CA GLU F 197 3.14 -99.74 12.04
C GLU F 197 1.89 -99.11 12.62
N LEU F 198 2.06 -98.23 13.62
CA LEU F 198 0.92 -97.49 14.14
C LEU F 198 0.32 -96.57 13.08
N ILE F 199 1.18 -95.89 12.32
CA ILE F 199 0.70 -94.99 11.27
C ILE F 199 0.04 -95.78 10.15
N ALA F 200 0.58 -96.95 9.83
CA ALA F 200 0.00 -97.79 8.79
C ALA F 200 -1.34 -98.34 9.22
N SER F 201 -1.48 -98.66 10.50
CA SER F 201 -2.78 -99.07 11.03
C SER F 201 -3.78 -97.93 10.96
N GLY F 202 -3.31 -96.71 11.15
CA GLY F 202 -4.20 -95.58 10.99
C GLY F 202 -4.62 -95.35 9.56
N LEU F 203 -3.67 -95.52 8.63
CA LEU F 203 -3.94 -95.18 7.24
C LEU F 203 -4.82 -96.21 6.55
N SER F 204 -4.89 -97.42 7.09
CA SER F 204 -5.75 -98.42 6.50
C SER F 204 -7.19 -98.29 6.96
N GLY F 205 -7.52 -97.31 7.79
CA GLY F 205 -8.84 -97.20 8.34
C GLY F 205 -9.13 -98.18 9.46
N SER F 206 -8.11 -98.82 10.02
CA SER F 206 -8.28 -99.83 11.05
C SER F 206 -8.24 -99.25 12.45
N GLY F 207 -8.64 -98.00 12.62
CA GLY F 207 -8.58 -97.33 13.91
C GLY F 207 -7.93 -95.98 13.70
N HIS F 208 -8.49 -94.98 14.36
CA HIS F 208 -8.02 -93.62 14.15
C HIS F 208 -6.84 -93.31 15.08
N VAL F 209 -5.93 -92.49 14.58
CA VAL F 209 -4.71 -92.13 15.29
C VAL F 209 -4.65 -90.62 15.43
N LEU F 210 -4.36 -90.16 16.65
CA LEU F 210 -4.14 -88.75 16.93
C LEU F 210 -2.83 -88.61 17.68
N LEU F 211 -1.90 -87.84 17.12
CA LEU F 211 -0.59 -87.66 17.72
C LEU F 211 -0.38 -86.19 18.04
N GLU F 212 0.42 -85.94 19.08
CA GLU F 212 0.95 -84.61 19.32
C GLU F 212 2.45 -84.73 19.42
N VAL F 213 3.16 -83.84 18.74
CA VAL F 213 4.61 -83.88 18.68
C VAL F 213 5.15 -82.62 19.33
N VAL F 214 6.23 -82.75 20.08
CA VAL F 214 7.00 -81.62 20.54
C VAL F 214 8.43 -81.82 20.05
N ALA F 215 9.20 -80.74 20.02
CA ALA F 215 10.58 -80.79 19.59
C ALA F 215 11.36 -79.69 20.29
N PHE F 216 12.53 -80.05 20.82
CA PHE F 216 13.37 -79.10 21.52
C PHE F 216 14.67 -78.93 20.75
N ALA F 217 15.06 -77.69 20.54
CA ALA F 217 16.29 -77.37 19.83
C ALA F 217 17.17 -76.50 20.72
N ARG F 218 18.40 -76.92 20.93
CA ARG F 218 19.35 -76.17 21.76
C ARG F 218 20.14 -75.25 20.84
N ILE F 219 19.90 -73.95 20.95
CA ILE F 219 20.50 -73.01 20.02
C ILE F 219 21.49 -72.10 20.72
N GLY F 220 21.00 -71.30 21.66
CA GLY F 220 21.86 -70.36 22.35
C GLY F 220 21.05 -69.24 22.97
N ASP F 221 21.74 -68.46 23.79
CA ASP F 221 21.10 -67.39 24.54
C ASP F 221 20.76 -66.23 23.60
N GLY F 222 19.49 -65.86 23.57
CA GLY F 222 19.06 -64.66 22.87
C GLY F 222 19.22 -64.69 21.37
N GLN F 223 19.38 -65.86 20.77
CA GLN F 223 19.59 -65.92 19.34
C GLN F 223 18.27 -65.78 18.60
N GLU F 224 18.35 -65.81 17.28
CA GLU F 224 17.18 -65.56 16.47
C GLU F 224 16.52 -66.86 16.06
N VAL F 225 15.19 -66.89 16.12
CA VAL F 225 14.41 -68.00 15.62
C VAL F 225 13.66 -67.52 14.40
N PHE F 226 13.01 -68.44 13.71
CA PHE F 226 12.42 -68.16 12.41
C PHE F 226 11.00 -68.70 12.37
N PRO F 227 10.03 -67.88 12.63
CA PRO F 227 8.64 -68.27 12.39
C PRO F 227 8.29 -68.12 10.93
N SER F 228 7.05 -68.44 10.58
CA SER F 228 6.65 -68.29 9.21
C SER F 228 6.39 -66.82 8.91
N GLN F 229 6.30 -66.50 7.63
CA GLN F 229 6.20 -65.12 7.20
C GLN F 229 4.81 -64.82 6.65
N GLU F 230 4.65 -63.61 6.17
CA GLU F 230 3.37 -63.13 5.69
C GLU F 230 3.56 -62.42 4.36
N LEU F 231 2.52 -61.73 3.92
CA LEU F 231 2.50 -61.09 2.61
C LEU F 231 2.13 -59.62 2.75
N ILE F 232 2.92 -58.77 2.12
CA ILE F 232 2.69 -57.32 2.14
C ILE F 232 2.40 -56.88 0.72
N LEU F 233 1.24 -56.26 0.51
CA LEU F 233 0.91 -55.75 -0.80
C LEU F 233 1.33 -54.31 -1.01
N ASP F 234 1.37 -53.51 0.04
CA ASP F 234 1.70 -52.10 -0.12
C ASP F 234 2.23 -51.54 1.19
N LYS F 235 2.95 -50.43 1.08
CA LYS F 235 3.52 -49.78 2.24
C LYS F 235 3.68 -48.31 1.95
N GLY F 236 3.64 -47.51 3.01
CA GLY F 236 3.78 -46.07 2.89
C GLY F 236 4.54 -45.44 4.02
N GLN F 241 7.47 -47.13 6.09
CA GLN F 241 6.66 -47.88 7.03
C GLN F 241 7.09 -49.34 7.08
N LYS F 242 6.15 -50.21 7.39
CA LYS F 242 6.43 -51.62 7.61
C LYS F 242 6.77 -52.32 6.31
N SER F 243 7.77 -53.20 6.35
CA SER F 243 8.19 -53.91 5.16
C SER F 243 8.36 -55.42 5.36
N LYS F 244 8.24 -55.93 6.58
CA LYS F 244 8.33 -57.36 6.79
C LYS F 244 7.56 -57.75 8.03
N THR F 245 6.60 -58.66 7.89
CA THR F 245 5.78 -59.07 9.02
C THR F 245 5.80 -60.58 9.17
N LEU F 246 5.60 -61.02 10.41
CA LEU F 246 5.59 -62.44 10.75
C LEU F 246 4.18 -62.88 11.10
N TYR F 247 4.06 -64.14 11.47
CA TYR F 247 2.76 -64.77 11.70
C TYR F 247 2.64 -65.15 13.17
N SER F 248 1.46 -64.89 13.74
CA SER F 248 1.26 -65.10 15.17
C SER F 248 -0.18 -65.45 15.46
N VAL F 249 -0.37 -66.26 16.49
CA VAL F 249 -1.70 -66.65 16.96
C VAL F 249 -1.82 -66.31 18.44
N ARG F 250 -2.63 -65.29 18.73
CA ARG F 250 -2.85 -64.75 20.07
C ARG F 250 -1.54 -64.39 20.76
N ASP F 251 -0.70 -63.67 20.00
CA ASP F 251 0.61 -63.17 20.45
C ASP F 251 1.53 -64.31 20.87
N ALA F 252 1.83 -65.16 19.89
CA ALA F 252 2.83 -66.21 20.03
C ALA F 252 3.30 -66.54 18.64
N ALA F 253 4.60 -66.65 18.44
CA ALA F 253 5.14 -66.89 17.11
C ALA F 253 4.75 -68.29 16.64
N ALA F 254 4.50 -68.42 15.35
CA ALA F 254 3.90 -69.64 14.83
C ALA F 254 4.40 -69.95 13.44
N ILE F 255 4.20 -71.19 13.04
CA ILE F 255 4.51 -71.68 11.70
C ILE F 255 3.19 -72.09 11.06
N HIS F 256 3.05 -71.82 9.77
CA HIS F 256 1.87 -72.25 9.03
C HIS F 256 1.76 -73.76 8.99
N SER F 257 0.53 -74.25 8.91
CA SER F 257 0.30 -75.69 8.90
C SER F 257 0.76 -76.30 7.59
N GLN F 258 0.62 -75.56 6.48
CA GLN F 258 1.04 -76.10 5.20
C GLN F 258 2.55 -76.16 5.10
N LYS F 259 3.26 -75.38 5.90
CA LYS F 259 4.71 -75.52 5.97
C LYS F 259 5.10 -76.84 6.61
N ILE F 260 4.39 -77.24 7.67
CA ILE F 260 4.64 -78.53 8.31
C ILE F 260 4.28 -79.66 7.37
N GLY F 261 3.16 -79.51 6.65
CA GLY F 261 2.75 -80.53 5.71
C GLY F 261 3.71 -80.68 4.56
N ASN F 262 4.27 -79.57 4.09
CA ASN F 262 5.28 -79.64 3.05
C ASN F 262 6.57 -80.22 3.58
N ALA F 263 6.86 -80.02 4.85
CA ALA F 263 8.03 -80.64 5.43
C ALA F 263 7.83 -82.11 5.70
N LEU F 264 6.60 -82.58 5.69
CA LEU F 264 6.35 -83.98 5.97
C LEU F 264 6.40 -84.87 4.73
N ARG F 265 6.10 -84.33 3.56
CA ARG F 265 5.94 -85.13 2.36
C ARG F 265 7.23 -85.29 1.56
N THR F 266 8.37 -84.94 2.13
CA THR F 266 9.64 -85.02 1.40
C THR F 266 10.15 -86.45 1.47
N ILE F 267 9.60 -87.29 0.60
CA ILE F 267 9.91 -88.72 0.64
C ILE F 267 10.28 -89.24 -0.74
N ASP F 268 10.10 -88.41 -1.77
CA ASP F 268 10.28 -88.87 -3.15
C ASP F 268 11.75 -89.06 -3.46
N THR F 269 12.19 -90.32 -3.52
CA THR F 269 13.54 -90.65 -3.96
C THR F 269 13.52 -91.42 -5.27
N TRP F 270 12.51 -91.18 -6.11
CA TRP F 270 12.32 -91.96 -7.32
C TRP F 270 12.23 -91.08 -8.56
N TYR F 271 12.64 -89.83 -8.48
CA TYR F 271 12.63 -88.99 -9.65
C TYR F 271 13.76 -89.41 -10.59
N PRO F 272 13.55 -89.35 -11.91
CA PRO F 272 14.48 -90.00 -12.83
C PRO F 272 15.79 -89.26 -13.03
N ASP F 273 15.92 -88.04 -12.52
CA ASP F 273 17.05 -87.20 -12.89
C ASP F 273 18.34 -87.69 -12.23
N GLU F 274 18.38 -87.75 -10.92
CA GLU F 274 19.61 -88.09 -10.21
C GLU F 274 19.24 -88.65 -8.85
N ASP F 275 20.25 -88.85 -8.00
CA ASP F 275 20.04 -89.28 -6.63
C ASP F 275 20.89 -88.52 -5.62
N GLY F 276 21.85 -87.70 -6.07
CA GLY F 276 22.67 -86.95 -5.15
C GLY F 276 21.95 -85.78 -4.51
N LEU F 277 20.81 -85.37 -5.04
CA LEU F 277 20.08 -84.26 -4.46
C LEU F 277 19.40 -84.66 -3.17
N GLY F 278 18.77 -85.82 -3.14
CA GLY F 278 18.05 -86.27 -1.98
C GLY F 278 16.56 -86.32 -2.21
N PRO F 279 15.80 -86.64 -1.18
CA PRO F 279 14.33 -86.72 -1.34
C PRO F 279 13.72 -85.34 -1.50
N ILE F 280 12.62 -85.29 -2.26
CA ILE F 280 11.85 -84.07 -2.45
C ILE F 280 10.40 -84.37 -2.08
N ALA F 281 9.59 -83.31 -2.10
CA ALA F 281 8.17 -83.46 -1.82
C ALA F 281 7.44 -84.04 -3.02
N VAL F 282 6.29 -84.64 -2.75
CA VAL F 282 5.58 -85.40 -3.78
C VAL F 282 4.51 -84.53 -4.42
N GLU F 283 4.79 -84.07 -5.64
CA GLU F 283 3.92 -83.16 -6.35
C GLU F 283 3.63 -83.70 -7.74
N PRO F 284 2.49 -83.33 -8.35
CA PRO F 284 2.35 -83.54 -9.79
C PRO F 284 3.31 -82.60 -10.52
N TYR F 285 4.11 -83.17 -11.42
CA TYR F 285 5.31 -82.54 -11.98
C TYR F 285 6.19 -82.05 -10.83
N GLY F 286 6.79 -83.01 -10.12
CA GLY F 286 7.49 -82.77 -8.87
C GLY F 286 8.55 -81.68 -8.91
N SER F 287 8.25 -80.56 -8.27
CA SER F 287 8.99 -79.33 -8.48
C SER F 287 9.48 -78.79 -7.15
N VAL F 288 10.52 -77.97 -7.21
CA VAL F 288 11.02 -77.25 -6.05
C VAL F 288 11.09 -75.77 -6.40
N THR F 289 10.54 -74.95 -5.52
CA THR F 289 10.61 -73.51 -5.73
C THR F 289 11.96 -72.95 -5.33
N SER F 290 12.73 -73.69 -4.54
CA SER F 290 14.06 -73.25 -4.17
C SER F 290 15.02 -73.29 -5.35
N GLN F 291 14.75 -74.13 -6.35
CA GLN F 291 15.62 -74.22 -7.51
C GLN F 291 14.94 -73.78 -8.79
N GLY F 292 13.63 -73.59 -8.79
CA GLY F 292 12.93 -73.11 -9.97
C GLY F 292 12.88 -74.09 -11.10
N LYS F 293 13.01 -75.38 -10.81
CA LYS F 293 13.13 -76.41 -11.83
C LYS F 293 12.18 -77.55 -11.50
N ALA F 294 11.65 -78.19 -12.54
CA ALA F 294 10.68 -79.27 -12.39
C ALA F 294 11.35 -80.60 -12.68
N TYR F 295 11.41 -81.46 -11.69
CA TYR F 295 11.60 -82.87 -11.98
C TYR F 295 10.27 -83.46 -12.40
N ARG F 296 10.34 -84.67 -12.97
CA ARG F 296 9.21 -85.37 -13.56
C ARG F 296 8.48 -84.50 -14.59
N GLN F 297 9.24 -84.10 -15.60
CA GLN F 297 8.69 -83.39 -16.74
C GLN F 297 7.69 -84.28 -17.48
N PRO F 298 6.67 -83.69 -18.10
CA PRO F 298 5.72 -84.52 -18.87
C PRO F 298 6.27 -85.00 -20.19
N LYS F 299 7.42 -84.49 -20.65
CA LYS F 299 8.03 -85.02 -21.86
C LYS F 299 8.56 -86.43 -21.62
N GLN F 300 9.29 -86.61 -20.53
CA GLN F 300 9.47 -87.95 -20.00
C GLN F 300 8.14 -88.47 -19.51
N LYS F 301 7.97 -89.78 -19.53
CA LYS F 301 6.67 -90.34 -19.21
C LYS F 301 6.62 -90.72 -17.74
N LEU F 302 6.84 -89.73 -16.88
CA LEU F 302 6.96 -90.01 -15.45
C LEU F 302 6.30 -88.98 -14.55
N ASP F 303 5.45 -88.10 -15.07
CA ASP F 303 4.68 -87.28 -14.15
C ASP F 303 3.48 -88.05 -13.63
N PHE F 304 2.67 -87.38 -12.82
CA PHE F 304 1.62 -88.08 -12.09
C PHE F 304 0.44 -88.40 -12.97
N TYR F 305 0.05 -87.48 -13.85
CA TYR F 305 -1.20 -87.63 -14.59
C TYR F 305 -1.11 -88.76 -15.61
N THR F 306 -0.01 -88.81 -16.36
CA THR F 306 0.17 -89.86 -17.36
C THR F 306 0.31 -91.22 -16.69
N LEU F 307 1.01 -91.28 -15.57
CA LEU F 307 1.12 -92.52 -14.80
C LEU F 307 -0.22 -92.98 -14.30
N LEU F 308 -1.08 -92.03 -13.90
CA LEU F 308 -2.40 -92.36 -13.38
C LEU F 308 -3.29 -92.95 -14.46
N ASP F 309 -3.46 -92.23 -15.57
CA ASP F 309 -4.37 -92.77 -16.57
C ASP F 309 -3.71 -93.86 -17.41
N ASN F 310 -2.43 -94.14 -17.23
CA ASN F 310 -1.89 -95.36 -17.78
C ASN F 310 -2.12 -96.54 -16.86
N TRP F 311 -2.20 -96.29 -15.56
CA TRP F 311 -2.56 -97.38 -14.64
C TRP F 311 -4.05 -97.71 -14.73
N VAL F 312 -4.90 -96.71 -14.90
CA VAL F 312 -6.34 -96.99 -14.83
C VAL F 312 -6.92 -97.25 -16.20
N LEU F 313 -6.70 -96.35 -17.17
CA LEU F 313 -7.44 -96.45 -18.42
C LEU F 313 -6.81 -97.48 -19.35
N ARG F 314 -5.49 -97.47 -19.49
CA ARG F 314 -4.84 -98.43 -20.37
C ARG F 314 -4.21 -99.58 -19.60
N ASP F 315 -4.35 -99.59 -18.27
CA ASP F 315 -4.09 -100.76 -17.41
C ASP F 315 -2.64 -101.22 -17.45
N GLU F 316 -1.71 -100.27 -17.36
CA GLU F 316 -0.30 -100.59 -17.19
C GLU F 316 0.09 -100.25 -15.77
N ALA F 317 0.26 -101.26 -14.95
CA ALA F 317 0.86 -101.05 -13.65
C ALA F 317 2.31 -100.68 -13.85
N PRO F 318 2.77 -99.52 -13.41
CA PRO F 318 4.18 -99.16 -13.55
C PRO F 318 5.00 -99.86 -12.48
N ALA F 319 6.26 -99.44 -12.37
CA ALA F 319 7.14 -99.96 -11.33
C ALA F 319 6.60 -99.63 -9.95
N VAL F 320 7.00 -100.45 -8.97
CA VAL F 320 6.34 -100.47 -7.66
C VAL F 320 6.59 -99.16 -6.92
N GLU F 321 7.78 -98.58 -7.08
CA GLU F 321 8.05 -97.32 -6.41
C GLU F 321 7.36 -96.16 -7.11
N GLN F 322 7.08 -96.29 -8.40
CA GLN F 322 6.23 -95.29 -9.03
C GLN F 322 4.79 -95.43 -8.57
N GLN F 323 4.39 -96.65 -8.21
CA GLN F 323 3.07 -96.82 -7.61
C GLN F 323 3.02 -96.21 -6.21
N HIS F 324 4.14 -96.28 -5.48
CA HIS F 324 4.26 -95.55 -4.22
C HIS F 324 4.10 -94.06 -4.44
N TYR F 325 4.71 -93.54 -5.51
CA TYR F 325 4.62 -92.11 -5.80
C TYR F 325 3.20 -91.68 -6.13
N VAL F 326 2.49 -92.49 -6.92
CA VAL F 326 1.11 -92.16 -7.29
C VAL F 326 0.20 -92.25 -6.08
N ILE F 327 0.44 -93.21 -5.20
CA ILE F 327 -0.37 -93.35 -4.00
C ILE F 327 -0.10 -92.20 -3.03
N ALA F 328 1.14 -91.72 -2.99
CA ALA F 328 1.44 -90.56 -2.16
C ALA F 328 0.78 -89.30 -2.69
N ASN F 329 0.70 -89.16 -4.02
CA ASN F 329 -0.05 -88.06 -4.60
C ASN F 329 -1.53 -88.18 -4.30
N LEU F 330 -2.02 -89.41 -4.15
CA LEU F 330 -3.40 -89.59 -3.74
C LEU F 330 -3.60 -89.23 -2.27
N ILE F 331 -2.59 -89.48 -1.44
CA ILE F 331 -2.71 -89.20 -0.02
C ILE F 331 -2.71 -87.70 0.24
N ARG F 332 -1.86 -86.98 -0.50
CA ARG F 332 -1.80 -85.52 -0.35
C ARG F 332 -3.11 -84.87 -0.78
N GLY F 333 -3.70 -85.34 -1.86
CA GLY F 333 -5.00 -84.87 -2.27
C GLY F 333 -4.94 -83.52 -2.97
N GLY F 334 -5.95 -83.28 -3.80
CA GLY F 334 -5.96 -82.06 -4.57
C GLY F 334 -7.14 -82.03 -5.52
N VAL F 335 -6.98 -81.25 -6.58
CA VAL F 335 -8.02 -81.01 -7.56
C VAL F 335 -7.57 -81.61 -8.87
N PHE F 336 -8.28 -82.62 -9.35
CA PHE F 336 -7.95 -83.28 -10.60
C PHE F 336 -9.13 -83.20 -11.56
N GLY F 337 -8.85 -83.44 -12.83
CA GLY F 337 -9.91 -83.42 -13.81
C GLY F 337 -9.70 -82.42 -14.93
N GLU F 338 -10.74 -81.69 -15.28
CA GLU F 338 -10.65 -80.73 -16.39
C GLU F 338 -11.11 -79.35 -15.96
N SER G 7 -57.59 -80.20 -14.19
CA SER G 7 -56.14 -80.31 -14.09
C SER G 7 -55.59 -79.38 -13.02
N THR G 8 -54.27 -79.41 -12.84
CA THR G 8 -53.62 -78.53 -11.88
C THR G 8 -53.63 -77.09 -12.38
N ALA G 9 -53.59 -76.16 -11.43
CA ALA G 9 -53.72 -74.75 -11.77
C ALA G 9 -52.43 -74.20 -12.36
N SER G 10 -52.52 -72.97 -12.85
CA SER G 10 -51.34 -72.30 -13.38
C SER G 10 -50.43 -71.78 -12.28
N VAL G 11 -50.97 -71.55 -11.08
CA VAL G 11 -50.23 -71.00 -9.95
C VAL G 11 -50.30 -72.00 -8.81
N LEU G 12 -49.14 -72.39 -8.28
CA LEU G 12 -49.09 -73.33 -7.17
C LEU G 12 -47.84 -73.08 -6.34
N ALA G 13 -48.01 -72.93 -5.03
CA ALA G 13 -46.89 -72.61 -4.16
C ALA G 13 -47.12 -73.19 -2.77
N PHE G 14 -46.05 -73.71 -2.18
CA PHE G 14 -46.06 -74.25 -0.83
C PHE G 14 -45.06 -73.47 0.02
N GLU G 15 -45.40 -73.24 1.28
CA GLU G 15 -44.48 -72.59 2.20
C GLU G 15 -43.68 -73.63 2.97
N ARG G 16 -42.51 -73.25 3.42
CA ARG G 16 -41.60 -74.19 4.06
C ARG G 16 -42.06 -74.50 5.48
N LYS G 17 -42.12 -75.78 5.81
CA LYS G 17 -42.18 -76.24 7.18
C LYS G 17 -40.81 -76.73 7.60
N LEU G 18 -40.64 -76.94 8.91
CA LEU G 18 -39.35 -77.26 9.55
C LEU G 18 -38.29 -76.20 9.26
N ASP G 19 -38.52 -75.01 9.79
CA ASP G 19 -37.58 -73.92 9.64
C ASP G 19 -36.44 -74.08 10.65
N PRO G 20 -35.20 -74.22 10.22
CA PRO G 20 -34.07 -74.26 11.17
C PRO G 20 -33.47 -72.88 11.41
N SER G 21 -32.41 -72.83 12.20
CA SER G 21 -31.72 -71.58 12.49
C SER G 21 -30.27 -71.68 12.06
N ASP G 22 -29.57 -70.55 12.10
CA ASP G 22 -28.15 -70.52 11.79
C ASP G 22 -27.37 -71.12 12.95
N ALA G 23 -26.61 -72.18 12.67
CA ALA G 23 -25.93 -72.93 13.72
C ALA G 23 -24.62 -72.24 14.06
N LEU G 24 -24.51 -71.72 15.29
CA LEU G 24 -23.30 -71.06 15.72
C LEU G 24 -22.35 -72.06 16.35
N MET G 25 -21.06 -71.80 16.24
CA MET G 25 -20.03 -72.71 16.70
C MET G 25 -19.32 -72.13 17.91
N SER G 26 -18.90 -73.01 18.81
CA SER G 26 -18.13 -72.62 19.98
C SER G 26 -17.30 -73.81 20.41
N ALA G 27 -16.29 -73.56 21.23
CA ALA G 27 -15.30 -74.58 21.53
C ALA G 27 -15.00 -74.61 23.01
N GLY G 28 -14.52 -75.77 23.45
CA GLY G 28 -14.16 -75.95 24.84
C GLY G 28 -13.55 -77.32 25.03
N ALA G 29 -13.43 -77.74 26.28
CA ALA G 29 -12.79 -79.00 26.60
C ALA G 29 -13.84 -80.07 26.88
N TRP G 30 -13.43 -81.32 26.68
CA TRP G 30 -14.29 -82.46 26.96
C TRP G 30 -14.52 -82.59 28.46
N ALA G 31 -15.60 -83.28 28.81
CA ALA G 31 -16.14 -83.52 30.15
C ALA G 31 -16.60 -82.25 30.85
N GLN G 32 -16.70 -81.13 30.14
CA GLN G 32 -17.30 -79.91 30.69
C GLN G 32 -18.49 -79.47 29.86
N ARG G 33 -19.03 -80.36 29.02
CA ARG G 33 -20.05 -79.96 28.06
C ARG G 33 -21.38 -79.66 28.73
N ASP G 34 -21.58 -80.13 29.96
CA ASP G 34 -22.75 -79.71 30.72
C ASP G 34 -22.65 -78.25 31.12
N ALA G 35 -21.43 -77.75 31.28
CA ALA G 35 -21.20 -76.35 31.60
C ALA G 35 -20.97 -75.51 30.35
N SER G 36 -21.44 -75.96 29.20
CA SER G 36 -21.17 -75.25 27.96
C SER G 36 -22.25 -74.23 27.65
N GLN G 37 -22.56 -73.36 28.61
CA GLN G 37 -23.46 -72.25 28.36
C GLN G 37 -22.73 -70.93 28.19
N GLU G 38 -21.41 -70.93 28.34
CA GLU G 38 -20.63 -69.70 28.32
C GLU G 38 -19.31 -69.88 27.56
N TRP G 39 -19.21 -70.95 26.77
CA TRP G 39 -17.98 -71.29 26.07
C TRP G 39 -17.67 -70.23 25.01
N PRO G 40 -16.39 -69.89 24.82
CA PRO G 40 -16.06 -68.82 23.88
C PRO G 40 -16.24 -69.27 22.44
N ALA G 41 -16.41 -68.29 21.56
CA ALA G 41 -16.71 -68.57 20.18
C ALA G 41 -15.45 -68.99 19.42
N VAL G 42 -15.66 -69.37 18.17
CA VAL G 42 -14.56 -69.67 17.26
C VAL G 42 -14.57 -68.61 16.17
N THR G 43 -13.45 -67.91 16.03
CA THR G 43 -13.36 -66.77 15.14
C THR G 43 -12.70 -67.17 13.83
N VAL G 44 -12.81 -66.28 12.85
CA VAL G 44 -12.19 -66.47 11.54
C VAL G 44 -11.03 -65.50 11.43
N ARG G 45 -9.90 -65.99 10.94
CA ARG G 45 -8.72 -65.19 10.72
C ARG G 45 -8.33 -65.28 9.25
N GLU G 46 -7.26 -64.61 8.89
CA GLU G 46 -6.69 -64.73 7.56
C GLU G 46 -5.25 -65.19 7.67
N LYS G 47 -4.77 -65.81 6.60
CA LYS G 47 -3.36 -66.12 6.49
C LYS G 47 -3.02 -66.16 5.02
N SER G 48 -1.72 -66.17 4.72
CA SER G 48 -1.24 -66.11 3.36
C SER G 48 -0.68 -67.45 2.95
N VAL G 49 -0.93 -67.84 1.71
CA VAL G 49 -0.50 -69.12 1.18
C VAL G 49 0.29 -68.89 -0.09
N ARG G 50 1.27 -69.76 -0.33
CA ARG G 50 2.03 -69.78 -1.57
C ARG G 50 2.07 -71.22 -2.06
N GLY G 51 1.52 -71.46 -3.24
CA GLY G 51 1.55 -72.75 -3.85
C GLY G 51 2.30 -72.76 -5.16
N THR G 52 2.32 -73.91 -5.80
CA THR G 52 2.90 -74.07 -7.12
C THR G 52 1.80 -74.42 -8.09
N ILE G 53 2.19 -74.74 -9.31
CA ILE G 53 1.25 -75.21 -10.32
C ILE G 53 1.15 -76.72 -10.20
N SER G 54 -0.09 -77.21 -10.11
CA SER G 54 -0.35 -78.64 -10.03
C SER G 54 -1.53 -79.03 -10.89
N ASN G 55 -2.08 -78.10 -11.66
CA ASN G 55 -3.18 -78.35 -12.54
C ASN G 55 -2.74 -79.20 -13.73
N ARG G 56 -3.69 -79.96 -14.28
CA ARG G 56 -3.52 -80.51 -15.61
C ARG G 56 -3.47 -79.37 -16.61
N LEU G 57 -2.30 -79.17 -17.20
CA LEU G 57 -2.20 -78.10 -18.18
C LEU G 57 -2.73 -78.56 -19.53
N LYS G 58 -2.58 -77.72 -20.55
CA LYS G 58 -3.23 -77.94 -21.83
C LYS G 58 -2.59 -79.05 -22.64
N THR G 59 -1.36 -79.44 -22.30
CA THR G 59 -0.57 -80.57 -22.81
C THR G 59 -0.13 -80.40 -24.26
N LYS G 60 -0.53 -79.32 -24.90
CA LYS G 60 0.09 -78.84 -26.13
C LYS G 60 1.04 -77.70 -25.84
N ASP G 61 1.08 -77.26 -24.58
CA ASP G 61 2.00 -76.26 -24.08
C ASP G 61 2.82 -76.82 -22.93
N ARG G 62 3.27 -78.06 -23.06
CA ARG G 62 4.05 -78.68 -22.01
C ARG G 62 5.44 -78.06 -21.96
N ASP G 63 6.22 -78.22 -23.03
CA ASP G 63 7.33 -77.37 -23.49
C ASP G 63 8.27 -76.91 -22.38
N PRO G 64 9.18 -77.79 -21.89
CA PRO G 64 9.76 -77.66 -20.54
C PRO G 64 10.39 -76.34 -20.16
N ALA G 65 10.85 -75.58 -21.16
CA ALA G 65 11.35 -74.24 -20.91
C ALA G 65 10.24 -73.33 -20.41
N LYS G 66 9.07 -73.39 -21.04
CA LYS G 66 7.97 -72.54 -20.58
C LYS G 66 7.38 -73.05 -19.28
N LEU G 67 7.56 -74.34 -18.97
CA LEU G 67 7.11 -74.85 -17.69
C LEU G 67 8.01 -74.34 -16.56
N ASP G 68 9.32 -74.34 -16.79
CA ASP G 68 10.24 -73.78 -15.80
C ASP G 68 10.08 -72.27 -15.71
N ALA G 69 9.65 -71.63 -16.80
CA ALA G 69 9.32 -70.22 -16.74
C ALA G 69 8.10 -69.97 -15.87
N SER G 70 7.06 -70.79 -16.02
CA SER G 70 5.85 -70.58 -15.25
C SER G 70 6.00 -71.04 -13.81
N ILE G 71 7.04 -71.81 -13.50
CA ILE G 71 7.32 -72.14 -12.11
C ILE G 71 7.83 -70.90 -11.38
N GLN G 72 8.78 -70.19 -11.98
CA GLN G 72 9.57 -69.22 -11.23
C GLN G 72 8.86 -67.90 -10.98
N SER G 73 7.62 -67.75 -11.42
CA SER G 73 6.79 -66.66 -10.94
C SER G 73 5.88 -67.23 -9.87
N PRO G 74 5.97 -66.78 -8.62
CA PRO G 74 5.24 -67.45 -7.54
C PRO G 74 3.76 -67.11 -7.56
N ASN G 75 2.99 -67.90 -6.83
CA ASN G 75 1.54 -67.79 -6.80
C ASN G 75 1.10 -67.62 -5.35
N LEU G 76 0.58 -66.44 -5.02
CA LEU G 76 0.23 -66.10 -3.66
C LEU G 76 -1.27 -65.86 -3.57
N GLN G 77 -1.88 -66.29 -2.47
CA GLN G 77 -3.28 -66.01 -2.21
C GLN G 77 -3.47 -65.69 -0.74
N THR G 78 -4.62 -65.11 -0.43
CA THR G 78 -5.05 -64.89 0.94
C THR G 78 -6.32 -65.69 1.17
N VAL G 79 -6.35 -66.47 2.25
CA VAL G 79 -7.48 -67.33 2.53
C VAL G 79 -7.96 -67.05 3.95
N ASP G 80 -9.10 -67.63 4.28
CA ASP G 80 -9.60 -67.62 5.63
C ASP G 80 -9.36 -68.96 6.29
N VAL G 81 -9.44 -68.98 7.62
CA VAL G 81 -9.19 -70.20 8.38
C VAL G 81 -9.96 -70.08 9.69
N ALA G 82 -10.27 -71.21 10.30
CA ALA G 82 -10.93 -71.26 11.58
C ALA G 82 -10.42 -72.48 12.32
N ASN G 83 -9.74 -72.26 13.44
CA ASN G 83 -9.19 -73.36 14.21
C ASN G 83 -9.72 -73.32 15.62
N LEU G 84 -9.63 -74.46 16.29
CA LEU G 84 -9.81 -74.48 17.72
C LEU G 84 -8.58 -73.89 18.39
N PRO G 85 -8.71 -73.39 19.61
CA PRO G 85 -7.52 -73.00 20.36
C PRO G 85 -6.68 -74.20 20.73
N SER G 86 -5.45 -73.91 21.17
CA SER G 86 -4.48 -74.95 21.44
C SER G 86 -4.78 -75.75 22.69
N ASP G 87 -5.70 -75.30 23.53
CA ASP G 87 -6.05 -75.99 24.77
C ASP G 87 -7.34 -76.76 24.68
N ALA G 88 -8.36 -76.24 23.99
CA ALA G 88 -9.63 -76.92 23.83
C ALA G 88 -9.47 -78.07 22.85
N ASP G 89 -10.38 -79.05 22.93
CA ASP G 89 -10.36 -80.17 22.01
C ASP G 89 -11.75 -80.63 21.62
N THR G 90 -12.77 -79.80 21.80
CA THR G 90 -14.14 -80.18 21.51
C THR G 90 -14.86 -79.02 20.86
N LEU G 91 -15.66 -79.33 19.84
CA LEU G 91 -16.44 -78.34 19.12
C LEU G 91 -17.91 -78.47 19.50
N LYS G 92 -18.56 -77.34 19.72
CA LYS G 92 -19.97 -77.31 20.12
C LYS G 92 -20.76 -76.52 19.10
N VAL G 93 -21.80 -77.14 18.55
CA VAL G 93 -22.66 -76.52 17.56
C VAL G 93 -24.08 -76.52 18.11
N ARG G 94 -24.79 -75.39 17.95
CA ARG G 94 -26.11 -75.23 18.52
C ARG G 94 -27.03 -74.51 17.54
N PHE G 95 -28.25 -75.02 17.38
CA PHE G 95 -29.25 -74.38 16.54
C PHE G 95 -30.64 -74.76 17.05
N THR G 96 -31.63 -74.01 16.59
CA THR G 96 -33.02 -74.23 16.94
C THR G 96 -33.79 -74.70 15.72
N LEU G 97 -35.01 -75.17 15.96
CA LEU G 97 -35.83 -75.75 14.91
C LEU G 97 -37.30 -75.59 15.25
N ARG G 98 -38.05 -74.98 14.32
CA ARG G 98 -39.47 -74.73 14.49
C ARG G 98 -40.25 -75.56 13.49
N VAL G 99 -41.19 -76.36 13.99
CA VAL G 99 -42.07 -77.19 13.16
C VAL G 99 -43.45 -76.55 13.20
N LEU G 100 -44.15 -76.55 12.06
CA LEU G 100 -45.39 -75.79 11.94
C LEU G 100 -46.64 -76.66 11.89
N GLY G 101 -46.73 -77.57 10.94
CA GLY G 101 -47.94 -78.34 10.74
C GLY G 101 -48.93 -77.67 9.81
N GLY G 102 -49.87 -78.46 9.31
CA GLY G 102 -50.74 -78.00 8.25
C GLY G 102 -50.08 -78.25 6.91
N ALA G 103 -49.75 -79.52 6.65
CA ALA G 103 -48.81 -79.86 5.60
C ALA G 103 -49.41 -79.69 4.20
N GLY G 104 -50.72 -79.90 4.07
CA GLY G 104 -51.29 -80.02 2.74
C GLY G 104 -51.53 -78.69 2.05
N THR G 105 -51.88 -77.68 2.82
CA THR G 105 -52.48 -76.48 2.25
C THR G 105 -51.46 -75.62 1.50
N PRO G 106 -51.73 -75.25 0.26
CA PRO G 106 -50.83 -74.36 -0.46
C PRO G 106 -51.09 -72.91 -0.11
N SER G 107 -50.13 -72.07 -0.48
CA SER G 107 -50.27 -70.63 -0.32
C SER G 107 -50.90 -69.96 -1.53
N ALA G 108 -50.98 -70.66 -2.66
CA ALA G 108 -51.49 -70.05 -3.87
C ALA G 108 -52.08 -71.13 -4.77
N CYS G 109 -53.24 -70.83 -5.34
CA CYS G 109 -53.90 -71.74 -6.28
C CYS G 109 -54.79 -70.92 -7.21
N ASN G 110 -54.63 -71.12 -8.52
CA ASN G 110 -55.40 -70.32 -9.47
C ASN G 110 -56.79 -70.88 -9.65
N ASP G 111 -56.97 -72.18 -9.45
CA ASP G 111 -58.25 -72.85 -9.63
C ASP G 111 -58.58 -73.67 -8.39
N ALA G 112 -59.83 -73.55 -7.94
CA ALA G 112 -60.22 -74.15 -6.66
C ALA G 112 -60.48 -75.64 -6.76
N ALA G 113 -60.72 -76.16 -7.96
CA ALA G 113 -61.05 -77.57 -8.12
C ALA G 113 -59.84 -78.46 -7.84
N TYR G 114 -58.68 -78.08 -8.38
CA TYR G 114 -57.44 -78.77 -8.03
C TYR G 114 -57.09 -78.55 -6.56
N ARG G 115 -57.50 -77.42 -6.01
CA ARG G 115 -57.23 -77.11 -4.60
C ARG G 115 -57.96 -78.08 -3.67
N ASP G 116 -59.28 -78.20 -3.81
CA ASP G 116 -59.97 -79.11 -2.89
C ASP G 116 -59.78 -80.57 -3.29
N LYS G 117 -59.41 -80.86 -4.55
CA LYS G 117 -59.01 -82.22 -4.88
C LYS G 117 -57.70 -82.60 -4.18
N LEU G 118 -56.74 -81.68 -4.14
CA LEU G 118 -55.52 -81.92 -3.39
C LEU G 118 -55.80 -81.99 -1.90
N LEU G 119 -56.73 -81.16 -1.42
CA LEU G 119 -57.12 -81.16 -0.01
C LEU G 119 -57.67 -82.51 0.41
N GLN G 120 -58.58 -83.05 -0.42
CA GLN G 120 -59.18 -84.32 -0.07
C GLN G 120 -58.21 -85.48 -0.25
N THR G 121 -57.29 -85.42 -1.22
CA THR G 121 -56.40 -86.56 -1.37
C THR G 121 -55.32 -86.57 -0.29
N VAL G 122 -54.93 -85.38 0.22
CA VAL G 122 -54.01 -85.42 1.35
C VAL G 122 -54.76 -85.73 2.64
N ALA G 123 -56.07 -85.44 2.68
CA ALA G 123 -56.89 -85.91 3.79
C ALA G 123 -56.95 -87.43 3.81
N THR G 124 -57.10 -88.04 2.63
CA THR G 124 -57.02 -89.49 2.53
C THR G 124 -55.66 -90.01 2.96
N TYR G 125 -54.58 -89.35 2.53
CA TYR G 125 -53.24 -89.85 2.83
C TYR G 125 -52.93 -89.76 4.32
N VAL G 126 -53.40 -88.70 4.99
CA VAL G 126 -53.14 -88.62 6.43
C VAL G 126 -54.07 -89.57 7.17
N ASN G 127 -55.24 -89.88 6.61
CA ASN G 127 -56.12 -90.81 7.31
C ASN G 127 -55.71 -92.26 7.08
N GLU G 128 -54.98 -92.55 6.00
CA GLU G 128 -54.51 -93.92 5.76
C GLU G 128 -53.47 -94.33 6.79
N GLN G 129 -52.35 -93.63 6.81
CA GLN G 129 -51.29 -93.90 7.77
C GLN G 129 -50.74 -92.58 8.27
N GLY G 130 -50.01 -92.65 9.38
CA GLY G 130 -49.46 -91.47 10.00
C GLY G 130 -48.15 -91.05 9.38
N PHE G 131 -47.47 -90.13 10.06
CA PHE G 131 -46.19 -89.60 9.62
C PHE G 131 -45.02 -90.40 10.14
N ALA G 132 -45.27 -91.59 10.73
CA ALA G 132 -44.28 -92.24 11.58
C ALA G 132 -43.07 -92.71 10.79
N GLU G 133 -43.24 -93.01 9.50
CA GLU G 133 -42.11 -93.33 8.66
C GLU G 133 -41.23 -92.12 8.44
N LEU G 134 -41.85 -91.01 8.00
CA LEU G 134 -41.11 -89.77 7.76
C LEU G 134 -40.54 -89.20 9.05
N ALA G 135 -41.30 -89.30 10.14
CA ALA G 135 -40.83 -88.78 11.40
C ALA G 135 -39.71 -89.63 11.97
N ARG G 136 -39.75 -90.95 11.73
CA ARG G 136 -38.65 -91.81 12.14
C ARG G 136 -37.39 -91.49 11.34
N ARG G 137 -37.54 -91.21 10.05
CA ARG G 137 -36.37 -90.87 9.25
C ARG G 137 -35.81 -89.49 9.61
N TYR G 138 -36.68 -88.56 9.98
CA TYR G 138 -36.22 -87.24 10.42
C TYR G 138 -35.51 -87.32 11.76
N ALA G 139 -36.04 -88.13 12.67
CA ALA G 139 -35.36 -88.34 13.94
C ALA G 139 -34.07 -89.11 13.76
N HIS G 140 -33.96 -89.90 12.69
CA HIS G 140 -32.68 -90.50 12.37
C HIS G 140 -31.68 -89.46 11.89
N ASN G 141 -32.11 -88.58 10.98
CA ASN G 141 -31.21 -87.56 10.45
C ASN G 141 -30.82 -86.52 11.50
N LEU G 142 -31.60 -86.39 12.56
CA LEU G 142 -31.13 -85.65 13.72
C LEU G 142 -30.41 -86.53 14.73
N ALA G 143 -30.55 -87.86 14.63
CA ALA G 143 -29.89 -88.74 15.58
C ALA G 143 -28.42 -88.88 15.23
N ASN G 144 -28.12 -89.32 14.01
CA ASN G 144 -26.78 -89.11 13.50
C ASN G 144 -26.63 -87.64 13.14
N ALA G 145 -25.42 -87.12 13.27
CA ALA G 145 -25.17 -85.72 12.99
C ALA G 145 -24.71 -85.56 11.54
N ARG G 146 -25.69 -85.58 10.63
CA ARG G 146 -25.40 -85.31 9.24
C ARG G 146 -25.13 -83.83 9.02
N PHE G 147 -25.66 -82.98 9.89
CA PHE G 147 -25.49 -81.55 9.72
C PHE G 147 -24.06 -81.11 10.02
N LEU G 148 -23.32 -81.86 10.82
CA LEU G 148 -21.87 -81.68 10.90
C LEU G 148 -21.31 -82.31 9.65
N TRP G 149 -21.23 -81.51 8.60
CA TRP G 149 -20.93 -82.01 7.26
C TRP G 149 -19.55 -82.61 7.13
N ARG G 150 -18.51 -81.79 7.27
CA ARG G 150 -17.16 -82.32 7.22
C ARG G 150 -16.55 -82.51 8.59
N ASN G 151 -17.11 -81.88 9.62
CA ASN G 151 -16.55 -81.96 10.95
C ASN G 151 -16.77 -83.34 11.56
N ARG G 152 -17.79 -84.06 11.10
CA ARG G 152 -18.04 -85.41 11.59
C ARG G 152 -16.99 -86.38 11.11
N VAL G 153 -16.34 -86.08 9.98
CA VAL G 153 -15.45 -87.04 9.34
C VAL G 153 -14.20 -87.21 10.17
N GLY G 154 -13.83 -88.47 10.43
CA GLY G 154 -12.64 -88.78 11.18
C GLY G 154 -12.68 -88.37 12.63
N ALA G 155 -13.84 -88.33 13.25
CA ALA G 155 -13.93 -87.85 14.62
C ALA G 155 -13.49 -88.92 15.60
N GLU G 156 -13.77 -88.67 16.87
CA GLU G 156 -13.42 -89.58 17.94
C GLU G 156 -14.62 -90.01 18.76
N ALA G 157 -15.51 -89.08 19.08
CA ALA G 157 -16.73 -89.35 19.82
C ALA G 157 -17.72 -88.22 19.62
N VAL G 158 -18.91 -88.53 19.11
CA VAL G 158 -19.93 -87.53 18.84
C VAL G 158 -21.07 -87.73 19.84
N GLU G 159 -21.69 -86.62 20.23
CA GLU G 159 -22.74 -86.62 21.23
C GLU G 159 -23.74 -85.52 20.92
N VAL G 160 -25.02 -85.89 20.90
CA VAL G 160 -26.09 -84.96 20.57
C VAL G 160 -26.92 -84.74 21.81
N ARG G 161 -27.54 -83.57 21.92
CA ARG G 161 -28.49 -83.27 22.99
C ARG G 161 -29.68 -82.56 22.38
N ILE G 162 -30.86 -83.17 22.50
CA ILE G 162 -32.10 -82.63 21.95
C ILE G 162 -33.03 -82.30 23.10
N ASN G 163 -33.65 -81.12 23.04
CA ASN G 163 -34.47 -80.61 24.13
C ASN G 163 -35.81 -80.14 23.60
N HIS G 164 -36.89 -80.57 24.25
CA HIS G 164 -38.24 -80.15 23.91
C HIS G 164 -38.57 -78.87 24.66
N ILE G 165 -39.16 -77.91 23.95
CA ILE G 165 -39.45 -76.59 24.49
C ILE G 165 -40.93 -76.34 24.23
N ARG G 166 -41.73 -76.32 25.29
CA ARG G 166 -43.15 -75.98 25.16
C ARG G 166 -43.39 -74.52 25.49
N GLN G 167 -43.13 -74.14 26.74
CA GLN G 167 -43.11 -72.77 27.19
C GLN G 167 -41.65 -72.38 27.35
N GLY G 168 -41.39 -71.27 28.05
CA GLY G 168 -40.03 -70.80 28.28
C GLY G 168 -39.10 -71.70 29.09
N GLU G 169 -39.55 -72.88 29.47
CA GLU G 169 -38.75 -73.90 30.15
C GLU G 169 -38.66 -75.14 29.26
N VAL G 170 -37.78 -76.05 29.68
CA VAL G 170 -37.61 -77.31 28.98
C VAL G 170 -38.83 -78.21 29.21
N ALA G 171 -39.35 -78.79 28.13
CA ALA G 171 -40.38 -79.82 28.24
C ALA G 171 -39.75 -81.19 28.49
N ARG G 172 -38.84 -81.63 27.63
CA ARG G 172 -38.19 -82.92 27.82
C ARG G 172 -36.86 -82.91 27.08
N THR G 173 -35.95 -83.77 27.55
CA THR G 173 -34.58 -83.83 27.06
C THR G 173 -34.28 -85.18 26.43
N TRP G 174 -33.24 -85.19 25.58
CA TRP G 174 -32.79 -86.40 24.91
C TRP G 174 -31.29 -86.29 24.69
N ARG G 175 -30.61 -87.44 24.69
CA ARG G 175 -29.20 -87.49 24.32
C ARG G 175 -28.91 -88.81 23.63
N PHE G 176 -27.88 -88.82 22.79
CA PHE G 176 -27.56 -89.99 21.97
C PHE G 176 -26.05 -90.12 21.82
N ASP G 177 -25.68 -91.21 21.16
CA ASP G 177 -24.32 -91.42 20.67
C ASP G 177 -24.43 -91.54 19.14
N ALA G 178 -24.04 -90.47 18.45
CA ALA G 178 -24.42 -90.34 17.04
C ALA G 178 -23.61 -91.23 16.12
N LEU G 179 -22.49 -91.79 16.61
CA LEU G 179 -21.70 -92.66 15.74
C LEU G 179 -22.21 -94.09 15.77
N ALA G 180 -22.97 -94.46 16.80
CA ALA G 180 -23.58 -95.79 16.82
C ALA G 180 -24.66 -95.90 15.76
N ILE G 181 -25.49 -94.86 15.62
CA ILE G 181 -26.40 -94.79 14.50
C ILE G 181 -25.58 -94.50 13.25
N GLY G 182 -25.71 -95.37 12.26
CA GLY G 182 -24.95 -95.20 11.04
C GLY G 182 -25.54 -94.12 10.16
N LEU G 183 -24.87 -93.91 9.04
CA LEU G 183 -25.37 -93.04 7.99
C LEU G 183 -26.18 -93.82 6.96
N ARG G 184 -26.46 -95.09 7.21
CA ARG G 184 -26.87 -96.01 6.16
C ARG G 184 -28.36 -96.32 6.18
N ASP G 185 -28.88 -96.86 7.26
CA ASP G 185 -30.21 -97.43 7.31
C ASP G 185 -31.11 -96.62 8.25
N PHE G 186 -32.28 -97.16 8.51
CA PHE G 186 -33.25 -96.52 9.41
C PHE G 186 -33.81 -97.60 10.34
N LYS G 187 -33.19 -97.75 11.50
CA LYS G 187 -33.66 -98.66 12.54
C LYS G 187 -34.69 -97.95 13.41
N ALA G 188 -35.00 -98.54 14.56
CA ALA G 188 -36.00 -97.99 15.47
C ALA G 188 -35.47 -98.01 16.91
N ASP G 189 -35.94 -97.04 17.70
CA ASP G 189 -35.51 -96.87 19.09
C ASP G 189 -36.60 -96.13 19.83
N ALA G 190 -36.81 -96.49 21.10
CA ALA G 190 -37.93 -95.97 21.88
C ALA G 190 -37.84 -94.46 22.08
N GLU G 191 -36.65 -93.95 22.38
CA GLU G 191 -36.46 -92.50 22.45
C GLU G 191 -36.62 -91.87 21.07
N LEU G 192 -36.10 -92.55 20.05
CA LEU G 192 -36.25 -92.07 18.67
C LEU G 192 -37.70 -92.13 18.24
N ASP G 193 -38.44 -93.13 18.70
CA ASP G 193 -39.85 -93.21 18.34
C ASP G 193 -40.68 -92.20 19.12
N ALA G 194 -40.24 -91.83 20.32
CA ALA G 194 -40.90 -90.75 21.04
C ALA G 194 -40.66 -89.41 20.34
N LEU G 195 -39.45 -89.21 19.85
CA LEU G 195 -39.16 -88.04 19.01
C LEU G 195 -39.99 -88.05 17.74
N ALA G 196 -40.14 -89.21 17.12
CA ALA G 196 -40.96 -89.33 15.92
C ALA G 196 -42.42 -89.07 16.24
N GLU G 197 -42.87 -89.44 17.43
CA GLU G 197 -44.21 -89.10 17.87
C GLU G 197 -44.37 -87.59 18.01
N LEU G 198 -43.35 -86.92 18.55
CA LEU G 198 -43.39 -85.47 18.65
C LEU G 198 -43.43 -84.82 17.27
N ILE G 199 -42.68 -85.37 16.32
CA ILE G 199 -42.62 -84.82 14.97
C ILE G 199 -43.95 -85.03 14.26
N ALA G 200 -44.55 -86.21 14.45
CA ALA G 200 -45.83 -86.49 13.81
C ALA G 200 -46.96 -85.66 14.41
N SER G 201 -46.85 -85.34 15.70
CA SER G 201 -47.84 -84.45 16.30
C SER G 201 -47.65 -83.03 15.80
N GLY G 202 -46.40 -82.59 15.67
CA GLY G 202 -46.15 -81.23 15.21
C GLY G 202 -46.50 -81.04 13.74
N LEU G 203 -46.36 -82.10 12.94
CA LEU G 203 -46.71 -82.03 11.53
C LEU G 203 -48.20 -82.08 11.30
N SER G 204 -48.97 -82.46 12.32
CA SER G 204 -50.40 -82.68 12.20
C SER G 204 -51.22 -81.39 12.31
N GLY G 205 -50.61 -80.23 12.14
CA GLY G 205 -51.34 -78.99 12.31
C GLY G 205 -51.63 -78.63 13.74
N SER G 206 -50.97 -79.29 14.70
CA SER G 206 -51.30 -79.10 16.11
C SER G 206 -50.70 -77.82 16.67
N GLY G 207 -49.66 -77.28 16.05
CA GLY G 207 -49.07 -76.05 16.53
C GLY G 207 -47.58 -76.03 16.32
N HIS G 208 -46.95 -75.01 16.91
CA HIS G 208 -45.52 -74.76 16.76
C HIS G 208 -44.76 -75.54 17.84
N VAL G 209 -44.06 -76.59 17.43
CA VAL G 209 -43.20 -77.36 18.31
C VAL G 209 -41.77 -76.89 18.12
N LEU G 210 -41.09 -76.61 19.24
CA LEU G 210 -39.82 -75.90 19.23
C LEU G 210 -38.75 -76.74 19.90
N LEU G 211 -37.61 -76.88 19.24
CA LEU G 211 -36.50 -77.68 19.75
C LEU G 211 -35.21 -76.86 19.73
N GLU G 212 -34.27 -77.24 20.60
CA GLU G 212 -32.93 -76.70 20.61
C GLU G 212 -31.95 -77.87 20.63
N VAL G 213 -31.12 -77.96 19.60
CA VAL G 213 -30.22 -79.09 19.41
C VAL G 213 -28.79 -78.62 19.60
N VAL G 214 -28.02 -79.38 20.37
CA VAL G 214 -26.63 -79.08 20.65
C VAL G 214 -25.80 -80.34 20.44
N ALA G 215 -24.71 -80.23 19.68
CA ALA G 215 -23.87 -81.37 19.37
C ALA G 215 -22.44 -81.14 19.85
N PHE G 216 -21.70 -82.23 20.02
CA PHE G 216 -20.33 -82.20 20.49
C PHE G 216 -19.50 -83.22 19.73
N ALA G 217 -18.20 -82.97 19.61
CA ALA G 217 -17.31 -83.85 18.87
C ALA G 217 -15.88 -83.71 19.36
N ARG G 218 -15.28 -84.83 19.77
CA ARG G 218 -13.86 -84.86 20.10
C ARG G 218 -13.08 -84.84 18.80
N ILE G 219 -12.33 -83.77 18.56
CA ILE G 219 -11.52 -83.69 17.35
C ILE G 219 -10.05 -83.67 17.73
N GLY G 220 -9.63 -82.67 18.47
CA GLY G 220 -8.24 -82.55 18.86
C GLY G 220 -7.91 -81.11 19.18
N ASP G 221 -6.66 -80.90 19.57
CA ASP G 221 -6.18 -79.59 20.00
C ASP G 221 -5.72 -78.79 18.79
N GLY G 222 -6.31 -77.62 18.60
CA GLY G 222 -5.87 -76.71 17.57
C GLY G 222 -6.18 -77.12 16.16
N GLN G 223 -7.02 -78.12 15.95
CA GLN G 223 -7.35 -78.52 14.60
C GLN G 223 -8.36 -77.55 14.00
N GLU G 224 -8.68 -77.76 12.73
CA GLU G 224 -9.51 -76.83 11.98
C GLU G 224 -10.93 -77.34 11.89
N VAL G 225 -11.86 -76.40 11.82
CA VAL G 225 -13.27 -76.71 11.64
C VAL G 225 -13.70 -76.16 10.29
N PHE G 226 -14.93 -76.39 9.90
CA PHE G 226 -15.39 -76.08 8.55
C PHE G 226 -16.75 -75.42 8.59
N PRO G 227 -16.82 -74.10 8.62
CA PRO G 227 -18.10 -73.42 8.45
C PRO G 227 -18.46 -73.27 6.98
N SER G 228 -19.52 -72.54 6.70
CA SER G 228 -19.96 -72.36 5.32
C SER G 228 -19.04 -71.37 4.59
N GLN G 229 -19.21 -71.31 3.28
CA GLN G 229 -18.49 -70.39 2.43
C GLN G 229 -19.46 -69.42 1.77
N GLU G 230 -18.91 -68.43 1.08
CA GLU G 230 -19.73 -67.39 0.50
C GLU G 230 -19.77 -67.53 -1.03
N LEU G 231 -20.69 -66.79 -1.64
CA LEU G 231 -20.82 -66.75 -3.10
C LEU G 231 -20.40 -65.37 -3.57
N ILE G 232 -19.21 -65.30 -4.16
CA ILE G 232 -18.71 -64.05 -4.73
C ILE G 232 -18.45 -64.28 -6.21
N LEU G 233 -18.90 -63.34 -7.03
CA LEU G 233 -18.62 -63.35 -8.45
C LEU G 233 -17.49 -62.36 -8.73
N ASP G 234 -16.53 -62.75 -9.56
CA ASP G 234 -15.36 -61.91 -9.78
C ASP G 234 -15.68 -60.74 -10.72
N LYS G 235 -16.03 -61.05 -11.99
CA LYS G 235 -16.44 -60.17 -13.09
C LYS G 235 -15.73 -58.82 -13.15
N GLY G 236 -14.41 -58.81 -12.92
CA GLY G 236 -13.73 -57.54 -12.78
C GLY G 236 -12.28 -57.47 -13.24
N ASP G 237 -11.89 -56.30 -13.75
CA ASP G 237 -10.52 -56.03 -14.16
C ASP G 237 -9.56 -55.90 -12.99
N LYS G 238 -10.08 -55.64 -11.79
CA LYS G 238 -9.27 -55.20 -10.67
C LYS G 238 -8.42 -56.34 -10.11
N LYS G 239 -7.74 -56.04 -9.01
CA LYS G 239 -6.82 -56.98 -8.41
C LYS G 239 -7.56 -58.18 -7.85
N GLY G 240 -6.82 -59.29 -7.70
CA GLY G 240 -7.44 -60.51 -7.23
C GLY G 240 -7.89 -60.40 -5.80
N GLN G 241 -9.07 -60.92 -5.52
CA GLN G 241 -9.59 -60.89 -4.17
C GLN G 241 -9.05 -62.08 -3.41
N LYS G 242 -9.42 -62.17 -2.13
CA LYS G 242 -9.07 -63.34 -1.36
C LYS G 242 -9.87 -64.53 -1.86
N SER G 243 -9.19 -65.66 -1.99
CA SER G 243 -9.76 -66.80 -2.69
C SER G 243 -10.69 -67.64 -1.82
N LYS G 244 -10.87 -67.28 -0.54
CA LYS G 244 -11.77 -68.03 0.31
C LYS G 244 -12.27 -67.13 1.41
N THR G 245 -13.58 -67.14 1.65
CA THR G 245 -14.19 -66.38 2.73
C THR G 245 -15.22 -67.24 3.43
N LEU G 246 -15.33 -67.10 4.74
CA LEU G 246 -16.17 -67.96 5.55
C LEU G 246 -17.38 -67.19 6.08
N TYR G 247 -18.38 -67.94 6.52
CA TYR G 247 -19.63 -67.35 7.00
C TYR G 247 -19.55 -67.11 8.50
N SER G 248 -19.74 -65.86 8.90
CA SER G 248 -19.69 -65.51 10.31
C SER G 248 -20.91 -64.71 10.70
N VAL G 249 -21.38 -64.94 11.92
CA VAL G 249 -22.55 -64.25 12.46
C VAL G 249 -22.13 -63.59 13.76
N ARG G 250 -22.06 -62.26 13.75
CA ARG G 250 -21.65 -61.43 14.90
C ARG G 250 -20.30 -61.88 15.46
N ASP G 251 -19.33 -61.99 14.55
CA ASP G 251 -17.95 -62.34 14.85
C ASP G 251 -17.84 -63.72 15.50
N ALA G 252 -18.55 -64.69 14.94
CA ALA G 252 -18.45 -66.07 15.35
C ALA G 252 -18.78 -66.94 14.15
N ALA G 253 -18.07 -68.06 14.02
CA ALA G 253 -18.24 -68.92 12.86
C ALA G 253 -19.60 -69.59 12.89
N ALA G 254 -20.13 -69.86 11.70
CA ALA G 254 -21.50 -70.34 11.61
C ALA G 254 -21.69 -71.12 10.33
N ILE G 255 -22.75 -71.93 10.32
CA ILE G 255 -23.18 -72.67 9.15
C ILE G 255 -24.47 -72.05 8.64
N HIS G 256 -24.64 -72.03 7.32
CA HIS G 256 -25.85 -71.51 6.72
C HIS G 256 -27.06 -72.35 7.11
N SER G 257 -28.24 -71.72 7.07
CA SER G 257 -29.46 -72.42 7.42
C SER G 257 -29.85 -73.41 6.35
N GLN G 258 -29.62 -73.07 5.08
CA GLN G 258 -30.03 -73.96 4.00
C GLN G 258 -29.14 -75.17 3.92
N LYS G 259 -27.90 -75.09 4.41
CA LYS G 259 -27.01 -76.25 4.37
C LYS G 259 -27.46 -77.30 5.37
N ILE G 260 -27.82 -76.89 6.58
CA ILE G 260 -28.30 -77.86 7.56
C ILE G 260 -29.72 -78.32 7.21
N GLY G 261 -30.50 -77.44 6.58
CA GLY G 261 -31.81 -77.86 6.08
C GLY G 261 -31.71 -78.90 4.98
N ASN G 262 -30.72 -78.75 4.10
CA ASN G 262 -30.45 -79.76 3.10
C ASN G 262 -29.87 -81.01 3.74
N ALA G 263 -29.22 -80.87 4.88
CA ALA G 263 -28.73 -82.05 5.59
C ALA G 263 -29.86 -82.81 6.27
N LEU G 264 -30.98 -82.14 6.52
CA LEU G 264 -32.05 -82.80 7.25
C LEU G 264 -32.88 -83.72 6.37
N ARG G 265 -33.12 -83.32 5.12
CA ARG G 265 -34.08 -84.05 4.29
C ARG G 265 -33.43 -85.16 3.48
N THR G 266 -32.30 -85.69 3.94
CA THR G 266 -31.61 -86.78 3.24
C THR G 266 -32.28 -88.10 3.64
N ILE G 267 -33.41 -88.38 3.00
CA ILE G 267 -34.24 -89.51 3.40
C ILE G 267 -34.56 -90.47 2.27
N ASP G 268 -34.54 -90.04 1.00
CA ASP G 268 -35.07 -90.85 -0.09
C ASP G 268 -34.12 -91.99 -0.43
N THR G 269 -34.53 -93.21 -0.15
CA THR G 269 -33.79 -94.41 -0.54
C THR G 269 -34.46 -95.12 -1.71
N TRP G 270 -35.40 -94.46 -2.38
CA TRP G 270 -36.22 -95.11 -3.40
C TRP G 270 -36.00 -94.51 -4.78
N TYR G 271 -34.87 -93.88 -5.01
CA TYR G 271 -34.47 -93.53 -6.36
C TYR G 271 -34.22 -94.81 -7.15
N PRO G 272 -34.68 -94.90 -8.40
CA PRO G 272 -34.77 -96.21 -9.05
C PRO G 272 -33.46 -96.71 -9.62
N ASP G 273 -32.40 -95.92 -9.61
CA ASP G 273 -31.17 -96.32 -10.30
C ASP G 273 -30.46 -97.44 -9.55
N GLU G 274 -30.25 -97.26 -8.26
CA GLU G 274 -29.57 -98.25 -7.44
C GLU G 274 -29.99 -98.03 -5.99
N ASP G 275 -29.27 -98.67 -5.07
CA ASP G 275 -29.47 -98.42 -3.65
C ASP G 275 -28.15 -98.37 -2.87
N GLY G 276 -27.01 -98.62 -3.51
CA GLY G 276 -25.74 -98.65 -2.80
C GLY G 276 -25.12 -97.30 -2.55
N LEU G 277 -25.68 -96.24 -3.14
CA LEU G 277 -25.09 -94.92 -3.00
C LEU G 277 -25.66 -94.16 -1.81
N GLY G 278 -26.80 -94.59 -1.28
CA GLY G 278 -27.29 -94.07 -0.02
C GLY G 278 -28.47 -93.13 -0.17
N PRO G 279 -29.06 -92.76 0.97
CA PRO G 279 -30.22 -91.85 0.93
C PRO G 279 -29.82 -90.45 0.50
N ILE G 280 -30.68 -89.83 -0.29
CA ILE G 280 -30.41 -88.52 -0.84
C ILE G 280 -31.48 -87.55 -0.38
N ALA G 281 -31.32 -86.28 -0.72
CA ALA G 281 -32.34 -85.29 -0.45
C ALA G 281 -33.50 -85.46 -1.42
N VAL G 282 -34.62 -84.85 -1.08
CA VAL G 282 -35.85 -84.99 -1.85
C VAL G 282 -36.04 -83.72 -2.67
N GLU G 283 -36.16 -83.90 -3.98
CA GLU G 283 -36.25 -82.81 -4.94
C GLU G 283 -37.11 -83.27 -6.11
N PRO G 284 -37.76 -82.34 -6.81
CA PRO G 284 -38.45 -82.71 -8.06
C PRO G 284 -37.44 -83.12 -9.14
N TYR G 285 -37.54 -84.38 -9.56
CA TYR G 285 -36.52 -85.08 -10.34
C TYR G 285 -35.16 -84.95 -9.66
N GLY G 286 -35.08 -85.58 -8.49
CA GLY G 286 -34.04 -85.40 -7.49
C GLY G 286 -32.60 -85.41 -7.97
N SER G 287 -31.97 -84.25 -7.92
CA SER G 287 -30.67 -84.01 -8.50
C SER G 287 -29.69 -83.63 -7.41
N VAL G 288 -28.66 -84.44 -7.23
CA VAL G 288 -27.59 -84.15 -6.28
C VAL G 288 -26.61 -83.20 -6.95
N THR G 289 -25.94 -82.39 -6.14
CA THR G 289 -24.90 -81.52 -6.68
C THR G 289 -23.54 -82.15 -6.58
N SER G 290 -23.40 -83.20 -5.76
CA SER G 290 -22.11 -83.84 -5.58
C SER G 290 -21.70 -84.63 -6.82
N GLN G 291 -22.65 -85.34 -7.43
CA GLN G 291 -22.37 -86.06 -8.66
C GLN G 291 -22.76 -85.30 -9.90
N GLY G 292 -23.50 -84.20 -9.76
CA GLY G 292 -23.88 -83.42 -10.92
C GLY G 292 -24.92 -84.07 -11.79
N LYS G 293 -25.65 -85.05 -11.28
CA LYS G 293 -26.55 -85.86 -12.08
C LYS G 293 -27.93 -85.92 -11.44
N ALA G 294 -28.96 -85.91 -12.27
CA ALA G 294 -30.34 -85.89 -11.79
C ALA G 294 -30.91 -87.30 -11.79
N TYR G 295 -31.07 -87.87 -10.60
CA TYR G 295 -31.82 -89.09 -10.47
C TYR G 295 -33.31 -88.80 -10.56
N ARG G 296 -34.09 -89.88 -10.74
CA ARG G 296 -35.53 -89.83 -11.01
C ARG G 296 -35.82 -88.94 -12.22
N GLN G 297 -35.33 -89.39 -13.37
CA GLN G 297 -35.46 -88.62 -14.60
C GLN G 297 -36.93 -88.52 -15.00
N PRO G 298 -37.36 -87.37 -15.54
CA PRO G 298 -38.75 -87.24 -16.00
C PRO G 298 -39.10 -88.11 -17.20
N LYS G 299 -38.11 -88.67 -17.89
CA LYS G 299 -38.38 -89.70 -18.89
C LYS G 299 -38.99 -90.93 -18.23
N GLN G 300 -38.48 -91.30 -17.05
CA GLN G 300 -39.18 -92.27 -16.23
C GLN G 300 -40.34 -91.59 -15.52
N LYS G 301 -41.31 -92.40 -15.10
CA LYS G 301 -42.43 -91.87 -14.34
C LYS G 301 -42.20 -92.01 -12.84
N LEU G 302 -41.05 -91.52 -12.39
CA LEU G 302 -40.73 -91.49 -10.98
C LEU G 302 -40.32 -90.12 -10.50
N ASP G 303 -40.37 -89.11 -11.37
CA ASP G 303 -40.24 -87.74 -10.93
C ASP G 303 -41.51 -87.30 -10.21
N PHE G 304 -41.42 -86.15 -9.56
CA PHE G 304 -42.45 -85.74 -8.61
C PHE G 304 -43.71 -85.26 -9.31
N TYR G 305 -43.55 -84.56 -10.44
CA TYR G 305 -44.69 -83.94 -11.13
C TYR G 305 -45.64 -84.98 -11.70
N THR G 306 -45.09 -85.98 -12.40
CA THR G 306 -45.92 -87.00 -13.03
C THR G 306 -46.57 -87.89 -11.97
N LEU G 307 -45.85 -88.17 -10.89
CA LEU G 307 -46.42 -88.96 -9.80
C LEU G 307 -47.57 -88.23 -9.13
N LEU G 308 -47.45 -86.91 -8.96
CA LEU G 308 -48.55 -86.15 -8.39
C LEU G 308 -49.74 -86.07 -9.34
N ASP G 309 -49.48 -85.85 -10.63
CA ASP G 309 -50.56 -85.73 -11.60
C ASP G 309 -51.28 -87.06 -11.81
N ASN G 310 -50.59 -88.16 -11.57
CA ASN G 310 -51.29 -89.44 -11.54
C ASN G 310 -52.05 -89.63 -10.23
N TRP G 311 -51.52 -89.12 -9.12
CA TRP G 311 -52.15 -89.38 -7.83
C TRP G 311 -53.43 -88.59 -7.65
N VAL G 312 -53.48 -87.35 -8.09
CA VAL G 312 -54.61 -86.47 -7.79
C VAL G 312 -55.49 -86.24 -9.01
N LEU G 313 -54.93 -86.19 -10.21
CA LEU G 313 -55.74 -85.78 -11.36
C LEU G 313 -56.29 -86.99 -12.11
N ARG G 314 -55.43 -87.91 -12.50
CA ARG G 314 -55.89 -89.14 -13.14
C ARG G 314 -56.21 -90.22 -12.13
N ASP G 315 -55.98 -89.96 -10.84
CA ASP G 315 -56.32 -90.85 -9.71
C ASP G 315 -55.63 -92.21 -9.80
N GLU G 316 -54.50 -92.26 -10.49
CA GLU G 316 -53.66 -93.45 -10.53
C GLU G 316 -52.72 -93.39 -9.34
N ALA G 317 -53.03 -94.15 -8.30
CA ALA G 317 -52.29 -94.07 -7.05
C ALA G 317 -51.07 -94.97 -7.12
N PRO G 318 -49.86 -94.43 -6.96
CA PRO G 318 -48.66 -95.26 -6.90
C PRO G 318 -48.53 -95.90 -5.52
N ALA G 319 -47.40 -96.59 -5.32
CA ALA G 319 -47.17 -97.33 -4.09
C ALA G 319 -46.86 -96.37 -2.95
N VAL G 320 -46.62 -96.95 -1.76
CA VAL G 320 -46.44 -96.15 -0.55
C VAL G 320 -45.12 -95.41 -0.56
N GLU G 321 -44.11 -95.93 -1.26
CA GLU G 321 -42.81 -95.28 -1.33
C GLU G 321 -42.89 -93.98 -2.12
N GLN G 322 -43.56 -94.02 -3.28
CA GLN G 322 -43.75 -92.81 -4.05
C GLN G 322 -44.69 -91.84 -3.34
N GLN G 323 -45.59 -92.37 -2.51
CA GLN G 323 -46.43 -91.51 -1.68
C GLN G 323 -45.61 -90.75 -0.66
N HIS G 324 -44.68 -91.46 0.00
CA HIS G 324 -43.74 -90.81 0.92
C HIS G 324 -42.88 -89.79 0.17
N TYR G 325 -42.50 -90.09 -1.06
CA TYR G 325 -41.66 -89.19 -1.85
C TYR G 325 -42.42 -87.91 -2.19
N VAL G 326 -43.67 -88.03 -2.64
CA VAL G 326 -44.39 -86.83 -3.07
C VAL G 326 -44.83 -86.02 -1.85
N ILE G 327 -45.08 -86.68 -0.73
CA ILE G 327 -45.43 -85.88 0.45
C ILE G 327 -44.20 -85.26 1.07
N ALA G 328 -43.02 -85.84 0.84
CA ALA G 328 -41.78 -85.20 1.27
C ALA G 328 -41.49 -83.99 0.40
N ASN G 329 -41.77 -84.08 -0.90
CA ASN G 329 -41.61 -82.90 -1.75
C ASN G 329 -42.67 -81.85 -1.44
N LEU G 330 -43.82 -82.27 -0.91
CA LEU G 330 -44.81 -81.30 -0.47
C LEU G 330 -44.36 -80.60 0.81
N ILE G 331 -43.76 -81.34 1.74
CA ILE G 331 -43.30 -80.74 2.99
C ILE G 331 -42.01 -79.95 2.79
N ARG G 332 -41.31 -80.17 1.68
CA ARG G 332 -40.14 -79.35 1.39
C ARG G 332 -40.54 -77.94 0.95
N GLY G 333 -41.69 -77.79 0.33
CA GLY G 333 -42.11 -76.51 -0.19
C GLY G 333 -41.60 -76.30 -1.60
N GLY G 334 -42.08 -75.24 -2.22
CA GLY G 334 -41.67 -74.91 -3.57
C GLY G 334 -42.71 -74.08 -4.27
N VAL G 335 -42.33 -73.59 -5.44
CA VAL G 335 -43.22 -72.82 -6.31
C VAL G 335 -43.36 -73.59 -7.61
N PHE G 336 -44.58 -73.98 -7.94
CA PHE G 336 -44.87 -74.74 -9.14
C PHE G 336 -45.72 -73.92 -10.10
N GLY G 337 -45.89 -74.44 -11.30
CA GLY G 337 -46.71 -73.78 -12.29
C GLY G 337 -46.04 -73.83 -13.65
N GLU G 338 -46.70 -73.16 -14.60
CA GLU G 338 -46.19 -73.10 -15.97
C GLU G 338 -45.31 -71.87 -16.16
N MET H 1 -53.62 -56.69 87.08
CA MET H 1 -53.59 -56.48 88.52
C MET H 1 -54.67 -55.49 88.95
N ASP H 2 -54.60 -55.05 90.22
CA ASP H 2 -55.66 -54.22 90.78
C ASP H 2 -55.43 -52.73 90.53
N HIS H 3 -54.17 -52.32 90.41
CA HIS H 3 -53.82 -50.92 90.23
C HIS H 3 -52.82 -50.77 89.10
N TYR H 4 -52.87 -49.62 88.42
CA TYR H 4 -52.01 -49.35 87.27
C TYR H 4 -51.52 -47.92 87.33
N LEU H 5 -50.44 -47.66 86.60
CA LEU H 5 -49.81 -46.35 86.55
C LEU H 5 -49.36 -46.08 85.11
N ASP H 6 -49.90 -45.02 84.50
CA ASP H 6 -49.47 -44.57 83.19
C ASP H 6 -48.65 -43.31 83.36
N ILE H 7 -47.36 -43.39 83.06
CA ILE H 7 -46.49 -42.23 82.97
C ILE H 7 -46.30 -41.88 81.50
N ARG H 8 -46.46 -40.60 81.17
CA ARG H 8 -46.41 -40.14 79.79
C ARG H 8 -45.06 -39.49 79.52
N LEU H 9 -44.47 -39.84 78.38
CA LEU H 9 -43.15 -39.32 78.03
C LEU H 9 -43.26 -37.88 77.56
N ARG H 10 -42.28 -37.07 77.93
CA ARG H 10 -42.26 -35.68 77.50
C ARG H 10 -41.79 -35.60 76.04
N PRO H 11 -42.41 -34.75 75.21
CA PRO H 11 -41.96 -34.61 73.81
C PRO H 11 -40.57 -34.02 73.71
N ASP H 12 -39.61 -34.83 73.27
CA ASP H 12 -38.21 -34.47 73.29
C ASP H 12 -37.68 -34.51 71.86
N PRO H 13 -37.25 -33.37 71.29
CA PRO H 13 -36.72 -33.41 69.92
C PRO H 13 -35.26 -33.81 69.85
N GLU H 14 -34.44 -33.40 70.82
CA GLU H 14 -33.00 -33.58 70.69
C GLU H 14 -32.58 -35.00 71.07
N PHE H 15 -33.51 -35.80 71.60
CA PHE H 15 -33.32 -37.24 71.69
C PHE H 15 -34.55 -37.92 71.11
N PRO H 16 -34.40 -38.88 70.20
CA PRO H 16 -35.57 -39.54 69.64
C PRO H 16 -36.22 -40.44 70.68
N PRO H 17 -37.55 -40.60 70.65
CA PRO H 17 -38.26 -41.20 71.80
C PRO H 17 -38.01 -42.67 72.00
N ALA H 18 -37.45 -43.36 71.01
CA ALA H 18 -37.04 -44.74 71.18
C ALA H 18 -35.92 -44.85 72.20
N GLN H 19 -35.02 -43.87 72.24
CA GLN H 19 -33.94 -43.89 73.23
C GLN H 19 -34.47 -43.59 74.63
N LEU H 20 -35.47 -42.71 74.73
CA LEU H 20 -36.05 -42.43 76.04
C LEU H 20 -36.81 -43.64 76.58
N MET H 21 -37.53 -44.35 75.69
CA MET H 21 -38.18 -45.57 76.13
C MET H 21 -37.19 -46.69 76.39
N SER H 22 -36.03 -46.67 75.72
CA SER H 22 -34.95 -47.59 76.04
C SER H 22 -34.41 -47.35 77.45
N VAL H 23 -34.14 -46.10 77.80
CA VAL H 23 -33.54 -45.85 79.12
C VAL H 23 -34.60 -45.99 80.21
N LEU H 24 -35.87 -45.75 79.88
CA LEU H 24 -36.95 -46.05 80.83
C LEU H 24 -37.09 -47.55 81.07
N PHE H 25 -36.95 -48.36 80.01
CA PHE H 25 -36.99 -49.81 80.19
C PHE H 25 -35.80 -50.30 81.00
N GLY H 26 -34.62 -49.72 80.78
CA GLY H 26 -33.45 -50.10 81.56
C GLY H 26 -33.58 -49.70 83.03
N LYS H 27 -34.17 -48.53 83.28
CA LYS H 27 -34.46 -48.10 84.63
C LYS H 27 -35.45 -49.03 85.32
N LEU H 28 -36.46 -49.49 84.59
CA LEU H 28 -37.43 -50.43 85.14
C LEU H 28 -36.80 -51.79 85.43
N HIS H 29 -35.89 -52.24 84.56
CA HIS H 29 -35.25 -53.53 84.78
C HIS H 29 -34.32 -53.50 85.98
N GLN H 30 -33.54 -52.42 86.13
CA GLN H 30 -32.67 -52.34 87.29
C GLN H 30 -33.46 -52.05 88.57
N ALA H 31 -34.62 -51.40 88.46
CA ALA H 31 -35.50 -51.26 89.61
C ALA H 31 -36.08 -52.60 90.06
N LEU H 32 -36.47 -53.45 89.10
CA LEU H 32 -37.03 -54.74 89.45
C LEU H 32 -35.96 -55.70 89.96
N VAL H 33 -34.71 -55.54 89.49
CA VAL H 33 -33.66 -56.39 90.04
C VAL H 33 -33.18 -55.82 91.38
N ALA H 34 -33.47 -54.55 91.67
CA ALA H 34 -33.12 -53.99 92.97
C ALA H 34 -34.15 -54.36 94.03
N GLN H 35 -35.44 -54.37 93.68
CA GLN H 35 -36.49 -54.60 94.66
C GLN H 35 -37.04 -56.02 94.64
N GLY H 36 -37.19 -56.62 93.48
CA GLY H 36 -37.71 -57.97 93.41
C GLY H 36 -39.22 -58.01 93.23
N GLY H 37 -39.75 -59.21 93.36
CA GLY H 37 -41.16 -59.44 93.12
C GLY H 37 -41.42 -60.17 91.83
N ASP H 38 -42.54 -60.90 91.79
CA ASP H 38 -42.88 -61.79 90.69
C ASP H 38 -44.25 -61.45 90.09
N ARG H 39 -44.99 -60.52 90.67
CA ARG H 39 -46.33 -60.16 90.21
C ARG H 39 -46.40 -58.72 89.72
N ILE H 40 -45.39 -58.30 88.95
CA ILE H 40 -45.31 -56.94 88.41
C ILE H 40 -45.34 -57.04 86.90
N GLY H 41 -46.45 -56.60 86.30
CA GLY H 41 -46.60 -56.70 84.87
C GLY H 41 -46.53 -55.36 84.16
N VAL H 42 -46.31 -55.39 82.84
CA VAL H 42 -46.23 -54.20 82.01
C VAL H 42 -47.26 -54.30 80.90
N SER H 43 -47.80 -53.16 80.50
CA SER H 43 -48.70 -53.06 79.36
C SER H 43 -48.48 -51.72 78.67
N PHE H 44 -48.72 -51.69 77.36
CA PHE H 44 -48.58 -50.49 76.55
C PHE H 44 -49.84 -50.32 75.71
N PRO H 45 -50.74 -49.41 76.10
CA PRO H 45 -52.06 -49.35 75.45
C PRO H 45 -52.06 -48.84 74.01
N ASP H 46 -50.95 -48.26 73.54
CA ASP H 46 -50.91 -47.64 72.23
C ASP H 46 -50.14 -48.47 71.21
N LEU H 47 -50.30 -49.79 71.25
CA LEU H 47 -49.66 -50.67 70.28
C LEU H 47 -50.25 -50.49 68.89
N ASP H 48 -49.39 -50.17 67.93
CA ASP H 48 -49.74 -50.19 66.51
C ASP H 48 -49.02 -51.40 65.93
N GLU H 49 -49.77 -52.48 65.74
CA GLU H 49 -49.18 -53.72 65.25
C GLU H 49 -48.80 -53.60 63.77
N SER H 50 -49.44 -52.66 63.05
CA SER H 50 -49.19 -52.50 61.62
C SER H 50 -47.79 -51.94 61.36
N ARG H 51 -47.39 -50.95 62.14
CA ARG H 51 -46.03 -50.41 62.03
C ARG H 51 -45.08 -50.98 63.06
N SER H 52 -45.53 -51.95 63.88
CA SER H 52 -44.73 -52.62 64.91
C SER H 52 -44.13 -51.61 65.89
N ARG H 53 -44.98 -50.71 66.37
CA ARG H 53 -44.58 -49.62 67.25
C ARG H 53 -45.23 -49.82 68.61
N LEU H 54 -44.58 -49.32 69.67
CA LEU H 54 -45.13 -49.49 71.00
C LEU H 54 -46.01 -48.31 71.41
N GLY H 55 -45.59 -47.09 71.09
CA GLY H 55 -46.39 -45.90 71.34
C GLY H 55 -45.71 -44.86 72.20
N GLU H 56 -46.55 -44.12 72.94
CA GLU H 56 -46.10 -43.03 73.80
C GLU H 56 -46.41 -43.25 75.27
N ARG H 57 -47.31 -44.17 75.60
CA ARG H 57 -47.75 -44.41 76.96
C ARG H 57 -47.47 -45.86 77.37
N LEU H 58 -46.88 -46.03 78.55
CA LEU H 58 -46.66 -47.35 79.13
C LEU H 58 -47.35 -47.46 80.48
N ARG H 59 -47.65 -48.70 80.87
CA ARG H 59 -48.47 -48.96 82.05
C ARG H 59 -47.90 -50.12 82.84
N ILE H 60 -47.63 -49.89 84.13
CA ILE H 60 -47.14 -50.91 85.04
C ILE H 60 -48.34 -51.47 85.79
N HIS H 61 -48.22 -52.72 86.26
CA HIS H 61 -49.32 -53.38 86.96
C HIS H 61 -48.79 -53.99 88.25
N ALA H 62 -49.22 -53.45 89.38
CA ALA H 62 -48.82 -53.93 90.70
C ALA H 62 -49.91 -53.54 91.68
N SER H 63 -49.70 -53.88 92.94
CA SER H 63 -50.60 -53.46 94.01
C SER H 63 -50.35 -52.00 94.35
N ALA H 64 -51.13 -51.51 95.33
CA ALA H 64 -51.00 -50.12 95.76
C ALA H 64 -49.67 -49.88 96.47
N ASP H 65 -49.30 -50.80 97.38
CA ASP H 65 -48.10 -50.59 98.19
C ASP H 65 -46.84 -50.69 97.36
N ASP H 66 -46.83 -51.59 96.36
CA ASP H 66 -45.68 -51.67 95.47
C ASP H 66 -45.59 -50.43 94.59
N LEU H 67 -46.74 -49.85 94.24
CA LEU H 67 -46.76 -48.62 93.45
C LEU H 67 -46.19 -47.45 94.23
N ARG H 68 -46.66 -47.25 95.47
CA ARG H 68 -46.10 -46.15 96.25
C ARG H 68 -44.72 -46.46 96.84
N ALA H 69 -44.26 -47.70 96.78
CA ALA H 69 -42.86 -47.98 97.03
C ALA H 69 -42.02 -47.66 95.81
N LEU H 70 -42.61 -47.81 94.61
CA LEU H 70 -41.90 -47.47 93.40
C LEU H 70 -41.78 -45.96 93.22
N LEU H 71 -42.79 -45.19 93.66
CA LEU H 71 -42.67 -43.75 93.56
C LEU H 71 -41.85 -43.13 94.70
N ALA H 72 -41.36 -43.94 95.64
CA ALA H 72 -40.61 -43.44 96.78
C ALA H 72 -39.16 -43.93 96.75
N ARG H 73 -38.53 -43.84 95.58
CA ARG H 73 -37.15 -44.27 95.40
C ARG H 73 -36.44 -43.32 94.44
N PRO H 74 -35.10 -43.19 94.55
CA PRO H 74 -34.37 -42.24 93.70
C PRO H 74 -34.15 -42.67 92.25
N TRP H 75 -34.85 -43.70 91.77
CA TRP H 75 -34.82 -44.01 90.34
C TRP H 75 -35.53 -42.96 89.50
N LEU H 76 -36.35 -42.10 90.12
CA LEU H 76 -36.99 -40.99 89.42
C LEU H 76 -36.08 -39.77 89.29
N GLU H 77 -34.88 -39.81 89.86
CA GLU H 77 -34.02 -38.65 89.86
C GLU H 77 -33.38 -38.43 88.49
N GLY H 78 -33.24 -37.16 88.10
CA GLY H 78 -32.61 -36.79 86.86
C GLY H 78 -33.52 -36.74 85.65
N LEU H 79 -34.70 -37.34 85.72
CA LEU H 79 -35.59 -37.41 84.57
C LEU H 79 -37.02 -37.00 84.91
N ARG H 80 -37.23 -36.26 86.00
CA ARG H 80 -38.55 -35.69 86.28
C ARG H 80 -38.91 -34.62 85.27
N ASP H 81 -37.91 -33.93 84.73
CA ASP H 81 -38.10 -32.99 83.63
C ASP H 81 -38.14 -33.69 82.27
N HIS H 82 -38.12 -35.01 82.25
CA HIS H 82 -38.05 -35.75 80.99
C HIS H 82 -39.27 -36.62 80.75
N LEU H 83 -40.21 -36.70 81.70
CA LEU H 83 -41.48 -37.37 81.48
C LEU H 83 -42.50 -36.84 82.49
N GLN H 84 -43.76 -37.17 82.24
CA GLN H 84 -44.87 -36.79 83.11
C GLN H 84 -45.36 -38.02 83.87
N PHE H 85 -45.97 -37.80 85.03
CA PHE H 85 -46.35 -38.89 85.92
C PHE H 85 -47.84 -39.17 85.86
N GLY H 86 -48.27 -40.12 86.69
CA GLY H 86 -49.67 -40.50 86.73
C GLY H 86 -50.25 -40.52 88.14
N GLU H 87 -51.20 -41.41 88.37
CA GLU H 87 -51.84 -41.53 89.67
C GLU H 87 -52.29 -42.96 89.91
N PRO H 88 -52.27 -43.43 91.17
CA PRO H 88 -52.71 -44.80 91.48
C PRO H 88 -54.21 -44.96 91.27
N ALA H 89 -54.59 -45.59 90.17
CA ALA H 89 -55.96 -45.68 89.74
C ALA H 89 -56.50 -47.09 89.93
N VAL H 90 -57.83 -47.20 89.95
CA VAL H 90 -58.46 -48.52 89.92
C VAL H 90 -58.68 -48.91 88.47
N VAL H 91 -58.51 -50.20 88.19
CA VAL H 91 -58.76 -50.72 86.84
C VAL H 91 -60.26 -50.67 86.55
N PRO H 92 -60.68 -50.16 85.39
CA PRO H 92 -62.11 -50.18 85.06
C PRO H 92 -62.63 -51.59 84.83
N HIS H 93 -63.96 -51.68 84.71
CA HIS H 93 -64.53 -53.00 84.51
C HIS H 93 -65.67 -52.95 83.50
N PRO H 94 -65.70 -53.88 82.53
CA PRO H 94 -64.72 -54.95 82.35
C PRO H 94 -63.58 -54.58 81.40
N THR H 95 -62.43 -55.25 81.57
CA THR H 95 -61.27 -55.08 80.70
C THR H 95 -60.76 -56.44 80.26
N PRO H 96 -60.41 -56.60 78.98
CA PRO H 96 -59.78 -57.84 78.52
C PRO H 96 -58.33 -57.93 78.95
N TYR H 97 -57.76 -59.12 78.72
CA TYR H 97 -56.41 -59.46 79.19
C TYR H 97 -55.56 -59.97 78.03
N ARG H 98 -54.26 -59.72 78.11
CA ARG H 98 -53.32 -60.19 77.10
C ARG H 98 -51.93 -60.33 77.74
N GLN H 99 -50.91 -60.47 76.89
CA GLN H 99 -49.56 -60.81 77.32
C GLN H 99 -48.56 -59.74 76.93
N VAL H 100 -47.35 -59.87 77.50
CA VAL H 100 -46.14 -59.21 77.04
C VAL H 100 -45.03 -60.26 77.03
N SER H 101 -44.30 -60.37 75.92
CA SER H 101 -43.33 -61.45 75.77
C SER H 101 -42.12 -60.99 74.97
N ARG H 102 -40.93 -61.43 75.41
CA ARG H 102 -39.70 -61.24 74.65
C ARG H 102 -39.49 -62.49 73.80
N VAL H 103 -39.66 -62.36 72.50
CA VAL H 103 -39.43 -63.45 71.56
C VAL H 103 -38.09 -63.20 70.88
N GLN H 104 -37.14 -64.08 71.12
CA GLN H 104 -35.87 -64.08 70.40
C GLN H 104 -35.85 -65.28 69.46
N ALA H 105 -35.10 -65.15 68.38
CA ALA H 105 -34.95 -66.21 67.40
C ALA H 105 -33.47 -66.41 67.11
N LYS H 106 -33.18 -67.29 66.17
CA LYS H 106 -31.82 -67.57 65.73
C LYS H 106 -31.41 -66.61 64.61
N SER H 107 -31.37 -65.32 64.95
CA SER H 107 -31.32 -64.23 63.97
C SER H 107 -30.05 -64.25 63.13
N ASN H 108 -28.91 -64.61 63.72
CA ASN H 108 -27.69 -64.92 62.99
C ASN H 108 -27.07 -66.09 63.74
N PRO H 109 -26.89 -67.23 63.07
CA PRO H 109 -26.71 -68.50 63.79
C PRO H 109 -25.29 -68.77 64.27
N GLU H 110 -24.41 -67.77 64.35
CA GLU H 110 -23.04 -68.00 64.82
C GLU H 110 -23.00 -68.36 66.29
N ARG H 111 -23.99 -67.90 67.07
CA ARG H 111 -24.12 -68.35 68.45
C ARG H 111 -24.44 -69.83 68.51
N LEU H 112 -25.30 -70.31 67.60
CA LEU H 112 -25.57 -71.73 67.48
C LEU H 112 -24.35 -72.51 67.02
N ARG H 113 -23.52 -71.90 66.16
CA ARG H 113 -22.25 -72.52 65.75
C ARG H 113 -21.33 -72.72 66.94
N ARG H 114 -21.16 -71.68 67.76
CA ARG H 114 -20.21 -71.75 68.87
C ARG H 114 -20.73 -72.64 69.99
N ARG H 115 -22.04 -72.63 70.24
CA ARG H 115 -22.62 -73.54 71.22
C ARG H 115 -22.52 -74.99 70.76
N LEU H 116 -22.77 -75.23 69.46
CA LEU H 116 -22.71 -76.59 68.91
C LEU H 116 -21.28 -77.10 68.87
N MET H 117 -20.30 -76.21 68.69
CA MET H 117 -18.91 -76.66 68.75
C MET H 117 -18.36 -76.71 70.16
N ARG H 118 -18.93 -75.97 71.11
CA ARG H 118 -18.54 -76.13 72.50
C ARG H 118 -19.12 -77.42 73.08
N ARG H 119 -20.22 -77.90 72.51
CA ARG H 119 -20.82 -79.15 72.96
C ARG H 119 -20.29 -80.37 72.22
N HIS H 120 -20.27 -80.34 70.88
CA HIS H 120 -19.93 -81.49 70.07
C HIS H 120 -18.44 -81.66 69.82
N ASP H 121 -17.68 -80.56 69.80
CA ASP H 121 -16.25 -80.52 69.48
C ASP H 121 -15.97 -81.13 68.11
N LEU H 122 -16.89 -80.93 67.16
CA LEU H 122 -16.74 -81.47 65.82
C LEU H 122 -16.03 -80.46 64.93
N SER H 123 -15.99 -80.72 63.63
CA SER H 123 -15.39 -79.79 62.69
C SER H 123 -16.34 -78.64 62.40
N GLU H 124 -15.77 -77.54 61.89
CA GLU H 124 -16.58 -76.39 61.57
C GLU H 124 -17.44 -76.64 60.33
N GLU H 125 -16.97 -77.53 59.45
CA GLU H 125 -17.73 -77.92 58.28
C GLU H 125 -18.97 -78.72 58.67
N GLU H 126 -18.93 -79.43 59.80
CA GLU H 126 -20.10 -80.13 60.29
C GLU H 126 -21.16 -79.14 60.77
N ALA H 127 -20.73 -78.06 61.42
CA ALA H 127 -21.67 -77.00 61.83
C ALA H 127 -22.15 -76.22 60.62
N ARG H 128 -21.36 -76.20 59.54
CA ARG H 128 -21.80 -75.52 58.33
C ARG H 128 -22.84 -76.34 57.57
N LYS H 129 -22.66 -77.66 57.53
CA LYS H 129 -23.60 -78.52 56.81
C LYS H 129 -24.80 -78.94 57.65
N ARG H 130 -24.72 -78.86 58.98
CA ARG H 130 -25.81 -79.33 59.83
C ARG H 130 -26.99 -78.38 59.80
N ILE H 131 -26.75 -77.10 60.11
CA ILE H 131 -27.77 -76.07 60.11
C ILE H 131 -27.29 -74.92 59.22
N PRO H 132 -28.07 -74.52 58.21
CA PRO H 132 -27.64 -73.42 57.34
C PRO H 132 -28.01 -72.06 57.93
N ASP H 133 -27.74 -70.99 57.18
CA ASP H 133 -28.09 -69.64 57.60
C ASP H 133 -29.55 -69.30 57.32
N THR H 134 -30.30 -70.22 56.68
CA THR H 134 -31.71 -69.98 56.41
C THR H 134 -32.57 -70.14 57.66
N VAL H 135 -31.99 -70.63 58.77
CA VAL H 135 -32.69 -70.70 60.04
C VAL H 135 -32.87 -69.34 60.69
N ALA H 136 -32.31 -68.28 60.11
CA ALA H 136 -32.55 -66.92 60.57
C ALA H 136 -34.02 -66.56 60.37
N ARG H 137 -34.72 -66.35 61.47
CA ARG H 137 -36.12 -65.95 61.45
C ARG H 137 -36.24 -64.43 61.53
N THR H 138 -37.30 -63.92 60.94
CA THR H 138 -37.56 -62.49 60.91
C THR H 138 -38.82 -62.19 61.72
N LEU H 139 -38.79 -61.09 62.46
CA LEU H 139 -39.83 -60.78 63.43
C LEU H 139 -40.42 -59.41 63.14
N ASP H 140 -41.75 -59.33 63.19
CA ASP H 140 -42.49 -58.10 63.03
C ASP H 140 -43.01 -57.62 64.39
N LEU H 141 -42.23 -57.85 65.41
CA LEU H 141 -42.62 -57.37 66.73
C LEU H 141 -41.92 -56.04 67.03
N PRO H 142 -42.54 -55.17 67.84
CA PRO H 142 -41.82 -54.00 68.36
C PRO H 142 -40.66 -54.42 69.22
N PHE H 143 -39.55 -53.72 69.10
CA PHE H 143 -38.31 -54.05 69.78
C PHE H 143 -37.78 -52.83 70.52
N VAL H 144 -36.96 -53.08 71.53
CA VAL H 144 -36.36 -52.01 72.31
C VAL H 144 -34.90 -52.36 72.55
N THR H 145 -34.01 -51.38 72.32
CA THR H 145 -32.57 -51.59 72.38
C THR H 145 -32.07 -51.29 73.78
N LEU H 146 -31.53 -52.31 74.45
CA LEU H 146 -30.99 -52.12 75.78
C LEU H 146 -29.51 -52.43 75.80
N ARG H 147 -28.79 -51.66 76.62
CA ARG H 147 -27.41 -51.88 76.97
C ARG H 147 -27.36 -52.77 78.21
N SER H 148 -26.18 -52.85 78.83
CA SER H 148 -25.99 -53.68 80.00
C SER H 148 -25.12 -52.95 81.02
N GLN H 149 -24.98 -53.58 82.18
CA GLN H 149 -24.08 -53.08 83.21
C GLN H 149 -22.79 -53.91 83.26
N SER H 150 -22.91 -55.23 83.13
CA SER H 150 -21.73 -56.10 83.17
C SER H 150 -21.21 -56.41 81.77
N THR H 151 -21.99 -57.14 80.97
CA THR H 151 -21.63 -57.50 79.60
C THR H 151 -22.31 -56.55 78.62
N GLY H 152 -21.73 -55.36 78.50
CA GLY H 152 -22.30 -54.25 77.75
C GLY H 152 -22.48 -54.50 76.26
N GLN H 153 -23.73 -54.49 75.81
CA GLN H 153 -24.05 -54.73 74.41
C GLN H 153 -25.44 -54.19 74.10
N HIS H 154 -25.56 -53.50 72.97
CA HIS H 154 -26.84 -53.06 72.45
C HIS H 154 -27.57 -54.23 71.80
N PHE H 155 -28.73 -54.59 72.33
CA PHE H 155 -29.55 -55.63 71.72
C PHE H 155 -31.02 -55.23 71.73
N ARG H 156 -31.68 -55.54 70.63
CA ARG H 156 -33.12 -55.29 70.48
C ARG H 156 -33.88 -56.43 71.14
N LEU H 157 -34.67 -56.12 72.17
CA LEU H 157 -35.53 -57.10 72.83
C LEU H 157 -36.94 -56.91 72.29
N PHE H 158 -37.46 -57.93 71.64
CA PHE H 158 -38.75 -57.81 70.96
C PHE H 158 -39.89 -57.80 71.96
N ILE H 159 -41.01 -57.21 71.55
CA ILE H 159 -42.22 -57.16 72.37
C ILE H 159 -43.35 -57.80 71.59
N ARG H 160 -43.88 -58.89 72.12
CA ARG H 160 -45.07 -59.54 71.57
C ARG H 160 -46.22 -59.37 72.55
N HIS H 161 -47.31 -58.78 72.07
CA HIS H 161 -48.54 -58.68 72.85
C HIS H 161 -49.47 -59.81 72.43
N GLY H 162 -49.91 -60.59 73.41
CA GLY H 162 -50.69 -61.78 73.13
C GLY H 162 -52.11 -61.47 72.77
N PRO H 163 -52.88 -62.53 72.53
CA PRO H 163 -54.28 -62.35 72.12
C PRO H 163 -55.14 -61.85 73.26
N LEU H 164 -56.33 -61.39 72.89
CA LEU H 164 -57.22 -60.71 73.83
C LEU H 164 -58.08 -61.73 74.55
N GLN H 165 -57.77 -61.97 75.83
CA GLN H 165 -58.50 -62.91 76.65
C GLN H 165 -59.60 -62.19 77.44
N ALA H 166 -60.25 -62.93 78.32
CA ALA H 166 -61.33 -62.39 79.13
C ALA H 166 -61.15 -62.59 80.63
N THR H 167 -60.43 -63.63 81.05
CA THR H 167 -60.26 -63.94 82.46
C THR H 167 -58.79 -64.15 82.76
N ALA H 168 -58.33 -63.52 83.83
CA ALA H 168 -56.93 -63.59 84.25
C ALA H 168 -56.79 -64.57 85.41
N GLU H 169 -55.87 -65.50 85.27
CA GLU H 169 -55.61 -66.51 86.29
C GLU H 169 -54.24 -66.27 86.91
N GLU H 170 -53.83 -67.22 87.75
CA GLU H 170 -52.56 -67.13 88.46
C GLU H 170 -51.38 -67.26 87.49
N GLY H 171 -50.38 -66.43 87.71
CA GLY H 171 -49.18 -66.43 86.89
C GLY H 171 -48.19 -65.36 87.32
N GLY H 172 -46.91 -65.58 87.04
CA GLY H 172 -45.85 -64.71 87.47
C GLY H 172 -45.26 -63.87 86.36
N PHE H 173 -44.34 -62.99 86.77
CA PHE H 173 -43.56 -62.17 85.88
C PHE H 173 -42.09 -62.26 86.28
N THR H 174 -41.22 -62.36 85.29
CA THR H 174 -39.81 -62.60 85.57
C THR H 174 -39.11 -61.32 86.01
N CYS H 175 -37.77 -61.38 86.07
CA CYS H 175 -36.97 -60.22 86.43
C CYS H 175 -37.02 -59.13 85.37
N TYR H 176 -37.40 -59.46 84.15
CA TYR H 176 -37.67 -58.47 83.12
C TYR H 176 -39.11 -57.98 83.14
N GLY H 177 -39.96 -58.51 84.01
CA GLY H 177 -41.32 -58.05 84.17
C GLY H 177 -42.27 -58.42 83.05
N LEU H 178 -41.85 -59.29 82.13
CA LEU H 178 -42.73 -59.72 81.05
C LEU H 178 -43.62 -60.86 81.54
N SER H 179 -44.65 -61.15 80.75
CA SER H 179 -45.68 -62.11 81.16
C SER H 179 -45.15 -63.53 81.04
N LYS H 180 -45.02 -64.21 82.18
CA LYS H 180 -44.69 -65.62 82.20
C LYS H 180 -45.87 -66.40 82.76
N GLY H 181 -47.07 -66.03 82.34
CA GLY H 181 -48.28 -66.63 82.87
C GLY H 181 -49.20 -65.59 83.49
N GLY H 182 -48.60 -64.53 84.04
CA GLY H 182 -49.39 -63.45 84.60
C GLY H 182 -50.00 -62.58 83.53
N PHE H 183 -51.29 -62.28 83.68
CA PHE H 183 -52.03 -61.55 82.68
C PHE H 183 -52.19 -60.11 83.15
N VAL H 184 -52.35 -59.20 82.18
CA VAL H 184 -52.45 -57.78 82.49
C VAL H 184 -53.71 -57.21 81.84
N PRO H 185 -54.39 -56.26 82.47
CA PRO H 185 -55.59 -55.69 81.86
C PRO H 185 -55.26 -54.72 80.75
N TRP H 186 -55.84 -54.97 79.59
CA TRP H 186 -55.66 -54.15 78.40
C TRP H 186 -56.86 -53.21 78.29
N PHE H 187 -56.60 -51.91 78.33
CA PHE H 187 -57.66 -50.91 78.28
C PHE H 187 -57.10 -49.56 77.86
N VAL I 3 28.41 62.49 19.41
CA VAL I 3 28.53 62.73 20.84
C VAL I 3 27.96 64.11 21.16
N THR I 4 27.69 64.89 20.12
CA THR I 4 27.18 66.24 20.27
C THR I 4 26.18 66.55 19.17
N ASP I 5 25.06 67.16 19.55
CA ASP I 5 23.99 67.47 18.61
C ASP I 5 24.24 68.84 18.01
N PRO I 6 24.36 68.95 16.69
CA PRO I 6 24.51 70.27 16.07
C PRO I 6 23.23 71.07 16.12
N GLU I 7 23.33 72.34 15.76
CA GLU I 7 22.18 73.24 15.81
C GLU I 7 21.48 73.31 14.46
N ALA I 8 22.24 73.36 13.38
CA ALA I 8 21.67 73.51 12.04
C ALA I 8 22.26 72.45 11.12
N LEU I 9 21.53 72.15 10.06
CA LEU I 9 21.93 71.16 9.07
C LEU I 9 22.18 71.85 7.75
N LEU I 10 23.32 71.56 7.14
CA LEU I 10 23.73 72.16 5.88
C LEU I 10 23.77 71.08 4.80
N LEU I 11 23.18 71.37 3.65
CA LEU I 11 23.06 70.41 2.56
C LEU I 11 23.88 70.86 1.36
N LEU I 12 24.81 70.02 0.93
CA LEU I 12 25.51 70.25 -0.33
C LEU I 12 24.72 69.57 -1.43
N PRO I 13 24.22 70.31 -2.41
CA PRO I 13 23.10 69.84 -3.24
C PRO I 13 23.35 68.66 -4.17
N ARG I 14 24.29 68.80 -5.13
CA ARG I 14 24.49 67.77 -6.16
C ARG I 14 25.95 67.85 -6.58
N LEU I 15 26.77 66.96 -6.03
CA LEU I 15 28.20 66.99 -6.26
C LEU I 15 28.59 65.87 -7.22
N SER I 16 29.09 66.26 -8.40
CA SER I 16 29.49 65.34 -9.45
C SER I 16 31.00 65.28 -9.56
N ILE I 17 31.56 64.08 -9.42
CA ILE I 17 33.00 63.87 -9.41
C ILE I 17 33.40 63.03 -10.62
N GLN I 18 34.64 63.20 -11.07
CA GLN I 18 35.24 62.30 -12.05
C GLN I 18 36.60 61.83 -11.56
N ASN I 19 36.96 60.62 -11.97
CA ASN I 19 38.24 59.96 -11.66
C ASN I 19 38.47 59.81 -10.16
N ALA I 20 37.42 59.57 -9.39
CA ALA I 20 37.59 59.25 -7.98
C ALA I 20 38.23 57.87 -7.83
N ASN I 21 38.96 57.68 -6.74
CA ASN I 21 39.60 56.40 -6.50
C ASN I 21 38.57 55.34 -6.17
N ALA I 22 38.67 54.21 -6.87
CA ALA I 22 37.68 53.15 -6.72
C ALA I 22 38.03 52.15 -5.62
N ILE I 23 39.31 51.78 -5.49
CA ILE I 23 39.66 50.65 -4.63
C ILE I 23 39.49 51.02 -3.16
N SER I 24 40.26 51.99 -2.68
CA SER I 24 40.20 52.61 -1.35
C SER I 24 40.32 51.61 -0.20
N SER I 25 40.81 50.41 -0.46
CA SER I 25 40.79 49.31 0.49
C SER I 25 41.68 48.19 -0.03
N PRO I 26 42.31 47.40 0.85
CA PRO I 26 43.03 46.22 0.39
C PRO I 26 42.15 45.02 0.13
N LEU I 27 40.82 45.15 0.26
CA LEU I 27 39.91 44.03 0.06
C LEU I 27 38.76 44.35 -0.87
N THR I 28 38.31 45.60 -0.86
CA THR I 28 37.12 46.01 -1.61
C THR I 28 37.51 46.96 -2.74
N TRP I 29 36.55 47.20 -3.65
CA TRP I 29 36.81 48.10 -4.77
C TRP I 29 35.63 48.98 -5.13
N GLY I 30 34.59 49.05 -4.32
CA GLY I 30 33.40 49.78 -4.71
C GLY I 30 33.44 51.26 -4.37
N PHE I 31 32.50 51.70 -3.56
CA PHE I 31 32.48 53.08 -3.13
C PHE I 31 33.66 53.37 -2.19
N PRO I 32 34.23 54.57 -2.22
CA PRO I 32 35.32 54.90 -1.31
C PRO I 32 34.85 54.99 0.13
N SER I 33 35.82 54.92 1.04
CA SER I 33 35.53 54.90 2.47
C SER I 33 34.99 56.26 2.93
N PRO I 34 34.14 56.29 3.95
CA PRO I 34 33.67 57.57 4.49
C PRO I 34 34.74 58.36 5.22
N GLY I 35 35.90 57.76 5.49
CA GLY I 35 37.02 58.49 6.04
C GLY I 35 37.47 59.63 5.15
N ALA I 36 37.34 59.45 3.83
CA ALA I 36 37.63 60.53 2.89
C ALA I 36 36.67 61.69 3.07
N PHE I 37 35.39 61.39 3.35
CA PHE I 37 34.41 62.45 3.57
C PHE I 37 34.66 63.18 4.88
N THR I 38 35.00 62.43 5.94
CA THR I 38 35.28 63.05 7.23
C THR I 38 36.52 63.92 7.16
N GLY I 39 37.58 63.44 6.48
CA GLY I 39 38.74 64.26 6.25
C GLY I 39 38.45 65.46 5.36
N PHE I 40 37.49 65.31 4.45
CA PHE I 40 37.11 66.41 3.57
C PHE I 40 36.46 67.55 4.35
N VAL I 41 35.52 67.21 5.25
CA VAL I 41 34.90 68.29 6.00
C VAL I 41 35.83 68.80 7.09
N HIS I 42 36.78 67.98 7.53
CA HIS I 42 37.79 68.49 8.46
C HIS I 42 38.69 69.51 7.78
N ALA I 43 39.11 69.23 6.54
CA ALA I 43 39.91 70.18 5.79
C ALA I 43 39.09 71.40 5.39
N LEU I 44 37.79 71.21 5.19
CA LEU I 44 36.91 72.34 4.89
C LEU I 44 36.75 73.23 6.12
N GLN I 45 36.68 72.64 7.31
CA GLN I 45 36.68 73.40 8.55
C GLN I 45 37.98 74.14 8.73
N ARG I 46 39.10 73.50 8.36
CA ARG I 46 40.38 74.20 8.37
C ARG I 46 40.49 75.23 7.25
N ARG I 47 39.60 75.21 6.27
CA ARG I 47 39.68 76.19 5.19
C ARG I 47 39.00 77.50 5.59
N VAL I 48 37.69 77.48 5.81
CA VAL I 48 36.95 78.71 6.09
C VAL I 48 36.04 78.53 7.29
N GLY I 49 36.11 77.37 7.93
CA GLY I 49 35.24 77.11 9.07
C GLY I 49 35.59 77.96 10.27
N ILE I 50 36.89 78.13 10.53
CA ILE I 50 37.30 78.90 11.71
C ILE I 50 37.23 80.39 11.44
N SER I 51 37.10 80.78 10.17
CA SER I 51 36.97 82.18 9.81
C SER I 51 35.55 82.69 9.90
N LEU I 52 34.60 81.84 10.28
CA LEU I 52 33.20 82.22 10.37
C LEU I 52 32.54 81.82 11.67
N ASP I 53 33.31 81.41 12.70
CA ASP I 53 32.84 80.95 14.00
C ASP I 53 31.87 79.77 13.85
N ILE I 54 32.30 78.76 13.09
CA ILE I 54 31.50 77.58 12.80
C ILE I 54 32.41 76.37 12.94
N GLU I 55 31.95 75.35 13.68
CA GLU I 55 32.62 74.06 13.65
C GLU I 55 31.69 73.01 13.05
N LEU I 56 32.30 72.09 12.29
CA LEU I 56 31.58 71.11 11.49
C LEU I 56 31.93 69.72 11.97
N ASP I 57 30.92 68.84 12.05
CA ASP I 57 31.07 67.59 12.79
C ASP I 57 30.87 66.34 11.95
N GLY I 58 29.84 66.27 11.11
CA GLY I 58 29.46 65.01 10.50
C GLY I 58 28.96 65.18 9.08
N VAL I 59 28.85 64.03 8.39
CA VAL I 59 28.55 64.00 6.97
C VAL I 59 27.45 63.00 6.68
N GLY I 60 26.62 63.32 5.70
CA GLY I 60 25.65 62.38 5.14
C GLY I 60 25.92 62.22 3.64
N ILE I 61 25.81 60.98 3.17
CA ILE I 61 26.12 60.65 1.77
C ILE I 61 24.96 59.82 1.22
N VAL I 62 24.63 60.05 -0.06
CA VAL I 62 23.46 59.38 -0.65
C VAL I 62 23.78 58.66 -1.96
N CYS I 63 24.83 59.10 -2.67
CA CYS I 63 25.31 58.46 -3.91
C CYS I 63 24.20 58.42 -4.97
N HIS I 64 23.94 59.61 -5.54
CA HIS I 64 22.89 59.78 -6.55
C HIS I 64 23.08 58.83 -7.73
N ARG I 65 24.30 58.75 -8.26
CA ARG I 65 24.57 57.81 -9.34
C ARG I 65 26.02 57.39 -9.30
N PHE I 66 26.31 56.29 -9.99
CA PHE I 66 27.60 55.63 -9.94
C PHE I 66 28.01 55.23 -11.34
N GLU I 67 29.32 55.26 -11.60
CA GLU I 67 29.85 54.82 -12.89
C GLU I 67 31.33 54.49 -12.68
N ALA I 68 31.68 53.21 -12.87
CA ALA I 68 33.04 52.75 -12.67
C ALA I 68 33.65 52.36 -14.01
N GLN I 69 34.88 52.79 -14.27
CA GLN I 69 35.56 52.48 -15.52
C GLN I 69 36.20 51.12 -15.40
N ILE I 70 35.39 50.09 -15.66
CA ILE I 70 35.75 48.70 -15.47
C ILE I 70 35.27 47.93 -16.70
N SER I 71 35.85 46.75 -16.92
CA SER I 71 35.46 45.93 -18.05
C SER I 71 35.53 44.45 -17.67
N GLN I 72 34.86 43.62 -18.48
CA GLN I 72 34.79 42.19 -18.27
C GLN I 72 35.60 41.47 -19.33
N PRO I 73 36.54 40.60 -18.94
CA PRO I 73 37.46 40.05 -19.93
C PRO I 73 36.97 38.79 -20.65
N ALA I 74 35.70 38.77 -21.03
CA ALA I 74 35.16 37.93 -22.11
C ALA I 74 35.35 36.42 -22.00
N GLY I 75 35.83 35.92 -20.87
CA GLY I 75 36.02 34.50 -20.76
C GLY I 75 35.73 33.98 -19.36
N LYS I 76 35.35 34.88 -18.48
CA LYS I 76 35.09 34.52 -17.10
C LYS I 76 34.07 35.50 -16.53
N ARG I 77 33.86 35.39 -15.23
CA ARG I 77 32.88 36.24 -14.58
C ARG I 77 33.51 37.31 -13.70
N THR I 78 34.83 37.36 -13.65
CA THR I 78 35.53 38.41 -12.92
C THR I 78 35.58 39.68 -13.77
N LYS I 79 36.29 40.69 -13.28
CA LYS I 79 36.48 41.94 -14.01
C LYS I 79 37.87 42.49 -13.76
N VAL I 80 38.44 43.09 -14.79
CA VAL I 80 39.74 43.73 -14.68
C VAL I 80 39.53 45.24 -14.65
N PHE I 81 40.48 45.95 -14.06
CA PHE I 81 40.37 47.38 -14.03
C PHE I 81 40.91 47.99 -15.32
N ASN I 82 40.61 49.25 -15.52
CA ASN I 82 41.03 49.99 -16.69
C ASN I 82 42.11 50.98 -16.29
N LEU I 83 43.24 50.94 -16.98
CA LEU I 83 44.40 51.73 -16.62
C LEU I 83 44.60 52.85 -17.62
N THR I 84 45.61 53.67 -17.37
CA THR I 84 45.99 54.75 -18.26
C THR I 84 47.47 54.61 -18.58
N ARG I 85 47.94 55.45 -19.50
CA ARG I 85 49.30 55.37 -19.99
C ARG I 85 50.16 56.42 -19.30
N ASN I 86 51.03 55.98 -18.40
CA ASN I 86 52.07 56.82 -17.85
C ASN I 86 53.08 57.16 -18.93
N PRO I 87 53.80 58.28 -18.79
CA PRO I 87 54.84 58.60 -19.78
C PRO I 87 56.05 57.72 -19.63
N LEU I 88 57.02 57.94 -20.51
CA LEU I 88 58.16 57.05 -20.65
C LEU I 88 59.11 57.18 -19.47
N ASN I 89 59.98 56.18 -19.33
CA ASN I 89 60.97 56.16 -18.26
C ASN I 89 62.12 57.11 -18.58
N ARG I 90 63.11 57.11 -17.69
CA ARG I 90 64.25 58.00 -17.79
C ARG I 90 65.06 57.76 -19.06
N ASP I 91 65.35 56.51 -19.39
CA ASP I 91 65.98 56.15 -20.65
C ASP I 91 65.00 56.11 -21.81
N GLY I 92 63.71 56.31 -21.55
CA GLY I 92 62.71 56.27 -22.59
C GLY I 92 62.21 54.89 -22.94
N SER I 93 62.24 53.94 -21.99
CA SER I 93 61.79 52.58 -22.34
C SER I 93 60.29 52.41 -22.18
N THR I 94 59.82 52.39 -20.91
CA THR I 94 58.47 51.98 -20.52
C THR I 94 58.37 52.17 -19.00
N ALA I 95 57.20 52.59 -18.51
CA ALA I 95 56.95 52.78 -17.10
C ALA I 95 56.74 51.43 -16.41
N ALA I 96 56.59 51.46 -15.09
CA ALA I 96 56.26 50.28 -14.32
C ALA I 96 54.78 50.30 -14.01
N ILE I 97 54.10 49.17 -14.22
CA ILE I 97 52.65 49.13 -14.18
C ILE I 97 52.20 48.97 -12.73
N VAL I 98 51.49 49.97 -12.23
CA VAL I 98 50.73 49.87 -10.98
C VAL I 98 49.27 50.00 -11.33
N GLU I 99 48.41 49.30 -10.59
CA GLU I 99 46.99 49.23 -10.90
C GLU I 99 46.23 50.16 -9.98
N GLU I 100 45.27 50.90 -10.56
CA GLU I 100 44.45 51.80 -9.80
C GLU I 100 43.08 51.91 -10.47
N GLY I 101 42.06 52.10 -9.65
CA GLY I 101 40.70 52.15 -10.16
C GLY I 101 40.11 53.54 -10.14
N ARG I 102 39.53 53.95 -11.26
CA ARG I 102 38.86 55.23 -11.35
C ARG I 102 37.36 55.04 -11.48
N ALA I 103 36.62 56.08 -11.11
CA ALA I 103 35.16 56.00 -11.14
C ALA I 103 34.60 57.41 -11.23
N HIS I 104 33.30 57.48 -11.49
CA HIS I 104 32.56 58.73 -11.54
C HIS I 104 31.40 58.64 -10.55
N LEU I 105 31.20 59.69 -9.77
CA LEU I 105 30.18 59.67 -8.73
C LEU I 105 29.25 60.86 -8.86
N GLU I 106 28.08 60.73 -8.23
CA GLU I 106 27.20 61.85 -7.96
C GLU I 106 26.72 61.69 -6.53
N VAL I 107 27.07 62.64 -5.67
CA VAL I 107 26.74 62.56 -4.25
C VAL I 107 26.19 63.89 -3.79
N SER I 108 25.59 63.87 -2.60
CA SER I 108 25.20 65.08 -1.90
C SER I 108 25.65 64.95 -0.46
N LEU I 109 26.10 66.06 0.12
CA LEU I 109 26.64 66.05 1.47
C LEU I 109 25.69 66.77 2.42
N LEU I 110 25.51 66.18 3.60
CA LEU I 110 24.65 66.72 4.64
C LEU I 110 25.53 67.03 5.84
N LEU I 111 25.64 68.31 6.18
CA LEU I 111 26.63 68.78 7.14
C LEU I 111 25.93 69.38 8.35
N GLY I 112 26.43 69.06 9.54
CA GLY I 112 25.88 69.58 10.78
C GLY I 112 26.64 70.81 11.24
N VAL I 113 25.91 71.76 11.82
CA VAL I 113 26.47 73.04 12.25
C VAL I 113 26.27 73.22 13.74
N HIS I 114 27.37 73.43 14.47
CA HIS I 114 27.32 73.69 15.90
C HIS I 114 27.48 75.15 16.28
N GLY I 115 28.21 75.94 15.49
CA GLY I 115 28.54 77.30 15.87
C GLY I 115 27.39 78.27 15.72
N ASP I 116 27.73 79.56 15.77
CA ASP I 116 26.75 80.63 15.65
C ASP I 116 26.33 80.75 14.19
N GLY I 117 25.26 80.03 13.85
CA GLY I 117 24.78 80.04 12.49
C GLY I 117 24.11 81.33 12.08
N LEU I 118 22.93 81.60 12.61
CA LEU I 118 22.17 82.79 12.26
C LEU I 118 22.59 84.01 13.07
N ASP I 119 23.49 83.83 14.03
CA ASP I 119 23.85 84.92 14.93
C ASP I 119 24.77 85.92 14.25
N ASP I 120 25.91 85.44 13.74
CA ASP I 120 26.89 86.34 13.16
C ASP I 120 26.45 86.84 11.78
N HIS I 121 25.96 85.93 10.96
CA HIS I 121 25.60 86.22 9.58
C HIS I 121 24.27 85.57 9.27
N PRO I 122 23.58 86.02 8.24
CA PRO I 122 22.47 85.23 7.69
C PRO I 122 22.98 83.92 7.13
N ALA I 123 22.10 82.90 7.16
CA ALA I 123 22.55 81.53 6.91
C ALA I 123 22.80 81.26 5.43
N GLN I 124 22.05 81.93 4.56
CA GLN I 124 22.16 81.64 3.12
C GLN I 124 23.48 82.13 2.55
N GLU I 125 23.98 83.26 3.07
CA GLU I 125 25.29 83.74 2.63
C GLU I 125 26.40 82.84 3.14
N ILE I 126 26.21 82.25 4.33
CA ILE I 126 27.16 81.29 4.87
C ILE I 126 27.22 80.03 3.99
N ALA I 127 26.04 79.53 3.60
CA ALA I 127 25.98 78.36 2.72
C ALA I 127 26.58 78.67 1.35
N ARG I 128 26.33 79.87 0.83
CA ARG I 128 26.86 80.26 -0.47
C ARG I 128 28.37 80.38 -0.44
N GLN I 129 28.93 80.98 0.61
CA GLN I 129 30.37 81.14 0.66
C GLN I 129 31.07 79.82 0.96
N VAL I 130 30.45 78.91 1.73
CA VAL I 130 31.10 77.63 1.96
C VAL I 130 30.99 76.74 0.73
N GLN I 131 29.95 76.94 -0.09
CA GLN I 131 29.86 76.24 -1.36
C GLN I 131 30.91 76.74 -2.34
N GLU I 132 31.11 78.06 -2.37
CA GLU I 132 32.13 78.65 -3.24
C GLU I 132 33.52 78.23 -2.80
N GLN I 133 33.74 78.07 -1.49
CA GLN I 133 35.04 77.57 -1.02
C GLN I 133 35.23 76.10 -1.37
N ALA I 134 34.19 75.28 -1.18
CA ALA I 134 34.29 73.85 -1.45
C ALA I 134 34.40 73.54 -2.93
N GLY I 135 34.01 74.47 -3.80
CA GLY I 135 34.13 74.25 -5.24
C GLY I 135 35.50 74.44 -5.85
N ALA I 136 36.57 74.21 -5.07
CA ALA I 136 37.92 74.23 -5.58
C ALA I 136 38.78 73.12 -5.00
N MET I 137 38.18 72.00 -4.58
CA MET I 137 38.91 70.94 -3.90
C MET I 137 38.69 69.60 -4.59
N ARG I 138 39.05 68.51 -3.92
CA ARG I 138 38.83 67.17 -4.45
C ARG I 138 38.45 66.24 -3.32
N LEU I 139 37.77 65.13 -3.66
CA LEU I 139 37.26 64.22 -2.61
C LEU I 139 38.19 63.05 -2.34
N ALA I 140 38.39 62.20 -3.34
CA ALA I 140 39.17 61.00 -3.09
C ALA I 140 40.20 60.85 -4.20
N GLY I 141 40.86 61.95 -4.52
CA GLY I 141 41.60 62.04 -5.76
C GLY I 141 40.76 62.49 -6.93
N GLY I 142 39.44 62.48 -6.80
CA GLY I 142 38.56 62.90 -7.87
C GLY I 142 38.32 64.40 -7.79
N SER I 143 38.72 65.09 -8.85
CA SER I 143 38.47 66.52 -8.93
C SER I 143 36.98 66.79 -9.09
N ILE I 144 36.53 67.87 -8.48
CA ILE I 144 35.13 68.26 -8.52
C ILE I 144 34.84 68.91 -9.86
N LEU I 145 33.76 68.47 -10.51
CA LEU I 145 33.34 69.13 -11.72
C LEU I 145 32.74 70.49 -11.39
N PRO I 146 32.87 71.46 -12.27
CA PRO I 146 32.19 72.74 -12.06
C PRO I 146 30.71 72.66 -12.39
N TRP I 147 30.08 73.83 -12.46
CA TRP I 147 28.72 73.95 -12.97
C TRP I 147 28.65 73.40 -14.39
N CYS I 148 27.72 72.47 -14.60
CA CYS I 148 27.21 72.15 -15.91
C CYS I 148 25.81 72.72 -16.01
N ASN I 149 25.15 72.51 -17.15
CA ASN I 149 23.94 73.26 -17.51
C ASN I 149 22.73 73.05 -16.61
N GLU I 150 22.85 72.17 -15.61
CA GLU I 150 21.90 72.12 -14.50
C GLU I 150 22.23 73.29 -13.57
N ARG I 151 21.64 74.45 -13.86
CA ARG I 151 21.67 75.60 -12.97
C ARG I 151 20.66 75.50 -11.85
N PHE I 152 19.78 74.51 -11.92
CA PHE I 152 18.76 74.31 -10.91
C PHE I 152 19.31 73.87 -9.55
N PRO I 153 20.26 72.88 -9.42
CA PRO I 153 20.76 72.57 -8.08
C PRO I 153 21.92 73.45 -7.65
N ALA I 154 22.08 74.61 -8.29
CA ALA I 154 23.11 75.56 -7.86
C ALA I 154 22.96 76.05 -6.42
N PRO I 155 21.81 76.54 -5.92
CA PRO I 155 21.80 77.07 -4.56
C PRO I 155 21.79 75.97 -3.50
N ASN I 156 22.26 76.35 -2.31
CA ASN I 156 22.33 75.47 -1.17
C ASN I 156 21.18 75.78 -0.22
N ALA I 157 21.21 75.17 0.96
CA ALA I 157 20.17 75.39 1.95
C ALA I 157 20.74 75.15 3.34
N GLU I 158 20.30 75.97 4.29
CA GLU I 158 20.63 75.81 5.71
C GLU I 158 19.34 75.59 6.48
N LEU I 159 19.35 74.61 7.38
CA LEU I 159 18.15 74.24 8.12
C LEU I 159 18.47 74.03 9.58
N LEU I 160 17.96 74.90 10.44
CA LEU I 160 18.01 74.72 11.88
C LEU I 160 17.08 73.58 12.25
N MET I 161 17.60 72.57 12.94
CA MET I 161 16.85 71.33 13.09
C MET I 161 15.78 71.42 14.16
N LEU I 162 16.10 72.05 15.29
CA LEU I 162 15.18 72.03 16.42
C LEU I 162 14.36 73.30 16.54
N GLY I 163 14.37 74.16 15.53
CA GLY I 163 13.56 75.37 15.55
C GLY I 163 12.09 75.08 15.37
N GLY I 164 11.24 75.74 16.15
CA GLY I 164 9.81 75.63 16.00
C GLY I 164 9.21 74.45 16.71
N SER I 165 7.96 74.16 16.34
CA SER I 165 7.22 73.07 16.95
C SER I 165 7.73 71.72 16.46
N ASP I 166 7.17 70.66 17.06
CA ASP I 166 7.52 69.31 16.64
C ASP I 166 6.99 68.99 15.25
N GLU I 167 5.73 69.36 14.98
CA GLU I 167 5.17 69.18 13.66
C GLU I 167 5.86 70.08 12.64
N GLN I 168 6.32 71.26 13.07
CA GLN I 168 7.13 72.10 12.21
C GLN I 168 8.47 71.44 11.89
N ARG I 169 9.04 70.72 12.86
CA ARG I 169 10.27 69.98 12.62
C ARG I 169 10.04 68.86 11.61
N ARG I 170 8.90 68.17 11.71
CA ARG I 170 8.58 67.12 10.76
C ARG I 170 8.36 67.69 9.36
N LYS I 171 7.74 68.87 9.29
CA LYS I 171 7.49 69.49 7.99
C LYS I 171 8.80 69.94 7.33
N ASN I 172 9.72 70.55 8.08
CA ASN I 172 10.95 71.00 7.43
C ASN I 172 11.88 69.84 7.13
N GLN I 173 11.88 68.78 7.95
CA GLN I 173 12.69 67.63 7.60
C GLN I 173 12.09 66.87 6.41
N ARG I 174 10.78 66.89 6.25
CA ARG I 174 10.17 66.22 5.11
C ARG I 174 10.40 67.01 3.83
N ARG I 175 10.33 68.33 3.90
CA ARG I 175 10.60 69.14 2.71
C ARG I 175 12.09 69.16 2.37
N LEU I 176 12.96 68.82 3.33
CA LEU I 176 14.37 68.63 2.98
C LEU I 176 14.58 67.23 2.39
N THR I 177 13.80 66.25 2.86
CA THR I 177 13.89 64.89 2.32
C THR I 177 13.40 64.84 0.88
N ARG I 178 12.43 65.69 0.54
CA ARG I 178 11.86 65.75 -0.81
C ARG I 178 12.89 66.07 -1.88
N ARG I 179 13.90 66.87 -1.57
CA ARG I 179 14.99 67.14 -2.50
C ARG I 179 16.12 66.13 -2.39
N LEU I 180 15.86 64.99 -1.74
CA LEU I 180 16.86 63.93 -1.59
C LEU I 180 16.30 62.58 -2.01
N LEU I 181 15.58 62.52 -3.12
CA LEU I 181 14.87 61.28 -3.46
C LEU I 181 15.76 60.18 -4.04
N PRO I 182 16.55 60.36 -5.11
CA PRO I 182 17.03 59.17 -5.82
C PRO I 182 18.22 58.47 -5.16
N GLY I 183 18.94 59.16 -4.26
CA GLY I 183 20.09 58.57 -3.63
C GLY I 183 19.75 57.66 -2.47
N PHE I 184 20.73 56.86 -2.06
CA PHE I 184 20.56 55.86 -1.01
C PHE I 184 21.56 56.14 0.11
N ALA I 185 21.07 56.44 1.30
CA ALA I 185 21.98 56.76 2.38
C ALA I 185 22.65 55.50 2.93
N LEU I 186 23.78 55.70 3.62
CA LEU I 186 24.61 54.61 4.10
C LEU I 186 24.90 54.80 5.58
N VAL I 187 24.78 53.72 6.35
CA VAL I 187 24.96 53.71 7.79
C VAL I 187 26.04 52.70 8.15
N SER I 188 26.31 52.59 9.45
CA SER I 188 27.04 51.46 10.00
C SER I 188 26.06 50.41 10.51
N ARG I 189 26.50 49.17 10.55
CA ARG I 189 25.65 48.05 10.94
C ARG I 189 26.41 47.09 11.85
N GLU I 190 27.10 47.64 12.84
CA GLU I 190 27.88 46.80 13.76
C GLU I 190 26.97 46.00 14.69
N ALA I 191 25.76 46.49 14.95
CA ALA I 191 24.86 45.81 15.88
C ALA I 191 24.33 44.51 15.28
N LEU I 192 23.90 44.56 14.02
CA LEU I 192 23.45 43.35 13.34
C LEU I 192 24.61 42.39 13.12
N LEU I 193 25.82 42.93 12.97
CA LEU I 193 27.02 42.11 12.84
C LEU I 193 27.30 41.35 14.13
N GLN I 194 27.17 42.04 15.27
CA GLN I 194 27.37 41.38 16.56
C GLN I 194 26.28 40.35 16.82
N GLN I 195 25.05 40.68 16.42
CA GLN I 195 23.93 39.75 16.59
C GLN I 195 24.15 38.48 15.79
N HIS I 196 24.55 38.61 14.53
CA HIS I 196 24.82 37.42 13.74
C HIS I 196 26.10 36.73 14.15
N LEU I 197 27.02 37.44 14.80
CA LEU I 197 28.16 36.75 15.41
C LEU I 197 27.70 35.78 16.47
N GLU I 198 26.86 36.27 17.39
CA GLU I 198 26.43 35.42 18.48
C GLU I 198 25.50 34.30 18.00
N THR I 199 24.70 34.56 16.97
CA THR I 199 23.94 33.47 16.37
C THR I 199 24.81 32.53 15.54
N LEU I 200 25.99 32.98 15.12
CA LEU I 200 26.91 32.09 14.44
C LEU I 200 27.98 31.54 15.37
N ARG I 201 28.17 32.16 16.53
CA ARG I 201 29.00 31.56 17.57
C ARG I 201 28.36 30.30 18.14
N THR I 202 27.03 30.14 17.99
CA THR I 202 26.36 28.89 18.29
C THR I 202 26.86 27.75 17.42
N THR I 203 27.33 28.04 16.21
CA THR I 203 27.99 27.05 15.38
C THR I 203 29.46 26.88 15.78
N LEU I 204 30.25 27.95 15.69
CA LEU I 204 31.67 27.90 16.04
C LEU I 204 32.15 29.31 16.30
N PRO I 205 33.23 29.47 17.07
CA PRO I 205 33.75 30.81 17.41
C PRO I 205 34.80 31.37 16.43
N GLU I 206 34.33 31.93 15.32
CA GLU I 206 35.20 32.62 14.36
C GLU I 206 34.65 34.01 14.11
N ALA I 207 35.53 34.93 13.71
CA ALA I 207 35.20 36.35 13.66
C ALA I 207 35.23 36.94 12.26
N THR I 208 36.28 36.68 11.48
CA THR I 208 36.35 37.23 10.13
C THR I 208 35.48 36.45 9.16
N THR I 209 35.21 35.18 9.49
CA THR I 209 34.36 34.35 8.63
C THR I 209 32.91 34.80 8.68
N LEU I 210 32.52 35.49 9.75
CA LEU I 210 31.25 36.21 9.81
C LEU I 210 31.11 37.18 8.64
N ASP I 211 31.98 38.19 8.59
CA ASP I 211 31.90 39.20 7.56
C ASP I 211 32.31 38.66 6.20
N ALA I 212 32.92 37.46 6.15
CA ALA I 212 33.00 36.76 4.88
C ALA I 212 31.64 36.23 4.47
N LEU I 213 30.96 35.51 5.38
CA LEU I 213 29.77 34.76 5.00
C LEU I 213 28.52 35.61 4.85
N LEU I 214 28.44 36.75 5.55
CA LEU I 214 27.19 37.49 5.64
C LEU I 214 26.83 38.25 4.37
N ASP I 215 27.73 38.29 3.38
CA ASP I 215 27.50 39.11 2.19
C ASP I 215 27.92 38.35 0.93
N LEU I 216 27.48 37.10 0.81
CA LEU I 216 27.67 36.33 -0.40
C LEU I 216 26.36 35.64 -0.77
N CYS I 217 26.26 35.25 -2.03
CA CYS I 217 25.11 34.49 -2.52
C CYS I 217 25.24 33.07 -2.01
N ARG I 218 24.60 32.81 -0.88
CA ARG I 218 24.68 31.54 -0.19
C ARG I 218 23.48 30.69 -0.56
N ILE I 219 23.71 29.61 -1.30
CA ILE I 219 22.64 28.76 -1.80
C ILE I 219 22.55 27.51 -0.94
N ASN I 220 21.47 27.39 -0.19
CA ASN I 220 21.27 26.26 0.69
C ASN I 220 20.68 25.10 -0.09
N PHE I 221 20.92 23.89 0.42
CA PHE I 221 20.38 22.69 -0.20
C PHE I 221 18.88 22.60 0.03
N GLU I 222 18.24 21.72 -0.73
CA GLU I 222 16.81 21.49 -0.54
C GLU I 222 16.61 20.67 0.74
N PRO I 223 15.60 21.00 1.56
CA PRO I 223 15.37 20.27 2.80
C PRO I 223 14.75 18.89 2.58
N TRP I 239 17.52 23.92 -2.85
CA TRP I 239 17.92 24.97 -3.80
C TRP I 239 17.53 26.34 -3.28
N GLN I 240 17.28 26.44 -1.97
CA GLN I 240 16.86 27.70 -1.40
C GLN I 240 18.06 28.62 -1.21
N VAL I 241 17.79 29.91 -1.22
CA VAL I 241 18.79 30.96 -1.00
C VAL I 241 18.30 31.78 0.18
N ARG I 242 18.88 31.56 1.35
CA ARG I 242 18.51 32.33 2.53
C ARG I 242 19.13 33.72 2.45
N ASP I 243 18.39 34.71 2.95
CA ASP I 243 18.65 36.10 2.62
C ASP I 243 18.75 36.93 3.90
N LYS I 244 19.53 38.00 3.81
CA LYS I 244 19.63 39.12 4.73
C LYS I 244 18.57 40.16 4.38
N PRO I 245 18.02 40.88 5.36
CA PRO I 245 16.94 41.82 5.04
C PRO I 245 17.40 43.05 4.28
N GLY I 246 18.57 43.61 4.62
CA GLY I 246 19.05 44.83 4.03
C GLY I 246 20.03 44.60 2.89
N TRP I 247 20.59 45.71 2.43
CA TRP I 247 21.62 45.71 1.38
C TRP I 247 22.96 45.85 2.07
N LEU I 248 23.41 44.75 2.66
CA LEU I 248 24.59 44.76 3.51
C LEU I 248 25.87 44.72 2.68
N VAL I 249 26.67 45.77 2.81
CA VAL I 249 27.92 45.95 2.05
C VAL I 249 29.05 46.09 3.05
N PRO I 250 30.18 45.40 2.86
CA PRO I 250 31.31 45.56 3.78
C PRO I 250 31.97 46.92 3.63
N ILE I 251 32.67 47.34 4.67
CA ILE I 251 33.23 48.69 4.74
C ILE I 251 34.46 48.66 5.65
N PRO I 252 35.51 49.44 5.35
CA PRO I 252 36.62 49.58 6.29
C PRO I 252 36.23 50.47 7.47
N ALA I 253 36.28 49.91 8.67
CA ALA I 253 35.90 50.67 9.86
C ALA I 253 36.95 51.70 10.23
N GLY I 254 38.21 51.43 9.92
CA GLY I 254 39.28 52.31 10.31
C GLY I 254 40.59 51.56 10.44
N TYR I 255 41.31 51.86 11.51
CA TYR I 255 42.65 51.36 11.71
C TYR I 255 42.86 50.84 13.12
N ASN I 256 43.73 49.84 13.25
CA ASN I 256 44.26 49.40 14.52
C ASN I 256 45.78 49.54 14.47
N ALA I 257 46.39 49.81 15.62
CA ALA I 257 47.80 50.11 15.67
C ALA I 257 48.66 48.89 15.37
N LEU I 258 49.90 49.15 14.96
CA LEU I 258 50.92 48.12 14.82
C LEU I 258 52.23 48.50 15.51
N SER I 259 52.42 49.76 15.85
CA SER I 259 53.63 50.27 16.46
C SER I 259 53.26 51.11 17.67
N PRO I 260 54.21 51.43 18.54
CA PRO I 260 53.94 52.45 19.56
C PRO I 260 53.86 53.84 18.95
N LEU I 261 53.37 54.76 19.77
CA LEU I 261 53.41 56.17 19.40
C LEU I 261 54.85 56.64 19.31
N TYR I 262 55.21 57.17 18.15
CA TYR I 262 56.60 57.54 17.90
C TYR I 262 56.74 59.05 17.86
N LEU I 263 57.92 59.52 18.25
CA LEU I 263 58.21 60.93 18.40
C LEU I 263 58.20 61.63 17.04
N PRO I 264 57.91 62.94 17.01
CA PRO I 264 57.79 63.64 15.72
C PRO I 264 59.08 63.72 14.93
N GLY I 265 60.24 63.60 15.57
CA GLY I 265 61.47 63.65 14.83
C GLY I 265 62.12 62.29 14.64
N GLU I 266 61.73 61.32 15.46
CA GLU I 266 62.49 60.08 15.59
C GLU I 266 62.33 59.12 14.41
N VAL I 267 61.44 59.42 13.46
CA VAL I 267 61.23 58.54 12.31
C VAL I 267 61.67 59.30 11.07
N ARG I 268 62.41 58.62 10.20
CA ARG I 268 62.91 59.23 8.99
C ARG I 268 61.82 59.34 7.93
N ASN I 269 61.98 60.34 7.05
CA ASN I 269 61.20 60.53 5.83
C ASN I 269 59.71 60.75 6.08
N ALA I 270 59.37 61.54 7.09
CA ALA I 270 57.98 61.87 7.30
C ALA I 270 57.55 63.01 6.39
N ARG I 271 56.24 63.25 6.37
CA ARG I 271 55.73 64.46 5.71
C ARG I 271 56.22 65.71 6.44
N ASP I 272 55.93 65.80 7.73
CA ASP I 272 56.40 66.87 8.60
C ASP I 272 57.00 66.24 9.83
N ARG I 273 58.07 66.85 10.36
CA ARG I 273 58.74 66.34 11.54
C ARG I 273 58.19 66.90 12.84
N GLU I 274 56.98 67.45 12.81
CA GLU I 274 56.37 68.06 13.97
C GLU I 274 55.10 67.34 14.38
N THR I 275 54.94 66.08 13.96
CA THR I 275 53.73 65.34 14.18
C THR I 275 54.12 63.92 14.59
N PRO I 276 53.48 63.36 15.63
CA PRO I 276 53.79 61.99 16.02
C PRO I 276 53.37 60.99 14.97
N LEU I 277 53.96 59.80 15.03
CA LEU I 277 53.83 58.82 13.98
C LEU I 277 53.56 57.44 14.58
N ARG I 278 52.85 56.62 13.82
CA ARG I 278 52.49 55.27 14.22
C ARG I 278 52.16 54.47 12.98
N PHE I 279 52.40 53.16 13.04
CA PHE I 279 52.08 52.25 11.96
C PHE I 279 50.78 51.53 12.27
N VAL I 280 49.95 51.32 11.25
CA VAL I 280 48.59 50.84 11.44
C VAL I 280 48.23 49.78 10.41
N GLU I 281 47.13 49.09 10.70
CA GLU I 281 46.53 48.07 9.85
C GLU I 281 45.03 48.30 9.81
N ASN I 282 44.41 48.00 8.67
CA ASN I 282 43.02 48.38 8.44
C ASN I 282 42.05 47.53 9.26
N LEU I 283 41.01 48.19 9.77
CA LEU I 283 39.89 47.52 10.43
C LEU I 283 38.64 47.65 9.56
N PHE I 284 37.81 46.61 9.61
CA PHE I 284 36.72 46.46 8.65
C PHE I 284 35.39 46.27 9.37
N GLY I 285 34.32 46.57 8.66
CA GLY I 285 32.97 46.39 9.17
C GLY I 285 31.95 46.17 8.06
N LEU I 286 30.66 46.28 8.39
CA LEU I 286 29.59 46.09 7.43
C LEU I 286 28.63 47.27 7.51
N GLY I 287 28.37 47.89 6.35
CA GLY I 287 27.39 48.95 6.25
C GLY I 287 26.11 48.49 5.58
N GLU I 288 25.25 49.45 5.28
CA GLU I 288 24.00 49.15 4.59
C GLU I 288 23.49 50.38 3.85
N TRP I 289 22.99 50.16 2.64
CA TRP I 289 22.42 51.22 1.82
C TRP I 289 20.91 51.24 1.99
N LEU I 290 20.37 52.40 2.36
CA LEU I 290 18.95 52.50 2.67
C LEU I 290 18.38 53.83 2.19
N SER I 291 17.07 53.82 1.97
CA SER I 291 16.37 55.01 1.49
C SER I 291 16.19 56.01 2.63
N PRO I 292 16.27 57.30 2.33
CA PRO I 292 16.14 58.32 3.38
C PRO I 292 14.76 58.38 4.03
N HIS I 293 13.73 57.85 3.38
CA HIS I 293 12.39 57.87 3.96
C HIS I 293 12.18 56.80 5.01
N ARG I 294 13.16 55.91 5.22
CA ARG I 294 13.04 54.91 6.27
C ARG I 294 13.48 55.40 7.63
N VAL I 295 14.13 56.56 7.71
CA VAL I 295 14.51 57.16 8.97
C VAL I 295 13.64 58.39 9.18
N ALA I 296 13.37 58.72 10.45
CA ALA I 296 12.57 59.88 10.77
C ALA I 296 13.42 61.05 11.24
N ALA I 297 14.44 60.80 12.03
CA ALA I 297 15.36 61.84 12.48
C ALA I 297 16.51 61.91 11.49
N LEU I 298 16.61 63.03 10.78
CA LEU I 298 17.66 63.20 9.80
C LEU I 298 19.01 63.54 10.40
N SER I 299 19.05 63.85 11.71
CA SER I 299 20.31 64.04 12.39
C SER I 299 20.95 62.72 12.82
N ASP I 300 20.35 61.59 12.47
CA ASP I 300 20.88 60.27 12.75
C ASP I 300 21.88 59.79 11.72
N LEU I 301 22.42 60.68 10.90
CA LEU I 301 23.10 60.30 9.67
C LEU I 301 24.39 61.08 9.46
N LEU I 302 25.14 61.30 10.52
CA LEU I 302 26.37 62.07 10.44
C LEU I 302 27.54 61.20 10.89
N TRP I 303 28.54 61.06 10.01
CA TRP I 303 29.69 60.23 10.31
C TRP I 303 30.70 61.00 11.16
N TYR I 304 31.20 60.35 12.20
CA TYR I 304 32.08 60.97 13.17
C TYR I 304 33.32 60.10 13.34
N HIS I 305 34.48 60.65 12.98
CA HIS I 305 35.73 59.97 13.21
C HIS I 305 36.23 60.36 14.59
N HIS I 306 36.26 59.40 15.51
CA HIS I 306 36.68 59.62 16.87
C HIS I 306 37.87 58.73 17.16
N ALA I 307 38.93 59.32 17.68
CA ALA I 307 40.20 58.64 17.88
C ALA I 307 40.34 58.21 19.33
N GLU I 308 40.99 57.08 19.54
CA GLU I 308 41.24 56.54 20.87
C GLU I 308 42.72 56.15 20.96
N PRO I 309 43.61 57.13 21.16
CA PRO I 309 45.04 56.88 20.93
C PRO I 309 45.72 56.08 22.02
N ASP I 310 45.06 55.83 23.16
CA ASP I 310 45.67 55.01 24.20
C ASP I 310 45.81 53.56 23.74
N LYS I 311 44.89 53.11 22.89
CA LYS I 311 44.96 51.84 22.19
C LYS I 311 45.02 52.14 20.70
N GLY I 312 44.82 51.11 19.89
CA GLY I 312 44.85 51.28 18.45
C GLY I 312 43.54 51.63 17.79
N LEU I 313 42.44 51.69 18.53
CA LEU I 313 41.12 51.81 17.95
C LEU I 313 40.92 53.20 17.36
N TYR I 314 41.13 53.30 16.05
CA TYR I 314 40.82 54.50 15.28
C TYR I 314 39.56 54.21 14.49
N ARG I 315 38.52 55.01 14.69
CA ARG I 315 37.18 54.62 14.30
C ARG I 315 36.38 55.79 13.78
N TRP I 316 35.82 55.63 12.58
CA TRP I 316 34.74 56.46 12.09
C TRP I 316 33.45 55.65 12.13
N SER I 317 32.35 56.31 12.49
CA SER I 317 31.03 55.69 12.46
C SER I 317 29.98 56.80 12.50
N THR I 318 28.73 56.38 12.40
CA THR I 318 27.58 57.22 12.69
C THR I 318 26.88 56.60 13.89
N PRO I 319 27.07 57.16 15.07
CA PRO I 319 26.24 56.76 16.22
C PRO I 319 24.92 57.51 16.18
N ARG I 320 24.13 57.36 17.25
CA ARG I 320 22.77 57.89 17.43
C ARG I 320 21.91 57.78 16.16
N PHE I 321 21.95 56.59 15.58
CA PHE I 321 21.24 56.31 14.33
C PHE I 321 20.04 55.40 14.48
N VAL I 322 20.02 54.54 15.51
CA VAL I 322 19.00 53.52 15.60
C VAL I 322 17.96 53.89 16.66
N LEU J 6 -27.49 43.93 18.33
CA LEU J 6 -27.91 44.31 16.98
C LEU J 6 -27.04 45.44 16.44
N SER J 7 -26.85 45.45 15.13
CA SER J 7 -26.10 46.51 14.47
C SER J 7 -26.72 46.79 13.11
N THR J 8 -26.20 47.82 12.45
CA THR J 8 -26.69 48.26 11.16
C THR J 8 -26.26 47.29 10.07
N ALA J 9 -26.84 47.47 8.88
CA ALA J 9 -26.51 46.63 7.74
C ALA J 9 -25.34 47.22 6.97
N SER J 10 -24.73 46.38 6.13
CA SER J 10 -23.54 46.81 5.41
C SER J 10 -23.90 47.60 4.17
N VAL J 11 -24.86 47.12 3.38
CA VAL J 11 -25.37 47.89 2.25
C VAL J 11 -26.86 48.16 2.50
N LEU J 12 -27.33 49.28 1.96
CA LEU J 12 -28.71 49.73 2.15
C LEU J 12 -29.00 50.78 1.11
N ALA J 13 -30.03 50.57 0.32
CA ALA J 13 -30.40 51.54 -0.70
C ALA J 13 -31.91 51.64 -0.77
N PHE J 14 -32.39 52.87 -0.89
CA PHE J 14 -33.82 53.15 -0.91
C PHE J 14 -34.17 53.78 -2.25
N GLU J 15 -35.14 53.19 -2.93
CA GLU J 15 -35.63 53.77 -4.17
C GLU J 15 -36.41 55.04 -3.85
N ARG J 16 -36.22 56.06 -4.68
CA ARG J 16 -36.89 57.33 -4.42
C ARG J 16 -38.35 57.26 -4.82
N LYS J 17 -39.19 57.91 -4.03
CA LYS J 17 -40.57 58.17 -4.38
C LYS J 17 -40.65 59.60 -4.89
N LEU J 18 -41.87 59.97 -5.31
CA LEU J 18 -42.19 61.31 -5.81
C LEU J 18 -41.34 61.68 -7.02
N ASP J 19 -41.48 60.91 -8.07
CA ASP J 19 -40.64 61.09 -9.25
C ASP J 19 -41.16 62.23 -10.10
N PRO J 20 -40.36 63.24 -10.39
CA PRO J 20 -40.78 64.25 -11.36
C PRO J 20 -40.47 63.80 -12.76
N SER J 21 -40.86 64.60 -13.74
CA SER J 21 -40.49 64.37 -15.13
C SER J 21 -39.49 65.42 -15.54
N ASP J 22 -39.10 65.37 -16.81
CA ASP J 22 -38.22 66.39 -17.35
C ASP J 22 -39.06 67.54 -17.88
N ALA J 23 -38.69 68.76 -17.51
CA ALA J 23 -39.56 69.92 -17.72
C ALA J 23 -39.20 70.58 -19.05
N LEU J 24 -39.99 70.30 -20.08
CA LEU J 24 -39.84 70.98 -21.35
C LEU J 24 -40.51 72.35 -21.27
N MET J 25 -40.43 73.10 -22.38
CA MET J 25 -40.73 74.52 -22.33
C MET J 25 -41.21 75.02 -23.69
N SER J 26 -42.34 75.74 -23.69
CA SER J 26 -42.90 76.34 -24.90
C SER J 26 -43.03 77.84 -24.69
N ALA J 27 -43.57 78.51 -25.70
CA ALA J 27 -43.62 79.97 -25.71
C ALA J 27 -44.95 80.47 -26.27
N GLY J 28 -45.44 81.55 -25.67
CA GLY J 28 -46.64 82.22 -26.15
C GLY J 28 -46.84 83.54 -25.44
N ALA J 29 -47.92 84.22 -25.81
CA ALA J 29 -48.26 85.53 -25.26
C ALA J 29 -49.38 85.38 -24.24
N TRP J 30 -49.64 86.49 -23.54
CA TRP J 30 -50.64 86.47 -22.48
C TRP J 30 -52.05 86.50 -23.09
N ALA J 31 -53.03 86.21 -22.23
CA ALA J 31 -54.48 86.08 -22.48
C ALA J 31 -54.83 84.87 -23.33
N GLN J 32 -53.84 84.06 -23.72
CA GLN J 32 -54.07 82.73 -24.24
C GLN J 32 -53.75 81.70 -23.17
N ARG J 33 -54.03 82.04 -21.91
CA ARG J 33 -53.62 81.22 -20.78
C ARG J 33 -54.37 79.90 -20.71
N ASP J 34 -55.51 79.82 -21.39
CA ASP J 34 -56.27 78.57 -21.50
C ASP J 34 -56.43 78.12 -22.94
N ALA J 35 -55.45 78.41 -23.80
CA ALA J 35 -55.45 77.98 -25.19
C ALA J 35 -54.06 77.57 -25.63
N SER J 36 -53.28 77.01 -24.70
CA SER J 36 -51.86 76.74 -24.93
C SER J 36 -51.65 75.31 -25.43
N GLN J 37 -52.28 74.99 -26.56
CA GLN J 37 -52.18 73.66 -27.14
C GLN J 37 -51.52 73.65 -28.51
N GLU J 38 -51.07 74.80 -29.00
CA GLU J 38 -50.35 74.89 -30.27
C GLU J 38 -49.20 75.87 -30.17
N TRP J 39 -48.75 76.14 -28.96
CA TRP J 39 -47.71 77.12 -28.71
C TRP J 39 -46.36 76.60 -29.18
N PRO J 40 -45.69 77.29 -30.11
CA PRO J 40 -44.35 76.86 -30.51
C PRO J 40 -43.34 77.07 -29.40
N ALA J 41 -42.28 76.28 -29.45
CA ALA J 41 -41.35 76.17 -28.34
C ALA J 41 -40.05 76.93 -28.61
N VAL J 42 -39.30 77.13 -27.55
CA VAL J 42 -38.05 77.87 -27.62
C VAL J 42 -36.98 76.99 -28.27
N THR J 43 -36.28 77.54 -29.26
CA THR J 43 -35.23 76.82 -29.95
C THR J 43 -33.88 77.44 -29.61
N VAL J 44 -32.99 76.63 -29.05
CA VAL J 44 -31.66 77.09 -28.68
C VAL J 44 -30.84 77.30 -29.94
N ARG J 45 -30.17 78.44 -30.04
CA ARG J 45 -29.35 78.75 -31.20
C ARG J 45 -28.01 79.29 -30.75
N GLU J 46 -27.00 79.10 -31.62
CA GLU J 46 -25.62 79.35 -31.28
C GLU J 46 -25.17 80.69 -31.87
N LYS J 47 -24.39 81.43 -31.09
CA LYS J 47 -23.83 82.69 -31.55
C LYS J 47 -22.40 82.83 -31.06
N SER J 48 -21.56 83.47 -31.87
CA SER J 48 -20.16 83.69 -31.52
C SER J 48 -20.00 84.97 -30.68
N GLN J 77 -16.47 82.36 -30.07
CA GLN J 77 -16.77 81.51 -28.93
C GLN J 77 -17.90 80.53 -29.25
N THR J 78 -17.85 79.35 -28.63
CA THR J 78 -18.85 78.32 -28.81
C THR J 78 -19.86 78.40 -27.68
N VAL J 79 -20.75 79.40 -27.75
CA VAL J 79 -21.80 79.60 -26.76
C VAL J 79 -23.14 79.66 -27.50
N ASP J 80 -24.19 79.15 -26.87
CA ASP J 80 -25.51 79.14 -27.48
C ASP J 80 -26.47 79.94 -26.61
N VAL J 81 -27.58 80.37 -27.20
CA VAL J 81 -28.55 81.18 -26.50
C VAL J 81 -29.96 80.75 -26.88
N ALA J 82 -30.90 81.05 -25.99
CA ALA J 82 -32.31 80.81 -26.22
C ALA J 82 -33.09 82.02 -25.74
N ASN J 83 -33.81 82.66 -26.67
CA ASN J 83 -34.53 83.88 -26.39
C ASN J 83 -35.99 83.71 -26.76
N LEU J 84 -36.86 84.47 -26.11
CA LEU J 84 -38.27 84.46 -26.46
C LEU J 84 -38.45 85.11 -27.82
N PRO J 85 -39.46 84.69 -28.60
CA PRO J 85 -39.74 85.37 -29.87
C PRO J 85 -40.28 86.78 -29.66
N SER J 86 -40.37 87.50 -30.77
CA SER J 86 -40.66 88.94 -30.74
C SER J 86 -42.10 89.27 -30.41
N ASP J 87 -43.02 88.31 -30.48
CA ASP J 87 -44.43 88.58 -30.24
C ASP J 87 -44.99 87.74 -29.10
N ALA J 88 -44.15 87.36 -28.13
CA ALA J 88 -44.56 86.53 -27.02
C ALA J 88 -43.87 87.00 -25.75
N ASP J 89 -44.61 87.00 -24.64
CA ASP J 89 -44.10 87.52 -23.39
C ASP J 89 -44.16 86.51 -22.25
N THR J 90 -44.82 85.38 -22.46
CA THR J 90 -45.02 84.38 -21.41
C THR J 90 -44.25 83.11 -21.74
N LEU J 91 -44.02 82.30 -20.72
CA LEU J 91 -43.41 80.99 -20.85
C LEU J 91 -44.44 79.94 -20.45
N LYS J 92 -44.25 78.71 -20.92
CA LYS J 92 -45.13 77.60 -20.58
C LYS J 92 -44.29 76.35 -20.38
N VAL J 93 -44.14 75.92 -19.12
CA VAL J 93 -43.41 74.71 -18.80
C VAL J 93 -44.42 73.61 -18.46
N ARG J 94 -43.98 72.37 -18.62
CA ARG J 94 -44.80 71.20 -18.32
C ARG J 94 -43.93 70.10 -17.76
N PHE J 95 -44.41 69.45 -16.70
CA PHE J 95 -43.82 68.22 -16.20
C PHE J 95 -44.87 67.50 -15.39
N THR J 96 -44.89 66.18 -15.51
CA THR J 96 -45.77 65.36 -14.70
C THR J 96 -45.12 65.06 -13.37
N LEU J 97 -45.86 64.34 -12.52
CA LEU J 97 -45.36 63.97 -11.21
C LEU J 97 -46.03 62.68 -10.76
N ARG J 98 -45.22 61.72 -10.33
CA ARG J 98 -45.70 60.46 -9.81
C ARG J 98 -45.67 60.49 -8.30
N VAL J 99 -46.61 59.79 -7.67
CA VAL J 99 -46.56 59.50 -6.24
C VAL J 99 -46.69 58.01 -6.10
N LEU J 100 -45.76 57.38 -5.38
CA LEU J 100 -45.65 55.93 -5.37
C LEU J 100 -46.03 55.32 -4.03
N GLY J 101 -45.38 55.72 -2.95
CA GLY J 101 -45.74 55.22 -1.64
C GLY J 101 -44.93 54.01 -1.23
N GLY J 102 -45.23 53.54 -0.02
CA GLY J 102 -44.46 52.46 0.59
C GLY J 102 -43.05 52.85 0.92
N ALA J 103 -42.86 53.95 1.66
CA ALA J 103 -41.56 54.56 1.81
C ALA J 103 -40.61 53.76 2.70
N GLY J 104 -41.14 52.93 3.60
CA GLY J 104 -40.29 52.27 4.58
C GLY J 104 -39.51 51.09 4.04
N THR J 105 -39.95 50.51 2.95
CA THR J 105 -39.32 49.29 2.44
C THR J 105 -38.03 49.63 1.69
N PRO J 106 -36.90 49.04 2.06
CA PRO J 106 -35.68 49.29 1.30
C PRO J 106 -35.65 48.51 0.00
N SER J 107 -34.87 49.02 -0.95
CA SER J 107 -34.71 48.32 -2.21
C SER J 107 -33.69 47.20 -2.13
N ALA J 108 -32.72 47.29 -1.23
CA ALA J 108 -31.70 46.26 -1.10
C ALA J 108 -31.13 46.35 0.31
N CYS J 109 -31.01 45.19 0.96
CA CYS J 109 -30.56 45.16 2.35
C CYS J 109 -29.93 43.81 2.66
N ASN J 110 -28.93 43.83 3.54
CA ASN J 110 -28.29 42.58 3.97
C ASN J 110 -29.06 41.93 5.11
N ASP J 111 -29.17 42.62 6.23
CA ASP J 111 -29.67 42.04 7.46
C ASP J 111 -31.18 41.85 7.41
N ALA J 112 -31.69 41.03 8.33
CA ALA J 112 -33.14 40.85 8.47
C ALA J 112 -33.66 41.51 9.74
N ALA J 113 -32.94 41.35 10.85
CA ALA J 113 -33.38 41.93 12.11
C ALA J 113 -33.34 43.44 12.07
N TYR J 114 -32.31 44.01 11.42
CA TYR J 114 -32.24 45.45 11.23
C TYR J 114 -33.40 45.95 10.37
N ARG J 115 -33.75 45.20 9.33
CA ARG J 115 -34.83 45.61 8.43
C ARG J 115 -36.18 45.55 9.14
N ASP J 116 -36.38 44.55 9.99
CA ASP J 116 -37.65 44.46 10.71
C ASP J 116 -37.75 45.50 11.81
N LYS J 117 -36.61 45.86 12.43
CA LYS J 117 -36.59 46.96 13.39
C LYS J 117 -36.94 48.28 12.71
N LEU J 118 -36.41 48.49 11.50
CA LEU J 118 -36.70 49.71 10.76
C LEU J 118 -38.18 49.75 10.34
N LEU J 119 -38.73 48.60 9.95
CA LEU J 119 -40.13 48.55 9.55
C LEU J 119 -41.05 48.80 10.74
N GLN J 120 -40.69 48.27 11.92
CA GLN J 120 -41.44 48.55 13.13
C GLN J 120 -41.38 50.02 13.50
N THR J 121 -40.20 50.63 13.38
CA THR J 121 -40.04 52.05 13.72
C THR J 121 -40.86 52.94 12.78
N VAL J 122 -40.84 52.63 11.47
CA VAL J 122 -41.59 53.49 10.54
C VAL J 122 -43.08 53.19 10.64
N ALA J 123 -43.45 52.00 11.12
CA ALA J 123 -44.86 51.73 11.39
C ALA J 123 -45.36 52.57 12.56
N THR J 124 -44.55 52.67 13.64
CA THR J 124 -44.93 53.53 14.75
C THR J 124 -44.97 55.00 14.35
N TYR J 125 -44.09 55.42 13.43
CA TYR J 125 -44.14 56.81 12.98
C TYR J 125 -45.36 57.08 12.11
N VAL J 126 -45.75 56.12 11.27
CA VAL J 126 -46.86 56.39 10.37
C VAL J 126 -48.20 56.21 11.09
N ASN J 127 -48.21 55.47 12.20
CA ASN J 127 -49.44 55.38 12.97
C ASN J 127 -49.53 56.49 13.99
N GLU J 128 -48.39 57.06 14.38
CA GLU J 128 -48.39 58.20 15.28
C GLU J 128 -49.00 59.43 14.62
N GLN J 129 -48.58 59.73 13.39
CA GLN J 129 -49.25 60.72 12.58
C GLN J 129 -49.02 60.37 11.11
N GLY J 130 -49.75 61.07 10.25
CA GLY J 130 -49.57 60.91 8.83
C GLY J 130 -48.39 61.73 8.32
N PHE J 131 -48.37 61.89 7.00
CA PHE J 131 -47.36 62.70 6.33
C PHE J 131 -47.78 64.15 6.18
N ALA J 132 -48.67 64.63 7.05
CA ALA J 132 -49.46 65.83 6.77
C ALA J 132 -48.60 67.08 6.78
N GLU J 133 -47.62 67.15 7.67
CA GLU J 133 -46.68 68.27 7.63
C GLU J 133 -45.83 68.21 6.37
N LEU J 134 -45.37 67.01 6.02
CA LEU J 134 -44.60 66.83 4.81
C LEU J 134 -45.46 67.07 3.57
N ALA J 135 -46.72 66.64 3.63
CA ALA J 135 -47.62 66.83 2.50
C ALA J 135 -47.93 68.31 2.28
N ARG J 136 -48.14 69.05 3.36
CA ARG J 136 -48.44 70.47 3.20
C ARG J 136 -47.20 71.25 2.79
N ARG J 137 -46.02 70.81 3.21
CA ARG J 137 -44.80 71.48 2.77
C ARG J 137 -44.51 71.20 1.30
N TYR J 138 -44.78 69.99 0.86
CA TYR J 138 -44.58 69.66 -0.56
C TYR J 138 -45.62 70.35 -1.43
N ALA J 139 -46.85 70.45 -0.93
CA ALA J 139 -47.86 71.20 -1.65
C ALA J 139 -47.54 72.69 -1.69
N HIS J 140 -46.89 73.20 -0.65
CA HIS J 140 -46.40 74.57 -0.66
C HIS J 140 -45.38 74.76 -1.76
N ASN J 141 -44.30 73.98 -1.72
CA ASN J 141 -43.21 74.14 -2.69
C ASN J 141 -43.63 73.80 -4.10
N LEU J 142 -44.70 73.02 -4.26
CA LEU J 142 -45.30 72.83 -5.56
C LEU J 142 -46.19 73.99 -5.94
N ALA J 143 -46.77 74.67 -4.94
CA ALA J 143 -47.69 75.76 -5.23
C ALA J 143 -46.94 77.00 -5.68
N ASN J 144 -45.95 77.44 -4.91
CA ASN J 144 -45.07 78.48 -5.43
C ASN J 144 -44.14 77.88 -6.48
N ALA J 145 -44.10 78.51 -7.65
CA ALA J 145 -43.35 77.98 -8.78
C ALA J 145 -41.85 78.28 -8.63
N ARG J 146 -41.24 77.64 -7.63
CA ARG J 146 -39.81 77.81 -7.43
C ARG J 146 -38.99 77.06 -8.44
N PHE J 147 -39.60 76.13 -9.19
CA PHE J 147 -38.86 75.30 -10.13
C PHE J 147 -38.35 76.07 -11.33
N LEU J 148 -38.89 77.26 -11.58
CA LEU J 148 -38.19 78.24 -12.40
C LEU J 148 -37.16 78.89 -11.49
N TRP J 149 -35.91 78.45 -11.60
CA TRP J 149 -34.93 78.82 -10.58
C TRP J 149 -34.43 80.25 -10.76
N ARG J 150 -33.72 80.52 -11.84
CA ARG J 150 -33.31 81.87 -12.18
C ARG J 150 -34.28 82.51 -13.14
N ASN J 151 -35.43 81.88 -13.35
CA ASN J 151 -36.42 82.33 -14.31
C ASN J 151 -37.63 82.98 -13.67
N ARG J 152 -37.94 82.62 -12.42
CA ARG J 152 -39.08 83.21 -11.72
C ARG J 152 -38.77 84.63 -11.26
N VAL J 153 -37.51 84.92 -10.94
CA VAL J 153 -37.15 86.24 -10.42
C VAL J 153 -37.23 87.27 -11.56
N GLY J 154 -38.08 88.28 -11.36
CA GLY J 154 -38.31 89.29 -12.36
C GLY J 154 -39.62 89.16 -13.12
N ALA J 155 -40.46 88.20 -12.77
CA ALA J 155 -41.73 88.02 -13.47
C ALA J 155 -42.78 88.97 -12.92
N GLU J 156 -43.73 89.33 -13.77
CA GLU J 156 -44.78 90.24 -13.34
C GLU J 156 -46.02 89.51 -12.86
N ALA J 157 -46.36 88.38 -13.48
CA ALA J 157 -47.54 87.63 -13.10
C ALA J 157 -47.34 86.17 -13.45
N VAL J 158 -47.50 85.30 -12.46
CA VAL J 158 -47.35 83.86 -12.64
C VAL J 158 -48.66 83.19 -12.25
N GLU J 159 -48.86 81.98 -12.74
CA GLU J 159 -50.04 81.19 -12.42
C GLU J 159 -49.75 79.72 -12.67
N VAL J 160 -49.88 78.91 -11.63
CA VAL J 160 -49.68 77.47 -11.72
C VAL J 160 -51.04 76.81 -11.82
N ARG J 161 -51.11 75.71 -12.55
CA ARG J 161 -52.35 74.98 -12.77
C ARG J 161 -52.10 73.49 -12.64
N ILE J 162 -52.83 72.84 -11.74
CA ILE J 162 -52.58 71.45 -11.38
C ILE J 162 -53.77 70.62 -11.81
N ASN J 163 -53.51 69.45 -12.39
CA ASN J 163 -54.54 68.57 -12.91
C ASN J 163 -54.26 67.15 -12.45
N HIS J 164 -55.13 66.62 -11.60
CA HIS J 164 -55.03 65.23 -11.18
C HIS J 164 -55.69 64.36 -12.23
N ILE J 165 -54.90 63.50 -12.87
CA ILE J 165 -55.38 62.72 -14.01
C ILE J 165 -55.54 61.27 -13.57
N ARG J 166 -56.75 60.90 -13.17
CA ARG J 166 -56.99 59.56 -12.63
C ARG J 166 -57.02 58.52 -13.75
N GLN J 167 -57.99 58.63 -14.64
CA GLN J 167 -57.96 57.91 -15.90
C GLN J 167 -57.30 58.81 -16.93
N GLY J 168 -57.51 58.50 -18.21
CA GLY J 168 -56.97 59.34 -19.29
C GLY J 168 -57.51 60.75 -19.33
N GLU J 169 -58.56 61.06 -18.57
CA GLU J 169 -59.14 62.39 -18.49
C GLU J 169 -58.87 62.99 -17.11
N VAL J 170 -59.12 64.28 -17.00
CA VAL J 170 -58.90 65.01 -15.75
C VAL J 170 -60.04 64.72 -14.80
N ALA J 171 -59.78 64.82 -13.49
CA ALA J 171 -60.79 64.55 -12.49
C ALA J 171 -60.98 65.73 -11.55
N ARG J 172 -59.94 66.55 -11.39
CA ARG J 172 -60.02 67.70 -10.50
C ARG J 172 -59.03 68.75 -10.98
N THR J 173 -59.12 69.93 -10.38
CA THR J 173 -58.24 71.04 -10.74
C THR J 173 -57.95 71.87 -9.50
N TRP J 174 -56.75 72.40 -9.43
CA TRP J 174 -56.42 73.49 -8.53
C TRP J 174 -56.08 74.73 -9.34
N ARG J 175 -55.93 75.85 -8.64
CA ARG J 175 -55.51 77.10 -9.28
C ARG J 175 -54.88 77.96 -8.21
N PHE J 176 -53.58 78.17 -8.29
CA PHE J 176 -52.87 78.95 -7.30
C PHE J 176 -52.13 80.08 -8.00
N ASP J 177 -52.12 81.23 -7.34
CA ASP J 177 -51.23 82.33 -7.72
C ASP J 177 -49.95 82.13 -6.94
N ALA J 178 -48.87 81.80 -7.66
CA ALA J 178 -47.60 81.56 -7.00
C ALA J 178 -46.96 82.86 -6.54
N LEU J 179 -47.37 84.00 -7.09
CA LEU J 179 -46.88 85.26 -6.57
C LEU J 179 -47.54 85.60 -5.23
N ALA J 180 -48.71 85.02 -4.97
CA ALA J 180 -49.37 85.25 -3.69
C ALA J 180 -48.64 84.53 -2.56
N ILE J 181 -48.18 83.32 -2.82
CA ILE J 181 -47.49 82.53 -1.80
C ILE J 181 -46.01 82.89 -1.83
N GLY J 182 -45.48 83.30 -0.69
CA GLY J 182 -44.09 83.69 -0.62
C GLY J 182 -43.16 82.50 -0.58
N LEU J 183 -41.91 82.77 -0.95
CA LEU J 183 -40.87 81.75 -0.96
C LEU J 183 -40.19 81.57 0.37
N ARG J 184 -40.76 82.08 1.47
CA ARG J 184 -40.08 82.05 2.75
C ARG J 184 -40.93 81.54 3.90
N ASP J 185 -42.17 81.12 3.64
CA ASP J 185 -43.04 80.70 4.72
C ASP J 185 -44.00 79.62 4.23
N PHE J 186 -44.37 78.72 5.13
CA PHE J 186 -45.40 77.72 4.88
C PHE J 186 -46.74 78.33 5.31
N LYS J 187 -47.50 78.80 4.33
CA LYS J 187 -48.75 79.50 4.58
C LYS J 187 -49.88 78.47 4.78
N ALA J 188 -51.13 78.92 4.73
CA ALA J 188 -52.27 78.05 4.89
C ALA J 188 -53.37 78.46 3.92
N ASP J 189 -54.06 77.45 3.39
CA ASP J 189 -55.14 77.65 2.43
C ASP J 189 -55.94 76.35 2.36
N ALA J 190 -57.24 76.47 2.08
CA ALA J 190 -58.10 75.31 2.03
C ALA J 190 -57.81 74.46 0.80
N GLU J 191 -57.58 75.10 -0.36
CA GLU J 191 -57.26 74.34 -1.56
C GLU J 191 -55.85 73.75 -1.47
N LEU J 192 -54.96 74.44 -0.78
CA LEU J 192 -53.66 73.86 -0.46
C LEU J 192 -53.83 72.64 0.45
N ASP J 193 -54.83 72.68 1.34
CA ASP J 193 -55.08 71.51 2.19
C ASP J 193 -55.67 70.36 1.39
N ALA J 194 -56.45 70.67 0.34
CA ALA J 194 -56.96 69.60 -0.52
C ALA J 194 -55.83 68.97 -1.34
N LEU J 195 -54.90 69.80 -1.80
CA LEU J 195 -53.74 69.28 -2.52
C LEU J 195 -52.86 68.44 -1.62
N ALA J 196 -52.63 68.90 -0.38
CA ALA J 196 -51.87 68.11 0.58
C ALA J 196 -52.60 66.84 0.98
N GLU J 197 -53.93 66.86 0.94
CA GLU J 197 -54.71 65.65 1.18
C GLU J 197 -54.47 64.62 0.09
N LEU J 198 -54.44 65.08 -1.16
CA LEU J 198 -54.16 64.16 -2.26
C LEU J 198 -52.72 63.63 -2.20
N ILE J 199 -51.77 64.48 -1.81
CA ILE J 199 -50.38 64.08 -1.69
C ILE J 199 -50.20 63.03 -0.60
N ALA J 200 -50.81 63.28 0.57
CA ALA J 200 -50.67 62.33 1.68
C ALA J 200 -51.48 61.06 1.42
N SER J 201 -52.51 61.14 0.57
CA SER J 201 -53.21 59.93 0.17
C SER J 201 -52.35 59.09 -0.75
N GLY J 202 -51.57 59.74 -1.62
CA GLY J 202 -50.65 59.01 -2.46
C GLY J 202 -49.51 58.38 -1.68
N LEU J 203 -48.89 59.15 -0.77
CA LEU J 203 -47.73 58.67 -0.04
C LEU J 203 -48.08 57.60 0.98
N SER J 204 -49.33 57.50 1.40
CA SER J 204 -49.72 56.46 2.33
C SER J 204 -49.97 55.12 1.66
N GLY J 205 -49.90 55.06 0.33
CA GLY J 205 -50.18 53.82 -0.36
C GLY J 205 -51.65 53.51 -0.53
N SER J 206 -52.54 54.45 -0.22
CA SER J 206 -53.96 54.24 -0.39
C SER J 206 -54.37 54.23 -1.85
N GLY J 207 -53.75 55.05 -2.67
CA GLY J 207 -54.09 55.10 -4.08
C GLY J 207 -53.02 55.85 -4.84
N HIS J 208 -52.86 55.47 -6.10
CA HIS J 208 -51.88 56.10 -6.98
C HIS J 208 -52.31 57.52 -7.27
N VAL J 209 -51.33 58.40 -7.42
CA VAL J 209 -51.56 59.80 -7.77
C VAL J 209 -50.61 60.18 -8.90
N LEU J 210 -51.18 60.65 -10.01
CA LEU J 210 -50.40 61.22 -11.08
C LEU J 210 -50.92 62.62 -11.35
N LEU J 211 -50.04 63.60 -11.21
CA LEU J 211 -50.41 65.00 -11.40
C LEU J 211 -49.74 65.56 -12.65
N GLU J 212 -50.18 66.73 -13.06
CA GLU J 212 -49.59 67.45 -14.17
C GLU J 212 -49.49 68.92 -13.79
N VAL J 213 -48.29 69.48 -13.92
CA VAL J 213 -48.00 70.84 -13.48
C VAL J 213 -47.73 71.70 -14.70
N VAL J 214 -48.59 72.67 -14.95
CA VAL J 214 -48.38 73.68 -15.98
C VAL J 214 -48.16 75.02 -15.29
N ALA J 215 -47.24 75.81 -15.82
CA ALA J 215 -46.90 77.10 -15.22
C ALA J 215 -46.76 78.15 -16.30
N PHE J 216 -47.37 79.31 -16.08
CA PHE J 216 -47.23 80.46 -16.95
C PHE J 216 -46.48 81.54 -16.18
N ALA J 217 -45.65 82.30 -16.89
CA ALA J 217 -44.88 83.38 -16.28
C ALA J 217 -44.51 84.39 -17.35
N ARG J 218 -44.85 85.65 -17.10
CA ARG J 218 -44.73 86.70 -18.10
C ARG J 218 -43.51 87.54 -17.80
N ILE J 219 -42.66 87.74 -18.80
CA ILE J 219 -41.45 88.53 -18.65
C ILE J 219 -41.52 89.72 -19.59
N GLY J 220 -41.82 89.45 -20.85
CA GLY J 220 -41.81 90.47 -21.88
C GLY J 220 -41.31 89.88 -23.18
N ASP J 221 -41.25 90.73 -24.20
CA ASP J 221 -40.85 90.33 -25.54
C ASP J 221 -39.33 90.25 -25.63
N GLY J 222 -38.84 89.27 -26.39
CA GLY J 222 -37.43 89.19 -26.75
C GLY J 222 -36.46 88.92 -25.62
N GLN J 223 -36.94 88.49 -24.45
CA GLN J 223 -36.04 88.25 -23.34
C GLN J 223 -35.44 86.86 -23.43
N GLU J 224 -34.37 86.65 -22.67
CA GLU J 224 -33.70 85.36 -22.69
C GLU J 224 -34.25 84.45 -21.60
N VAL J 225 -34.03 83.15 -21.79
CA VAL J 225 -34.57 82.14 -20.90
C VAL J 225 -33.38 81.55 -20.14
N PHE J 226 -33.64 80.71 -19.16
CA PHE J 226 -32.58 80.03 -18.41
C PHE J 226 -32.87 78.53 -18.35
N PRO J 227 -32.49 77.78 -19.38
CA PRO J 227 -32.50 76.32 -19.27
C PRO J 227 -31.19 75.84 -18.64
N SER J 228 -31.04 74.53 -18.54
CA SER J 228 -29.86 74.00 -17.89
C SER J 228 -28.68 73.98 -18.85
N GLN J 229 -27.50 74.24 -18.31
CA GLN J 229 -26.27 74.09 -19.07
C GLN J 229 -25.64 72.73 -18.74
N GLU J 230 -24.54 72.42 -19.41
CA GLU J 230 -23.83 71.17 -19.19
C GLU J 230 -22.33 71.39 -19.38
N LEU J 231 -21.59 70.29 -19.34
CA LEU J 231 -20.14 70.31 -19.34
C LEU J 231 -19.57 70.69 -20.71
N LYS J 244 -19.77 75.13 -24.03
CA LYS J 244 -20.91 75.37 -23.17
C LYS J 244 -22.20 75.41 -23.99
N THR J 245 -23.12 74.51 -23.70
CA THR J 245 -24.36 74.39 -24.45
C THR J 245 -25.51 74.21 -23.47
N LEU J 246 -26.72 74.52 -23.94
CA LEU J 246 -27.91 74.45 -23.11
C LEU J 246 -28.62 73.12 -23.31
N TYR J 247 -29.27 72.66 -22.24
CA TYR J 247 -29.95 71.37 -22.25
C TYR J 247 -31.14 71.40 -23.19
N SER J 248 -31.26 70.37 -24.03
CA SER J 248 -32.28 70.37 -25.07
C SER J 248 -32.87 68.99 -25.21
N VAL J 249 -34.19 68.90 -25.11
CA VAL J 249 -34.98 67.78 -25.61
C VAL J 249 -35.17 68.14 -27.09
N ARG J 250 -35.68 67.20 -27.91
CA ARG J 250 -35.64 67.32 -29.36
C ARG J 250 -36.34 68.57 -29.89
N ASP J 251 -35.51 69.51 -30.35
CA ASP J 251 -35.90 70.83 -30.84
C ASP J 251 -36.71 71.62 -29.82
N ALA J 252 -36.25 71.62 -28.56
CA ALA J 252 -36.87 72.40 -27.49
C ALA J 252 -35.91 72.53 -26.33
N ALA J 253 -35.81 73.73 -25.76
CA ALA J 253 -35.08 73.88 -24.51
C ALA J 253 -35.88 73.27 -23.38
N ALA J 254 -35.18 72.88 -22.32
CA ALA J 254 -35.84 72.13 -21.26
C ALA J 254 -35.05 72.24 -19.97
N ILE J 255 -35.48 71.47 -18.97
CA ILE J 255 -34.96 71.52 -17.60
C ILE J 255 -34.75 70.09 -17.13
N HIS J 256 -33.61 69.83 -16.50
CA HIS J 256 -33.32 68.54 -15.91
C HIS J 256 -34.32 68.17 -14.82
N SER J 257 -34.58 66.87 -14.68
CA SER J 257 -35.45 66.40 -13.61
C SER J 257 -34.82 66.58 -12.25
N GLN J 258 -33.50 66.65 -12.19
CA GLN J 258 -32.82 66.58 -10.90
C GLN J 258 -32.97 67.87 -10.13
N LYS J 259 -32.85 69.01 -10.81
CA LYS J 259 -33.05 70.25 -10.08
C LYS J 259 -34.53 70.55 -9.86
N ILE J 260 -35.43 69.96 -10.66
CA ILE J 260 -36.85 69.99 -10.35
C ILE J 260 -37.11 69.27 -9.02
N GLY J 261 -36.52 68.09 -8.87
CA GLY J 261 -36.66 67.37 -7.62
C GLY J 261 -35.97 68.06 -6.46
N ASN J 262 -34.86 68.74 -6.73
CA ASN J 262 -34.15 69.45 -5.67
C ASN J 262 -34.94 70.67 -5.21
N ALA J 263 -35.64 71.32 -6.13
CA ALA J 263 -36.56 72.38 -5.75
C ALA J 263 -37.75 71.81 -4.99
N LEU J 264 -38.18 70.60 -5.35
CA LEU J 264 -39.40 70.06 -4.78
C LEU J 264 -39.23 69.62 -3.33
N ARG J 265 -37.99 69.40 -2.88
CA ARG J 265 -37.75 68.95 -1.52
C ARG J 265 -37.13 70.05 -0.65
N THR J 266 -37.46 71.31 -0.92
CA THR J 266 -36.89 72.44 -0.20
C THR J 266 -37.76 72.74 1.02
N ILE J 267 -37.69 71.86 2.02
CA ILE J 267 -38.57 71.92 3.18
C ILE J 267 -37.82 72.00 4.50
N ASP J 268 -36.49 72.07 4.50
CA ASP J 268 -35.73 71.95 5.74
C ASP J 268 -35.71 73.30 6.45
N THR J 269 -36.48 73.39 7.53
CA THR J 269 -36.56 74.60 8.35
C THR J 269 -36.25 74.28 9.81
N TRP J 270 -35.39 73.29 10.04
CA TRP J 270 -35.11 72.84 11.39
C TRP J 270 -33.62 72.78 11.68
N TYR J 271 -32.81 73.49 10.90
CA TYR J 271 -31.38 73.45 11.09
C TYR J 271 -30.98 74.36 12.25
N PRO J 272 -30.09 73.90 13.12
CA PRO J 272 -29.91 74.59 14.41
C PRO J 272 -29.03 75.81 14.34
N ASP J 273 -28.33 76.04 13.22
CA ASP J 273 -27.40 77.16 13.13
C ASP J 273 -28.15 78.48 13.04
N GLU J 274 -29.14 78.57 12.15
CA GLU J 274 -29.88 79.81 11.94
C GLU J 274 -31.28 79.47 11.49
N ASP J 275 -32.05 80.51 11.17
CA ASP J 275 -33.19 80.38 10.27
C ASP J 275 -33.29 81.59 9.34
N GLY J 276 -32.27 82.45 9.31
CA GLY J 276 -32.28 83.61 8.43
C GLY J 276 -32.09 83.29 6.96
N LEU J 277 -31.96 82.01 6.60
CA LEU J 277 -32.00 81.65 5.19
C LEU J 277 -33.41 81.28 4.75
N GLY J 278 -34.06 80.36 5.46
CA GLY J 278 -35.32 79.84 5.04
C GLY J 278 -35.23 78.34 4.80
N PRO J 279 -36.13 77.79 3.99
CA PRO J 279 -36.13 76.34 3.77
C PRO J 279 -35.02 75.91 2.81
N ILE J 280 -34.47 74.73 3.09
CA ILE J 280 -33.37 74.15 2.32
C ILE J 280 -33.83 72.83 1.74
N ALA J 281 -33.24 72.45 0.61
CA ALA J 281 -33.37 71.09 0.12
C ALA J 281 -32.78 70.11 1.13
N VAL J 282 -33.48 69.01 1.34
CA VAL J 282 -33.20 68.10 2.44
C VAL J 282 -32.07 67.17 2.01
N GLU J 283 -31.02 67.10 2.81
CA GLU J 283 -29.86 66.28 2.53
C GLU J 283 -29.21 65.83 3.83
N PRO J 284 -28.66 64.62 3.87
CA PRO J 284 -27.79 64.25 4.99
C PRO J 284 -26.50 65.05 4.86
N TYR J 285 -26.05 65.56 6.00
CA TYR J 285 -25.14 66.72 6.06
C TYR J 285 -25.69 67.84 5.17
N GLY J 286 -26.80 68.41 5.62
CA GLY J 286 -27.53 69.45 4.91
C GLY J 286 -26.68 70.64 4.52
N SER J 287 -26.46 70.80 3.23
CA SER J 287 -25.48 71.74 2.73
C SER J 287 -26.09 72.54 1.59
N VAL J 288 -25.29 73.45 1.05
CA VAL J 288 -25.72 74.33 -0.02
C VAL J 288 -24.56 74.51 -0.99
N THR J 289 -24.79 74.23 -2.26
CA THR J 289 -23.75 74.32 -3.26
C THR J 289 -23.42 75.76 -3.65
N SER J 290 -24.20 76.74 -3.19
CA SER J 290 -23.93 78.13 -3.47
C SER J 290 -23.01 78.76 -2.43
N GLN J 291 -23.37 78.63 -1.16
CA GLN J 291 -22.57 79.23 -0.09
C GLN J 291 -21.28 78.50 0.16
N GLY J 292 -21.20 77.22 -0.18
CA GLY J 292 -19.99 76.47 0.05
C GLY J 292 -19.76 76.09 1.50
N LYS J 293 -20.83 75.95 2.28
CA LYS J 293 -20.71 75.54 3.67
C LYS J 293 -21.85 74.60 3.99
N ALA J 294 -21.67 73.82 5.05
CA ALA J 294 -22.59 72.75 5.39
C ALA J 294 -23.09 72.87 6.82
N TYR J 295 -24.37 72.62 6.98
CA TYR J 295 -24.99 72.51 8.29
C TYR J 295 -25.01 71.04 8.68
N ARG J 296 -25.62 70.73 9.83
CA ARG J 296 -25.71 69.39 10.41
C ARG J 296 -24.33 68.77 10.57
N GLN J 297 -23.37 69.57 11.03
CA GLN J 297 -22.02 69.09 11.24
C GLN J 297 -21.99 68.07 12.37
N PRO J 298 -21.22 66.98 12.22
CA PRO J 298 -21.42 65.82 13.11
C PRO J 298 -20.95 66.00 14.54
N LYS J 299 -20.22 67.07 14.86
CA LYS J 299 -19.96 67.38 16.26
C LYS J 299 -21.26 67.75 16.97
N GLN J 300 -22.08 68.56 16.32
CA GLN J 300 -23.48 68.66 16.70
C GLN J 300 -24.16 67.33 16.41
N LYS J 301 -25.08 66.95 17.28
CA LYS J 301 -25.74 65.64 17.13
C LYS J 301 -27.00 65.75 16.28
N LEU J 302 -26.86 66.30 15.08
CA LEU J 302 -28.04 66.55 14.29
C LEU J 302 -27.80 66.28 12.81
N ASP J 303 -26.89 65.37 12.48
CA ASP J 303 -26.80 64.85 11.12
C ASP J 303 -27.63 63.58 11.02
N PHE J 304 -28.02 63.28 9.79
CA PHE J 304 -29.06 62.28 9.52
C PHE J 304 -28.64 60.88 9.97
N TYR J 305 -27.35 60.55 9.80
CA TYR J 305 -26.88 59.22 10.15
C TYR J 305 -26.86 59.00 11.66
N THR J 306 -26.40 60.00 12.42
CA THR J 306 -26.38 59.87 13.87
C THR J 306 -27.78 59.83 14.45
N LEU J 307 -28.70 60.58 13.85
CA LEU J 307 -30.09 60.56 14.30
C LEU J 307 -30.71 59.20 14.04
N LEU J 308 -30.36 58.58 12.91
CA LEU J 308 -30.85 57.24 12.63
C LEU J 308 -30.25 56.22 13.59
N ASP J 309 -28.96 56.39 13.92
CA ASP J 309 -28.31 55.51 14.87
C ASP J 309 -28.92 55.64 16.26
N ASN J 310 -29.32 56.85 16.64
CA ASN J 310 -30.02 57.01 17.91
C ASN J 310 -31.40 56.39 17.87
N TRP J 311 -32.12 56.55 16.76
CA TRP J 311 -33.51 56.11 16.73
C TRP J 311 -33.63 54.60 16.66
N VAL J 312 -33.02 53.98 15.65
CA VAL J 312 -33.31 52.58 15.38
C VAL J 312 -32.51 51.65 16.27
N LEU J 313 -31.25 51.98 16.54
CA LEU J 313 -30.41 51.10 17.34
C LEU J 313 -30.64 51.32 18.83
N ARG J 314 -30.36 52.52 19.33
CA ARG J 314 -30.33 52.76 20.76
C ARG J 314 -31.66 53.26 21.30
N ASP J 315 -32.71 53.30 20.47
CA ASP J 315 -34.08 53.67 20.82
C ASP J 315 -34.19 55.07 21.42
N GLU J 316 -33.31 55.98 21.01
CA GLU J 316 -33.34 57.36 21.49
C GLU J 316 -34.03 58.18 20.41
N ALA J 317 -35.36 58.23 20.47
CA ALA J 317 -36.15 58.89 19.44
C ALA J 317 -35.97 60.40 19.55
N PRO J 318 -35.67 61.09 18.45
CA PRO J 318 -35.37 62.52 18.53
C PRO J 318 -36.63 63.37 18.54
N ALA J 319 -36.44 64.68 18.39
CA ALA J 319 -37.54 65.62 18.26
C ALA J 319 -38.39 65.31 17.03
N VAL J 320 -39.65 65.73 17.09
CA VAL J 320 -40.64 65.31 16.09
C VAL J 320 -40.34 65.98 14.75
N GLU J 321 -39.85 67.22 14.78
CA GLU J 321 -39.45 67.88 13.54
C GLU J 321 -38.17 67.28 12.98
N GLN J 322 -37.30 66.74 13.84
CA GLN J 322 -36.16 65.99 13.37
C GLN J 322 -36.59 64.66 12.78
N GLN J 323 -37.67 64.09 13.31
CA GLN J 323 -38.24 62.89 12.71
C GLN J 323 -38.84 63.21 11.34
N HIS J 324 -39.44 64.39 11.20
CA HIS J 324 -39.89 64.86 9.89
C HIS J 324 -38.70 64.99 8.93
N TYR J 325 -37.58 65.49 9.43
CA TYR J 325 -36.39 65.63 8.59
C TYR J 325 -35.85 64.28 8.13
N VAL J 326 -35.80 63.30 9.03
CA VAL J 326 -35.21 62.02 8.64
C VAL J 326 -36.16 61.24 7.74
N ILE J 327 -37.47 61.44 7.89
CA ILE J 327 -38.38 60.79 6.94
C ILE J 327 -38.32 61.50 5.60
N ALA J 328 -38.04 62.80 5.59
CA ALA J 328 -37.84 63.51 4.33
C ALA J 328 -36.59 63.03 3.61
N ASN J 329 -35.49 62.82 4.36
CA ASN J 329 -34.28 62.29 3.76
C ASN J 329 -34.47 60.86 3.28
N LEU J 330 -35.27 60.09 4.01
CA LEU J 330 -35.58 58.73 3.57
C LEU J 330 -36.43 58.73 2.32
N ILE J 331 -37.28 59.74 2.16
CA ILE J 331 -38.06 59.88 0.93
C ILE J 331 -37.15 60.25 -0.22
N ARG J 332 -36.14 61.08 0.05
CA ARG J 332 -35.20 61.49 -1.00
C ARG J 332 -34.38 60.32 -1.52
N GLY J 333 -33.91 59.45 -0.63
CA GLY J 333 -33.23 58.25 -1.03
C GLY J 333 -31.72 58.41 -1.06
N GLY J 334 -31.07 57.36 -1.54
CA GLY J 334 -29.63 57.38 -1.69
C GLY J 334 -29.02 56.06 -1.28
N VAL J 335 -27.76 56.13 -0.88
CA VAL J 335 -26.94 54.96 -0.59
C VAL J 335 -26.50 55.02 0.86
N PHE J 336 -26.84 53.99 1.63
CA PHE J 336 -26.56 53.95 3.04
C PHE J 336 -25.89 52.64 3.42
N GLY J 337 -25.26 52.62 4.58
CA GLY J 337 -24.55 51.45 5.05
C GLY J 337 -23.06 51.70 5.06
N GLU J 338 -22.33 50.66 5.45
CA GLU J 338 -20.88 50.74 5.58
C GLU J 338 -20.19 50.85 4.23
N LEU K 6 -21.15 2.12 -8.71
CA LEU K 6 -21.81 3.22 -9.41
C LEU K 6 -21.66 4.53 -8.66
N SER K 7 -21.17 5.56 -9.33
CA SER K 7 -20.95 6.84 -8.69
C SER K 7 -21.39 7.95 -9.64
N THR K 8 -21.30 9.19 -9.14
CA THR K 8 -21.71 10.34 -9.92
C THR K 8 -20.67 10.67 -10.97
N ALA K 9 -21.13 11.14 -12.12
CA ALA K 9 -20.21 11.52 -13.18
C ALA K 9 -19.49 12.81 -12.81
N SER K 10 -18.20 12.88 -13.17
CA SER K 10 -17.41 14.03 -12.79
C SER K 10 -17.64 15.22 -13.72
N VAL K 11 -17.95 14.95 -14.99
CA VAL K 11 -18.27 15.99 -15.95
C VAL K 11 -19.71 15.80 -16.35
N LEU K 12 -20.53 16.82 -16.15
CA LEU K 12 -21.96 16.71 -16.39
C LEU K 12 -22.53 18.09 -16.60
N ALA K 13 -23.24 18.30 -17.69
CA ALA K 13 -23.79 19.60 -18.01
C ALA K 13 -25.09 19.44 -18.77
N PHE K 14 -25.97 20.42 -18.60
CA PHE K 14 -27.28 20.42 -19.23
C PHE K 14 -27.51 21.77 -19.87
N GLU K 15 -27.87 21.79 -21.14
CA GLU K 15 -28.21 23.05 -21.78
C GLU K 15 -29.67 23.37 -21.49
N ARG K 16 -29.98 24.66 -21.48
CA ARG K 16 -31.27 25.10 -20.99
C ARG K 16 -32.35 24.89 -22.05
N LYS K 17 -33.56 24.72 -21.56
CA LYS K 17 -34.77 24.96 -22.34
C LYS K 17 -35.26 26.36 -21.97
N LEU K 18 -36.42 26.73 -22.50
CA LEU K 18 -37.09 28.01 -22.22
C LEU K 18 -36.20 29.21 -22.58
N ASP K 19 -35.97 29.36 -23.88
CA ASP K 19 -35.06 30.40 -24.35
C ASP K 19 -35.81 31.61 -24.83
N PRO K 20 -35.69 32.76 -24.17
CA PRO K 20 -36.29 33.98 -24.68
C PRO K 20 -35.32 34.77 -25.54
N SER K 21 -35.88 35.70 -26.28
CA SER K 21 -35.08 36.64 -27.05
C SER K 21 -34.79 37.85 -26.17
N ASP K 22 -34.34 38.94 -26.77
CA ASP K 22 -34.22 40.20 -26.06
C ASP K 22 -35.49 41.02 -26.25
N ALA K 23 -35.76 41.89 -25.30
CA ALA K 23 -37.04 42.62 -25.27
C ALA K 23 -36.83 44.05 -25.74
N LEU K 24 -37.38 44.37 -26.91
CA LEU K 24 -37.23 45.70 -27.51
C LEU K 24 -38.35 46.60 -27.01
N MET K 25 -38.03 47.87 -26.76
CA MET K 25 -38.97 48.82 -26.19
C MET K 25 -39.41 49.85 -27.23
N SER K 26 -40.72 50.05 -27.34
CA SER K 26 -41.28 51.05 -28.24
C SER K 26 -42.44 51.73 -27.53
N ALA K 27 -42.81 52.90 -28.04
CA ALA K 27 -43.75 53.78 -27.33
C ALA K 27 -44.89 54.19 -28.24
N GLY K 28 -46.02 54.49 -27.62
CA GLY K 28 -47.17 54.98 -28.34
C GLY K 28 -48.29 55.29 -27.37
N ALA K 29 -49.42 55.71 -27.92
CA ALA K 29 -50.54 56.17 -27.12
C ALA K 29 -51.45 55.01 -26.77
N TRP K 30 -52.07 55.09 -25.59
CA TRP K 30 -53.04 54.09 -25.18
C TRP K 30 -54.26 54.16 -26.08
N ALA K 31 -54.92 53.00 -26.24
CA ALA K 31 -56.02 52.69 -27.14
C ALA K 31 -55.62 52.79 -28.59
N GLN K 32 -54.33 52.88 -28.90
CA GLN K 32 -53.80 52.56 -30.21
C GLN K 32 -53.24 51.15 -30.23
N ARG K 33 -53.49 50.38 -29.18
CA ARG K 33 -52.83 49.11 -28.98
C ARG K 33 -53.43 48.00 -29.77
N ASP K 34 -54.22 48.25 -30.80
CA ASP K 34 -54.52 47.24 -31.80
C ASP K 34 -53.84 47.54 -33.13
N ALA K 35 -53.06 48.61 -33.20
CA ALA K 35 -52.29 48.95 -34.38
C ALA K 35 -50.90 49.39 -33.98
N SER K 36 -50.34 48.76 -32.96
CA SER K 36 -49.03 49.14 -32.44
C SER K 36 -47.93 48.37 -33.17
N GLN K 37 -47.85 48.60 -34.48
CA GLN K 37 -46.78 48.04 -35.30
C GLN K 37 -45.76 49.09 -35.70
N GLU K 38 -46.23 50.27 -36.12
CA GLU K 38 -45.38 51.36 -36.54
C GLU K 38 -45.06 52.30 -35.39
N TRP K 39 -45.22 51.83 -34.17
CA TRP K 39 -44.87 52.63 -33.01
C TRP K 39 -43.37 52.86 -32.98
N PRO K 40 -42.92 54.10 -32.80
CA PRO K 40 -41.48 54.37 -32.80
C PRO K 40 -40.83 53.82 -31.55
N ALA K 41 -39.56 53.49 -31.68
CA ALA K 41 -38.81 52.92 -30.58
C ALA K 41 -38.31 54.03 -29.66
N VAL K 42 -38.04 53.65 -28.42
CA VAL K 42 -37.44 54.59 -27.47
C VAL K 42 -35.98 54.79 -27.86
N THR K 43 -35.38 55.87 -27.39
CA THR K 43 -34.01 56.21 -27.74
C THR K 43 -33.22 56.57 -26.50
N VAL K 44 -32.09 55.89 -26.30
CA VAL K 44 -31.17 56.24 -25.23
C VAL K 44 -30.51 57.56 -25.57
N ARG K 45 -30.59 58.51 -24.65
CA ARG K 45 -30.01 59.83 -24.86
C ARG K 45 -28.94 60.09 -23.81
N GLU K 46 -28.45 61.32 -23.82
CA GLU K 46 -27.26 61.69 -23.05
C GLU K 46 -27.59 62.85 -22.13
N LYS K 47 -27.05 62.81 -20.92
CA LYS K 47 -27.33 63.84 -19.94
C LYS K 47 -26.11 64.01 -19.05
N SER K 48 -25.99 65.18 -18.43
CA SER K 48 -24.92 65.46 -17.49
C SER K 48 -25.51 65.97 -16.19
N VAL K 49 -24.92 65.54 -15.07
CA VAL K 49 -25.37 65.96 -13.75
C VAL K 49 -24.17 66.42 -12.93
N ARG K 50 -24.46 67.12 -11.85
CA ARG K 50 -23.50 67.40 -10.80
C ARG K 50 -24.18 67.23 -9.47
N GLY K 51 -23.48 66.70 -8.49
CA GLY K 51 -24.11 66.35 -7.25
C GLY K 51 -23.33 66.71 -6.00
N THR K 52 -23.73 66.15 -4.87
CA THR K 52 -23.13 66.44 -3.59
C THR K 52 -22.53 65.17 -3.01
N ILE K 53 -21.64 65.37 -2.03
CA ILE K 53 -21.12 64.24 -1.26
C ILE K 53 -22.22 63.80 -0.32
N SER K 54 -22.90 62.71 -0.65
CA SER K 54 -24.09 62.32 0.07
C SER K 54 -23.96 61.00 0.82
N ASN K 55 -22.80 60.34 0.73
CA ASN K 55 -22.63 59.06 1.40
C ASN K 55 -22.28 59.27 2.87
N ARG K 56 -21.88 58.17 3.51
CA ARG K 56 -21.38 58.26 4.87
C ARG K 56 -19.93 58.75 4.86
N LEU K 57 -19.37 58.85 6.06
CA LEU K 57 -17.98 59.22 6.23
C LEU K 57 -17.44 58.52 7.48
N LYS K 58 -16.17 58.13 7.42
CA LYS K 58 -15.54 57.52 8.58
C LYS K 58 -15.15 58.61 9.58
N THR K 59 -14.89 58.17 10.82
CA THR K 59 -14.85 59.11 11.93
C THR K 59 -13.46 59.71 12.13
N LYS K 60 -12.49 59.31 11.31
CA LYS K 60 -11.16 59.89 11.51
C LYS K 60 -10.93 61.09 10.61
N ASP K 61 -11.83 61.37 9.68
CA ASP K 61 -11.84 62.62 8.92
C ASP K 61 -13.24 63.23 9.10
N ARG K 62 -13.40 63.98 10.18
CA ARG K 62 -14.62 64.72 10.45
C ARG K 62 -14.37 66.22 10.51
N ASP K 63 -13.31 66.68 9.87
CA ASP K 63 -12.96 68.09 9.92
C ASP K 63 -13.85 68.89 8.98
N PRO K 64 -14.40 70.02 9.42
CA PRO K 64 -15.32 70.77 8.56
C PRO K 64 -14.64 71.50 7.42
N ALA K 65 -13.35 71.82 7.56
CA ALA K 65 -12.67 72.62 6.53
C ALA K 65 -12.47 71.81 5.25
N LYS K 66 -11.98 70.57 5.38
CA LYS K 66 -11.90 69.69 4.22
C LYS K 66 -13.29 69.32 3.71
N LEU K 67 -14.28 69.32 4.61
CA LEU K 67 -15.65 69.03 4.21
C LEU K 67 -16.19 70.09 3.27
N ASP K 68 -16.02 71.37 3.63
CA ASP K 68 -16.45 72.43 2.73
C ASP K 68 -15.56 72.52 1.50
N ALA K 69 -14.29 72.12 1.63
CA ALA K 69 -13.42 72.06 0.46
C ALA K 69 -13.90 71.01 -0.53
N SER K 70 -14.42 69.90 -0.02
CA SER K 70 -15.03 68.89 -0.88
C SER K 70 -16.34 69.41 -1.48
N ILE K 71 -17.07 70.21 -0.70
CA ILE K 71 -18.30 70.81 -1.21
C ILE K 71 -18.00 71.78 -2.35
N GLN K 72 -16.90 72.51 -2.25
CA GLN K 72 -16.52 73.48 -3.27
C GLN K 72 -16.04 72.83 -4.57
N SER K 73 -15.76 71.53 -4.57
CA SER K 73 -15.36 70.80 -5.77
C SER K 73 -16.29 69.62 -5.94
N PRO K 74 -17.40 69.80 -6.65
CA PRO K 74 -18.37 68.72 -6.79
C PRO K 74 -17.96 67.73 -7.87
N ASN K 75 -18.69 66.62 -7.92
CA ASN K 75 -18.51 65.66 -8.99
C ASN K 75 -19.20 66.16 -10.25
N LEU K 76 -18.61 65.84 -11.39
CA LEU K 76 -19.14 66.26 -12.69
C LEU K 76 -19.24 64.99 -13.54
N GLN K 77 -20.44 64.42 -13.60
CA GLN K 77 -20.64 63.13 -14.24
C GLN K 77 -21.54 63.28 -15.45
N THR K 78 -21.56 62.23 -16.26
CA THR K 78 -22.31 62.20 -17.51
C THR K 78 -23.06 60.88 -17.58
N VAL K 79 -24.37 60.95 -17.75
CA VAL K 79 -25.25 59.80 -17.58
C VAL K 79 -26.05 59.59 -18.86
N ASP K 80 -26.13 58.34 -19.29
CA ASP K 80 -27.12 58.00 -20.31
C ASP K 80 -28.48 57.82 -19.66
N VAL K 81 -29.51 58.32 -20.33
CA VAL K 81 -30.86 58.14 -19.84
C VAL K 81 -31.79 58.03 -21.04
N ALA K 82 -32.95 57.42 -20.80
CA ALA K 82 -33.99 57.29 -21.82
C ALA K 82 -35.33 57.33 -21.12
N ASN K 83 -36.25 58.10 -21.69
CA ASN K 83 -37.60 58.22 -21.15
C ASN K 83 -38.60 58.19 -22.27
N LEU K 84 -39.87 58.19 -21.88
CA LEU K 84 -40.97 58.28 -22.82
C LEU K 84 -40.97 59.66 -23.48
N PRO K 85 -41.47 59.76 -24.71
CA PRO K 85 -41.68 61.08 -25.30
C PRO K 85 -42.85 61.77 -24.62
N SER K 86 -42.90 63.09 -24.77
CA SER K 86 -43.97 63.82 -24.09
C SER K 86 -45.29 63.77 -24.82
N ASP K 87 -45.50 62.91 -25.82
CA ASP K 87 -46.76 62.79 -26.52
C ASP K 87 -47.50 61.51 -26.21
N ALA K 88 -46.83 60.50 -25.65
CA ALA K 88 -47.38 59.16 -25.54
C ALA K 88 -47.41 58.73 -24.09
N ASP K 89 -48.34 57.85 -23.76
CA ASP K 89 -48.56 57.45 -22.39
C ASP K 89 -48.28 55.97 -22.12
N THR K 90 -47.96 55.19 -23.13
CA THR K 90 -47.83 53.75 -22.98
C THR K 90 -46.49 53.27 -23.48
N LEU K 91 -45.85 52.39 -22.71
CA LEU K 91 -44.61 51.74 -23.07
C LEU K 91 -44.90 50.32 -23.53
N LYS K 92 -44.27 49.91 -24.64
CA LYS K 92 -44.50 48.59 -25.21
C LYS K 92 -43.19 47.82 -25.33
N VAL K 93 -43.13 46.66 -24.69
CA VAL K 93 -42.01 45.74 -24.81
C VAL K 93 -42.47 44.54 -25.61
N ARG K 94 -41.53 43.83 -26.23
CA ARG K 94 -41.87 42.74 -27.12
C ARG K 94 -40.70 41.77 -27.21
N PHE K 95 -40.98 40.48 -27.04
CA PHE K 95 -39.97 39.45 -27.18
C PHE K 95 -40.67 38.15 -27.50
N THR K 96 -39.90 37.21 -28.01
CA THR K 96 -40.40 35.87 -28.31
C THR K 96 -39.68 34.86 -27.44
N LEU K 97 -40.24 33.66 -27.36
CA LEU K 97 -39.52 32.56 -26.77
C LEU K 97 -40.00 31.25 -27.38
N ARG K 98 -39.14 30.24 -27.26
CA ARG K 98 -39.45 28.89 -27.70
C ARG K 98 -39.35 27.94 -26.52
N VAL K 99 -40.01 26.79 -26.65
CA VAL K 99 -39.95 25.74 -25.66
C VAL K 99 -39.45 24.49 -26.37
N LEU K 100 -38.40 23.87 -25.82
CA LEU K 100 -37.67 22.83 -26.51
C LEU K 100 -38.04 21.43 -26.04
N GLY K 101 -37.98 21.17 -24.75
CA GLY K 101 -38.29 19.84 -24.26
C GLY K 101 -37.14 18.88 -24.44
N GLY K 102 -37.40 17.63 -24.10
CA GLY K 102 -36.33 16.66 -23.99
C GLY K 102 -35.42 16.98 -22.82
N ALA K 103 -36.01 17.41 -21.72
CA ALA K 103 -35.28 18.03 -20.62
C ALA K 103 -34.59 17.07 -19.73
N GLY K 104 -34.43 15.80 -20.04
CA GLY K 104 -33.68 14.93 -19.17
C GLY K 104 -32.28 14.69 -19.67
N THR K 105 -32.09 14.82 -20.97
CA THR K 105 -30.86 14.38 -21.61
C THR K 105 -29.74 15.38 -21.36
N PRO K 106 -28.59 14.96 -20.84
CA PRO K 106 -27.46 15.87 -20.73
C PRO K 106 -26.82 16.12 -22.08
N SER K 107 -25.98 17.13 -22.12
CA SER K 107 -25.22 17.43 -23.32
C SER K 107 -23.78 16.95 -23.24
N ALA K 108 -23.30 16.63 -22.04
CA ALA K 108 -21.96 16.10 -21.87
C ALA K 108 -21.92 15.29 -20.60
N CYS K 109 -21.29 14.12 -20.66
CA CYS K 109 -21.23 13.24 -19.51
C CYS K 109 -19.98 12.39 -19.60
N ASN K 110 -19.62 11.78 -18.48
CA ASN K 110 -18.55 10.79 -18.44
C ASN K 110 -19.05 9.37 -18.35
N ASP K 111 -19.82 9.06 -17.31
CA ASP K 111 -20.28 7.71 -17.05
C ASP K 111 -21.56 7.45 -17.82
N ALA K 112 -21.64 6.27 -18.44
CA ALA K 112 -22.86 5.92 -19.15
C ALA K 112 -23.89 5.33 -18.20
N ALA K 113 -23.43 4.59 -17.19
CA ALA K 113 -24.35 3.94 -16.25
C ALA K 113 -25.09 4.98 -15.42
N TYR K 114 -24.37 6.01 -14.96
CA TYR K 114 -24.98 7.12 -14.26
C TYR K 114 -25.99 7.83 -15.15
N ARG K 115 -25.68 7.92 -16.45
CA ARG K 115 -26.59 8.57 -17.38
C ARG K 115 -27.87 7.77 -17.56
N ASP K 116 -27.77 6.45 -17.60
CA ASP K 116 -28.96 5.64 -17.78
C ASP K 116 -29.82 5.63 -16.53
N LYS K 117 -29.19 5.59 -15.35
CA LYS K 117 -29.94 5.66 -14.11
C LYS K 117 -30.65 7.00 -13.97
N LEU K 118 -29.98 8.08 -14.35
CA LEU K 118 -30.60 9.40 -14.34
C LEU K 118 -31.76 9.48 -15.31
N LEU K 119 -31.59 8.89 -16.50
CA LEU K 119 -32.63 8.96 -17.52
C LEU K 119 -33.87 8.20 -17.09
N GLN K 120 -33.70 7.04 -16.47
CA GLN K 120 -34.90 6.31 -16.04
C GLN K 120 -35.53 6.95 -14.81
N THR K 121 -34.75 7.66 -13.99
CA THR K 121 -35.34 8.42 -12.90
C THR K 121 -36.23 9.54 -13.42
N VAL K 122 -35.76 10.27 -14.43
CA VAL K 122 -36.58 11.33 -15.01
C VAL K 122 -37.78 10.72 -15.76
N ALA K 123 -37.61 9.52 -16.31
CA ALA K 123 -38.72 8.82 -16.94
C ALA K 123 -39.80 8.47 -15.93
N THR K 124 -39.40 8.06 -14.73
CA THR K 124 -40.38 7.76 -13.69
C THR K 124 -41.11 9.01 -13.25
N TYR K 125 -40.38 10.13 -13.14
CA TYR K 125 -41.04 11.38 -12.76
C TYR K 125 -42.05 11.82 -13.81
N VAL K 126 -41.65 11.76 -15.08
CA VAL K 126 -42.56 12.26 -16.11
C VAL K 126 -43.68 11.25 -16.35
N ASN K 127 -43.50 10.02 -15.91
CA ASN K 127 -44.61 9.06 -15.97
C ASN K 127 -45.63 9.34 -14.88
N GLU K 128 -45.19 9.43 -13.63
CA GLU K 128 -46.16 9.55 -12.54
C GLU K 128 -46.74 10.95 -12.44
N GLN K 129 -46.00 11.96 -12.89
CA GLN K 129 -46.50 13.32 -12.92
C GLN K 129 -46.27 13.91 -14.29
N GLY K 130 -47.24 14.67 -14.78
CA GLY K 130 -47.04 15.43 -15.98
C GLY K 130 -46.24 16.67 -15.71
N PHE K 131 -46.06 17.46 -16.74
CA PHE K 131 -45.41 18.76 -16.61
C PHE K 131 -46.38 19.86 -16.19
N ALA K 132 -47.55 19.50 -15.65
CA ALA K 132 -48.66 20.44 -15.56
C ALA K 132 -48.42 21.47 -14.46
N GLU K 133 -47.81 21.06 -13.35
CA GLU K 133 -47.62 21.98 -12.23
C GLU K 133 -46.59 23.05 -12.58
N LEU K 134 -45.47 22.64 -13.15
CA LEU K 134 -44.43 23.58 -13.55
C LEU K 134 -44.90 24.49 -14.67
N ALA K 135 -45.68 23.95 -15.60
CA ALA K 135 -46.21 24.76 -16.68
C ALA K 135 -47.23 25.76 -16.16
N ARG K 136 -47.96 25.39 -15.11
CA ARG K 136 -48.89 26.33 -14.50
C ARG K 136 -48.15 27.47 -13.81
N ARG K 137 -47.05 27.14 -13.13
CA ARG K 137 -46.23 28.18 -12.51
C ARG K 137 -45.62 29.11 -13.55
N TYR K 138 -45.14 28.55 -14.67
CA TYR K 138 -44.55 29.38 -15.71
C TYR K 138 -45.60 30.24 -16.40
N ALA K 139 -46.81 29.71 -16.57
CA ALA K 139 -47.88 30.48 -17.17
C ALA K 139 -48.32 31.61 -16.27
N HIS K 140 -48.30 31.38 -14.95
CA HIS K 140 -48.59 32.45 -14.01
C HIS K 140 -47.54 33.54 -14.08
N ASN K 141 -46.26 33.15 -14.07
CA ASN K 141 -45.20 34.13 -14.13
C ASN K 141 -45.16 34.86 -15.47
N LEU K 142 -45.70 34.25 -16.52
CA LEU K 142 -45.81 34.93 -17.81
C LEU K 142 -47.01 35.87 -17.85
N ALA K 143 -48.11 35.49 -17.17
CA ALA K 143 -49.34 36.24 -17.29
C ALA K 143 -49.24 37.59 -16.60
N ASN K 144 -48.85 37.61 -15.33
CA ASN K 144 -48.44 38.86 -14.73
C ASN K 144 -47.13 39.29 -15.35
N ALA K 145 -46.99 40.58 -15.59
CA ALA K 145 -45.82 41.10 -16.30
C ALA K 145 -44.66 41.28 -15.32
N ARG K 146 -44.18 40.16 -14.81
CA ARG K 146 -43.09 40.21 -13.82
C ARG K 146 -41.78 40.61 -14.48
N PHE K 147 -41.64 40.37 -15.78
CA PHE K 147 -40.39 40.65 -16.45
C PHE K 147 -40.12 42.14 -16.59
N LEU K 148 -41.14 42.98 -16.47
CA LEU K 148 -40.89 44.39 -16.21
C LEU K 148 -40.44 44.48 -14.76
N TRP K 149 -39.17 44.77 -14.54
CA TRP K 149 -38.66 44.69 -13.18
C TRP K 149 -38.99 45.95 -12.40
N ARG K 150 -38.43 47.09 -12.80
CA ARG K 150 -38.81 48.36 -12.18
C ARG K 150 -39.81 49.12 -13.04
N ASN K 151 -40.09 48.64 -14.24
CA ASN K 151 -41.09 49.28 -15.08
C ASN K 151 -42.51 48.81 -14.77
N ARG K 152 -42.68 48.02 -13.71
CA ARG K 152 -44.00 47.53 -13.30
C ARG K 152 -44.51 48.20 -12.04
N VAL K 153 -43.63 48.63 -11.14
CA VAL K 153 -44.09 49.28 -9.93
C VAL K 153 -44.57 50.70 -10.27
N GLY K 154 -45.67 51.10 -9.64
CA GLY K 154 -46.27 52.39 -9.93
C GLY K 154 -46.96 52.46 -11.27
N ALA K 155 -47.47 51.34 -11.77
CA ALA K 155 -48.12 51.30 -13.07
C ALA K 155 -49.61 51.54 -12.92
N GLU K 156 -50.22 52.03 -13.98
CA GLU K 156 -51.65 52.27 -13.97
C GLU K 156 -52.43 51.00 -14.27
N ALA K 157 -52.22 50.44 -15.44
CA ALA K 157 -52.89 49.22 -15.85
C ALA K 157 -52.03 48.53 -16.90
N VAL K 158 -51.75 47.25 -16.67
CA VAL K 158 -50.84 46.48 -17.50
C VAL K 158 -51.60 45.37 -18.19
N GLU K 159 -51.49 45.32 -19.52
CA GLU K 159 -52.19 44.34 -20.32
C GLU K 159 -51.22 43.64 -21.24
N VAL K 160 -51.23 42.31 -21.23
CA VAL K 160 -50.33 41.51 -22.06
C VAL K 160 -51.13 40.77 -23.11
N ARG K 161 -50.53 40.58 -24.27
CA ARG K 161 -51.12 39.81 -25.36
C ARG K 161 -50.18 38.68 -25.72
N ILE K 162 -50.73 37.50 -25.95
CA ILE K 162 -49.96 36.29 -26.21
C ILE K 162 -50.39 35.73 -27.54
N ASN K 163 -49.44 35.52 -28.44
CA ASN K 163 -49.72 34.92 -29.74
C ASN K 163 -48.94 33.62 -29.86
N HIS K 164 -49.57 32.60 -30.41
CA HIS K 164 -48.91 31.34 -30.70
C HIS K 164 -48.77 31.21 -32.20
N ILE K 165 -47.55 31.35 -32.70
CA ILE K 165 -47.28 31.50 -34.13
C ILE K 165 -46.88 30.13 -34.66
N ARG K 166 -47.81 29.46 -35.34
CA ARG K 166 -47.55 28.12 -35.84
C ARG K 166 -46.89 28.17 -37.22
N GLN K 167 -47.58 28.75 -38.17
CA GLN K 167 -47.01 29.12 -39.46
C GLN K 167 -46.43 30.51 -39.34
N GLY K 168 -46.27 31.22 -40.45
CA GLY K 168 -45.94 32.63 -40.36
C GLY K 168 -46.97 33.48 -39.62
N GLU K 169 -48.22 33.03 -39.55
CA GLU K 169 -49.32 33.79 -38.97
C GLU K 169 -49.71 33.22 -37.60
N VAL K 170 -50.65 33.90 -36.96
CA VAL K 170 -51.10 33.58 -35.61
C VAL K 170 -52.11 32.46 -35.68
N ALA K 171 -52.09 31.58 -34.68
CA ALA K 171 -53.05 30.49 -34.58
C ALA K 171 -53.94 30.55 -33.35
N ARG K 172 -53.56 31.29 -32.32
CA ARG K 172 -54.29 31.31 -31.06
C ARG K 172 -53.82 32.53 -30.27
N THR K 173 -54.77 33.23 -29.65
CA THR K 173 -54.46 34.48 -28.99
C THR K 173 -55.01 34.49 -27.58
N TRP K 174 -54.27 35.11 -26.67
CA TRP K 174 -54.72 35.39 -25.33
C TRP K 174 -54.75 36.89 -25.11
N ARG K 175 -55.34 37.29 -23.98
CA ARG K 175 -55.41 38.70 -23.61
C ARG K 175 -55.65 38.75 -22.11
N PHE K 176 -54.67 39.24 -21.36
CA PHE K 176 -54.77 39.27 -19.90
C PHE K 176 -54.61 40.68 -19.39
N ASP K 177 -55.10 40.89 -18.17
CA ASP K 177 -54.68 42.02 -17.35
C ASP K 177 -53.71 41.49 -16.32
N ALA K 178 -52.56 42.17 -16.19
CA ALA K 178 -51.50 41.65 -15.35
C ALA K 178 -51.84 41.81 -13.88
N LEU K 179 -52.07 43.04 -13.42
CA LEU K 179 -52.09 43.32 -12.00
C LEU K 179 -53.36 42.85 -11.30
N ALA K 180 -54.29 42.20 -12.00
CA ALA K 180 -55.26 41.36 -11.31
C ALA K 180 -54.57 40.15 -10.71
N ILE K 181 -53.80 39.43 -11.52
CA ILE K 181 -53.04 38.28 -11.04
C ILE K 181 -51.83 38.82 -10.28
N GLY K 182 -51.83 38.64 -8.97
CA GLY K 182 -50.76 39.19 -8.16
C GLY K 182 -49.47 38.41 -8.29
N LEU K 183 -48.47 38.86 -7.53
CA LEU K 183 -47.17 38.21 -7.48
C LEU K 183 -47.00 37.37 -6.23
N ARG K 184 -48.05 36.70 -5.80
CA ARG K 184 -48.00 36.03 -4.50
C ARG K 184 -48.47 34.59 -4.55
N ASP K 185 -49.31 34.22 -5.50
CA ASP K 185 -50.00 32.95 -5.45
C ASP K 185 -50.35 32.49 -6.86
N PHE K 186 -50.82 31.26 -6.94
CA PHE K 186 -51.04 30.58 -8.22
C PHE K 186 -52.48 30.08 -8.26
N LYS K 187 -53.36 30.93 -8.80
CA LYS K 187 -54.78 30.67 -8.93
C LYS K 187 -55.10 30.03 -10.27
N ALA K 188 -56.13 29.18 -10.29
CA ALA K 188 -56.51 28.42 -11.48
C ALA K 188 -57.51 29.20 -12.31
N ASP K 189 -57.27 29.27 -13.62
CA ASP K 189 -58.15 29.96 -14.55
C ASP K 189 -58.06 29.26 -15.89
N ALA K 190 -59.20 29.25 -16.62
CA ALA K 190 -59.33 28.41 -17.81
C ALA K 190 -58.41 28.86 -18.93
N GLU K 191 -58.26 30.17 -19.13
CA GLU K 191 -57.30 30.66 -20.11
C GLU K 191 -55.87 30.35 -19.69
N LEU K 192 -55.59 30.52 -18.39
CA LEU K 192 -54.31 30.11 -17.85
C LEU K 192 -54.11 28.61 -17.96
N ASP K 193 -55.19 27.83 -17.86
CA ASP K 193 -55.07 26.39 -18.02
C ASP K 193 -54.76 26.02 -19.46
N ALA K 194 -55.34 26.72 -20.44
CA ALA K 194 -55.05 26.44 -21.84
C ALA K 194 -53.60 26.80 -22.18
N LEU K 195 -53.13 27.94 -21.67
CA LEU K 195 -51.73 28.31 -21.87
C LEU K 195 -50.79 27.32 -21.19
N ALA K 196 -51.17 26.84 -20.00
CA ALA K 196 -50.31 25.92 -19.28
C ALA K 196 -50.26 24.55 -19.97
N GLU K 197 -51.36 24.11 -20.56
CA GLU K 197 -51.27 22.83 -21.25
C GLU K 197 -50.54 22.96 -22.57
N LEU K 198 -50.58 24.14 -23.21
CA LEU K 198 -49.74 24.34 -24.38
C LEU K 198 -48.25 24.31 -24.02
N ILE K 199 -47.89 24.95 -22.91
CA ILE K 199 -46.49 24.95 -22.46
C ILE K 199 -46.06 23.54 -22.06
N ALA K 200 -46.93 22.81 -21.39
CA ALA K 200 -46.57 21.45 -20.97
C ALA K 200 -46.51 20.50 -22.16
N SER K 201 -47.29 20.78 -23.21
CA SER K 201 -47.17 20.00 -24.43
C SER K 201 -45.85 20.28 -25.13
N GLY K 202 -45.40 21.53 -25.07
CA GLY K 202 -44.09 21.83 -25.63
C GLY K 202 -42.97 21.20 -24.82
N LEU K 203 -43.10 21.17 -23.51
CA LEU K 203 -42.04 20.64 -22.66
C LEU K 203 -41.93 19.14 -22.76
N SER K 204 -43.02 18.46 -23.10
CA SER K 204 -42.99 17.01 -23.21
C SER K 204 -42.33 16.54 -24.49
N GLY K 205 -42.00 17.43 -25.40
CA GLY K 205 -41.41 17.05 -26.67
C GLY K 205 -42.40 16.60 -27.70
N SER K 206 -43.70 16.70 -27.42
CA SER K 206 -44.72 16.26 -28.36
C SER K 206 -44.93 17.22 -29.52
N GLY K 207 -44.44 18.45 -29.40
CA GLY K 207 -44.60 19.41 -30.47
C GLY K 207 -43.65 20.57 -30.30
N HIS K 208 -43.83 21.57 -31.17
CA HIS K 208 -43.03 22.78 -31.12
C HIS K 208 -43.86 23.90 -30.53
N VAL K 209 -43.20 24.87 -29.92
CA VAL K 209 -43.86 25.99 -29.28
C VAL K 209 -43.09 27.25 -29.63
N LEU K 210 -43.78 28.24 -30.20
CA LEU K 210 -43.21 29.54 -30.46
C LEU K 210 -44.21 30.59 -30.03
N LEU K 211 -43.87 31.34 -28.99
CA LEU K 211 -44.77 32.33 -28.41
C LEU K 211 -44.22 33.72 -28.66
N GLU K 212 -45.10 34.67 -28.91
CA GLU K 212 -44.72 36.06 -29.03
C GLU K 212 -45.43 36.84 -27.93
N VAL K 213 -44.65 37.46 -27.05
CA VAL K 213 -45.18 38.15 -25.89
C VAL K 213 -45.02 39.65 -26.12
N VAL K 214 -46.11 40.38 -25.96
CA VAL K 214 -46.09 41.84 -26.06
C VAL K 214 -46.91 42.39 -24.90
N ALA K 215 -46.42 43.47 -24.32
CA ALA K 215 -47.04 44.07 -23.14
C ALA K 215 -47.24 45.56 -23.34
N PHE K 216 -48.20 46.12 -22.63
CA PHE K 216 -48.46 47.56 -22.64
C PHE K 216 -48.57 48.05 -21.21
N ALA K 217 -47.74 49.03 -20.86
CA ALA K 217 -47.71 49.59 -19.52
C ALA K 217 -48.02 51.07 -19.57
N ARG K 218 -49.02 51.48 -18.80
CA ARG K 218 -49.49 52.86 -18.80
C ARG K 218 -48.79 53.61 -17.66
N ILE K 219 -47.87 54.48 -18.02
CA ILE K 219 -47.15 55.30 -17.06
C ILE K 219 -47.46 56.78 -17.27
N GLY K 220 -47.78 57.17 -18.49
CA GLY K 220 -48.06 58.56 -18.80
C GLY K 220 -46.97 59.11 -19.68
N ASP K 221 -46.85 60.42 -19.69
CA ASP K 221 -45.96 61.09 -20.63
C ASP K 221 -44.66 61.51 -19.95
N GLY K 222 -43.55 61.31 -20.63
CA GLY K 222 -42.28 61.90 -20.25
C GLY K 222 -41.51 61.16 -19.18
N GLN K 223 -42.08 60.15 -18.53
CA GLN K 223 -41.40 59.56 -17.39
C GLN K 223 -40.36 58.55 -17.83
N GLU K 224 -39.49 58.18 -16.88
CA GLU K 224 -38.30 57.39 -17.18
C GLU K 224 -38.64 55.91 -17.28
N VAL K 225 -38.01 55.24 -18.23
CA VAL K 225 -38.10 53.79 -18.35
C VAL K 225 -36.78 53.20 -17.91
N PHE K 226 -36.71 51.88 -17.80
CA PHE K 226 -35.55 51.18 -17.25
C PHE K 226 -35.14 50.01 -18.13
N PRO K 227 -34.26 50.23 -19.10
CA PRO K 227 -33.58 49.12 -19.75
C PRO K 227 -32.38 48.70 -18.89
N SER K 228 -31.70 47.63 -19.32
CA SER K 228 -30.64 47.05 -18.51
C SER K 228 -29.41 47.92 -18.50
N GLN K 229 -28.72 47.92 -17.37
CA GLN K 229 -27.54 48.73 -17.16
C GLN K 229 -26.30 47.93 -17.53
N GLU K 230 -25.42 48.54 -18.31
CA GLU K 230 -24.26 47.85 -18.85
C GLU K 230 -23.07 47.94 -17.89
N LEU K 231 -22.02 47.23 -18.26
CA LEU K 231 -20.72 47.39 -17.64
C LEU K 231 -19.94 48.45 -18.40
N ILE K 232 -18.88 48.94 -17.78
CA ILE K 232 -18.05 49.96 -18.39
C ILE K 232 -16.61 49.77 -17.92
N LEU K 233 -15.66 50.25 -18.72
CA LEU K 233 -14.24 50.04 -18.49
C LEU K 233 -13.54 51.38 -18.35
N ASP K 234 -12.59 51.46 -17.42
CA ASP K 234 -11.79 52.66 -17.26
C ASP K 234 -10.48 52.52 -18.04
N LYS K 235 -10.57 52.16 -19.32
CA LYS K 235 -9.40 52.10 -20.18
C LYS K 235 -9.21 53.37 -20.99
N GLY K 236 -10.14 54.31 -20.88
CA GLY K 236 -9.99 55.61 -21.51
C GLY K 236 -9.78 56.69 -20.48
N ASP K 237 -10.10 57.94 -20.83
CA ASP K 237 -9.95 59.04 -19.89
C ASP K 237 -11.22 59.19 -19.05
N LYS K 238 -11.29 60.30 -18.32
CA LYS K 238 -12.50 60.61 -17.54
C LYS K 238 -13.65 61.07 -18.43
N LYS K 239 -13.37 61.41 -19.69
CA LYS K 239 -14.43 61.81 -20.61
C LYS K 239 -15.26 60.60 -21.04
N GLY K 240 -16.38 60.88 -21.69
CA GLY K 240 -17.32 59.84 -22.04
C GLY K 240 -18.35 59.63 -20.95
N GLN K 241 -19.00 58.47 -21.02
CA GLN K 241 -19.98 58.13 -20.02
C GLN K 241 -19.27 57.72 -18.74
N LYS K 242 -18.96 58.71 -17.90
CA LYS K 242 -18.17 58.49 -16.70
C LYS K 242 -18.94 57.69 -15.66
N SER K 243 -20.27 57.61 -15.77
CA SER K 243 -21.10 57.03 -14.73
C SER K 243 -21.72 55.70 -15.12
N LYS K 244 -22.50 55.66 -16.19
CA LYS K 244 -23.27 54.47 -16.51
C LYS K 244 -23.67 54.49 -17.97
N THR K 245 -23.95 53.31 -18.51
CA THR K 245 -24.29 53.14 -19.91
C THR K 245 -25.44 52.16 -19.99
N LEU K 246 -26.35 52.39 -20.94
CA LEU K 246 -27.59 51.63 -21.00
C LEU K 246 -27.59 50.76 -22.25
N TYR K 247 -28.22 49.60 -22.12
CA TYR K 247 -28.15 48.59 -23.16
C TYR K 247 -29.11 48.92 -24.29
N SER K 248 -28.61 48.90 -25.52
CA SER K 248 -29.43 49.18 -26.69
C SER K 248 -29.02 48.28 -27.84
N VAL K 249 -30.01 47.79 -28.59
CA VAL K 249 -29.71 46.87 -29.67
C VAL K 249 -29.22 47.64 -30.89
N ARG K 250 -30.07 48.46 -31.48
CA ARG K 250 -29.63 49.37 -32.53
C ARG K 250 -30.51 50.61 -32.46
N ASP K 251 -30.04 51.60 -31.71
CA ASP K 251 -30.80 52.81 -31.38
C ASP K 251 -32.20 52.49 -30.85
N ALA K 252 -32.25 51.53 -29.93
CA ALA K 252 -33.51 51.11 -29.31
C ALA K 252 -33.17 50.45 -28.00
N ALA K 253 -33.65 50.99 -26.89
CA ALA K 253 -33.31 50.45 -25.58
C ALA K 253 -33.97 49.10 -25.38
N ALA K 254 -33.31 48.23 -24.63
CA ALA K 254 -33.74 46.84 -24.55
C ALA K 254 -33.29 46.24 -23.22
N ILE K 255 -33.80 45.05 -22.95
CA ILE K 255 -33.48 44.32 -21.73
C ILE K 255 -32.78 43.03 -22.11
N HIS K 256 -31.78 42.65 -21.31
CA HIS K 256 -31.03 41.42 -21.53
C HIS K 256 -31.93 40.20 -21.43
N SER K 257 -31.55 39.15 -22.16
CA SER K 257 -32.37 37.95 -22.20
C SER K 257 -32.32 37.20 -20.89
N GLN K 258 -31.19 37.25 -20.18
CA GLN K 258 -31.11 36.54 -18.92
C GLN K 258 -31.93 37.21 -17.83
N LYS K 259 -32.23 38.50 -17.98
CA LYS K 259 -33.18 39.15 -17.08
C LYS K 259 -34.58 38.58 -17.25
N ILE K 260 -35.02 38.44 -18.49
CA ILE K 260 -36.31 37.84 -18.78
C ILE K 260 -36.36 36.40 -18.30
N GLY K 261 -35.26 35.67 -18.51
CA GLY K 261 -35.22 34.28 -18.09
C GLY K 261 -35.22 34.12 -16.59
N ASN K 262 -34.58 35.06 -15.89
CA ASN K 262 -34.60 35.03 -14.42
C ASN K 262 -35.98 35.34 -13.90
N ALA K 263 -36.68 36.26 -14.56
CA ALA K 263 -38.03 36.60 -14.12
C ALA K 263 -39.00 35.47 -14.37
N LEU K 264 -38.77 34.67 -15.42
CA LEU K 264 -39.74 33.63 -15.75
C LEU K 264 -39.69 32.47 -14.76
N ARG K 265 -38.50 32.12 -14.25
CA ARG K 265 -38.41 30.98 -13.36
C ARG K 265 -38.47 31.38 -11.89
N THR K 266 -39.20 32.43 -11.56
CA THR K 266 -39.32 32.90 -10.18
C THR K 266 -40.51 32.18 -9.54
N ILE K 267 -40.39 30.86 -9.43
CA ILE K 267 -41.51 30.02 -9.02
C ILE K 267 -41.24 29.24 -7.74
N ASP K 268 -40.05 29.35 -7.16
CA ASP K 268 -39.70 28.51 -6.03
C ASP K 268 -40.38 29.00 -4.77
N THR K 269 -41.36 28.24 -4.28
CA THR K 269 -42.07 28.57 -3.05
C THR K 269 -41.80 27.58 -1.93
N TRP K 270 -41.03 26.53 -2.18
CA TRP K 270 -40.85 25.45 -1.23
C TRP K 270 -39.58 25.58 -0.42
N TYR K 271 -38.95 26.74 -0.42
CA TYR K 271 -37.83 26.95 0.47
C TYR K 271 -38.32 27.02 1.90
N PRO K 272 -37.67 26.32 2.84
CA PRO K 272 -38.31 26.02 4.11
C PRO K 272 -38.34 27.17 5.09
N ASP K 273 -37.56 28.22 4.85
CA ASP K 273 -37.31 29.20 5.91
C ASP K 273 -38.52 30.08 6.17
N GLU K 274 -39.27 30.43 5.13
CA GLU K 274 -40.41 31.31 5.28
C GLU K 274 -41.36 31.08 4.11
N ASP K 275 -42.52 31.74 4.19
CA ASP K 275 -43.47 31.79 3.11
C ASP K 275 -43.97 33.19 2.81
N GLY K 276 -43.79 34.14 3.73
CA GLY K 276 -44.25 35.50 3.52
C GLY K 276 -43.44 36.27 2.50
N LEU K 277 -42.23 35.81 2.17
CA LEU K 277 -41.47 36.47 1.12
C LEU K 277 -42.04 36.20 -0.25
N GLY K 278 -42.64 35.03 -0.44
CA GLY K 278 -43.21 34.68 -1.72
C GLY K 278 -42.27 33.82 -2.54
N PRO K 279 -42.55 33.70 -3.83
CA PRO K 279 -41.72 32.84 -4.68
C PRO K 279 -40.39 33.48 -5.00
N ILE K 280 -39.39 32.64 -5.21
CA ILE K 280 -38.06 33.09 -5.60
C ILE K 280 -37.64 32.32 -6.85
N ALA K 281 -36.47 32.66 -7.37
CA ALA K 281 -35.97 32.03 -8.58
C ALA K 281 -35.28 30.71 -8.25
N VAL K 282 -35.33 29.80 -9.21
CA VAL K 282 -34.87 28.43 -9.02
C VAL K 282 -33.38 28.35 -9.36
N GLU K 283 -32.58 27.96 -8.38
CA GLU K 283 -31.16 27.68 -8.59
C GLU K 283 -30.67 26.88 -7.38
N PRO K 284 -29.57 26.13 -7.51
CA PRO K 284 -29.02 25.45 -6.34
C PRO K 284 -28.44 26.46 -5.37
N TYR K 285 -28.55 26.14 -4.08
CA TYR K 285 -28.40 27.09 -2.97
C TYR K 285 -29.24 28.33 -3.25
N GLY K 286 -30.55 28.15 -3.21
CA GLY K 286 -31.51 29.17 -3.61
C GLY K 286 -31.35 30.50 -2.93
N SER K 287 -30.87 31.48 -3.68
CA SER K 287 -30.40 32.74 -3.09
C SER K 287 -30.95 33.88 -3.91
N VAL K 288 -31.06 35.03 -3.26
CA VAL K 288 -31.40 36.28 -3.91
C VAL K 288 -30.24 37.23 -3.73
N THR K 289 -29.75 37.80 -4.83
CA THR K 289 -28.60 38.69 -4.75
C THR K 289 -28.97 40.03 -4.15
N SER K 290 -30.26 40.37 -4.16
CA SER K 290 -30.71 41.58 -3.50
C SER K 290 -30.55 41.49 -2.00
N GLN K 291 -31.11 40.45 -1.39
CA GLN K 291 -31.02 40.27 0.04
C GLN K 291 -29.66 39.74 0.50
N GLY K 292 -28.92 39.11 -0.39
CA GLY K 292 -27.62 38.57 -0.01
C GLY K 292 -27.69 37.39 0.93
N LYS K 293 -28.78 36.63 0.90
CA LYS K 293 -28.97 35.50 1.79
C LYS K 293 -29.14 34.23 0.98
N ALA K 294 -28.79 33.11 1.59
CA ALA K 294 -28.80 31.82 0.92
C ALA K 294 -29.79 30.90 1.60
N TYR K 295 -31.02 30.87 1.09
CA TYR K 295 -31.92 29.79 1.45
C TYR K 295 -31.47 28.52 0.75
N ARG K 296 -32.07 27.40 1.17
CA ARG K 296 -31.58 26.05 0.84
C ARG K 296 -30.10 25.92 1.16
N GLN K 297 -29.77 26.26 2.39
CA GLN K 297 -28.39 26.19 2.87
C GLN K 297 -27.94 24.74 2.87
N PRO K 298 -26.70 24.46 2.43
CA PRO K 298 -26.26 23.06 2.39
C PRO K 298 -25.96 22.46 3.75
N LYS K 299 -25.95 23.26 4.81
CA LYS K 299 -25.91 22.69 6.15
C LYS K 299 -27.20 21.96 6.47
N GLN K 300 -28.31 22.43 5.91
CA GLN K 300 -29.50 21.63 5.85
C GLN K 300 -29.43 20.70 4.65
N LYS K 301 -30.24 19.66 4.67
CA LYS K 301 -30.24 18.68 3.59
C LYS K 301 -31.26 19.06 2.52
N LEU K 302 -31.13 20.29 2.02
CA LEU K 302 -32.16 20.79 1.12
C LEU K 302 -31.61 21.56 -0.07
N ASP K 303 -30.31 21.50 -0.33
CA ASP K 303 -29.79 22.03 -1.58
C ASP K 303 -30.09 21.05 -2.71
N PHE K 304 -29.85 21.50 -3.94
CA PHE K 304 -30.20 20.71 -5.11
C PHE K 304 -29.30 19.50 -5.24
N TYR K 305 -28.03 19.66 -4.89
CA TYR K 305 -27.03 18.63 -5.13
C TYR K 305 -27.27 17.41 -4.27
N THR K 306 -27.51 17.62 -2.97
CA THR K 306 -27.71 16.50 -2.06
C THR K 306 -29.00 15.77 -2.35
N LEU K 307 -30.04 16.51 -2.73
CA LEU K 307 -31.30 15.88 -3.11
C LEU K 307 -31.14 15.04 -4.35
N LEU K 308 -30.37 15.52 -5.32
CA LEU K 308 -30.16 14.76 -6.55
C LEU K 308 -29.32 13.52 -6.28
N ASP K 309 -28.33 13.62 -5.40
CA ASP K 309 -27.50 12.47 -5.07
C ASP K 309 -28.31 11.41 -4.32
N ASN K 310 -29.17 11.85 -3.40
CA ASN K 310 -29.98 10.88 -2.67
C ASN K 310 -31.04 10.25 -3.55
N TRP K 311 -31.51 10.99 -4.56
CA TRP K 311 -32.51 10.43 -5.44
C TRP K 311 -31.90 9.41 -6.39
N VAL K 312 -30.78 9.75 -7.01
CA VAL K 312 -30.30 8.87 -8.08
C VAL K 312 -29.49 7.71 -7.52
N LEU K 313 -28.65 7.96 -6.53
CA LEU K 313 -27.78 6.89 -6.03
C LEU K 313 -28.52 5.96 -5.08
N ARG K 314 -28.99 6.49 -3.97
CA ARG K 314 -29.58 5.67 -2.92
C ARG K 314 -31.07 5.41 -3.11
N ASP K 315 -31.65 5.89 -4.19
CA ASP K 315 -33.05 5.73 -4.58
C ASP K 315 -34.04 6.24 -3.53
N GLU K 316 -33.61 7.18 -2.69
CA GLU K 316 -34.50 7.78 -1.71
C GLU K 316 -35.14 9.00 -2.35
N ALA K 317 -36.30 8.78 -2.96
CA ALA K 317 -37.00 9.87 -3.63
C ALA K 317 -37.53 10.85 -2.58
N PRO K 318 -37.36 12.14 -2.78
CA PRO K 318 -37.80 13.12 -1.78
C PRO K 318 -39.29 13.41 -1.96
N ALA K 319 -39.75 14.41 -1.20
CA ALA K 319 -41.12 14.84 -1.30
C ALA K 319 -41.39 15.49 -2.66
N VAL K 320 -42.67 15.55 -3.03
CA VAL K 320 -43.07 15.86 -4.40
C VAL K 320 -42.76 17.31 -4.74
N GLU K 321 -42.80 18.19 -3.74
CA GLU K 321 -42.37 19.56 -3.96
C GLU K 321 -40.88 19.62 -4.25
N GLN K 322 -40.09 18.79 -3.57
CA GLN K 322 -38.66 18.78 -3.83
C GLN K 322 -38.36 18.16 -5.17
N GLN K 323 -39.20 17.23 -5.63
CA GLN K 323 -39.04 16.68 -6.96
C GLN K 323 -39.37 17.73 -8.02
N HIS K 324 -40.38 18.55 -7.75
CA HIS K 324 -40.67 19.69 -8.62
C HIS K 324 -39.48 20.65 -8.66
N TYR K 325 -38.84 20.88 -7.52
CA TYR K 325 -37.70 21.77 -7.45
C TYR K 325 -36.51 21.24 -8.25
N VAL K 326 -36.29 19.92 -8.16
CA VAL K 326 -35.16 19.32 -8.85
C VAL K 326 -35.38 19.35 -10.37
N ILE K 327 -36.60 19.05 -10.81
CA ILE K 327 -36.87 19.06 -12.25
C ILE K 327 -36.85 20.49 -12.79
N ALA K 328 -37.22 21.47 -11.95
CA ALA K 328 -37.11 22.86 -12.36
C ALA K 328 -35.66 23.28 -12.52
N ASN K 329 -34.79 22.80 -11.63
CA ASN K 329 -33.37 23.08 -11.78
C ASN K 329 -32.79 22.37 -12.99
N LEU K 330 -33.36 21.22 -13.35
CA LEU K 330 -32.92 20.52 -14.54
C LEU K 330 -33.33 21.26 -15.80
N ILE K 331 -34.51 21.89 -15.77
CA ILE K 331 -34.95 22.67 -16.93
C ILE K 331 -34.14 23.94 -17.05
N ARG K 332 -33.71 24.50 -15.91
CA ARG K 332 -32.90 25.71 -15.92
C ARG K 332 -31.54 25.49 -16.57
N GLY K 333 -30.93 24.33 -16.36
CA GLY K 333 -29.67 24.01 -17.00
C GLY K 333 -28.48 24.66 -16.32
N GLY K 334 -27.30 24.19 -16.68
CA GLY K 334 -26.10 24.74 -16.12
C GLY K 334 -25.00 23.72 -16.07
N VAL K 335 -23.99 24.00 -15.26
CA VAL K 335 -22.79 23.18 -15.16
C VAL K 335 -22.79 22.52 -13.80
N PHE K 336 -23.07 21.24 -13.75
CA PHE K 336 -23.03 20.49 -12.50
C PHE K 336 -21.94 19.44 -12.65
N GLY K 337 -20.71 19.85 -12.42
CA GLY K 337 -19.59 18.94 -12.54
C GLY K 337 -18.77 19.01 -11.28
N GLU K 338 -17.51 18.62 -11.32
CA GLU K 338 -16.72 18.72 -10.11
C GLU K 338 -16.30 20.17 -9.86
N ALA K 339 -15.80 20.41 -8.66
CA ALA K 339 -15.54 21.77 -8.22
C ALA K 339 -14.29 22.34 -8.90
N GLU K 340 -14.16 23.65 -8.79
CA GLU K 340 -13.03 24.45 -9.28
C GLU K 340 -12.78 24.28 -10.78
N ILE L 5 7.81 -11.01 -45.15
CA ILE L 5 8.76 -10.19 -44.43
C ILE L 5 8.48 -8.72 -44.68
N LEU L 6 7.30 -8.45 -45.24
CA LEU L 6 6.91 -7.07 -45.48
C LEU L 6 6.56 -6.40 -44.15
N SER L 7 7.13 -5.21 -43.93
CA SER L 7 6.90 -4.48 -42.70
C SER L 7 6.26 -3.14 -43.00
N THR L 8 5.77 -2.50 -41.94
CA THR L 8 5.11 -1.21 -42.09
C THR L 8 6.14 -0.10 -42.28
N ALA L 9 5.77 0.92 -43.05
CA ALA L 9 6.64 2.07 -43.20
C ALA L 9 6.60 2.92 -41.95
N SER L 10 7.74 3.51 -41.61
CA SER L 10 7.79 4.34 -40.41
C SER L 10 7.14 5.69 -40.62
N VAL L 11 7.08 6.16 -41.87
CA VAL L 11 6.52 7.46 -42.21
C VAL L 11 5.40 7.24 -43.22
N LEU L 12 4.21 7.70 -42.90
CA LEU L 12 3.08 7.52 -43.81
C LEU L 12 2.03 8.58 -43.50
N ALA L 13 1.58 9.29 -44.53
CA ALA L 13 0.67 10.41 -44.33
C ALA L 13 -0.19 10.60 -45.56
N PHE L 14 -1.43 11.01 -45.33
CA PHE L 14 -2.41 11.16 -46.40
C PHE L 14 -3.05 12.53 -46.34
N GLU L 15 -3.10 13.22 -47.46
CA GLU L 15 -3.87 14.45 -47.53
C GLU L 15 -5.35 14.11 -47.63
N ARG L 16 -6.17 15.06 -47.23
CA ARG L 16 -7.59 14.79 -47.15
C ARG L 16 -8.28 15.06 -48.47
N LYS L 17 -9.40 14.40 -48.66
CA LYS L 17 -10.40 14.81 -49.64
C LYS L 17 -11.54 15.46 -48.90
N LEU L 18 -12.57 15.88 -49.64
CA LEU L 18 -13.75 16.57 -49.13
C LEU L 18 -13.38 17.84 -48.37
N ASP L 19 -12.91 18.82 -49.14
CA ASP L 19 -12.45 20.09 -48.57
C ASP L 19 -13.57 21.10 -48.55
N PRO L 20 -14.06 21.50 -47.38
CA PRO L 20 -15.05 22.57 -47.31
C PRO L 20 -14.42 23.93 -47.06
N SER L 21 -15.19 24.96 -47.36
CA SER L 21 -14.81 26.32 -47.01
C SER L 21 -15.33 26.63 -45.61
N ASP L 22 -15.34 27.91 -45.26
CA ASP L 22 -15.95 28.32 -44.01
C ASP L 22 -17.38 28.78 -44.27
N ALA L 23 -18.28 28.39 -43.37
CA ALA L 23 -19.68 28.74 -43.51
C ALA L 23 -19.90 30.16 -43.02
N LEU L 24 -20.70 30.93 -43.74
CA LEU L 24 -21.05 32.27 -43.31
C LEU L 24 -22.55 32.35 -43.08
N MET L 25 -22.94 33.20 -42.15
CA MET L 25 -24.32 33.27 -41.71
C MET L 25 -24.95 34.58 -42.15
N SER L 26 -26.24 34.53 -42.48
CA SER L 26 -26.98 35.68 -42.93
C SER L 26 -28.38 35.59 -42.33
N ALA L 27 -29.26 36.52 -42.72
CA ALA L 27 -30.55 36.60 -42.07
C ALA L 27 -31.58 37.19 -43.02
N GLY L 28 -32.80 36.69 -42.94
CA GLY L 28 -33.87 37.21 -43.75
C GLY L 28 -35.18 36.57 -43.35
N ALA L 29 -36.22 36.94 -44.09
CA ALA L 29 -37.57 36.43 -43.84
C ALA L 29 -37.83 35.23 -44.73
N TRP L 30 -38.57 34.27 -44.18
CA TRP L 30 -38.99 33.11 -44.94
C TRP L 30 -39.91 33.54 -46.09
N ALA L 31 -39.88 32.75 -47.16
CA ALA L 31 -40.51 32.96 -48.47
C ALA L 31 -39.94 34.15 -49.22
N GLN L 32 -38.92 34.82 -48.70
CA GLN L 32 -38.04 35.67 -49.49
C GLN L 32 -36.77 34.95 -49.85
N ARG L 33 -36.72 33.64 -49.59
CA ARG L 33 -35.48 32.89 -49.73
C ARG L 33 -35.12 32.58 -51.17
N ASP L 34 -35.97 32.91 -52.14
CA ASP L 34 -35.58 32.79 -53.53
C ASP L 34 -35.02 34.07 -54.09
N ALA L 35 -34.75 35.05 -53.24
CA ALA L 35 -34.02 36.25 -53.62
C ALA L 35 -32.90 36.52 -52.62
N SER L 36 -32.46 35.49 -51.92
CA SER L 36 -31.52 35.64 -50.81
C SER L 36 -30.11 35.80 -51.35
N GLN L 37 -29.83 37.00 -51.85
CA GLN L 37 -28.49 37.36 -52.28
C GLN L 37 -28.00 38.64 -51.67
N GLU L 38 -28.90 39.46 -51.13
CA GLU L 38 -28.53 40.68 -50.44
C GLU L 38 -28.98 40.66 -48.99
N TRP L 39 -29.24 39.47 -48.48
CA TRP L 39 -29.56 39.30 -47.08
C TRP L 39 -28.34 39.69 -46.26
N PRO L 40 -28.45 40.65 -45.36
CA PRO L 40 -27.26 41.13 -44.64
C PRO L 40 -26.76 40.09 -43.65
N ALA L 41 -25.50 40.22 -43.29
CA ALA L 41 -24.86 39.23 -42.45
C ALA L 41 -25.29 39.40 -41.01
N VAL L 42 -24.94 38.42 -40.18
CA VAL L 42 -25.26 38.45 -38.77
C VAL L 42 -24.00 38.79 -37.99
N THR L 43 -23.93 39.99 -37.46
CA THR L 43 -22.75 40.46 -36.76
C THR L 43 -22.77 40.01 -35.30
N VAL L 44 -21.60 40.04 -34.68
CA VAL L 44 -21.46 39.70 -33.27
C VAL L 44 -21.44 40.99 -32.47
N ARG L 45 -21.99 40.93 -31.26
CA ARG L 45 -22.07 42.07 -30.37
C ARG L 45 -21.61 41.65 -29.00
N GLU L 46 -21.46 42.63 -28.11
CA GLU L 46 -21.06 42.38 -26.74
C GLU L 46 -22.20 42.73 -25.80
N LYS L 47 -22.22 42.09 -24.64
CA LYS L 47 -23.18 42.42 -23.61
C LYS L 47 -22.61 42.05 -22.25
N SER L 48 -23.18 42.63 -21.21
CA SER L 48 -22.70 42.41 -19.86
C SER L 48 -23.49 41.30 -19.20
N VAL L 49 -22.89 40.68 -18.20
CA VAL L 49 -23.48 39.57 -17.48
C VAL L 49 -23.05 39.65 -16.03
N ARG L 50 -24.00 39.55 -15.11
CA ARG L 50 -23.73 39.33 -13.70
C ARG L 50 -24.16 37.91 -13.36
N GLY L 51 -23.22 37.10 -12.90
CA GLY L 51 -23.48 35.73 -12.53
C GLY L 51 -23.76 35.58 -11.06
N THR L 52 -23.67 34.33 -10.59
CA THR L 52 -23.87 34.00 -9.19
C THR L 52 -23.19 32.68 -8.90
N ILE L 53 -23.07 32.37 -7.62
CA ILE L 53 -22.42 31.13 -7.20
C ILE L 53 -23.41 29.99 -7.37
N SER L 54 -23.11 29.09 -8.30
CA SER L 54 -24.03 28.00 -8.60
C SER L 54 -23.34 26.67 -8.85
N ASN L 55 -22.02 26.60 -8.71
CA ASN L 55 -21.33 25.34 -8.89
C ASN L 55 -21.27 24.59 -7.58
N ARG L 56 -20.62 23.42 -7.62
CA ARG L 56 -20.37 22.69 -6.39
C ARG L 56 -19.30 23.39 -5.58
N LEU L 57 -19.20 23.02 -4.31
CA LEU L 57 -18.23 23.61 -3.41
C LEU L 57 -17.46 22.52 -2.70
N LYS L 58 -16.23 22.83 -2.31
CA LYS L 58 -15.47 21.94 -1.45
C LYS L 58 -16.08 21.95 -0.05
N THR L 59 -15.80 20.90 0.70
CA THR L 59 -16.36 20.79 2.05
C THR L 59 -15.74 21.82 2.99
N LYS L 60 -14.47 22.18 2.76
CA LYS L 60 -13.81 23.19 3.57
C LYS L 60 -14.34 24.60 3.31
N ASP L 61 -15.20 24.80 2.31
CA ASP L 61 -15.76 26.10 2.00
C ASP L 61 -17.28 26.02 1.98
N ARG L 62 -17.87 25.43 3.02
CA ARG L 62 -19.32 25.38 3.15
C ARG L 62 -19.82 25.97 4.46
N ASP L 63 -18.99 26.72 5.17
CA ASP L 63 -19.47 27.50 6.30
C ASP L 63 -20.37 28.61 5.76
N PRO L 64 -21.54 28.85 6.38
CA PRO L 64 -22.52 29.77 5.79
C PRO L 64 -22.07 31.21 5.76
N ALA L 65 -21.19 31.61 6.67
CA ALA L 65 -20.65 32.96 6.64
C ALA L 65 -19.79 33.18 5.39
N LYS L 66 -18.96 32.18 5.06
CA LYS L 66 -18.12 32.28 3.87
C LYS L 66 -18.96 32.24 2.60
N LEU L 67 -20.04 31.45 2.62
CA LEU L 67 -20.95 31.40 1.48
C LEU L 67 -21.65 32.74 1.26
N ASP L 68 -22.13 33.34 2.34
CA ASP L 68 -22.79 34.64 2.24
C ASP L 68 -21.83 35.72 1.78
N ALA L 69 -20.61 35.72 2.33
CA ALA L 69 -19.60 36.69 1.92
C ALA L 69 -19.21 36.50 0.46
N SER L 70 -19.24 35.26 -0.02
CA SER L 70 -19.04 35.03 -1.44
C SER L 70 -20.19 35.60 -2.26
N ILE L 71 -21.41 35.51 -1.75
CA ILE L 71 -22.57 36.03 -2.47
C ILE L 71 -22.54 37.56 -2.50
N GLN L 72 -21.89 38.18 -1.51
CA GLN L 72 -21.77 39.64 -1.53
C GLN L 72 -20.95 40.14 -2.70
N SER L 73 -19.73 39.63 -2.86
CA SER L 73 -18.86 40.08 -3.95
C SER L 73 -19.31 39.40 -5.24
N PRO L 74 -19.76 40.12 -6.24
CA PRO L 74 -20.28 39.50 -7.45
C PRO L 74 -19.21 39.33 -8.52
N ASN L 75 -19.57 38.60 -9.56
CA ASN L 75 -18.72 38.43 -10.72
C ASN L 75 -19.33 39.18 -11.89
N LEU L 76 -18.52 39.97 -12.57
CA LEU L 76 -18.98 40.80 -13.66
C LEU L 76 -18.18 40.43 -14.91
N GLN L 77 -18.80 39.66 -15.79
CA GLN L 77 -18.16 39.29 -17.04
C GLN L 77 -18.71 40.12 -18.18
N THR L 78 -18.16 39.89 -19.35
CA THR L 78 -18.73 40.39 -20.59
C THR L 78 -18.51 39.34 -21.66
N VAL L 79 -19.54 39.11 -22.47
CA VAL L 79 -19.54 37.99 -23.40
C VAL L 79 -19.83 38.52 -24.80
N ASP L 80 -19.53 37.68 -25.78
CA ASP L 80 -19.98 37.91 -27.14
C ASP L 80 -21.28 37.17 -27.36
N VAL L 81 -22.10 37.70 -28.24
CA VAL L 81 -23.40 37.11 -28.50
C VAL L 81 -23.78 37.44 -29.93
N ALA L 82 -24.60 36.59 -30.52
CA ALA L 82 -25.06 36.80 -31.88
C ALA L 82 -26.46 36.25 -31.99
N ASN L 83 -27.36 37.02 -32.56
CA ASN L 83 -28.74 36.57 -32.73
C ASN L 83 -29.33 37.25 -33.94
N LEU L 84 -30.51 36.79 -34.31
CA LEU L 84 -31.18 37.30 -35.50
C LEU L 84 -31.63 38.73 -35.28
N PRO L 85 -31.82 39.49 -36.34
CA PRO L 85 -32.52 40.77 -36.21
C PRO L 85 -33.96 40.54 -35.82
N SER L 86 -34.56 41.55 -35.20
CA SER L 86 -35.87 41.40 -34.58
C SER L 86 -37.02 41.37 -35.58
N ASP L 87 -36.74 41.36 -36.89
CA ASP L 87 -37.79 41.30 -37.90
C ASP L 87 -37.50 40.26 -38.96
N ALA L 88 -36.73 39.23 -38.63
CA ALA L 88 -36.41 38.18 -39.59
C ALA L 88 -36.25 36.88 -38.84
N ASP L 89 -36.82 35.81 -39.41
CA ASP L 89 -36.90 34.55 -38.71
C ASP L 89 -36.15 33.41 -39.35
N THR L 90 -35.43 33.64 -40.44
CA THR L 90 -34.76 32.57 -41.17
C THR L 90 -33.26 32.79 -41.16
N LEU L 91 -32.52 31.74 -40.82
CA LEU L 91 -31.07 31.73 -40.84
C LEU L 91 -30.58 31.11 -42.14
N LYS L 92 -29.55 31.71 -42.74
CA LYS L 92 -28.98 31.22 -43.99
C LYS L 92 -27.51 30.92 -43.80
N VAL L 93 -27.08 29.74 -44.25
CA VAL L 93 -25.70 29.28 -44.10
C VAL L 93 -25.20 28.82 -45.46
N ARG L 94 -24.03 29.30 -45.87
CA ARG L 94 -23.53 29.04 -47.20
C ARG L 94 -22.04 28.71 -47.17
N PHE L 95 -21.65 27.65 -47.87
CA PHE L 95 -20.25 27.28 -48.05
C PHE L 95 -20.14 26.40 -49.28
N THR L 96 -18.91 26.19 -49.75
CA THR L 96 -18.64 25.38 -50.93
C THR L 96 -17.80 24.17 -50.54
N LEU L 97 -17.62 23.25 -51.50
CA LEU L 97 -17.00 21.97 -51.19
C LEU L 97 -16.43 21.32 -52.43
N ARG L 98 -15.17 20.91 -52.36
CA ARG L 98 -14.50 20.16 -53.43
C ARG L 98 -14.35 18.72 -53.00
N VAL L 99 -14.73 17.80 -53.88
CA VAL L 99 -14.45 16.38 -53.71
C VAL L 99 -13.26 16.06 -54.60
N LEU L 100 -12.19 15.55 -54.00
CA LEU L 100 -10.90 15.55 -54.70
C LEU L 100 -10.64 14.29 -55.50
N GLY L 101 -10.61 13.14 -54.86
CA GLY L 101 -10.32 11.91 -55.56
C GLY L 101 -8.85 11.55 -55.52
N GLY L 102 -8.56 10.38 -56.10
CA GLY L 102 -7.22 9.81 -55.99
C GLY L 102 -6.93 9.36 -54.58
N ALA L 103 -7.92 8.79 -53.92
CA ALA L 103 -7.93 8.58 -52.48
C ALA L 103 -7.05 7.50 -52.00
N GLY L 104 -6.21 6.84 -52.78
CA GLY L 104 -5.41 5.78 -52.21
C GLY L 104 -3.96 6.13 -52.06
N THR L 105 -3.49 7.03 -52.90
CA THR L 105 -2.07 7.34 -52.98
C THR L 105 -1.59 8.10 -51.76
N PRO L 106 -0.60 7.62 -51.04
CA PRO L 106 -0.10 8.34 -49.88
C PRO L 106 0.73 9.54 -50.29
N SER L 107 0.83 10.49 -49.38
CA SER L 107 1.64 11.67 -49.62
C SER L 107 3.07 11.51 -49.11
N ALA L 108 3.36 10.46 -48.37
CA ALA L 108 4.70 10.20 -47.87
C ALA L 108 4.83 8.73 -47.55
N CYS L 109 6.02 8.18 -47.78
CA CYS L 109 6.26 6.77 -47.55
C CYS L 109 7.74 6.55 -47.32
N ASN L 110 8.07 5.32 -46.96
CA ASN L 110 9.46 4.88 -46.91
C ASN L 110 9.72 3.66 -47.78
N ASP L 111 8.89 2.63 -47.67
CA ASP L 111 9.06 1.45 -48.50
C ASP L 111 8.30 1.63 -49.81
N ALA L 112 8.94 1.26 -50.91
CA ALA L 112 8.20 1.17 -52.16
C ALA L 112 7.22 0.01 -52.12
N ALA L 113 7.65 -1.12 -51.52
CA ALA L 113 6.86 -2.34 -51.55
C ALA L 113 5.58 -2.19 -50.74
N TYR L 114 5.66 -1.48 -49.61
CA TYR L 114 4.47 -1.18 -48.83
C TYR L 114 3.51 -0.34 -49.64
N ARG L 115 4.04 0.60 -50.43
CA ARG L 115 3.18 1.45 -51.23
C ARG L 115 2.51 0.66 -52.35
N ASP L 116 3.22 -0.29 -52.94
CA ASP L 116 2.62 -1.09 -54.00
C ASP L 116 1.57 -2.04 -53.45
N LYS L 117 1.82 -2.60 -52.26
CA LYS L 117 0.83 -3.45 -51.62
C LYS L 117 -0.42 -2.66 -51.26
N LEU L 118 -0.24 -1.42 -50.79
CA LEU L 118 -1.36 -0.59 -50.44
C LEU L 118 -2.19 -0.21 -51.66
N LEU L 119 -1.52 0.15 -52.75
CA LEU L 119 -2.22 0.53 -53.96
C LEU L 119 -2.94 -0.66 -54.57
N GLN L 120 -2.35 -1.85 -54.45
CA GLN L 120 -3.00 -3.05 -54.95
C GLN L 120 -4.26 -3.37 -54.13
N THR L 121 -4.17 -3.19 -52.83
CA THR L 121 -5.32 -3.46 -51.96
C THR L 121 -6.46 -2.49 -52.25
N VAL L 122 -6.15 -1.21 -52.43
CA VAL L 122 -7.22 -0.27 -52.66
C VAL L 122 -7.76 -0.42 -54.09
N ALA L 123 -6.94 -0.93 -55.02
CA ALA L 123 -7.43 -1.23 -56.35
C ALA L 123 -8.39 -2.41 -56.33
N THR L 124 -8.11 -3.40 -55.48
CA THR L 124 -9.05 -4.50 -55.32
C THR L 124 -10.35 -4.04 -54.69
N TYR L 125 -10.27 -3.13 -53.72
CA TYR L 125 -11.49 -2.61 -53.10
C TYR L 125 -12.32 -1.83 -54.11
N VAL L 126 -11.67 -1.02 -54.94
CA VAL L 126 -12.45 -0.22 -55.86
C VAL L 126 -12.93 -1.07 -57.03
N ASN L 127 -12.33 -2.24 -57.25
CA ASN L 127 -12.86 -3.15 -58.24
C ASN L 127 -14.06 -3.91 -57.71
N GLU L 128 -14.05 -4.25 -56.42
CA GLU L 128 -15.18 -5.00 -55.86
C GLU L 128 -16.41 -4.12 -55.75
N GLN L 129 -16.34 -3.10 -54.91
CA GLN L 129 -17.41 -2.12 -54.78
C GLN L 129 -16.91 -0.83 -55.38
N GLY L 130 -17.83 0.03 -55.76
CA GLY L 130 -17.45 1.39 -56.12
C GLY L 130 -17.21 2.22 -54.89
N PHE L 131 -17.46 3.50 -55.04
CA PHE L 131 -17.57 4.32 -53.86
C PHE L 131 -19.00 4.55 -53.47
N ALA L 132 -19.90 3.67 -53.91
CA ALA L 132 -21.33 3.97 -53.91
C ALA L 132 -21.90 3.98 -52.51
N GLU L 133 -21.40 3.11 -51.63
CA GLU L 133 -21.89 3.08 -50.26
C GLU L 133 -21.46 4.33 -49.49
N LEU L 134 -20.19 4.68 -49.58
CA LEU L 134 -19.68 5.85 -48.89
C LEU L 134 -20.26 7.13 -49.48
N ALA L 135 -20.42 7.18 -50.80
CA ALA L 135 -21.01 8.36 -51.41
C ALA L 135 -22.49 8.48 -51.07
N ARG L 136 -23.16 7.35 -50.89
CA ARG L 136 -24.55 7.37 -50.41
C ARG L 136 -24.63 7.95 -49.01
N ARG L 137 -23.72 7.52 -48.13
CA ARG L 137 -23.76 8.03 -46.76
C ARG L 137 -23.36 9.48 -46.69
N TYR L 138 -22.41 9.90 -47.52
CA TYR L 138 -22.02 11.31 -47.55
C TYR L 138 -23.13 12.18 -48.11
N ALA L 139 -23.85 11.69 -49.12
CA ALA L 139 -24.97 12.46 -49.65
C ALA L 139 -26.11 12.52 -48.65
N HIS L 140 -26.26 11.49 -47.83
CA HIS L 140 -27.24 11.55 -46.75
C HIS L 140 -26.86 12.60 -45.72
N ASN L 141 -25.58 12.66 -45.36
CA ASN L 141 -25.15 13.66 -44.39
C ASN L 141 -25.20 15.06 -44.96
N LEU L 142 -25.07 15.19 -46.28
CA LEU L 142 -25.30 16.49 -46.91
C LEU L 142 -26.79 16.80 -47.02
N ALA L 143 -27.63 15.78 -47.02
CA ALA L 143 -29.06 15.99 -47.22
C ALA L 143 -29.68 16.62 -45.98
N ASN L 144 -29.64 15.90 -44.85
CA ASN L 144 -30.09 16.51 -43.61
C ASN L 144 -29.08 17.54 -43.17
N ALA L 145 -29.54 18.60 -42.54
CA ALA L 145 -28.62 19.69 -42.23
C ALA L 145 -27.83 19.37 -40.97
N ARG L 146 -26.98 18.35 -41.01
CA ARG L 146 -26.25 17.96 -39.82
C ARG L 146 -25.12 18.94 -39.50
N PHE L 147 -24.71 19.75 -40.46
CA PHE L 147 -23.64 20.70 -40.19
C PHE L 147 -24.11 21.87 -39.33
N LEU L 148 -25.40 22.17 -39.33
CA LEU L 148 -25.93 23.03 -38.29
C LEU L 148 -25.95 22.23 -37.01
N TRP L 149 -25.04 22.52 -36.09
CA TRP L 149 -24.94 21.67 -34.92
C TRP L 149 -26.03 21.97 -33.91
N ARG L 150 -26.01 23.17 -33.33
CA ARG L 150 -27.01 23.53 -32.35
C ARG L 150 -28.08 24.43 -32.95
N ASN L 151 -27.85 24.97 -34.14
CA ASN L 151 -28.89 25.74 -34.77
C ASN L 151 -29.98 24.86 -35.36
N ARG L 152 -29.72 23.57 -35.52
CA ARG L 152 -30.71 22.66 -36.07
C ARG L 152 -31.80 22.30 -35.07
N VAL L 153 -31.46 22.17 -33.78
CA VAL L 153 -32.39 21.60 -32.83
C VAL L 153 -33.48 22.62 -32.48
N GLY L 154 -34.73 22.17 -32.51
CA GLY L 154 -35.84 23.04 -32.22
C GLY L 154 -36.19 23.98 -33.34
N ALA L 155 -35.90 23.59 -34.57
CA ALA L 155 -36.24 24.39 -35.73
C ALA L 155 -37.58 23.94 -36.29
N GLU L 156 -38.32 24.89 -36.84
CA GLU L 156 -39.67 24.57 -37.34
C GLU L 156 -39.59 23.86 -38.69
N ALA L 157 -38.82 24.38 -39.62
CA ALA L 157 -38.66 23.75 -40.92
C ALA L 157 -37.31 24.13 -41.47
N VAL L 158 -36.68 23.21 -42.20
CA VAL L 158 -35.34 23.42 -42.71
C VAL L 158 -35.25 22.89 -44.13
N GLU L 159 -34.79 23.75 -45.04
CA GLU L 159 -34.73 23.45 -46.46
C GLU L 159 -33.32 23.75 -46.95
N VAL L 160 -32.79 22.88 -47.81
CA VAL L 160 -31.41 22.96 -48.27
C VAL L 160 -31.37 22.82 -49.78
N ARG L 161 -30.68 23.75 -50.44
CA ARG L 161 -30.49 23.71 -51.88
C ARG L 161 -29.01 23.46 -52.18
N ILE L 162 -28.76 22.65 -53.21
CA ILE L 162 -27.40 22.28 -53.60
C ILE L 162 -27.26 22.49 -55.09
N ASN L 163 -26.24 23.24 -55.50
CA ASN L 163 -25.97 23.52 -56.89
C ASN L 163 -24.67 22.86 -57.32
N HIS L 164 -24.71 22.13 -58.42
CA HIS L 164 -23.49 21.64 -59.04
C HIS L 164 -22.99 22.72 -59.99
N ILE L 165 -21.81 23.24 -59.72
CA ILE L 165 -21.31 24.41 -60.40
C ILE L 165 -20.22 23.98 -61.39
N ARG L 166 -20.64 23.67 -62.62
CA ARG L 166 -19.76 23.01 -63.57
C ARG L 166 -18.77 23.99 -64.19
N GLN L 167 -19.29 24.95 -64.94
CA GLN L 167 -18.56 26.14 -65.31
C GLN L 167 -18.86 27.19 -64.26
N GLY L 168 -18.64 28.46 -64.57
CA GLY L 168 -19.13 29.51 -63.70
C GLY L 168 -20.64 29.62 -63.50
N GLU L 169 -21.43 28.80 -64.19
CA GLU L 169 -22.87 28.76 -64.02
C GLU L 169 -23.30 27.35 -63.59
N VAL L 170 -24.56 27.24 -63.17
CA VAL L 170 -25.06 26.03 -62.56
C VAL L 170 -25.33 24.96 -63.60
N ALA L 171 -25.11 23.71 -63.24
CA ALA L 171 -25.42 22.56 -64.07
C ALA L 171 -26.66 21.79 -63.63
N ARG L 172 -26.83 21.57 -62.33
CA ARG L 172 -27.95 20.79 -61.84
C ARG L 172 -28.24 21.17 -60.40
N THR L 173 -29.52 21.32 -60.08
CA THR L 173 -29.96 21.81 -58.79
C THR L 173 -30.51 20.65 -57.97
N TRP L 174 -30.73 20.89 -56.69
CA TRP L 174 -31.37 19.96 -55.78
C TRP L 174 -32.11 20.72 -54.70
N ARG L 175 -33.16 20.10 -54.18
CA ARG L 175 -33.89 20.64 -53.04
C ARG L 175 -34.28 19.49 -52.13
N PHE L 176 -34.29 19.74 -50.83
CA PHE L 176 -34.60 18.70 -49.86
C PHE L 176 -35.33 19.29 -48.68
N ASP L 177 -35.89 18.39 -47.86
CA ASP L 177 -36.38 18.73 -46.53
C ASP L 177 -35.55 17.92 -45.55
N ALA L 178 -34.83 18.62 -44.69
CA ALA L 178 -33.95 17.92 -43.76
C ALA L 178 -34.69 17.29 -42.61
N LEU L 179 -35.92 17.72 -42.34
CA LEU L 179 -36.63 17.11 -41.23
C LEU L 179 -37.30 15.81 -41.62
N ALA L 180 -37.47 15.56 -42.92
CA ALA L 180 -37.93 14.25 -43.35
C ALA L 180 -36.82 13.22 -43.20
N ILE L 181 -35.68 13.47 -43.82
CA ILE L 181 -34.54 12.56 -43.74
C ILE L 181 -33.92 12.72 -42.37
N GLY L 182 -34.18 11.78 -41.48
CA GLY L 182 -33.69 11.88 -40.11
C GLY L 182 -32.20 11.65 -40.01
N LEU L 183 -31.70 11.83 -38.79
CA LEU L 183 -30.29 11.61 -38.50
C LEU L 183 -30.01 10.20 -38.02
N ARG L 184 -30.85 9.24 -38.38
CA ARG L 184 -30.81 7.93 -37.73
C ARG L 184 -30.61 6.76 -38.67
N ASP L 185 -30.82 6.94 -39.97
CA ASP L 185 -30.79 5.81 -40.89
C ASP L 185 -30.43 6.28 -42.29
N PHE L 186 -30.22 5.31 -43.17
CA PHE L 186 -29.77 5.57 -44.53
C PHE L 186 -30.70 4.83 -45.50
N LYS L 187 -31.71 5.53 -45.97
CA LYS L 187 -32.71 4.99 -46.88
C LYS L 187 -32.29 5.29 -48.33
N ALA L 188 -33.22 5.13 -49.27
CA ALA L 188 -32.93 5.36 -50.67
C ALA L 188 -33.89 6.37 -51.26
N ASP L 189 -33.51 6.91 -52.41
CA ASP L 189 -34.26 7.95 -53.12
C ASP L 189 -33.73 8.04 -54.53
N ALA L 190 -34.28 8.96 -55.31
CA ALA L 190 -33.83 9.16 -56.68
C ALA L 190 -32.81 10.29 -56.77
N GLU L 191 -33.20 11.48 -56.30
CA GLU L 191 -32.30 12.64 -56.34
C GLU L 191 -31.10 12.42 -55.43
N LEU L 192 -31.32 11.74 -54.31
CA LEU L 192 -30.22 11.40 -53.41
C LEU L 192 -29.23 10.47 -54.07
N ASP L 193 -29.73 9.55 -54.91
CA ASP L 193 -28.80 8.67 -55.58
C ASP L 193 -28.13 9.35 -56.76
N ALA L 194 -28.76 10.38 -57.34
CA ALA L 194 -28.07 11.20 -58.32
C ALA L 194 -26.91 11.96 -57.69
N LEU L 195 -27.13 12.49 -56.49
CA LEU L 195 -26.05 13.12 -55.75
C LEU L 195 -24.96 12.11 -55.40
N ALA L 196 -25.37 10.90 -55.03
CA ALA L 196 -24.40 9.88 -54.64
C ALA L 196 -23.56 9.45 -55.84
N GLU L 197 -24.14 9.37 -57.03
CA GLU L 197 -23.32 8.96 -58.17
C GLU L 197 -22.44 10.10 -58.63
N LEU L 198 -22.88 11.36 -58.44
CA LEU L 198 -21.99 12.48 -58.74
C LEU L 198 -20.79 12.50 -57.80
N ILE L 199 -21.03 12.26 -56.51
CA ILE L 199 -19.96 12.25 -55.53
C ILE L 199 -19.02 11.07 -55.76
N ALA L 200 -19.57 9.91 -56.10
CA ALA L 200 -18.74 8.74 -56.35
C ALA L 200 -17.96 8.89 -57.65
N SER L 201 -18.51 9.63 -58.62
CA SER L 201 -17.76 9.94 -59.82
C SER L 201 -16.60 10.88 -59.51
N GLY L 202 -16.82 11.79 -58.58
CA GLY L 202 -15.73 12.68 -58.18
C GLY L 202 -14.63 11.95 -57.43
N LEU L 203 -15.01 11.05 -56.54
CA LEU L 203 -14.04 10.33 -55.71
C LEU L 203 -13.19 9.36 -56.50
N SER L 204 -13.70 8.88 -57.63
CA SER L 204 -12.95 7.91 -58.43
C SER L 204 -11.98 8.56 -59.39
N GLY L 205 -11.88 9.89 -59.38
CA GLY L 205 -11.01 10.56 -60.31
C GLY L 205 -11.54 10.65 -61.72
N SER L 206 -12.81 10.33 -61.95
CA SER L 206 -13.37 10.36 -63.29
C SER L 206 -13.74 11.77 -63.74
N GLY L 207 -13.77 12.74 -62.85
CA GLY L 207 -14.16 14.08 -63.25
C GLY L 207 -13.79 15.08 -62.19
N HIS L 208 -14.31 16.29 -62.36
CA HIS L 208 -14.07 17.39 -61.45
C HIS L 208 -15.40 17.90 -60.92
N VAL L 209 -15.49 18.10 -59.61
CA VAL L 209 -16.77 18.32 -58.97
C VAL L 209 -16.66 19.45 -57.96
N LEU L 210 -17.55 20.42 -58.07
CA LEU L 210 -17.63 21.52 -57.12
C LEU L 210 -19.09 21.75 -56.80
N LEU L 211 -19.39 22.05 -55.55
CA LEU L 211 -20.75 22.17 -55.07
C LEU L 211 -20.89 23.43 -54.23
N GLU L 212 -22.09 24.01 -54.25
CA GLU L 212 -22.43 25.12 -53.38
C GLU L 212 -23.59 24.70 -52.51
N VAL L 213 -23.42 24.81 -51.19
CA VAL L 213 -24.39 24.31 -50.23
C VAL L 213 -25.01 25.48 -49.49
N VAL L 214 -26.33 25.65 -49.65
CA VAL L 214 -27.08 26.68 -48.96
C VAL L 214 -28.15 26.00 -48.11
N ALA L 215 -28.34 26.49 -46.89
CA ALA L 215 -29.33 25.92 -45.98
C ALA L 215 -30.14 27.03 -45.33
N PHE L 216 -31.45 26.85 -45.29
CA PHE L 216 -32.37 27.78 -44.66
C PHE L 216 -33.02 27.11 -43.47
N ALA L 217 -33.04 27.79 -42.33
CA ALA L 217 -33.62 27.25 -41.11
C ALA L 217 -34.49 28.30 -40.44
N ARG L 218 -35.60 27.86 -39.87
CA ARG L 218 -36.64 28.75 -39.37
C ARG L 218 -36.72 28.59 -37.85
N ILE L 219 -36.35 29.63 -37.12
CA ILE L 219 -36.26 29.57 -35.66
C ILE L 219 -36.99 30.71 -34.97
N GLY L 220 -37.45 31.69 -35.73
CA GLY L 220 -38.21 32.79 -35.14
C GLY L 220 -37.33 33.98 -34.84
N ASP L 221 -37.91 35.16 -34.92
CA ASP L 221 -37.14 36.40 -34.91
C ASP L 221 -36.57 36.72 -33.55
N GLY L 222 -35.44 37.41 -33.54
CA GLY L 222 -34.74 37.76 -32.33
C GLY L 222 -34.00 36.64 -31.65
N GLN L 223 -34.20 35.40 -32.08
CA GLN L 223 -33.70 34.24 -31.37
C GLN L 223 -32.20 34.09 -31.58
N GLU L 224 -31.57 33.37 -30.66
CA GLU L 224 -30.12 33.27 -30.64
C GLU L 224 -29.64 32.23 -31.65
N VAL L 225 -28.46 32.49 -32.23
CA VAL L 225 -27.79 31.55 -33.11
C VAL L 225 -26.47 31.19 -32.47
N PHE L 226 -25.78 30.22 -33.06
CA PHE L 226 -24.58 29.67 -32.45
C PHE L 226 -23.46 29.49 -33.47
N PRO L 227 -22.50 30.40 -33.53
CA PRO L 227 -21.32 30.15 -34.34
C PRO L 227 -20.23 29.45 -33.54
N SER L 228 -19.06 29.24 -34.14
CA SER L 228 -17.98 28.60 -33.41
C SER L 228 -17.36 29.57 -32.43
N GLN L 229 -16.78 29.02 -31.37
CA GLN L 229 -16.10 29.80 -30.37
C GLN L 229 -14.60 29.73 -30.59
N GLU L 230 -13.91 30.81 -30.28
CA GLU L 230 -12.47 30.83 -30.27
C GLU L 230 -11.99 30.48 -28.87
N LEU L 231 -10.70 30.64 -28.62
CA LEU L 231 -10.19 30.60 -27.27
C LEU L 231 -9.41 31.88 -27.02
N ILE L 232 -9.32 32.25 -25.76
CA ILE L 232 -8.72 33.52 -25.36
C ILE L 232 -7.36 33.24 -24.74
N LEU L 233 -6.56 34.30 -24.64
CA LEU L 233 -5.25 34.23 -24.03
C LEU L 233 -5.24 35.17 -22.83
N ASP L 234 -5.42 34.59 -21.64
CA ASP L 234 -5.49 35.39 -20.43
C ASP L 234 -4.10 35.88 -20.05
N LYS L 235 -4.05 37.04 -19.40
CA LYS L 235 -2.80 37.62 -18.93
C LYS L 235 -2.96 38.12 -17.49
N GLY L 236 -3.54 37.28 -16.64
CA GLY L 236 -3.86 37.70 -15.29
C GLY L 236 -5.02 38.67 -15.32
N ASP L 237 -6.23 38.14 -15.54
CA ASP L 237 -7.46 38.83 -15.93
C ASP L 237 -7.75 40.15 -15.22
N LYS L 238 -8.16 41.15 -15.99
CA LYS L 238 -8.34 42.50 -15.51
C LYS L 238 -9.84 42.71 -15.34
N LYS L 239 -10.30 42.70 -14.09
CA LYS L 239 -11.58 43.29 -13.67
C LYS L 239 -12.78 42.48 -14.21
N GLY L 240 -12.47 41.26 -14.63
CA GLY L 240 -13.46 40.50 -15.37
C GLY L 240 -13.63 40.97 -16.79
N GLN L 241 -12.63 40.70 -17.63
CA GLN L 241 -12.67 41.02 -19.05
C GLN L 241 -13.52 39.99 -19.80
N LYS L 242 -13.37 39.98 -21.13
CA LYS L 242 -14.16 39.13 -22.00
C LYS L 242 -13.95 37.65 -21.70
N SER L 243 -15.05 36.91 -21.63
CA SER L 243 -15.01 35.52 -21.19
C SER L 243 -15.50 34.56 -22.26
N LYS L 244 -15.81 35.05 -23.45
CA LYS L 244 -16.29 34.21 -24.53
C LYS L 244 -16.12 34.96 -25.84
N THR L 245 -15.64 34.29 -26.89
CA THR L 245 -15.42 34.94 -28.16
C THR L 245 -15.98 34.07 -29.27
N LEU L 246 -16.46 34.69 -30.32
CA LEU L 246 -17.09 33.99 -31.42
C LEU L 246 -16.32 34.25 -32.71
N TYR L 247 -16.24 33.22 -33.55
CA TYR L 247 -15.46 33.30 -34.77
C TYR L 247 -16.18 34.15 -35.81
N SER L 248 -15.47 35.07 -36.43
CA SER L 248 -16.05 35.91 -37.45
C SER L 248 -15.03 36.18 -38.53
N VAL L 249 -15.47 36.18 -39.79
CA VAL L 249 -14.52 36.32 -40.88
C VAL L 249 -14.24 37.79 -41.15
N ARG L 250 -15.24 38.54 -41.59
CA ARG L 250 -15.10 40.00 -41.65
C ARG L 250 -16.46 40.59 -41.28
N ASP L 251 -16.65 40.78 -39.97
CA ASP L 251 -17.90 41.25 -39.38
C ASP L 251 -19.09 40.42 -39.83
N ALA L 252 -18.93 39.10 -39.75
CA ALA L 252 -19.99 38.16 -40.09
C ALA L 252 -19.73 36.88 -39.33
N ALA L 253 -20.74 36.40 -38.61
CA ALA L 253 -20.55 35.20 -37.80
C ALA L 253 -20.32 33.99 -38.68
N ALA L 254 -19.53 33.05 -38.19
CA ALA L 254 -19.04 31.99 -39.05
C ALA L 254 -18.77 30.74 -38.24
N ILE L 255 -18.63 29.63 -38.95
CA ILE L 255 -18.31 28.33 -38.37
C ILE L 255 -16.99 27.88 -38.95
N HIS L 256 -16.15 27.26 -38.13
CA HIS L 256 -14.89 26.71 -38.60
C HIS L 256 -15.13 25.61 -39.61
N SER L 257 -14.19 25.45 -40.55
CA SER L 257 -14.36 24.48 -41.61
C SER L 257 -14.27 23.07 -41.10
N GLN L 258 -13.43 22.85 -40.07
CA GLN L 258 -13.28 21.49 -39.57
C GLN L 258 -14.50 21.07 -38.75
N LYS L 259 -15.30 22.02 -38.28
CA LYS L 259 -16.60 21.66 -37.70
C LYS L 259 -17.51 21.05 -38.76
N ILE L 260 -17.53 21.66 -39.95
CA ILE L 260 -18.32 21.12 -41.05
C ILE L 260 -17.76 19.79 -41.49
N GLY L 261 -16.44 19.67 -41.51
CA GLY L 261 -15.83 18.41 -41.93
C GLY L 261 -16.08 17.29 -40.95
N ASN L 262 -16.15 17.61 -39.66
CA ASN L 262 -16.51 16.59 -38.68
C ASN L 262 -17.98 16.23 -38.79
N ALA L 263 -18.81 17.19 -39.16
CA ALA L 263 -20.23 16.89 -39.33
C ALA L 263 -20.47 16.04 -40.57
N LEU L 264 -19.60 16.16 -41.56
CA LEU L 264 -19.84 15.46 -42.82
C LEU L 264 -19.58 13.97 -42.70
N ARG L 265 -18.51 13.58 -42.01
CA ARG L 265 -18.10 12.18 -41.96
C ARG L 265 -18.70 11.44 -40.78
N THR L 266 -19.89 11.82 -40.34
CA THR L 266 -20.58 11.14 -39.25
C THR L 266 -21.39 9.99 -39.84
N ILE L 267 -20.70 8.93 -40.24
CA ILE L 267 -21.32 7.84 -40.98
C ILE L 267 -21.02 6.47 -40.38
N ASP L 268 -20.31 6.39 -39.26
CA ASP L 268 -19.89 5.09 -38.74
C ASP L 268 -21.03 4.44 -37.98
N THR L 269 -21.66 3.45 -38.58
CA THR L 269 -22.71 2.66 -37.93
C THR L 269 -22.24 1.26 -37.57
N TRP L 270 -20.99 0.93 -37.83
CA TRP L 270 -20.52 -0.44 -37.71
C TRP L 270 -19.71 -0.68 -36.45
N TYR L 271 -19.74 0.24 -35.50
CA TYR L 271 -18.99 0.04 -34.26
C TYR L 271 -19.70 -0.96 -33.37
N PRO L 272 -18.95 -1.77 -32.61
CA PRO L 272 -19.56 -2.95 -31.97
C PRO L 272 -20.34 -2.65 -30.70
N ASP L 273 -20.54 -1.38 -30.34
CA ASP L 273 -21.21 -1.11 -29.07
C ASP L 273 -22.69 -1.40 -29.17
N GLU L 274 -23.41 -0.67 -30.01
CA GLU L 274 -24.84 -0.82 -30.17
C GLU L 274 -25.21 -0.20 -31.51
N ASP L 275 -26.51 -0.07 -31.75
CA ASP L 275 -27.01 0.48 -33.00
C ASP L 275 -27.97 1.63 -32.74
N GLY L 276 -28.68 1.57 -31.62
CA GLY L 276 -29.63 2.59 -31.27
C GLY L 276 -29.05 3.88 -30.73
N LEU L 277 -27.74 4.06 -30.80
CA LEU L 277 -27.10 5.27 -30.33
C LEU L 277 -26.57 6.14 -31.47
N GLY L 278 -26.90 5.80 -32.71
CA GLY L 278 -26.64 6.68 -33.83
C GLY L 278 -25.27 6.47 -34.43
N PRO L 279 -25.09 6.97 -35.65
CA PRO L 279 -23.77 6.95 -36.26
C PRO L 279 -22.85 7.97 -35.61
N ILE L 280 -21.55 7.69 -35.65
CA ILE L 280 -20.54 8.60 -35.15
C ILE L 280 -19.60 8.96 -36.29
N ALA L 281 -18.66 9.84 -35.99
CA ALA L 281 -17.66 10.23 -36.97
C ALA L 281 -16.58 9.16 -37.06
N VAL L 282 -15.86 9.16 -38.17
CA VAL L 282 -14.83 8.16 -38.43
C VAL L 282 -13.51 8.64 -37.83
N GLU L 283 -12.89 7.77 -37.05
CA GLU L 283 -11.64 8.06 -36.38
C GLU L 283 -10.90 6.74 -36.16
N PRO L 284 -9.59 6.79 -36.02
CA PRO L 284 -8.90 5.69 -35.36
C PRO L 284 -9.22 5.75 -33.89
N TYR L 285 -9.54 4.59 -33.31
CA TYR L 285 -10.18 4.47 -32.00
C TYR L 285 -11.38 5.41 -31.91
N GLY L 286 -12.42 5.08 -32.67
CA GLY L 286 -13.53 5.98 -32.94
C GLY L 286 -14.21 6.54 -31.72
N SER L 287 -13.95 7.81 -31.45
CA SER L 287 -14.20 8.40 -30.15
C SER L 287 -15.06 9.64 -30.28
N VAL L 288 -15.83 9.91 -29.23
CA VAL L 288 -16.71 11.06 -29.16
C VAL L 288 -16.26 11.94 -28.02
N THR L 289 -16.11 13.23 -28.29
CA THR L 289 -15.65 14.17 -27.27
C THR L 289 -16.70 14.38 -26.18
N SER L 290 -17.97 14.37 -26.57
CA SER L 290 -19.02 14.66 -25.61
C SER L 290 -19.24 13.50 -24.65
N GLN L 291 -19.06 12.27 -25.12
CA GLN L 291 -19.25 11.13 -24.24
C GLN L 291 -18.05 10.89 -23.35
N GLY L 292 -16.87 11.41 -23.71
CA GLY L 292 -15.67 11.08 -22.97
C GLY L 292 -15.28 9.63 -23.09
N LYS L 293 -15.66 8.98 -24.18
CA LYS L 293 -15.49 7.55 -24.33
C LYS L 293 -14.84 7.26 -25.68
N ALA L 294 -14.34 6.04 -25.81
CA ALA L 294 -13.64 5.60 -27.01
C ALA L 294 -14.23 4.28 -27.47
N TYR L 295 -15.16 4.32 -28.41
CA TYR L 295 -15.52 3.10 -29.11
C TYR L 295 -14.37 2.67 -29.98
N ARG L 296 -14.39 1.39 -30.37
CA ARG L 296 -13.27 0.70 -31.04
C ARG L 296 -11.98 0.85 -30.25
N GLN L 297 -11.99 0.30 -29.04
CA GLN L 297 -10.79 0.24 -28.24
C GLN L 297 -9.79 -0.70 -28.88
N PRO L 298 -8.49 -0.47 -28.68
CA PRO L 298 -7.51 -1.37 -29.29
C PRO L 298 -7.41 -2.73 -28.62
N LYS L 299 -7.99 -2.91 -27.44
CA LYS L 299 -7.98 -4.23 -26.82
C LYS L 299 -8.97 -5.16 -27.51
N GLN L 300 -10.05 -4.62 -28.04
CA GLN L 300 -10.77 -5.34 -29.07
C GLN L 300 -10.06 -5.15 -30.40
N LYS L 301 -10.32 -6.05 -31.32
CA LYS L 301 -9.60 -5.99 -32.59
C LYS L 301 -10.43 -5.27 -33.65
N LEU L 302 -10.77 -4.01 -33.34
CA LEU L 302 -11.62 -3.26 -34.27
C LEU L 302 -11.21 -1.81 -34.44
N ASP L 303 -9.98 -1.44 -34.09
CA ASP L 303 -9.49 -0.11 -34.41
C ASP L 303 -8.97 -0.07 -35.84
N PHE L 304 -8.51 1.10 -36.26
CA PHE L 304 -8.11 1.27 -37.64
C PHE L 304 -6.77 0.59 -37.93
N TYR L 305 -5.86 0.61 -36.95
CA TYR L 305 -4.49 0.20 -37.22
C TYR L 305 -4.38 -1.31 -37.36
N THR L 306 -5.06 -2.06 -36.49
CA THR L 306 -4.97 -3.52 -36.56
C THR L 306 -5.67 -4.04 -37.79
N LEU L 307 -6.81 -3.46 -38.15
CA LEU L 307 -7.51 -3.83 -39.38
C LEU L 307 -6.66 -3.57 -40.60
N LEU L 308 -5.99 -2.41 -40.63
CA LEU L 308 -5.15 -2.07 -41.77
C LEU L 308 -3.96 -3.00 -41.87
N ASP L 309 -3.33 -3.32 -40.74
CA ASP L 309 -2.13 -4.14 -40.77
C ASP L 309 -2.46 -5.59 -41.10
N ASN L 310 -3.64 -6.06 -40.69
CA ASN L 310 -4.02 -7.40 -41.09
C ASN L 310 -4.42 -7.45 -42.55
N TRP L 311 -5.02 -6.38 -43.06
CA TRP L 311 -5.46 -6.40 -44.45
C TRP L 311 -4.29 -6.21 -45.41
N VAL L 312 -3.22 -5.59 -44.96
CA VAL L 312 -2.13 -5.29 -45.88
C VAL L 312 -0.99 -6.28 -45.72
N LEU L 313 -0.55 -6.54 -44.49
CA LEU L 313 0.66 -7.32 -44.33
C LEU L 313 0.40 -8.81 -44.42
N ARG L 314 -0.78 -9.27 -44.02
CA ARG L 314 -1.07 -10.70 -43.98
C ARG L 314 -2.37 -11.07 -44.68
N ASP L 315 -3.01 -10.11 -45.36
CA ASP L 315 -4.10 -10.33 -46.32
C ASP L 315 -5.35 -10.94 -45.68
N GLU L 316 -5.56 -10.75 -44.38
CA GLU L 316 -6.84 -11.11 -43.78
C GLU L 316 -7.78 -9.96 -44.05
N ALA L 317 -8.61 -10.11 -45.06
CA ALA L 317 -9.63 -9.12 -45.32
C ALA L 317 -10.69 -9.21 -44.22
N PRO L 318 -11.11 -8.09 -43.65
CA PRO L 318 -12.21 -8.11 -42.68
C PRO L 318 -13.53 -8.14 -43.43
N ALA L 319 -14.61 -7.98 -42.67
CA ALA L 319 -15.94 -7.87 -43.27
C ALA L 319 -16.03 -6.59 -44.11
N VAL L 320 -17.03 -6.57 -44.98
CA VAL L 320 -17.14 -5.53 -46.00
C VAL L 320 -17.44 -4.18 -45.37
N GLU L 321 -18.16 -4.18 -44.24
CA GLU L 321 -18.40 -2.95 -43.50
C GLU L 321 -17.11 -2.40 -42.91
N GLN L 322 -16.23 -3.28 -42.45
CA GLN L 322 -14.96 -2.81 -41.91
C GLN L 322 -14.07 -2.29 -43.01
N GLN L 323 -14.19 -2.83 -44.22
CA GLN L 323 -13.45 -2.29 -45.34
C GLN L 323 -13.99 -0.92 -45.73
N HIS L 324 -15.30 -0.74 -45.62
CA HIS L 324 -15.89 0.59 -45.79
C HIS L 324 -15.33 1.57 -44.77
N TYR L 325 -15.19 1.12 -43.53
CA TYR L 325 -14.66 1.98 -42.46
C TYR L 325 -13.21 2.36 -42.71
N VAL L 326 -12.40 1.41 -43.17
CA VAL L 326 -10.98 1.67 -43.40
C VAL L 326 -10.80 2.61 -44.59
N ILE L 327 -11.59 2.44 -45.65
CA ILE L 327 -11.47 3.34 -46.80
C ILE L 327 -11.98 4.73 -46.45
N ALA L 328 -12.96 4.82 -45.56
CA ALA L 328 -13.40 6.14 -45.10
C ALA L 328 -12.33 6.81 -44.26
N ASN L 329 -11.61 6.04 -43.45
CA ASN L 329 -10.51 6.59 -42.67
C ASN L 329 -9.39 7.07 -43.58
N LEU L 330 -9.19 6.39 -44.71
CA LEU L 330 -8.18 6.84 -45.65
C LEU L 330 -8.62 8.10 -46.36
N ILE L 331 -9.92 8.22 -46.62
CA ILE L 331 -10.45 9.41 -47.29
C ILE L 331 -10.35 10.62 -46.36
N ARG L 332 -10.51 10.38 -45.05
CA ARG L 332 -10.37 11.46 -44.07
C ARG L 332 -8.95 12.00 -44.04
N GLY L 333 -7.96 11.14 -44.17
CA GLY L 333 -6.58 11.57 -44.14
C GLY L 333 -6.07 11.73 -42.72
N GLY L 334 -4.75 11.69 -42.58
CA GLY L 334 -4.15 11.79 -41.27
C GLY L 334 -2.68 11.45 -41.34
N VAL L 335 -2.11 11.24 -40.16
CA VAL L 335 -0.70 10.90 -40.00
C VAL L 335 -0.63 9.57 -39.28
N PHE L 336 -0.30 8.52 -40.01
CA PHE L 336 -0.24 7.17 -39.45
C PHE L 336 1.17 6.66 -39.63
N GLY L 337 2.05 7.04 -38.72
CA GLY L 337 3.44 6.65 -38.82
C GLY L 337 4.04 6.42 -37.46
N GLU L 338 5.20 7.02 -37.21
CA GLU L 338 5.77 7.05 -35.86
C GLU L 338 6.08 8.47 -35.42
N ILE M 5 49.11 13.13 -59.25
CA ILE M 5 49.14 14.49 -59.76
C ILE M 5 47.71 14.94 -60.08
N LEU M 6 47.51 16.27 -60.08
CA LEU M 6 46.26 16.93 -60.44
C LEU M 6 45.09 16.46 -59.57
N SER M 7 45.19 16.77 -58.27
CA SER M 7 44.11 16.44 -57.37
C SER M 7 43.00 17.49 -57.47
N THR M 8 41.88 17.21 -56.81
CA THR M 8 40.80 18.19 -56.73
C THR M 8 41.15 19.25 -55.71
N ALA M 9 40.55 20.43 -55.87
CA ALA M 9 40.82 21.54 -54.96
C ALA M 9 40.15 21.29 -53.62
N SER M 10 40.65 21.98 -52.59
CA SER M 10 40.08 21.79 -51.27
C SER M 10 38.82 22.60 -51.07
N VAL M 11 38.80 23.82 -51.60
CA VAL M 11 37.61 24.67 -51.51
C VAL M 11 37.16 25.03 -52.92
N LEU M 12 35.85 25.04 -53.12
CA LEU M 12 35.28 25.26 -54.44
C LEU M 12 33.81 25.62 -54.31
N ALA M 13 33.39 26.69 -54.97
CA ALA M 13 32.03 27.18 -54.79
C ALA M 13 31.52 27.75 -56.10
N PHE M 14 30.21 27.66 -56.29
CA PHE M 14 29.55 28.12 -57.50
C PHE M 14 28.28 28.88 -57.17
N GLU M 15 28.10 30.02 -57.80
CA GLU M 15 26.87 30.79 -57.63
C GLU M 15 25.79 30.26 -58.55
N ARG M 16 24.55 30.31 -58.07
CA ARG M 16 23.44 29.84 -58.87
C ARG M 16 23.13 30.80 -60.01
N LYS M 17 22.71 30.25 -61.12
CA LYS M 17 21.92 30.99 -62.07
C LYS M 17 20.47 30.64 -61.78
N LEU M 18 19.55 31.16 -62.61
CA LEU M 18 18.10 31.02 -62.45
C LEU M 18 17.65 31.51 -61.07
N ASP M 19 17.76 32.82 -60.88
CA ASP M 19 17.36 33.42 -59.62
C ASP M 19 15.91 33.82 -59.66
N PRO M 20 15.04 33.24 -58.83
CA PRO M 20 13.66 33.69 -58.76
C PRO M 20 13.44 34.68 -57.62
N SER M 21 12.35 35.42 -57.74
CA SER M 21 11.89 36.27 -56.67
C SER M 21 10.99 35.48 -55.72
N ASP M 22 10.47 36.16 -54.72
CA ASP M 22 9.48 35.53 -53.86
C ASP M 22 8.09 35.69 -54.44
N ALA M 23 7.42 34.58 -54.69
CA ALA M 23 6.12 34.61 -55.32
C ALA M 23 5.07 34.93 -54.28
N LEU M 24 4.21 35.89 -54.56
CA LEU M 24 3.18 36.31 -53.63
C LEU M 24 1.81 36.31 -54.31
N MET M 25 0.77 36.20 -53.51
CA MET M 25 -0.54 35.79 -53.99
C MET M 25 -1.54 36.94 -53.99
N SER M 26 -2.62 36.73 -54.72
CA SER M 26 -3.76 37.64 -54.76
C SER M 26 -4.94 36.84 -55.28
N ALA M 27 -6.12 37.46 -55.26
CA ALA M 27 -7.34 36.77 -55.62
C ALA M 27 -8.21 37.63 -56.52
N GLY M 28 -9.14 36.98 -57.19
CA GLY M 28 -10.05 37.67 -58.06
C GLY M 28 -10.98 36.70 -58.75
N ALA M 29 -11.73 37.22 -59.70
CA ALA M 29 -12.67 36.40 -60.46
C ALA M 29 -12.05 36.06 -61.80
N TRP M 30 -12.36 34.86 -62.29
CA TRP M 30 -11.99 34.47 -63.65
C TRP M 30 -12.70 35.37 -64.65
N ALA M 31 -12.08 35.48 -65.84
CA ALA M 31 -12.42 36.33 -66.97
C ALA M 31 -12.20 37.81 -66.71
N GLN M 32 -11.77 38.20 -65.52
CA GLN M 32 -11.21 39.52 -65.29
C GLN M 32 -9.70 39.46 -65.18
N ARG M 33 -9.10 38.35 -65.58
CA ARG M 33 -7.67 38.16 -65.38
C ARG M 33 -6.82 38.99 -66.33
N ASP M 34 -7.40 39.51 -67.39
CA ASP M 34 -6.64 40.40 -68.25
C ASP M 34 -6.54 41.81 -67.71
N ALA M 35 -7.37 42.16 -66.75
CA ALA M 35 -7.28 43.44 -66.05
C ALA M 35 -6.87 43.22 -64.61
N SER M 36 -6.05 42.20 -64.37
CA SER M 36 -5.70 41.78 -63.03
C SER M 36 -4.37 42.39 -62.59
N GLN M 37 -4.38 43.71 -62.42
CA GLN M 37 -3.26 44.39 -61.79
C GLN M 37 -3.66 45.06 -60.49
N GLU M 38 -4.95 45.17 -60.21
CA GLU M 38 -5.43 45.79 -58.98
C GLU M 38 -6.05 44.78 -58.05
N TRP M 39 -5.76 43.51 -58.25
CA TRP M 39 -6.40 42.48 -57.46
C TRP M 39 -5.86 42.52 -56.03
N PRO M 40 -6.72 42.46 -55.02
CA PRO M 40 -6.24 42.57 -53.64
C PRO M 40 -5.52 41.32 -53.20
N ALA M 41 -4.60 41.49 -52.27
CA ALA M 41 -3.76 40.39 -51.84
C ALA M 41 -4.53 39.45 -50.92
N VAL M 42 -3.99 38.26 -50.77
CA VAL M 42 -4.54 37.26 -49.86
C VAL M 42 -3.80 37.38 -48.54
N THR M 43 -4.54 37.54 -47.46
CA THR M 43 -3.97 37.77 -46.15
C THR M 43 -4.22 36.59 -45.23
N VAL M 44 -3.32 36.39 -44.28
CA VAL M 44 -3.38 35.28 -43.35
C VAL M 44 -4.20 35.69 -42.13
N ARG M 45 -4.73 34.72 -41.41
CA ARG M 45 -5.56 34.99 -40.25
C ARG M 45 -5.26 34.01 -39.14
N GLU M 46 -6.12 33.97 -38.12
CA GLU M 46 -5.98 33.03 -37.01
C GLU M 46 -7.30 32.28 -36.82
N LYS M 47 -7.19 31.07 -36.30
CA LYS M 47 -8.39 30.34 -35.88
C LYS M 47 -7.98 29.33 -34.82
N SER M 48 -8.93 28.98 -33.97
CA SER M 48 -8.70 28.02 -32.91
C SER M 48 -9.03 26.62 -33.40
N VAL M 49 -8.33 25.63 -32.85
CA VAL M 49 -8.51 24.24 -33.26
C VAL M 49 -8.46 23.37 -32.01
N ARG M 50 -9.50 22.58 -31.78
CA ARG M 50 -9.52 21.58 -30.73
C ARG M 50 -9.61 20.21 -31.36
N GLY M 51 -8.65 19.36 -31.06
CA GLY M 51 -8.64 18.03 -31.62
C GLY M 51 -8.16 17.02 -30.59
N THR M 52 -8.33 15.76 -30.92
CA THR M 52 -8.02 14.67 -30.01
C THR M 52 -6.91 13.80 -30.59
N ILE M 53 -6.62 12.70 -29.89
CA ILE M 53 -5.53 11.81 -30.26
C ILE M 53 -5.93 10.98 -31.46
N SER M 54 -5.11 10.99 -32.50
CA SER M 54 -5.35 10.16 -33.67
C SER M 54 -4.11 9.42 -34.15
N ASN M 55 -3.01 9.48 -33.41
CA ASN M 55 -1.81 8.77 -33.82
C ASN M 55 -1.80 7.37 -33.25
N ARG M 56 -0.73 6.63 -33.54
CA ARG M 56 -0.54 5.34 -32.89
C ARG M 56 -0.14 5.56 -31.43
N LEU M 57 -0.75 4.79 -30.54
CA LEU M 57 -0.35 4.79 -29.15
C LEU M 57 0.94 4.01 -29.01
N LYS M 58 1.79 4.43 -28.08
CA LYS M 58 3.08 3.78 -27.90
C LYS M 58 2.91 2.37 -27.36
N THR M 59 2.31 2.25 -26.18
CA THR M 59 1.81 0.96 -25.74
C THR M 59 0.50 0.68 -26.46
N LYS M 60 0.41 -0.50 -27.08
CA LYS M 60 -0.61 -0.69 -28.11
C LYS M 60 -2.00 -0.95 -27.52
N ASP M 61 -2.16 -2.06 -26.82
CA ASP M 61 -3.49 -2.54 -26.47
C ASP M 61 -3.83 -2.40 -25.00
N ARG M 62 -2.85 -2.52 -24.12
CA ARG M 62 -3.14 -2.36 -22.71
C ARG M 62 -3.26 -0.87 -22.38
N ASP M 63 -3.65 -0.60 -21.12
CA ASP M 63 -4.00 0.71 -20.59
C ASP M 63 -5.07 1.40 -21.43
N PRO M 64 -6.32 0.95 -21.40
CA PRO M 64 -7.36 1.64 -22.17
C PRO M 64 -7.87 2.89 -21.49
N ALA M 65 -7.72 3.01 -20.18
CA ALA M 65 -8.27 4.16 -19.47
C ALA M 65 -7.47 5.43 -19.74
N LYS M 66 -6.19 5.28 -20.10
CA LYS M 66 -5.38 6.43 -20.46
C LYS M 66 -5.92 7.12 -21.70
N LEU M 67 -6.48 6.32 -22.62
CA LEU M 67 -7.11 6.87 -23.81
C LEU M 67 -8.29 7.76 -23.45
N ASP M 68 -9.16 7.28 -22.56
CA ASP M 68 -10.33 8.07 -22.17
C ASP M 68 -9.94 9.25 -21.31
N ALA M 69 -8.83 9.14 -20.58
CA ALA M 69 -8.31 10.29 -19.86
C ALA M 69 -7.80 11.34 -20.83
N SER M 70 -7.23 10.90 -21.94
CA SER M 70 -6.74 11.84 -22.94
C SER M 70 -7.88 12.51 -23.69
N ILE M 71 -8.99 11.79 -23.91
CA ILE M 71 -10.10 12.36 -24.65
C ILE M 71 -10.80 13.44 -23.82
N GLN M 72 -10.85 13.26 -22.51
CA GLN M 72 -11.55 14.24 -21.69
C GLN M 72 -10.73 15.48 -21.41
N SER M 73 -9.55 15.61 -21.98
CA SER M 73 -8.75 16.83 -21.90
C SER M 73 -8.00 16.97 -23.21
N PRO M 74 -8.66 17.44 -24.27
CA PRO M 74 -8.02 17.48 -25.59
C PRO M 74 -7.04 18.63 -25.73
N ASN M 75 -6.47 18.77 -26.92
CA ASN M 75 -5.45 19.77 -27.17
C ASN M 75 -6.07 21.00 -27.81
N LEU M 76 -5.70 22.16 -27.31
CA LEU M 76 -6.15 23.43 -27.85
C LEU M 76 -4.97 24.15 -28.47
N GLN M 77 -5.17 24.71 -29.66
CA GLN M 77 -4.09 25.42 -30.31
C GLN M 77 -4.67 26.43 -31.29
N THR M 78 -3.86 27.43 -31.62
CA THR M 78 -4.21 28.40 -32.64
C THR M 78 -3.35 28.14 -33.87
N VAL M 79 -3.89 28.45 -35.04
CA VAL M 79 -3.29 28.05 -36.30
C VAL M 79 -3.53 29.15 -37.31
N ASP M 80 -2.48 29.53 -38.02
CA ASP M 80 -2.58 30.47 -39.13
C ASP M 80 -3.21 29.78 -40.32
N VAL M 81 -4.09 30.48 -41.02
CA VAL M 81 -4.81 29.92 -42.15
C VAL M 81 -4.90 30.98 -43.23
N ALA M 82 -5.15 30.55 -44.45
CA ALA M 82 -5.27 31.47 -45.57
C ALA M 82 -6.20 30.88 -46.59
N ASN M 83 -7.17 31.66 -47.04
CA ASN M 83 -8.13 31.20 -48.03
C ASN M 83 -8.63 32.40 -48.81
N LEU M 84 -9.28 32.11 -49.92
CA LEU M 84 -9.79 33.17 -50.77
C LEU M 84 -10.99 33.82 -50.12
N PRO M 85 -11.35 35.02 -50.56
CA PRO M 85 -12.64 35.59 -50.15
C PRO M 85 -13.81 34.80 -50.70
N SER M 86 -15.00 35.14 -50.20
CA SER M 86 -16.18 34.37 -50.54
C SER M 86 -16.82 34.76 -51.86
N ASP M 87 -16.15 35.58 -52.67
CA ASP M 87 -16.67 35.97 -53.96
C ASP M 87 -15.63 35.93 -55.06
N ALA M 88 -14.41 35.56 -54.75
CA ALA M 88 -13.36 35.35 -55.74
C ALA M 88 -13.09 33.88 -55.86
N ASP M 89 -12.84 33.40 -57.08
CA ASP M 89 -12.67 31.98 -57.32
C ASP M 89 -11.35 31.66 -58.00
N THR M 90 -10.41 32.60 -58.06
CA THR M 90 -9.18 32.41 -58.81
C THR M 90 -8.00 32.92 -58.00
N LEU M 91 -6.96 32.10 -57.92
CA LEU M 91 -5.71 32.48 -57.30
C LEU M 91 -4.80 33.08 -58.36
N LYS M 92 -3.96 34.04 -57.96
CA LYS M 92 -2.99 34.62 -58.86
C LYS M 92 -1.63 34.69 -58.18
N VAL M 93 -0.63 34.10 -58.82
CA VAL M 93 0.72 34.00 -58.28
C VAL M 93 1.67 34.66 -59.26
N ARG M 94 2.55 35.52 -58.76
CA ARG M 94 3.42 36.32 -59.62
C ARG M 94 4.83 36.38 -59.06
N PHE M 95 5.81 36.11 -59.92
CA PHE M 95 7.21 36.27 -59.55
C PHE M 95 8.03 36.50 -60.82
N THR M 96 9.27 36.94 -60.61
CA THR M 96 10.19 37.25 -61.70
C THR M 96 11.41 36.33 -61.64
N LEU M 97 11.98 36.05 -62.80
CA LEU M 97 13.09 35.12 -62.92
C LEU M 97 14.22 35.74 -63.71
N ARG M 98 15.45 35.52 -63.26
CA ARG M 98 16.63 36.11 -63.86
C ARG M 98 17.63 35.01 -64.21
N VAL M 99 17.99 34.92 -65.49
CA VAL M 99 18.97 33.95 -65.97
C VAL M 99 20.28 34.67 -66.18
N LEU M 100 21.37 34.07 -65.71
CA LEU M 100 22.62 34.79 -65.58
C LEU M 100 23.62 34.47 -66.69
N GLY M 101 23.98 33.20 -66.88
CA GLY M 101 25.03 32.87 -67.81
C GLY M 101 26.41 33.00 -67.20
N GLY M 102 27.36 32.30 -67.80
CA GLY M 102 28.70 32.22 -67.22
C GLY M 102 28.77 31.06 -66.25
N ALA M 103 28.39 29.87 -66.75
CA ALA M 103 28.01 28.78 -65.87
C ALA M 103 29.22 28.12 -65.23
N GLY M 104 30.25 27.84 -66.00
CA GLY M 104 31.25 26.89 -65.55
C GLY M 104 32.19 27.43 -64.49
N THR M 105 32.45 28.72 -64.52
CA THR M 105 33.52 29.27 -63.70
C THR M 105 33.14 29.33 -62.23
N PRO M 106 34.00 28.90 -61.32
CA PRO M 106 33.69 29.01 -59.90
C PRO M 106 33.96 30.42 -59.41
N SER M 107 33.52 30.67 -58.19
CA SER M 107 33.79 31.94 -57.53
C SER M 107 34.79 31.80 -56.39
N ALA M 108 35.31 30.60 -56.16
CA ALA M 108 36.36 30.36 -55.18
C ALA M 108 37.05 29.06 -55.53
N CYS M 109 38.37 29.06 -55.47
CA CYS M 109 39.13 27.86 -55.80
C CYS M 109 40.51 27.95 -55.15
N ASN M 110 41.24 26.84 -55.23
CA ASN M 110 42.60 26.79 -54.70
C ASN M 110 43.63 26.62 -55.82
N ASP M 111 43.49 25.59 -56.63
CA ASP M 111 44.44 25.29 -57.68
C ASP M 111 44.06 26.00 -58.97
N ALA M 112 45.07 26.47 -59.69
CA ALA M 112 44.81 27.12 -60.96
C ALA M 112 44.57 26.13 -62.09
N ALA M 113 45.44 25.11 -62.20
CA ALA M 113 45.35 24.18 -63.32
C ALA M 113 44.11 23.30 -63.20
N TYR M 114 43.66 23.05 -61.97
CA TYR M 114 42.38 22.38 -61.75
C TYR M 114 41.24 23.18 -62.35
N ARG M 115 41.23 24.48 -62.09
CA ARG M 115 40.16 25.32 -62.61
C ARG M 115 40.27 25.47 -64.12
N ASP M 116 41.49 25.38 -64.66
CA ASP M 116 41.67 25.48 -66.10
C ASP M 116 41.17 24.23 -66.79
N LYS M 117 41.48 23.07 -66.22
CA LYS M 117 40.93 21.81 -66.70
C LYS M 117 39.41 21.81 -66.62
N LEU M 118 38.88 22.42 -65.56
CA LEU M 118 37.44 22.46 -65.36
C LEU M 118 36.74 23.29 -66.43
N LEU M 119 37.20 24.53 -66.62
CA LEU M 119 36.50 25.36 -67.60
C LEU M 119 36.84 24.94 -69.02
N GLN M 120 37.95 24.23 -69.22
CA GLN M 120 38.20 23.61 -70.52
C GLN M 120 37.20 22.50 -70.79
N THR M 121 36.89 21.70 -69.77
CA THR M 121 35.89 20.65 -69.92
C THR M 121 34.52 21.21 -70.23
N VAL M 122 34.13 22.28 -69.54
CA VAL M 122 32.80 22.82 -69.80
C VAL M 122 32.77 23.59 -71.12
N ALA M 123 33.94 24.05 -71.58
CA ALA M 123 34.00 24.67 -72.90
C ALA M 123 33.82 23.63 -73.99
N THR M 124 34.39 22.44 -73.79
CA THR M 124 34.18 21.35 -74.73
C THR M 124 32.72 20.89 -74.73
N TYR M 125 32.10 20.86 -73.55
CA TYR M 125 30.69 20.48 -73.48
C TYR M 125 29.82 21.50 -74.20
N VAL M 126 30.04 22.78 -73.92
CA VAL M 126 29.22 23.82 -74.50
C VAL M 126 29.51 24.00 -75.99
N ASN M 127 30.65 23.51 -76.47
CA ASN M 127 30.88 23.55 -77.90
C ASN M 127 30.22 22.37 -78.59
N GLU M 128 30.28 21.18 -77.98
CA GLU M 128 29.66 20.01 -78.58
C GLU M 128 28.15 20.14 -78.64
N GLN M 129 27.50 20.19 -77.49
CA GLN M 129 26.07 20.47 -77.41
C GLN M 129 25.88 21.88 -76.94
N GLY M 130 24.76 22.48 -77.31
CA GLY M 130 24.38 23.74 -76.73
C GLY M 130 23.76 23.53 -75.37
N PHE M 131 23.11 24.56 -74.88
CA PHE M 131 22.29 24.41 -73.70
C PHE M 131 20.87 24.00 -74.02
N ALA M 132 20.63 23.50 -75.23
CA ALA M 132 19.27 23.38 -75.75
C ALA M 132 18.48 22.30 -75.02
N GLU M 133 19.16 21.26 -74.55
CA GLU M 133 18.47 20.21 -73.83
C GLU M 133 18.00 20.69 -72.46
N LEU M 134 18.90 21.31 -71.72
CA LEU M 134 18.56 21.81 -70.40
C LEU M 134 17.57 22.97 -70.49
N ALA M 135 17.70 23.79 -71.53
CA ALA M 135 16.76 24.89 -71.71
C ALA M 135 15.38 24.36 -72.10
N ARG M 136 15.35 23.25 -72.85
CA ARG M 136 14.08 22.61 -73.17
C ARG M 136 13.41 22.09 -71.91
N ARG M 137 14.19 21.46 -71.03
CA ARG M 137 13.59 20.91 -69.81
C ARG M 137 13.15 22.01 -68.85
N TYR M 138 13.92 23.10 -68.77
CA TYR M 138 13.54 24.23 -67.92
C TYR M 138 12.28 24.91 -68.44
N ALA M 139 12.19 25.10 -69.75
CA ALA M 139 10.99 25.71 -70.32
C ALA M 139 9.79 24.81 -70.17
N HIS M 140 10.01 23.50 -70.14
CA HIS M 140 8.89 22.60 -69.87
C HIS M 140 8.42 22.71 -68.44
N ASN M 141 9.36 22.78 -67.50
CA ASN M 141 8.98 22.90 -66.09
C ASN M 141 8.35 24.24 -65.78
N LEU M 142 8.69 25.25 -66.57
CA LEU M 142 8.03 26.54 -66.44
C LEU M 142 6.72 26.60 -67.20
N ALA M 143 6.53 25.72 -68.18
CA ALA M 143 5.32 25.77 -69.00
C ALA M 143 4.13 25.26 -68.21
N ASN M 144 4.22 24.05 -67.68
CA ASN M 144 3.25 23.64 -66.68
C ASN M 144 3.53 24.41 -65.41
N ALA M 145 2.48 24.66 -64.63
CA ALA M 145 2.63 25.44 -63.41
C ALA M 145 2.97 24.49 -62.26
N ARG M 146 4.19 23.96 -62.32
CA ARG M 146 4.60 23.03 -61.28
C ARG M 146 4.92 23.77 -59.99
N PHE M 147 5.24 25.06 -60.08
CA PHE M 147 5.60 25.81 -58.88
C PHE M 147 4.41 26.10 -58.00
N LEU M 148 3.19 25.97 -58.51
CA LEU M 148 2.03 25.85 -57.64
C LEU M 148 2.04 24.43 -57.13
N TRP M 149 2.45 24.25 -55.87
CA TRP M 149 2.71 22.89 -55.44
C TRP M 149 1.43 22.14 -55.08
N ARG M 150 0.75 22.57 -54.05
CA ARG M 150 -0.51 21.93 -53.69
C ARG M 150 -1.70 22.65 -54.31
N ASN M 151 -1.49 23.87 -54.76
CA ASN M 151 -2.58 24.62 -55.36
C ASN M 151 -2.88 24.13 -56.77
N ARG M 152 -1.96 23.40 -57.39
CA ARG M 152 -2.25 22.83 -58.70
C ARG M 152 -3.18 21.62 -58.57
N VAL M 153 -3.16 20.95 -57.41
CA VAL M 153 -3.90 19.71 -57.27
C VAL M 153 -5.39 20.01 -57.20
N GLY M 154 -6.16 19.31 -58.03
CA GLY M 154 -7.60 19.47 -58.04
C GLY M 154 -8.09 20.76 -58.63
N ALA M 155 -7.24 21.50 -59.33
CA ALA M 155 -7.71 22.72 -59.97
C ALA M 155 -8.53 22.38 -61.20
N GLU M 156 -9.28 23.35 -61.69
CA GLU M 156 -10.11 23.09 -62.86
C GLU M 156 -9.46 23.56 -64.14
N ALA M 157 -8.85 24.74 -64.14
CA ALA M 157 -8.20 25.26 -65.34
C ALA M 157 -7.12 26.23 -64.91
N VAL M 158 -5.90 26.02 -65.37
CA VAL M 158 -4.76 26.81 -64.96
C VAL M 158 -4.03 27.31 -66.20
N GLU M 159 -3.80 28.63 -66.24
CA GLU M 159 -3.22 29.30 -67.39
C GLU M 159 -2.03 30.14 -66.96
N VAL M 160 -0.89 29.94 -67.62
CA VAL M 160 0.36 30.62 -67.30
C VAL M 160 0.57 31.73 -68.32
N ARG M 161 1.20 32.82 -67.89
CA ARG M 161 1.48 33.95 -68.78
C ARG M 161 2.88 34.44 -68.51
N ILE M 162 3.75 34.39 -69.51
CA ILE M 162 5.15 34.75 -69.38
C ILE M 162 5.45 35.93 -70.28
N ASN M 163 6.12 36.94 -69.75
CA ASN M 163 6.49 38.11 -70.50
C ASN M 163 8.00 38.26 -70.53
N HIS M 164 8.51 38.83 -71.62
CA HIS M 164 9.93 39.13 -71.74
C HIS M 164 10.12 40.63 -71.55
N ILE M 165 11.00 41.00 -70.64
CA ILE M 165 11.13 42.38 -70.18
C ILE M 165 12.51 42.84 -70.62
N ARG M 166 12.58 43.46 -71.80
CA ARG M 166 13.87 43.87 -72.32
C ARG M 166 14.30 45.21 -71.74
N GLN M 167 13.58 46.26 -72.07
CA GLN M 167 13.62 47.50 -71.34
C GLN M 167 12.49 47.45 -70.33
N GLY M 168 12.09 48.60 -69.80
CA GLY M 168 10.95 48.67 -68.91
C GLY M 168 9.59 48.24 -69.44
N GLU M 169 9.50 47.85 -70.69
CA GLU M 169 8.27 47.38 -71.30
C GLU M 169 8.45 45.94 -71.78
N VAL M 170 7.36 45.37 -72.27
CA VAL M 170 7.35 43.99 -72.71
C VAL M 170 8.04 43.88 -74.06
N ALA M 171 8.52 42.66 -74.37
CA ALA M 171 9.07 42.36 -75.68
C ALA M 171 8.29 41.28 -76.40
N ARG M 172 8.11 40.11 -75.78
CA ARG M 172 7.36 39.02 -76.38
C ARG M 172 6.66 38.26 -75.28
N THR M 173 5.35 38.03 -75.46
CA THR M 173 4.54 37.34 -74.48
C THR M 173 4.39 35.88 -74.85
N TRP M 174 3.82 35.13 -73.91
CA TRP M 174 3.41 33.76 -74.12
C TRP M 174 2.20 33.48 -73.27
N ARG M 175 1.42 32.48 -73.66
CA ARG M 175 0.42 31.95 -72.74
C ARG M 175 0.24 30.48 -73.06
N PHE M 176 -0.21 29.74 -72.05
CA PHE M 176 -0.26 28.29 -72.17
C PHE M 176 -1.50 27.78 -71.47
N ASP M 177 -1.72 26.48 -71.58
CA ASP M 177 -2.68 25.76 -70.76
C ASP M 177 -1.89 24.67 -70.05
N ALA M 178 -1.65 24.87 -68.75
CA ALA M 178 -0.71 24.04 -68.02
C ALA M 178 -1.23 22.65 -67.73
N LEU M 179 -2.52 22.41 -67.92
CA LEU M 179 -3.02 21.06 -67.68
C LEU M 179 -2.88 20.18 -68.91
N ALA M 180 -2.73 20.79 -70.09
CA ALA M 180 -2.44 20.01 -71.29
C ALA M 180 -1.03 19.44 -71.22
N ILE M 181 -0.05 20.27 -70.90
CA ILE M 181 1.31 19.82 -70.70
C ILE M 181 1.37 19.08 -69.38
N GLY M 182 1.57 17.77 -69.43
CA GLY M 182 1.58 16.98 -68.22
C GLY M 182 2.84 17.19 -67.41
N LEU M 183 2.83 16.62 -66.22
CA LEU M 183 4.00 16.62 -65.36
C LEU M 183 4.86 15.39 -65.53
N ARG M 184 4.76 14.72 -66.67
CA ARG M 184 5.31 13.38 -66.82
C ARG M 184 6.36 13.24 -67.91
N ASP M 185 6.32 14.08 -68.94
CA ASP M 185 7.20 13.88 -70.08
C ASP M 185 7.43 15.21 -70.78
N PHE M 186 8.21 15.15 -71.86
CA PHE M 186 8.69 16.34 -72.54
C PHE M 186 8.36 16.25 -74.02
N LYS M 187 7.39 17.03 -74.46
CA LYS M 187 7.02 17.08 -75.87
C LYS M 187 7.79 18.19 -76.56
N ALA M 188 7.34 18.57 -77.75
CA ALA M 188 7.90 19.70 -78.47
C ALA M 188 6.78 20.54 -79.04
N ASP M 189 7.01 21.85 -79.08
CA ASP M 189 6.03 22.81 -79.61
C ASP M 189 6.78 24.09 -79.94
N ALA M 190 6.28 24.79 -80.96
CA ALA M 190 7.01 25.93 -81.53
C ALA M 190 7.14 27.08 -80.54
N GLU M 191 6.08 27.36 -79.79
CA GLU M 191 6.13 28.41 -78.77
C GLU M 191 7.09 28.01 -77.65
N LEU M 192 6.99 26.76 -77.21
CA LEU M 192 7.90 26.27 -76.18
C LEU M 192 9.33 26.23 -76.68
N ASP M 193 9.53 25.93 -77.95
CA ASP M 193 10.89 25.89 -78.49
C ASP M 193 11.46 27.29 -78.62
N ALA M 194 10.64 28.27 -78.94
CA ALA M 194 11.11 29.65 -78.97
C ALA M 194 11.49 30.12 -77.58
N LEU M 195 10.69 29.76 -76.58
CA LEU M 195 11.02 30.10 -75.20
C LEU M 195 12.30 29.43 -74.74
N ALA M 196 12.47 28.15 -75.06
CA ALA M 196 13.69 27.44 -74.69
C ALA M 196 14.90 27.98 -75.43
N GLU M 197 14.70 28.48 -76.65
CA GLU M 197 15.77 29.15 -77.36
C GLU M 197 16.19 30.44 -76.65
N LEU M 198 15.20 31.18 -76.12
CA LEU M 198 15.53 32.37 -75.34
C LEU M 198 16.30 32.02 -74.08
N ILE M 199 15.89 30.94 -73.41
CA ILE M 199 16.58 30.51 -72.19
C ILE M 199 18.00 30.07 -72.51
N ALA M 200 18.19 29.37 -73.62
CA ALA M 200 19.52 28.92 -73.99
C ALA M 200 20.39 30.09 -74.41
N SER M 201 19.78 31.13 -74.99
CA SER M 201 20.51 32.34 -75.28
C SER M 201 20.96 33.04 -74.00
N GLY M 202 20.10 33.03 -72.99
CA GLY M 202 20.47 33.66 -71.73
C GLY M 202 21.54 32.90 -70.98
N LEU M 203 21.50 31.56 -71.05
CA LEU M 203 22.45 30.76 -70.30
C LEU M 203 23.83 30.80 -70.93
N SER M 204 23.90 31.01 -72.24
CA SER M 204 25.17 30.99 -72.95
C SER M 204 26.03 32.20 -72.67
N GLY M 205 25.47 33.26 -72.12
CA GLY M 205 26.18 34.51 -72.02
C GLY M 205 26.03 35.41 -73.22
N SER M 206 25.16 35.05 -74.16
CA SER M 206 24.95 35.84 -75.36
C SER M 206 24.09 37.07 -75.14
N GLY M 207 23.58 37.27 -73.93
CA GLY M 207 22.75 38.41 -73.66
C GLY M 207 21.92 38.14 -72.42
N HIS M 208 21.48 39.23 -71.80
CA HIS M 208 20.74 39.13 -70.55
C HIS M 208 19.26 38.98 -70.86
N VAL M 209 18.56 38.28 -69.99
CA VAL M 209 17.12 38.06 -70.14
C VAL M 209 16.45 38.23 -68.78
N LEU M 210 15.20 38.64 -68.80
CA LEU M 210 14.41 38.85 -67.60
C LEU M 210 12.97 38.49 -67.90
N LEU M 211 12.38 37.66 -67.05
CA LEU M 211 11.05 37.14 -67.30
C LEU M 211 10.12 37.48 -66.15
N GLU M 212 8.86 37.69 -66.47
CA GLU M 212 7.81 37.88 -65.48
C GLU M 212 6.81 36.75 -65.64
N VAL M 213 6.60 35.97 -64.58
CA VAL M 213 5.76 34.80 -64.62
C VAL M 213 4.52 35.09 -63.78
N VAL M 214 3.36 34.79 -64.36
CA VAL M 214 2.07 34.98 -63.69
C VAL M 214 1.21 33.76 -63.99
N ALA M 215 0.70 33.13 -62.94
CA ALA M 215 -0.18 31.98 -63.10
C ALA M 215 -1.55 32.31 -62.55
N PHE M 216 -2.57 31.63 -63.05
CA PHE M 216 -3.92 31.71 -62.53
C PHE M 216 -4.41 30.29 -62.29
N ALA M 217 -5.20 30.09 -61.23
CA ALA M 217 -5.75 28.79 -60.93
C ALA M 217 -7.17 28.95 -60.44
N ARG M 218 -8.10 28.28 -61.12
CA ARG M 218 -9.52 28.39 -60.82
C ARG M 218 -9.88 27.30 -59.82
N ILE M 219 -10.13 27.69 -58.58
CA ILE M 219 -10.35 26.74 -57.48
C ILE M 219 -11.79 26.80 -56.97
N GLY M 220 -12.22 27.95 -56.50
CA GLY M 220 -13.57 28.09 -55.99
C GLY M 220 -13.66 29.23 -55.01
N ASP M 221 -14.88 29.51 -54.57
CA ASP M 221 -15.11 30.61 -53.67
C ASP M 221 -14.75 30.21 -52.24
N GLY M 222 -13.81 30.93 -51.66
CA GLY M 222 -13.47 30.71 -50.27
C GLY M 222 -12.68 29.46 -49.96
N GLN M 223 -12.19 28.77 -50.98
CA GLN M 223 -11.39 27.59 -50.73
C GLN M 223 -10.01 27.98 -50.21
N GLU M 224 -9.31 26.99 -49.69
CA GLU M 224 -8.08 27.22 -48.95
C GLU M 224 -6.87 27.16 -49.87
N VAL M 225 -5.93 28.08 -49.67
CA VAL M 225 -4.68 28.09 -50.41
C VAL M 225 -3.55 27.72 -49.45
N PHE M 226 -2.34 27.57 -50.00
CA PHE M 226 -1.21 27.05 -49.25
C PHE M 226 0.06 27.83 -49.54
N PRO M 227 0.41 28.77 -48.67
CA PRO M 227 1.74 29.39 -48.75
C PRO M 227 2.76 28.53 -48.03
N SER M 228 3.98 29.03 -47.95
CA SER M 228 5.02 28.28 -47.26
C SER M 228 4.88 28.44 -45.76
N GLN M 229 5.26 27.39 -45.04
CA GLN M 229 5.27 27.43 -43.60
C GLN M 229 6.55 28.09 -43.11
N GLU M 230 6.58 28.40 -41.84
CA GLU M 230 7.75 28.98 -41.22
C GLU M 230 8.21 28.09 -40.08
N LEU M 231 9.20 28.56 -39.35
CA LEU M 231 9.75 27.80 -38.25
C LEU M 231 9.11 28.23 -36.94
N ILE M 232 8.58 27.25 -36.21
CA ILE M 232 8.04 27.44 -34.88
C ILE M 232 9.13 27.13 -33.89
N LEU M 233 9.39 28.07 -32.97
CA LEU M 233 10.44 27.90 -31.97
C LEU M 233 9.91 27.10 -30.77
N ASP M 234 9.41 25.90 -31.07
CA ASP M 234 8.81 24.85 -30.24
C ASP M 234 8.07 25.35 -29.01
N LYS M 235 7.05 26.18 -29.28
CA LYS M 235 6.11 26.66 -28.28
C LYS M 235 5.05 25.63 -27.90
N GLY M 236 5.16 24.40 -28.41
CA GLY M 236 4.12 23.39 -28.33
C GLY M 236 3.83 22.82 -26.96
N ASP M 237 4.68 23.10 -25.98
CA ASP M 237 4.49 22.58 -24.63
C ASP M 237 4.25 23.67 -23.60
N LYS M 238 5.12 24.68 -23.52
CA LYS M 238 4.95 25.72 -22.51
C LYS M 238 3.77 26.63 -22.84
N LYS M 239 3.47 26.80 -24.13
CA LYS M 239 2.25 27.47 -24.56
C LYS M 239 1.31 26.52 -25.27
N GLY M 240 1.78 25.87 -26.33
CA GLY M 240 0.97 24.96 -27.10
C GLY M 240 -0.06 25.62 -27.99
N GLN M 241 -0.18 26.94 -27.96
CA GLN M 241 -1.27 27.59 -28.65
C GLN M 241 -0.90 27.90 -30.09
N LYS M 242 0.13 28.70 -30.29
CA LYS M 242 0.58 28.99 -31.65
C LYS M 242 1.42 27.83 -32.14
N SER M 243 0.95 27.16 -33.19
CA SER M 243 1.66 25.96 -33.65
C SER M 243 1.75 25.88 -35.17
N LYS M 244 1.52 26.98 -35.88
CA LYS M 244 1.71 27.03 -37.32
C LYS M 244 1.88 28.46 -37.76
N THR M 245 2.79 28.72 -38.69
CA THR M 245 3.04 30.08 -39.14
C THR M 245 3.31 30.09 -40.63
N LEU M 246 2.53 30.88 -41.34
CA LEU M 246 2.70 31.02 -42.77
C LEU M 246 3.60 32.21 -43.07
N TYR M 247 4.12 32.26 -44.28
CA TYR M 247 5.13 33.24 -44.63
C TYR M 247 4.51 34.36 -45.43
N SER M 248 4.70 35.59 -44.97
CA SER M 248 4.13 36.75 -45.62
C SER M 248 5.17 37.85 -45.70
N VAL M 249 5.21 38.54 -46.85
CA VAL M 249 6.19 39.60 -47.02
C VAL M 249 5.75 40.88 -46.33
N ARG M 250 4.61 41.45 -46.72
CA ARG M 250 4.02 42.54 -45.94
C ARG M 250 2.51 42.43 -46.13
N ASP M 251 1.87 41.69 -45.23
CA ASP M 251 0.42 41.42 -45.24
C ASP M 251 -0.04 40.87 -46.57
N ALA M 252 0.71 39.91 -47.09
CA ALA M 252 0.36 39.20 -48.31
C ALA M 252 1.05 37.86 -48.26
N ALA M 253 0.28 36.78 -48.38
CA ALA M 253 0.84 35.45 -48.24
C ALA M 253 1.76 35.14 -49.42
N ALA M 254 2.86 34.45 -49.12
CA ALA M 254 3.89 34.30 -50.13
C ALA M 254 4.59 32.96 -49.97
N ILE M 255 5.29 32.57 -51.03
CA ILE M 255 6.06 31.34 -51.09
C ILE M 255 7.53 31.70 -51.06
N HIS M 256 8.34 30.85 -50.42
CA HIS M 256 9.78 31.06 -50.39
C HIS M 256 10.36 30.96 -51.79
N SER M 257 11.50 31.61 -51.99
CA SER M 257 12.13 31.61 -53.31
C SER M 257 12.69 30.24 -53.64
N GLN M 258 13.29 29.58 -52.66
CA GLN M 258 13.93 28.30 -52.92
C GLN M 258 12.92 27.18 -53.13
N LYS M 259 11.67 27.37 -52.73
CA LYS M 259 10.62 26.43 -53.10
C LYS M 259 10.36 26.49 -54.61
N ILE M 260 10.30 27.71 -55.14
CA ILE M 260 10.17 27.89 -56.59
C ILE M 260 11.40 27.34 -57.30
N GLY M 261 12.58 27.57 -56.72
CA GLY M 261 13.80 27.07 -57.33
C GLY M 261 13.87 25.56 -57.35
N ASN M 262 13.36 24.91 -56.31
CA ASN M 262 13.28 23.46 -56.31
C ASN M 262 12.24 22.97 -57.29
N ALA M 263 11.17 23.73 -57.51
CA ALA M 263 10.18 23.30 -58.49
C ALA M 263 10.65 23.56 -59.91
N LEU M 264 11.68 24.36 -60.09
CA LEU M 264 12.16 24.61 -61.44
C LEU M 264 13.11 23.53 -61.91
N ARG M 265 14.05 23.13 -61.06
CA ARG M 265 15.11 22.23 -61.48
C ARG M 265 14.76 20.77 -61.28
N THR M 266 13.48 20.42 -61.26
CA THR M 266 13.11 19.01 -61.25
C THR M 266 12.97 18.51 -62.68
N ILE M 267 14.11 18.14 -63.27
CA ILE M 267 14.20 17.76 -64.66
C ILE M 267 14.89 16.42 -64.86
N ASP M 268 15.42 15.81 -63.81
CA ASP M 268 16.28 14.65 -63.95
C ASP M 268 15.46 13.41 -64.20
N THR M 269 15.57 12.85 -65.41
CA THR M 269 14.92 11.61 -65.77
C THR M 269 15.90 10.45 -65.90
N TRP M 270 17.18 10.68 -65.61
CA TRP M 270 18.21 9.70 -65.91
C TRP M 270 18.75 9.00 -64.67
N TYR M 271 18.00 8.97 -63.58
CA TYR M 271 18.41 8.20 -62.43
C TYR M 271 18.22 6.72 -62.73
N PRO M 272 19.11 5.85 -62.24
CA PRO M 272 19.16 4.49 -62.77
C PRO M 272 18.09 3.56 -62.23
N ASP M 273 17.23 4.03 -61.33
CA ASP M 273 16.24 3.13 -60.74
C ASP M 273 15.16 2.77 -61.74
N GLU M 274 14.41 3.75 -62.21
CA GLU M 274 13.31 3.50 -63.13
C GLU M 274 13.04 4.78 -63.90
N ASP M 275 12.04 4.72 -64.78
CA ASP M 275 11.60 5.89 -65.52
C ASP M 275 10.08 6.03 -65.53
N GLY M 276 9.34 5.10 -64.94
CA GLY M 276 7.92 5.23 -64.78
C GLY M 276 7.47 6.08 -63.62
N LEU M 277 8.41 6.73 -62.93
CA LEU M 277 8.10 7.51 -61.75
C LEU M 277 8.34 9.00 -61.94
N GLY M 278 8.56 9.45 -63.17
CA GLY M 278 8.67 10.86 -63.46
C GLY M 278 10.00 11.46 -63.05
N PRO M 279 10.23 12.71 -63.45
CA PRO M 279 11.52 13.34 -63.13
C PRO M 279 11.59 13.75 -61.68
N ILE M 280 12.81 13.95 -61.20
CA ILE M 280 13.07 14.40 -59.85
C ILE M 280 14.00 15.61 -59.89
N ALA M 281 14.29 16.14 -58.71
CA ALA M 281 15.07 17.36 -58.59
C ALA M 281 16.57 17.06 -58.65
N VAL M 282 17.30 17.97 -59.29
CA VAL M 282 18.74 17.79 -59.45
C VAL M 282 19.43 18.01 -58.12
N GLU M 283 20.16 17.00 -57.66
CA GLU M 283 20.89 17.09 -56.40
C GLU M 283 21.99 16.06 -56.42
N PRO M 284 23.13 16.33 -55.80
CA PRO M 284 24.12 15.27 -55.59
C PRO M 284 23.58 14.25 -54.62
N TYR M 285 23.75 12.97 -54.96
CA TYR M 285 22.98 11.86 -54.39
C TYR M 285 21.49 12.20 -54.43
N GLY M 286 20.95 12.27 -55.64
CA GLY M 286 19.63 12.82 -55.89
C GLY M 286 18.53 12.16 -55.10
N SER M 287 18.07 12.89 -54.09
CA SER M 287 17.27 12.33 -53.01
C SER M 287 15.95 13.08 -52.90
N VAL M 288 14.92 12.35 -52.50
CA VAL M 288 13.61 12.90 -52.24
C VAL M 288 13.31 12.68 -50.78
N THR M 289 13.13 13.78 -50.03
CA THR M 289 12.91 13.67 -48.60
C THR M 289 11.54 13.09 -48.29
N SER M 290 10.59 13.27 -49.21
CA SER M 290 9.25 12.73 -49.01
C SER M 290 9.24 11.22 -49.07
N GLN M 291 10.22 10.60 -49.72
CA GLN M 291 10.31 9.14 -49.75
C GLN M 291 11.46 8.62 -48.90
N GLY M 292 12.28 9.49 -48.34
CA GLY M 292 13.40 9.08 -47.51
C GLY M 292 14.45 8.28 -48.23
N LYS M 293 14.55 8.45 -49.54
CA LYS M 293 15.29 7.54 -50.41
C LYS M 293 16.29 8.34 -51.22
N ALA M 294 17.47 7.78 -51.41
CA ALA M 294 18.51 8.41 -52.21
C ALA M 294 18.74 7.60 -53.47
N TYR M 295 18.21 8.08 -54.60
CA TYR M 295 18.71 7.59 -55.86
C TYR M 295 20.09 8.20 -56.11
N ARG M 296 20.80 7.61 -57.07
CA ARG M 296 22.22 7.87 -57.31
C ARG M 296 23.03 7.70 -56.03
N GLN M 297 23.01 6.47 -55.51
CA GLN M 297 23.76 6.15 -54.31
C GLN M 297 25.26 6.21 -54.62
N PRO M 298 26.10 6.49 -53.62
CA PRO M 298 27.55 6.47 -53.88
C PRO M 298 28.13 5.08 -53.96
N LYS M 299 27.38 4.06 -53.55
CA LYS M 299 27.83 2.69 -53.77
C LYS M 299 27.88 2.37 -55.25
N GLN M 300 26.79 2.64 -55.96
CA GLN M 300 26.84 2.71 -57.41
C GLN M 300 27.67 3.91 -57.83
N LYS M 301 28.16 3.87 -59.06
CA LYS M 301 29.01 4.94 -59.56
C LYS M 301 28.21 5.94 -60.40
N LEU M 302 27.20 6.53 -59.78
CA LEU M 302 26.39 7.48 -60.54
C LEU M 302 26.06 8.73 -59.74
N ASP M 303 26.83 9.04 -58.70
CA ASP M 303 26.66 10.31 -58.00
C ASP M 303 27.32 11.43 -58.78
N PHE M 304 27.16 12.64 -58.27
CA PHE M 304 27.70 13.80 -58.95
C PHE M 304 29.22 13.87 -58.79
N TYR M 305 29.72 13.46 -57.64
CA TYR M 305 31.13 13.67 -57.33
C TYR M 305 32.04 12.77 -58.16
N THR M 306 31.70 11.49 -58.25
CA THR M 306 32.57 10.56 -58.98
C THR M 306 32.51 10.82 -60.48
N LEU M 307 31.34 11.20 -60.98
CA LEU M 307 31.21 11.60 -62.38
C LEU M 307 32.08 12.80 -62.68
N LEU M 308 32.09 13.79 -61.77
CA LEU M 308 32.90 14.97 -61.98
C LEU M 308 34.39 14.65 -61.92
N ASP M 309 34.78 13.78 -60.98
CA ASP M 309 36.19 13.43 -60.84
C ASP M 309 36.70 12.66 -62.04
N ASN M 310 35.88 11.74 -62.56
CA ASN M 310 36.35 10.96 -63.69
C ASN M 310 36.29 11.75 -64.98
N TRP M 311 35.38 12.73 -65.08
CA TRP M 311 35.39 13.57 -66.27
C TRP M 311 36.58 14.52 -66.24
N VAL M 312 36.91 15.06 -65.09
CA VAL M 312 37.94 16.11 -65.04
C VAL M 312 39.32 15.52 -64.86
N LEU M 313 39.52 14.68 -63.86
CA LEU M 313 40.87 14.21 -63.57
C LEU M 313 41.31 13.13 -64.54
N ARG M 314 40.49 12.09 -64.71
CA ARG M 314 40.90 10.93 -65.47
C ARG M 314 40.42 10.96 -66.91
N ASP M 315 39.76 12.05 -67.32
CA ASP M 315 39.25 12.28 -68.67
C ASP M 315 38.27 11.20 -69.13
N GLU M 316 37.55 10.58 -68.20
CA GLU M 316 36.50 9.62 -68.54
C GLU M 316 35.22 10.40 -68.78
N ALA M 317 34.97 10.73 -70.03
CA ALA M 317 33.73 11.39 -70.37
C ALA M 317 32.59 10.39 -70.25
N PRO M 318 31.60 10.63 -69.41
CA PRO M 318 30.50 9.69 -69.25
C PRO M 318 29.52 9.82 -70.42
N ALA M 319 28.39 9.14 -70.28
CA ALA M 319 27.33 9.23 -71.27
C ALA M 319 26.76 10.65 -71.31
N VAL M 320 26.05 10.95 -72.41
CA VAL M 320 25.62 12.31 -72.70
C VAL M 320 24.57 12.76 -71.69
N GLU M 321 23.74 11.83 -71.23
CA GLU M 321 22.75 12.15 -70.21
C GLU M 321 23.43 12.48 -68.89
N GLN M 322 24.52 11.79 -68.58
CA GLN M 322 25.26 12.12 -67.38
C GLN M 322 25.97 13.45 -67.49
N GLN M 323 26.37 13.83 -68.72
CA GLN M 323 26.93 15.15 -68.92
C GLN M 323 25.88 16.22 -68.70
N HIS M 324 24.65 15.96 -69.16
CA HIS M 324 23.53 16.86 -68.86
C HIS M 324 23.31 16.99 -67.36
N TYR M 325 23.42 15.87 -66.64
CA TYR M 325 23.19 15.86 -65.21
C TYR M 325 24.23 16.69 -64.48
N VAL M 326 25.51 16.48 -64.80
CA VAL M 326 26.57 17.18 -64.07
C VAL M 326 26.58 18.67 -64.44
N ILE M 327 26.19 19.01 -65.67
CA ILE M 327 26.16 20.41 -66.03
C ILE M 327 25.00 21.13 -65.36
N ALA M 328 23.86 20.44 -65.22
CA ALA M 328 22.75 21.01 -64.47
C ALA M 328 23.10 21.17 -63.00
N ASN M 329 23.87 20.23 -62.47
CA ASN M 329 24.33 20.34 -61.09
C ASN M 329 25.27 21.52 -60.90
N LEU M 330 26.04 21.85 -61.93
CA LEU M 330 26.86 23.04 -61.84
C LEU M 330 26.04 24.30 -62.00
N ILE M 331 24.97 24.25 -62.78
CA ILE M 331 24.11 25.41 -62.97
C ILE M 331 23.37 25.74 -61.68
N ARG M 332 22.99 24.70 -60.93
CA ARG M 332 22.33 24.89 -59.64
C ARG M 332 23.23 25.60 -58.65
N GLY M 333 24.52 25.31 -58.67
CA GLY M 333 25.44 25.95 -57.77
C GLY M 333 25.42 25.31 -56.39
N GLY M 334 26.45 25.63 -55.61
CA GLY M 334 26.56 25.05 -54.29
C GLY M 334 27.98 25.12 -53.79
N VAL M 335 28.20 24.40 -52.69
CA VAL M 335 29.51 24.32 -52.05
C VAL M 335 30.01 22.90 -52.22
N PHE M 336 31.08 22.74 -53.00
CA PHE M 336 31.65 21.43 -53.27
C PHE M 336 33.10 21.45 -52.82
N GLY M 337 33.31 21.22 -51.53
CA GLY M 337 34.65 21.22 -50.98
C GLY M 337 34.94 19.93 -50.25
N GLU M 338 35.77 19.98 -49.22
CA GLU M 338 36.08 18.80 -48.44
C GLU M 338 35.52 18.97 -47.04
N ALA M 339 34.60 18.07 -46.67
CA ALA M 339 33.96 18.17 -45.35
C ALA M 339 34.08 16.87 -44.58
N LEU N 6 72.96 52.81 -40.85
CA LEU N 6 71.58 53.09 -41.23
C LEU N 6 70.77 51.82 -41.45
N SER N 7 69.65 51.71 -40.74
CA SER N 7 68.79 50.55 -40.84
C SER N 7 67.35 51.01 -40.80
N THR N 8 66.43 50.05 -40.86
CA THR N 8 65.02 50.39 -40.74
C THR N 8 64.66 50.63 -39.28
N ALA N 9 63.67 51.49 -39.05
CA ALA N 9 63.29 51.86 -37.70
C ALA N 9 62.55 50.71 -37.03
N SER N 10 62.48 50.77 -35.70
CA SER N 10 61.81 49.71 -34.94
C SER N 10 60.30 49.80 -35.08
N VAL N 11 59.74 50.98 -34.83
CA VAL N 11 58.31 51.21 -35.06
C VAL N 11 58.17 52.24 -36.18
N LEU N 12 57.17 52.03 -37.02
CA LEU N 12 56.89 52.94 -38.14
C LEU N 12 55.50 52.64 -38.63
N ALA N 13 54.62 53.65 -38.62
CA ALA N 13 53.22 53.46 -38.97
C ALA N 13 52.76 54.52 -39.94
N PHE N 14 51.64 54.25 -40.59
CA PHE N 14 51.03 55.18 -41.52
C PHE N 14 49.52 55.18 -41.31
N GLU N 15 48.92 56.35 -41.55
CA GLU N 15 47.48 56.44 -41.61
C GLU N 15 47.01 56.27 -43.04
N ARG N 16 45.76 55.92 -43.20
CA ARG N 16 45.24 55.74 -44.54
C ARG N 16 44.88 57.07 -45.16
N LYS N 17 44.96 57.12 -46.48
CA LYS N 17 44.30 58.11 -47.29
C LYS N 17 43.16 57.43 -48.00
N LEU N 18 42.26 58.23 -48.58
CA LEU N 18 41.03 57.78 -49.24
C LEU N 18 40.20 56.89 -48.31
N ASP N 19 39.73 57.46 -47.22
CA ASP N 19 38.85 56.72 -46.33
C ASP N 19 37.41 57.02 -46.71
N PRO N 20 36.63 56.03 -47.08
CA PRO N 20 35.23 56.27 -47.44
C PRO N 20 34.30 56.10 -46.25
N SER N 21 33.05 56.45 -46.47
CA SER N 21 32.00 56.28 -45.48
C SER N 21 31.45 54.86 -45.58
N ASP N 22 30.30 54.62 -44.95
CA ASP N 22 29.56 53.40 -45.18
C ASP N 22 28.55 53.64 -46.28
N ALA N 23 28.37 52.66 -47.14
CA ALA N 23 27.39 52.74 -48.20
C ALA N 23 26.13 52.05 -47.73
N LEU N 24 25.00 52.76 -47.79
CA LEU N 24 23.72 52.20 -47.42
C LEU N 24 22.75 52.33 -48.58
N MET N 25 21.80 51.42 -48.63
CA MET N 25 21.01 51.23 -49.84
C MET N 25 19.59 51.77 -49.68
N SER N 26 18.93 51.92 -50.82
CA SER N 26 17.55 52.34 -50.90
C SER N 26 17.06 51.96 -52.28
N ALA N 27 15.74 51.84 -52.41
CA ALA N 27 15.14 51.30 -53.62
C ALA N 27 14.14 52.27 -54.23
N GLY N 28 13.91 52.10 -55.52
CA GLY N 28 12.94 52.91 -56.21
C GLY N 28 12.83 52.47 -57.65
N ALA N 29 12.30 53.36 -58.47
CA ALA N 29 12.03 53.03 -59.86
C ALA N 29 13.01 53.73 -60.78
N TRP N 30 13.37 53.04 -61.86
CA TRP N 30 14.12 53.64 -62.94
C TRP N 30 13.30 54.75 -63.59
N ALA N 31 14.01 55.72 -64.16
CA ALA N 31 13.57 56.99 -64.74
C ALA N 31 13.02 57.97 -63.71
N GLN N 32 12.98 57.61 -62.44
CA GLN N 32 12.76 58.56 -61.36
C GLN N 32 14.03 58.82 -60.60
N ARG N 33 15.18 58.39 -61.13
CA ARG N 33 16.41 58.35 -60.36
C ARG N 33 16.99 59.74 -60.13
N ASP N 34 16.56 60.74 -60.88
CA ASP N 34 17.02 62.10 -60.61
C ASP N 34 16.36 62.67 -59.37
N ALA N 35 15.17 62.21 -59.03
CA ALA N 35 14.45 62.68 -57.84
C ALA N 35 14.67 61.76 -56.65
N SER N 36 15.86 61.20 -56.51
CA SER N 36 16.08 60.15 -55.52
C SER N 36 16.72 60.75 -54.27
N GLN N 37 15.87 61.30 -53.41
CA GLN N 37 16.32 61.80 -52.11
C GLN N 37 15.41 61.35 -50.98
N GLU N 38 14.31 60.69 -51.31
CA GLU N 38 13.30 60.26 -50.35
C GLU N 38 12.98 58.79 -50.52
N TRP N 39 13.78 58.08 -51.31
CA TRP N 39 13.56 56.68 -51.57
C TRP N 39 13.74 55.88 -50.28
N PRO N 40 12.82 54.99 -49.94
CA PRO N 40 12.93 54.28 -48.67
C PRO N 40 14.02 53.23 -48.72
N ALA N 41 14.57 52.94 -47.55
CA ALA N 41 15.67 51.99 -47.47
C ALA N 41 15.16 50.57 -47.61
N VAL N 42 16.07 49.65 -47.85
CA VAL N 42 15.74 48.23 -47.88
C VAL N 42 16.09 47.64 -46.53
N THR N 43 15.19 46.85 -45.97
CA THR N 43 15.34 46.34 -44.63
C THR N 43 15.65 44.85 -44.67
N VAL N 44 16.38 44.40 -43.67
CA VAL N 44 16.74 43.00 -43.52
C VAL N 44 15.58 42.28 -42.86
N ARG N 45 15.33 41.05 -43.29
CA ARG N 45 14.23 40.27 -42.74
C ARG N 45 14.70 38.87 -42.37
N GLU N 46 13.77 38.03 -41.95
CA GLU N 46 14.07 36.66 -41.58
C GLU N 46 13.23 35.71 -42.41
N LYS N 47 13.77 34.52 -42.63
CA LYS N 47 13.01 33.40 -43.17
C LYS N 47 13.71 32.12 -42.73
N SER N 48 13.01 31.01 -42.89
CA SER N 48 13.53 29.72 -42.48
C SER N 48 13.80 28.87 -43.70
N VAL N 49 14.87 28.10 -43.65
CA VAL N 49 15.31 27.27 -44.77
C VAL N 49 15.48 25.84 -44.30
N ARG N 50 15.25 24.90 -45.19
CA ARG N 50 15.38 23.48 -44.88
C ARG N 50 16.69 22.99 -45.46
N GLY N 51 17.66 22.75 -44.61
CA GLY N 51 18.97 22.34 -45.08
C GLY N 51 19.04 20.88 -45.45
N THR N 52 19.25 20.59 -46.73
CA THR N 52 19.46 19.23 -47.16
C THR N 52 20.91 18.83 -46.93
N ILE N 53 21.25 17.60 -47.31
CA ILE N 53 22.60 17.08 -47.11
C ILE N 53 23.27 16.95 -48.48
N SER N 54 24.37 17.67 -48.66
CA SER N 54 25.02 17.64 -49.95
C SER N 54 26.54 17.68 -49.90
N ASN N 55 27.17 17.44 -48.76
CA ASN N 55 28.62 17.48 -48.72
C ASN N 55 29.22 16.13 -49.13
N ARG N 56 30.53 16.10 -49.24
CA ARG N 56 31.23 14.84 -49.37
C ARG N 56 31.16 14.07 -48.07
N LEU N 57 31.28 12.76 -48.15
CA LEU N 57 31.30 11.94 -46.96
C LEU N 57 32.66 11.28 -46.78
N LYS N 58 32.92 10.86 -45.54
CA LYS N 58 34.23 10.35 -45.17
C LYS N 58 34.48 8.93 -45.68
N THR N 59 33.46 8.27 -46.23
CA THR N 59 33.44 6.89 -46.73
C THR N 59 33.67 5.83 -45.65
N LYS N 60 33.84 6.25 -44.40
CA LYS N 60 33.50 5.42 -43.27
C LYS N 60 32.03 5.57 -42.91
N ASP N 61 31.35 6.54 -43.52
CA ASP N 61 29.92 6.73 -43.39
C ASP N 61 29.25 6.68 -44.76
N ARG N 62 29.74 5.84 -45.64
CA ARG N 62 29.15 5.66 -46.96
C ARG N 62 28.16 4.51 -47.01
N ASP N 63 27.85 3.90 -45.87
CA ASP N 63 26.83 2.86 -45.84
C ASP N 63 25.46 3.48 -46.06
N PRO N 64 24.60 2.88 -46.88
CA PRO N 64 23.35 3.55 -47.25
C PRO N 64 22.33 3.65 -46.14
N ALA N 65 22.46 2.83 -45.09
CA ALA N 65 21.50 2.86 -44.00
C ALA N 65 21.58 4.18 -43.24
N LYS N 66 22.78 4.55 -42.80
CA LYS N 66 22.94 5.81 -42.08
C LYS N 66 22.75 7.01 -42.98
N LEU N 67 23.02 6.85 -44.28
CA LEU N 67 22.76 7.91 -45.24
C LEU N 67 21.27 8.20 -45.35
N ASP N 68 20.47 7.16 -45.54
CA ASP N 68 19.02 7.36 -45.62
C ASP N 68 18.44 7.78 -44.29
N ALA N 69 19.06 7.37 -43.18
CA ALA N 69 18.63 7.86 -41.87
C ALA N 69 18.92 9.35 -41.72
N SER N 70 20.00 9.83 -42.34
CA SER N 70 20.28 11.25 -42.33
C SER N 70 19.30 12.02 -43.19
N ILE N 71 18.88 11.42 -44.30
CA ILE N 71 17.87 12.06 -45.15
C ILE N 71 16.50 12.03 -44.48
N GLN N 72 16.30 11.10 -43.54
CA GLN N 72 15.05 11.06 -42.79
C GLN N 72 14.86 12.31 -41.94
N SER N 73 15.91 12.77 -41.27
CA SER N 73 15.82 13.91 -40.35
C SER N 73 16.68 15.06 -40.84
N PRO N 74 16.12 16.02 -41.54
CA PRO N 74 16.87 17.22 -41.91
C PRO N 74 16.87 18.22 -40.76
N ASN N 75 17.71 19.23 -40.91
CA ASN N 75 17.87 20.26 -39.88
C ASN N 75 17.53 21.63 -40.45
N LEU N 76 16.91 22.46 -39.63
CA LEU N 76 16.38 23.75 -40.06
C LEU N 76 17.12 24.89 -39.39
N GLN N 77 17.06 26.06 -40.00
CA GLN N 77 17.74 27.22 -39.46
C GLN N 77 17.09 28.48 -40.01
N THR N 78 17.33 29.58 -39.31
CA THR N 78 16.82 30.89 -39.70
C THR N 78 17.93 31.69 -40.36
N VAL N 79 17.57 32.51 -41.35
CA VAL N 79 18.51 33.15 -42.25
C VAL N 79 18.06 34.58 -42.49
N ASP N 80 19.01 35.50 -42.50
CA ASP N 80 18.73 36.89 -42.84
C ASP N 80 18.65 37.06 -44.35
N VAL N 81 17.84 38.00 -44.80
CA VAL N 81 17.63 38.17 -46.23
C VAL N 81 17.27 39.63 -46.49
N ALA N 82 17.48 40.06 -47.72
CA ALA N 82 17.14 41.40 -48.14
C ALA N 82 16.68 41.35 -49.59
N ASN N 83 15.62 42.09 -49.90
CA ASN N 83 15.09 42.11 -51.24
C ASN N 83 14.64 43.51 -51.60
N LEU N 84 14.51 43.76 -52.89
CA LEU N 84 13.83 44.95 -53.32
C LEU N 84 12.34 44.79 -53.06
N PRO N 85 11.61 45.91 -52.92
CA PRO N 85 10.16 45.84 -52.92
C PRO N 85 9.63 45.33 -54.25
N SER N 86 8.43 44.76 -54.20
CA SER N 86 7.88 44.02 -55.33
C SER N 86 7.50 44.90 -56.51
N ASP N 87 7.52 46.22 -56.36
CA ASP N 87 7.22 47.13 -57.46
C ASP N 87 8.43 47.92 -57.92
N ALA N 88 9.43 48.11 -57.07
CA ALA N 88 10.64 48.81 -57.42
C ALA N 88 11.59 47.89 -58.16
N ASP N 89 12.46 48.46 -58.98
CA ASP N 89 13.39 47.67 -59.77
C ASP N 89 14.79 48.27 -59.81
N THR N 90 15.06 49.31 -59.04
CA THR N 90 16.33 50.01 -59.11
C THR N 90 16.92 50.10 -57.71
N LEU N 91 18.21 49.84 -57.60
CA LEU N 91 18.92 49.86 -56.34
C LEU N 91 19.85 51.07 -56.30
N LYS N 92 19.69 51.91 -55.29
CA LYS N 92 20.51 53.10 -55.14
C LYS N 92 21.45 52.91 -53.97
N VAL N 93 22.73 53.18 -54.19
CA VAL N 93 23.76 53.04 -53.18
C VAL N 93 24.52 54.36 -53.11
N ARG N 94 24.60 54.94 -51.90
CA ARG N 94 25.17 56.26 -51.72
C ARG N 94 26.19 56.25 -50.60
N PHE N 95 27.37 56.84 -50.85
CA PHE N 95 28.37 57.02 -49.82
C PHE N 95 29.24 58.21 -50.19
N THR N 96 30.05 58.64 -49.23
CA THR N 96 30.98 59.75 -49.41
C THR N 96 32.42 59.27 -49.27
N LEU N 97 33.33 60.02 -49.86
CA LEU N 97 34.73 59.66 -49.89
C LEU N 97 35.59 60.90 -49.70
N ARG N 98 36.57 60.80 -48.81
CA ARG N 98 37.43 61.93 -48.46
C ARG N 98 38.86 61.61 -48.86
N VAL N 99 39.42 62.44 -49.74
CA VAL N 99 40.82 62.33 -50.14
C VAL N 99 41.62 63.32 -49.31
N LEU N 100 42.74 62.87 -48.75
CA LEU N 100 43.47 63.67 -47.78
C LEU N 100 44.67 64.39 -48.40
N GLY N 101 45.59 63.65 -49.00
CA GLY N 101 46.80 64.26 -49.52
C GLY N 101 47.86 64.42 -48.45
N GLY N 102 49.10 64.58 -48.91
CA GLY N 102 50.22 64.65 -48.01
C GLY N 102 50.57 63.28 -47.47
N ALA N 103 50.98 62.38 -48.37
CA ALA N 103 51.04 60.96 -48.04
C ALA N 103 52.43 60.49 -47.61
N GLY N 104 53.46 61.29 -47.88
CA GLY N 104 54.82 60.79 -47.66
C GLY N 104 55.19 60.66 -46.21
N THR N 105 54.62 61.49 -45.36
CA THR N 105 55.00 61.51 -43.95
C THR N 105 54.45 60.31 -43.20
N PRO N 106 55.23 59.66 -42.35
CA PRO N 106 54.68 58.62 -41.48
C PRO N 106 53.98 59.24 -40.29
N SER N 107 53.46 58.36 -39.44
CA SER N 107 52.81 58.79 -38.22
C SER N 107 53.65 58.55 -36.98
N ALA N 108 54.63 57.65 -37.05
CA ALA N 108 55.50 57.37 -35.94
C ALA N 108 56.80 56.81 -36.48
N CYS N 109 57.88 57.03 -35.74
CA CYS N 109 59.20 56.58 -36.16
C CYS N 109 60.12 56.55 -34.95
N ASN N 110 61.37 56.16 -35.21
CA ASN N 110 62.41 56.21 -34.20
C ASN N 110 63.67 56.93 -34.68
N ASP N 111 64.04 56.75 -35.95
CA ASP N 111 65.23 57.39 -36.49
C ASP N 111 64.86 58.59 -37.33
N ALA N 112 65.54 59.70 -37.10
CA ALA N 112 65.32 60.89 -37.91
C ALA N 112 65.92 60.74 -39.30
N ALA N 113 67.05 60.04 -39.40
CA ALA N 113 67.69 59.87 -40.70
C ALA N 113 66.84 58.99 -41.62
N TYR N 114 66.14 58.02 -41.04
CA TYR N 114 65.27 57.15 -41.82
C TYR N 114 64.13 57.93 -42.44
N ARG N 115 63.42 58.73 -41.63
CA ARG N 115 62.29 59.47 -42.15
C ARG N 115 62.73 60.57 -43.09
N ASP N 116 63.90 61.17 -42.85
CA ASP N 116 64.41 62.17 -43.77
C ASP N 116 64.78 61.54 -45.12
N LYS N 117 65.36 60.35 -45.08
CA LYS N 117 65.75 59.66 -46.30
C LYS N 117 64.53 59.27 -47.12
N LEU N 118 63.50 58.73 -46.47
CA LEU N 118 62.32 58.37 -47.24
C LEU N 118 61.52 59.59 -47.66
N LEU N 119 61.63 60.69 -46.93
CA LEU N 119 61.01 61.93 -47.35
C LEU N 119 61.66 62.46 -48.63
N GLN N 120 62.99 62.35 -48.70
CA GLN N 120 63.68 62.71 -49.93
C GLN N 120 63.31 61.77 -51.07
N THR N 121 63.10 60.48 -50.74
CA THR N 121 62.73 59.51 -51.76
C THR N 121 61.37 59.81 -52.35
N VAL N 122 60.38 60.09 -51.50
CA VAL N 122 59.04 60.39 -52.01
C VAL N 122 59.01 61.77 -52.67
N ALA N 123 59.91 62.68 -52.25
CA ALA N 123 60.01 63.96 -52.92
C ALA N 123 60.56 63.80 -54.32
N THR N 124 61.54 62.91 -54.49
CA THR N 124 62.07 62.64 -55.82
C THR N 124 61.03 61.95 -56.68
N TYR N 125 60.23 61.07 -56.08
CA TYR N 125 59.16 60.41 -56.82
C TYR N 125 58.13 61.40 -57.32
N VAL N 126 57.68 62.30 -56.44
CA VAL N 126 56.66 63.26 -56.84
C VAL N 126 57.25 64.31 -57.77
N ASN N 127 58.57 64.52 -57.74
CA ASN N 127 59.17 65.48 -58.67
C ASN N 127 59.32 64.87 -60.06
N GLU N 128 59.66 63.58 -60.11
CA GLU N 128 59.89 62.95 -61.42
C GLU N 128 58.58 62.79 -62.18
N GLN N 129 57.51 62.45 -61.49
CA GLN N 129 56.18 62.43 -62.07
C GLN N 129 55.16 62.68 -60.97
N GLY N 130 53.99 63.15 -61.37
CA GLY N 130 52.92 63.39 -60.43
C GLY N 130 52.21 62.11 -60.06
N PHE N 131 51.00 62.26 -59.56
CA PHE N 131 50.14 61.13 -59.25
C PHE N 131 49.22 60.78 -60.40
N ALA N 132 49.62 61.07 -61.63
CA ALA N 132 48.69 61.05 -62.76
C ALA N 132 48.26 59.63 -63.11
N GLU N 133 49.19 58.68 -63.05
CA GLU N 133 48.84 57.30 -63.34
C GLU N 133 47.99 56.71 -62.23
N LEU N 134 48.35 57.02 -60.98
CA LEU N 134 47.62 56.48 -59.84
C LEU N 134 46.22 57.05 -59.76
N ALA N 135 46.09 58.37 -59.97
CA ALA N 135 44.76 58.97 -59.94
C ALA N 135 43.94 58.57 -61.16
N ARG N 136 44.62 58.30 -62.28
CA ARG N 136 43.92 57.80 -63.45
C ARG N 136 43.32 56.43 -63.17
N ARG N 137 44.08 55.57 -62.50
CA ARG N 137 43.57 54.24 -62.20
C ARG N 137 42.52 54.29 -61.11
N TYR N 138 42.64 55.23 -60.16
CA TYR N 138 41.61 55.40 -59.13
C TYR N 138 40.30 55.87 -59.72
N ALA N 139 40.36 56.84 -60.62
CA ALA N 139 39.14 57.31 -61.27
C ALA N 139 38.57 56.25 -62.20
N HIS N 140 39.43 55.39 -62.74
CA HIS N 140 38.94 54.28 -63.54
C HIS N 140 38.16 53.30 -62.67
N ASN N 141 38.69 52.97 -61.50
CA ASN N 141 37.98 52.08 -60.59
C ASN N 141 36.71 52.72 -60.05
N LEU N 142 36.67 54.05 -59.98
CA LEU N 142 35.46 54.75 -59.61
C LEU N 142 34.48 54.87 -60.76
N ALA N 143 34.94 54.76 -62.00
CA ALA N 143 34.04 54.94 -63.14
C ALA N 143 33.11 53.75 -63.29
N ASN N 144 33.66 52.56 -63.50
CA ASN N 144 32.84 51.37 -63.41
C ASN N 144 32.51 51.11 -61.95
N ALA N 145 31.37 50.48 -61.72
CA ALA N 145 30.90 50.28 -60.35
C ALA N 145 31.50 48.99 -59.77
N ARG N 146 32.80 49.04 -59.50
CA ARG N 146 33.44 47.88 -58.91
C ARG N 146 33.07 47.72 -57.45
N PHE N 147 32.58 48.76 -56.81
CA PHE N 147 32.27 48.68 -55.39
C PHE N 147 30.95 47.98 -55.11
N LEU N 148 30.08 47.87 -56.10
CA LEU N 148 28.95 46.95 -56.00
C LEU N 148 29.49 45.58 -56.34
N TRP N 149 29.70 44.74 -55.35
CA TRP N 149 30.46 43.52 -55.59
C TRP N 149 29.65 42.46 -56.33
N ARG N 150 28.63 41.92 -55.68
CA ARG N 150 27.79 40.96 -56.35
C ARG N 150 26.58 41.60 -56.99
N ASN N 151 26.27 42.84 -56.61
CA ASN N 151 25.11 43.51 -57.17
C ASN N 151 25.38 43.97 -58.59
N ARG N 152 26.64 44.09 -58.98
CA ARG N 152 26.94 44.46 -60.37
C ARG N 152 26.73 43.29 -61.32
N VAL N 153 26.81 42.07 -60.80
CA VAL N 153 26.82 40.90 -61.67
C VAL N 153 25.43 40.67 -62.26
N GLY N 154 25.35 40.67 -63.58
CA GLY N 154 24.10 40.40 -64.25
C GLY N 154 23.13 41.55 -64.28
N ALA N 155 23.53 42.73 -63.83
CA ALA N 155 22.68 43.91 -63.95
C ALA N 155 22.57 44.31 -65.42
N GLU N 156 21.51 45.02 -65.76
CA GLU N 156 21.26 45.34 -67.15
C GLU N 156 21.53 46.79 -67.50
N ALA N 157 21.67 47.66 -66.49
CA ALA N 157 22.06 49.05 -66.70
C ALA N 157 22.56 49.59 -65.38
N VAL N 158 23.58 50.44 -65.42
CA VAL N 158 24.11 51.04 -64.21
C VAL N 158 24.72 52.40 -64.52
N GLU N 159 24.27 53.42 -63.79
CA GLU N 159 24.80 54.77 -63.89
C GLU N 159 25.53 55.12 -62.61
N VAL N 160 26.44 56.07 -62.70
CA VAL N 160 27.18 56.58 -61.55
C VAL N 160 27.24 58.10 -61.65
N ARG N 161 26.78 58.79 -60.62
CA ARG N 161 26.91 60.23 -60.55
C ARG N 161 27.85 60.59 -59.42
N ILE N 162 28.81 61.46 -59.70
CA ILE N 162 29.75 61.96 -58.70
C ILE N 162 29.67 63.47 -58.70
N ASN N 163 29.63 64.06 -57.51
CA ASN N 163 29.53 65.51 -57.37
C ASN N 163 30.64 66.01 -56.45
N HIS N 164 31.43 66.95 -56.92
CA HIS N 164 32.44 67.58 -56.10
C HIS N 164 31.78 68.51 -55.11
N ILE N 165 32.08 68.33 -53.84
CA ILE N 165 31.45 69.06 -52.76
C ILE N 165 32.51 69.95 -52.14
N ARG N 166 32.51 71.24 -52.50
CA ARG N 166 33.54 72.13 -51.99
C ARG N 166 33.08 72.85 -50.73
N GLN N 167 32.06 73.67 -50.85
CA GLN N 167 31.26 74.12 -49.72
C GLN N 167 30.09 73.15 -49.61
N GLY N 168 29.06 73.55 -48.88
CA GLY N 168 27.88 72.70 -48.73
C GLY N 168 27.06 72.40 -49.97
N GLU N 169 27.54 72.76 -51.15
CA GLU N 169 26.87 72.55 -52.42
C GLU N 169 27.82 71.90 -53.41
N VAL N 170 27.27 71.55 -54.56
CA VAL N 170 28.02 70.86 -55.60
C VAL N 170 28.90 71.86 -56.35
N ALA N 171 30.13 71.45 -56.65
CA ALA N 171 31.02 72.22 -57.52
C ALA N 171 30.98 71.74 -58.96
N ARG N 172 31.24 70.46 -59.20
CA ARG N 172 31.21 69.90 -60.54
C ARG N 172 30.64 68.49 -60.49
N THR N 173 29.91 68.13 -61.54
CA THR N 173 29.24 66.84 -61.61
C THR N 173 29.82 66.00 -62.73
N TRP N 174 29.63 64.70 -62.62
CA TRP N 174 29.96 63.76 -63.69
C TRP N 174 28.85 62.74 -63.80
N ARG N 175 28.81 62.04 -64.92
CA ARG N 175 27.98 60.85 -65.05
C ARG N 175 28.65 59.90 -66.02
N PHE N 176 28.38 58.61 -65.82
CA PHE N 176 29.07 57.57 -66.57
C PHE N 176 28.11 56.43 -66.86
N ASP N 177 28.45 55.65 -67.88
CA ASP N 177 27.83 54.36 -68.12
C ASP N 177 28.87 53.32 -67.69
N ALA N 178 28.64 52.72 -66.53
CA ALA N 178 29.65 51.87 -65.89
C ALA N 178 29.84 50.56 -66.62
N LEU N 179 28.91 50.15 -67.47
CA LEU N 179 29.13 48.99 -68.31
C LEU N 179 29.99 49.29 -69.51
N ALA N 180 30.04 50.54 -69.94
CA ALA N 180 30.93 50.90 -71.04
C ALA N 180 32.39 50.83 -70.62
N ILE N 181 32.72 51.36 -69.44
CA ILE N 181 34.04 51.20 -68.88
C ILE N 181 34.18 49.74 -68.45
N GLY N 182 35.14 49.04 -69.03
CA GLY N 182 35.33 47.65 -68.68
C GLY N 182 35.92 47.47 -67.30
N LEU N 183 35.86 46.23 -66.83
CA LEU N 183 36.48 45.84 -65.59
C LEU N 183 37.90 45.35 -65.79
N ARG N 184 38.39 45.37 -67.02
CA ARG N 184 39.53 44.56 -67.43
C ARG N 184 40.77 45.38 -67.71
N ASP N 185 40.62 46.58 -68.25
CA ASP N 185 41.76 47.38 -68.68
C ASP N 185 41.62 48.82 -68.22
N PHE N 186 42.50 49.69 -68.70
CA PHE N 186 42.51 51.10 -68.35
C PHE N 186 42.58 51.92 -69.64
N LYS N 187 41.43 52.39 -70.08
CA LYS N 187 41.33 53.25 -71.25
C LYS N 187 41.52 54.70 -70.82
N ALA N 188 41.20 55.64 -71.70
CA ALA N 188 41.32 57.06 -71.39
C ALA N 188 40.12 57.80 -71.96
N ASP N 189 39.65 58.80 -71.21
CA ASP N 189 38.52 59.61 -71.62
C ASP N 189 38.59 60.93 -70.88
N ALA N 190 38.13 61.99 -71.54
CA ALA N 190 38.42 63.36 -71.12
C ALA N 190 37.80 63.70 -69.78
N GLU N 191 36.56 63.26 -69.55
CA GLU N 191 35.92 63.47 -68.26
C GLU N 191 36.62 62.70 -67.16
N LEU N 192 37.04 61.47 -67.47
CA LEU N 192 37.82 60.68 -66.53
C LEU N 192 39.17 61.33 -66.28
N ASP N 193 39.74 61.98 -67.29
CA ASP N 193 41.00 62.69 -67.10
C ASP N 193 40.83 63.89 -66.19
N ALA N 194 39.73 64.62 -66.33
CA ALA N 194 39.48 65.78 -65.47
C ALA N 194 39.25 65.34 -64.03
N LEU N 195 38.54 64.23 -63.85
CA LEU N 195 38.36 63.68 -62.52
C LEU N 195 39.68 63.22 -61.92
N ALA N 196 40.53 62.61 -62.74
CA ALA N 196 41.83 62.17 -62.26
C ALA N 196 42.71 63.36 -61.89
N GLU N 197 42.59 64.46 -62.62
CA GLU N 197 43.32 65.67 -62.27
C GLU N 197 42.82 66.25 -60.95
N LEU N 198 41.52 66.17 -60.71
CA LEU N 198 40.97 66.63 -59.44
C LEU N 198 41.48 65.78 -58.28
N ILE N 199 41.53 64.47 -58.47
CA ILE N 199 42.01 63.57 -57.42
C ILE N 199 43.50 63.78 -57.20
N ALA N 200 44.25 64.02 -58.27
CA ALA N 200 45.69 64.26 -58.15
C ALA N 200 45.97 65.57 -57.43
N SER N 201 45.15 66.59 -57.68
CA SER N 201 45.32 67.85 -56.98
C SER N 201 44.97 67.69 -55.50
N GLY N 202 44.00 66.82 -55.20
CA GLY N 202 43.72 66.52 -53.81
C GLY N 202 44.85 65.76 -53.14
N LEU N 203 45.50 64.86 -53.89
CA LEU N 203 46.48 63.99 -53.29
C LEU N 203 47.81 64.69 -53.05
N SER N 204 48.07 65.76 -53.79
CA SER N 204 49.34 66.46 -53.64
C SER N 204 49.33 67.48 -52.50
N GLY N 205 48.27 67.53 -51.70
CA GLY N 205 48.17 68.53 -50.67
C GLY N 205 47.83 69.91 -51.17
N SER N 206 47.40 70.04 -52.43
CA SER N 206 47.07 71.33 -53.02
C SER N 206 45.66 71.79 -52.73
N GLY N 207 45.05 71.28 -51.66
CA GLY N 207 43.67 71.59 -51.35
C GLY N 207 42.94 70.32 -51.04
N HIS N 208 41.90 70.44 -50.22
CA HIS N 208 41.15 69.29 -49.77
C HIS N 208 39.93 69.11 -50.66
N VAL N 209 39.52 67.86 -50.85
CA VAL N 209 38.41 67.53 -51.73
C VAL N 209 37.49 66.56 -51.01
N LEU N 210 36.19 66.74 -51.19
CA LEU N 210 35.18 65.85 -50.65
C LEU N 210 34.22 65.48 -51.75
N LEU N 211 33.92 64.19 -51.85
CA LEU N 211 33.09 63.68 -52.94
C LEU N 211 32.00 62.80 -52.37
N GLU N 212 30.84 62.85 -52.99
CA GLU N 212 29.77 61.91 -52.72
C GLU N 212 29.48 61.14 -54.00
N VAL N 213 29.29 59.84 -53.85
CA VAL N 213 29.06 58.95 -54.99
C VAL N 213 27.69 58.32 -54.82
N VAL N 214 26.95 58.22 -55.91
CA VAL N 214 25.71 57.46 -55.95
C VAL N 214 25.77 56.53 -57.13
N ALA N 215 25.18 55.35 -57.00
CA ALA N 215 25.17 54.36 -58.05
C ALA N 215 23.79 53.73 -58.14
N PHE N 216 23.25 53.71 -59.34
CA PHE N 216 21.94 53.13 -59.60
C PHE N 216 22.16 51.85 -60.37
N ALA N 217 21.42 50.81 -60.03
CA ALA N 217 21.52 49.53 -60.70
C ALA N 217 20.13 49.00 -61.01
N ARG N 218 19.90 48.66 -62.27
CA ARG N 218 18.59 48.18 -62.72
C ARG N 218 18.61 46.65 -62.63
N ILE N 219 17.94 46.12 -61.61
CA ILE N 219 17.98 44.69 -61.37
C ILE N 219 16.67 44.02 -61.77
N GLY N 220 15.59 44.40 -61.11
CA GLY N 220 14.30 43.77 -61.34
C GLY N 220 13.50 43.73 -60.05
N ASP N 221 12.21 43.47 -60.20
CA ASP N 221 11.30 43.53 -59.07
C ASP N 221 11.51 42.37 -58.13
N GLY N 222 11.57 42.66 -56.84
CA GLY N 222 11.65 41.63 -55.82
C GLY N 222 12.91 40.82 -55.81
N GLN N 223 13.97 41.27 -56.49
CA GLN N 223 15.15 40.45 -56.62
C GLN N 223 16.02 40.54 -55.36
N GLU N 224 17.06 39.75 -55.36
CA GLU N 224 17.96 39.67 -54.21
C GLU N 224 19.03 40.73 -54.31
N VAL N 225 19.35 41.35 -53.18
CA VAL N 225 20.50 42.23 -53.07
C VAL N 225 21.45 41.64 -52.04
N PHE N 226 22.65 42.19 -51.96
CA PHE N 226 23.72 41.60 -51.17
C PHE N 226 24.42 42.66 -50.34
N PRO N 227 23.96 42.89 -49.12
CA PRO N 227 24.74 43.69 -48.18
C PRO N 227 25.88 42.88 -47.60
N SER N 228 26.81 43.58 -46.97
CA SER N 228 27.87 42.91 -46.25
C SER N 228 27.30 42.21 -45.04
N GLN N 229 27.94 41.13 -44.63
CA GLN N 229 27.37 40.29 -43.59
C GLN N 229 28.38 40.01 -42.49
N GLU N 230 27.85 39.84 -41.30
CA GLU N 230 28.61 39.89 -40.06
C GLU N 230 29.09 38.50 -39.66
N LEU N 231 29.50 38.36 -38.41
CA LEU N 231 30.18 37.18 -37.91
C LEU N 231 29.35 36.54 -36.81
N ILE N 232 29.36 35.22 -36.75
CA ILE N 232 28.59 34.47 -35.78
C ILE N 232 29.51 33.48 -35.10
N LEU N 233 29.56 33.53 -33.77
CA LEU N 233 30.37 32.60 -33.01
C LEU N 233 29.58 31.44 -32.45
N ASP N 234 28.55 31.70 -31.66
CA ASP N 234 27.75 30.66 -31.05
C ASP N 234 26.45 30.51 -31.81
N LYS N 235 25.82 29.35 -31.65
CA LYS N 235 24.52 29.12 -32.26
C LYS N 235 23.79 28.10 -31.39
N GLY N 236 22.94 28.58 -30.50
CA GLY N 236 22.24 27.70 -29.58
C GLY N 236 20.73 27.81 -29.77
N ASP N 237 20.00 27.15 -28.88
CA ASP N 237 18.55 27.16 -28.97
C ASP N 237 17.94 28.37 -28.26
N LYS N 238 18.71 29.10 -27.47
CA LYS N 238 18.24 30.40 -26.99
C LYS N 238 18.08 31.37 -28.15
N LYS N 239 18.92 31.25 -29.17
CA LYS N 239 18.68 31.88 -30.46
C LYS N 239 17.78 30.98 -31.29
N GLY N 240 17.25 31.52 -32.37
CA GLY N 240 16.39 30.72 -33.21
C GLY N 240 17.12 29.94 -34.27
N GLN N 241 18.28 29.35 -33.89
CA GLN N 241 19.26 28.79 -34.80
C GLN N 241 19.64 29.81 -35.87
N LYS N 242 19.97 31.01 -35.43
CA LYS N 242 20.33 32.08 -36.33
C LYS N 242 21.68 31.79 -36.94
N SER N 243 21.72 31.68 -38.26
CA SER N 243 22.91 31.17 -38.93
C SER N 243 23.47 32.14 -39.97
N LYS N 244 22.86 33.31 -40.14
CA LYS N 244 23.38 34.30 -41.07
C LYS N 244 22.89 35.67 -40.65
N THR N 245 23.81 36.63 -40.53
CA THR N 245 23.47 37.95 -40.06
C THR N 245 24.01 38.99 -41.02
N LEU N 246 23.15 39.90 -41.45
CA LEU N 246 23.53 40.96 -42.38
C LEU N 246 23.79 42.25 -41.61
N TYR N 247 24.68 43.07 -42.14
CA TYR N 247 25.06 44.29 -41.46
C TYR N 247 24.07 45.40 -41.76
N SER N 248 23.71 46.16 -40.75
CA SER N 248 22.70 47.18 -40.93
C SER N 248 23.00 48.40 -40.07
N VAL N 249 22.68 49.57 -40.60
CA VAL N 249 22.91 50.84 -39.93
C VAL N 249 21.58 51.56 -39.82
N ARG N 250 21.10 51.72 -38.59
CA ARG N 250 19.83 52.38 -38.27
C ARG N 250 18.66 51.77 -39.04
N ASP N 251 18.66 50.43 -39.07
CA ASP N 251 17.70 49.61 -39.81
C ASP N 251 17.69 49.97 -41.31
N ALA N 252 18.86 49.84 -41.92
CA ALA N 252 18.99 49.97 -43.36
C ALA N 252 20.16 49.10 -43.78
N ALA N 253 20.01 48.37 -44.89
CA ALA N 253 21.04 47.44 -45.30
C ALA N 253 22.26 48.19 -45.80
N ALA N 254 23.44 47.76 -45.37
CA ALA N 254 24.63 48.55 -45.61
C ALA N 254 25.80 47.65 -46.00
N ILE N 255 26.86 48.29 -46.48
CA ILE N 255 28.12 47.65 -46.82
C ILE N 255 29.20 48.24 -45.94
N HIS N 256 30.11 47.40 -45.47
CA HIS N 256 31.24 47.85 -44.67
C HIS N 256 32.12 48.81 -45.45
N SER N 257 32.78 49.71 -44.72
CA SER N 257 33.62 50.71 -45.37
C SER N 257 34.88 50.09 -45.94
N GLN N 258 35.43 49.09 -45.25
CA GLN N 258 36.63 48.43 -45.74
C GLN N 258 36.35 47.60 -46.99
N LYS N 259 35.08 47.21 -47.20
CA LYS N 259 34.70 46.55 -48.44
C LYS N 259 34.81 47.51 -49.62
N ILE N 260 34.34 48.74 -49.44
CA ILE N 260 34.45 49.75 -50.48
C ILE N 260 35.90 50.12 -50.70
N GLY N 261 36.67 50.19 -49.62
CA GLY N 261 38.09 50.50 -49.74
C GLY N 261 38.86 49.43 -50.48
N ASN N 262 38.51 48.17 -50.23
CA ASN N 262 39.17 47.07 -50.93
C ASN N 262 38.75 47.03 -52.38
N ALA N 263 37.51 47.40 -52.67
CA ALA N 263 37.10 47.45 -54.07
C ALA N 263 37.67 48.65 -54.80
N LEU N 264 38.13 49.65 -54.06
CA LEU N 264 38.62 50.86 -54.71
C LEU N 264 40.01 50.68 -55.28
N ARG N 265 40.91 50.03 -54.53
CA ARG N 265 42.33 50.03 -54.85
C ARG N 265 42.77 48.79 -55.60
N THR N 266 41.91 48.23 -56.44
CA THR N 266 42.31 47.11 -57.29
C THR N 266 42.92 47.69 -58.56
N ILE N 267 44.23 47.95 -58.52
CA ILE N 267 44.89 48.69 -59.59
C ILE N 267 46.15 47.98 -60.05
N ASP N 268 46.61 47.01 -59.26
CA ASP N 268 47.93 46.41 -59.48
C ASP N 268 47.89 45.49 -60.68
N THR N 269 48.45 45.95 -61.79
CA THR N 269 48.65 45.13 -62.98
C THR N 269 50.12 44.83 -63.21
N TRP N 270 50.92 44.81 -62.14
CA TRP N 270 52.36 44.65 -62.25
C TRP N 270 52.88 43.48 -61.44
N TYR N 271 52.01 42.57 -61.03
CA TYR N 271 52.47 41.36 -60.38
C TYR N 271 53.13 40.47 -61.43
N PRO N 272 54.19 39.74 -61.06
CA PRO N 272 55.03 39.11 -62.09
C PRO N 272 54.44 37.88 -62.73
N ASP N 273 53.33 37.35 -62.20
CA ASP N 273 52.88 36.03 -62.62
C ASP N 273 52.34 36.04 -64.05
N GLU N 274 51.28 36.79 -64.29
CA GLU N 274 50.64 36.79 -65.61
C GLU N 274 49.89 38.10 -65.77
N ASP N 275 49.15 38.19 -66.88
CA ASP N 275 48.29 39.33 -67.15
C ASP N 275 46.92 38.93 -67.66
N GLY N 276 46.66 37.64 -67.83
CA GLY N 276 45.35 37.19 -68.27
C GLY N 276 44.26 37.30 -67.22
N LEU N 277 44.63 37.55 -65.96
CA LEU N 277 43.61 37.71 -64.93
C LEU N 277 43.06 39.13 -64.90
N GLY N 278 43.90 40.11 -64.58
CA GLY N 278 43.45 41.46 -64.38
C GLY N 278 44.08 42.08 -63.15
N PRO N 279 43.66 43.30 -62.83
CA PRO N 279 44.23 43.99 -61.66
C PRO N 279 43.75 43.38 -60.36
N ILE N 280 44.60 43.50 -59.34
CA ILE N 280 44.25 43.09 -57.98
C ILE N 280 44.53 44.25 -57.05
N ALA N 281 44.14 44.08 -55.80
CA ALA N 281 44.38 45.10 -54.79
C ALA N 281 45.84 45.11 -54.38
N VAL N 282 46.27 46.21 -53.78
CA VAL N 282 47.66 46.41 -53.40
C VAL N 282 47.80 46.11 -51.92
N GLU N 283 48.83 45.33 -51.60
CA GLU N 283 49.09 44.86 -50.25
C GLU N 283 50.49 44.25 -50.22
N PRO N 284 51.12 44.16 -49.05
CA PRO N 284 52.38 43.41 -48.96
C PRO N 284 52.14 41.94 -49.18
N TYR N 285 52.99 41.33 -50.00
CA TYR N 285 52.84 39.96 -50.51
C TYR N 285 51.47 39.78 -51.15
N GLY N 286 51.29 40.42 -52.31
CA GLY N 286 50.00 40.60 -52.95
C GLY N 286 49.12 39.37 -53.09
N SER N 287 48.05 39.35 -52.29
CA SER N 287 47.33 38.13 -51.99
C SER N 287 45.87 38.28 -52.33
N VAL N 288 45.27 37.18 -52.77
CA VAL N 288 43.85 37.11 -53.08
C VAL N 288 43.25 35.99 -52.25
N THR N 289 42.44 36.35 -51.26
CA THR N 289 41.85 35.34 -50.38
C THR N 289 40.79 34.52 -51.08
N SER N 290 40.22 35.05 -52.16
CA SER N 290 39.28 34.27 -52.96
C SER N 290 39.95 33.14 -53.71
N GLN N 291 41.25 33.23 -53.96
CA GLN N 291 41.99 32.15 -54.59
C GLN N 291 42.95 31.44 -53.65
N GLY N 292 43.23 32.01 -52.49
CA GLY N 292 44.09 31.35 -51.53
C GLY N 292 45.55 31.31 -51.92
N LYS N 293 45.99 32.26 -52.72
CA LYS N 293 47.33 32.25 -53.28
C LYS N 293 47.95 33.62 -53.14
N ALA N 294 49.27 33.66 -53.11
CA ALA N 294 50.02 34.91 -52.97
C ALA N 294 50.83 35.15 -54.23
N TYR N 295 50.54 36.24 -54.90
CA TYR N 295 51.48 36.82 -55.83
C TYR N 295 52.46 37.67 -55.04
N ARG N 296 53.57 38.03 -55.70
CA ARG N 296 54.69 38.75 -55.10
C ARG N 296 55.21 38.02 -53.86
N GLN N 297 55.62 36.78 -54.07
CA GLN N 297 56.22 35.98 -53.02
C GLN N 297 57.54 36.59 -52.57
N PRO N 298 57.95 36.36 -51.32
CA PRO N 298 59.26 36.88 -50.90
C PRO N 298 60.43 36.07 -51.42
N LYS N 299 60.20 34.86 -51.95
CA LYS N 299 61.24 34.18 -52.68
C LYS N 299 61.55 34.91 -53.98
N GLN N 300 60.53 35.42 -54.63
CA GLN N 300 60.74 36.45 -55.64
C GLN N 300 61.19 37.74 -54.96
N LYS N 301 61.94 38.54 -55.69
CA LYS N 301 62.37 39.83 -55.18
C LYS N 301 61.41 40.93 -55.64
N LEU N 302 60.13 40.76 -55.32
CA LEU N 302 59.13 41.70 -55.77
C LEU N 302 58.06 42.02 -54.75
N ASP N 303 58.16 41.56 -53.52
CA ASP N 303 57.22 42.00 -52.51
C ASP N 303 57.60 43.39 -52.01
N PHE N 304 56.78 43.92 -51.12
CA PHE N 304 56.84 45.35 -50.81
C PHE N 304 58.04 45.68 -49.93
N TYR N 305 58.35 44.82 -48.97
CA TYR N 305 59.36 45.14 -47.97
C TYR N 305 60.76 45.19 -48.58
N THR N 306 61.09 44.21 -49.41
CA THR N 306 62.41 44.19 -50.04
C THR N 306 62.55 45.31 -51.06
N LEU N 307 61.45 45.65 -51.74
CA LEU N 307 61.48 46.77 -52.68
C LEU N 307 61.70 48.09 -51.96
N LEU N 308 61.10 48.24 -50.78
CA LEU N 308 61.30 49.44 -49.99
C LEU N 308 62.73 49.54 -49.47
N ASP N 309 63.28 48.42 -49.00
CA ASP N 309 64.64 48.43 -48.47
C ASP N 309 65.66 48.65 -49.58
N ASN N 310 65.35 48.21 -50.80
CA ASN N 310 66.27 48.47 -51.89
C ASN N 310 66.15 49.90 -52.38
N TRP N 311 64.96 50.51 -52.28
CA TRP N 311 64.85 51.89 -52.73
C TRP N 311 65.46 52.85 -51.72
N VAL N 312 65.22 52.64 -50.43
CA VAL N 312 65.58 53.64 -49.44
C VAL N 312 66.91 53.31 -48.76
N LEU N 313 67.08 52.07 -48.31
CA LEU N 313 68.25 51.76 -47.48
C LEU N 313 69.52 51.63 -48.31
N ARG N 314 69.41 51.08 -49.51
CA ARG N 314 70.59 50.89 -50.35
C ARG N 314 70.48 51.56 -51.70
N ASP N 315 69.44 52.37 -51.91
CA ASP N 315 69.32 53.33 -53.01
C ASP N 315 69.33 52.68 -54.40
N GLU N 316 68.69 51.52 -54.51
CA GLU N 316 68.44 50.91 -55.81
C GLU N 316 67.00 51.23 -56.18
N ALA N 317 66.81 52.27 -56.98
CA ALA N 317 65.48 52.62 -57.43
C ALA N 317 64.99 51.57 -58.41
N PRO N 318 63.90 50.89 -58.13
CA PRO N 318 63.43 49.84 -59.03
C PRO N 318 62.74 50.40 -60.26
N ALA N 319 62.11 49.52 -61.03
CA ALA N 319 61.35 49.95 -62.20
C ALA N 319 60.18 50.84 -61.78
N VAL N 320 59.71 51.65 -62.74
CA VAL N 320 58.76 52.71 -62.45
C VAL N 320 57.41 52.14 -62.03
N GLU N 321 57.03 50.99 -62.60
CA GLU N 321 55.79 50.34 -62.19
C GLU N 321 55.86 49.83 -60.76
N GLN N 322 57.03 49.31 -60.37
CA GLN N 322 57.17 48.87 -59.00
C GLN N 322 57.27 50.05 -58.05
N GLN N 323 57.73 51.20 -58.55
CA GLN N 323 57.69 52.41 -57.74
C GLN N 323 56.25 52.87 -57.52
N HIS N 324 55.40 52.72 -58.55
CA HIS N 324 53.97 52.96 -58.39
C HIS N 324 53.38 52.03 -57.34
N TYR N 325 53.78 50.77 -57.36
CA TYR N 325 53.28 49.79 -56.39
C TYR N 325 53.67 50.15 -54.97
N VAL N 326 54.92 50.57 -54.77
CA VAL N 326 55.40 50.94 -53.45
C VAL N 326 54.69 52.19 -52.94
N ILE N 327 54.47 53.16 -53.84
CA ILE N 327 53.79 54.38 -53.44
C ILE N 327 52.32 54.10 -53.11
N ALA N 328 51.71 53.17 -53.84
CA ALA N 328 50.32 52.82 -53.54
C ALA N 328 50.22 52.09 -52.20
N ASN N 329 51.21 51.26 -51.87
CA ASN N 329 51.24 50.63 -50.56
C ASN N 329 51.43 51.66 -49.46
N LEU N 330 52.14 52.74 -49.77
CA LEU N 330 52.28 53.81 -48.80
C LEU N 330 50.98 54.60 -48.65
N ILE N 331 50.21 54.73 -49.73
CA ILE N 331 48.93 55.43 -49.66
C ILE N 331 47.93 54.63 -48.84
N ARG N 332 47.95 53.30 -49.00
CA ARG N 332 47.04 52.43 -48.26
C ARG N 332 47.29 52.49 -46.76
N GLY N 333 48.54 52.59 -46.35
CA GLY N 333 48.84 52.76 -44.95
C GLY N 333 48.81 51.47 -44.16
N GLY N 334 49.56 51.40 -43.07
CA GLY N 334 49.59 50.19 -42.28
C GLY N 334 50.70 50.26 -41.26
N VAL N 335 51.07 49.07 -40.76
CA VAL N 335 52.09 48.93 -39.73
C VAL N 335 53.29 48.24 -40.36
N PHE N 336 54.44 48.91 -40.30
CA PHE N 336 55.68 48.37 -40.88
C PHE N 336 56.78 48.53 -39.84
N GLY N 337 57.02 47.49 -39.05
CA GLY N 337 58.04 47.58 -38.02
C GLY N 337 58.57 46.22 -37.60
N GLU N 338 59.05 46.13 -36.37
CA GLU N 338 59.58 44.86 -35.87
C GLU N 338 58.98 44.52 -34.52
N LEU O 6 71.27 75.58 1.59
CA LEU O 6 70.13 74.70 1.74
C LEU O 6 70.29 73.45 0.88
N SER O 7 69.35 72.52 1.01
CA SER O 7 69.35 71.29 0.25
C SER O 7 67.94 70.97 -0.21
N THR O 8 67.79 69.82 -0.86
CA THR O 8 66.48 69.37 -1.29
C THR O 8 65.72 68.73 -0.14
N ALA O 9 64.40 68.89 -0.14
CA ALA O 9 63.58 68.23 0.85
C ALA O 9 63.42 66.75 0.48
N SER O 10 63.04 65.94 1.48
CA SER O 10 62.86 64.52 1.23
C SER O 10 61.57 64.23 0.45
N VAL O 11 60.52 65.01 0.70
CA VAL O 11 59.26 64.83 0.00
C VAL O 11 58.93 66.13 -0.72
N LEU O 12 58.19 66.01 -1.83
CA LEU O 12 57.91 67.17 -2.66
C LEU O 12 56.69 66.87 -3.52
N ALA O 13 55.76 67.80 -3.58
CA ALA O 13 54.54 67.60 -4.36
C ALA O 13 53.97 68.93 -4.81
N PHE O 14 53.45 68.95 -6.03
CA PHE O 14 52.73 70.11 -6.55
C PHE O 14 51.39 69.68 -7.10
N GLU O 15 50.39 70.53 -6.92
CA GLU O 15 49.05 70.28 -7.41
C GLU O 15 48.89 70.71 -8.85
N ARG O 16 47.98 70.05 -9.55
CA ARG O 16 47.68 70.46 -10.92
C ARG O 16 46.79 71.69 -10.94
N LYS O 17 47.17 72.65 -11.77
CA LYS O 17 46.27 73.72 -12.15
C LYS O 17 45.81 73.45 -13.57
N LEU O 18 44.85 74.25 -14.02
CA LEU O 18 44.16 74.11 -15.31
C LEU O 18 43.56 72.71 -15.44
N ASP O 19 42.59 72.43 -14.58
CA ASP O 19 41.90 71.15 -14.63
C ASP O 19 40.82 71.18 -15.70
N PRO O 20 40.87 70.28 -16.67
CA PRO O 20 39.81 70.20 -17.67
C PRO O 20 38.78 69.13 -17.30
N SER O 21 37.70 69.11 -18.08
CA SER O 21 36.65 68.11 -17.95
C SER O 21 36.74 67.13 -19.11
N ASP O 22 35.96 66.06 -19.02
CA ASP O 22 35.92 65.08 -20.09
C ASP O 22 35.07 65.60 -21.23
N ALA O 23 35.66 65.70 -22.41
CA ALA O 23 34.96 66.26 -23.55
C ALA O 23 33.93 65.28 -24.10
N LEU O 24 32.78 65.80 -24.51
CA LEU O 24 31.72 64.96 -25.06
C LEU O 24 31.41 65.36 -26.49
N MET O 25 31.04 64.37 -27.29
CA MET O 25 30.86 64.54 -28.71
C MET O 25 29.39 64.62 -29.07
N SER O 26 29.09 65.42 -30.08
CA SER O 26 27.74 65.55 -30.60
C SER O 26 27.86 66.02 -32.05
N ALA O 27 26.78 65.86 -32.81
CA ALA O 27 26.86 66.09 -34.24
C ALA O 27 25.64 66.83 -34.75
N GLY O 28 25.84 67.53 -35.85
CA GLY O 28 24.77 68.29 -36.46
C GLY O 28 25.25 68.95 -37.73
N ALA O 29 24.45 69.88 -38.23
CA ALA O 29 24.72 70.50 -39.51
C ALA O 29 25.40 71.85 -39.33
N TRP O 30 26.20 72.22 -40.34
CA TRP O 30 26.81 73.54 -40.41
C TRP O 30 25.72 74.59 -40.63
N ALA O 31 26.03 75.83 -40.26
CA ALA O 31 25.16 77.00 -40.19
C ALA O 31 24.02 76.83 -39.20
N GLN O 32 24.05 75.82 -38.35
CA GLN O 32 23.11 75.67 -37.25
C GLN O 32 23.83 75.62 -35.91
N ARG O 33 25.11 75.97 -35.88
CA ARG O 33 25.91 75.78 -34.67
C ARG O 33 25.56 76.78 -33.58
N ASP O 34 24.89 77.87 -33.92
CA ASP O 34 24.39 78.77 -32.89
C ASP O 34 23.22 78.13 -32.14
N ALA O 35 22.40 77.36 -32.85
CA ALA O 35 21.30 76.64 -32.25
C ALA O 35 21.72 75.27 -31.73
N SER O 36 23.02 74.98 -31.73
CA SER O 36 23.52 73.65 -31.37
C SER O 36 23.61 73.51 -29.86
N GLN O 37 22.44 73.50 -29.22
CA GLN O 37 22.35 73.27 -27.79
C GLN O 37 21.83 71.89 -27.46
N GLU O 38 20.90 71.38 -28.25
CA GLU O 38 20.36 70.04 -28.06
C GLU O 38 20.65 69.15 -29.27
N TRP O 39 21.88 69.21 -29.76
CA TRP O 39 22.29 68.30 -30.81
C TRP O 39 22.42 66.90 -30.24
N PRO O 40 22.06 65.87 -31.00
CA PRO O 40 22.13 64.51 -30.46
C PRO O 40 23.56 64.01 -30.38
N ALA O 41 23.77 63.06 -29.48
CA ALA O 41 25.12 62.59 -29.21
C ALA O 41 25.61 61.66 -30.32
N VAL O 42 26.89 61.34 -30.27
CA VAL O 42 27.49 60.37 -31.18
C VAL O 42 27.77 59.12 -30.36
N THR O 43 27.37 57.97 -30.88
CA THR O 43 27.44 56.73 -30.15
C THR O 43 28.37 55.74 -30.84
N VAL O 44 28.80 54.73 -30.10
CA VAL O 44 29.72 53.72 -30.59
C VAL O 44 28.92 52.48 -30.96
N ARG O 45 29.40 51.78 -31.96
CA ARG O 45 28.81 50.52 -32.42
C ARG O 45 29.93 49.50 -32.60
N GLU O 46 29.58 48.36 -33.17
CA GLU O 46 30.53 47.32 -33.48
C GLU O 46 30.39 46.91 -34.93
N LYS O 47 31.45 46.34 -35.48
CA LYS O 47 31.36 45.61 -36.72
C LYS O 47 32.46 44.56 -36.71
N SER O 48 32.50 43.77 -37.77
CA SER O 48 33.45 42.68 -37.88
C SER O 48 34.32 42.87 -39.11
N VAL O 49 35.59 42.49 -39.00
CA VAL O 49 36.57 42.69 -40.05
C VAL O 49 37.25 41.38 -40.37
N ARG O 50 37.57 41.20 -41.65
CA ARG O 50 38.37 40.08 -42.11
C ARG O 50 39.66 40.63 -42.70
N GLY O 51 40.79 40.22 -42.13
CA GLY O 51 42.08 40.76 -42.52
C GLY O 51 42.92 39.76 -43.31
N THR O 52 44.11 40.23 -43.67
CA THR O 52 45.12 39.40 -44.30
C THR O 52 46.42 39.67 -43.60
N ILE O 53 47.38 38.73 -43.72
CA ILE O 53 48.66 38.91 -43.06
C ILE O 53 49.49 39.93 -43.82
N SER O 54 50.00 40.93 -43.10
CA SER O 54 50.77 41.98 -43.72
C SER O 54 52.00 42.40 -42.95
N ASN O 55 52.45 41.62 -41.98
CA ASN O 55 53.62 42.02 -41.21
C ASN O 55 54.91 41.65 -41.92
N ARG O 56 56.01 42.14 -41.39
CA ARG O 56 57.30 41.62 -41.78
C ARG O 56 57.46 40.20 -41.26
N LEU O 57 57.75 39.27 -42.15
CA LEU O 57 57.93 37.87 -41.79
C LEU O 57 59.35 37.63 -41.34
N LYS O 58 59.53 36.62 -40.51
CA LYS O 58 60.88 36.21 -40.14
C LYS O 58 61.53 35.49 -41.30
N THR O 59 62.86 35.40 -41.26
CA THR O 59 63.59 34.73 -42.34
C THR O 59 63.39 33.22 -42.31
N LYS O 60 62.94 32.68 -41.18
CA LYS O 60 62.54 31.28 -41.13
C LYS O 60 61.16 31.04 -41.73
N ASP O 61 60.45 32.10 -42.11
CA ASP O 61 59.08 32.00 -42.60
C ASP O 61 58.98 32.52 -44.03
N ARG O 62 59.94 32.18 -44.87
CA ARG O 62 59.97 32.65 -46.24
C ARG O 62 59.54 31.61 -47.24
N ASP O 63 59.26 30.39 -46.79
CA ASP O 63 58.82 29.33 -47.69
C ASP O 63 57.43 29.64 -48.23
N PRO O 64 57.18 29.44 -49.52
CA PRO O 64 55.85 29.78 -50.07
C PRO O 64 54.73 28.88 -49.59
N ALA O 65 55.04 27.63 -49.24
CA ALA O 65 54.00 26.70 -48.84
C ALA O 65 53.39 27.09 -47.50
N LYS O 66 54.24 27.42 -46.52
CA LYS O 66 53.73 27.87 -45.24
C LYS O 66 53.09 29.25 -45.35
N LEU O 67 53.48 30.04 -46.35
CA LEU O 67 52.84 31.32 -46.59
C LEU O 67 51.42 31.14 -47.08
N ASP O 68 51.21 30.21 -48.02
CA ASP O 68 49.87 29.95 -48.51
C ASP O 68 49.02 29.27 -47.43
N ALA O 69 49.65 28.45 -46.58
CA ALA O 69 48.93 27.84 -45.47
C ALA O 69 48.47 28.89 -44.47
N SER O 70 49.30 29.89 -44.20
CA SER O 70 48.88 30.96 -43.31
C SER O 70 47.87 31.88 -43.98
N ILE O 71 47.87 31.95 -45.30
CA ILE O 71 46.87 32.75 -46.00
C ILE O 71 45.50 32.09 -45.92
N GLN O 72 45.44 30.78 -46.14
CA GLN O 72 44.14 30.17 -46.32
C GLN O 72 43.42 29.84 -45.02
N SER O 73 43.86 30.35 -43.88
CA SER O 73 43.03 30.37 -42.68
C SER O 73 42.70 31.83 -42.38
N PRO O 74 41.44 32.21 -42.34
CA PRO O 74 41.11 33.63 -42.28
C PRO O 74 41.37 34.23 -40.90
N ASN O 75 41.50 35.55 -40.89
CA ASN O 75 41.82 36.30 -39.68
C ASN O 75 40.67 37.26 -39.41
N LEU O 76 39.99 37.07 -38.28
CA LEU O 76 38.75 37.76 -38.00
C LEU O 76 38.82 38.45 -36.65
N GLN O 77 38.40 39.71 -36.60
CA GLN O 77 38.30 40.45 -35.36
C GLN O 77 36.97 41.18 -35.30
N THR O 78 36.63 41.63 -34.09
CA THR O 78 35.53 42.55 -33.87
C THR O 78 36.10 43.85 -33.34
N VAL O 79 35.60 44.98 -33.85
CA VAL O 79 36.16 46.29 -33.55
C VAL O 79 35.02 47.25 -33.25
N ASP O 80 35.32 48.28 -32.47
CA ASP O 80 34.36 49.35 -32.27
C ASP O 80 34.56 50.41 -33.34
N VAL O 81 33.56 51.26 -33.50
CA VAL O 81 33.60 52.32 -34.50
C VAL O 81 32.68 53.43 -34.02
N ALA O 82 32.86 54.61 -34.59
CA ALA O 82 32.00 55.74 -34.30
C ALA O 82 31.92 56.62 -35.53
N ASN O 83 30.71 56.88 -36.00
CA ASN O 83 30.52 57.65 -37.21
C ASN O 83 29.55 58.79 -36.94
N LEU O 84 29.64 59.80 -37.78
CA LEU O 84 28.57 60.77 -37.85
C LEU O 84 27.38 60.14 -38.55
N PRO O 85 26.16 60.59 -38.25
CA PRO O 85 25.01 60.14 -39.03
C PRO O 85 25.08 60.65 -40.46
N SER O 86 24.30 60.04 -41.31
CA SER O 86 24.46 60.21 -42.74
C SER O 86 23.91 61.51 -43.28
N ASP O 87 23.56 62.50 -42.47
CA ASP O 87 23.08 63.78 -42.99
C ASP O 87 23.68 64.97 -42.26
N ALA O 88 24.42 64.75 -41.19
CA ALA O 88 25.17 65.80 -40.52
C ALA O 88 26.59 65.81 -41.04
N ASP O 89 27.24 66.96 -40.97
CA ASP O 89 28.57 67.11 -41.55
C ASP O 89 29.52 67.82 -40.60
N THR O 90 29.07 68.07 -39.37
CA THR O 90 29.89 68.73 -38.36
C THR O 90 29.76 67.99 -37.06
N LEU O 91 30.85 67.85 -36.34
CA LEU O 91 30.83 67.31 -34.99
C LEU O 91 31.18 68.40 -33.99
N LYS O 92 30.66 68.26 -32.77
CA LYS O 92 30.76 69.29 -31.75
C LYS O 92 31.36 68.70 -30.49
N VAL O 93 32.44 69.31 -30.02
CA VAL O 93 33.17 68.86 -28.85
C VAL O 93 33.08 69.95 -27.79
N ARG O 94 32.71 69.57 -26.57
CA ARG O 94 32.43 70.51 -25.50
C ARG O 94 33.05 70.02 -24.20
N PHE O 95 33.85 70.87 -23.57
CA PHE O 95 34.40 70.57 -22.26
C PHE O 95 34.62 71.87 -21.51
N THR O 96 34.76 71.75 -20.19
CA THR O 96 34.97 72.88 -19.30
C THR O 96 36.37 72.83 -18.73
N LEU O 97 36.90 74.00 -18.41
CA LEU O 97 38.26 74.14 -17.89
C LEU O 97 38.27 75.20 -16.82
N ARG O 98 38.86 74.90 -15.68
CA ARG O 98 38.97 75.83 -14.58
C ARG O 98 40.42 75.99 -14.17
N VAL O 99 40.80 77.22 -13.86
CA VAL O 99 42.12 77.54 -13.34
C VAL O 99 41.98 77.76 -11.84
N LEU O 100 43.10 77.74 -11.13
CA LEU O 100 43.10 77.92 -9.69
C LEU O 100 43.89 79.15 -9.25
N GLY O 101 45.10 79.31 -9.78
CA GLY O 101 45.95 80.41 -9.39
C GLY O 101 46.67 80.16 -8.08
N GLY O 102 47.78 80.86 -7.90
CA GLY O 102 48.58 80.68 -6.71
C GLY O 102 49.42 79.43 -6.84
N ALA O 103 50.18 79.36 -7.93
CA ALA O 103 50.95 78.17 -8.26
C ALA O 103 52.25 78.07 -7.50
N GLY O 104 52.54 79.01 -6.60
CA GLY O 104 53.82 79.00 -5.92
C GLY O 104 53.94 77.90 -4.88
N THR O 105 52.87 77.64 -4.16
CA THR O 105 52.93 76.75 -3.01
C THR O 105 53.07 75.30 -3.42
N PRO O 106 53.97 74.53 -2.80
CA PRO O 106 53.97 73.08 -3.00
C PRO O 106 52.96 72.42 -2.08
N SER O 107 52.55 71.22 -2.49
CA SER O 107 51.56 70.49 -1.71
C SER O 107 52.19 69.87 -0.46
N ALA O 108 53.47 69.54 -0.53
CA ALA O 108 54.14 68.90 0.59
C ALA O 108 55.63 69.23 0.55
N CYS O 109 56.18 69.50 1.73
CA CYS O 109 57.60 69.80 1.86
C CYS O 109 58.05 69.48 3.28
N ASN O 110 59.04 68.61 3.40
CA ASN O 110 59.56 68.27 4.73
C ASN O 110 60.51 69.35 5.25
N ASP O 111 61.05 70.17 4.35
CA ASP O 111 61.94 71.26 4.73
C ASP O 111 61.14 72.57 4.82
N ALA O 112 61.62 73.47 5.68
CA ALA O 112 60.95 74.75 5.87
C ALA O 112 61.69 75.89 5.16
N ALA O 113 62.99 76.02 5.39
CA ALA O 113 63.76 77.12 4.79
C ALA O 113 63.84 76.95 3.28
N TYR O 114 63.85 75.71 2.81
CA TYR O 114 63.76 75.43 1.38
C TYR O 114 62.47 75.98 0.80
N ARG O 115 61.34 75.74 1.47
CA ARG O 115 60.07 76.18 0.90
C ARG O 115 59.93 77.70 1.01
N ASP O 116 60.57 78.32 2.00
CA ASP O 116 60.61 79.78 2.02
C ASP O 116 61.46 80.32 0.89
N LYS O 117 62.55 79.62 0.56
CA LYS O 117 63.37 80.01 -0.57
C LYS O 117 62.61 79.86 -1.88
N LEU O 118 61.77 78.83 -1.98
CA LEU O 118 60.93 78.67 -3.17
C LEU O 118 59.87 79.75 -3.26
N LEU O 119 59.31 80.15 -2.11
CA LEU O 119 58.31 81.21 -2.09
C LEU O 119 58.90 82.53 -2.52
N GLN O 120 60.08 82.88 -2.02
CA GLN O 120 60.70 84.13 -2.46
C GLN O 120 61.22 84.01 -3.89
N THR O 121 61.59 82.80 -4.32
CA THR O 121 61.98 82.56 -5.70
C THR O 121 60.84 82.87 -6.65
N VAL O 122 59.65 82.35 -6.36
CA VAL O 122 58.54 82.57 -7.26
C VAL O 122 57.98 83.97 -7.08
N ALA O 123 58.18 84.58 -5.90
CA ALA O 123 57.82 85.97 -5.73
C ALA O 123 58.68 86.88 -6.60
N THR O 124 59.99 86.63 -6.62
CA THR O 124 60.88 87.36 -7.52
C THR O 124 60.57 87.09 -8.97
N TYR O 125 60.14 85.87 -9.30
CA TYR O 125 59.83 85.56 -10.69
C TYR O 125 58.56 86.27 -11.15
N VAL O 126 57.54 86.32 -10.29
CA VAL O 126 56.30 86.98 -10.70
C VAL O 126 56.48 88.49 -10.65
N ASN O 127 57.39 88.99 -9.82
CA ASN O 127 57.66 90.43 -9.80
C ASN O 127 58.58 90.83 -10.93
N GLU O 128 59.35 89.89 -11.47
CA GLU O 128 60.19 90.17 -12.62
C GLU O 128 59.34 90.40 -13.85
N GLN O 129 58.46 89.45 -14.15
CA GLN O 129 57.57 89.55 -15.30
C GLN O 129 56.35 88.68 -15.03
N GLY O 130 55.28 88.98 -15.77
CA GLY O 130 54.05 88.22 -15.66
C GLY O 130 54.08 86.96 -16.50
N PHE O 131 52.90 86.36 -16.64
CA PHE O 131 52.75 85.14 -17.40
C PHE O 131 52.44 85.38 -18.86
N ALA O 132 52.80 86.55 -19.40
CA ALA O 132 52.30 86.99 -20.70
C ALA O 132 52.74 86.08 -21.83
N GLU O 133 53.98 85.58 -21.75
CA GLU O 133 54.41 84.54 -22.69
C GLU O 133 53.62 83.25 -22.46
N LEU O 134 53.48 82.85 -21.19
CA LEU O 134 52.80 81.60 -20.87
C LEU O 134 51.31 81.68 -21.15
N ALA O 135 50.67 82.77 -20.72
CA ALA O 135 49.24 82.94 -20.98
C ALA O 135 48.98 83.13 -22.46
N ARG O 136 49.90 83.78 -23.16
CA ARG O 136 49.76 83.96 -24.61
C ARG O 136 49.89 82.62 -25.33
N ARG O 137 50.75 81.74 -24.83
CA ARG O 137 50.88 80.42 -25.45
C ARG O 137 49.67 79.53 -25.14
N TYR O 138 49.10 79.66 -23.95
CA TYR O 138 47.86 78.94 -23.65
C TYR O 138 46.71 79.46 -24.49
N ALA O 139 46.68 80.76 -24.75
CA ALA O 139 45.69 81.33 -25.63
C ALA O 139 45.89 80.86 -27.06
N HIS O 140 47.15 80.60 -27.45
CA HIS O 140 47.41 79.98 -28.74
C HIS O 140 46.85 78.56 -28.78
N ASN O 141 47.15 77.77 -27.75
CA ASN O 141 46.77 76.35 -27.79
C ASN O 141 45.28 76.15 -27.61
N LEU O 142 44.57 77.15 -27.10
CA LEU O 142 43.12 77.12 -27.18
C LEU O 142 42.61 77.80 -28.43
N ALA O 143 43.43 78.63 -29.08
CA ALA O 143 43.00 79.31 -30.29
C ALA O 143 42.96 78.33 -31.46
N ASN O 144 44.10 77.75 -31.80
CA ASN O 144 44.08 76.59 -32.66
C ASN O 144 43.60 75.40 -31.84
N ALA O 145 42.78 74.55 -32.43
CA ALA O 145 42.20 73.43 -31.71
C ALA O 145 43.16 72.26 -31.78
N ARG O 146 44.10 72.24 -30.85
CA ARG O 146 45.01 71.10 -30.76
C ARG O 146 44.41 69.96 -29.98
N PHE O 147 43.31 70.22 -29.26
CA PHE O 147 42.66 69.15 -28.51
C PHE O 147 41.90 68.21 -29.45
N LEU O 148 41.47 68.72 -30.60
CA LEU O 148 40.94 67.86 -31.65
C LEU O 148 42.13 67.14 -32.27
N TRP O 149 42.47 66.00 -31.69
CA TRP O 149 43.72 65.32 -32.00
C TRP O 149 43.81 64.84 -33.44
N ARG O 150 42.99 63.88 -33.81
CA ARG O 150 42.99 63.43 -35.19
C ARG O 150 41.90 64.08 -36.02
N ASN O 151 40.91 64.69 -35.36
CA ASN O 151 39.78 65.25 -36.08
C ASN O 151 40.13 66.56 -36.75
N ARG O 152 41.23 67.20 -36.31
CA ARG O 152 41.67 68.43 -36.95
C ARG O 152 42.21 68.19 -38.34
N VAL O 153 42.63 66.96 -38.66
CA VAL O 153 43.29 66.68 -39.91
C VAL O 153 42.29 66.70 -41.05
N GLY O 154 42.61 67.46 -42.10
CA GLY O 154 41.84 67.44 -43.31
C GLY O 154 40.48 68.09 -43.25
N ALA O 155 40.18 68.84 -42.20
CA ALA O 155 38.86 69.44 -42.07
C ALA O 155 38.70 70.60 -43.04
N GLU O 156 37.45 70.93 -43.33
CA GLU O 156 37.15 72.02 -44.24
C GLU O 156 37.26 73.39 -43.57
N ALA O 157 36.71 73.51 -42.36
CA ALA O 157 36.76 74.76 -41.62
C ALA O 157 36.52 74.46 -40.16
N VAL O 158 37.35 75.03 -39.29
CA VAL O 158 37.21 74.88 -37.85
C VAL O 158 36.90 76.25 -37.25
N GLU O 159 36.09 76.25 -36.20
CA GLU O 159 35.73 77.47 -35.50
C GLU O 159 35.45 77.10 -34.05
N VAL O 160 36.08 77.82 -33.12
CA VAL O 160 36.04 77.47 -31.71
C VAL O 160 35.44 78.63 -30.93
N ARG O 161 34.48 78.32 -30.05
CA ARG O 161 33.78 79.31 -29.25
C ARG O 161 34.18 79.14 -27.79
N ILE O 162 34.61 80.25 -27.17
CA ILE O 162 35.04 80.26 -25.78
C ILE O 162 34.19 81.23 -25.01
N ASN O 163 33.60 80.77 -23.91
CA ASN O 163 32.75 81.59 -23.07
C ASN O 163 33.37 81.71 -21.69
N HIS O 164 33.38 82.92 -21.15
CA HIS O 164 33.85 83.19 -19.80
C HIS O 164 32.64 83.18 -18.88
N ILE O 165 32.71 82.40 -17.81
CA ILE O 165 31.59 82.17 -16.91
C ILE O 165 32.05 82.51 -15.50
N ARG O 166 31.52 83.59 -14.94
CA ARG O 166 31.77 83.94 -13.55
C ARG O 166 30.64 83.49 -12.63
N GLN O 167 29.45 84.03 -12.82
CA GLN O 167 28.25 83.59 -12.16
C GLN O 167 27.54 82.58 -13.04
N GLY O 168 26.26 82.32 -12.78
CA GLY O 168 25.45 81.44 -13.61
C GLY O 168 25.28 81.88 -15.06
N GLU O 169 25.69 83.11 -15.40
CA GLU O 169 25.63 83.62 -16.76
C GLU O 169 27.04 83.81 -17.31
N VAL O 170 27.10 84.07 -18.62
CA VAL O 170 28.37 84.26 -19.30
C VAL O 170 28.90 85.66 -19.02
N ALA O 171 30.18 85.74 -18.65
CA ALA O 171 30.82 87.04 -18.54
C ALA O 171 31.29 87.56 -19.89
N ARG O 172 32.05 86.75 -20.63
CA ARG O 172 32.62 87.21 -21.88
C ARG O 172 32.67 86.05 -22.88
N THR O 173 32.65 86.41 -24.16
CA THR O 173 32.58 85.47 -25.27
C THR O 173 33.81 85.66 -26.15
N TRP O 174 34.22 84.58 -26.83
CA TRP O 174 35.28 84.68 -27.82
C TRP O 174 34.91 83.82 -29.02
N ARG O 175 35.70 83.98 -30.09
CA ARG O 175 35.40 83.40 -31.39
C ARG O 175 36.66 83.42 -32.24
N PHE O 176 37.01 82.27 -32.81
CA PHE O 176 38.25 82.17 -33.58
C PHE O 176 38.04 81.30 -34.79
N ASP O 177 38.92 81.48 -35.77
CA ASP O 177 39.07 80.58 -36.91
C ASP O 177 40.40 79.86 -36.72
N ALA O 178 40.34 78.62 -36.26
CA ALA O 178 41.52 77.92 -35.78
C ALA O 178 42.48 77.54 -36.91
N LEU O 179 42.01 77.57 -38.15
CA LEU O 179 42.92 77.25 -39.25
C LEU O 179 43.77 78.45 -39.64
N ALA O 180 43.27 79.66 -39.42
CA ALA O 180 44.08 80.85 -39.66
C ALA O 180 45.23 80.93 -38.67
N ILE O 181 44.98 80.55 -37.43
CA ILE O 181 46.05 80.41 -36.45
C ILE O 181 46.88 79.18 -36.82
N GLY O 182 48.19 79.35 -36.86
CA GLY O 182 49.07 78.26 -37.19
C GLY O 182 49.22 77.27 -36.05
N LEU O 183 50.05 76.27 -36.29
CA LEU O 183 50.33 75.25 -35.30
C LEU O 183 51.81 75.15 -34.93
N ARG O 184 52.70 75.76 -35.71
CA ARG O 184 54.13 75.71 -35.42
C ARG O 184 54.59 76.93 -34.62
N ASP O 185 54.29 78.13 -35.11
CA ASP O 185 54.70 79.37 -34.49
C ASP O 185 53.59 79.88 -33.57
N PHE O 186 53.71 81.13 -33.13
CA PHE O 186 52.70 81.77 -32.32
C PHE O 186 52.78 83.27 -32.54
N LYS O 187 51.65 83.89 -32.80
CA LYS O 187 51.55 85.29 -33.16
C LYS O 187 51.01 86.10 -31.99
N ALA O 188 50.65 87.36 -32.24
CA ALA O 188 49.99 88.19 -31.24
C ALA O 188 48.67 88.70 -31.80
N ASP O 189 47.67 88.83 -30.93
CA ASP O 189 46.34 89.27 -31.33
C ASP O 189 45.63 89.86 -30.12
N ALA O 190 44.79 90.86 -30.38
CA ALA O 190 44.20 91.67 -29.32
C ALA O 190 43.26 90.85 -28.43
N GLU O 191 42.33 90.12 -29.04
CA GLU O 191 41.42 89.29 -28.27
C GLU O 191 42.14 88.11 -27.65
N LEU O 192 43.15 87.57 -28.36
CA LEU O 192 43.98 86.52 -27.81
C LEU O 192 44.77 87.04 -26.61
N ASP O 193 45.27 88.27 -26.69
CA ASP O 193 45.97 88.84 -25.55
C ASP O 193 45.00 89.18 -24.42
N ALA O 194 43.75 89.47 -24.74
CA ALA O 194 42.75 89.72 -23.71
C ALA O 194 42.43 88.45 -22.94
N LEU O 195 42.29 87.34 -23.66
CA LEU O 195 42.22 86.03 -23.04
C LEU O 195 43.46 85.73 -22.22
N ALA O 196 44.62 86.18 -22.70
CA ALA O 196 45.86 85.99 -21.95
C ALA O 196 45.84 86.76 -20.64
N GLU O 197 45.32 88.00 -20.65
CA GLU O 197 45.22 88.75 -19.40
C GLU O 197 44.22 88.12 -18.45
N LEU O 198 43.12 87.60 -18.99
CA LEU O 198 42.11 86.93 -18.18
C LEU O 198 42.71 85.72 -17.46
N ILE O 199 43.40 84.86 -18.21
CA ILE O 199 43.92 83.65 -17.60
C ILE O 199 45.17 83.95 -16.78
N ALA O 200 45.84 85.07 -17.04
CA ALA O 200 46.96 85.45 -16.20
C ALA O 200 46.48 85.99 -14.87
N SER O 201 45.38 86.75 -14.88
CA SER O 201 44.77 87.21 -13.64
C SER O 201 44.21 86.04 -12.85
N GLY O 202 43.60 85.07 -13.53
CA GLY O 202 43.14 83.88 -12.84
C GLY O 202 44.29 83.03 -12.32
N LEU O 203 45.43 83.08 -13.01
CA LEU O 203 46.59 82.32 -12.59
C LEU O 203 47.35 83.01 -11.47
N SER O 204 47.08 84.28 -11.23
CA SER O 204 47.77 85.03 -10.20
C SER O 204 47.24 84.77 -8.79
N GLY O 205 46.41 83.76 -8.55
CA GLY O 205 45.88 83.52 -7.22
C GLY O 205 44.60 84.23 -6.92
N SER O 206 44.01 84.92 -7.89
CA SER O 206 42.88 85.81 -7.64
C SER O 206 41.53 85.17 -7.91
N GLY O 207 41.47 83.87 -8.11
CA GLY O 207 40.18 83.21 -8.24
C GLY O 207 40.23 82.05 -9.22
N HIS O 208 39.04 81.62 -9.63
CA HIS O 208 38.89 80.46 -10.51
C HIS O 208 38.09 80.90 -11.73
N VAL O 209 38.80 81.29 -12.79
CA VAL O 209 38.15 81.61 -14.05
C VAL O 209 37.62 80.33 -14.68
N LEU O 210 36.33 80.31 -14.98
CA LEU O 210 35.66 79.13 -15.52
C LEU O 210 35.33 79.36 -16.97
N LEU O 211 35.69 78.39 -17.81
CA LEU O 211 35.51 78.51 -19.25
C LEU O 211 34.73 77.32 -19.78
N GLU O 212 33.89 77.58 -20.77
CA GLU O 212 33.19 76.54 -21.52
C GLU O 212 33.64 76.66 -22.97
N VAL O 213 34.28 75.60 -23.47
CA VAL O 213 34.90 75.61 -24.79
C VAL O 213 34.12 74.68 -25.69
N VAL O 214 33.75 75.17 -26.87
CA VAL O 214 33.04 74.40 -27.86
C VAL O 214 33.70 74.67 -29.21
N ALA O 215 33.94 73.62 -29.99
CA ALA O 215 34.55 73.74 -31.29
C ALA O 215 33.78 72.92 -32.31
N PHE O 216 33.82 73.36 -33.56
CA PHE O 216 33.10 72.73 -34.65
C PHE O 216 34.05 72.48 -35.81
N ALA O 217 33.94 71.30 -36.41
CA ALA O 217 34.75 70.93 -37.56
C ALA O 217 33.85 70.45 -38.68
N ARG O 218 33.90 71.13 -39.82
CA ARG O 218 33.13 70.74 -41.00
C ARG O 218 33.84 69.55 -41.63
N ILE O 219 33.43 68.34 -41.25
CA ILE O 219 34.11 67.13 -41.69
C ILE O 219 33.50 66.59 -42.96
N GLY O 220 32.24 66.19 -42.88
CA GLY O 220 31.58 65.56 -44.01
C GLY O 220 30.47 64.65 -43.54
N ASP O 221 29.67 64.20 -44.51
CA ASP O 221 28.45 63.45 -44.20
C ASP O 221 28.79 62.01 -43.90
N GLY O 222 28.41 61.55 -42.72
CA GLY O 222 28.50 60.15 -42.38
C GLY O 222 29.90 59.62 -42.16
N GLN O 223 30.91 60.47 -42.07
CA GLN O 223 32.27 59.99 -41.94
C GLN O 223 32.57 59.62 -40.49
N GLU O 224 33.84 59.34 -40.23
CA GLU O 224 34.23 58.74 -38.98
C GLU O 224 34.96 59.74 -38.09
N VAL O 225 34.79 59.58 -36.79
CA VAL O 225 35.46 60.38 -35.80
C VAL O 225 36.33 59.46 -34.96
N PHE O 226 37.11 60.06 -34.06
CA PHE O 226 38.16 59.34 -33.33
C PHE O 226 38.11 59.74 -31.87
N PRO O 227 37.38 59.01 -31.05
CA PRO O 227 37.48 59.21 -29.60
C PRO O 227 38.65 58.45 -29.01
N SER O 228 38.76 58.44 -27.70
CA SER O 228 39.89 57.79 -27.06
C SER O 228 39.68 56.28 -26.98
N GLN O 229 40.76 55.57 -26.69
CA GLN O 229 40.76 54.12 -26.54
C GLN O 229 40.87 53.74 -25.07
N GLU O 230 41.02 52.45 -24.82
CA GLU O 230 41.17 51.90 -23.50
C GLU O 230 42.54 51.23 -23.36
N LEU O 231 42.90 50.93 -22.12
CA LEU O 231 44.07 50.13 -21.80
C LEU O 231 43.59 48.88 -21.08
N ILE O 232 43.66 47.76 -21.78
CA ILE O 232 43.29 46.47 -21.19
C ILE O 232 44.51 45.57 -21.19
N LEU O 233 44.83 45.01 -20.03
CA LEU O 233 45.87 44.00 -19.98
C LEU O 233 45.32 42.67 -20.47
N ASP O 234 46.22 41.77 -20.82
CA ASP O 234 45.83 40.52 -21.46
C ASP O 234 45.72 39.40 -20.44
N LYS O 235 45.05 38.32 -20.86
CA LYS O 235 45.04 37.03 -20.18
C LYS O 235 45.27 36.02 -21.30
N GLY O 236 46.42 35.34 -21.25
CA GLY O 236 46.89 34.59 -22.41
C GLY O 236 46.05 33.37 -22.70
N ASP O 237 45.92 32.46 -21.74
CA ASP O 237 45.22 31.20 -21.97
C ASP O 237 43.71 31.38 -21.93
N LYS O 238 43.15 32.06 -22.92
CA LYS O 238 41.73 32.34 -22.94
C LYS O 238 41.28 32.49 -24.38
N LYS O 239 40.01 32.85 -24.55
CA LYS O 239 39.48 33.09 -25.87
C LYS O 239 39.94 34.44 -26.39
N GLY O 240 39.64 34.70 -27.66
CA GLY O 240 39.99 35.98 -28.25
C GLY O 240 39.14 37.11 -27.70
N GLN O 241 39.73 38.28 -27.61
CA GLN O 241 39.06 39.45 -27.07
C GLN O 241 38.72 40.41 -28.20
N LYS O 242 37.99 41.46 -27.84
CA LYS O 242 37.75 42.55 -28.77
C LYS O 242 39.04 43.32 -28.95
N SER O 243 39.44 43.53 -30.19
CA SER O 243 40.75 44.09 -30.49
C SER O 243 40.81 45.60 -30.32
N LYS O 244 39.68 46.28 -30.18
CA LYS O 244 39.69 47.72 -30.08
C LYS O 244 38.42 48.19 -29.41
N THR O 245 38.56 48.98 -28.34
CA THR O 245 37.42 49.45 -27.58
C THR O 245 37.58 50.94 -27.28
N LEU O 246 36.48 51.68 -27.37
CA LEU O 246 36.53 53.12 -27.26
C LEU O 246 36.06 53.59 -25.89
N TYR O 247 36.14 54.89 -25.68
CA TYR O 247 35.79 55.50 -24.40
C TYR O 247 34.44 56.17 -24.51
N SER O 248 33.51 55.79 -23.65
CA SER O 248 32.17 56.36 -23.68
C SER O 248 31.73 56.76 -22.28
N VAL O 249 31.01 57.88 -22.21
CA VAL O 249 30.45 58.39 -20.97
C VAL O 249 28.95 58.53 -21.16
N ARG O 250 28.19 57.74 -20.39
CA ARG O 250 26.74 57.51 -20.50
C ARG O 250 26.26 57.47 -21.95
N ASP O 251 26.89 56.56 -22.71
CA ASP O 251 26.57 56.29 -24.11
C ASP O 251 26.77 57.52 -24.99
N ALA O 252 27.96 58.11 -24.91
CA ALA O 252 28.35 59.17 -25.82
C ALA O 252 29.86 59.11 -25.97
N ALA O 253 30.35 59.28 -27.19
CA ALA O 253 31.77 59.17 -27.44
C ALA O 253 32.52 60.30 -26.78
N ALA O 254 33.59 59.97 -26.06
CA ALA O 254 34.25 60.93 -25.21
C ALA O 254 35.75 60.75 -25.28
N ILE O 255 36.46 61.84 -25.03
CA ILE O 255 37.92 61.84 -24.96
C ILE O 255 38.30 61.97 -23.50
N HIS O 256 39.44 61.38 -23.14
CA HIS O 256 39.93 61.45 -21.77
C HIS O 256 40.35 62.87 -21.42
N SER O 257 40.38 63.14 -20.11
CA SER O 257 40.79 64.45 -19.64
C SER O 257 42.27 64.68 -19.89
N GLN O 258 43.08 63.67 -19.61
CA GLN O 258 44.53 63.81 -19.70
C GLN O 258 44.99 63.95 -21.14
N LYS O 259 44.19 63.46 -22.09
CA LYS O 259 44.50 63.69 -23.49
C LYS O 259 44.38 65.16 -23.85
N ILE O 260 43.36 65.84 -23.31
CA ILE O 260 43.22 67.27 -23.55
C ILE O 260 44.28 68.05 -22.78
N GLY O 261 44.61 67.60 -21.58
CA GLY O 261 45.65 68.25 -20.80
C GLY O 261 47.02 68.15 -21.46
N ASN O 262 47.30 67.00 -22.05
CA ASN O 262 48.51 66.85 -22.84
C ASN O 262 48.44 67.68 -24.12
N ALA O 263 47.24 67.84 -24.66
CA ALA O 263 47.08 68.67 -25.85
C ALA O 263 47.26 70.15 -25.55
N LEU O 264 47.09 70.55 -24.30
CA LEU O 264 47.06 71.97 -24.02
C LEU O 264 48.44 72.58 -23.81
N ARG O 265 49.37 71.86 -23.18
CA ARG O 265 50.64 72.44 -22.80
C ARG O 265 51.75 72.15 -23.81
N THR O 266 51.42 71.99 -25.09
CA THR O 266 52.45 71.80 -26.11
C THR O 266 53.04 73.16 -26.44
N ILE O 267 53.93 73.63 -25.57
CA ILE O 267 54.42 75.00 -25.65
C ILE O 267 55.94 75.10 -25.65
N ASP O 268 56.68 74.06 -25.32
CA ASP O 268 58.14 74.15 -25.22
C ASP O 268 58.74 74.28 -26.61
N THR O 269 59.21 75.47 -26.95
CA THR O 269 59.95 75.71 -28.18
C THR O 269 61.44 75.81 -27.93
N TRP O 270 61.90 75.43 -26.74
CA TRP O 270 63.28 75.62 -26.33
C TRP O 270 64.00 74.32 -26.02
N TYR O 271 63.54 73.22 -26.57
CA TYR O 271 64.34 72.00 -26.55
C TYR O 271 65.54 72.20 -27.48
N PRO O 272 66.72 71.73 -27.10
CA PRO O 272 67.93 72.19 -27.79
C PRO O 272 68.19 71.52 -29.13
N ASP O 273 67.71 70.29 -29.34
CA ASP O 273 68.25 69.46 -30.41
C ASP O 273 67.76 69.91 -31.79
N GLU O 274 66.58 70.51 -31.86
CA GLU O 274 66.05 70.95 -33.13
C GLU O 274 65.12 72.14 -32.89
N ASP O 275 64.61 72.70 -33.98
CA ASP O 275 63.61 73.76 -33.91
C ASP O 275 62.44 73.59 -34.86
N GLY O 276 62.57 72.82 -35.94
CA GLY O 276 61.50 72.69 -36.92
C GLY O 276 60.38 71.74 -36.53
N LEU O 277 60.53 71.03 -35.41
CA LEU O 277 59.53 70.06 -34.99
C LEU O 277 58.36 70.69 -34.26
N GLY O 278 58.34 72.00 -34.10
CA GLY O 278 57.25 72.67 -33.42
C GLY O 278 57.33 72.50 -31.92
N PRO O 279 56.41 73.13 -31.20
CA PRO O 279 56.45 73.05 -29.74
C PRO O 279 56.00 71.69 -29.25
N ILE O 280 56.60 71.28 -28.14
CA ILE O 280 56.27 70.01 -27.50
C ILE O 280 55.70 70.29 -26.12
N ALA O 281 55.18 69.24 -25.50
CA ALA O 281 54.64 69.36 -24.15
C ALA O 281 55.79 69.49 -23.15
N VAL O 282 55.49 70.14 -22.03
CA VAL O 282 56.48 70.42 -21.00
C VAL O 282 56.45 69.32 -19.95
N GLU O 283 57.59 68.64 -19.79
CA GLU O 283 57.75 67.52 -18.86
C GLU O 283 59.19 67.51 -18.38
N PRO O 284 59.47 66.93 -17.21
CA PRO O 284 60.86 66.70 -16.83
C PRO O 284 61.49 65.65 -17.73
N TYR O 285 62.63 66.01 -18.33
CA TYR O 285 63.27 65.27 -19.42
C TYR O 285 62.26 65.00 -20.53
N GLY O 286 61.89 66.08 -21.23
CA GLY O 286 60.81 66.07 -22.20
C GLY O 286 60.89 64.97 -23.24
N SER O 287 60.00 64.00 -23.08
CA SER O 287 60.08 62.72 -23.77
C SER O 287 58.72 62.42 -24.37
N VAL O 288 58.52 62.84 -25.60
CA VAL O 288 57.29 62.58 -26.32
C VAL O 288 57.21 61.10 -26.62
N THR O 289 56.00 60.52 -26.48
CA THR O 289 55.86 59.09 -26.67
C THR O 289 55.75 58.74 -28.15
N SER O 290 55.49 59.74 -29.00
CA SER O 290 55.44 59.50 -30.43
C SER O 290 56.80 59.10 -30.98
N GLN O 291 57.82 59.93 -30.72
CA GLN O 291 59.18 59.58 -31.11
C GLN O 291 59.81 58.56 -30.17
N GLY O 292 59.37 58.50 -28.93
CA GLY O 292 59.97 57.58 -27.97
C GLY O 292 61.35 57.98 -27.52
N LYS O 293 61.74 59.23 -27.75
CA LYS O 293 63.09 59.71 -27.46
C LYS O 293 63.01 60.92 -26.55
N ALA O 294 63.79 60.91 -25.48
CA ALA O 294 63.76 61.97 -24.50
C ALA O 294 64.63 63.12 -24.96
N TYR O 295 64.01 64.26 -25.26
CA TYR O 295 64.78 65.48 -25.39
C TYR O 295 65.09 66.03 -24.00
N ARG O 296 66.01 67.00 -23.96
CA ARG O 296 66.52 67.62 -22.73
C ARG O 296 67.07 66.56 -21.77
N GLN O 297 68.03 65.80 -22.28
CA GLN O 297 68.76 64.85 -21.46
C GLN O 297 69.55 65.59 -20.39
N PRO O 298 69.64 65.02 -19.18
CA PRO O 298 70.39 65.68 -18.10
C PRO O 298 71.89 65.73 -18.30
N LYS O 299 72.42 65.08 -19.33
CA LYS O 299 73.83 65.19 -19.66
C LYS O 299 74.19 66.63 -19.99
N GLN O 300 73.45 67.23 -20.90
CA GLN O 300 73.44 68.68 -21.00
C GLN O 300 72.60 69.24 -19.85
N LYS O 301 72.99 70.39 -19.34
CA LYS O 301 72.30 70.91 -18.16
C LYS O 301 71.09 71.73 -18.61
N LEU O 302 70.08 70.99 -19.06
CA LEU O 302 68.85 71.58 -19.56
C LEU O 302 67.61 70.85 -19.11
N ASP O 303 67.73 69.86 -18.23
CA ASP O 303 66.56 69.23 -17.66
C ASP O 303 65.95 70.12 -16.59
N PHE O 304 64.86 69.64 -16.00
CA PHE O 304 64.11 70.46 -15.06
C PHE O 304 64.77 70.47 -13.67
N TYR O 305 65.23 69.30 -13.22
CA TYR O 305 65.70 69.13 -11.84
C TYR O 305 66.95 69.95 -11.56
N THR O 306 67.96 69.79 -12.42
CA THR O 306 69.22 70.50 -12.20
C THR O 306 69.06 71.99 -12.44
N LEU O 307 68.13 72.37 -13.32
CA LEU O 307 67.83 73.79 -13.48
C LEU O 307 67.21 74.37 -12.22
N LEU O 308 66.37 73.59 -11.54
CA LEU O 308 65.78 74.06 -10.29
C LEU O 308 66.82 74.13 -9.17
N ASP O 309 67.74 73.16 -9.14
CA ASP O 309 68.78 73.17 -8.13
C ASP O 309 69.78 74.30 -8.36
N ASN O 310 69.97 74.69 -9.62
CA ASN O 310 70.81 75.83 -9.91
C ASN O 310 70.09 77.12 -9.60
N TRP O 311 68.78 77.16 -9.80
CA TRP O 311 68.02 78.38 -9.52
C TRP O 311 67.95 78.65 -8.02
N VAL O 312 67.67 77.63 -7.23
CA VAL O 312 67.34 77.90 -5.84
C VAL O 312 68.52 77.60 -4.93
N LEU O 313 69.07 76.40 -5.03
CA LEU O 313 70.09 75.97 -4.08
C LEU O 313 71.43 76.63 -4.38
N ARG O 314 71.77 76.80 -5.65
CA ARG O 314 73.04 77.42 -6.02
C ARG O 314 72.87 78.83 -6.58
N ASP O 315 71.62 79.26 -6.79
CA ASP O 315 71.26 80.65 -7.09
C ASP O 315 71.85 81.15 -8.40
N GLU O 316 71.86 80.27 -9.40
CA GLU O 316 72.19 80.64 -10.77
C GLU O 316 70.90 80.65 -11.57
N ALA O 317 70.56 81.81 -12.12
CA ALA O 317 69.32 81.98 -12.86
C ALA O 317 69.60 81.94 -14.35
N PRO O 318 69.18 80.91 -15.08
CA PRO O 318 69.34 80.91 -16.54
C PRO O 318 68.41 81.88 -17.24
N ALA O 319 68.51 81.92 -18.57
CA ALA O 319 67.79 82.88 -19.38
C ALA O 319 66.28 82.63 -19.32
N VAL O 320 65.52 83.59 -19.87
CA VAL O 320 64.09 83.75 -19.58
C VAL O 320 63.27 82.56 -20.04
N GLU O 321 63.70 81.88 -21.10
CA GLU O 321 62.96 80.71 -21.58
C GLU O 321 63.05 79.56 -20.59
N GLN O 322 64.19 79.41 -19.91
CA GLN O 322 64.32 78.36 -18.91
C GLN O 322 63.48 78.66 -17.68
N GLN O 323 63.31 79.93 -17.35
CA GLN O 323 62.44 80.30 -16.25
C GLN O 323 60.97 80.04 -16.61
N HIS O 324 60.60 80.33 -17.87
CA HIS O 324 59.28 79.95 -18.36
C HIS O 324 59.08 78.44 -18.30
N TYR O 325 60.13 77.68 -18.64
CA TYR O 325 60.05 76.23 -18.65
C TYR O 325 59.87 75.66 -17.25
N VAL O 326 60.66 76.15 -16.29
CA VAL O 326 60.54 75.60 -14.94
C VAL O 326 59.25 76.09 -14.28
N ILE O 327 58.75 77.27 -14.67
CA ILE O 327 57.48 77.73 -14.14
C ILE O 327 56.34 76.90 -14.72
N ALA O 328 56.48 76.46 -15.97
CA ALA O 328 55.49 75.57 -16.56
C ALA O 328 55.51 74.21 -15.89
N ASN O 329 56.69 73.72 -15.52
CA ASN O 329 56.80 72.47 -14.79
C ASN O 329 56.18 72.59 -13.40
N LEU O 330 56.28 73.77 -12.80
CA LEU O 330 55.57 74.03 -11.56
C LEU O 330 54.06 74.06 -11.79
N ILE O 331 53.64 74.58 -12.94
CA ILE O 331 52.23 74.75 -13.26
C ILE O 331 51.55 73.39 -13.44
N ARG O 332 52.24 72.46 -14.11
CA ARG O 332 51.62 71.17 -14.41
C ARG O 332 51.54 70.26 -13.19
N GLY O 333 52.27 70.56 -12.12
CA GLY O 333 52.23 69.73 -10.93
C GLY O 333 53.03 68.45 -11.10
N GLY O 334 53.11 67.70 -10.01
CA GLY O 334 53.86 66.46 -10.02
C GLY O 334 54.40 66.14 -8.65
N VAL O 335 54.90 64.92 -8.53
CA VAL O 335 55.47 64.41 -7.29
C VAL O 335 56.96 64.23 -7.52
N PHE O 336 57.77 65.14 -6.98
CA PHE O 336 59.22 65.08 -7.06
C PHE O 336 59.78 64.62 -5.73
N GLY O 337 61.10 64.58 -5.66
CA GLY O 337 61.80 64.22 -4.46
C GLY O 337 62.59 62.94 -4.66
N GLU O 338 63.09 62.41 -3.56
CA GLU O 338 63.88 61.18 -3.60
C GLU O 338 62.98 59.96 -3.56
N MET P 1 -25.18 115.21 -1.73
CA MET P 1 -26.62 115.43 -1.87
C MET P 1 -27.34 115.16 -0.54
N ASP P 2 -28.57 115.67 -0.44
CA ASP P 2 -29.22 115.81 0.86
C ASP P 2 -29.76 114.49 1.39
N HIS P 3 -30.25 113.63 0.50
CA HIS P 3 -31.02 112.45 0.89
C HIS P 3 -30.38 111.19 0.32
N TYR P 4 -30.00 110.28 1.21
CA TYR P 4 -29.44 108.99 0.85
C TYR P 4 -30.46 107.90 1.17
N LEU P 5 -30.31 106.76 0.51
CA LEU P 5 -31.14 105.59 0.78
C LEU P 5 -30.22 104.37 0.88
N ASP P 6 -30.10 103.82 2.09
CA ASP P 6 -29.31 102.62 2.35
C ASP P 6 -30.21 101.41 2.15
N ILE P 7 -29.98 100.64 1.09
CA ILE P 7 -30.72 99.42 0.80
C ILE P 7 -29.88 98.26 1.33
N ARG P 8 -30.54 97.26 1.91
CA ARG P 8 -29.85 96.11 2.48
C ARG P 8 -30.31 94.83 1.80
N LEU P 9 -29.35 93.98 1.45
CA LEU P 9 -29.64 92.76 0.72
C LEU P 9 -30.01 91.64 1.69
N ARG P 10 -31.05 90.88 1.36
CA ARG P 10 -31.48 89.77 2.20
C ARG P 10 -30.53 88.59 2.02
N PRO P 11 -30.17 87.87 3.08
CA PRO P 11 -29.39 86.63 2.91
C PRO P 11 -30.22 85.55 2.24
N ASP P 12 -29.70 85.04 1.13
CA ASP P 12 -30.47 84.19 0.22
C ASP P 12 -29.85 82.81 0.03
N PRO P 13 -30.63 81.74 0.11
CA PRO P 13 -30.07 80.40 -0.13
C PRO P 13 -29.83 80.10 -1.60
N GLU P 14 -30.75 80.48 -2.49
CA GLU P 14 -30.76 79.91 -3.83
C GLU P 14 -29.90 80.69 -4.81
N PHE P 15 -29.37 81.84 -4.40
CA PHE P 15 -28.43 82.59 -5.23
C PHE P 15 -27.38 83.20 -4.32
N PRO P 16 -26.12 83.27 -4.77
CA PRO P 16 -25.13 84.05 -4.03
C PRO P 16 -25.41 85.54 -4.21
N PRO P 17 -25.00 86.38 -3.25
CA PRO P 17 -25.42 87.79 -3.29
C PRO P 17 -24.79 88.61 -4.40
N ALA P 18 -23.77 88.07 -5.10
CA ALA P 18 -23.22 88.75 -6.27
C ALA P 18 -24.25 88.82 -7.40
N GLN P 19 -25.00 87.74 -7.60
CA GLN P 19 -26.07 87.76 -8.59
C GLN P 19 -27.21 88.68 -8.15
N LEU P 20 -27.43 88.79 -6.83
CA LEU P 20 -28.43 89.70 -6.31
C LEU P 20 -28.08 91.16 -6.60
N MET P 21 -26.84 91.56 -6.32
CA MET P 21 -26.48 92.95 -6.60
C MET P 21 -26.35 93.19 -8.11
N SER P 22 -26.07 92.13 -8.88
CA SER P 22 -26.10 92.25 -10.33
C SER P 22 -27.50 92.54 -10.87
N VAL P 23 -28.51 91.81 -10.39
CA VAL P 23 -29.86 92.03 -10.91
C VAL P 23 -30.43 93.33 -10.34
N LEU P 24 -29.98 93.74 -9.15
CA LEU P 24 -30.35 95.06 -8.64
C LEU P 24 -29.76 96.19 -9.49
N PHE P 25 -28.49 96.06 -9.88
CA PHE P 25 -27.88 97.09 -10.72
C PHE P 25 -28.53 97.13 -12.10
N GLY P 26 -28.92 95.97 -12.63
CA GLY P 26 -29.70 95.94 -13.86
C GLY P 26 -31.04 96.63 -13.72
N LYS P 27 -31.71 96.45 -12.58
CA LYS P 27 -33.01 97.08 -12.39
C LYS P 27 -32.89 98.59 -12.19
N LEU P 28 -31.83 99.04 -11.49
CA LEU P 28 -31.55 100.47 -11.40
C LEU P 28 -31.25 101.07 -12.76
N HIS P 29 -30.52 100.34 -13.61
CA HIS P 29 -30.18 100.87 -14.93
C HIS P 29 -31.43 100.99 -15.80
N GLN P 30 -32.31 99.99 -15.75
CA GLN P 30 -33.57 100.09 -16.50
C GLN P 30 -34.46 101.22 -15.98
N ALA P 31 -34.53 101.40 -14.67
CA ALA P 31 -35.34 102.50 -14.12
C ALA P 31 -34.72 103.87 -14.43
N LEU P 32 -33.39 103.94 -14.46
CA LEU P 32 -32.73 105.24 -14.63
C LEU P 32 -32.72 105.65 -16.11
N VAL P 33 -32.76 104.67 -17.02
CA VAL P 33 -33.02 105.00 -18.42
C VAL P 33 -34.51 105.26 -18.62
N ALA P 34 -35.35 104.70 -17.74
CA ALA P 34 -36.80 104.91 -17.86
C ALA P 34 -37.20 106.33 -17.50
N GLN P 35 -36.64 106.91 -16.44
CA GLN P 35 -37.03 108.28 -16.12
C GLN P 35 -35.94 109.32 -16.40
N GLY P 36 -34.75 108.89 -16.82
CA GLY P 36 -33.72 109.82 -17.22
C GLY P 36 -32.97 110.41 -16.04
N GLY P 37 -32.48 111.63 -16.25
CA GLY P 37 -31.83 112.40 -15.20
C GLY P 37 -30.34 112.13 -15.12
N ASP P 38 -29.63 113.10 -14.53
CA ASP P 38 -28.20 112.98 -14.30
C ASP P 38 -27.80 113.28 -12.87
N ARG P 39 -28.73 113.72 -12.02
CA ARG P 39 -28.42 114.08 -10.63
C ARG P 39 -28.74 112.94 -9.67
N ILE P 40 -28.55 111.70 -10.10
CA ILE P 40 -28.85 110.54 -9.29
C ILE P 40 -27.52 109.86 -8.98
N GLY P 41 -26.96 110.18 -7.81
CA GLY P 41 -25.72 109.56 -7.38
C GLY P 41 -25.96 108.27 -6.62
N VAL P 42 -24.96 107.38 -6.68
CA VAL P 42 -24.98 106.11 -5.96
C VAL P 42 -23.62 105.90 -5.31
N SER P 43 -23.62 105.10 -4.23
CA SER P 43 -22.38 104.84 -3.50
C SER P 43 -22.54 103.54 -2.72
N PHE P 44 -21.41 103.02 -2.25
CA PHE P 44 -21.39 101.77 -1.48
C PHE P 44 -20.73 101.96 -0.13
N PRO P 45 -21.50 102.01 0.97
CA PRO P 45 -20.88 102.28 2.28
C PRO P 45 -20.16 101.09 2.90
N ASP P 46 -20.07 99.95 2.23
CA ASP P 46 -19.42 98.76 2.78
C ASP P 46 -18.26 98.29 1.91
N LEU P 47 -17.43 99.23 1.47
CA LEU P 47 -16.27 98.91 0.64
C LEU P 47 -15.25 98.05 1.38
N ASP P 48 -14.56 97.20 0.62
CA ASP P 48 -13.45 96.38 1.12
C ASP P 48 -12.50 96.19 -0.06
N GLU P 49 -11.49 97.05 -0.13
CA GLU P 49 -10.50 96.98 -1.19
C GLU P 49 -9.51 95.83 -0.99
N SER P 50 -9.39 95.34 0.25
CA SER P 50 -8.42 94.30 0.56
C SER P 50 -8.76 92.99 -0.14
N ARG P 51 -10.04 92.65 -0.19
CA ARG P 51 -10.51 91.52 -0.99
C ARG P 51 -11.11 91.97 -2.31
N SER P 52 -11.04 93.27 -2.62
CA SER P 52 -11.63 93.89 -3.82
C SER P 52 -13.11 93.55 -3.96
N ARG P 53 -13.83 93.62 -2.85
CA ARG P 53 -15.25 93.29 -2.81
C ARG P 53 -16.05 94.58 -2.67
N LEU P 54 -17.34 94.51 -2.98
CA LEU P 54 -18.18 95.69 -2.79
C LEU P 54 -18.98 95.63 -1.50
N GLY P 55 -19.25 94.45 -0.96
CA GLY P 55 -20.13 94.32 0.18
C GLY P 55 -21.57 94.05 -0.22
N GLU P 56 -22.49 94.49 0.64
CA GLU P 56 -23.91 94.24 0.42
C GLU P 56 -24.80 95.46 0.63
N ARG P 57 -24.24 96.66 0.73
CA ARG P 57 -25.04 97.86 0.93
C ARG P 57 -24.81 98.86 -0.19
N LEU P 58 -25.91 99.43 -0.67
CA LEU P 58 -25.88 100.48 -1.69
C LEU P 58 -26.46 101.75 -1.08
N ARG P 59 -25.91 102.89 -1.46
CA ARG P 59 -26.35 104.18 -0.96
C ARG P 59 -26.56 105.11 -2.14
N ILE P 60 -27.82 105.29 -2.54
CA ILE P 60 -28.19 106.12 -3.68
C ILE P 60 -28.58 107.51 -3.19
N HIS P 61 -28.06 108.54 -3.86
CA HIS P 61 -28.23 109.93 -3.46
C HIS P 61 -29.02 110.68 -4.52
N ALA P 62 -30.19 111.19 -4.13
CA ALA P 62 -30.98 112.09 -4.95
C ALA P 62 -31.84 112.94 -4.03
N SER P 63 -32.70 113.77 -4.62
CA SER P 63 -33.65 114.55 -3.84
C SER P 63 -34.84 113.69 -3.45
N ALA P 64 -35.55 114.12 -2.39
CA ALA P 64 -36.49 113.24 -1.69
C ALA P 64 -37.72 112.92 -2.54
N ASP P 65 -38.18 113.89 -3.35
CA ASP P 65 -39.33 113.65 -4.21
C ASP P 65 -39.01 112.62 -5.29
N ASP P 66 -37.76 112.61 -5.77
CA ASP P 66 -37.34 111.58 -6.73
C ASP P 66 -37.30 110.21 -6.08
N LEU P 67 -36.86 110.14 -4.82
CA LEU P 67 -36.85 108.87 -4.10
C LEU P 67 -38.27 108.36 -3.86
N ARG P 68 -39.19 109.25 -3.48
CA ARG P 68 -40.58 108.82 -3.30
C ARG P 68 -41.24 108.49 -4.63
N ALA P 69 -40.71 109.02 -5.73
CA ALA P 69 -41.17 108.60 -7.05
C ALA P 69 -40.69 107.20 -7.38
N LEU P 70 -39.43 106.88 -7.08
CA LEU P 70 -38.94 105.54 -7.36
C LEU P 70 -39.47 104.50 -6.39
N LEU P 71 -40.01 104.91 -5.23
CA LEU P 71 -40.69 103.93 -4.40
C LEU P 71 -42.13 103.66 -4.84
N ALA P 72 -42.61 104.29 -5.91
CA ALA P 72 -43.95 104.06 -6.43
C ALA P 72 -43.92 103.59 -7.89
N ARG P 73 -43.05 102.63 -8.18
CA ARG P 73 -42.81 102.14 -9.53
C ARG P 73 -42.70 100.61 -9.49
N PRO P 74 -43.11 99.92 -10.57
CA PRO P 74 -43.03 98.45 -10.57
C PRO P 74 -41.63 97.86 -10.78
N TRP P 75 -40.57 98.65 -10.62
CA TRP P 75 -39.21 98.11 -10.53
C TRP P 75 -38.92 97.47 -9.18
N LEU P 76 -39.86 97.48 -8.25
CA LEU P 76 -39.68 96.91 -6.93
C LEU P 76 -40.57 95.71 -6.67
N GLU P 77 -41.51 95.41 -7.58
CA GLU P 77 -42.44 94.30 -7.37
C GLU P 77 -41.75 92.97 -7.66
N GLY P 78 -42.02 91.98 -6.80
CA GLY P 78 -41.40 90.68 -6.89
C GLY P 78 -40.03 90.58 -6.26
N LEU P 79 -39.29 91.68 -6.18
CA LEU P 79 -38.02 91.71 -5.49
C LEU P 79 -38.16 92.06 -4.01
N ARG P 80 -39.36 92.39 -3.54
CA ARG P 80 -39.55 92.82 -2.15
C ARG P 80 -39.35 91.66 -1.17
N ASP P 81 -39.47 90.42 -1.65
CA ASP P 81 -39.14 89.26 -0.84
C ASP P 81 -37.64 89.03 -0.73
N HIS P 82 -36.82 89.73 -1.52
CA HIS P 82 -35.40 89.44 -1.60
C HIS P 82 -34.52 90.56 -1.07
N LEU P 83 -35.09 91.60 -0.45
CA LEU P 83 -34.32 92.69 0.12
C LEU P 83 -35.15 93.39 1.20
N GLN P 84 -34.45 94.15 2.04
CA GLN P 84 -35.09 94.95 3.07
C GLN P 84 -34.72 96.41 2.88
N PHE P 85 -35.72 97.28 2.90
CA PHE P 85 -35.54 98.70 2.64
C PHE P 85 -34.97 99.42 3.86
N GLY P 86 -34.44 100.62 3.61
CA GLY P 86 -33.99 101.50 4.67
C GLY P 86 -34.96 102.64 4.89
N GLU P 87 -34.45 103.87 5.03
CA GLU P 87 -35.32 105.05 5.13
C GLU P 87 -34.54 106.25 4.62
N PRO P 88 -35.12 107.03 3.69
CA PRO P 88 -34.41 108.20 3.18
C PRO P 88 -34.32 109.31 4.21
N ALA P 89 -33.11 109.53 4.73
CA ALA P 89 -32.87 110.51 5.78
C ALA P 89 -31.95 111.61 5.28
N VAL P 90 -31.80 112.63 6.12
CA VAL P 90 -30.76 113.63 5.89
C VAL P 90 -29.40 113.01 6.19
N VAL P 91 -28.44 113.27 5.31
CA VAL P 91 -27.06 112.82 5.52
C VAL P 91 -26.47 113.54 6.73
N PRO P 92 -25.78 112.83 7.63
CA PRO P 92 -25.13 113.51 8.77
C PRO P 92 -23.93 114.37 8.36
N HIS P 93 -23.24 114.92 9.36
CA HIS P 93 -22.15 115.84 9.11
C HIS P 93 -21.02 115.62 10.13
N PRO P 94 -19.75 115.71 9.70
CA PRO P 94 -19.30 115.97 8.32
C PRO P 94 -19.01 114.70 7.52
N THR P 95 -19.09 114.81 6.19
CA THR P 95 -18.82 113.72 5.28
C THR P 95 -17.71 114.10 4.30
N PRO P 96 -16.73 113.23 4.11
CA PRO P 96 -15.84 113.36 2.96
C PRO P 96 -16.52 112.80 1.70
N TYR P 97 -15.89 113.04 0.55
CA TYR P 97 -16.51 112.76 -0.74
C TYR P 97 -15.52 112.05 -1.66
N ARG P 98 -16.05 111.22 -2.55
CA ARG P 98 -15.25 110.55 -3.58
C ARG P 98 -16.18 110.15 -4.72
N GLN P 99 -15.59 109.92 -5.89
CA GLN P 99 -16.32 109.55 -7.09
C GLN P 99 -16.41 108.04 -7.24
N VAL P 100 -17.44 107.59 -7.95
CA VAL P 100 -17.57 106.20 -8.41
C VAL P 100 -17.59 106.22 -9.92
N SER P 101 -16.79 105.35 -10.55
CA SER P 101 -16.63 105.37 -11.99
C SER P 101 -16.53 103.96 -12.55
N ARG P 102 -16.82 103.84 -13.84
CA ARG P 102 -16.60 102.62 -14.62
C ARG P 102 -15.20 102.70 -15.20
N VAL P 103 -14.32 101.78 -14.77
CA VAL P 103 -12.97 101.72 -15.28
C VAL P 103 -12.89 100.57 -16.29
N GLN P 104 -12.48 100.89 -17.50
CA GLN P 104 -12.32 99.90 -18.55
C GLN P 104 -10.89 99.90 -19.06
N ALA P 105 -10.49 98.77 -19.62
CA ALA P 105 -9.18 98.62 -20.23
C ALA P 105 -9.30 97.68 -21.42
N LYS P 106 -8.26 97.69 -22.26
CA LYS P 106 -8.22 96.83 -23.44
C LYS P 106 -7.83 95.42 -23.02
N SER P 107 -8.82 94.69 -22.50
CA SER P 107 -8.57 93.36 -21.97
C SER P 107 -8.28 92.35 -23.08
N ASN P 108 -8.82 92.59 -24.27
CA ASN P 108 -8.44 91.80 -25.44
C ASN P 108 -7.70 92.69 -26.42
N PRO P 109 -6.73 92.16 -27.17
CA PRO P 109 -6.24 92.87 -28.35
C PRO P 109 -7.14 92.77 -29.56
N GLU P 110 -8.14 91.86 -29.54
CA GLU P 110 -8.90 91.54 -30.75
C GLU P 110 -9.80 92.68 -31.20
N ARG P 111 -10.43 93.38 -30.25
CA ARG P 111 -11.26 94.53 -30.61
C ARG P 111 -10.39 95.67 -31.16
N LEU P 112 -9.16 95.80 -30.65
CA LEU P 112 -8.23 96.76 -31.21
C LEU P 112 -7.80 96.38 -32.63
N ARG P 113 -7.61 95.08 -32.88
CA ARG P 113 -7.35 94.61 -34.24
C ARG P 113 -8.51 94.90 -35.18
N ARG P 114 -9.74 94.68 -34.70
CA ARG P 114 -10.91 94.93 -35.52
C ARG P 114 -11.10 96.41 -35.81
N ARG P 115 -10.80 97.26 -34.83
CA ARG P 115 -10.94 98.70 -35.04
C ARG P 115 -9.84 99.23 -35.95
N LEU P 116 -8.62 98.69 -35.83
CA LEU P 116 -7.54 99.06 -36.75
C LEU P 116 -7.80 98.55 -38.17
N MET P 117 -8.53 97.44 -38.30
CA MET P 117 -8.97 96.99 -39.61
C MET P 117 -10.04 97.92 -40.17
N ARG P 118 -10.99 98.33 -39.33
CA ARG P 118 -12.10 99.15 -39.80
C ARG P 118 -11.65 100.57 -40.13
N ARG P 119 -10.56 101.02 -39.53
CA ARG P 119 -10.06 102.37 -39.81
C ARG P 119 -8.98 102.40 -40.87
N HIS P 120 -7.91 101.62 -40.70
CA HIS P 120 -6.74 101.72 -41.56
C HIS P 120 -6.85 100.84 -42.80
N ASP P 121 -7.70 99.81 -42.77
CA ASP P 121 -7.83 98.79 -43.82
C ASP P 121 -6.49 98.12 -44.13
N LEU P 122 -5.70 97.89 -43.09
CA LEU P 122 -4.41 97.25 -43.22
C LEU P 122 -4.58 95.73 -43.08
N SER P 123 -3.47 95.02 -42.93
CA SER P 123 -3.48 93.57 -42.80
C SER P 123 -3.57 93.17 -41.32
N GLU P 124 -3.63 91.86 -41.11
CA GLU P 124 -3.66 91.34 -39.74
C GLU P 124 -2.26 91.35 -39.14
N GLU P 125 -1.23 91.22 -39.98
CA GLU P 125 0.13 91.19 -39.46
C GLU P 125 0.61 92.59 -39.08
N GLU P 126 0.15 93.60 -39.84
CA GLU P 126 0.47 94.99 -39.51
C GLU P 126 -0.18 95.40 -38.20
N ALA P 127 -1.43 94.98 -37.98
CA ALA P 127 -2.10 95.25 -36.71
C ALA P 127 -1.54 94.38 -35.59
N ARG P 128 -0.92 93.25 -35.92
CA ARG P 128 -0.35 92.38 -34.91
C ARG P 128 1.00 92.89 -34.41
N LYS P 129 1.83 93.41 -35.32
CA LYS P 129 3.11 93.97 -34.91
C LYS P 129 3.00 95.45 -34.56
N ARG P 130 1.85 96.09 -34.84
CA ARG P 130 1.67 97.48 -34.46
C ARG P 130 1.53 97.62 -32.95
N ILE P 131 0.54 96.96 -32.36
CA ILE P 131 0.39 96.86 -30.91
C ILE P 131 0.37 95.38 -30.53
N PRO P 132 0.99 95.01 -29.41
CA PRO P 132 1.15 93.59 -29.08
C PRO P 132 0.00 93.04 -28.24
N ASP P 133 0.19 91.79 -27.79
CA ASP P 133 -0.74 91.02 -26.97
C ASP P 133 -0.67 91.41 -25.49
N THR P 134 0.31 92.24 -25.12
CA THR P 134 0.53 92.67 -23.74
C THR P 134 -0.28 93.91 -23.37
N VAL P 135 -1.29 94.25 -24.17
CA VAL P 135 -2.10 95.42 -23.90
C VAL P 135 -3.10 95.15 -22.77
N ALA P 136 -3.34 93.88 -22.45
CA ALA P 136 -4.28 93.50 -21.40
C ALA P 136 -3.78 93.93 -20.02
N ARG P 137 -4.61 94.68 -19.31
CA ARG P 137 -4.25 95.30 -18.05
C ARG P 137 -4.81 94.51 -16.87
N THR P 138 -4.01 94.40 -15.80
CA THR P 138 -4.45 93.81 -14.56
C THR P 138 -5.09 94.90 -13.68
N LEU P 139 -6.29 94.60 -13.18
CA LEU P 139 -7.13 95.63 -12.60
C LEU P 139 -7.85 95.06 -11.39
N ASP P 140 -7.48 95.54 -10.20
CA ASP P 140 -7.89 94.96 -8.92
C ASP P 140 -9.09 95.72 -8.37
N LEU P 141 -10.02 96.08 -9.24
CA LEU P 141 -11.09 96.86 -8.64
C LEU P 141 -12.38 96.07 -8.57
N PRO P 142 -13.19 96.31 -7.53
CA PRO P 142 -14.43 95.53 -7.34
C PRO P 142 -15.43 95.76 -8.46
N PHE P 143 -16.08 94.68 -8.88
CA PHE P 143 -16.81 94.65 -10.14
C PHE P 143 -18.18 94.03 -10.00
N VAL P 144 -19.05 94.37 -10.95
CA VAL P 144 -20.36 93.76 -11.09
C VAL P 144 -20.50 93.26 -12.52
N THR P 145 -21.14 92.11 -12.70
CA THR P 145 -21.44 91.59 -14.03
C THR P 145 -22.84 92.02 -14.43
N LEU P 146 -22.99 92.46 -15.68
CA LEU P 146 -24.27 92.92 -16.20
C LEU P 146 -24.64 92.19 -17.47
N ARG P 147 -25.91 92.34 -17.84
CA ARG P 147 -26.47 91.78 -19.06
C ARG P 147 -27.09 92.92 -19.87
N SER P 148 -27.80 92.55 -20.94
CA SER P 148 -28.36 93.52 -21.86
C SER P 148 -29.84 93.28 -22.06
N GLN P 149 -30.47 94.22 -22.77
CA GLN P 149 -31.87 94.09 -23.15
C GLN P 149 -32.01 93.78 -24.63
N SER P 150 -31.39 94.60 -25.49
CA SER P 150 -31.49 94.42 -26.93
C SER P 150 -30.33 93.59 -27.46
N THR P 151 -29.11 94.09 -27.28
CA THR P 151 -27.92 93.40 -27.79
C THR P 151 -27.32 92.51 -26.70
N GLY P 152 -28.02 91.40 -26.49
CA GLY P 152 -27.81 90.51 -25.37
C GLY P 152 -26.45 89.89 -25.20
N GLN P 153 -25.73 90.31 -24.15
CA GLN P 153 -24.40 89.78 -23.86
C GLN P 153 -24.11 89.99 -22.38
N HIS P 154 -23.36 89.06 -21.81
CA HIS P 154 -22.95 89.10 -20.41
C HIS P 154 -21.59 89.77 -20.29
N PHE P 155 -21.55 90.97 -19.69
CA PHE P 155 -20.30 91.69 -19.51
C PHE P 155 -20.17 92.13 -18.07
N ARG P 156 -18.95 92.48 -17.68
CA ARG P 156 -18.68 92.95 -16.32
C ARG P 156 -18.29 94.42 -16.32
N LEU P 157 -18.69 95.11 -15.24
CA LEU P 157 -18.40 96.52 -15.03
C LEU P 157 -17.58 96.66 -13.75
N PHE P 158 -16.34 97.13 -13.89
CA PHE P 158 -15.48 97.33 -12.74
C PHE P 158 -15.72 98.70 -12.12
N ILE P 159 -15.73 98.75 -10.80
CA ILE P 159 -16.01 99.98 -10.08
C ILE P 159 -14.72 100.50 -9.45
N ARG P 160 -14.33 101.72 -9.81
CA ARG P 160 -13.22 102.42 -9.18
C ARG P 160 -13.75 103.57 -8.35
N HIS P 161 -13.29 103.63 -7.10
CA HIS P 161 -13.68 104.66 -6.15
C HIS P 161 -12.54 105.68 -6.03
N GLY P 162 -12.89 106.97 -6.15
CA GLY P 162 -11.90 108.01 -6.22
C GLY P 162 -11.34 108.40 -4.87
N PRO P 163 -10.50 109.43 -4.86
CA PRO P 163 -9.87 109.86 -3.59
C PRO P 163 -10.84 110.57 -2.68
N LEU P 164 -10.58 110.46 -1.38
CA LEU P 164 -11.44 111.11 -0.40
C LEU P 164 -11.07 112.58 -0.30
N GLN P 165 -12.02 113.46 -0.65
CA GLN P 165 -11.84 114.89 -0.48
C GLN P 165 -12.88 115.41 0.49
N ALA P 166 -12.61 116.59 1.07
CA ALA P 166 -13.48 117.11 2.10
C ALA P 166 -14.65 117.92 1.55
N THR P 167 -14.58 118.38 0.30
CA THR P 167 -15.64 119.20 -0.26
C THR P 167 -16.14 118.59 -1.57
N ALA P 168 -17.47 118.56 -1.72
CA ALA P 168 -18.11 118.00 -2.89
C ALA P 168 -18.21 119.04 -3.99
N GLU P 169 -17.98 118.62 -5.23
CA GLU P 169 -18.20 119.44 -6.40
C GLU P 169 -19.46 118.99 -7.13
N GLU P 170 -19.93 119.83 -8.04
CA GLU P 170 -21.12 119.50 -8.79
C GLU P 170 -20.77 118.69 -10.04
N GLY P 171 -21.75 117.94 -10.53
CA GLY P 171 -21.55 117.12 -11.70
C GLY P 171 -22.61 116.04 -11.86
N GLY P 172 -22.79 115.58 -13.10
CA GLY P 172 -23.84 114.64 -13.41
C GLY P 172 -23.47 113.19 -13.18
N PHE P 173 -24.44 112.32 -13.41
CA PHE P 173 -24.26 110.88 -13.29
C PHE P 173 -24.86 110.21 -14.52
N THR P 174 -24.12 109.27 -15.07
CA THR P 174 -24.54 108.56 -16.27
C THR P 174 -25.62 107.53 -15.93
N CYS P 175 -26.02 106.76 -16.95
CA CYS P 175 -27.03 105.73 -16.77
CA CYS P 175 -27.03 105.73 -16.77
C CYS P 175 -26.56 104.60 -15.88
N TYR P 176 -25.25 104.38 -15.77
CA TYR P 176 -24.69 103.41 -14.85
C TYR P 176 -24.47 104.00 -13.46
N GLY P 177 -24.89 105.23 -13.23
CA GLY P 177 -24.73 105.89 -11.94
C GLY P 177 -23.34 106.36 -11.63
N LEU P 178 -22.40 106.25 -12.57
CA LEU P 178 -21.02 106.61 -12.30
C LEU P 178 -20.85 108.13 -12.21
N SER P 179 -19.99 108.58 -11.30
CA SER P 179 -19.73 109.99 -11.11
C SER P 179 -18.91 110.55 -12.27
N LYS P 180 -19.45 111.57 -12.92
CA LYS P 180 -18.73 112.31 -13.95
C LYS P 180 -18.45 113.74 -13.47
N GLY P 181 -18.23 113.90 -12.16
CA GLY P 181 -17.93 115.19 -11.56
C GLY P 181 -18.69 115.46 -10.27
N GLY P 182 -19.81 114.77 -10.07
CA GLY P 182 -20.59 114.94 -8.85
C GLY P 182 -20.18 113.90 -7.82
N PHE P 183 -19.88 114.35 -6.61
CA PHE P 183 -19.34 113.46 -5.58
C PHE P 183 -20.37 113.25 -4.48
N VAL P 184 -20.36 112.06 -3.91
CA VAL P 184 -21.41 111.59 -3.01
C VAL P 184 -20.91 111.69 -1.57
N PRO P 185 -21.78 111.89 -0.58
CA PRO P 185 -21.31 111.94 0.81
C PRO P 185 -21.02 110.55 1.36
N TRP P 186 -19.91 110.45 2.10
CA TRP P 186 -19.44 109.20 2.64
C TRP P 186 -19.44 109.25 4.16
N PHE P 187 -20.05 108.25 4.78
CA PHE P 187 -20.12 108.15 6.23
C PHE P 187 -20.37 106.70 6.64
N ASN Q 2 8.97 -49.69 -18.04
CA ASN Q 2 8.93 -48.30 -18.48
C ASN Q 2 8.51 -47.38 -17.34
N ALA Q 3 9.30 -46.34 -17.11
CA ALA Q 3 8.99 -45.40 -16.03
C ALA Q 3 7.92 -44.42 -16.49
N ILE Q 4 7.31 -43.75 -15.51
CA ILE Q 4 6.40 -42.64 -15.76
C ILE Q 4 6.91 -41.46 -14.96
N HIS Q 5 6.92 -40.28 -15.58
CA HIS Q 5 7.47 -39.08 -14.96
C HIS Q 5 6.38 -38.04 -14.79
N ILE Q 6 6.12 -37.66 -13.55
CA ILE Q 6 5.16 -36.62 -13.21
C ILE Q 6 5.94 -35.55 -12.48
N GLY Q 7 6.42 -34.55 -13.22
CA GLY Q 7 7.23 -33.51 -12.64
C GLY Q 7 8.54 -34.06 -12.11
N PRO Q 8 8.82 -33.78 -10.84
CA PRO Q 8 10.02 -34.37 -10.21
C PRO Q 8 9.80 -35.76 -9.67
N PHE Q 9 8.63 -36.36 -9.88
CA PHE Q 9 8.34 -37.69 -9.38
C PHE Q 9 8.50 -38.72 -10.48
N SER Q 10 8.86 -39.94 -10.09
CA SER Q 10 9.03 -41.04 -11.02
C SER Q 10 8.35 -42.28 -10.47
N ILE Q 11 7.75 -43.06 -11.37
CA ILE Q 11 7.04 -44.28 -11.02
C ILE Q 11 7.59 -45.41 -11.87
N THR Q 12 8.25 -46.37 -11.23
CA THR Q 12 8.88 -47.46 -11.96
C THR Q 12 8.27 -48.80 -11.56
N PRO Q 13 8.24 -49.76 -12.47
CA PRO Q 13 7.88 -51.13 -12.08
C PRO Q 13 9.12 -51.89 -11.63
N ALA Q 14 8.90 -53.14 -11.23
CA ALA Q 14 9.90 -53.87 -10.45
C ALA Q 14 10.46 -55.09 -11.16
N ALA Q 15 10.36 -55.16 -12.49
CA ALA Q 15 11.14 -56.00 -13.39
C ALA Q 15 10.86 -57.50 -13.32
N ARG Q 16 10.07 -57.98 -12.36
CA ARG Q 16 9.62 -59.38 -12.38
C ARG Q 16 8.35 -59.50 -11.55
N GLY Q 17 7.24 -59.80 -12.19
CA GLY Q 17 5.94 -59.81 -11.54
C GLY Q 17 5.71 -61.07 -10.73
N LEU Q 18 4.45 -61.22 -10.31
CA LEU Q 18 4.04 -62.38 -9.54
C LEU Q 18 2.55 -62.58 -9.76
N HIS Q 19 2.04 -63.68 -9.21
CA HIS Q 19 0.65 -64.06 -9.39
C HIS Q 19 -0.04 -63.97 -8.05
N TYR Q 20 -1.01 -63.06 -7.95
CA TYR Q 20 -1.77 -62.88 -6.73
C TYR Q 20 -3.24 -63.09 -7.05
N GLY Q 21 -3.82 -64.12 -6.44
CA GLY Q 21 -5.20 -64.44 -6.74
C GLY Q 21 -5.39 -65.00 -8.12
N GLY Q 22 -4.36 -65.58 -8.71
CA GLY Q 22 -4.44 -66.12 -10.05
C GLY Q 22 -4.13 -65.14 -11.16
N LEU Q 23 -4.00 -63.85 -10.85
CA LEU Q 23 -3.77 -62.89 -11.89
C LEU Q 23 -2.35 -62.34 -11.79
N PRO Q 24 -1.71 -62.02 -12.91
CA PRO Q 24 -0.35 -61.49 -12.84
C PRO Q 24 -0.34 -60.04 -12.39
N HIS Q 25 0.63 -59.72 -11.54
CA HIS Q 25 0.71 -58.39 -10.96
C HIS Q 25 2.12 -57.85 -11.15
N HIS Q 26 2.36 -56.68 -10.57
CA HIS Q 26 3.66 -56.04 -10.60
C HIS Q 26 3.73 -55.04 -9.45
N GLN Q 27 4.93 -54.90 -8.90
CA GLN Q 27 5.17 -53.92 -7.85
C GLN Q 27 5.62 -52.62 -8.47
N TRP Q 28 5.12 -51.52 -7.93
CA TRP Q 28 5.47 -50.19 -8.42
C TRP Q 28 6.01 -49.36 -7.26
N THR Q 29 6.90 -48.43 -7.58
CA THR Q 29 7.53 -47.60 -6.57
C THR Q 29 7.47 -46.15 -7.01
N LEU Q 30 7.15 -45.26 -6.08
CA LEU Q 30 7.05 -43.84 -6.35
C LEU Q 30 8.22 -43.12 -5.69
N TYR Q 31 9.01 -42.42 -6.49
CA TYR Q 31 10.20 -41.77 -6.00
C TYR Q 31 10.04 -40.26 -6.04
N TYR Q 32 10.78 -39.59 -5.16
CA TYR Q 32 10.96 -38.14 -5.21
C TYR Q 32 12.47 -37.93 -5.12
N GLY Q 33 13.10 -37.80 -6.29
CA GLY Q 33 14.53 -37.77 -6.35
C GLY Q 33 15.12 -39.09 -5.90
N PRO Q 34 16.03 -39.04 -4.94
CA PRO Q 34 16.60 -40.28 -4.40
C PRO Q 34 15.82 -40.88 -3.27
N ARG Q 35 14.65 -40.35 -2.94
CA ARG Q 35 13.90 -40.81 -1.78
C ARG Q 35 12.66 -41.57 -2.23
N GLU Q 36 12.52 -42.78 -1.73
CA GLU Q 36 11.39 -43.63 -2.07
C GLU Q 36 10.26 -43.39 -1.08
N MET Q 37 9.05 -43.23 -1.61
CA MET Q 37 7.92 -42.76 -0.81
C MET Q 37 6.85 -43.81 -0.60
N ALA Q 38 6.44 -44.51 -1.66
CA ALA Q 38 5.36 -45.48 -1.53
C ALA Q 38 5.62 -46.66 -2.45
N ILE Q 39 4.98 -47.77 -2.14
CA ILE Q 39 5.09 -49.00 -2.91
C ILE Q 39 3.70 -49.61 -2.99
N LYS Q 40 3.24 -49.93 -4.19
CA LYS Q 40 1.97 -50.60 -4.36
C LYS Q 40 2.16 -51.82 -5.24
N THR Q 41 1.17 -52.71 -5.22
CA THR Q 41 1.16 -53.89 -6.06
C THR Q 41 -0.04 -53.82 -6.96
N LEU Q 42 0.19 -53.65 -8.25
CA LEU Q 42 -0.89 -53.46 -9.18
C LEU Q 42 -0.91 -54.58 -10.21
N PRO Q 43 -2.09 -54.99 -10.67
CA PRO Q 43 -2.13 -56.01 -11.72
C PRO Q 43 -1.73 -55.42 -13.05
N ASP Q 44 -1.54 -56.30 -14.01
CA ASP Q 44 -1.37 -55.86 -15.39
C ASP Q 44 -2.75 -55.55 -15.96
N SER Q 45 -2.78 -55.31 -17.27
CA SER Q 45 -3.91 -54.69 -17.98
C SER Q 45 -4.32 -53.39 -17.32
N TYR Q 46 -3.34 -52.59 -16.92
CA TYR Q 46 -3.57 -51.25 -16.41
C TYR Q 46 -2.92 -50.26 -17.34
N THR Q 47 -3.70 -49.29 -17.83
CA THR Q 47 -3.10 -48.21 -18.58
C THR Q 47 -2.37 -47.26 -17.63
N SER Q 48 -1.58 -46.36 -18.23
CA SER Q 48 -0.72 -45.51 -17.43
C SER Q 48 -1.52 -44.45 -16.67
N SER Q 49 -2.74 -44.14 -17.13
CA SER Q 49 -3.59 -43.22 -16.41
C SER Q 49 -4.05 -43.82 -15.09
N GLU Q 50 -4.29 -45.13 -15.07
CA GLU Q 50 -4.66 -45.80 -13.83
C GLU Q 50 -3.51 -45.79 -12.83
N VAL Q 51 -2.30 -46.00 -13.33
CA VAL Q 51 -1.14 -45.95 -12.45
C VAL Q 51 -0.88 -44.52 -11.99
N ARG Q 52 -1.31 -43.53 -12.78
CA ARG Q 52 -1.20 -42.15 -12.36
C ARG Q 52 -2.14 -41.86 -11.19
N ASP Q 53 -3.43 -42.13 -11.37
CA ASP Q 53 -4.33 -41.76 -10.30
C ASP Q 53 -4.39 -42.78 -9.18
N GLU Q 54 -3.58 -43.84 -9.23
CA GLU Q 54 -3.33 -44.61 -8.02
C GLU Q 54 -2.50 -43.81 -7.02
N PHE Q 55 -1.63 -42.94 -7.50
CA PHE Q 55 -0.69 -42.22 -6.65
C PHE Q 55 -1.00 -40.73 -6.56
N SER Q 56 -1.97 -40.26 -7.35
CA SER Q 56 -2.35 -38.84 -7.38
C SER Q 56 -2.66 -38.27 -6.00
N ASP Q 57 -3.28 -39.06 -5.13
CA ASP Q 57 -3.65 -38.55 -3.82
C ASP Q 57 -2.43 -38.30 -2.93
N ILE Q 58 -1.44 -39.19 -3.00
CA ILE Q 58 -0.21 -39.00 -2.24
C ILE Q 58 0.53 -37.79 -2.75
N ILE Q 59 0.52 -37.59 -4.08
CA ILE Q 59 1.13 -36.40 -4.67
C ILE Q 59 0.46 -35.14 -4.15
N ALA Q 60 -0.88 -35.14 -4.08
CA ALA Q 60 -1.62 -33.96 -3.67
C ALA Q 60 -1.39 -33.65 -2.20
N GLU Q 61 -1.31 -34.68 -1.36
CA GLU Q 61 -1.04 -34.50 0.05
C GLU Q 61 0.35 -33.93 0.25
N PHE Q 62 1.34 -34.43 -0.51
CA PHE Q 62 2.69 -33.88 -0.41
C PHE Q 62 2.73 -32.40 -0.81
N VAL Q 63 1.94 -32.06 -1.83
CA VAL Q 63 1.83 -30.67 -2.26
C VAL Q 63 1.21 -29.80 -1.16
N ILE Q 64 0.18 -30.32 -0.49
CA ILE Q 64 -0.51 -29.57 0.57
C ILE Q 64 0.44 -29.29 1.73
N ASP Q 65 1.19 -30.31 2.14
CA ASP Q 65 2.12 -30.16 3.26
C ASP Q 65 3.25 -29.22 2.90
N ALA Q 66 3.78 -29.33 1.68
CA ALA Q 66 4.87 -28.45 1.28
C ALA Q 66 4.41 -27.01 1.15
N ARG Q 67 3.16 -26.81 0.74
CA ARG Q 67 2.62 -25.47 0.64
C ARG Q 67 2.44 -24.86 2.01
N HIS Q 68 1.97 -25.65 2.98
CA HIS Q 68 1.74 -25.09 4.31
C HIS Q 68 3.05 -24.84 5.05
N ARG Q 69 4.05 -25.70 4.85
CA ARG Q 69 5.28 -25.57 5.63
C ARG Q 69 6.10 -24.36 5.21
N TYR Q 70 6.26 -24.15 3.90
CA TYR Q 70 7.09 -23.09 3.39
C TYR Q 70 6.30 -21.84 3.02
N ALA Q 71 5.23 -21.56 3.76
CA ALA Q 71 4.46 -20.35 3.50
C ALA Q 71 5.24 -19.13 3.97
N PRO Q 72 5.10 -18.00 3.29
CA PRO Q 72 5.83 -16.80 3.69
C PRO Q 72 5.18 -16.11 4.88
N ASP Q 73 5.88 -15.12 5.41
CA ASP Q 73 5.45 -14.45 6.63
C ASP Q 73 4.42 -13.37 6.30
N VAL Q 74 3.62 -13.02 7.31
CA VAL Q 74 2.53 -12.07 7.14
C VAL Q 74 2.75 -10.90 8.09
N LEU Q 75 2.72 -9.69 7.54
CA LEU Q 75 2.65 -8.48 8.32
C LEU Q 75 1.24 -7.94 8.28
N GLU Q 76 0.92 -7.04 9.20
CA GLU Q 76 -0.41 -6.49 9.31
C GLU Q 76 -0.36 -5.05 9.78
N LEU Q 77 -1.40 -4.31 9.49
CA LEU Q 77 -1.49 -2.90 9.81
C LEU Q 77 -2.58 -2.68 10.83
N VAL Q 78 -2.22 -2.17 11.99
CA VAL Q 78 -3.18 -1.94 13.06
C VAL Q 78 -3.16 -0.47 13.43
N ASN Q 79 -4.27 -0.01 13.98
CA ASN Q 79 -4.39 1.36 14.44
C ASN Q 79 -3.89 1.44 15.87
N SER Q 80 -4.21 2.55 16.54
CA SER Q 80 -3.47 2.93 17.73
C SER Q 80 -3.86 2.09 18.95
N ASP Q 81 -4.99 1.41 18.90
CA ASP Q 81 -5.42 0.62 20.04
C ASP Q 81 -4.64 -0.69 20.12
N GLY Q 82 -4.54 -1.41 19.01
CA GLY Q 82 -3.79 -2.65 18.99
C GLY Q 82 -4.49 -3.78 18.28
N ASP Q 83 -5.81 -3.81 18.38
CA ASP Q 83 -6.61 -4.81 17.67
C ASP Q 83 -7.15 -4.18 16.39
N ALA Q 84 -8.08 -4.89 15.74
CA ALA Q 84 -8.78 -4.46 14.52
C ALA Q 84 -7.80 -4.18 13.38
N VAL Q 85 -7.22 -5.28 12.89
CA VAL Q 85 -6.29 -5.23 11.78
C VAL Q 85 -6.98 -4.67 10.54
N LEU Q 86 -6.35 -3.70 9.90
CA LEU Q 86 -6.92 -3.01 8.76
C LEU Q 86 -6.53 -3.64 7.43
N ALA Q 87 -5.29 -4.08 7.28
CA ALA Q 87 -4.86 -4.72 6.05
C ALA Q 87 -3.73 -5.69 6.36
N ARG Q 88 -3.59 -6.69 5.52
CA ARG Q 88 -2.56 -7.70 5.66
C ARG Q 88 -1.74 -7.76 4.40
N VAL Q 89 -0.51 -8.26 4.54
CA VAL Q 89 0.37 -8.43 3.40
C VAL Q 89 1.31 -9.59 3.70
N ALA Q 90 1.63 -10.36 2.67
CA ALA Q 90 2.52 -11.50 2.79
C ALA Q 90 3.87 -11.11 2.20
N VAL Q 91 4.86 -10.98 3.05
CA VAL Q 91 6.17 -10.51 2.61
C VAL Q 91 7.09 -11.70 2.44
N SER Q 92 8.22 -11.45 1.79
CA SER Q 92 9.24 -12.47 1.60
C SER Q 92 10.50 -12.17 2.38
N ARG Q 93 10.50 -11.12 3.19
CA ARG Q 93 11.68 -10.67 3.91
C ARG Q 93 11.20 -9.73 5.00
N LEU Q 94 12.05 -9.51 5.98
CA LEU Q 94 11.61 -8.63 7.04
C LEU Q 94 12.23 -7.24 6.88
N PRO Q 95 11.51 -6.18 7.26
CA PRO Q 95 11.96 -4.82 6.93
C PRO Q 95 13.10 -4.29 7.78
N GLU Q 96 13.78 -5.13 8.56
CA GLU Q 96 15.16 -4.92 9.04
C GLU Q 96 15.23 -3.87 10.14
N ALA Q 97 14.17 -3.11 10.38
CA ALA Q 97 14.17 -2.08 11.41
C ALA Q 97 13.31 -2.46 12.60
N LEU Q 98 12.75 -3.66 12.63
CA LEU Q 98 11.81 -4.03 13.67
C LEU Q 98 12.54 -4.35 14.97
N SER Q 99 11.83 -4.14 16.07
CA SER Q 99 12.28 -4.49 17.41
C SER Q 99 11.06 -4.44 18.32
N GLY Q 100 10.88 -5.47 19.16
CA GLY Q 100 9.67 -5.79 19.89
C GLY Q 100 8.88 -4.67 20.51
N CYS Q 101 7.63 -4.48 20.08
CA CYS Q 101 6.92 -3.26 20.40
C CYS Q 101 5.48 -3.58 20.77
N ILE Q 102 4.89 -2.67 21.53
CA ILE Q 102 3.47 -2.66 21.85
C ILE Q 102 2.95 -1.28 21.45
N PRO Q 103 1.90 -1.19 20.65
CA PRO Q 103 1.44 0.12 20.17
C PRO Q 103 0.77 0.92 21.27
N ASP Q 104 0.96 2.23 21.22
CA ASP Q 104 0.33 3.15 22.15
C ASP Q 104 -0.40 4.25 21.38
N ASP Q 105 -0.77 5.31 22.09
CA ASP Q 105 -1.54 6.39 21.50
C ASP Q 105 -0.68 7.47 20.88
N ARG Q 106 0.64 7.32 20.87
CA ARG Q 106 1.51 8.34 20.32
C ARG Q 106 1.46 8.40 18.80
N PHE Q 107 0.99 7.34 18.14
CA PHE Q 107 0.94 7.28 16.70
C PHE Q 107 -0.32 6.53 16.30
N PRO Q 108 -0.91 6.87 15.15
CA PRO Q 108 -2.17 6.23 14.77
C PRO Q 108 -2.03 4.99 13.91
N TYR Q 109 -0.83 4.59 13.53
CA TYR Q 109 -0.66 3.45 12.66
C TYR Q 109 0.58 2.66 13.04
N TRP Q 110 0.42 1.35 13.16
CA TRP Q 110 1.53 0.48 13.51
C TRP Q 110 1.53 -0.71 12.57
N LEU Q 111 2.73 -1.24 12.32
CA LEU Q 111 2.92 -2.34 11.39
C LEU Q 111 3.56 -3.49 12.15
N LEU Q 112 2.74 -4.45 12.58
CA LEU Q 112 3.21 -5.56 13.40
C LEU Q 112 3.33 -6.83 12.58
N THR Q 113 4.03 -7.80 13.16
CA THR Q 113 4.12 -9.13 12.59
C THR Q 113 2.91 -9.95 13.00
N ALA Q 114 2.83 -11.16 12.45
CA ALA Q 114 1.75 -12.06 12.83
C ALA Q 114 2.19 -13.10 13.84
N SER Q 115 3.50 -13.30 13.99
CA SER Q 115 4.00 -14.21 15.01
C SER Q 115 3.76 -13.61 16.39
N ARG Q 116 3.84 -14.46 17.41
CA ARG Q 116 3.21 -14.07 18.68
C ARG Q 116 4.04 -13.08 19.51
N PRO Q 117 5.34 -13.26 19.77
CA PRO Q 117 6.06 -12.15 20.41
C PRO Q 117 6.39 -11.09 19.39
N ARG Q 118 5.45 -10.16 19.16
CA ARG Q 118 5.48 -9.31 17.99
C ARG Q 118 6.63 -8.31 18.02
N LEU Q 119 7.00 -7.82 16.84
CA LEU Q 119 8.14 -6.93 16.71
C LEU Q 119 7.74 -5.50 16.36
N GLY Q 120 7.09 -5.29 15.23
CA GLY Q 120 6.42 -4.03 15.00
C GLY Q 120 7.23 -2.80 14.68
N LEU Q 121 6.53 -1.77 14.17
CA LEU Q 121 7.05 -0.46 13.79
C LEU Q 121 5.90 0.49 13.53
N PRO Q 122 6.04 1.78 13.89
CA PRO Q 122 5.00 2.75 13.53
C PRO Q 122 5.29 3.38 12.18
N VAL Q 123 4.23 3.49 11.38
CA VAL Q 123 4.34 3.97 10.01
C VAL Q 123 3.28 5.05 9.78
N THR Q 124 3.29 5.63 8.58
CA THR Q 124 2.41 6.74 8.28
C THR Q 124 1.84 6.61 6.87
N LEU Q 125 1.52 5.38 6.47
CA LEU Q 125 0.66 5.03 5.33
C LEU Q 125 1.25 5.39 3.97
N ASN Q 126 2.40 6.06 3.93
CA ASN Q 126 3.12 6.28 2.70
C ASN Q 126 4.38 5.44 2.65
N GLU Q 127 5.10 5.35 3.78
CA GLU Q 127 6.21 4.42 3.85
C GLU Q 127 5.71 2.99 3.90
N TYR Q 128 4.48 2.79 4.37
CA TYR Q 128 3.86 1.48 4.35
C TYR Q 128 3.68 0.99 2.92
N THR Q 129 3.25 1.88 2.04
CA THR Q 129 3.12 1.51 0.64
C THR Q 129 4.48 1.24 0.01
N ALA Q 130 5.51 1.94 0.45
CA ALA Q 130 6.85 1.69 -0.05
C ALA Q 130 7.35 0.32 0.37
N LEU Q 131 7.10 -0.06 1.62
CA LEU Q 131 7.50 -1.38 2.08
C LEU Q 131 6.69 -2.47 1.40
N ALA Q 132 5.42 -2.19 1.12
CA ALA Q 132 4.58 -3.17 0.42
C ALA Q 132 5.04 -3.36 -1.00
N VAL Q 133 5.50 -2.29 -1.66
CA VAL Q 133 6.01 -2.42 -3.01
C VAL Q 133 7.34 -3.17 -2.99
N GLU Q 134 8.19 -2.88 -2.01
CA GLU Q 134 9.53 -3.47 -2.02
C GLU Q 134 9.54 -4.93 -1.59
N LEU Q 135 8.87 -5.28 -0.51
CA LEU Q 135 9.10 -6.56 0.15
C LEU Q 135 8.00 -7.58 -0.08
N SER Q 136 7.15 -7.41 -1.08
CA SER Q 136 6.03 -8.32 -1.23
C SER Q 136 6.48 -9.67 -1.77
N ALA Q 137 5.56 -10.61 -1.81
CA ALA Q 137 5.91 -11.96 -2.20
C ALA Q 137 5.06 -12.42 -3.37
N PRO Q 138 5.64 -13.18 -4.30
CA PRO Q 138 4.88 -13.69 -5.44
C PRO Q 138 3.90 -14.75 -5.00
N PRO Q 139 2.92 -15.09 -5.84
CA PRO Q 139 1.91 -16.08 -5.41
C PRO Q 139 2.44 -17.48 -5.22
N LEU Q 140 3.54 -17.85 -5.84
CA LEU Q 140 4.06 -19.20 -5.74
C LEU Q 140 5.42 -19.22 -5.06
N ALA Q 141 5.55 -18.48 -3.96
CA ALA Q 141 6.84 -18.37 -3.31
C ALA Q 141 7.21 -19.60 -2.52
N TRP Q 142 6.27 -20.52 -2.30
CA TRP Q 142 6.58 -21.69 -1.49
C TRP Q 142 7.40 -22.72 -2.24
N ILE Q 143 7.54 -22.58 -3.56
CA ILE Q 143 8.36 -23.53 -4.31
C ILE Q 143 9.83 -23.29 -4.02
N THR Q 144 10.18 -22.09 -3.57
CA THR Q 144 11.57 -21.79 -3.23
C THR Q 144 12.05 -22.55 -2.01
N GLY Q 145 11.14 -23.08 -1.19
CA GLY Q 145 11.55 -23.92 -0.08
C GLY Q 145 12.11 -25.25 -0.50
N LEU Q 146 11.84 -25.69 -1.72
CA LEU Q 146 12.34 -26.96 -2.22
C LEU Q 146 13.59 -26.81 -3.07
N LEU Q 147 14.19 -25.66 -3.07
CA LEU Q 147 15.31 -25.48 -3.96
C LEU Q 147 16.59 -25.28 -3.18
N PRO Q 148 17.75 -25.68 -3.72
CA PRO Q 148 18.96 -25.75 -2.89
C PRO Q 148 19.56 -24.42 -2.48
N GLY Q 149 19.01 -23.29 -2.90
CA GLY Q 149 19.50 -22.00 -2.44
C GLY Q 149 20.69 -21.46 -3.20
N GLU Q 150 21.70 -22.30 -3.42
CA GLU Q 150 22.82 -21.90 -4.26
C GLU Q 150 22.45 -21.75 -5.73
N VAL Q 151 21.30 -22.27 -6.14
CA VAL Q 151 20.74 -21.97 -7.45
C VAL Q 151 19.76 -20.82 -7.38
N LEU Q 152 19.70 -20.10 -6.27
CA LEU Q 152 18.76 -19.02 -6.09
C LEU Q 152 19.40 -17.70 -5.71
N THR Q 153 20.71 -17.66 -5.50
CA THR Q 153 21.36 -16.45 -5.05
C THR Q 153 21.43 -15.41 -6.16
N HIS Q 154 21.52 -14.15 -5.76
CA HIS Q 154 21.68 -13.07 -6.70
C HIS Q 154 23.13 -12.85 -7.09
N ASP Q 155 24.06 -13.20 -6.22
CA ASP Q 155 25.47 -13.04 -6.52
C ASP Q 155 25.88 -14.01 -7.60
N ALA Q 156 26.53 -13.49 -8.64
CA ALA Q 156 26.93 -14.33 -9.77
C ALA Q 156 28.09 -15.24 -9.44
N GLU Q 157 28.82 -14.97 -8.36
CA GLU Q 157 30.01 -15.75 -8.07
C GLU Q 157 29.66 -17.09 -7.45
N GLU Q 158 28.58 -17.15 -6.69
CA GLU Q 158 28.21 -18.40 -6.02
C GLU Q 158 27.15 -19.18 -6.77
N TRP Q 159 26.57 -18.61 -7.81
CA TRP Q 159 25.49 -19.27 -8.50
C TRP Q 159 26.01 -20.42 -9.35
N ARG Q 160 25.24 -21.50 -9.42
CA ARG Q 160 25.50 -22.58 -10.35
C ARG Q 160 24.22 -22.88 -11.09
N PRO Q 161 24.30 -23.38 -12.32
CA PRO Q 161 23.10 -23.68 -13.07
C PRO Q 161 22.38 -24.88 -12.48
N PRO Q 162 21.05 -24.95 -12.62
CA PRO Q 162 20.33 -26.07 -12.06
C PRO Q 162 20.45 -27.29 -12.94
N THR Q 163 20.26 -28.46 -12.33
CA THR Q 163 20.17 -29.69 -13.09
C THR Q 163 18.77 -29.87 -13.65
N SER Q 164 18.57 -30.98 -14.36
CA SER Q 164 17.29 -31.22 -15.00
C SER Q 164 16.22 -31.55 -13.97
N TRP Q 165 16.59 -32.23 -12.89
CA TRP Q 165 15.61 -32.61 -11.89
C TRP Q 165 15.11 -31.41 -11.13
N GLU Q 166 16.01 -30.47 -10.83
CA GLU Q 166 15.58 -29.22 -10.22
C GLU Q 166 14.76 -28.40 -11.19
N LEU Q 167 15.12 -28.44 -12.48
CA LEU Q 167 14.41 -27.66 -13.48
C LEU Q 167 13.03 -28.22 -13.76
N ARG Q 168 12.79 -29.49 -13.44
CA ARG Q 168 11.45 -30.01 -13.61
C ARG Q 168 10.51 -29.60 -12.49
N HIS Q 169 10.98 -28.86 -11.49
CA HIS Q 169 10.08 -28.38 -10.45
C HIS Q 169 9.15 -27.29 -10.96
N VAL Q 170 9.54 -26.58 -12.00
CA VAL Q 170 8.79 -25.42 -12.45
C VAL Q 170 8.29 -25.54 -13.87
N VAL Q 171 8.97 -26.30 -14.73
CA VAL Q 171 8.59 -26.40 -16.13
C VAL Q 171 8.11 -27.82 -16.38
N GLY Q 172 7.10 -27.95 -17.23
CA GLY Q 172 6.54 -29.26 -17.51
C GLY Q 172 5.15 -29.39 -16.94
N GLU Q 173 4.35 -30.29 -17.49
CA GLU Q 173 2.95 -30.39 -17.08
C GLU Q 173 2.82 -31.03 -15.70
N GLY Q 174 3.83 -31.75 -15.25
CA GLY Q 174 3.79 -32.31 -13.92
C GLY Q 174 4.33 -31.41 -12.85
N SER Q 175 4.83 -30.24 -13.21
CA SER Q 175 5.47 -29.38 -12.24
C SER Q 175 4.43 -28.63 -11.42
N PHE Q 176 4.90 -27.95 -10.38
CA PHE Q 176 4.00 -27.32 -9.43
C PHE Q 176 3.37 -26.06 -10.00
N THR Q 177 4.06 -25.36 -10.88
CA THR Q 177 3.43 -24.24 -11.57
C THR Q 177 2.41 -24.71 -12.59
N GLY Q 178 2.63 -25.88 -13.18
CA GLY Q 178 1.72 -26.38 -14.19
C GLY Q 178 1.78 -25.62 -15.48
N VAL Q 179 2.98 -25.29 -15.95
CA VAL Q 179 3.15 -24.58 -17.20
C VAL Q 179 3.90 -25.49 -18.17
N SER Q 180 3.62 -25.33 -19.45
CA SER Q 180 4.19 -26.23 -20.45
C SER Q 180 5.60 -25.79 -20.81
N GLY Q 181 6.27 -26.65 -21.56
CA GLY Q 181 7.56 -26.27 -22.13
C GLY Q 181 7.40 -25.28 -23.27
N ALA Q 182 6.29 -25.39 -24.02
CA ALA Q 182 6.06 -24.49 -25.13
C ALA Q 182 5.74 -23.09 -24.64
N ALA Q 183 4.92 -22.99 -23.59
CA ALA Q 183 4.58 -21.69 -23.04
C ALA Q 183 5.79 -21.04 -22.39
N ALA Q 184 6.64 -21.83 -21.74
CA ALA Q 184 7.84 -21.28 -21.15
C ALA Q 184 8.85 -20.88 -22.20
N ALA Q 185 8.86 -21.57 -23.34
CA ALA Q 185 9.72 -21.18 -24.43
C ALA Q 185 9.24 -19.87 -25.06
N ALA Q 186 7.92 -19.71 -25.16
CA ALA Q 186 7.37 -18.46 -25.67
C ALA Q 186 7.56 -17.33 -24.67
N LEU Q 187 7.67 -17.66 -23.38
CA LEU Q 187 7.93 -16.63 -22.38
C LEU Q 187 9.36 -16.12 -22.45
N LEU Q 188 10.26 -16.86 -23.06
CA LEU Q 188 11.64 -16.43 -23.15
C LEU Q 188 12.01 -16.01 -24.57
N GLY Q 189 11.07 -16.10 -25.50
CA GLY Q 189 11.36 -15.72 -26.87
C GLY Q 189 12.27 -16.69 -27.58
N MET Q 190 12.06 -17.98 -27.38
CA MET Q 190 12.87 -19.01 -28.01
C MET Q 190 11.98 -19.95 -28.80
N SER Q 191 12.61 -20.87 -29.50
CA SER Q 191 11.87 -21.97 -30.12
C SER Q 191 11.57 -23.03 -29.07
N ALA Q 192 10.66 -23.94 -29.43
CA ALA Q 192 10.39 -25.06 -28.55
C ALA Q 192 11.57 -26.02 -28.51
N THR Q 193 12.28 -26.15 -29.64
CA THR Q 193 13.37 -27.11 -29.73
C THR Q 193 14.57 -26.64 -28.92
N ASN Q 194 14.88 -25.35 -28.99
CA ASN Q 194 15.99 -24.83 -28.22
C ASN Q 194 15.70 -24.85 -26.73
N PHE Q 195 14.43 -24.81 -26.35
CA PHE Q 195 14.11 -24.95 -24.95
C PHE Q 195 14.16 -26.40 -24.52
N ARG Q 196 13.79 -27.32 -25.41
CA ARG Q 196 13.89 -28.74 -25.11
C ARG Q 196 15.35 -29.17 -25.02
N LYS Q 197 16.25 -28.41 -25.66
CA LYS Q 197 17.67 -28.63 -25.49
C LYS Q 197 18.12 -28.49 -24.04
N TYR Q 198 17.43 -27.66 -23.25
CA TYR Q 198 17.82 -27.47 -21.87
C TYR Q 198 17.46 -28.64 -20.99
N THR Q 199 16.36 -29.33 -21.29
CA THR Q 199 15.81 -30.33 -20.39
C THR Q 199 16.02 -31.76 -20.90
N ALA Q 200 17.18 -32.03 -21.49
CA ALA Q 200 17.43 -33.36 -22.02
C ALA Q 200 17.70 -34.37 -20.91
N GLY Q 201 18.60 -34.04 -19.99
CA GLY Q 201 18.88 -34.93 -18.88
C GLY Q 201 20.35 -35.07 -18.51
N ASP Q 202 21.23 -34.99 -19.51
CA ASP Q 202 22.66 -35.05 -19.27
C ASP Q 202 23.37 -34.31 -20.39
N SER Q 203 24.38 -33.52 -20.02
CA SER Q 203 25.03 -32.62 -20.97
C SER Q 203 25.84 -33.38 -22.02
N ALA Q 204 26.22 -34.62 -21.73
CA ALA Q 204 26.84 -35.46 -22.75
C ALA Q 204 25.86 -35.81 -23.85
N ALA Q 205 24.58 -35.96 -23.50
CA ALA Q 205 23.55 -36.31 -24.47
C ALA Q 205 22.86 -35.05 -25.01
N ASN Q 206 23.70 -34.13 -25.51
CA ASN Q 206 23.31 -32.89 -26.18
C ASN Q 206 22.41 -32.03 -25.31
N ARG Q 207 22.98 -31.48 -24.23
CA ARG Q 207 22.23 -30.66 -23.29
C ARG Q 207 23.12 -29.53 -22.80
N GLN Q 208 22.55 -28.33 -22.75
CA GLN Q 208 23.28 -27.14 -22.36
C GLN Q 208 22.74 -26.60 -21.05
N LYS Q 209 23.61 -25.91 -20.32
CA LYS Q 209 23.19 -25.22 -19.12
C LYS Q 209 22.44 -23.96 -19.50
N ILE Q 210 21.55 -23.53 -18.62
CA ILE Q 210 20.86 -22.27 -18.84
C ILE Q 210 21.74 -21.14 -18.33
N SER Q 211 21.46 -19.92 -18.80
CA SER Q 211 22.22 -18.77 -18.38
C SER Q 211 21.73 -18.28 -17.03
N PHE Q 212 22.52 -17.38 -16.43
CA PHE Q 212 22.12 -16.72 -15.20
C PHE Q 212 20.90 -15.85 -15.43
N ALA Q 213 20.94 -15.03 -16.47
CA ALA Q 213 19.90 -14.05 -16.72
C ALA Q 213 18.60 -14.70 -17.13
N ALA Q 214 18.67 -15.75 -17.97
CA ALA Q 214 17.46 -16.41 -18.40
C ALA Q 214 16.80 -17.15 -17.26
N TRP Q 215 17.60 -17.71 -16.35
CA TRP Q 215 17.06 -18.43 -15.21
C TRP Q 215 16.35 -17.48 -14.25
N HIS Q 216 16.98 -16.35 -13.94
CA HIS Q 216 16.35 -15.42 -13.02
C HIS Q 216 15.15 -14.73 -13.66
N TYR Q 217 15.20 -14.45 -14.95
CA TYR Q 217 14.07 -13.84 -15.62
C TYR Q 217 12.91 -14.81 -15.72
N LEU Q 218 13.20 -16.10 -15.87
CA LEU Q 218 12.15 -17.10 -15.92
C LEU Q 218 11.50 -17.28 -14.56
N LEU Q 219 12.30 -17.22 -13.49
CA LEU Q 219 11.72 -17.27 -12.15
C LEU Q 219 10.89 -16.02 -11.86
N ASP Q 220 11.28 -14.90 -12.47
CA ASP Q 220 10.49 -13.68 -12.33
C ASP Q 220 9.14 -13.81 -13.02
N ARG Q 221 9.14 -14.32 -14.25
CA ARG Q 221 7.93 -14.30 -15.05
C ARG Q 221 6.92 -15.35 -14.61
N LEU Q 222 7.36 -16.39 -13.91
CA LEU Q 222 6.45 -17.42 -13.45
C LEU Q 222 5.83 -17.10 -12.10
N GLY Q 223 6.25 -16.02 -11.46
CA GLY Q 223 5.71 -15.69 -10.17
C GLY Q 223 6.23 -16.58 -9.06
N VAL Q 224 7.52 -16.88 -9.08
CA VAL Q 224 8.14 -17.69 -8.05
C VAL Q 224 9.05 -16.84 -7.17
N LYS Q 225 10.05 -16.22 -7.77
CA LYS Q 225 10.88 -15.27 -7.06
C LYS Q 225 10.66 -13.90 -7.66
N ARG Q 226 10.69 -12.87 -6.81
CA ARG Q 226 10.37 -11.52 -7.26
C ARG Q 226 11.45 -10.98 -8.18
N ALA Q 227 12.72 -11.16 -7.79
CA ALA Q 227 13.90 -10.88 -8.62
C ALA Q 227 13.95 -9.42 -9.07
N SER Q 228 14.08 -8.54 -8.10
CA SER Q 228 14.10 -7.11 -8.37
C SER Q 228 15.42 -6.68 -9.00
N ASN R 2 38.99 14.55 -33.52
CA ASN R 2 38.59 13.47 -32.62
C ASN R 2 37.29 13.79 -31.89
N ALA R 3 36.33 12.88 -31.96
CA ALA R 3 35.06 13.11 -31.30
C ALA R 3 35.17 12.83 -29.81
N ILE R 4 34.17 13.31 -29.07
CA ILE R 4 34.01 12.99 -27.66
C ILE R 4 32.60 12.46 -27.49
N HIS R 5 32.46 11.38 -26.73
CA HIS R 5 31.17 10.72 -26.56
C HIS R 5 30.75 10.76 -25.10
N ILE R 6 29.62 11.41 -24.84
CA ILE R 6 29.04 11.48 -23.50
C ILE R 6 27.67 10.85 -23.60
N GLY R 7 27.59 9.55 -23.31
CA GLY R 7 26.36 8.82 -23.43
C GLY R 7 25.89 8.76 -24.86
N PRO R 8 24.65 9.18 -25.11
CA PRO R 8 24.16 9.25 -26.49
C PRO R 8 24.53 10.54 -27.21
N PHE R 9 25.32 11.41 -26.59
CA PHE R 9 25.73 12.66 -27.19
C PHE R 9 27.13 12.56 -27.78
N SER R 10 27.37 13.33 -28.83
CA SER R 10 28.67 13.37 -29.47
C SER R 10 29.08 14.80 -29.73
N ILE R 11 30.37 15.07 -29.58
CA ILE R 11 30.94 16.40 -29.77
C ILE R 11 32.09 16.30 -30.76
N THR R 12 31.93 16.90 -31.93
CA THR R 12 32.94 16.80 -32.98
C THR R 12 33.50 18.17 -33.31
N PRO R 13 34.75 18.24 -33.73
CA PRO R 13 35.27 19.48 -34.29
C PRO R 13 35.01 19.54 -35.79
N ALA R 14 35.42 20.65 -36.39
CA ALA R 14 34.93 21.02 -37.72
C ALA R 14 36.02 21.03 -38.80
N ALA R 15 37.14 20.36 -38.56
CA ALA R 15 38.12 19.92 -39.57
C ALA R 15 38.95 21.02 -40.23
N ARG R 16 38.65 22.30 -40.00
CA ARG R 16 39.53 23.38 -40.44
C ARG R 16 39.25 24.62 -39.61
N GLY R 17 40.22 25.03 -38.80
CA GLY R 17 40.04 26.11 -37.86
C GLY R 17 40.13 27.48 -38.52
N LEU R 18 40.20 28.49 -37.66
CA LEU R 18 40.32 29.88 -38.10
C LEU R 18 40.99 30.67 -36.99
N HIS R 19 41.28 31.92 -37.31
CA HIS R 19 41.98 32.80 -36.38
C HIS R 19 41.04 33.91 -35.95
N TYR R 20 40.72 33.94 -34.67
CA TYR R 20 39.83 34.95 -34.12
C TYR R 20 40.58 35.69 -33.03
N GLY R 21 40.81 36.97 -33.23
CA GLY R 21 41.58 37.74 -32.27
C GLY R 21 43.04 37.37 -32.26
N GLY R 22 43.55 36.83 -33.35
CA GLY R 22 44.94 36.41 -33.42
C GLY R 22 45.21 35.01 -32.94
N LEU R 23 44.23 34.35 -32.34
CA LEU R 23 44.49 33.01 -31.83
C LEU R 23 43.74 31.98 -32.66
N PRO R 24 44.30 30.79 -32.83
CA PRO R 24 43.62 29.77 -33.62
C PRO R 24 42.47 29.14 -32.84
N HIS R 25 41.37 28.92 -33.54
CA HIS R 25 40.16 28.41 -32.92
C HIS R 25 39.65 27.22 -33.72
N HIS R 26 38.49 26.71 -33.30
CA HIS R 26 37.84 25.61 -33.96
C HIS R 26 36.36 25.63 -33.60
N GLN R 27 35.53 25.22 -34.55
CA GLN R 27 34.10 25.11 -34.32
C GLN R 27 33.77 23.71 -33.83
N TRP R 28 32.88 23.63 -32.86
CA TRP R 28 32.45 22.35 -32.31
C TRP R 28 30.95 22.24 -32.41
N THR R 29 30.46 21.01 -32.54
CA THR R 29 29.05 20.75 -32.70
C THR R 29 28.63 19.65 -31.74
N LEU R 30 27.48 19.83 -31.10
CA LEU R 30 26.96 18.85 -30.16
C LEU R 30 25.75 18.18 -30.77
N TYR R 31 25.80 16.86 -30.88
CA TYR R 31 24.74 16.10 -31.53
C TYR R 31 24.01 15.25 -30.51
N TYR R 32 22.76 14.95 -30.83
CA TYR R 32 21.96 13.95 -30.13
C TYR R 32 21.39 13.07 -31.22
N GLY R 33 22.08 11.98 -31.50
CA GLY R 33 21.74 11.14 -32.62
C GLY R 33 21.95 11.88 -33.92
N PRO R 34 20.91 11.93 -34.76
CA PRO R 34 21.01 12.68 -36.01
C PRO R 34 20.63 14.14 -35.88
N ARG R 35 20.39 14.63 -34.67
CA ARG R 35 19.89 15.99 -34.49
C ARG R 35 20.98 16.86 -33.89
N GLU R 36 21.28 17.97 -34.56
CA GLU R 36 22.29 18.89 -34.09
C GLU R 36 21.66 19.93 -33.17
N MET R 37 22.32 20.18 -32.04
CA MET R 37 21.71 20.97 -30.98
C MET R 37 22.39 22.31 -30.76
N ALA R 38 23.72 22.33 -30.69
CA ALA R 38 24.42 23.58 -30.41
C ALA R 38 25.73 23.61 -31.18
N ILE R 39 26.25 24.82 -31.35
CA ILE R 39 27.51 25.06 -32.04
C ILE R 39 28.26 26.13 -31.28
N LYS R 40 29.51 25.86 -30.94
CA LYS R 40 30.34 26.86 -30.29
C LYS R 40 31.65 26.98 -31.02
N THR R 41 32.37 28.07 -30.75
CA THR R 41 33.69 28.31 -31.33
C THR R 41 34.69 28.38 -30.19
N LEU R 42 35.56 27.40 -30.11
CA LEU R 42 36.48 27.34 -29.00
C LEU R 42 37.91 27.41 -29.51
N PRO R 43 38.81 28.02 -28.74
CA PRO R 43 40.20 28.06 -29.15
C PRO R 43 40.85 26.71 -28.95
N ASP R 44 42.05 26.58 -29.50
CA ASP R 44 42.86 25.42 -29.18
C ASP R 44 43.51 25.63 -27.82
N SER R 45 44.44 24.73 -27.48
CA SER R 45 44.97 24.56 -26.11
C SER R 45 43.83 24.38 -25.11
N TYR R 46 42.84 23.60 -25.49
CA TYR R 46 41.76 23.21 -24.59
C TYR R 46 41.80 21.71 -24.42
N THR R 47 41.87 21.26 -23.17
CA THR R 47 41.73 19.85 -22.90
C THR R 47 40.28 19.43 -23.07
N SER R 48 40.06 18.12 -23.10
CA SER R 48 38.73 17.59 -23.39
C SER R 48 37.76 17.83 -22.24
N SER R 49 38.28 18.02 -21.03
CA SER R 49 37.42 18.35 -19.90
C SER R 49 36.80 19.73 -20.06
N GLU R 50 37.56 20.67 -20.64
CA GLU R 50 37.03 21.99 -20.89
C GLU R 50 35.94 21.96 -21.94
N VAL R 51 36.12 21.14 -22.98
CA VAL R 51 35.10 20.99 -24.00
C VAL R 51 33.89 20.25 -23.43
N ARG R 52 34.10 19.42 -22.41
CA ARG R 52 32.98 18.78 -21.74
C ARG R 52 32.13 19.79 -20.98
N ASP R 53 32.76 20.54 -20.08
CA ASP R 53 31.92 21.43 -19.27
C ASP R 53 31.59 22.73 -19.99
N GLU R 54 32.01 22.90 -21.24
CA GLU R 54 31.39 23.95 -22.05
C GLU R 54 29.94 23.60 -22.38
N PHE R 55 29.63 22.31 -22.51
CA PHE R 55 28.32 21.87 -22.96
C PHE R 55 27.52 21.19 -21.87
N SER R 56 28.14 20.96 -20.70
CA SER R 56 27.50 20.29 -19.58
C SER R 56 26.17 20.91 -19.17
N ASP R 57 26.05 22.24 -19.25
CA ASP R 57 24.82 22.90 -18.84
C ASP R 57 23.67 22.60 -19.79
N ILE R 58 23.95 22.58 -21.10
CA ILE R 58 22.93 22.24 -22.08
C ILE R 58 22.48 20.80 -21.90
N ILE R 59 23.44 19.92 -21.59
CA ILE R 59 23.11 18.52 -21.30
C ILE R 59 22.18 18.41 -20.09
N ALA R 60 22.48 19.18 -19.04
CA ALA R 60 21.70 19.11 -17.82
C ALA R 60 20.29 19.65 -18.02
N GLU R 61 20.17 20.72 -18.81
CA GLU R 61 18.87 21.29 -19.10
C GLU R 61 18.03 20.31 -19.92
N PHE R 62 18.65 19.64 -20.89
CA PHE R 62 17.93 18.63 -21.66
C PHE R 62 17.46 17.49 -20.78
N VAL R 63 18.28 17.10 -19.81
CA VAL R 63 17.90 16.06 -18.85
C VAL R 63 16.72 16.52 -18.01
N ILE R 64 16.72 17.78 -17.58
CA ILE R 64 15.65 18.31 -16.73
C ILE R 64 14.32 18.31 -17.48
N ASP R 65 14.36 18.77 -18.73
CA ASP R 65 13.14 18.82 -19.53
C ASP R 65 12.62 17.43 -19.85
N ALA R 66 13.52 16.50 -20.17
CA ALA R 66 13.08 15.15 -20.48
C ALA R 66 12.54 14.44 -19.26
N ARG R 67 13.08 14.77 -18.09
CA ARG R 67 12.56 14.18 -16.85
C ARG R 67 11.18 14.71 -16.54
N HIS R 68 10.96 16.00 -16.76
CA HIS R 68 9.65 16.57 -16.43
C HIS R 68 8.58 16.14 -17.43
N ARG R 69 8.95 16.01 -18.70
CA ARG R 69 7.93 15.73 -19.72
C ARG R 69 7.41 14.30 -19.60
N TYR R 70 8.31 13.33 -19.44
CA TYR R 70 7.92 11.92 -19.42
C TYR R 70 7.75 11.39 -18.01
N ALA R 71 7.29 12.22 -17.09
CA ALA R 71 7.03 11.76 -15.73
C ALA R 71 5.80 10.86 -15.71
N PRO R 72 5.77 9.86 -14.85
CA PRO R 72 4.60 8.97 -14.79
C PRO R 72 3.45 9.60 -14.03
N ASP R 73 2.30 8.93 -14.09
CA ASP R 73 1.09 9.47 -13.51
C ASP R 73 1.02 9.17 -12.01
N VAL R 74 0.24 9.97 -11.31
CA VAL R 74 0.13 9.89 -9.86
C VAL R 74 -1.31 9.61 -9.48
N LEU R 75 -1.53 8.58 -8.68
CA LEU R 75 -2.79 8.34 -8.02
C LEU R 75 -2.68 8.75 -6.57
N GLU R 76 -3.82 8.91 -5.92
CA GLU R 76 -3.86 9.37 -4.54
C GLU R 76 -5.03 8.73 -3.82
N LEU R 77 -4.92 8.68 -2.51
CA LEU R 77 -5.93 8.05 -1.66
C LEU R 77 -6.57 9.10 -0.79
N VAL R 78 -7.89 9.28 -0.94
CA VAL R 78 -8.62 10.28 -0.19
C VAL R 78 -9.71 9.59 0.60
N ASN R 79 -10.10 10.23 1.69
CA ASN R 79 -11.18 9.73 2.52
C ASN R 79 -12.50 10.26 1.98
N SER R 80 -13.56 10.14 2.79
CA SER R 80 -14.91 10.21 2.26
C SER R 80 -15.33 11.63 1.90
N ASP R 81 -14.62 12.63 2.44
CA ASP R 81 -15.00 14.01 2.15
C ASP R 81 -14.56 14.43 0.76
N GLY R 82 -13.30 14.16 0.40
CA GLY R 82 -12.81 14.50 -0.91
C GLY R 82 -11.45 15.16 -0.91
N ASP R 83 -11.17 15.94 0.12
CA ASP R 83 -9.87 16.56 0.28
C ASP R 83 -9.04 15.72 1.23
N ALA R 84 -7.90 16.27 1.67
CA ALA R 84 -6.98 15.68 2.65
C ALA R 84 -6.46 14.32 2.17
N VAL R 85 -5.62 14.38 1.14
CA VAL R 85 -5.00 13.20 0.57
C VAL R 85 -4.13 12.52 1.61
N LEU R 86 -4.32 11.21 1.76
CA LEU R 86 -3.62 10.43 2.77
C LEU R 86 -2.32 9.83 2.28
N ALA R 87 -2.28 9.34 1.04
CA ALA R 87 -1.07 8.78 0.49
C ALA R 87 -1.08 8.95 -1.02
N ARG R 88 0.11 8.98 -1.59
CA ARG R 88 0.28 9.13 -3.04
C ARG R 88 1.10 7.97 -3.56
N VAL R 89 0.93 7.70 -4.85
CA VAL R 89 1.72 6.67 -5.50
C VAL R 89 1.86 7.03 -6.97
N ALA R 90 3.02 6.73 -7.54
CA ALA R 90 3.31 7.01 -8.94
C ALA R 90 3.23 5.71 -9.70
N VAL R 91 2.22 5.58 -10.54
CA VAL R 91 1.98 4.34 -11.25
C VAL R 91 2.52 4.46 -12.66
N SER R 92 2.61 3.33 -13.34
CA SER R 92 3.05 3.28 -14.71
C SER R 92 1.95 2.87 -15.66
N ARG R 93 0.74 2.71 -15.15
CA ARG R 93 -0.39 2.23 -15.94
C ARG R 93 -1.66 2.55 -15.16
N LEU R 94 -2.77 2.53 -15.85
CA LEU R 94 -3.99 2.85 -15.12
C LEU R 94 -4.76 1.58 -14.79
N PRO R 95 -5.46 1.54 -13.64
CA PRO R 95 -6.04 0.28 -13.18
C PRO R 95 -7.31 -0.15 -13.89
N GLU R 96 -7.66 0.44 -15.04
CA GLU R 96 -8.50 -0.14 -16.07
C GLU R 96 -9.98 -0.18 -15.68
N ALA R 97 -10.31 0.07 -14.41
CA ALA R 97 -11.69 0.05 -13.96
C ALA R 97 -12.22 1.44 -13.64
N LEU R 98 -11.44 2.48 -13.89
CA LEU R 98 -11.84 3.82 -13.51
C LEU R 98 -12.88 4.39 -14.45
N SER R 99 -13.71 5.29 -13.90
CA SER R 99 -14.70 6.04 -14.65
C SER R 99 -15.13 7.19 -13.77
N GLY R 100 -15.21 8.40 -14.33
CA GLY R 100 -15.30 9.68 -13.65
C GLY R 100 -16.22 9.78 -12.44
N CYS R 101 -15.65 10.09 -11.28
CA CYS R 101 -16.38 9.93 -10.05
C CYS R 101 -16.13 11.10 -9.12
N ILE R 102 -17.08 11.32 -8.23
CA ILE R 102 -16.97 12.26 -7.12
C ILE R 102 -17.27 11.47 -5.85
N PRO R 103 -16.40 11.51 -4.84
CA PRO R 103 -16.61 10.69 -3.65
C PRO R 103 -17.74 11.21 -2.80
N ASP R 104 -18.46 10.28 -2.18
CA ASP R 104 -19.54 10.61 -1.26
C ASP R 104 -19.34 9.88 0.06
N ASP R 105 -20.38 9.86 0.89
CA ASP R 105 -20.30 9.27 2.21
C ASP R 105 -20.60 7.78 2.24
N ARG R 106 -20.86 7.17 1.08
CA ARG R 106 -21.20 5.75 1.06
C ARG R 106 -20.00 4.86 1.35
N PHE R 107 -18.78 5.36 1.19
CA PHE R 107 -17.57 4.59 1.38
C PHE R 107 -16.53 5.48 2.02
N PRO R 108 -15.64 4.93 2.84
CA PRO R 108 -14.66 5.77 3.53
C PRO R 108 -13.34 5.96 2.81
N TYR R 109 -13.13 5.32 1.67
CA TYR R 109 -11.85 5.42 0.99
C TYR R 109 -12.06 5.45 -0.51
N TRP R 110 -11.41 6.40 -1.17
CA TRP R 110 -11.49 6.54 -2.62
C TRP R 110 -10.10 6.70 -3.18
N LEU R 111 -9.92 6.24 -4.41
CA LEU R 111 -8.63 6.26 -5.08
C LEU R 111 -8.77 7.06 -6.36
N LEU R 112 -8.39 8.33 -6.33
CA LEU R 112 -8.57 9.23 -7.46
C LEU R 112 -7.26 9.45 -8.19
N THR R 113 -7.37 10.01 -9.39
CA THR R 113 -6.22 10.43 -10.16
C THR R 113 -5.79 11.82 -9.72
N ALA R 114 -4.68 12.28 -10.28
CA ALA R 114 -4.22 13.62 -9.99
C ALA R 114 -4.58 14.61 -11.10
N SER R 115 -4.93 14.12 -12.29
CA SER R 115 -5.39 14.99 -13.35
C SER R 115 -6.75 15.57 -13.00
N ARG R 116 -7.14 16.63 -13.69
CA ARG R 116 -8.20 17.47 -13.14
C ARG R 116 -9.61 16.91 -13.33
N PRO R 117 -10.06 16.46 -14.52
CA PRO R 117 -11.36 15.78 -14.54
C PRO R 117 -11.20 14.36 -14.04
N ARG R 118 -11.27 14.18 -12.73
CA ARG R 118 -10.80 12.96 -12.08
C ARG R 118 -11.66 11.76 -12.44
N LEU R 119 -11.09 10.56 -12.28
CA LEU R 119 -11.76 9.33 -12.66
C LEU R 119 -12.14 8.48 -11.46
N GLY R 120 -11.17 8.04 -10.66
CA GLY R 120 -11.51 7.51 -9.36
C GLY R 120 -12.14 6.13 -9.25
N LEU R 121 -12.10 5.59 -8.02
CA LEU R 121 -12.63 4.30 -7.63
C LEU R 121 -12.65 4.19 -6.11
N PRO R 122 -13.66 3.54 -5.52
CA PRO R 122 -13.63 3.30 -4.08
C PRO R 122 -12.96 1.97 -3.75
N VAL R 123 -12.12 2.00 -2.74
CA VAL R 123 -11.30 0.86 -2.36
C VAL R 123 -11.44 0.64 -0.86
N THR R 124 -10.79 -0.42 -0.37
CA THR R 124 -10.91 -0.79 1.03
C THR R 124 -9.57 -1.22 1.61
N LEU R 125 -8.50 -0.55 1.19
CA LEU R 125 -7.19 -0.53 1.85
C LEU R 125 -6.44 -1.87 1.77
N ASN R 126 -7.07 -2.91 1.23
CA ASN R 126 -6.38 -4.16 0.95
C ASN R 126 -6.22 -4.36 -0.54
N GLU R 127 -7.26 -4.03 -1.32
CA GLU R 127 -7.10 -4.02 -2.76
C GLU R 127 -6.24 -2.85 -3.20
N TYR R 128 -6.20 -1.79 -2.39
CA TYR R 128 -5.30 -0.68 -2.65
C TYR R 128 -3.85 -1.11 -2.60
N THR R 129 -3.50 -1.95 -1.62
CA THR R 129 -2.15 -2.47 -1.54
C THR R 129 -1.85 -3.39 -2.71
N ALA R 130 -2.87 -4.12 -3.18
CA ALA R 130 -2.68 -4.99 -4.34
C ALA R 130 -2.39 -4.18 -5.59
N LEU R 131 -3.13 -3.08 -5.79
CA LEU R 131 -2.88 -2.23 -6.94
C LEU R 131 -1.53 -1.52 -6.83
N ALA R 132 -1.13 -1.17 -5.60
CA ALA R 132 0.17 -0.54 -5.42
C ALA R 132 1.31 -1.50 -5.70
N VAL R 133 1.12 -2.78 -5.36
CA VAL R 133 2.14 -3.76 -5.67
C VAL R 133 2.20 -4.02 -7.17
N GLU R 134 1.03 -4.08 -7.82
CA GLU R 134 1.01 -4.45 -9.21
C GLU R 134 1.46 -3.33 -10.15
N LEU R 135 0.95 -2.11 -9.95
CA LEU R 135 1.06 -1.08 -10.97
C LEU R 135 2.09 0.00 -10.66
N SER R 136 3.00 -0.23 -9.73
CA SER R 136 3.91 0.84 -9.35
C SER R 136 4.95 1.10 -10.43
N ALA R 137 5.73 2.15 -10.22
CA ALA R 137 6.68 2.54 -11.23
C ALA R 137 8.09 2.60 -10.67
N PRO R 138 9.09 2.22 -11.46
CA PRO R 138 10.47 2.26 -10.99
C PRO R 138 10.95 3.70 -10.88
N PRO R 139 12.06 3.95 -10.18
CA PRO R 139 12.51 5.34 -10.00
C PRO R 139 12.99 6.01 -11.27
N LEU R 140 13.39 5.27 -12.29
CA LEU R 140 13.90 5.88 -13.50
C LEU R 140 13.03 5.55 -14.69
N ALA R 141 11.72 5.67 -14.51
CA ALA R 141 10.80 5.28 -15.57
C ALA R 141 10.74 6.30 -16.70
N TRP R 142 11.30 7.49 -16.50
CA TRP R 142 11.20 8.51 -17.54
C TRP R 142 12.14 8.24 -18.70
N ILE R 143 13.09 7.32 -18.55
CA ILE R 143 13.99 7.02 -19.65
C ILE R 143 13.27 6.24 -20.73
N THR R 144 12.16 5.59 -20.38
CA THR R 144 11.37 4.86 -21.36
C THR R 144 10.68 5.78 -22.36
N GLY R 145 10.55 7.06 -22.04
CA GLY R 145 10.01 8.00 -23.01
C GLY R 145 10.91 8.27 -24.18
N LEU R 146 12.19 7.96 -24.06
CA LEU R 146 13.16 8.17 -25.13
C LEU R 146 13.43 6.91 -25.92
N LEU R 147 12.66 5.89 -25.74
CA LEU R 147 12.99 4.65 -26.42
C LEU R 147 11.92 4.30 -27.44
N PRO R 148 12.26 3.61 -28.52
CA PRO R 148 11.32 3.48 -29.65
C PRO R 148 10.12 2.59 -29.40
N GLY R 149 9.99 1.96 -28.24
CA GLY R 149 8.81 1.18 -27.95
C GLY R 149 8.81 -0.23 -28.48
N GLU R 150 9.19 -0.40 -29.75
CA GLU R 150 9.35 -1.74 -30.30
C GLU R 150 10.53 -2.49 -29.72
N VAL R 151 11.45 -1.80 -29.04
CA VAL R 151 12.48 -2.44 -28.25
C VAL R 151 12.06 -2.57 -26.79
N LEU R 152 10.78 -2.31 -26.49
CA LEU R 152 10.30 -2.36 -25.12
C LEU R 152 9.12 -3.29 -24.93
N THR R 153 8.60 -3.90 -25.98
CA THR R 153 7.40 -4.71 -25.85
C THR R 153 7.72 -6.03 -25.16
N HIS R 154 6.69 -6.61 -24.56
CA HIS R 154 6.82 -7.92 -23.92
C HIS R 154 6.63 -9.05 -24.90
N ASP R 155 5.89 -8.83 -25.97
CA ASP R 155 5.68 -9.87 -26.97
C ASP R 155 6.96 -10.13 -27.72
N ALA R 156 7.35 -11.40 -27.80
CA ALA R 156 8.60 -11.76 -28.45
C ALA R 156 8.53 -11.66 -29.96
N GLU R 157 7.33 -11.58 -30.52
CA GLU R 157 7.22 -11.57 -31.97
C GLU R 157 7.53 -10.21 -32.57
N GLU R 158 7.24 -9.14 -31.84
CA GLU R 158 7.47 -7.80 -32.35
C GLU R 158 8.77 -7.18 -31.86
N TRP R 159 9.45 -7.82 -30.92
CA TRP R 159 10.64 -7.24 -30.35
C TRP R 159 11.80 -7.34 -31.32
N ARG R 160 12.64 -6.30 -31.31
CA ARG R 160 13.90 -6.33 -32.03
C ARG R 160 14.99 -5.89 -31.08
N PRO R 161 16.22 -6.34 -31.28
CA PRO R 161 17.30 -5.95 -30.37
C PRO R 161 17.66 -4.50 -30.58
N PRO R 162 18.14 -3.81 -29.53
CA PRO R 162 18.49 -2.41 -29.69
C PRO R 162 19.83 -2.25 -30.38
N THR R 163 20.03 -1.09 -30.97
CA THR R 163 21.32 -0.74 -31.53
C THR R 163 22.22 -0.21 -30.43
N SER R 164 23.44 0.16 -30.83
CA SER R 164 24.41 0.63 -29.84
C SER R 164 24.05 2.00 -29.31
N TRP R 165 23.46 2.85 -30.16
CA TRP R 165 23.11 4.19 -29.73
C TRP R 165 21.98 4.17 -28.73
N GLU R 166 20.99 3.30 -28.95
CA GLU R 166 19.94 3.13 -27.96
C GLU R 166 20.50 2.50 -26.68
N LEU R 167 21.45 1.59 -26.83
CA LEU R 167 22.01 0.91 -25.67
C LEU R 167 22.90 1.82 -24.85
N ARG R 168 23.39 2.91 -25.45
CA ARG R 168 24.15 3.85 -24.65
C ARG R 168 23.28 4.77 -23.81
N HIS R 169 21.95 4.64 -23.89
CA HIS R 169 21.09 5.45 -23.03
C HIS R 169 21.15 4.99 -21.58
N VAL R 170 21.50 3.73 -21.34
CA VAL R 170 21.42 3.18 -20.00
C VAL R 170 22.77 2.69 -19.48
N VAL R 171 23.68 2.28 -20.34
CA VAL R 171 24.96 1.73 -19.92
C VAL R 171 26.05 2.71 -20.32
N GLY R 172 27.06 2.84 -19.47
CA GLY R 172 28.14 3.76 -19.74
C GLY R 172 28.10 4.93 -18.78
N GLU R 173 29.24 5.58 -18.59
CA GLU R 173 29.33 6.65 -17.59
C GLU R 173 28.61 7.91 -18.03
N GLY R 174 28.37 8.06 -19.33
CA GLY R 174 27.62 9.20 -19.81
C GLY R 174 26.14 8.99 -19.85
N SER R 175 25.66 7.79 -19.53
CA SER R 175 24.25 7.50 -19.67
C SER R 175 23.46 8.08 -18.52
N PHE R 176 22.14 8.02 -18.64
CA PHE R 176 21.28 8.68 -17.67
C PHE R 176 21.21 7.92 -16.35
N THR R 177 21.36 6.61 -16.39
CA THR R 177 21.47 5.87 -15.14
C THR R 177 22.79 6.11 -14.46
N GLY R 178 23.85 6.35 -15.23
CA GLY R 178 25.16 6.57 -14.66
C GLY R 178 25.77 5.31 -14.09
N VAL R 179 25.66 4.19 -14.80
CA VAL R 179 26.23 2.93 -14.35
C VAL R 179 27.30 2.52 -15.34
N SER R 180 28.31 1.82 -14.86
CA SER R 180 29.45 1.48 -15.70
C SER R 180 29.14 0.25 -16.53
N GLY R 181 30.04 -0.04 -17.47
CA GLY R 181 29.95 -1.29 -18.19
C GLY R 181 30.37 -2.47 -17.34
N ALA R 182 31.31 -2.25 -16.42
CA ALA R 182 31.77 -3.32 -15.55
C ALA R 182 30.71 -3.70 -14.54
N ALA R 183 30.03 -2.71 -13.98
CA ALA R 183 28.97 -3.00 -13.02
C ALA R 183 27.78 -3.66 -13.69
N ALA R 184 27.48 -3.26 -14.93
CA ALA R 184 26.39 -3.90 -15.65
C ALA R 184 26.76 -5.30 -16.09
N ALA R 185 28.04 -5.55 -16.34
CA ALA R 185 28.48 -6.90 -16.65
C ALA R 185 28.40 -7.78 -15.43
N ALA R 186 28.73 -7.24 -14.26
CA ALA R 186 28.61 -8.01 -13.02
C ALA R 186 27.15 -8.20 -12.65
N LEU R 187 26.27 -7.31 -13.11
CA LEU R 187 24.84 -7.48 -12.86
C LEU R 187 24.25 -8.61 -13.69
N LEU R 188 24.91 -9.00 -14.76
CA LEU R 188 24.40 -10.07 -15.60
C LEU R 188 25.20 -11.34 -15.46
N GLY R 189 26.25 -11.33 -14.63
CA GLY R 189 27.06 -12.51 -14.46
C GLY R 189 27.92 -12.83 -15.66
N MET R 190 28.51 -11.81 -16.27
CA MET R 190 29.36 -12.00 -17.43
C MET R 190 30.73 -11.41 -17.16
N SER R 191 31.64 -11.59 -18.11
CA SER R 191 32.90 -10.89 -18.07
C SER R 191 32.72 -9.47 -18.59
N ALA R 192 33.72 -8.65 -18.34
CA ALA R 192 33.71 -7.30 -18.90
C ALA R 192 33.90 -7.33 -20.41
N THR R 193 34.68 -8.29 -20.89
CA THR R 193 35.00 -8.35 -22.32
C THR R 193 33.79 -8.81 -23.12
N ASN R 194 33.06 -9.80 -22.60
CA ASN R 194 31.87 -10.28 -23.29
C ASN R 194 30.78 -9.23 -23.28
N PHE R 195 30.78 -8.36 -22.28
CA PHE R 195 29.81 -7.27 -22.30
C PHE R 195 30.24 -6.17 -23.24
N ARG R 196 31.55 -5.93 -23.36
CA ARG R 196 32.04 -4.95 -24.31
C ARG R 196 31.83 -5.41 -25.74
N LYS R 197 31.69 -6.74 -25.94
CA LYS R 197 31.31 -7.28 -27.22
C LYS R 197 29.96 -6.75 -27.70
N TYR R 198 29.06 -6.42 -26.78
CA TYR R 198 27.74 -5.95 -27.16
C TYR R 198 27.77 -4.52 -27.68
N THR R 199 28.67 -3.70 -27.15
CA THR R 199 28.63 -2.26 -27.41
C THR R 199 29.76 -1.81 -28.34
N ALA R 200 30.07 -2.61 -29.35
CA ALA R 200 31.16 -2.25 -30.26
C ALA R 200 30.74 -1.13 -31.21
N GLY R 201 29.60 -1.28 -31.87
CA GLY R 201 29.11 -0.24 -32.76
C GLY R 201 28.52 -0.74 -34.06
N ASP R 202 29.05 -1.84 -34.59
CA ASP R 202 28.52 -2.44 -35.81
C ASP R 202 28.83 -3.92 -35.79
N SER R 203 27.85 -4.74 -36.18
CA SER R 203 27.96 -6.19 -36.06
C SER R 203 28.99 -6.78 -37.01
N ALA R 204 29.34 -6.06 -38.07
CA ALA R 204 30.45 -6.48 -38.92
C ALA R 204 31.78 -6.38 -38.18
N ALA R 205 31.90 -5.39 -37.29
CA ALA R 205 33.13 -5.18 -36.54
C ALA R 205 33.07 -5.90 -35.19
N ASN R 206 32.74 -7.20 -35.27
CA ASN R 206 32.72 -8.13 -34.14
C ASN R 206 31.77 -7.66 -33.03
N ARG R 207 30.48 -7.67 -33.31
CA ARG R 207 29.47 -7.21 -32.36
C ARG R 207 28.24 -8.09 -32.47
N GLN R 208 27.70 -8.49 -31.34
CA GLN R 208 26.56 -9.38 -31.28
C GLN R 208 25.36 -8.65 -30.70
N LYS R 209 24.18 -9.11 -31.10
CA LYS R 209 22.94 -8.61 -30.53
C LYS R 209 22.76 -9.18 -29.14
N ILE R 210 22.06 -8.44 -28.29
CA ILE R 210 21.73 -8.98 -26.98
C ILE R 210 20.47 -9.83 -27.09
N SER R 211 20.27 -10.69 -26.10
CA SER R 211 19.11 -11.56 -26.10
C SER R 211 17.89 -10.81 -25.59
N PHE R 212 16.73 -11.43 -25.79
CA PHE R 212 15.49 -10.90 -25.25
C PHE R 212 15.51 -10.89 -23.73
N ALA R 213 15.89 -12.02 -23.15
CA ALA R 213 15.82 -12.20 -21.71
C ALA R 213 16.84 -11.35 -20.99
N ALA R 214 18.05 -11.25 -21.54
CA ALA R 214 19.08 -10.44 -20.89
C ALA R 214 18.73 -8.97 -20.95
N TRP R 215 18.11 -8.52 -22.05
CA TRP R 215 17.72 -7.13 -22.19
C TRP R 215 16.63 -6.78 -21.19
N HIS R 216 15.61 -7.62 -21.09
CA HIS R 216 14.52 -7.31 -20.16
C HIS R 216 14.97 -7.45 -18.70
N TYR R 217 15.84 -8.40 -18.42
CA TYR R 217 16.34 -8.54 -17.05
C TYR R 217 17.24 -7.38 -16.68
N LEU R 218 17.98 -6.85 -17.65
CA LEU R 218 18.83 -5.71 -17.37
C LEU R 218 18.02 -4.45 -17.15
N LEU R 219 16.92 -4.29 -17.89
CA LEU R 219 16.02 -3.17 -17.64
C LEU R 219 15.33 -3.32 -16.30
N ASP R 220 15.11 -4.56 -15.87
CA ASP R 220 14.54 -4.78 -14.54
C ASP R 220 15.51 -4.39 -13.45
N ARG R 221 16.77 -4.81 -13.58
CA ARG R 221 17.71 -4.61 -12.48
C ARG R 221 18.19 -3.19 -12.35
N LEU R 222 18.08 -2.38 -13.39
CA LEU R 222 18.50 -1.00 -13.33
C LEU R 222 17.41 -0.07 -12.83
N GLY R 223 16.20 -0.58 -12.62
CA GLY R 223 15.13 0.27 -12.17
C GLY R 223 14.59 1.17 -13.26
N VAL R 224 14.44 0.65 -14.46
CA VAL R 224 13.89 1.42 -15.57
C VAL R 224 12.50 0.93 -15.93
N LYS R 225 12.37 -0.35 -16.29
CA LYS R 225 11.07 -0.96 -16.50
C LYS R 225 10.88 -2.03 -15.44
N ARG R 226 9.62 -2.17 -14.98
CA ARG R 226 9.34 -3.08 -13.88
C ARG R 226 9.50 -4.53 -14.30
N ALA R 227 8.98 -4.88 -15.48
CA ALA R 227 9.18 -6.17 -16.14
C ALA R 227 8.74 -7.34 -15.28
N SER R 228 7.45 -7.38 -15.00
CA SER R 228 6.89 -8.42 -14.15
C SER R 228 6.82 -9.74 -14.88
N GLN U 11 -35.58 -39.10 -49.51
CA GLN U 11 -34.60 -38.44 -50.38
C GLN U 11 -33.19 -38.94 -50.08
N GLU U 12 -32.48 -38.21 -49.22
CA GLU U 12 -31.12 -38.61 -48.85
C GLU U 12 -31.14 -39.67 -47.77
N LEU U 13 -32.24 -39.80 -47.03
CA LEU U 13 -32.30 -40.77 -45.92
C LEU U 13 -32.34 -42.20 -46.44
N ARG U 14 -33.04 -42.43 -47.56
CA ARG U 14 -33.08 -43.77 -48.13
C ARG U 14 -31.75 -44.13 -48.77
N GLN U 15 -31.05 -43.15 -49.34
CA GLN U 15 -29.71 -43.39 -49.85
C GLN U 15 -28.72 -43.68 -48.73
N PHE U 16 -28.91 -43.02 -47.58
CA PHE U 16 -28.08 -43.33 -46.41
C PHE U 16 -28.41 -44.70 -45.85
N ILE U 17 -29.68 -45.11 -45.94
CA ILE U 17 -30.06 -46.46 -45.49
C ILE U 17 -29.48 -47.52 -46.42
N GLU U 18 -29.45 -47.22 -47.72
CA GLU U 18 -28.83 -48.15 -48.67
C GLU U 18 -27.32 -48.22 -48.47
N SER U 19 -26.69 -47.09 -48.15
CA SER U 19 -25.27 -47.10 -47.84
C SER U 19 -24.98 -47.84 -46.54
N PHE U 20 -25.88 -47.75 -45.57
CA PHE U 20 -25.72 -48.51 -44.34
C PHE U 20 -25.93 -50.00 -44.57
N ILE U 21 -26.83 -50.36 -45.49
CA ILE U 21 -27.03 -51.76 -45.86
C ILE U 21 -25.80 -52.29 -46.61
N GLN U 22 -25.19 -51.46 -47.45
CA GLN U 22 -23.96 -51.85 -48.12
C GLN U 22 -22.80 -51.98 -47.15
N GLU U 23 -22.76 -51.11 -46.13
CA GLU U 23 -21.73 -51.21 -45.10
C GLU U 23 -21.93 -52.46 -44.24
N ARG U 24 -23.19 -52.82 -43.99
CA ARG U 24 -23.46 -54.05 -43.26
C ARG U 24 -23.13 -55.28 -44.09
N LEU U 25 -23.31 -55.19 -45.41
CA LEU U 25 -22.91 -56.27 -46.30
C LEU U 25 -21.38 -56.39 -46.36
N GLN U 26 -20.68 -55.26 -46.33
CA GLN U 26 -19.22 -55.29 -46.29
C GLN U 26 -18.71 -55.82 -44.96
N GLY U 27 -19.42 -55.51 -43.86
CA GLY U 27 -19.07 -56.07 -42.57
C GLY U 27 -19.38 -57.55 -42.46
N LYS U 28 -20.41 -58.01 -43.17
CA LYS U 28 -20.70 -59.44 -43.25
C LYS U 28 -19.74 -60.12 -44.22
N LEU U 29 -19.11 -59.35 -45.09
CA LEU U 29 -18.04 -59.86 -45.95
C LEU U 29 -16.68 -59.74 -45.30
N ASP U 30 -16.56 -59.03 -44.17
CA ASP U 30 -15.30 -59.02 -43.44
C ASP U 30 -15.04 -60.36 -42.78
N LYS U 31 -16.09 -61.05 -42.35
CA LYS U 31 -15.99 -62.43 -41.87
C LYS U 31 -16.19 -63.35 -43.07
N LEU U 32 -15.17 -63.37 -43.94
CA LEU U 32 -15.23 -64.11 -45.20
C LEU U 32 -14.50 -65.43 -45.03
N HIS U 33 -15.06 -66.49 -45.63
CA HIS U 33 -14.44 -67.81 -45.61
C HIS U 33 -13.76 -68.07 -46.95
N PRO U 34 -12.60 -68.73 -46.96
CA PRO U 34 -11.90 -68.94 -48.24
C PRO U 34 -12.52 -70.01 -49.12
N ASP U 35 -13.41 -70.85 -48.59
CA ASP U 35 -13.99 -71.93 -49.38
C ASP U 35 -15.12 -71.41 -50.26
N GLU U 36 -16.20 -70.91 -49.66
CA GLU U 36 -17.35 -70.46 -50.43
C GLU U 36 -17.99 -69.19 -49.88
N ASP U 37 -17.22 -68.35 -49.19
CA ASP U 37 -17.79 -67.17 -48.56
C ASP U 37 -18.05 -66.05 -49.57
N ASP U 38 -17.32 -66.03 -50.68
CA ASP U 38 -17.42 -64.90 -51.61
C ASP U 38 -18.75 -64.91 -52.37
N LYS U 39 -19.16 -66.07 -52.88
CA LYS U 39 -20.41 -66.15 -53.63
C LYS U 39 -21.62 -65.97 -52.74
N ARG U 40 -21.57 -66.53 -51.52
CA ARG U 40 -22.65 -66.33 -50.57
C ARG U 40 -22.74 -64.89 -50.11
N GLN U 41 -21.60 -64.23 -49.94
CA GLN U 41 -21.60 -62.82 -49.56
C GLN U 41 -22.12 -61.94 -50.68
N THR U 42 -21.78 -62.28 -51.93
CA THR U 42 -22.29 -61.51 -53.07
C THR U 42 -23.80 -61.70 -53.23
N LEU U 43 -24.29 -62.93 -53.01
CA LEU U 43 -25.72 -63.17 -53.09
C LEU U 43 -26.47 -62.47 -51.96
N LEU U 44 -25.89 -62.46 -50.75
CA LEU U 44 -26.52 -61.78 -49.63
C LEU U 44 -26.53 -60.27 -49.82
N ALA U 45 -25.45 -59.72 -50.40
CA ALA U 45 -25.41 -58.29 -50.67
C ALA U 45 -26.39 -57.90 -51.78
N THR U 46 -26.55 -58.76 -52.78
CA THR U 46 -27.53 -58.50 -53.84
C THR U 46 -28.95 -58.55 -53.30
N HIS U 47 -29.24 -59.55 -52.44
CA HIS U 47 -30.57 -59.65 -51.85
C HIS U 47 -30.87 -58.49 -50.90
N ARG U 48 -29.84 -58.03 -50.17
CA ARG U 48 -30.02 -56.90 -49.27
C ARG U 48 -30.28 -55.62 -50.04
N ARG U 49 -29.41 -55.31 -51.02
CA ARG U 49 -29.59 -54.11 -51.84
C ARG U 49 -30.84 -54.16 -52.71
N GLU U 50 -31.39 -55.36 -52.96
CA GLU U 50 -32.68 -55.45 -53.62
C GLU U 50 -33.82 -55.15 -52.66
N ALA U 51 -33.96 -55.94 -51.60
CA ALA U 51 -35.19 -55.96 -50.80
C ALA U 51 -34.90 -55.85 -49.31
N TRP U 52 -34.07 -54.87 -48.93
CA TRP U 52 -33.85 -54.58 -47.51
C TRP U 52 -35.15 -54.18 -46.80
N LEU U 53 -35.97 -53.33 -47.45
CA LEU U 53 -37.22 -52.89 -46.83
C LEU U 53 -38.23 -54.04 -46.77
N ALA U 54 -38.24 -54.89 -47.80
CA ALA U 54 -39.16 -56.03 -47.80
C ALA U 54 -38.76 -57.07 -46.77
N ASP U 55 -37.46 -57.22 -46.53
CA ASP U 55 -37.03 -58.11 -45.46
C ASP U 55 -37.25 -57.49 -44.08
N ALA U 56 -37.20 -56.16 -43.99
CA ALA U 56 -37.32 -55.49 -42.70
C ALA U 56 -38.75 -55.26 -42.25
N ALA U 57 -39.72 -55.32 -43.17
CA ALA U 57 -41.12 -55.15 -42.77
C ALA U 57 -41.59 -56.29 -41.87
N ARG U 58 -41.17 -57.53 -42.19
CA ARG U 58 -41.55 -58.68 -41.38
C ARG U 58 -40.86 -58.65 -40.02
N ARG U 59 -39.68 -58.00 -39.94
CA ARG U 59 -39.02 -57.86 -38.65
C ARG U 59 -39.64 -56.74 -37.83
N VAL U 60 -40.04 -55.64 -38.48
CA VAL U 60 -40.69 -54.53 -37.79
C VAL U 60 -42.10 -54.87 -37.36
N GLY U 61 -42.71 -55.90 -37.94
CA GLY U 61 -43.98 -56.39 -37.42
C GLY U 61 -43.86 -57.10 -36.08
N GLN U 62 -42.64 -57.51 -35.70
CA GLN U 62 -42.40 -58.32 -34.51
C GLN U 62 -42.03 -57.51 -33.29
N LEU U 63 -41.76 -56.21 -33.43
CA LEU U 63 -41.15 -55.45 -32.35
C LEU U 63 -42.16 -54.47 -31.73
N GLN U 64 -42.02 -54.23 -30.42
CA GLN U 64 -42.95 -53.36 -29.70
C GLN U 64 -42.21 -52.43 -28.74
N LEU U 65 -42.67 -51.19 -28.67
CA LEU U 65 -42.05 -50.18 -27.82
C LEU U 65 -42.75 -50.16 -26.46
N VAL U 66 -41.97 -49.99 -25.40
CA VAL U 66 -42.38 -50.35 -24.05
C VAL U 66 -41.67 -49.43 -23.06
N THR U 67 -42.38 -49.03 -21.99
CA THR U 67 -41.70 -48.36 -20.89
C THR U 67 -41.65 -49.18 -19.61
N HIS U 68 -42.51 -50.18 -19.43
CA HIS U 68 -42.52 -51.03 -18.24
C HIS U 68 -42.42 -52.48 -18.69
N THR U 69 -41.57 -53.26 -18.02
CA THR U 69 -41.19 -54.59 -18.50
C THR U 69 -41.29 -55.59 -17.35
N LEU U 70 -41.69 -56.82 -17.67
CA LEU U 70 -41.88 -57.87 -16.67
C LEU U 70 -40.70 -58.80 -16.54
N LYS U 71 -39.84 -58.88 -17.54
CA LYS U 71 -38.68 -59.78 -17.51
C LYS U 71 -37.60 -59.46 -16.47
N PRO U 72 -37.37 -58.20 -16.04
CA PRO U 72 -36.50 -58.01 -14.86
C PRO U 72 -37.01 -58.61 -13.56
N ILE U 73 -38.31 -58.89 -13.44
CA ILE U 73 -38.80 -59.55 -12.23
C ILE U 73 -38.31 -60.98 -12.19
N HIS U 74 -38.29 -61.65 -13.34
CA HIS U 74 -37.75 -62.99 -13.53
C HIS U 74 -37.61 -63.23 -15.02
N PRO U 75 -36.53 -63.85 -15.49
CA PRO U 75 -36.37 -64.04 -16.94
C PRO U 75 -37.30 -65.10 -17.51
N ASP U 76 -37.78 -66.04 -16.71
CA ASP U 76 -38.60 -67.13 -17.20
C ASP U 76 -40.08 -66.78 -17.32
N ALA U 77 -40.51 -65.66 -16.75
CA ALA U 77 -41.91 -65.29 -16.81
C ALA U 77 -42.19 -64.41 -18.02
N ARG U 78 -43.46 -64.36 -18.43
CA ARG U 78 -43.88 -63.57 -19.58
C ARG U 78 -45.31 -63.09 -19.38
N GLY U 79 -45.51 -61.79 -19.53
CA GLY U 79 -46.82 -61.21 -19.36
C GLY U 79 -46.97 -59.96 -20.20
N SER U 80 -47.91 -59.12 -19.79
CA SER U 80 -48.21 -57.92 -20.56
C SER U 80 -47.19 -56.83 -20.28
N ASN U 81 -46.58 -56.33 -21.34
CA ASN U 81 -45.62 -55.22 -21.27
C ASN U 81 -46.30 -53.97 -21.82
N LEU U 82 -46.27 -52.89 -21.06
CA LEU U 82 -47.11 -51.74 -21.32
C LEU U 82 -46.29 -50.49 -21.55
N HIS U 83 -46.63 -49.75 -22.61
CA HIS U 83 -46.08 -48.42 -22.87
C HIS U 83 -47.15 -47.41 -22.48
N SER U 84 -46.96 -46.74 -21.36
CA SER U 84 -47.94 -45.79 -20.86
C SER U 84 -47.29 -44.84 -19.87
N LEU U 85 -47.67 -43.57 -19.96
CA LEU U 85 -47.24 -42.56 -18.99
C LEU U 85 -48.45 -42.20 -18.14
N PRO U 86 -48.50 -42.63 -16.88
CA PRO U 86 -49.68 -42.34 -16.05
C PRO U 86 -49.71 -40.89 -15.60
N GLN U 87 -50.89 -40.47 -15.15
CA GLN U 87 -51.11 -39.07 -14.81
C GLN U 87 -50.44 -38.73 -13.47
N ALA U 88 -50.22 -37.44 -13.27
CA ALA U 88 -49.66 -36.95 -12.02
C ALA U 88 -50.72 -37.08 -10.92
N PRO U 89 -50.40 -37.67 -9.78
CA PRO U 89 -51.40 -37.83 -8.72
C PRO U 89 -51.74 -36.51 -8.04
N GLY U 90 -52.83 -36.55 -7.27
CA GLY U 90 -53.29 -35.34 -6.60
C GLY U 90 -52.53 -35.00 -5.35
N GLN U 91 -52.07 -36.01 -4.61
CA GLN U 91 -51.28 -35.77 -3.42
C GLN U 91 -49.91 -35.23 -3.83
N PRO U 92 -49.57 -34.00 -3.44
CA PRO U 92 -48.35 -33.37 -3.94
C PRO U 92 -47.11 -33.92 -3.26
N GLY U 93 -45.98 -33.77 -3.95
CA GLY U 93 -44.70 -34.24 -3.42
C GLY U 93 -44.48 -35.73 -3.54
N LEU U 94 -44.35 -36.22 -4.77
CA LEU U 94 -44.19 -37.65 -5.04
C LEU U 94 -43.17 -37.86 -6.14
N ALA U 95 -42.94 -39.13 -6.47
CA ALA U 95 -41.98 -39.51 -7.49
C ALA U 95 -42.58 -40.58 -8.38
N GLY U 96 -42.61 -40.29 -9.69
CA GLY U 96 -43.12 -41.22 -10.67
C GLY U 96 -42.64 -40.84 -12.05
N SER U 97 -43.19 -41.53 -13.06
CA SER U 97 -42.82 -41.26 -14.44
C SER U 97 -43.45 -39.98 -14.98
N HIS U 98 -44.48 -39.48 -14.30
CA HIS U 98 -45.20 -38.29 -14.74
C HIS U 98 -44.38 -37.02 -14.60
N GLU U 99 -43.28 -37.05 -13.85
CA GLU U 99 -42.53 -35.83 -13.56
C GLU U 99 -41.81 -35.30 -14.80
N LEU U 100 -41.42 -36.18 -15.71
CA LEU U 100 -40.78 -35.77 -16.96
C LEU U 100 -41.58 -36.36 -18.11
N GLY U 101 -41.81 -35.55 -19.13
CA GLY U 101 -42.44 -36.00 -20.36
C GLY U 101 -41.61 -35.71 -21.60
N ASP U 102 -40.74 -34.70 -21.51
CA ASP U 102 -40.05 -34.21 -22.69
C ASP U 102 -38.84 -35.07 -23.04
N ARG U 103 -38.18 -35.66 -22.04
CA ARG U 103 -36.91 -36.34 -22.27
C ARG U 103 -37.00 -37.85 -22.09
N LEU U 104 -38.07 -38.49 -22.56
CA LEU U 104 -38.21 -39.92 -22.39
C LEU U 104 -37.39 -40.68 -23.42
N VAL U 105 -37.05 -41.92 -23.07
CA VAL U 105 -36.37 -42.84 -23.98
C VAL U 105 -36.95 -44.22 -23.77
N SER U 106 -37.76 -44.69 -24.70
CA SER U 106 -38.45 -45.97 -24.59
C SER U 106 -37.54 -47.09 -25.08
N ASP U 107 -37.58 -48.21 -24.38
CA ASP U 107 -36.78 -49.38 -24.71
C ASP U 107 -37.67 -50.52 -25.17
N VAL U 108 -37.20 -51.26 -26.16
CA VAL U 108 -38.03 -52.22 -26.89
C VAL U 108 -37.56 -53.64 -26.59
N VAL U 109 -38.51 -54.56 -26.52
CA VAL U 109 -38.24 -55.97 -26.32
C VAL U 109 -38.53 -56.70 -27.64
N GLY U 110 -37.62 -57.56 -28.06
CA GLY U 110 -37.86 -58.32 -29.28
C GLY U 110 -36.65 -59.12 -29.69
N ASN U 111 -36.68 -59.54 -30.96
CA ASN U 111 -35.64 -60.36 -31.53
C ASN U 111 -34.44 -59.51 -31.93
N ALA U 112 -33.26 -60.14 -31.90
CA ALA U 112 -32.00 -59.41 -32.03
C ALA U 112 -31.82 -58.85 -33.43
N ALA U 113 -32.13 -59.64 -34.47
CA ALA U 113 -32.13 -59.10 -35.83
C ALA U 113 -33.24 -58.07 -35.99
N ALA U 114 -34.36 -58.27 -35.28
CA ALA U 114 -35.39 -57.25 -35.24
C ALA U 114 -34.89 -55.99 -34.53
N LEU U 115 -34.05 -56.15 -33.49
CA LEU U 115 -33.44 -54.98 -32.86
C LEU U 115 -32.49 -54.27 -33.81
N ASP U 116 -31.80 -55.03 -34.68
CA ASP U 116 -30.95 -54.41 -35.69
C ASP U 116 -31.79 -53.65 -36.71
N VAL U 117 -32.94 -54.23 -37.09
CA VAL U 117 -33.85 -53.56 -38.03
C VAL U 117 -34.47 -52.32 -37.40
N PHE U 118 -34.78 -52.39 -36.10
CA PHE U 118 -35.35 -51.24 -35.41
C PHE U 118 -34.32 -50.15 -35.21
N LYS U 119 -33.05 -50.53 -35.01
CA LYS U 119 -31.98 -49.54 -34.91
C LYS U 119 -31.72 -48.90 -36.26
N PHE U 120 -31.84 -49.66 -37.35
CA PHE U 120 -31.74 -49.08 -38.69
C PHE U 120 -32.91 -48.14 -38.97
N LEU U 121 -34.11 -48.48 -38.48
CA LEU U 121 -35.26 -47.61 -38.66
C LEU U 121 -35.14 -46.34 -37.82
N SER U 122 -34.52 -46.45 -36.64
CA SER U 122 -34.30 -45.27 -35.82
C SER U 122 -33.19 -44.39 -36.40
N LEU U 123 -32.18 -45.00 -37.01
CA LEU U 123 -31.11 -44.24 -37.64
C LEU U 123 -31.59 -43.56 -38.91
N GLN U 124 -32.50 -44.20 -39.64
CA GLN U 124 -33.17 -43.52 -40.75
C GLN U 124 -34.15 -42.48 -40.23
N TYR U 125 -34.65 -42.65 -39.00
CA TYR U 125 -35.51 -41.64 -38.39
C TYR U 125 -34.74 -40.37 -38.03
N GLN U 126 -33.43 -40.46 -37.85
CA GLN U 126 -32.63 -39.28 -37.59
C GLN U 126 -32.24 -38.60 -38.90
N GLY U 127 -31.45 -37.54 -38.78
CA GLY U 127 -31.05 -36.76 -39.94
C GLY U 127 -32.14 -35.80 -40.36
N LYS U 128 -33.18 -36.33 -40.99
CA LYS U 128 -34.40 -35.59 -41.26
C LYS U 128 -35.34 -35.71 -40.06
N ASN U 129 -36.59 -35.32 -40.24
CA ASN U 129 -37.61 -35.46 -39.20
C ASN U 129 -38.31 -36.80 -39.23
N LEU U 130 -37.65 -37.85 -39.72
CA LEU U 130 -38.28 -39.15 -39.94
C LEU U 130 -38.63 -39.86 -38.65
N LEU U 131 -37.99 -39.51 -37.52
CA LEU U 131 -38.27 -40.16 -36.26
C LEU U 131 -39.68 -39.87 -35.78
N ASN U 132 -40.19 -38.67 -36.08
CA ASN U 132 -41.59 -38.34 -35.83
C ASN U 132 -42.45 -38.41 -37.09
N TRP U 133 -41.84 -38.46 -38.27
CA TRP U 133 -42.57 -38.47 -39.54
C TRP U 133 -42.53 -39.83 -40.23
N LEU U 134 -42.26 -40.91 -39.51
CA LEU U 134 -42.31 -42.24 -40.09
C LEU U 134 -43.73 -42.64 -40.47
N THR U 135 -44.73 -42.07 -39.81
CA THR U 135 -46.12 -42.33 -40.16
C THR U 135 -46.59 -41.46 -41.32
N GLU U 136 -46.31 -40.16 -41.28
CA GLU U 136 -46.80 -39.22 -42.29
C GLU U 136 -45.69 -38.86 -43.28
N ASP U 137 -45.44 -39.78 -44.21
CA ASP U 137 -44.53 -39.48 -45.32
C ASP U 137 -44.62 -40.56 -46.39
N SER U 138 -44.92 -40.17 -47.63
CA SER U 138 -44.98 -41.12 -48.73
C SER U 138 -43.97 -40.82 -49.84
N ALA U 139 -43.97 -39.59 -50.36
CA ALA U 139 -43.30 -39.32 -51.63
C ALA U 139 -41.79 -39.29 -51.49
N GLU U 140 -41.27 -38.48 -50.55
CA GLU U 140 -39.82 -38.38 -50.37
C GLU U 140 -39.23 -39.67 -49.83
N ALA U 141 -39.98 -40.37 -48.97
CA ALA U 141 -39.50 -41.62 -48.40
C ALA U 141 -39.42 -42.73 -49.45
N VAL U 142 -40.45 -42.84 -50.29
CA VAL U 142 -40.43 -43.86 -51.34
C VAL U 142 -39.44 -43.49 -52.43
N GLN U 143 -39.20 -42.18 -52.63
CA GLN U 143 -38.23 -41.77 -53.63
C GLN U 143 -36.80 -42.00 -53.15
N ALA U 144 -36.56 -41.87 -51.85
CA ALA U 144 -35.21 -42.07 -51.33
C ALA U 144 -34.91 -43.54 -51.13
N LEU U 145 -35.84 -44.30 -50.55
CA LEU U 145 -35.57 -45.66 -50.15
C LEU U 145 -35.49 -46.64 -51.32
N SER U 146 -36.00 -46.27 -52.49
CA SER U 146 -36.09 -47.14 -53.64
C SER U 146 -37.28 -48.10 -53.56
N ASP U 147 -38.12 -47.97 -52.53
CA ASP U 147 -39.35 -48.74 -52.44
C ASP U 147 -40.45 -48.05 -53.25
N ASN U 148 -41.34 -48.86 -53.80
CA ASN U 148 -42.38 -48.33 -54.67
C ASN U 148 -43.53 -47.74 -53.86
N ALA U 149 -44.63 -47.46 -54.55
CA ALA U 149 -45.81 -46.95 -53.88
C ALA U 149 -46.48 -48.02 -53.04
N GLU U 150 -46.60 -49.24 -53.59
CA GLU U 150 -47.15 -50.35 -52.81
C GLU U 150 -46.19 -50.79 -51.72
N GLN U 151 -44.89 -50.80 -52.03
CA GLN U 151 -43.89 -51.12 -51.01
C GLN U 151 -43.83 -50.03 -49.93
N ALA U 152 -44.03 -48.77 -50.33
CA ALA U 152 -44.06 -47.69 -49.35
C ALA U 152 -45.31 -47.76 -48.48
N ARG U 153 -46.44 -48.16 -49.05
CA ARG U 153 -47.66 -48.32 -48.27
C ARG U 153 -47.57 -49.49 -47.31
N GLU U 154 -46.97 -50.60 -47.77
CA GLU U 154 -46.77 -51.75 -46.88
C GLU U 154 -45.76 -51.44 -45.79
N TRP U 155 -44.73 -50.65 -46.11
CA TRP U 155 -43.76 -50.24 -45.10
C TRP U 155 -44.38 -49.29 -44.08
N ARG U 156 -45.26 -48.39 -44.54
CA ARG U 156 -45.94 -47.49 -43.61
C ARG U 156 -46.90 -48.26 -42.71
N GLN U 157 -47.58 -49.27 -43.25
CA GLN U 157 -48.45 -50.12 -42.43
C GLN U 157 -47.65 -50.93 -41.42
N ALA U 158 -46.49 -51.46 -41.84
CA ALA U 158 -45.66 -52.23 -40.92
C ALA U 158 -45.05 -51.35 -39.84
N PHE U 159 -44.72 -50.10 -40.18
CA PHE U 159 -44.15 -49.20 -39.18
C PHE U 159 -45.22 -48.70 -38.21
N ILE U 160 -46.44 -48.50 -38.71
CA ILE U 160 -47.55 -48.15 -37.81
C ILE U 160 -47.91 -49.32 -36.91
N GLY U 161 -47.71 -50.55 -37.40
CA GLY U 161 -47.94 -51.71 -36.56
C GLY U 161 -46.85 -51.91 -35.53
N ILE U 162 -45.60 -51.66 -35.90
CA ILE U 162 -44.49 -51.83 -34.96
C ILE U 162 -44.50 -50.72 -33.91
N THR U 163 -44.97 -49.53 -34.29
CA THR U 163 -45.11 -48.46 -33.31
C THR U 163 -46.23 -48.72 -32.33
N ALA U 164 -47.22 -49.53 -32.74
CA ALA U 164 -48.29 -49.92 -31.85
C ALA U 164 -47.78 -50.96 -30.84
N VAL U 165 -48.60 -51.18 -29.80
CA VAL U 165 -48.22 -52.14 -28.77
C VAL U 165 -48.39 -53.56 -29.28
N LYS U 166 -49.63 -53.93 -29.63
CA LYS U 166 -49.95 -55.27 -30.13
C LYS U 166 -49.71 -56.35 -29.07
N GLY U 167 -50.47 -56.25 -27.97
CA GLY U 167 -50.37 -57.24 -26.92
C GLY U 167 -51.70 -57.60 -26.29
N ALA U 168 -51.80 -58.81 -25.75
CA ALA U 168 -52.99 -59.25 -25.05
C ALA U 168 -52.81 -59.10 -23.54
N PRO U 169 -53.86 -58.69 -22.81
CA PRO U 169 -53.73 -58.47 -21.36
C PRO U 169 -53.68 -59.79 -20.60
N ALA U 170 -52.49 -60.14 -20.12
CA ALA U 170 -52.28 -61.35 -19.35
C ALA U 170 -51.00 -61.21 -18.55
N SER U 171 -50.94 -61.90 -17.43
CA SER U 171 -49.75 -61.93 -16.58
C SER U 171 -49.26 -63.37 -16.43
N HIS U 172 -48.24 -63.55 -15.61
CA HIS U 172 -47.58 -64.83 -15.43
C HIS U 172 -47.70 -65.27 -13.98
N SER U 173 -47.21 -66.48 -13.71
CA SER U 173 -47.29 -67.04 -12.36
C SER U 173 -46.13 -66.61 -11.49
N LEU U 174 -45.07 -66.05 -12.08
CA LEU U 174 -43.89 -65.63 -11.34
C LEU U 174 -43.79 -64.13 -11.16
N ALA U 175 -44.89 -63.40 -11.36
CA ALA U 175 -44.92 -62.01 -10.96
C ALA U 175 -45.26 -61.91 -9.48
N LYS U 176 -45.49 -60.68 -9.01
CA LYS U 176 -45.75 -60.50 -7.59
C LYS U 176 -47.25 -60.49 -7.30
N GLN U 177 -48.00 -59.66 -8.02
CA GLN U 177 -49.47 -59.50 -7.99
C GLN U 177 -50.05 -59.51 -6.57
N LEU U 178 -49.69 -58.50 -5.80
CA LEU U 178 -50.03 -58.48 -4.38
C LEU U 178 -51.41 -57.87 -4.13
N TYR U 179 -51.88 -58.01 -2.90
CA TYR U 179 -53.13 -57.44 -2.45
C TYR U 179 -52.92 -56.05 -1.89
N PHE U 180 -53.97 -55.26 -1.86
CA PHE U 180 -54.02 -54.04 -1.06
C PHE U 180 -55.45 -53.84 -0.58
N PRO U 181 -55.69 -53.77 0.72
CA PRO U 181 -57.06 -53.65 1.21
C PRO U 181 -57.70 -52.30 0.90
N LEU U 182 -58.99 -52.33 0.59
CA LEU U 182 -59.80 -51.17 0.31
C LEU U 182 -60.43 -50.67 1.60
N PRO U 183 -60.84 -49.37 1.67
CA PRO U 183 -61.36 -48.85 2.95
C PRO U 183 -62.68 -49.47 3.37
N GLY U 184 -62.62 -50.26 4.44
CA GLY U 184 -63.79 -50.93 4.98
C GLY U 184 -64.35 -52.02 4.10
N SER U 185 -63.58 -52.50 3.14
CA SER U 185 -64.09 -53.48 2.18
C SER U 185 -62.94 -54.36 1.74
N GLY U 186 -63.10 -55.04 0.60
CA GLY U 186 -62.18 -56.07 0.18
C GLY U 186 -60.85 -55.60 -0.38
N TYR U 187 -60.36 -56.29 -1.40
CA TYR U 187 -59.01 -56.07 -1.88
C TYR U 187 -59.02 -55.89 -3.39
N HIS U 188 -57.88 -55.45 -3.91
CA HIS U 188 -57.57 -55.53 -5.32
C HIS U 188 -56.27 -56.30 -5.47
N LEU U 189 -56.05 -56.86 -6.66
CA LEU U 189 -54.76 -57.45 -6.96
C LEU U 189 -53.90 -56.41 -7.67
N LEU U 190 -52.64 -56.30 -7.24
CA LEU U 190 -51.77 -55.23 -7.68
C LEU U 190 -50.47 -55.85 -8.20
N ALA U 191 -50.34 -55.89 -9.53
CA ALA U 191 -49.14 -56.44 -10.14
C ALA U 191 -48.18 -55.31 -10.43
N PRO U 192 -46.96 -55.33 -9.90
CA PRO U 192 -46.00 -54.28 -10.20
C PRO U 192 -45.14 -54.60 -11.40
N LEU U 193 -44.84 -53.57 -12.17
CA LEU U 193 -44.00 -53.69 -13.36
C LEU U 193 -42.70 -52.94 -13.14
N PHE U 194 -41.63 -53.47 -13.68
CA PHE U 194 -40.33 -52.84 -13.52
C PHE U 194 -40.19 -51.65 -14.45
N PRO U 195 -39.93 -50.45 -13.95
CA PRO U 195 -39.72 -49.30 -14.82
C PRO U 195 -38.32 -49.36 -15.41
N THR U 196 -38.21 -48.94 -16.67
CA THR U 196 -36.92 -49.04 -17.34
C THR U 196 -36.46 -47.69 -17.89
N SER U 197 -37.41 -46.88 -18.35
CA SER U 197 -37.07 -45.54 -18.83
C SER U 197 -36.64 -44.64 -17.68
N LEU U 198 -37.28 -44.79 -16.53
CA LEU U 198 -36.96 -43.98 -15.36
C LEU U 198 -35.56 -44.31 -14.84
N VAL U 199 -35.23 -45.60 -14.81
CA VAL U 199 -33.92 -45.97 -14.30
C VAL U 199 -32.83 -45.74 -15.35
N HIS U 200 -33.19 -45.72 -16.64
CA HIS U 200 -32.23 -45.30 -17.65
C HIS U 200 -31.92 -43.81 -17.50
N HIS U 201 -32.94 -43.01 -17.22
CA HIS U 201 -32.77 -41.58 -17.00
C HIS U 201 -31.91 -41.30 -15.77
N VAL U 202 -32.23 -41.94 -14.64
CA VAL U 202 -31.46 -41.64 -13.44
C VAL U 202 -30.11 -42.32 -13.46
N HIS U 203 -29.93 -43.37 -14.27
CA HIS U 203 -28.60 -43.94 -14.44
C HIS U 203 -27.73 -43.01 -15.26
N ALA U 204 -28.32 -42.34 -16.26
CA ALA U 204 -27.61 -41.29 -16.99
C ALA U 204 -27.23 -40.14 -16.07
N LEU U 205 -28.15 -39.74 -15.19
CA LEU U 205 -27.86 -38.64 -14.27
C LEU U 205 -26.81 -39.04 -13.24
N LEU U 206 -26.82 -40.30 -12.81
CA LEU U 206 -25.85 -40.75 -11.82
C LEU U 206 -24.47 -40.92 -12.45
N ARG U 207 -24.43 -41.36 -13.71
CA ARG U 207 -23.19 -41.40 -14.47
C ARG U 207 -22.63 -40.00 -14.66
N GLU U 208 -23.50 -39.04 -14.96
CA GLU U 208 -23.08 -37.66 -15.11
C GLU U 208 -22.62 -37.06 -13.79
N ALA U 209 -23.19 -37.52 -12.68
CA ALA U 209 -22.72 -37.10 -11.37
C ALA U 209 -21.33 -37.68 -11.08
N ARG U 210 -21.13 -38.96 -11.34
CA ARG U 210 -19.87 -39.59 -10.99
C ARG U 210 -18.79 -39.38 -12.04
N PHE U 211 -19.16 -39.06 -13.28
CA PHE U 211 -18.19 -38.92 -14.36
C PHE U 211 -18.56 -37.73 -15.22
N GLY U 212 -17.54 -37.01 -15.70
CA GLY U 212 -17.74 -35.80 -16.47
C GLY U 212 -16.61 -34.83 -16.22
N ASP U 213 -16.35 -33.94 -17.18
CA ASP U 213 -15.28 -32.96 -17.04
C ASP U 213 -15.53 -32.02 -15.86
N ALA U 214 -16.79 -31.63 -15.65
CA ALA U 214 -17.12 -30.77 -14.53
C ALA U 214 -16.96 -31.51 -13.22
N ALA U 215 -17.23 -32.83 -13.22
CA ALA U 215 -17.08 -33.62 -12.01
C ALA U 215 -15.62 -33.77 -11.62
N LYS U 216 -14.76 -34.14 -12.58
CA LYS U 216 -13.34 -34.30 -12.29
C LYS U 216 -12.68 -32.95 -12.01
N ALA U 217 -13.20 -31.90 -12.65
CA ALA U 217 -12.68 -30.56 -12.40
C ALA U 217 -13.01 -30.10 -11.00
N ALA U 218 -14.22 -30.39 -10.53
CA ALA U 218 -14.57 -30.07 -9.16
C ALA U 218 -13.84 -30.98 -8.17
N ARG U 219 -13.48 -32.19 -8.61
CA ARG U 219 -12.69 -33.08 -7.76
C ARG U 219 -11.28 -32.52 -7.55
N GLU U 220 -10.61 -32.12 -8.64
CA GLU U 220 -9.28 -31.54 -8.49
C GLU U 220 -9.35 -30.17 -7.84
N ALA U 221 -10.47 -29.46 -7.99
CA ALA U 221 -10.71 -28.24 -7.24
C ALA U 221 -10.73 -28.52 -5.75
N ARG U 222 -11.48 -29.53 -5.32
CA ARG U 222 -11.57 -29.83 -3.90
C ARG U 222 -10.31 -30.51 -3.39
N SER U 223 -9.43 -30.92 -4.29
CA SER U 223 -8.09 -31.31 -3.86
C SER U 223 -7.18 -30.10 -3.72
N ARG U 224 -7.41 -29.04 -4.51
CA ARG U 224 -6.55 -27.87 -4.47
C ARG U 224 -7.17 -26.69 -3.72
N GLN U 225 -8.41 -26.82 -3.23
CA GLN U 225 -9.28 -25.80 -2.64
C GLN U 225 -9.27 -24.46 -3.38
N GLU U 226 -9.15 -24.52 -4.70
CA GLU U 226 -9.41 -23.37 -5.57
C GLU U 226 -10.91 -23.40 -5.80
N SER U 227 -11.56 -22.29 -5.45
CA SER U 227 -13.01 -22.22 -5.43
C SER U 227 -13.50 -21.27 -6.53
N TRP U 228 -13.64 -21.79 -7.73
CA TRP U 228 -14.39 -21.08 -8.75
C TRP U 228 -15.86 -21.44 -8.60
N PRO U 229 -16.80 -20.61 -9.14
CA PRO U 229 -18.22 -20.94 -9.00
C PRO U 229 -18.61 -22.23 -9.70
N HIS U 230 -18.87 -23.24 -8.89
CA HIS U 230 -19.14 -24.60 -9.35
C HIS U 230 -19.67 -25.40 -8.17
N GLY U 231 -20.36 -26.48 -8.49
CA GLY U 231 -20.87 -27.41 -7.50
C GLY U 231 -20.06 -28.69 -7.51
N PHE U 232 -20.32 -29.55 -6.53
CA PHE U 232 -19.66 -30.85 -6.42
C PHE U 232 -20.59 -31.80 -5.68
N SER U 233 -20.95 -32.89 -6.34
CA SER U 233 -21.86 -33.87 -5.76
C SER U 233 -21.09 -35.16 -5.48
N GLU U 234 -21.60 -35.92 -4.51
CA GLU U 234 -20.97 -37.18 -4.14
C GLU U 234 -22.01 -38.12 -3.59
N TYR U 235 -21.91 -39.39 -3.98
CA TYR U 235 -22.82 -40.42 -3.52
C TYR U 235 -22.05 -41.46 -2.74
N PRO U 236 -22.44 -41.75 -1.50
CA PRO U 236 -21.79 -42.84 -0.76
C PRO U 236 -22.56 -44.16 -0.84
N ASN U 237 -21.80 -45.24 -0.71
CA ASN U 237 -22.24 -46.64 -0.50
C ASN U 237 -23.45 -47.07 -1.32
N LEU U 238 -23.28 -47.00 -2.64
CA LEU U 238 -24.27 -47.62 -3.53
C LEU U 238 -24.15 -49.14 -3.48
N ALA U 239 -25.22 -49.80 -3.88
CA ALA U 239 -25.22 -51.24 -4.11
C ALA U 239 -25.45 -51.48 -5.59
N ILE U 240 -24.89 -52.57 -6.10
CA ILE U 240 -24.92 -52.87 -7.53
C ILE U 240 -25.66 -54.18 -7.76
N GLN U 241 -26.61 -54.16 -8.71
CA GLN U 241 -27.41 -55.32 -9.05
C GLN U 241 -27.11 -55.71 -10.49
N LYS U 242 -27.20 -57.02 -10.78
CA LYS U 242 -26.92 -57.54 -12.12
C LYS U 242 -28.15 -58.23 -12.67
N PHE U 243 -28.49 -57.91 -13.91
CA PHE U 243 -29.71 -58.40 -14.54
C PHE U 243 -29.40 -59.64 -15.37
N GLY U 244 -30.00 -60.76 -15.00
CA GLY U 244 -29.89 -61.97 -15.79
C GLY U 244 -28.51 -62.59 -15.74
N GLY U 245 -28.17 -63.31 -16.80
CA GLY U 245 -26.89 -63.97 -16.91
C GLY U 245 -25.82 -63.07 -17.48
N THR U 246 -25.04 -63.64 -18.39
CA THR U 246 -23.95 -62.88 -19.01
C THR U 246 -24.42 -61.91 -20.06
N LYS U 247 -25.50 -62.19 -20.78
CA LYS U 247 -25.87 -61.23 -21.82
C LYS U 247 -27.00 -60.34 -21.34
N PRO U 248 -26.80 -59.03 -21.35
CA PRO U 248 -27.75 -58.11 -20.72
C PRO U 248 -28.87 -57.66 -21.62
N GLN U 249 -28.75 -57.82 -22.95
CA GLN U 249 -29.67 -57.20 -23.89
C GLN U 249 -31.06 -57.85 -23.91
N ASN U 250 -31.26 -58.93 -23.17
CA ASN U 250 -32.53 -59.64 -23.18
C ASN U 250 -33.61 -58.94 -22.37
N ILE U 251 -33.28 -57.87 -21.65
CA ILE U 251 -34.32 -56.95 -21.20
C ILE U 251 -34.68 -56.08 -22.40
N SER U 252 -33.70 -55.33 -22.87
CA SER U 252 -33.86 -54.35 -23.94
C SER U 252 -32.46 -53.93 -24.38
N GLN U 253 -32.40 -52.99 -25.32
CA GLN U 253 -31.11 -52.42 -25.68
C GLN U 253 -30.64 -51.42 -24.64
N LEU U 254 -31.56 -50.89 -23.82
CA LEU U 254 -31.16 -50.04 -22.70
C LEU U 254 -30.37 -50.84 -21.67
N ASN U 255 -30.75 -52.11 -21.48
CA ASN U 255 -29.95 -52.95 -20.61
C ASN U 255 -28.65 -53.37 -21.29
N SER U 256 -28.60 -53.33 -22.62
CA SER U 256 -27.33 -53.55 -23.30
C SER U 256 -26.38 -52.39 -23.08
N GLU U 257 -26.88 -51.15 -23.11
CA GLU U 257 -26.00 -50.02 -22.92
C GLU U 257 -25.72 -49.73 -21.45
N ARG U 258 -26.57 -50.19 -20.54
CA ARG U 258 -26.26 -50.10 -19.12
C ARG U 258 -25.48 -51.33 -18.62
N TYR U 259 -25.22 -52.29 -19.51
CA TYR U 259 -24.44 -53.50 -19.25
C TYR U 259 -25.05 -54.36 -18.15
N GLY U 260 -26.38 -54.36 -18.05
CA GLY U 260 -27.06 -55.15 -17.06
C GLY U 260 -26.82 -54.72 -15.63
N GLU U 261 -26.61 -53.43 -15.39
CA GLU U 261 -26.21 -52.93 -14.09
C GLU U 261 -27.19 -51.85 -13.65
N ASN U 262 -27.61 -51.93 -12.39
CA ASN U 262 -28.39 -50.87 -11.79
C ASN U 262 -27.84 -50.57 -10.41
N TRP U 263 -27.52 -49.30 -10.17
CA TRP U 263 -26.98 -48.85 -8.89
C TRP U 263 -28.15 -48.52 -7.97
N LEU U 264 -28.05 -48.95 -6.72
CA LEU U 264 -29.13 -48.77 -5.75
C LEU U 264 -28.71 -47.77 -4.68
N LEU U 265 -29.66 -46.99 -4.21
CA LEU U 265 -29.37 -45.96 -3.22
C LEU U 265 -29.45 -46.53 -1.82
N PRO U 266 -28.61 -46.05 -0.90
CA PRO U 266 -28.66 -46.54 0.49
C PRO U 266 -29.92 -46.08 1.19
N SER U 267 -30.50 -46.98 1.97
CA SER U 267 -31.75 -46.73 2.68
C SER U 267 -31.67 -47.28 4.10
N LEU U 268 -30.61 -46.93 4.80
CA LEU U 268 -30.17 -47.70 5.95
C LEU U 268 -30.61 -47.06 7.26
N PRO U 269 -30.72 -47.84 8.33
CA PRO U 269 -30.81 -47.27 9.68
C PRO U 269 -29.51 -46.55 10.04
N PRO U 270 -29.53 -45.63 11.04
CA PRO U 270 -28.34 -44.83 11.35
C PRO U 270 -27.08 -45.59 11.73
N HIS U 271 -27.14 -46.44 12.74
CA HIS U 271 -25.96 -47.17 13.21
C HIS U 271 -26.02 -48.59 12.66
N TRP U 272 -25.61 -48.77 11.41
CA TRP U 272 -25.65 -50.07 10.76
C TRP U 272 -24.30 -50.76 10.76
N GLN U 273 -23.32 -50.23 11.49
CA GLN U 273 -22.03 -50.87 11.68
C GLN U 273 -21.89 -51.11 13.18
N ARG U 274 -22.36 -52.27 13.62
CA ARG U 274 -22.34 -52.60 15.04
C ARG U 274 -20.90 -52.88 15.46
N GLN U 275 -20.25 -51.88 16.06
CA GLN U 275 -18.89 -51.99 16.51
C GLN U 275 -18.89 -52.29 18.01
N ASP U 276 -17.76 -52.81 18.50
CA ASP U 276 -17.64 -53.13 19.92
C ASP U 276 -17.53 -51.85 20.74
N GLN U 277 -18.05 -51.91 21.96
CA GLN U 277 -18.11 -50.75 22.84
C GLN U 277 -16.91 -50.74 23.78
N ARG U 278 -16.29 -49.57 23.90
CA ARG U 278 -15.18 -49.35 24.84
C ARG U 278 -15.69 -48.84 26.18
N ALA U 279 -16.67 -49.56 26.73
CA ALA U 279 -17.32 -49.26 28.00
C ALA U 279 -16.40 -49.43 29.19
N PRO U 280 -15.32 -50.22 29.05
CA PRO U 280 -14.56 -50.68 30.22
C PRO U 280 -13.83 -49.59 30.97
N ILE U 281 -13.33 -49.95 32.14
CA ILE U 281 -12.86 -48.98 33.14
C ILE U 281 -11.41 -48.65 32.82
N ARG U 282 -11.22 -47.71 31.89
CA ARG U 282 -9.95 -47.03 31.69
C ARG U 282 -10.08 -45.64 32.27
N HIS U 283 -9.05 -45.19 32.98
CA HIS U 283 -9.06 -43.84 33.55
C HIS U 283 -9.01 -42.80 32.44
N SER U 284 -8.02 -42.92 31.55
CA SER U 284 -8.02 -42.10 30.34
C SER U 284 -9.17 -42.48 29.42
N SER U 285 -9.61 -43.74 29.49
CA SER U 285 -10.82 -44.14 28.77
C SER U 285 -12.05 -43.44 29.33
N VAL U 286 -12.11 -43.28 30.67
CA VAL U 286 -13.23 -42.57 31.27
C VAL U 286 -13.16 -41.07 30.97
N PHE U 287 -11.94 -40.54 30.88
CA PHE U 287 -11.78 -39.12 30.54
C PHE U 287 -12.17 -38.85 29.09
N GLU U 288 -11.82 -39.76 28.18
CA GLU U 288 -12.23 -39.62 26.79
C GLU U 288 -13.71 -39.91 26.60
N HIS U 289 -14.28 -40.78 27.42
CA HIS U 289 -15.71 -41.06 27.35
C HIS U 289 -16.54 -39.94 27.94
N ASP U 290 -15.97 -39.15 28.85
CA ASP U 290 -16.61 -37.90 29.24
C ASP U 290 -16.67 -36.94 28.06
N PHE U 291 -15.62 -36.92 27.23
CA PHE U 291 -15.71 -36.24 25.96
C PHE U 291 -16.58 -37.01 24.98
N GLY U 292 -16.39 -38.33 24.90
CA GLY U 292 -17.20 -39.17 24.04
C GLY U 292 -16.94 -39.00 22.57
N ARG U 293 -15.68 -39.08 22.15
CA ARG U 293 -15.31 -38.85 20.77
C ARG U 293 -15.68 -40.06 19.92
N SER U 294 -16.68 -39.90 19.06
CA SER U 294 -17.13 -40.96 18.16
C SER U 294 -17.07 -40.43 16.74
N PRO U 295 -17.39 -41.26 15.73
CA PRO U 295 -17.39 -40.76 14.36
C PRO U 295 -18.47 -39.73 14.08
N GLU U 296 -19.72 -40.08 14.38
CA GLU U 296 -20.82 -39.13 14.18
C GLU U 296 -20.72 -37.98 15.17
N VAL U 297 -20.27 -38.26 16.39
CA VAL U 297 -20.09 -37.21 17.40
C VAL U 297 -18.96 -36.28 16.98
N SER U 298 -17.91 -36.83 16.36
CA SER U 298 -16.81 -36.01 15.89
C SER U 298 -17.24 -35.15 14.69
N ARG U 299 -18.09 -35.71 13.82
CA ARG U 299 -18.61 -34.94 12.69
C ARG U 299 -19.52 -33.82 13.17
N LEU U 300 -20.34 -34.09 14.20
CA LEU U 300 -21.21 -33.07 14.75
C LEU U 300 -20.41 -31.99 15.46
N THR U 301 -19.33 -32.38 16.15
CA THR U 301 -18.47 -31.40 16.81
C THR U 301 -17.75 -30.53 15.80
N ARG U 302 -17.32 -31.12 14.68
CA ARG U 302 -16.68 -30.36 13.62
C ARG U 302 -17.66 -29.38 12.97
N THR U 303 -18.91 -29.82 12.76
CA THR U 303 -19.92 -28.93 12.19
C THR U 303 -20.27 -27.81 13.16
N LEU U 304 -20.31 -28.10 14.46
CA LEU U 304 -20.62 -27.07 15.45
C LEU U 304 -19.48 -26.08 15.59
N GLN U 305 -18.23 -26.55 15.48
CA GLN U 305 -17.10 -25.64 15.51
C GLN U 305 -17.03 -24.79 14.24
N ARG U 306 -17.42 -25.36 13.10
CA ARG U 306 -17.44 -24.59 11.87
C ARG U 306 -18.58 -23.58 11.86
N LEU U 307 -19.68 -23.86 12.55
CA LEU U 307 -20.81 -22.95 12.62
C LEU U 307 -20.66 -21.86 13.68
N LEU U 308 -19.48 -21.71 14.27
CA LEU U 308 -19.31 -20.72 15.33
C LEU U 308 -19.06 -19.33 14.76
N ALA U 309 -18.33 -19.24 13.64
CA ALA U 309 -17.90 -17.96 13.08
C ALA U 309 -18.92 -17.33 12.14
N LYS U 310 -20.20 -17.66 12.24
CA LYS U 310 -21.19 -17.12 11.32
C LYS U 310 -21.56 -15.68 11.70
N THR U 311 -22.28 -15.02 10.80
CA THR U 311 -22.78 -13.68 11.03
C THR U 311 -24.25 -13.73 11.46
N ARG U 312 -24.84 -12.55 11.67
CA ARG U 312 -26.22 -12.46 12.14
C ARG U 312 -27.19 -12.02 11.06
N HIS U 313 -26.77 -11.93 9.80
CA HIS U 313 -27.66 -11.51 8.73
C HIS U 313 -28.69 -12.60 8.41
N ASN U 314 -28.28 -13.86 8.52
CA ASN U 314 -29.17 -15.01 8.40
C ASN U 314 -29.49 -15.58 9.77
N ASN U 315 -29.72 -14.70 10.75
CA ASN U 315 -29.78 -15.11 12.16
C ASN U 315 -31.00 -15.97 12.45
N PHE U 316 -32.07 -15.83 11.66
CA PHE U 316 -33.22 -16.71 11.82
C PHE U 316 -32.89 -18.13 11.39
N THR U 317 -32.39 -18.28 10.15
CA THR U 317 -32.02 -19.60 9.64
C THR U 317 -30.79 -20.13 10.37
N ILE U 318 -29.86 -19.25 10.74
CA ILE U 318 -28.68 -19.67 11.48
C ILE U 318 -29.05 -20.15 12.87
N ARG U 319 -30.00 -19.48 13.52
CA ARG U 319 -30.45 -19.91 14.83
C ARG U 319 -31.24 -21.20 14.75
N ARG U 320 -32.02 -21.38 13.68
CA ARG U 320 -32.74 -22.64 13.49
C ARG U 320 -31.78 -23.80 13.25
N TYR U 321 -30.74 -23.57 12.45
CA TYR U 321 -29.76 -24.62 12.19
C TYR U 321 -28.94 -24.93 13.44
N ARG U 322 -28.62 -23.90 14.24
CA ARG U 322 -27.89 -24.13 15.47
C ARG U 322 -28.73 -24.89 16.49
N ALA U 323 -30.02 -24.56 16.58
CA ALA U 323 -30.91 -25.28 17.48
C ALA U 323 -31.11 -26.72 17.04
N GLN U 324 -31.20 -26.95 15.72
CA GLN U 324 -31.34 -28.31 15.21
C GLN U 324 -30.07 -29.12 15.46
N LEU U 325 -28.90 -28.48 15.30
CA LEU U 325 -27.63 -29.17 15.55
C LEU U 325 -27.47 -29.49 17.04
N VAL U 326 -27.88 -28.57 17.91
CA VAL U 326 -27.78 -28.80 19.35
C VAL U 326 -28.74 -29.91 19.79
N GLY U 327 -29.95 -29.91 19.23
CA GLY U 327 -30.89 -30.97 19.55
C GLY U 327 -30.46 -32.32 19.03
N GLN U 328 -29.85 -32.34 17.84
CA GLN U 328 -29.32 -33.59 17.30
C GLN U 328 -28.15 -34.10 18.13
N ILE U 329 -27.31 -33.18 18.63
CA ILE U 329 -26.18 -33.57 19.46
C ILE U 329 -26.66 -34.12 20.80
N CYS U 330 -27.69 -33.50 21.37
CA CYS U 330 -28.24 -33.99 22.64
C CYS U 330 -28.91 -35.34 22.47
N ASP U 331 -29.66 -35.52 21.37
CA ASP U 331 -30.30 -36.80 21.11
C ASP U 331 -29.27 -37.89 20.83
N GLU U 332 -28.19 -37.55 20.13
CA GLU U 332 -27.15 -38.53 19.86
C GLU U 332 -26.39 -38.89 21.14
N ALA U 333 -26.21 -37.93 22.04
CA ALA U 333 -25.56 -38.22 23.32
C ALA U 333 -26.44 -39.12 24.19
N LEU U 334 -27.74 -38.84 24.24
CA LEU U 334 -28.64 -39.69 25.01
C LEU U 334 -28.75 -41.08 24.40
N GLN U 335 -28.76 -41.18 23.08
CA GLN U 335 -28.82 -42.48 22.42
C GLN U 335 -27.54 -43.26 22.61
N TYR U 336 -26.39 -42.58 22.59
CA TYR U 336 -25.12 -43.26 22.81
C TYR U 336 -25.00 -43.73 24.26
N ALA U 337 -25.52 -42.94 25.20
CA ALA U 337 -25.53 -43.37 26.59
C ALA U 337 -26.44 -44.57 26.79
N ALA U 338 -27.61 -44.57 26.14
CA ALA U 338 -28.52 -45.70 26.26
C ALA U 338 -27.97 -46.95 25.59
N ARG U 339 -27.27 -46.77 24.47
CA ARG U 339 -26.69 -47.92 23.77
C ARG U 339 -25.50 -48.47 24.53
N LEU U 340 -24.72 -47.60 25.19
CA LEU U 340 -23.62 -48.07 26.02
C LEU U 340 -24.13 -48.77 27.27
N ARG U 341 -25.26 -48.29 27.81
CA ARG U 341 -25.82 -48.90 29.01
C ARG U 341 -26.43 -50.27 28.71
N GLU U 342 -27.32 -50.32 27.72
CA GLU U 342 -27.97 -51.59 27.38
C GLU U 342 -27.00 -52.55 26.71
N LEU U 343 -25.99 -52.02 26.03
CA LEU U 343 -24.98 -52.88 25.41
C LEU U 343 -24.07 -53.48 26.47
N GLU U 344 -23.97 -52.86 27.62
CA GLU U 344 -23.19 -53.42 28.70
C GLU U 344 -23.89 -54.67 29.25
N PRO U 345 -23.22 -55.82 29.26
CA PRO U 345 -23.84 -57.01 29.84
C PRO U 345 -23.88 -56.96 31.36
N GLY U 346 -22.80 -56.50 31.97
CA GLY U 346 -22.72 -56.38 33.42
C GLY U 346 -21.92 -55.16 33.82
N TRP U 347 -22.12 -54.76 35.08
CA TRP U 347 -21.45 -53.60 35.66
C TRP U 347 -20.23 -54.12 36.43
N SER U 348 -19.05 -53.81 35.93
CA SER U 348 -17.81 -54.23 36.57
C SER U 348 -17.19 -53.07 37.35
N ALA U 349 -16.53 -53.42 38.44
CA ALA U 349 -15.80 -52.41 39.21
C ALA U 349 -14.54 -52.01 38.45
N THR U 350 -14.56 -50.81 37.89
CA THR U 350 -13.51 -50.36 36.99
C THR U 350 -12.26 -50.00 37.79
N PRO U 351 -11.11 -50.61 37.48
CA PRO U 351 -9.88 -50.26 38.21
C PRO U 351 -9.35 -48.90 37.78
N GLY U 352 -9.50 -47.90 38.64
CA GLY U 352 -8.96 -46.58 38.35
C GLY U 352 -9.73 -45.79 37.33
N CYS U 353 -11.04 -46.04 37.20
CA CYS U 353 -11.87 -45.27 36.29
C CYS U 353 -12.11 -43.88 36.88
N GLN U 354 -11.21 -42.96 36.53
CA GLN U 354 -11.16 -41.64 37.15
C GLN U 354 -12.35 -40.81 36.70
N LEU U 355 -13.30 -40.61 37.61
CA LEU U 355 -14.58 -39.93 37.39
C LEU U 355 -15.58 -40.80 36.64
N HIS U 356 -15.16 -41.97 36.15
CA HIS U 356 -16.05 -42.87 35.44
C HIS U 356 -17.05 -43.51 36.39
N ASP U 357 -16.64 -43.77 37.63
CA ASP U 357 -17.58 -44.27 38.62
C ASP U 357 -18.55 -43.19 39.06
N ALA U 358 -18.07 -41.94 39.18
CA ALA U 358 -18.91 -40.83 39.59
C ALA U 358 -19.95 -40.51 38.53
N GLU U 359 -19.61 -40.71 37.25
CA GLU U 359 -20.60 -40.55 36.19
C GLU U 359 -21.47 -41.78 36.05
N GLN U 360 -20.91 -42.97 36.25
CA GLN U 360 -21.60 -44.23 36.02
C GLN U 360 -22.38 -44.71 37.22
N LEU U 361 -22.45 -43.92 38.29
CA LEU U 361 -23.46 -44.16 39.31
C LEU U 361 -24.86 -44.07 38.73
N TRP U 362 -25.08 -43.15 37.80
CA TRP U 362 -26.36 -43.05 37.10
C TRP U 362 -26.24 -43.41 35.62
N LEU U 363 -25.17 -42.99 34.96
CA LEU U 363 -24.98 -43.24 33.54
C LEU U 363 -24.43 -44.62 33.25
N ASP U 364 -24.25 -45.45 34.27
CA ASP U 364 -23.81 -46.82 34.15
C ASP U 364 -24.98 -47.76 34.44
N PRO U 365 -24.78 -49.06 34.34
CA PRO U 365 -25.91 -50.00 34.50
C PRO U 365 -26.38 -50.15 35.93
N LEU U 366 -27.35 -51.03 36.14
CA LEU U 366 -27.90 -51.27 37.47
C LEU U 366 -26.88 -52.01 38.33
N ARG U 367 -27.10 -51.94 39.65
CA ARG U 367 -26.19 -52.57 40.59
C ARG U 367 -26.34 -54.08 40.52
N ALA U 368 -25.38 -54.72 39.86
CA ALA U 368 -25.37 -56.15 39.66
C ALA U 368 -24.66 -56.83 40.84
N GLN U 369 -24.32 -58.11 40.67
CA GLN U 369 -23.62 -58.83 41.72
C GLN U 369 -22.18 -58.36 41.87
N THR U 370 -21.61 -57.80 40.80
CA THR U 370 -20.26 -57.25 40.90
C THR U 370 -20.25 -55.92 41.65
N ASP U 371 -21.37 -55.22 41.65
CA ASP U 371 -21.48 -53.96 42.40
C ASP U 371 -22.05 -54.22 43.79
N GLU U 372 -21.79 -53.30 44.71
CA GLU U 372 -22.30 -53.42 46.07
C GLU U 372 -23.77 -53.02 46.11
N THR U 373 -24.53 -53.70 46.97
CA THR U 373 -25.95 -53.38 47.11
C THR U 373 -26.14 -52.05 47.83
N PHE U 374 -25.24 -51.72 48.76
CA PHE U 374 -25.30 -50.42 49.43
C PHE U 374 -24.94 -49.30 48.46
N LEU U 375 -23.98 -49.54 47.58
CA LEU U 375 -23.65 -48.55 46.56
C LEU U 375 -24.79 -48.40 45.56
N GLN U 376 -25.50 -49.50 45.27
CA GLN U 376 -26.66 -49.42 44.39
C GLN U 376 -27.81 -48.64 45.04
N ARG U 377 -28.00 -48.83 46.35
CA ARG U 377 -29.02 -48.06 47.06
C ARG U 377 -28.63 -46.59 47.17
N ARG U 378 -27.34 -46.30 47.29
CA ARG U 378 -26.89 -44.92 47.33
C ARG U 378 -27.03 -44.25 45.97
N LEU U 379 -26.81 -45.02 44.89
CA LEU U 379 -27.00 -44.48 43.55
C LEU U 379 -28.47 -44.29 43.23
N ARG U 380 -29.33 -45.13 43.80
CA ARG U 380 -30.76 -44.93 43.67
C ARG U 380 -31.26 -43.80 44.56
N GLY U 381 -30.50 -43.46 45.61
CA GLY U 381 -30.88 -42.36 46.47
C GLY U 381 -30.70 -41.00 45.80
N ASP U 382 -29.59 -40.83 45.09
CA ASP U 382 -29.27 -39.57 44.42
C ASP U 382 -29.07 -39.82 42.93
N TRP U 383 -29.91 -39.18 42.12
CA TRP U 383 -29.76 -39.26 40.68
C TRP U 383 -28.56 -38.45 40.22
N PRO U 384 -27.99 -38.78 39.06
CA PRO U 384 -26.77 -38.08 38.62
C PRO U 384 -27.03 -36.70 38.04
N ALA U 385 -27.30 -35.73 38.91
CA ALA U 385 -27.41 -34.35 38.47
C ALA U 385 -26.03 -33.74 38.23
N GLU U 386 -25.05 -34.13 39.07
CA GLU U 386 -23.69 -33.63 38.89
C GLU U 386 -23.04 -34.22 37.65
N VAL U 387 -23.44 -35.43 37.26
CA VAL U 387 -22.99 -36.00 35.99
C VAL U 387 -23.53 -35.18 34.83
N GLY U 388 -24.78 -34.71 34.95
CA GLY U 388 -25.33 -33.84 33.93
C GLY U 388 -24.64 -32.49 33.88
N ASN U 389 -24.23 -31.98 35.06
CA ASN U 389 -23.47 -30.74 35.09
C ASN U 389 -22.09 -30.91 34.46
N ARG U 390 -21.43 -32.04 34.70
CA ARG U 390 -20.13 -32.31 34.09
C ARG U 390 -20.26 -32.51 32.59
N PHE U 391 -21.36 -33.12 32.14
CA PHE U 391 -21.57 -33.30 30.71
C PHE U 391 -21.88 -31.97 30.03
N ALA U 392 -22.62 -31.09 30.70
CA ALA U 392 -22.87 -29.76 30.15
C ALA U 392 -21.59 -28.93 30.12
N ASN U 393 -20.71 -29.13 31.11
CA ASN U 393 -19.42 -28.45 31.11
C ASN U 393 -18.53 -28.94 29.98
N TRP U 394 -18.53 -30.26 29.73
CA TRP U 394 -17.74 -30.81 28.64
C TRP U 394 -18.28 -30.40 27.29
N LEU U 395 -19.62 -30.24 27.19
CA LEU U 395 -20.20 -29.77 25.94
C LEU U 395 -19.90 -28.30 25.71
N ASN U 396 -19.95 -27.48 26.76
CA ASN U 396 -19.61 -26.07 26.63
C ASN U 396 -18.13 -25.86 26.37
N ARG U 397 -17.29 -26.79 26.83
CA ARG U 397 -15.88 -26.73 26.50
C ARG U 397 -15.61 -27.22 25.10
N ALA U 398 -16.47 -28.12 24.58
CA ALA U 398 -16.30 -28.59 23.21
C ALA U 398 -16.71 -27.52 22.20
N VAL U 399 -17.68 -26.69 22.54
CA VAL U 399 -18.13 -25.61 21.68
C VAL U 399 -17.22 -24.41 21.95
N SER U 400 -16.53 -23.95 20.91
CA SER U 400 -15.64 -22.81 21.07
C SER U 400 -16.44 -21.53 21.23
N SER U 401 -16.28 -20.89 22.38
CA SER U 401 -16.98 -19.66 22.69
C SER U 401 -15.98 -18.51 22.78
N ASP U 402 -16.49 -17.29 22.66
CA ASP U 402 -15.66 -16.10 22.73
C ASP U 402 -16.50 -14.94 23.25
N SER U 403 -15.89 -13.76 23.31
CA SER U 403 -16.58 -12.58 23.82
C SER U 403 -17.55 -11.99 22.79
N GLN U 404 -17.45 -12.40 21.53
CA GLN U 404 -18.39 -11.93 20.53
C GLN U 404 -19.79 -12.48 20.77
N ILE U 405 -19.88 -13.70 21.29
CA ILE U 405 -21.17 -14.26 21.70
C ILE U 405 -21.62 -13.68 23.03
N LEU U 406 -20.67 -13.39 23.92
CA LEU U 406 -21.02 -12.76 25.18
C LEU U 406 -21.42 -11.31 24.99
N GLY U 407 -20.72 -10.61 24.09
CA GLY U 407 -21.07 -9.24 23.78
C GLY U 407 -22.27 -9.09 22.87
N SER U 408 -22.58 -10.12 22.09
CA SER U 408 -23.70 -10.06 21.16
C SER U 408 -24.95 -10.65 21.80
N PRO U 409 -26.13 -10.31 21.28
CA PRO U 409 -27.36 -10.89 21.83
C PRO U 409 -27.66 -12.26 21.27
N GLU U 410 -27.14 -12.54 20.08
CA GLU U 410 -27.35 -13.84 19.46
C GLU U 410 -26.60 -14.94 20.20
N ALA U 411 -25.42 -14.63 20.73
CA ALA U 411 -24.70 -15.59 21.54
C ALA U 411 -25.39 -15.81 22.88
N ALA U 412 -26.05 -14.79 23.40
CA ALA U 412 -26.86 -14.96 24.62
C ALA U 412 -28.07 -15.84 24.33
N GLN U 413 -28.69 -15.68 23.16
CA GLN U 413 -29.81 -16.54 22.78
C GLN U 413 -29.35 -17.97 22.56
N TRP U 414 -28.14 -18.15 22.01
CA TRP U 414 -27.59 -19.49 21.83
C TRP U 414 -27.25 -20.13 23.17
N SER U 415 -26.76 -19.32 24.12
CA SER U 415 -26.51 -19.84 25.46
C SER U 415 -27.81 -20.21 26.17
N GLN U 416 -28.87 -19.44 25.93
CA GLN U 416 -30.17 -19.77 26.51
C GLN U 416 -30.74 -21.03 25.89
N GLU U 417 -30.56 -21.22 24.58
CA GLU U 417 -31.02 -22.45 23.93
C GLU U 417 -30.22 -23.66 24.41
N LEU U 418 -28.91 -23.49 24.61
CA LEU U 418 -28.10 -24.58 25.14
C LEU U 418 -28.46 -24.90 26.58
N SER U 419 -28.84 -23.88 27.36
CA SER U 419 -29.29 -24.10 28.71
C SER U 419 -30.63 -24.83 28.74
N LYS U 420 -31.53 -24.49 27.81
CA LYS U 420 -32.81 -25.19 27.73
C LYS U 420 -32.62 -26.64 27.31
N GLU U 421 -31.68 -26.89 26.38
CA GLU U 421 -31.39 -28.26 25.97
C GLU U 421 -30.73 -29.05 27.10
N LEU U 422 -29.84 -28.42 27.86
CA LEU U 422 -29.22 -29.08 28.99
C LEU U 422 -30.22 -29.35 30.10
N THR U 423 -31.20 -28.46 30.27
CA THR U 423 -32.25 -28.68 31.26
C THR U 423 -33.17 -29.82 30.84
N MET U 424 -33.47 -29.92 29.54
CA MET U 424 -34.28 -31.02 29.04
C MET U 424 -33.54 -32.35 29.19
N PHE U 425 -32.23 -32.34 28.93
CA PHE U 425 -31.43 -33.56 29.08
C PHE U 425 -31.32 -33.95 30.55
N LYS U 426 -31.17 -32.97 31.45
CA LYS U 426 -31.10 -33.27 32.87
C LYS U 426 -32.43 -33.77 33.40
N GLU U 427 -33.55 -33.26 32.86
CA GLU U 427 -34.87 -33.74 33.26
C GLU U 427 -35.11 -35.15 32.77
N ILE U 428 -34.69 -35.45 31.53
CA ILE U 428 -34.84 -36.80 31.00
C ILE U 428 -33.94 -37.78 31.75
N LEU U 429 -32.78 -37.32 32.20
CA LEU U 429 -31.89 -38.18 32.97
C LEU U 429 -32.43 -38.42 34.37
N GLU U 430 -32.97 -37.38 35.00
CA GLU U 430 -33.48 -37.50 36.36
C GLU U 430 -34.79 -38.25 36.43
N ASP U 431 -35.57 -38.25 35.35
CA ASP U 431 -36.82 -39.02 35.34
C ASP U 431 -36.53 -40.51 35.29
N GLU U 432 -35.55 -40.93 34.49
CA GLU U 432 -35.16 -42.33 34.47
C GLU U 432 -34.26 -42.66 35.65
N ARG U 433 -33.48 -41.70 36.12
CA ARG U 433 -32.58 -41.92 37.24
C ARG U 433 -33.38 -42.05 38.53
N ASP U 434 -32.85 -42.84 39.46
CA ASP U 434 -33.55 -43.11 40.72
C ASP U 434 -34.61 -44.17 40.50
N GLN V 11 70.02 13.82 12.26
CA GLN V 11 70.09 12.39 12.00
C GLN V 11 69.75 12.09 10.54
N GLU V 12 68.49 11.77 10.28
CA GLU V 12 68.07 11.48 8.92
C GLU V 12 67.77 12.75 8.14
N LEU V 13 67.54 13.87 8.84
CA LEU V 13 67.19 15.12 8.17
C LEU V 13 68.39 15.70 7.44
N ARG V 14 69.58 15.57 8.01
CA ARG V 14 70.77 16.06 7.33
C ARG V 14 71.14 15.19 6.14
N GLN V 15 70.89 13.87 6.26
CA GLN V 15 71.08 12.99 5.11
C GLN V 15 70.09 13.29 4.01
N PHE V 16 68.85 13.65 4.37
CA PHE V 16 67.87 14.06 3.38
C PHE V 16 68.25 15.41 2.75
N ILE V 17 68.87 16.29 3.53
CA ILE V 17 69.33 17.57 2.98
C ILE V 17 70.51 17.35 2.03
N GLU V 18 71.38 16.40 2.35
CA GLU V 18 72.47 16.06 1.45
C GLU V 18 71.97 15.39 0.18
N SER V 19 70.93 14.56 0.30
CA SER V 19 70.32 13.95 -0.88
C SER V 19 69.61 15.00 -1.74
N PHE V 20 69.01 16.01 -1.10
CA PHE V 20 68.40 17.11 -1.85
C PHE V 20 69.46 17.97 -2.53
N ILE V 21 70.62 18.14 -1.88
CA ILE V 21 71.71 18.88 -2.51
C ILE V 21 72.27 18.10 -3.69
N GLN V 22 72.34 16.77 -3.57
CA GLN V 22 72.79 15.94 -4.68
C GLN V 22 71.77 15.95 -5.82
N GLU V 23 70.48 16.00 -5.49
CA GLU V 23 69.45 16.10 -6.51
C GLU V 23 69.47 17.45 -7.20
N ARG V 24 69.80 18.51 -6.45
CA ARG V 24 69.95 19.83 -7.06
C ARG V 24 71.19 19.89 -7.93
N LEU V 25 72.25 19.17 -7.54
CA LEU V 25 73.44 19.09 -8.39
C LEU V 25 73.16 18.28 -9.66
N GLN V 26 72.33 17.25 -9.55
CA GLN V 26 71.94 16.49 -10.74
C GLN V 26 71.03 17.31 -11.64
N GLY V 27 70.16 18.14 -11.05
CA GLY V 27 69.34 19.04 -11.84
C GLY V 27 70.14 20.17 -12.47
N LYS V 28 71.22 20.59 -11.83
CA LYS V 28 72.14 21.55 -12.43
C LYS V 28 73.04 20.88 -13.46
N LEU V 29 73.15 19.56 -13.38
CA LEU V 29 73.83 18.79 -14.42
C LEU V 29 72.90 18.34 -15.53
N ASP V 30 71.58 18.51 -15.36
CA ASP V 30 70.65 18.25 -16.45
C ASP V 30 70.79 19.29 -17.55
N LYS V 31 71.09 20.54 -17.17
CA LYS V 31 71.43 21.59 -18.13
C LYS V 31 72.94 21.55 -18.36
N LEU V 32 73.38 20.50 -19.04
CA LEU V 32 74.79 20.24 -19.26
C LEU V 32 75.20 20.74 -20.64
N HIS V 33 76.39 21.32 -20.74
CA HIS V 33 76.93 21.79 -22.00
C HIS V 33 77.97 20.79 -22.51
N PRO V 34 78.04 20.55 -23.82
CA PRO V 34 78.99 19.54 -24.33
C PRO V 34 80.43 20.02 -24.34
N ASP V 35 80.68 21.32 -24.20
CA ASP V 35 82.05 21.82 -24.26
C ASP V 35 82.78 21.61 -22.94
N GLU V 36 82.30 22.26 -21.86
CA GLU V 36 82.98 22.17 -20.58
C GLU V 36 82.01 22.06 -19.41
N ASP V 37 80.81 21.54 -19.62
CA ASP V 37 79.81 21.51 -18.55
C ASP V 37 80.07 20.40 -17.54
N ASP V 38 80.77 19.34 -17.95
CA ASP V 38 80.94 18.17 -17.09
C ASP V 38 81.89 18.47 -15.93
N LYS V 39 83.03 19.09 -16.21
CA LYS V 39 84.00 19.38 -15.16
C LYS V 39 83.50 20.46 -14.21
N ARG V 40 82.81 21.47 -14.75
CA ARG V 40 82.23 22.51 -13.91
C ARG V 40 81.10 21.95 -13.04
N GLN V 41 80.31 21.03 -13.60
CA GLN V 41 79.24 20.40 -12.82
C GLN V 41 79.80 19.50 -11.73
N THR V 42 80.90 18.80 -12.02
CA THR V 42 81.53 17.95 -11.01
C THR V 42 82.14 18.80 -9.90
N LEU V 43 82.76 19.93 -10.25
CA LEU V 43 83.33 20.82 -9.25
C LEU V 43 82.25 21.46 -8.40
N LEU V 44 81.13 21.84 -9.02
CA LEU V 44 80.01 22.44 -8.28
C LEU V 44 79.36 21.41 -7.36
N ALA V 45 79.24 20.16 -7.81
CA ALA V 45 78.67 19.11 -6.97
C ALA V 45 79.60 18.78 -5.80
N THR V 46 80.92 18.80 -6.04
CA THR V 46 81.87 18.56 -4.97
C THR V 46 81.84 19.69 -3.94
N HIS V 47 81.76 20.93 -4.40
CA HIS V 47 81.70 22.07 -3.49
C HIS V 47 80.39 22.09 -2.71
N ARG V 48 79.29 21.68 -3.36
CA ARG V 48 78.00 21.62 -2.68
C ARG V 48 77.99 20.54 -1.60
N ARG V 49 78.38 19.31 -1.97
CA ARG V 49 78.44 18.22 -1.01
C ARG V 49 79.48 18.43 0.08
N GLU V 50 80.47 19.30 -0.16
CA GLU V 50 81.39 19.67 0.91
C GLU V 50 80.74 20.68 1.86
N ALA V 51 80.36 21.85 1.36
CA ALA V 51 80.05 22.99 2.21
C ALA V 51 78.72 23.64 1.83
N TRP V 52 77.67 22.82 1.70
CA TRP V 52 76.32 23.35 1.50
C TRP V 52 75.88 24.23 2.67
N LEU V 53 76.15 23.79 3.90
CA LEU V 53 75.74 24.57 5.07
C LEU V 53 76.58 25.85 5.19
N ALA V 54 77.86 25.77 4.85
CA ALA V 54 78.72 26.95 4.91
C ALA V 54 78.36 27.96 3.83
N ASP V 55 77.89 27.49 2.67
CA ASP V 55 77.41 28.41 1.66
C ASP V 55 76.04 28.96 2.01
N ALA V 56 75.23 28.19 2.75
CA ALA V 56 73.86 28.59 3.04
C ALA V 56 73.75 29.50 4.26
N ALA V 57 74.77 29.53 5.13
CA ALA V 57 74.73 30.44 6.29
C ALA V 57 74.75 31.90 5.85
N ARG V 58 75.56 32.23 4.85
CA ARG V 58 75.63 33.60 4.35
C ARG V 58 74.34 33.99 3.62
N ARG V 59 73.63 33.02 3.07
CA ARG V 59 72.35 33.31 2.44
C ARG V 59 71.24 33.46 3.48
N VAL V 60 71.27 32.63 4.53
CA VAL V 60 70.29 32.73 5.60
C VAL V 60 70.50 33.95 6.47
N GLY V 61 71.67 34.57 6.42
CA GLY V 61 71.84 35.86 7.08
C GLY V 61 71.12 37.00 6.39
N GLN V 62 70.74 36.80 5.12
CA GLN V 62 70.15 37.84 4.28
C GLN V 62 68.64 37.88 4.30
N LEU V 63 67.99 36.86 4.86
CA LEU V 63 66.55 36.70 4.67
C LEU V 63 65.79 37.02 5.96
N GLN V 64 64.58 37.56 5.82
CA GLN V 64 63.76 37.97 6.97
C GLN V 64 62.31 37.58 6.78
N LEU V 65 61.70 37.11 7.87
CA LEU V 65 60.31 36.66 7.86
C LEU V 65 59.40 37.83 8.24
N VAL V 66 58.25 37.91 7.56
CA VAL V 66 57.47 39.15 7.49
C VAL V 66 55.99 38.78 7.33
N THR V 67 55.11 39.55 7.98
CA THR V 67 53.69 39.41 7.68
C THR V 67 53.09 40.64 6.97
N HIS V 68 53.72 41.81 7.06
CA HIS V 68 53.22 43.01 6.39
C HIS V 68 54.34 43.56 5.52
N THR V 69 54.01 43.97 4.29
CA THR V 69 55.01 44.28 3.28
C THR V 69 54.65 45.61 2.60
N LEU V 70 55.68 46.37 2.24
CA LEU V 70 55.50 47.69 1.64
C LEU V 70 55.59 47.69 0.12
N LYS V 71 56.20 46.67 -0.47
CA LYS V 71 56.37 46.60 -1.92
C LYS V 71 55.08 46.41 -2.74
N PRO V 72 54.00 45.79 -2.24
CA PRO V 72 52.72 45.89 -2.99
C PRO V 72 52.15 47.28 -3.12
N ILE V 73 52.54 48.23 -2.26
CA ILE V 73 52.05 49.60 -2.42
C ILE V 73 52.66 50.22 -3.67
N HIS V 74 53.95 49.94 -3.91
CA HIS V 74 54.68 50.34 -5.12
C HIS V 74 55.97 49.53 -5.15
N PRO V 75 56.40 49.05 -6.31
CA PRO V 75 57.62 48.23 -6.35
C PRO V 75 58.90 49.04 -6.15
N ASP V 76 58.88 50.33 -6.44
CA ASP V 76 60.08 51.16 -6.36
C ASP V 76 60.36 51.68 -4.96
N ALA V 77 59.42 51.58 -4.03
CA ALA V 77 59.63 52.09 -2.69
C ALA V 77 60.20 51.00 -1.78
N ARG V 78 60.82 51.43 -0.69
CA ARG V 78 61.42 50.52 0.28
C ARG V 78 61.37 51.13 1.67
N GLY V 79 60.86 50.36 2.61
CA GLY V 79 60.74 50.83 3.98
C GLY V 79 60.76 49.68 4.95
N SER V 80 60.23 49.92 6.14
CA SER V 80 60.28 48.92 7.19
C SER V 80 59.19 47.87 6.98
N ASN V 81 59.62 46.61 6.93
CA ASN V 81 58.71 45.46 6.82
C ASN V 81 58.66 44.77 8.16
N LEU V 82 57.46 44.54 8.67
CA LEU V 82 57.26 44.17 10.06
C LEU V 82 56.55 42.82 10.18
N HIS V 83 57.09 41.95 11.02
CA HIS V 83 56.44 40.71 11.40
C HIS V 83 55.87 40.90 12.80
N SER V 84 54.54 41.05 12.89
CA SER V 84 53.89 41.31 14.16
C SER V 84 52.42 40.95 14.06
N LEU V 85 51.89 40.35 15.12
CA LEU V 85 50.46 40.07 15.24
C LEU V 85 49.90 41.01 16.30
N PRO V 86 49.15 42.03 15.91
CA PRO V 86 48.63 42.99 16.90
C PRO V 86 47.49 42.40 17.71
N GLN V 87 47.21 43.05 18.84
CA GLN V 87 46.24 42.53 19.79
C GLN V 87 44.82 42.74 19.27
N ALA V 88 43.90 41.95 19.82
CA ALA V 88 42.48 42.09 19.48
C ALA V 88 41.95 43.38 20.10
N PRO V 89 41.27 44.23 19.35
CA PRO V 89 40.77 45.49 19.90
C PRO V 89 39.60 45.27 20.85
N GLY V 90 39.28 46.35 21.59
CA GLY V 90 38.22 46.26 22.58
C GLY V 90 36.83 46.37 21.98
N GLN V 91 36.68 47.16 20.93
CA GLN V 91 35.38 47.28 20.26
C GLN V 91 35.06 45.96 19.57
N PRO V 92 34.00 45.27 19.95
CA PRO V 92 33.75 43.92 19.42
C PRO V 92 33.18 43.98 18.01
N GLY V 93 33.35 42.86 17.30
CA GLY V 93 32.85 42.75 15.94
C GLY V 93 33.69 43.46 14.90
N LEU V 94 34.91 42.97 14.68
CA LEU V 94 35.85 43.58 13.75
C LEU V 94 36.58 42.51 12.97
N ALA V 95 37.47 42.96 12.09
CA ALA V 95 38.25 42.06 11.23
C ALA V 95 39.70 42.51 11.20
N GLY V 96 40.59 41.59 11.58
CA GLY V 96 42.02 41.85 11.59
C GLY V 96 42.80 40.56 11.61
N SER V 97 44.11 40.69 11.79
CA SER V 97 44.98 39.52 11.85
C SER V 97 44.87 38.78 13.18
N HIS V 98 44.33 39.44 14.20
CA HIS V 98 44.23 38.87 15.53
C HIS V 98 43.22 37.73 15.62
N GLU V 99 42.35 37.59 14.61
CA GLU V 99 41.26 36.61 14.69
C GLU V 99 41.77 35.18 14.61
N LEU V 100 42.88 34.96 13.90
CA LEU V 100 43.49 33.65 13.81
C LEU V 100 44.94 33.75 14.26
N GLY V 101 45.38 32.80 15.07
CA GLY V 101 46.78 32.70 15.46
C GLY V 101 47.39 31.35 15.16
N ASP V 102 46.54 30.32 15.05
CA ASP V 102 47.05 28.96 14.95
C ASP V 102 47.48 28.62 13.53
N ARG V 103 46.84 29.19 12.52
CA ARG V 103 47.06 28.77 11.14
C ARG V 103 47.75 29.84 10.29
N LEU V 104 48.74 30.52 10.84
CA LEU V 104 49.42 31.56 10.08
C LEU V 104 50.45 30.97 9.13
N VAL V 105 50.75 31.72 8.07
CA VAL V 105 51.80 31.38 7.12
C VAL V 105 52.52 32.67 6.75
N SER V 106 53.74 32.83 7.23
CA SER V 106 54.52 34.05 7.01
C SER V 106 55.27 33.93 5.71
N ASP V 107 55.33 35.04 4.97
CA ASP V 107 56.02 35.11 3.70
C ASP V 107 57.24 36.02 3.79
N VAL V 108 58.31 35.62 3.13
CA VAL V 108 59.63 36.23 3.33
C VAL V 108 60.02 37.00 2.07
N VAL V 109 60.72 38.12 2.28
CA VAL V 109 61.26 38.94 1.21
C VAL V 109 62.77 38.76 1.19
N GLY V 110 63.35 38.53 0.02
CA GLY V 110 64.79 38.42 -0.07
C GLY V 110 65.25 37.99 -1.44
N ASN V 111 66.50 37.52 -1.49
CA ASN V 111 67.12 37.12 -2.73
C ASN V 111 66.67 35.72 -3.12
N ALA V 112 66.68 35.47 -4.43
CA ALA V 112 66.07 34.26 -4.99
C ALA V 112 66.83 33.00 -4.61
N ALA V 113 68.17 33.05 -4.68
CA ALA V 113 68.97 31.94 -4.18
C ALA V 113 68.83 31.84 -2.66
N ALA V 114 68.66 32.97 -1.98
CA ALA V 114 68.34 32.94 -0.56
C ALA V 114 66.97 32.33 -0.33
N LEU V 115 66.01 32.57 -1.23
CA LEU V 115 64.72 31.90 -1.12
C LEU V 115 64.85 30.40 -1.32
N ASP V 116 65.76 29.98 -2.20
CA ASP V 116 66.02 28.55 -2.36
C ASP V 116 66.65 27.96 -1.11
N VAL V 117 67.56 28.71 -0.47
CA VAL V 117 68.18 28.26 0.77
C VAL V 117 67.16 28.21 1.90
N PHE V 118 66.24 29.19 1.93
CA PHE V 118 65.22 29.22 2.97
C PHE V 118 64.19 28.10 2.75
N LYS V 119 63.92 27.76 1.49
CA LYS V 119 63.04 26.64 1.20
C LYS V 119 63.70 25.33 1.57
N PHE V 120 65.02 25.22 1.37
CA PHE V 120 65.75 24.04 1.82
C PHE V 120 65.76 23.94 3.34
N LEU V 121 65.88 25.09 4.02
CA LEU V 121 65.84 25.09 5.48
C LEU V 121 64.45 24.75 6.01
N SER V 122 63.41 25.16 5.30
CA SER V 122 62.05 24.81 5.70
C SER V 122 61.76 23.33 5.42
N LEU V 123 62.32 22.80 4.33
CA LEU V 123 62.13 21.38 4.01
C LEU V 123 62.90 20.49 4.99
N GLN V 124 64.07 20.95 5.43
CA GLN V 124 64.75 20.28 6.52
C GLN V 124 64.04 20.48 7.84
N TYR V 125 63.28 21.57 7.96
CA TYR V 125 62.46 21.80 9.15
C TYR V 125 61.29 20.83 9.25
N GLN V 126 60.86 20.26 8.13
CA GLN V 126 59.80 19.26 8.14
C GLN V 126 60.38 17.88 8.42
N GLY V 127 59.51 16.88 8.40
CA GLY V 127 59.91 15.52 8.70
C GLY V 127 60.00 15.29 10.19
N LYS V 128 61.06 15.82 10.79
CA LYS V 128 61.19 15.87 12.23
C LYS V 128 60.54 17.16 12.74
N ASN V 129 60.80 17.51 14.00
CA ASN V 129 60.31 18.75 14.59
C ASN V 129 61.25 19.93 14.36
N LEU V 130 62.03 19.91 13.28
CA LEU V 130 63.07 20.91 13.05
C LEU V 130 62.52 22.29 12.72
N LEU V 131 61.25 22.37 12.27
CA LEU V 131 60.67 23.66 11.92
C LEU V 131 60.49 24.55 13.17
N ASN V 132 60.22 23.93 14.31
CA ASN V 132 60.21 24.63 15.58
C ASN V 132 61.47 24.40 16.41
N TRP V 133 62.29 23.42 16.06
CA TRP V 133 63.49 23.09 16.81
C TRP V 133 64.78 23.47 16.08
N LEU V 134 64.70 24.39 15.12
CA LEU V 134 65.91 24.88 14.46
C LEU V 134 66.80 25.68 15.41
N THR V 135 66.22 26.27 16.45
CA THR V 135 66.99 26.98 17.45
C THR V 135 67.58 26.04 18.49
N GLU V 136 66.77 25.13 19.02
CA GLU V 136 67.19 24.24 20.12
C GLU V 136 67.50 22.84 19.58
N ASP V 137 68.68 22.71 18.97
CA ASP V 137 69.18 21.39 18.58
C ASP V 137 70.65 21.47 18.17
N SER V 138 71.49 20.67 18.80
CA SER V 138 72.91 20.64 18.46
C SER V 138 73.37 19.27 17.98
N ALA V 139 73.12 18.21 18.77
CA ALA V 139 73.82 16.94 18.58
C ALA V 139 73.31 16.18 17.37
N GLU V 140 71.98 15.96 17.30
CA GLU V 140 71.41 15.22 16.20
C GLU V 140 71.52 15.99 14.89
N ALA V 141 71.41 17.31 14.94
CA ALA V 141 71.49 18.13 13.74
C ALA V 141 72.92 18.15 13.18
N VAL V 142 73.92 18.29 14.04
CA VAL V 142 75.30 18.28 13.57
C VAL V 142 75.72 16.87 13.16
N GLN V 143 75.11 15.84 13.77
CA GLN V 143 75.43 14.48 13.38
C GLN V 143 74.80 14.11 12.05
N ALA V 144 73.63 14.66 11.74
CA ALA V 144 72.96 14.34 10.48
C ALA V 144 73.53 15.18 9.34
N LEU V 145 73.72 16.49 9.57
CA LEU V 145 74.07 17.39 8.48
C LEU V 145 75.50 17.25 8.01
N SER V 146 76.37 16.63 8.81
CA SER V 146 77.80 16.53 8.52
C SER V 146 78.56 17.80 8.88
N ASP V 147 77.88 18.77 9.49
CA ASP V 147 78.54 19.97 10.00
C ASP V 147 79.09 19.68 11.39
N ASN V 148 80.20 20.33 11.71
CA ASN V 148 80.89 20.09 12.97
C ASN V 148 80.22 20.84 14.12
N ALA V 149 80.91 20.86 15.26
CA ALA V 149 80.40 21.59 16.42
C ALA V 149 80.48 23.10 16.19
N GLU V 150 81.60 23.57 15.64
CA GLU V 150 81.73 24.99 15.32
C GLU V 150 80.84 25.36 14.14
N GLN V 151 80.75 24.48 13.15
CA GLN V 151 79.85 24.71 12.01
C GLN V 151 78.40 24.66 12.46
N ALA V 152 78.08 23.78 13.42
CA ALA V 152 76.72 23.72 13.94
C ALA V 152 76.38 24.96 14.77
N ARG V 153 77.35 25.48 15.52
CA ARG V 153 77.12 26.69 16.29
C ARG V 153 76.96 27.91 15.39
N GLU V 154 77.78 27.99 14.32
CA GLU V 154 77.65 29.07 13.36
C GLU V 154 76.34 28.97 12.59
N TRP V 155 75.89 27.75 12.29
CA TRP V 155 74.61 27.56 11.60
C TRP V 155 73.45 27.93 12.51
N ARG V 156 73.55 27.60 13.81
CA ARG V 156 72.51 27.98 14.76
C ARG V 156 72.44 29.48 14.94
N GLN V 157 73.60 30.15 14.95
CA GLN V 157 73.63 31.61 15.04
C GLN V 157 73.05 32.25 13.78
N ALA V 158 73.37 31.70 12.60
CA ALA V 158 72.84 32.24 11.35
C ALA V 158 71.34 32.00 11.23
N PHE V 159 70.85 30.88 11.77
CA PHE V 159 69.41 30.60 11.70
C PHE V 159 68.65 31.46 12.70
N ILE V 160 69.25 31.72 13.87
CA ILE V 160 68.63 32.62 14.83
C ILE V 160 68.64 34.05 14.30
N GLY V 161 69.64 34.40 13.49
CA GLY V 161 69.66 35.71 12.87
C GLY V 161 68.66 35.85 11.74
N ILE V 162 68.50 34.78 10.95
CA ILE V 162 67.55 34.83 9.83
C ILE V 162 66.12 34.78 10.34
N THR V 163 65.89 34.11 11.48
CA THR V 163 64.57 34.10 12.07
C THR V 163 64.22 35.45 12.68
N ALA V 164 65.24 36.24 13.05
CA ALA V 164 65.01 37.58 13.54
C ALA V 164 64.63 38.51 12.39
N VAL V 165 64.13 39.69 12.76
CA VAL V 165 63.72 40.67 11.75
C VAL V 165 64.96 41.32 11.12
N LYS V 166 65.75 42.01 11.94
CA LYS V 166 66.96 42.70 11.47
C LYS V 166 66.64 43.84 10.50
N GLY V 167 65.90 44.82 11.00
CA GLY V 167 65.56 45.98 10.20
C GLY V 167 65.60 47.28 10.96
N ALA V 168 65.84 48.39 10.25
CA ALA V 168 65.84 49.72 10.83
C ALA V 168 64.50 50.41 10.57
N PRO V 169 63.96 51.16 11.55
CA PRO V 169 62.65 51.80 11.37
C PRO V 169 62.73 53.00 10.45
N ALA V 170 62.24 52.84 9.22
CA ALA V 170 62.22 53.91 8.24
C ALA V 170 61.17 53.58 7.19
N SER V 171 60.63 54.63 6.57
CA SER V 171 59.65 54.50 5.50
C SER V 171 60.19 55.17 4.24
N HIS V 172 59.36 55.20 3.20
CA HIS V 172 59.73 55.71 1.90
C HIS V 172 58.85 56.89 1.53
N SER V 173 59.16 57.51 0.39
CA SER V 173 58.40 58.67 -0.06
C SER V 173 57.17 58.28 -0.86
N LEU V 174 57.07 57.03 -1.28
CA LEU V 174 55.94 56.56 -2.08
C LEU V 174 54.96 55.71 -1.30
N ALA V 175 55.01 55.75 0.02
CA ALA V 175 53.95 55.16 0.82
C ALA V 175 52.79 56.16 0.94
N LYS V 176 51.82 55.82 1.77
CA LYS V 176 50.65 56.68 1.90
C LYS V 176 50.80 57.67 3.05
N GLN V 177 51.13 57.16 4.25
CA GLN V 177 51.39 57.88 5.51
C GLN V 177 50.42 59.04 5.77
N LEU V 178 49.15 58.67 5.97
CA LEU V 178 48.10 59.68 6.04
C LEU V 178 47.94 60.20 7.47
N TYR V 179 47.14 61.26 7.58
CA TYR V 179 46.80 61.88 8.85
C TYR V 179 45.54 61.25 9.42
N PHE V 180 45.36 61.37 10.73
CA PHE V 180 44.07 61.12 11.38
C PHE V 180 43.96 62.07 12.56
N PRO V 181 42.93 62.92 12.60
CA PRO V 181 42.84 63.89 13.70
C PRO V 181 42.52 63.22 15.04
N LEU V 182 43.11 63.78 16.10
CA LEU V 182 42.92 63.36 17.47
C LEU V 182 41.77 64.16 18.08
N PRO V 183 41.13 63.65 19.17
CA PRO V 183 39.96 64.36 19.72
C PRO V 183 40.29 65.70 20.33
N GLY V 184 39.86 66.77 19.67
CA GLY V 184 40.09 68.12 20.12
C GLY V 184 41.52 68.58 20.06
N SER V 185 42.36 67.88 19.30
CA SER V 185 43.78 68.18 19.26
C SER V 185 44.31 67.83 17.88
N GLY V 186 45.63 67.66 17.77
CA GLY V 186 46.29 67.53 16.49
C GLY V 186 46.14 66.20 15.79
N TYR V 187 47.20 65.75 15.14
CA TYR V 187 47.12 64.60 14.26
C TYR V 187 48.23 63.62 14.58
N HIS V 188 48.12 62.43 14.00
CA HIS V 188 49.21 61.48 13.91
C HIS V 188 49.41 61.15 12.44
N LEU V 189 50.60 60.67 12.11
CA LEU V 189 50.84 60.14 10.77
C LEU V 189 50.61 58.63 10.80
N LEU V 190 49.89 58.14 9.81
CA LEU V 190 49.43 56.75 9.80
C LEU V 190 49.85 56.10 8.48
N ALA V 191 50.89 55.30 8.53
CA ALA V 191 51.38 54.60 7.35
C ALA V 191 50.75 53.23 7.29
N PRO V 192 50.02 52.90 6.22
CA PRO V 192 49.43 51.56 6.12
C PRO V 192 50.36 50.58 5.41
N LEU V 193 50.35 49.34 5.90
CA LEU V 193 51.14 48.27 5.32
C LEU V 193 50.22 47.24 4.70
N PHE V 194 50.66 46.65 3.61
CA PHE V 194 49.86 45.66 2.91
C PHE V 194 49.93 44.32 3.64
N PRO V 195 48.79 43.76 4.07
CA PRO V 195 48.82 42.43 4.70
C PRO V 195 48.97 41.36 3.63
N THR V 196 49.72 40.31 3.96
CA THR V 196 49.98 39.27 2.97
C THR V 196 49.56 37.91 3.48
N SER V 197 49.74 37.65 4.78
CA SER V 197 49.32 36.39 5.37
C SER V 197 47.79 36.28 5.40
N LEU V 198 47.13 37.40 5.65
CA LEU V 198 45.67 37.42 5.70
C LEU V 198 45.07 37.15 4.33
N VAL V 199 45.65 37.76 3.30
CA VAL V 199 45.11 37.56 1.96
C VAL V 199 45.54 36.22 1.39
N HIS V 200 46.66 35.65 1.86
CA HIS V 200 46.98 34.28 1.49
C HIS V 200 45.98 33.31 2.10
N HIS V 201 45.59 33.55 3.35
CA HIS V 201 44.60 32.72 4.01
C HIS V 201 43.24 32.80 3.33
N VAL V 202 42.77 34.01 3.04
CA VAL V 202 41.44 34.12 2.45
C VAL V 202 41.47 33.78 0.96
N HIS V 203 42.64 33.83 0.32
CA HIS V 203 42.75 33.36 -1.05
C HIS V 203 42.68 31.83 -1.08
N ALA V 204 43.26 31.18 -0.07
CA ALA V 204 43.10 29.74 0.07
C ALA V 204 41.64 29.37 0.32
N LEU V 205 40.95 30.14 1.17
CA LEU V 205 39.55 29.87 1.47
C LEU V 205 38.67 30.13 0.25
N LEU V 206 39.01 31.15 -0.55
CA LEU V 206 38.21 31.46 -1.72
C LEU V 206 38.45 30.45 -2.84
N ARG V 207 39.68 29.96 -2.95
CA ARG V 207 39.98 28.85 -3.86
C ARG V 207 39.24 27.58 -3.45
N GLU V 208 39.19 27.32 -2.15
CA GLU V 208 38.45 26.17 -1.65
C GLU V 208 36.95 26.33 -1.85
N ALA V 209 36.47 27.56 -1.83
CA ALA V 209 35.07 27.82 -2.14
C ALA V 209 34.79 27.57 -3.62
N ARG V 210 35.64 28.09 -4.50
CA ARG V 210 35.37 27.98 -5.92
C ARG V 210 35.81 26.65 -6.51
N PHE V 211 36.73 25.93 -5.85
CA PHE V 211 37.27 24.69 -6.39
C PHE V 211 37.41 23.67 -5.27
N GLY V 212 37.14 22.40 -5.59
CA GLY V 212 37.16 21.34 -4.62
C GLY V 212 36.14 20.29 -4.97
N ASP V 213 36.36 19.05 -4.53
CA ASP V 213 35.43 17.95 -4.83
C ASP V 213 34.05 18.21 -4.24
N ALA V 214 34.01 18.79 -3.04
CA ALA V 214 32.73 19.11 -2.42
C ALA V 214 32.03 20.23 -3.17
N ALA V 215 32.81 21.16 -3.72
CA ALA V 215 32.24 22.27 -4.48
C ALA V 215 31.62 21.79 -5.79
N LYS V 216 32.38 20.99 -6.55
CA LYS V 216 31.85 20.47 -7.82
C LYS V 216 30.74 19.47 -7.59
N ALA V 217 30.81 18.73 -6.47
CA ALA V 217 29.76 17.79 -6.13
C ALA V 217 28.47 18.52 -5.79
N ALA V 218 28.57 19.63 -5.06
CA ALA V 218 27.39 20.43 -4.78
C ALA V 218 26.90 21.15 -6.04
N ARG V 219 27.80 21.43 -6.98
CA ARG V 219 27.40 22.01 -8.26
C ARG V 219 26.57 21.03 -9.08
N GLU V 220 27.05 19.79 -9.22
CA GLU V 220 26.27 18.81 -9.96
C GLU V 220 25.03 18.39 -9.19
N ALA V 221 25.06 18.50 -7.86
CA ALA V 221 23.87 18.32 -7.05
C ALA V 221 22.82 19.38 -7.40
N ARG V 222 23.22 20.65 -7.46
CA ARG V 222 22.26 21.70 -7.77
C ARG V 222 21.90 21.72 -9.25
N SER V 223 22.61 20.95 -10.07
CA SER V 223 22.14 20.71 -11.42
C SER V 223 21.13 19.57 -11.45
N ARG V 224 21.26 18.60 -10.53
CA ARG V 224 20.37 17.45 -10.53
C ARG V 224 19.29 17.51 -9.46
N GLN V 225 19.29 18.56 -8.62
CA GLN V 225 18.49 18.76 -7.39
C GLN V 225 18.36 17.52 -6.52
N GLU V 226 19.42 16.72 -6.46
CA GLU V 226 19.56 15.66 -5.46
C GLU V 226 20.14 16.37 -4.24
N SER V 227 19.43 16.27 -3.12
CA SER V 227 19.76 17.03 -1.93
C SER V 227 20.24 16.09 -0.83
N TRP V 228 21.53 15.76 -0.86
CA TRP V 228 22.15 15.16 0.30
C TRP V 228 22.61 16.27 1.24
N PRO V 229 22.82 15.97 2.54
CA PRO V 229 23.26 17.03 3.47
C PRO V 229 24.62 17.60 3.12
N HIS V 230 24.60 18.83 2.62
CA HIS V 230 25.76 19.52 2.09
C HIS V 230 25.39 20.98 1.88
N GLY V 231 26.42 21.82 1.83
CA GLY V 231 26.24 23.24 1.55
C GLY V 231 26.74 23.56 0.16
N PHE V 232 26.48 24.79 -0.28
CA PHE V 232 26.93 25.28 -1.57
C PHE V 232 27.10 26.78 -1.51
N SER V 233 28.32 27.25 -1.76
CA SER V 233 28.60 28.68 -1.70
C SER V 233 28.88 29.20 -3.11
N GLU V 234 28.65 30.49 -3.29
CA GLU V 234 28.86 31.12 -4.58
C GLU V 234 29.20 32.58 -4.38
N TYR V 235 30.17 33.06 -5.15
CA TYR V 235 30.60 34.44 -5.10
C TYR V 235 30.34 35.10 -6.45
N PRO V 236 29.60 36.21 -6.48
CA PRO V 236 29.44 36.94 -7.74
C PRO V 236 30.40 38.11 -7.88
N ASN V 237 30.70 38.42 -9.15
CA ASN V 237 31.39 39.62 -9.66
C ASN V 237 32.60 40.06 -8.84
N LEU V 238 33.58 39.17 -8.74
CA LEU V 238 34.87 39.55 -8.20
C LEU V 238 35.62 40.44 -9.18
N ALA V 239 36.59 41.18 -8.67
CA ALA V 239 37.54 41.90 -9.48
C ALA V 239 38.92 41.32 -9.23
N ILE V 240 39.78 41.37 -10.25
CA ILE V 240 41.09 40.73 -10.20
C ILE V 240 42.17 41.79 -10.35
N GLN V 241 43.16 41.75 -9.45
CA GLN V 241 44.28 42.68 -9.46
C GLN V 241 45.56 41.92 -9.72
N LYS V 242 46.52 42.57 -10.37
CA LYS V 242 47.79 41.96 -10.72
C LYS V 242 48.94 42.72 -10.07
N PHE V 243 49.85 41.99 -9.44
CA PHE V 243 50.93 42.59 -8.67
C PHE V 243 52.19 42.68 -9.52
N GLY V 244 52.65 43.90 -9.76
CA GLY V 244 53.91 44.11 -10.44
C GLY V 244 53.84 43.76 -11.91
N GLY V 245 54.99 43.39 -12.46
CA GLY V 245 55.09 43.02 -13.86
C GLY V 245 54.80 41.57 -14.09
N THR V 246 55.62 40.94 -14.93
CA THR V 246 55.44 39.54 -15.27
C THR V 246 55.87 38.58 -14.17
N LYS V 247 56.87 38.94 -13.37
CA LYS V 247 57.29 37.96 -12.37
C LYS V 247 56.72 38.31 -11.01
N PRO V 248 55.97 37.41 -10.40
CA PRO V 248 55.21 37.75 -9.20
C PRO V 248 55.98 37.56 -7.90
N GLN V 249 57.09 36.82 -7.91
CA GLN V 249 57.75 36.41 -6.68
C GLN V 249 58.47 37.54 -5.96
N ASN V 250 58.52 38.74 -6.55
CA ASN V 250 59.24 39.85 -5.95
C ASN V 250 58.49 40.48 -4.77
N ILE V 251 57.26 40.09 -4.51
CA ILE V 251 56.67 40.37 -3.21
C ILE V 251 57.25 39.35 -2.25
N SER V 252 56.96 38.07 -2.52
CA SER V 252 57.33 36.95 -1.67
C SER V 252 57.10 35.68 -2.47
N GLN V 253 57.32 34.53 -1.82
CA GLN V 253 56.97 33.27 -2.47
C GLN V 253 55.47 33.02 -2.39
N LEU V 254 54.77 33.68 -1.47
CA LEU V 254 53.32 33.60 -1.44
C LEU V 254 52.72 34.26 -2.69
N ASN V 255 53.35 35.33 -3.16
CA ASN V 255 52.91 35.91 -4.42
C ASN V 255 53.34 35.06 -5.60
N SER V 256 54.36 34.22 -5.43
CA SER V 256 54.71 33.27 -6.48
C SER V 256 53.65 32.17 -6.58
N GLU V 257 53.14 31.69 -5.45
CA GLU V 257 52.14 30.64 -5.52
C GLU V 257 50.73 31.17 -5.76
N ARG V 258 50.48 32.45 -5.49
CA ARG V 258 49.21 33.06 -5.89
C ARG V 258 49.28 33.65 -7.30
N TYR V 259 50.44 33.56 -7.94
CA TYR V 259 50.68 34.02 -9.32
C TYR V 259 50.42 35.51 -9.48
N GLY V 260 50.69 36.29 -8.45
CA GLY V 260 50.50 37.73 -8.50
C GLY V 260 49.06 38.17 -8.65
N GLU V 261 48.13 37.41 -8.09
CA GLU V 261 46.71 37.65 -8.29
C GLU V 261 46.03 37.80 -6.94
N ASN V 262 45.16 38.80 -6.82
CA ASN V 262 44.30 38.94 -5.66
C ASN V 262 42.90 39.27 -6.13
N TRP V 263 41.94 38.48 -5.66
CA TRP V 263 40.54 38.65 -6.00
C TRP V 263 39.93 39.63 -5.00
N LEU V 264 39.12 40.56 -5.51
CA LEU V 264 38.53 41.61 -4.69
C LEU V 264 37.03 41.40 -4.58
N LEU V 265 36.47 41.73 -3.43
CA LEU V 265 35.06 41.53 -3.20
C LEU V 265 34.26 42.74 -3.67
N PRO V 266 33.05 42.52 -4.17
CA PRO V 266 32.22 43.64 -4.63
C PRO V 266 31.73 44.47 -3.44
N SER V 267 31.74 45.79 -3.63
CA SER V 267 31.36 46.73 -2.59
C SER V 267 30.49 47.84 -3.17
N LEU V 268 29.47 47.47 -3.90
CA LEU V 268 28.86 48.36 -4.86
C LEU V 268 27.58 48.98 -4.33
N PRO V 269 27.18 50.13 -4.85
CA PRO V 269 25.80 50.62 -4.63
C PRO V 269 24.79 49.69 -5.29
N PRO V 270 23.51 49.73 -4.86
CA PRO V 270 22.51 48.78 -5.39
C PRO V 270 22.29 48.76 -6.89
N HIS V 271 21.96 49.91 -7.49
CA HIS V 271 21.68 49.96 -8.92
C HIS V 271 22.89 50.54 -9.63
N TRP V 272 23.88 49.68 -9.88
CA TRP V 272 25.12 50.11 -10.54
C TRP V 272 25.15 49.79 -12.01
N GLN V 273 24.03 49.36 -12.58
CA GLN V 273 23.88 49.15 -14.01
C GLN V 273 22.78 50.09 -14.48
N ARG V 274 23.17 51.30 -14.85
CA ARG V 274 22.20 52.32 -15.26
C ARG V 274 21.64 51.95 -16.63
N GLN V 275 20.47 51.33 -16.64
CA GLN V 275 19.81 50.92 -17.86
C GLN V 275 18.76 51.96 -18.24
N ASP V 276 18.37 51.95 -19.51
CA ASP V 276 17.37 52.90 -19.99
C ASP V 276 15.99 52.55 -19.45
N GLN V 277 15.19 53.59 -19.23
CA GLN V 277 13.87 53.44 -18.64
C GLN V 277 12.80 53.31 -19.72
N ARG V 278 11.90 52.35 -19.53
CA ARG V 278 10.75 52.15 -20.41
C ARG V 278 9.52 52.92 -19.90
N ALA V 279 9.73 54.20 -19.63
CA ALA V 279 8.73 55.12 -19.10
C ALA V 279 7.62 55.40 -20.11
N PRO V 280 7.89 55.20 -21.41
CA PRO V 280 7.01 55.75 -22.44
C PRO V 280 5.62 55.13 -22.49
N ILE V 281 4.75 55.76 -23.27
CA ILE V 281 3.31 55.50 -23.20
C ILE V 281 3.01 54.32 -24.12
N ARG V 282 3.19 53.12 -23.58
CA ARG V 282 2.66 51.90 -24.18
C ARG V 282 1.47 51.47 -23.34
N HIS V 283 0.40 51.04 -23.99
CA HIS V 283 -0.78 50.58 -23.26
C HIS V 283 -0.49 49.27 -22.54
N SER V 284 0.05 48.29 -23.27
CA SER V 284 0.58 47.09 -22.62
C SER V 284 1.81 47.41 -21.79
N SER V 285 2.55 48.45 -22.19
CA SER V 285 3.66 48.93 -21.37
C SER V 285 3.14 49.52 -20.06
N VAL V 286 2.01 50.22 -20.10
CA VAL V 286 1.42 50.76 -18.87
C VAL V 286 0.85 49.65 -18.01
N PHE V 287 0.31 48.61 -18.64
CA PHE V 287 -0.22 47.47 -17.90
C PHE V 287 0.89 46.67 -17.22
N GLU V 288 2.02 46.50 -17.91
CA GLU V 288 3.17 45.83 -17.31
C GLU V 288 3.86 46.70 -16.27
N HIS V 289 3.83 48.02 -16.45
CA HIS V 289 4.40 48.93 -15.46
C HIS V 289 3.54 49.05 -14.23
N ASP V 290 2.22 48.79 -14.34
CA ASP V 290 1.41 48.62 -13.15
C ASP V 290 1.84 47.39 -12.37
N PHE V 291 2.23 46.32 -13.08
CA PHE V 291 2.91 45.21 -12.44
C PHE V 291 4.33 45.59 -12.06
N GLY V 292 5.06 46.23 -12.97
CA GLY V 292 6.41 46.69 -12.70
C GLY V 292 7.43 45.58 -12.60
N ARG V 293 7.48 44.69 -13.60
CA ARG V 293 8.36 43.53 -13.56
C ARG V 293 9.79 43.98 -13.87
N SER V 294 10.66 43.94 -12.85
CA SER V 294 12.06 44.29 -12.99
C SER V 294 12.90 43.11 -12.53
N PRO V 295 14.23 43.20 -12.62
CA PRO V 295 15.08 42.09 -12.14
C PRO V 295 15.02 41.90 -10.63
N GLU V 296 15.28 42.97 -9.88
CA GLU V 296 15.21 42.89 -8.42
C GLU V 296 13.77 42.72 -7.95
N VAL V 297 12.83 43.36 -8.65
CA VAL V 297 11.42 43.21 -8.32
C VAL V 297 10.96 41.78 -8.61
N SER V 298 11.47 41.19 -9.70
CA SER V 298 11.12 39.80 -10.01
C SER V 298 11.73 38.84 -9.00
N ARG V 299 12.95 39.13 -8.54
CA ARG V 299 13.56 38.29 -7.51
C ARG V 299 12.81 38.40 -6.18
N LEU V 300 12.36 39.61 -5.84
CA LEU V 300 11.59 39.80 -4.62
C LEU V 300 10.23 39.12 -4.72
N THR V 301 9.60 39.16 -5.90
CA THR V 301 8.32 38.49 -6.10
C THR V 301 8.48 36.98 -6.03
N ARG V 302 9.59 36.45 -6.56
CA ARG V 302 9.85 35.02 -6.47
C ARG V 302 10.10 34.59 -5.03
N THR V 303 10.83 35.42 -4.27
CA THR V 303 11.06 35.11 -2.85
C THR V 303 9.77 35.19 -2.05
N LEU V 304 8.90 36.15 -2.37
CA LEU V 304 7.63 36.27 -1.66
C LEU V 304 6.69 35.13 -2.00
N GLN V 305 6.70 34.67 -3.25
CA GLN V 305 5.89 33.51 -3.63
C GLN V 305 6.43 32.24 -3.00
N ARG V 306 7.75 32.12 -2.87
CA ARG V 306 8.33 30.95 -2.22
C ARG V 306 8.10 30.96 -0.71
N LEU V 307 7.97 32.14 -0.11
CA LEU V 307 7.72 32.25 1.33
C LEU V 307 6.25 32.13 1.69
N LEU V 308 5.39 31.74 0.76
CA LEU V 308 3.96 31.67 1.06
C LEU V 308 3.59 30.36 1.76
N ALA V 309 4.25 29.26 1.39
CA ALA V 309 3.90 27.94 1.88
C ALA V 309 4.58 27.55 3.19
N LYS V 310 5.01 28.51 4.00
CA LYS V 310 5.70 28.20 5.24
C LYS V 310 4.72 27.76 6.33
N THR V 311 5.27 27.23 7.42
CA THR V 311 4.49 26.84 8.58
C THR V 311 4.56 27.92 9.65
N ARG V 312 3.91 27.65 10.79
CA ARG V 312 3.84 28.62 11.87
C ARG V 312 4.71 28.26 13.06
N HIS V 313 5.56 27.24 12.94
CA HIS V 313 6.43 26.85 14.06
C HIS V 313 7.53 27.88 14.28
N ASN V 314 8.02 28.47 13.19
CA ASN V 314 8.97 29.60 13.24
C ASN V 314 8.27 30.91 12.97
N ASN V 315 7.07 31.07 13.52
CA ASN V 315 6.18 32.17 13.14
C ASN V 315 6.72 33.52 13.56
N PHE V 316 7.55 33.57 14.61
CA PHE V 316 8.19 34.82 14.99
C PHE V 316 9.24 35.24 13.95
N THR V 317 10.17 34.34 13.64
CA THR V 317 11.19 34.63 12.63
C THR V 317 10.59 34.70 11.23
N ILE V 318 9.57 33.89 10.97
CA ILE V 318 8.90 33.91 9.68
C ILE V 318 8.14 35.23 9.49
N ARG V 319 7.50 35.71 10.55
CA ARG V 319 6.79 36.98 10.48
C ARG V 319 7.76 38.14 10.35
N ARG V 320 8.92 38.05 11.02
CA ARG V 320 9.94 39.09 10.89
C ARG V 320 10.51 39.13 9.47
N TYR V 321 10.77 37.95 8.89
CA TYR V 321 11.28 37.90 7.52
C TYR V 321 10.24 38.37 6.51
N ARG V 322 8.97 38.05 6.75
CA ARG V 322 7.91 38.49 5.86
C ARG V 322 7.72 40.00 5.94
N ALA V 323 7.81 40.56 7.15
CA ALA V 323 7.70 42.01 7.30
C ALA V 323 8.88 42.73 6.67
N GLN V 324 10.08 42.14 6.80
CA GLN V 324 11.26 42.74 6.18
C GLN V 324 11.17 42.67 4.66
N LEU V 325 10.66 41.56 4.13
CA LEU V 325 10.51 41.43 2.68
C LEU V 325 9.45 42.39 2.15
N VAL V 326 8.35 42.58 2.90
CA VAL V 326 7.30 43.50 2.48
C VAL V 326 7.80 44.94 2.53
N GLY V 327 8.56 45.28 3.58
CA GLY V 327 9.11 46.63 3.66
C GLY V 327 10.14 46.89 2.59
N GLN V 328 10.96 45.89 2.25
CA GLN V 328 11.93 46.04 1.18
C GLN V 328 11.24 46.17 -0.17
N ILE V 329 10.13 45.45 -0.37
CA ILE V 329 9.37 45.56 -1.62
C ILE V 329 8.73 46.93 -1.74
N CYS V 330 8.20 47.46 -0.63
CA CYS V 330 7.58 48.78 -0.66
C CYS V 330 8.63 49.88 -0.90
N ASP V 331 9.80 49.74 -0.27
CA ASP V 331 10.87 50.71 -0.47
C ASP V 331 11.42 50.65 -1.89
N GLU V 332 11.51 49.44 -2.45
CA GLU V 332 11.98 49.29 -3.82
C GLU V 332 10.97 49.85 -4.81
N ALA V 333 9.67 49.70 -4.51
CA ALA V 333 8.65 50.26 -5.39
C ALA V 333 8.66 51.78 -5.35
N LEU V 334 8.80 52.36 -4.15
CA LEU V 334 8.88 53.81 -4.03
C LEU V 334 10.14 54.35 -4.69
N GLN V 335 11.26 53.64 -4.56
CA GLN V 335 12.50 54.09 -5.17
C GLN V 335 12.45 53.96 -6.68
N TYR V 336 11.80 52.92 -7.19
CA TYR V 336 11.66 52.76 -8.64
C TYR V 336 10.72 53.80 -9.22
N ALA V 337 9.67 54.17 -8.46
CA ALA V 337 8.79 55.25 -8.90
C ALA V 337 9.52 56.58 -8.91
N ALA V 338 10.34 56.84 -7.89
CA ALA V 338 11.09 58.09 -7.84
C ALA V 338 12.16 58.15 -8.93
N ARG V 339 12.78 57.00 -9.22
CA ARG V 339 13.80 56.96 -10.26
C ARG V 339 13.19 57.09 -11.65
N LEU V 340 11.99 56.54 -11.83
CA LEU V 340 11.31 56.70 -13.12
C LEU V 340 10.80 58.13 -13.29
N ARG V 341 10.42 58.77 -12.18
CA ARG V 341 9.92 60.14 -12.27
C ARG V 341 11.06 61.11 -12.55
N GLU V 342 12.11 61.06 -11.73
CA GLU V 342 13.24 61.98 -11.91
C GLU V 342 14.04 61.64 -13.16
N LEU V 343 14.04 60.36 -13.55
CA LEU V 343 14.74 59.97 -14.78
C LEU V 343 13.99 60.45 -16.01
N GLU V 344 12.70 60.70 -15.88
CA GLU V 344 11.93 61.24 -16.98
C GLU V 344 12.35 62.68 -17.24
N PRO V 345 12.79 63.02 -18.44
CA PRO V 345 13.13 64.41 -18.74
C PRO V 345 11.90 65.30 -18.89
N GLY V 346 10.87 64.77 -19.56
CA GLY V 346 9.64 65.50 -19.75
C GLY V 346 8.44 64.57 -19.75
N TRP V 347 7.27 65.17 -19.51
CA TRP V 347 6.01 64.45 -19.44
C TRP V 347 5.36 64.55 -20.82
N SER V 348 5.28 63.41 -21.52
CA SER V 348 4.68 63.37 -22.84
C SER V 348 3.28 62.79 -22.76
N ALA V 349 2.41 63.26 -23.64
CA ALA V 349 1.06 62.71 -23.73
C ALA V 349 1.12 61.35 -24.40
N THR V 350 0.93 60.30 -23.59
CA THR V 350 1.13 58.93 -24.05
C THR V 350 -0.02 58.50 -24.94
N PRO V 351 0.25 58.05 -26.17
CA PRO V 351 -0.84 57.60 -27.04
C PRO V 351 -1.37 56.24 -26.61
N GLY V 352 -2.55 56.22 -26.01
CA GLY V 352 -3.18 54.96 -25.64
C GLY V 352 -2.58 54.31 -24.41
N CYS V 353 -2.00 55.10 -23.50
CA CYS V 353 -1.47 54.57 -22.25
C CYS V 353 -2.64 54.20 -21.33
N GLN V 354 -3.09 52.96 -21.46
CA GLN V 354 -4.31 52.49 -20.80
C GLN V 354 -4.09 52.39 -19.30
N LEU V 355 -4.69 53.32 -18.55
CA LEU V 355 -4.54 53.48 -17.11
C LEU V 355 -3.21 54.11 -16.71
N HIS V 356 -2.29 54.31 -17.68
CA HIS V 356 -1.01 54.92 -17.40
C HIS V 356 -1.16 56.40 -17.11
N ASP V 357 -2.13 57.06 -17.76
CA ASP V 357 -2.40 58.45 -17.45
C ASP V 357 -3.09 58.59 -16.10
N ALA V 358 -3.99 57.64 -15.77
CA ALA V 358 -4.70 57.68 -14.50
C ALA V 358 -3.75 57.44 -13.33
N GLU V 359 -2.72 56.62 -13.54
CA GLU V 359 -1.70 56.45 -12.50
C GLU V 359 -0.69 57.58 -12.52
N GLN V 360 -0.35 58.10 -13.71
CA GLN V 360 0.69 59.11 -13.86
C GLN V 360 0.20 60.52 -13.69
N LEU V 361 -1.07 60.71 -13.32
CA LEU V 361 -1.50 62.00 -12.80
C LEU V 361 -0.71 62.37 -11.55
N TRP V 362 -0.41 61.39 -10.70
CA TRP V 362 0.42 61.63 -9.53
C TRP V 362 1.77 60.92 -9.63
N LEU V 363 1.79 59.69 -10.14
CA LEU V 363 3.02 58.91 -10.24
C LEU V 363 3.86 59.28 -11.45
N ASP V 364 3.44 60.27 -12.23
CA ASP V 364 4.17 60.78 -13.37
C ASP V 364 4.74 62.15 -13.02
N PRO V 365 5.48 62.77 -13.95
CA PRO V 365 6.14 64.04 -13.61
C PRO V 365 5.20 65.23 -13.53
N LEU V 366 5.77 66.41 -13.30
CA LEU V 366 4.97 67.62 -13.19
C LEU V 366 4.41 68.02 -14.56
N ARG V 367 3.39 68.85 -14.53
CA ARG V 367 2.73 69.29 -15.75
C ARG V 367 3.64 70.24 -16.53
N ALA V 368 4.28 69.72 -17.56
CA ALA V 368 5.20 70.46 -18.39
C ALA V 368 4.44 71.16 -19.51
N GLN V 369 5.18 71.64 -20.52
CA GLN V 369 4.55 72.32 -21.65
C GLN V 369 3.79 71.32 -22.53
N THR V 370 4.21 70.05 -22.52
CA THR V 370 3.48 69.04 -23.28
C THR V 370 2.16 68.68 -22.61
N ASP V 371 2.06 68.87 -21.30
CA ASP V 371 0.83 68.61 -20.58
C ASP V 371 -0.01 69.89 -20.47
N GLU V 372 -1.30 69.72 -20.27
CA GLU V 372 -2.19 70.87 -20.12
C GLU V 372 -2.07 71.46 -18.72
N THR V 373 -2.19 72.78 -18.63
CA THR V 373 -2.11 73.44 -17.34
C THR V 373 -3.36 73.17 -16.50
N PHE V 374 -4.52 73.02 -17.16
CA PHE V 374 -5.73 72.67 -16.44
C PHE V 374 -5.67 71.23 -15.92
N LEU V 375 -5.07 70.33 -16.70
CA LEU V 375 -4.87 68.97 -16.25
C LEU V 375 -3.86 68.92 -15.10
N GLN V 376 -2.85 69.80 -15.15
CA GLN V 376 -1.89 69.88 -14.05
C GLN V 376 -2.53 70.41 -12.78
N ARG V 377 -3.44 71.39 -12.92
CA ARG V 377 -4.15 71.91 -11.76
C ARG V 377 -5.13 70.87 -11.21
N ARG V 378 -5.72 70.06 -12.09
CA ARG V 378 -6.62 69.00 -11.63
C ARG V 378 -5.85 67.88 -10.94
N LEU V 379 -4.63 67.59 -11.42
CA LEU V 379 -3.80 66.60 -10.76
C LEU V 379 -3.27 67.11 -9.42
N ARG V 380 -3.05 68.42 -9.32
CA ARG V 380 -2.68 69.00 -8.04
C ARG V 380 -3.88 69.11 -7.11
N GLY V 381 -5.10 69.10 -7.66
CA GLY V 381 -6.27 69.15 -6.82
C GLY V 381 -6.52 67.84 -6.08
N ASP V 382 -6.34 66.72 -6.77
CA ASP V 382 -6.56 65.40 -6.18
C ASP V 382 -5.29 64.57 -6.28
N TRP V 383 -4.78 64.17 -5.12
CA TRP V 383 -3.60 63.31 -5.09
C TRP V 383 -3.99 61.89 -5.51
N PRO V 384 -3.03 61.10 -5.98
CA PRO V 384 -3.37 59.75 -6.49
C PRO V 384 -3.58 58.73 -5.38
N ALA V 385 -4.74 58.81 -4.72
CA ALA V 385 -5.10 57.77 -3.75
C ALA V 385 -5.60 56.51 -4.47
N GLU V 386 -6.31 56.70 -5.59
CA GLU V 386 -6.79 55.55 -6.35
C GLU V 386 -5.65 54.83 -7.05
N VAL V 387 -4.58 55.55 -7.39
CA VAL V 387 -3.38 54.90 -7.90
C VAL V 387 -2.74 54.03 -6.83
N GLY V 388 -2.77 54.50 -5.57
CA GLY V 388 -2.28 53.68 -4.47
C GLY V 388 -3.15 52.46 -4.22
N ASN V 389 -4.47 52.62 -4.41
CA ASN V 389 -5.37 51.48 -4.30
C ASN V 389 -5.13 50.46 -5.41
N ARG V 390 -4.88 50.92 -6.63
CA ARG V 390 -4.59 50.02 -7.73
C ARG V 390 -3.25 49.33 -7.54
N PHE V 391 -2.28 50.04 -6.96
CA PHE V 391 -0.97 49.43 -6.70
C PHE V 391 -1.06 48.39 -5.58
N ALA V 392 -1.89 48.66 -4.56
CA ALA V 392 -2.10 47.69 -3.51
C ALA V 392 -2.85 46.46 -4.04
N ASN V 393 -3.77 46.69 -4.99
CA ASN V 393 -4.47 45.56 -5.61
C ASN V 393 -3.52 44.73 -6.46
N TRP V 394 -2.63 45.38 -7.20
CA TRP V 394 -1.65 44.63 -8.00
C TRP V 394 -0.66 43.89 -7.12
N LEU V 395 -0.31 44.47 -5.97
CA LEU V 395 0.58 43.78 -5.04
C LEU V 395 -0.10 42.59 -4.38
N ASN V 396 -1.38 42.74 -4.02
CA ASN V 396 -2.12 41.63 -3.43
C ASN V 396 -2.40 40.55 -4.46
N ARG V 397 -2.50 40.92 -5.74
CA ARG V 397 -2.63 39.91 -6.78
C ARG V 397 -1.30 39.24 -7.08
N ALA V 398 -0.19 39.95 -6.86
CA ALA V 398 1.12 39.35 -7.07
C ALA V 398 1.45 38.33 -5.99
N VAL V 399 1.00 38.57 -4.76
CA VAL V 399 1.22 37.66 -3.65
C VAL V 399 0.12 36.60 -3.69
N SER V 400 0.51 35.35 -3.84
CA SER V 400 -0.45 34.26 -3.90
C SER V 400 -1.07 34.02 -2.53
N SER V 401 -2.38 34.21 -2.44
CA SER V 401 -3.11 34.05 -1.19
C SER V 401 -4.07 32.86 -1.34
N ASP V 402 -4.50 32.34 -0.19
CA ASP V 402 -5.41 31.20 -0.17
C ASP V 402 -6.23 31.28 1.11
N SER V 403 -7.09 30.27 1.31
CA SER V 403 -7.95 30.23 2.49
C SER V 403 -7.19 29.81 3.75
N GLN V 404 -5.99 29.26 3.61
CA GLN V 404 -5.19 28.91 4.78
C GLN V 404 -4.73 30.15 5.53
N ILE V 405 -4.45 31.24 4.81
CA ILE V 405 -4.15 32.52 5.45
C ILE V 405 -5.41 33.19 5.97
N LEU V 406 -6.53 33.02 5.26
CA LEU V 406 -7.79 33.57 5.73
C LEU V 406 -8.31 32.79 6.93
N GLY V 407 -8.15 31.46 6.91
CA GLY V 407 -8.55 30.66 8.04
C GLY V 407 -7.60 30.69 9.21
N SER V 408 -6.34 31.02 8.96
CA SER V 408 -5.34 31.06 10.02
C SER V 408 -5.20 32.47 10.58
N PRO V 409 -4.65 32.61 11.78
CA PRO V 409 -4.48 33.95 12.35
C PRO V 409 -3.21 34.61 11.85
N GLU V 410 -2.23 33.79 11.45
CA GLU V 410 -0.98 34.33 10.94
C GLU V 410 -1.17 35.02 9.59
N ALA V 411 -2.08 34.49 8.76
CA ALA V 411 -2.39 35.15 7.50
C ALA V 411 -3.16 36.44 7.73
N ALA V 412 -3.97 36.49 8.79
CA ALA V 412 -4.63 37.74 9.16
C ALA V 412 -3.62 38.77 9.65
N GLN V 413 -2.60 38.33 10.40
CA GLN V 413 -1.55 39.25 10.84
C GLN V 413 -0.71 39.72 9.65
N TRP V 414 -0.49 38.84 8.68
CA TRP V 414 0.23 39.25 7.47
C TRP V 414 -0.58 40.22 6.63
N SER V 415 -1.91 40.03 6.58
CA SER V 415 -2.77 40.98 5.89
C SER V 415 -2.79 42.32 6.61
N GLN V 416 -2.74 42.30 7.94
CA GLN V 416 -2.69 43.55 8.70
C GLN V 416 -1.37 44.27 8.49
N GLU V 417 -0.27 43.52 8.42
CA GLU V 417 1.04 44.12 8.15
C GLU V 417 1.11 44.69 6.75
N LEU V 418 0.51 43.99 5.78
CA LEU V 418 0.46 44.50 4.40
C LEU V 418 -0.42 45.73 4.31
N SER V 419 -1.49 45.78 5.11
CA SER V 419 -2.34 46.96 5.14
C SER V 419 -1.63 48.14 5.77
N LYS V 420 -0.83 47.89 6.81
CA LYS V 420 -0.05 48.96 7.44
C LYS V 420 1.02 49.49 6.49
N GLU V 421 1.65 48.58 5.73
CA GLU V 421 2.64 49.01 4.75
C GLU V 421 2.00 49.79 3.60
N LEU V 422 0.81 49.35 3.15
CA LEU V 422 0.10 50.07 2.10
C LEU V 422 -0.37 51.43 2.59
N THR V 423 -0.74 51.53 3.87
CA THR V 423 -1.13 52.81 4.45
C THR V 423 0.05 53.75 4.57
N MET V 424 1.22 53.22 4.94
CA MET V 424 2.43 54.04 4.99
C MET V 424 2.84 54.51 3.60
N PHE V 425 2.70 53.64 2.60
CA PHE V 425 3.02 54.02 1.22
C PHE V 425 2.04 55.06 0.69
N LYS V 426 0.76 54.91 1.03
CA LYS V 426 -0.25 55.88 0.60
C LYS V 426 -0.04 57.22 1.29
N GLU V 427 0.40 57.21 2.55
CA GLU V 427 0.66 58.45 3.26
C GLU V 427 1.89 59.14 2.70
N ILE V 428 2.93 58.38 2.36
CA ILE V 428 4.13 58.96 1.76
C ILE V 428 3.83 59.49 0.37
N LEU V 429 2.91 58.84 -0.35
CA LEU V 429 2.53 59.32 -1.68
C LEU V 429 1.68 60.58 -1.59
N GLU V 430 0.74 60.62 -0.63
CA GLU V 430 -0.14 61.76 -0.49
C GLU V 430 0.55 62.97 0.11
N ASP V 431 1.63 62.76 0.88
CA ASP V 431 2.37 63.90 1.42
C ASP V 431 3.13 64.62 0.32
N GLU V 432 3.74 63.86 -0.59
CA GLU V 432 4.42 64.48 -1.73
C GLU V 432 3.42 64.88 -2.80
N ARG V 433 2.32 64.14 -2.93
CA ARG V 433 1.31 64.44 -3.92
C ARG V 433 0.56 65.71 -3.54
N ASP V 434 0.10 66.44 -4.56
CA ASP V 434 -0.58 67.70 -4.35
C ASP V 434 0.45 68.80 -4.10
#